data_8QEM
#
_entry.id   8QEM
#
_cell.length_a   1.00
_cell.length_b   1.00
_cell.length_c   1.00
_cell.angle_alpha   90.00
_cell.angle_beta   90.00
_cell.angle_gamma   90.00
#
_symmetry.space_group_name_H-M   'P 1'
#
loop_
_entity.id
_entity.type
_entity.pdbx_description
1 polymer 'Putative neck protein'
2 polymer 'Portal protein'
3 polymer 'Channel DNA reverse strand (63-MER)'
4 polymer 'Channel DNA forward strand (63-MER)'
#
loop_
_entity_poly.entity_id
_entity_poly.type
_entity_poly.pdbx_seq_one_letter_code
_entity_poly.pdbx_strand_id
1 'polypeptide(L)'
;MVNSMFGGDLDPYEKSLNYEYPYHPSGNPKHIDVSEIDNLTLADYGWSPDAVKAYMFGIVVQNPDTGQPMGDEFYNHILE
RAVGKAERALDISILPDTQHEMRDYHETEFNSYMFVHAYRKPILQVENLQLQFNGRPIYKYPANWWKVEHLAGHVQLFPT
ALMQTGQSMSYDAVFNGYPQLAGVYPPSGATFAPQMIRLEYVSGMLPRKKAGRNKPWEMPPELEQLVIKYALKEIYQVWG
NLIIGAGIANKTLEVDGITETIGTTQSAMYGGASAQILQINEDIKELLDGLRAYFGYNMIGL
;
A,B,C,D,E,F,G,H,I,J,K,L
2 'polypeptide(L)'
;MADLFKQFRLGKDYGNNSTIAQVPIDEGLQANIKKIEQDNKEYQDLTKSLYGQQQAYAEPFIEMMDTNPEFRDKRSYMKN
EHNLHDVLKKFGNNPILNAIILTRSNQVAMYCQPARYSEKGLGFEVRLRDLDAEPGRKEKEEMKRIEDFIVNTGKDKDVD
RDSFQTFCKKIVRDTYIYDQVNFEKVFNKNNKTKLEKFIAVDPSTIFYATDKKGKIIKGGKRFVQVVDKRVVASFTSREL
AMGIRNPRTELSSSGYGLSEVEIAMKEFIAYNNTESFNDRFFSHGGTTRGILQIRSDQQQSQHALENFKREWKSSLSGIN
GSWQIPVVMADDIKFVNMTPTANDMQFEKWLNYLINIISALYGIDPAEIGFPNRGGATGSKGGSTLNEADPGKKQQQSQN
KGLQPLLRFIEDLVNRHIISEYGDKYTFQFVGGDTKSATDKLNILKLETQIFKTVNEAREEQGKKPIEGGDIILDASFLQ
GTAQLQQDKQYNDGKQKERLQMMMSLLEGDNDDSEEGQSTDSSNDDKEIGTDAQIKGDDNVYRTQTSNKGQGRKGEKSSD
FKH
;
M,N,O,P,Q,R,S,T,U,V,W,X
3 'polydeoxyribonucleotide'
;(DG)(DA)(DT)(DA)(DG)(DA)(DA)(DT)(DT)(DA)(DT)(DT)(DG)(DG)(DT)(DA)(DC)(DC)(DG)(DT)
(DT)(DG)(DT)(DC)(DT)(DT)(DC)(DT)(DA)(DA)(DT)(DC)(DT)(DA)(DC)(DT)(DC)(DT)(DC)(DA)
(DG)(DT)(DA)(DG)(DT)(DA)(DG)(DT)(DA)(DA)(DT)(DA)(DG)(DT)(DA)(DG)(DT)(DA)(DC)(DA)
(DT)(DA)(DA)
;
Z
4 'polydeoxyribonucleotide'
;(DT)(DT)(DA)(DT)(DG)(DT)(DA)(DC)(DT)(DA)(DC)(DT)(DA)(DT)(DT)(DA)(DC)(DT)(DA)(DC)
(DT)(DA)(DC)(DT)(DG)(DA)(DG)(DA)(DG)(DT)(DA)(DG)(DA)(DT)(DT)(DA)(DG)(DA)(DA)(DG)
(DA)(DC)(DA)(DA)(DC)(DG)(DG)(DT)(DA)(DC)(DC)(DA)(DA)(DT)(DA)(DA)(DT)(DT)(DC)(DT)
(DA)(DT)(DC)
;
Y
#
# COMPACT_ATOMS: atom_id res chain seq x y z
N LEU A 17 -10.20 61.09 -39.96
CA LEU A 17 -9.17 60.55 -40.84
C LEU A 17 -9.68 60.49 -42.27
N ASN A 18 -8.80 60.74 -43.24
CA ASN A 18 -9.11 60.63 -44.65
C ASN A 18 -8.06 59.79 -45.34
N TYR A 19 -8.51 58.90 -46.23
CA TYR A 19 -7.62 57.93 -46.84
C TYR A 19 -8.30 57.35 -48.06
N GLU A 20 -7.50 56.75 -48.95
CA GLU A 20 -8.03 55.91 -50.00
C GLU A 20 -8.65 54.67 -49.38
N TYR A 21 -9.92 54.42 -49.69
CA TYR A 21 -10.87 53.70 -48.84
C TYR A 21 -10.28 52.48 -48.13
N PRO A 22 -9.78 51.47 -48.83
CA PRO A 22 -9.35 50.25 -48.11
C PRO A 22 -8.15 50.49 -47.19
N TYR A 23 -7.35 51.54 -47.43
CA TYR A 23 -6.04 51.68 -46.80
C TYR A 23 -6.10 52.61 -45.59
N HIS A 24 -6.91 52.23 -44.61
CA HIS A 24 -7.02 53.01 -43.39
C HIS A 24 -5.64 53.12 -42.75
N PRO A 25 -5.17 54.34 -42.42
CA PRO A 25 -3.73 54.51 -42.15
C PRO A 25 -3.22 53.84 -40.89
N SER A 26 -4.09 53.41 -39.97
CA SER A 26 -3.65 52.64 -38.82
C SER A 26 -3.62 51.15 -39.09
N GLY A 27 -4.71 50.58 -39.60
CA GLY A 27 -4.85 49.14 -39.66
C GLY A 27 -4.34 48.52 -40.95
N ASN A 28 -4.35 49.27 -42.04
CA ASN A 28 -3.98 48.72 -43.33
C ASN A 28 -3.33 49.80 -44.21
N PRO A 29 -2.28 50.47 -43.74
CA PRO A 29 -1.67 51.52 -44.55
C PRO A 29 -1.22 51.02 -45.91
N LYS A 30 -1.39 51.88 -46.92
CA LYS A 30 -0.95 51.56 -48.27
C LYS A 30 0.56 51.63 -48.38
N HIS A 31 1.17 50.55 -48.87
CA HIS A 31 2.60 50.52 -49.13
C HIS A 31 2.96 50.46 -50.61
N ILE A 32 2.07 49.97 -51.47
CA ILE A 32 2.31 49.93 -52.91
C ILE A 32 0.99 50.14 -53.63
N ASP A 33 1.06 50.72 -54.82
CA ASP A 33 -0.10 50.77 -55.70
C ASP A 33 -0.23 49.48 -56.50
N VAL A 34 -1.47 49.01 -56.67
CA VAL A 34 -1.76 47.78 -57.39
C VAL A 34 -1.48 47.86 -58.88
N SER A 35 -1.10 49.04 -59.39
CA SER A 35 -0.52 49.13 -60.72
C SER A 35 0.99 48.96 -60.72
N GLU A 36 1.65 49.38 -59.63
CA GLU A 36 3.10 49.31 -59.54
C GLU A 36 3.60 47.87 -59.40
N ILE A 37 2.78 46.98 -58.85
CA ILE A 37 3.17 45.58 -58.67
C ILE A 37 3.50 44.88 -59.98
N ASP A 38 3.00 45.40 -61.10
CA ASP A 38 3.43 44.88 -62.40
C ASP A 38 4.76 45.46 -62.86
N ASN A 39 5.09 46.67 -62.39
CA ASN A 39 6.26 47.39 -62.89
C ASN A 39 7.56 46.97 -62.19
N LEU A 40 7.49 46.37 -61.02
CA LEU A 40 8.72 45.96 -60.32
C LEU A 40 9.39 44.78 -61.02
N THR A 41 10.72 44.79 -61.01
CA THR A 41 11.52 43.79 -61.70
C THR A 41 12.67 43.34 -60.81
N LEU A 42 13.28 42.20 -61.16
CA LEU A 42 14.39 41.66 -60.39
C LEU A 42 15.53 42.66 -60.25
N ALA A 43 15.82 43.42 -61.31
CA ALA A 43 16.93 44.38 -61.24
C ALA A 43 16.67 45.47 -60.21
N ASP A 44 15.41 45.76 -59.93
CA ASP A 44 15.09 46.73 -58.88
C ASP A 44 15.48 46.23 -57.49
N TYR A 45 15.58 44.92 -57.31
CA TYR A 45 16.08 44.33 -56.08
C TYR A 45 17.58 44.10 -56.10
N GLY A 46 18.28 44.57 -57.13
CA GLY A 46 19.71 44.37 -57.24
C GLY A 46 20.13 43.04 -57.83
N TRP A 47 19.17 42.20 -58.21
CA TRP A 47 19.48 40.93 -58.87
C TRP A 47 19.70 41.21 -60.35
N SER A 48 20.97 41.34 -60.74
CA SER A 48 21.34 41.71 -62.09
C SER A 48 22.57 40.93 -62.51
N PRO A 49 22.72 40.64 -63.81
CA PRO A 49 23.98 40.02 -64.28
C PRO A 49 25.23 40.76 -63.81
N ASP A 50 25.19 42.08 -63.83
CA ASP A 50 26.34 42.86 -63.36
C ASP A 50 26.71 42.53 -61.92
N ALA A 51 25.72 42.30 -61.05
CA ALA A 51 26.02 41.93 -59.67
C ALA A 51 26.76 40.60 -59.60
N VAL A 52 26.33 39.61 -60.39
CA VAL A 52 27.06 38.35 -60.44
C VAL A 52 28.48 38.58 -60.94
N LYS A 53 28.62 39.24 -62.08
CA LYS A 53 29.96 39.51 -62.59
C LYS A 53 30.82 40.20 -61.54
N ALA A 54 30.25 41.11 -60.76
CA ALA A 54 30.98 41.74 -59.67
C ALA A 54 31.49 40.70 -58.69
N TYR A 55 30.67 39.70 -58.38
CA TYR A 55 31.13 38.63 -57.49
C TYR A 55 32.08 37.67 -58.19
N MET A 56 32.21 37.72 -59.50
CA MET A 56 33.25 37.00 -60.25
C MET A 56 34.24 37.95 -60.89
N PHE A 57 34.61 39.00 -60.15
CA PHE A 57 35.65 39.92 -60.61
C PHE A 57 36.91 39.17 -61.00
N GLY A 58 37.46 39.53 -62.16
CA GLY A 58 38.67 38.89 -62.67
C GLY A 58 38.47 37.54 -63.32
N ILE A 59 37.23 37.07 -63.45
CA ILE A 59 36.92 35.84 -64.18
C ILE A 59 36.08 36.22 -65.39
N VAL A 60 36.24 35.45 -66.47
CA VAL A 60 35.34 35.51 -67.60
C VAL A 60 35.00 34.10 -68.03
N VAL A 61 33.73 33.88 -68.35
CA VAL A 61 33.19 32.58 -68.73
C VAL A 61 32.97 32.60 -70.24
N GLN A 62 33.60 31.68 -70.95
CA GLN A 62 33.58 31.73 -72.41
C GLN A 62 33.66 30.32 -72.98
N ASN A 63 33.06 30.17 -74.16
CA ASN A 63 32.99 28.87 -74.83
C ASN A 63 34.37 28.44 -75.28
N PRO A 64 34.88 27.26 -74.86
CA PRO A 64 36.30 26.96 -75.11
C PRO A 64 36.66 26.93 -76.58
N ASP A 65 35.77 26.49 -77.45
CA ASP A 65 36.05 26.48 -78.88
C ASP A 65 35.68 27.79 -79.56
N THR A 66 34.56 28.38 -79.16
CA THR A 66 34.05 29.56 -79.84
C THR A 66 34.54 30.87 -79.22
N GLY A 67 34.96 30.84 -77.95
CA GLY A 67 35.45 32.03 -77.29
C GLY A 67 34.40 33.01 -76.85
N GLN A 68 33.17 32.90 -77.35
CA GLN A 68 32.12 33.84 -77.01
C GLN A 68 31.71 33.67 -75.55
N PRO A 69 31.48 34.75 -74.82
CA PRO A 69 31.01 34.62 -73.43
C PRO A 69 29.56 34.16 -73.34
N MET A 70 29.25 33.55 -72.20
CA MET A 70 27.89 33.12 -71.90
C MET A 70 26.94 34.30 -71.79
N GLY A 71 25.77 34.20 -72.43
CA GLY A 71 24.85 35.32 -72.48
C GLY A 71 24.04 35.49 -71.21
N ASP A 72 23.55 36.72 -71.04
CA ASP A 72 22.75 37.08 -69.87
C ASP A 72 21.45 36.29 -69.76
N GLU A 73 20.96 35.71 -70.86
CA GLU A 73 19.77 34.87 -70.79
C GLU A 73 19.90 33.78 -69.73
N PHE A 74 21.02 33.06 -69.75
CA PHE A 74 21.24 32.01 -68.77
C PHE A 74 21.30 32.58 -67.36
N TYR A 75 21.96 33.74 -67.20
CA TYR A 75 21.98 34.42 -65.91
C TYR A 75 20.56 34.68 -65.40
N ASN A 76 19.71 35.27 -66.23
CA ASN A 76 18.34 35.59 -65.78
C ASN A 76 17.56 34.32 -65.47
N HIS A 77 17.72 33.28 -66.28
CA HIS A 77 17.11 31.98 -65.99
C HIS A 77 17.50 31.48 -64.61
N ILE A 78 18.81 31.38 -64.37
CA ILE A 78 19.33 30.93 -63.09
C ILE A 78 18.81 31.80 -61.96
N LEU A 79 18.80 33.12 -62.16
CA LEU A 79 18.33 34.01 -61.10
C LEU A 79 16.87 33.76 -60.75
N GLU A 80 16.02 33.56 -61.76
CA GLU A 80 14.62 33.28 -61.49
C GLU A 80 14.45 31.99 -60.70
N ARG A 81 15.23 30.96 -61.04
CA ARG A 81 15.11 29.72 -60.27
C ARG A 81 15.73 29.86 -58.88
N ALA A 82 16.78 30.66 -58.73
CA ALA A 82 17.32 30.94 -57.40
C ALA A 82 16.32 31.67 -56.52
N VAL A 83 15.56 32.61 -57.09
CA VAL A 83 14.50 33.25 -56.33
C VAL A 83 13.43 32.24 -55.92
N GLY A 84 13.05 31.35 -56.83
CA GLY A 84 12.11 30.31 -56.43
C GLY A 84 12.62 29.44 -55.29
N LYS A 85 13.88 29.02 -55.39
CA LYS A 85 14.51 28.26 -54.32
C LYS A 85 14.52 29.01 -53.00
N ALA A 86 14.83 30.31 -53.04
CA ALA A 86 14.82 31.10 -51.82
C ALA A 86 13.41 31.22 -51.23
N GLU A 87 12.41 31.41 -52.09
CA GLU A 87 11.04 31.55 -51.61
C GLU A 87 10.48 30.29 -50.97
N ARG A 88 10.90 29.11 -51.43
CA ARG A 88 10.59 27.91 -50.65
C ARG A 88 11.53 27.62 -49.48
N ALA A 89 12.80 28.05 -49.55
CA ALA A 89 13.72 27.76 -48.46
C ALA A 89 13.26 28.44 -47.18
N LEU A 90 12.78 29.67 -47.27
CA LEU A 90 12.08 30.35 -46.19
C LEU A 90 10.63 30.47 -46.59
N ASP A 91 9.71 30.20 -45.66
CA ASP A 91 8.29 30.13 -46.01
C ASP A 91 7.73 31.53 -46.18
N ILE A 92 8.14 32.19 -47.27
CA ILE A 92 7.95 33.62 -47.46
C ILE A 92 7.55 33.87 -48.91
N SER A 93 7.00 35.06 -49.15
CA SER A 93 6.76 35.61 -50.49
C SER A 93 7.66 36.82 -50.69
N ILE A 94 8.48 36.79 -51.73
CA ILE A 94 9.49 37.83 -51.93
C ILE A 94 8.97 38.89 -52.91
N LEU A 95 8.76 38.49 -54.17
CA LEU A 95 8.30 39.44 -55.16
C LEU A 95 6.79 39.72 -54.98
N PRO A 96 6.37 40.98 -55.05
CA PRO A 96 4.93 41.28 -54.90
C PRO A 96 4.06 40.47 -55.84
N ASP A 97 2.97 39.92 -55.29
CA ASP A 97 1.96 39.24 -56.07
C ASP A 97 0.62 39.39 -55.37
N THR A 98 -0.45 39.36 -56.17
CA THR A 98 -1.81 39.42 -55.63
C THR A 98 -2.25 38.01 -55.24
N GLN A 99 -2.62 37.85 -53.97
CA GLN A 99 -3.08 36.56 -53.44
C GLN A 99 -4.58 36.63 -53.18
N HIS A 100 -5.29 35.62 -53.65
CA HIS A 100 -6.72 35.45 -53.37
C HIS A 100 -6.90 34.12 -52.65
N GLU A 101 -7.36 34.19 -51.39
CA GLU A 101 -7.54 33.01 -50.56
C GLU A 101 -9.00 32.88 -50.12
N MET A 102 -9.49 31.64 -50.12
CA MET A 102 -10.73 31.27 -49.44
C MET A 102 -10.35 30.46 -48.21
N ARG A 103 -10.69 30.96 -47.03
CA ARG A 103 -10.19 30.42 -45.78
C ARG A 103 -11.31 29.80 -44.95
N ASP A 104 -10.96 28.72 -44.25
CA ASP A 104 -11.92 27.99 -43.42
C ASP A 104 -12.30 28.76 -42.16
N TYR A 105 -13.57 28.65 -41.78
CA TYR A 105 -14.00 29.02 -40.45
C TYR A 105 -13.53 28.01 -39.41
N HIS A 106 -12.87 28.48 -38.37
CA HIS A 106 -12.60 27.70 -37.17
C HIS A 106 -13.04 28.46 -35.93
N GLU A 107 -13.78 27.78 -35.06
CA GLU A 107 -14.45 28.45 -33.97
C GLU A 107 -13.47 29.11 -33.00
N THR A 108 -12.41 28.40 -32.65
CA THR A 108 -11.44 28.94 -31.69
C THR A 108 -10.84 30.25 -32.20
N GLU A 109 -10.40 30.29 -33.45
CA GLU A 109 -9.76 31.48 -33.97
C GLU A 109 -10.76 32.54 -34.36
N PHE A 110 -11.97 32.13 -34.76
CA PHE A 110 -13.02 33.10 -35.04
C PHE A 110 -13.43 33.85 -33.77
N ASN A 111 -13.51 33.15 -32.64
CA ASN A 111 -13.74 33.85 -31.38
C ASN A 111 -12.56 34.72 -30.99
N SER A 112 -11.36 34.40 -31.46
CA SER A 112 -10.16 35.15 -31.08
C SER A 112 -9.96 36.38 -31.98
N TYR A 113 -10.97 37.25 -31.98
CA TYR A 113 -10.96 38.46 -32.81
C TYR A 113 -10.83 38.14 -34.30
N MET A 114 -11.48 37.05 -34.72
CA MET A 114 -11.49 36.65 -36.13
C MET A 114 -10.06 36.46 -36.64
N PHE A 115 -9.25 35.79 -35.83
CA PHE A 115 -7.84 35.59 -36.17
C PHE A 115 -7.73 34.70 -37.41
N VAL A 116 -6.96 35.15 -38.39
CA VAL A 116 -6.58 34.33 -39.53
C VAL A 116 -5.10 34.52 -39.83
N HIS A 117 -4.40 33.41 -40.08
CA HIS A 117 -3.03 33.42 -40.56
C HIS A 117 -3.02 33.24 -42.08
N ALA A 118 -2.43 34.20 -42.78
CA ALA A 118 -2.30 34.11 -44.23
C ALA A 118 -1.34 32.98 -44.59
N TYR A 119 -1.58 32.37 -45.76
CA TYR A 119 -0.66 31.34 -46.24
C TYR A 119 0.68 31.92 -46.66
N ARG A 120 0.70 33.18 -47.08
CA ARG A 120 1.89 33.81 -47.63
C ARG A 120 2.20 35.06 -46.83
N LYS A 121 3.48 35.28 -46.56
CA LYS A 121 3.93 36.41 -45.77
C LYS A 121 5.26 36.90 -46.32
N PRO A 122 5.61 38.18 -46.07
CA PRO A 122 4.87 39.27 -45.43
C PRO A 122 3.63 39.72 -46.21
N ILE A 123 2.69 40.34 -45.50
CA ILE A 123 1.62 41.11 -46.13
C ILE A 123 2.16 42.49 -46.49
N LEU A 124 2.08 42.86 -47.77
CA LEU A 124 2.25 44.27 -48.12
C LEU A 124 1.00 45.06 -47.77
N GLN A 125 -0.17 44.57 -48.14
CA GLN A 125 -1.43 45.16 -47.69
C GLN A 125 -2.55 44.17 -47.89
N VAL A 126 -3.61 44.34 -47.11
CA VAL A 126 -4.86 43.59 -47.29
C VAL A 126 -5.75 44.36 -48.25
N GLU A 127 -6.33 43.65 -49.23
CA GLU A 127 -7.19 44.27 -50.23
C GLU A 127 -8.67 44.05 -49.98
N ASN A 128 -9.07 42.90 -49.46
CA ASN A 128 -10.48 42.66 -49.21
C ASN A 128 -10.62 41.57 -48.15
N LEU A 129 -11.72 41.64 -47.39
CA LEU A 129 -12.00 40.65 -46.36
C LEU A 129 -13.50 40.57 -46.15
N GLN A 130 -14.09 39.41 -46.43
CA GLN A 130 -15.53 39.25 -46.41
C GLN A 130 -15.91 37.86 -45.91
N LEU A 131 -17.07 37.78 -45.27
CA LEU A 131 -17.72 36.53 -44.94
C LEU A 131 -18.85 36.31 -45.94
N GLN A 132 -18.90 35.11 -46.54
CA GLN A 132 -19.73 34.91 -47.71
C GLN A 132 -20.39 33.54 -47.67
N PHE A 133 -21.39 33.38 -48.53
CA PHE A 133 -22.17 32.15 -48.65
C PHE A 133 -22.55 31.94 -50.11
N ASN A 134 -21.93 30.94 -50.75
CA ASN A 134 -22.11 30.67 -52.18
C ASN A 134 -21.70 31.87 -53.03
N GLY A 135 -20.65 32.55 -52.59
CA GLY A 135 -20.17 33.75 -53.26
C GLY A 135 -20.91 35.03 -52.93
N ARG A 136 -22.07 34.95 -52.30
CA ARG A 136 -22.77 36.16 -51.87
C ARG A 136 -22.10 36.69 -50.61
N PRO A 137 -21.64 37.95 -50.59
CA PRO A 137 -21.19 38.52 -49.31
C PRO A 137 -22.34 38.59 -48.33
N ILE A 138 -22.20 37.87 -47.22
CA ILE A 138 -23.14 37.99 -46.11
C ILE A 138 -22.85 39.23 -45.29
N TYR A 139 -21.58 39.53 -45.04
CA TYR A 139 -21.23 40.79 -44.41
C TYR A 139 -19.87 41.24 -44.93
N LYS A 140 -19.74 42.54 -45.14
CA LYS A 140 -18.47 43.17 -45.48
C LYS A 140 -18.00 44.00 -44.30
N TYR A 141 -16.86 43.63 -43.75
CA TYR A 141 -16.35 44.28 -42.55
C TYR A 141 -15.79 45.66 -42.90
N PRO A 142 -16.16 46.73 -42.18
CA PRO A 142 -15.56 48.03 -42.45
C PRO A 142 -14.04 47.99 -42.36
N ALA A 143 -13.38 48.67 -43.30
CA ALA A 143 -11.93 48.67 -43.37
C ALA A 143 -11.29 49.28 -42.13
N ASN A 144 -12.01 50.10 -41.39
CA ASN A 144 -11.47 50.62 -40.13
C ASN A 144 -11.41 49.55 -39.04
N TRP A 145 -12.01 48.38 -39.26
CA TRP A 145 -11.88 47.26 -38.33
C TRP A 145 -10.65 46.42 -38.60
N TRP A 146 -10.09 46.47 -39.81
CA TRP A 146 -9.02 45.54 -40.17
C TRP A 146 -7.77 45.86 -39.39
N LYS A 147 -7.23 44.85 -38.70
CA LYS A 147 -5.96 44.94 -38.00
C LYS A 147 -4.97 44.02 -38.71
N VAL A 148 -3.89 44.59 -39.22
CA VAL A 148 -2.89 43.86 -40.00
C VAL A 148 -1.57 43.89 -39.25
N GLU A 149 -0.90 42.74 -39.16
CA GLU A 149 0.48 42.63 -38.73
C GLU A 149 1.27 42.11 -39.93
N HIS A 150 2.11 42.97 -40.50
CA HIS A 150 2.59 42.75 -41.85
C HIS A 150 3.58 41.60 -41.93
N LEU A 151 4.63 41.63 -41.11
CA LEU A 151 5.64 40.58 -41.18
C LEU A 151 5.14 39.24 -40.65
N ALA A 152 4.23 39.27 -39.67
CA ALA A 152 3.70 38.00 -39.15
C ALA A 152 2.81 37.30 -40.16
N GLY A 153 2.08 38.06 -40.98
CA GLY A 153 1.06 37.48 -41.81
C GLY A 153 -0.25 37.24 -41.10
N HIS A 154 -0.57 38.07 -40.12
CA HIS A 154 -1.76 37.91 -39.30
C HIS A 154 -2.75 39.03 -39.62
N VAL A 155 -4.03 38.67 -39.69
CA VAL A 155 -5.11 39.64 -39.81
C VAL A 155 -6.13 39.35 -38.72
N GLN A 156 -6.66 40.41 -38.11
CA GLN A 156 -7.68 40.30 -37.09
C GLN A 156 -8.68 41.43 -37.26
N LEU A 157 -9.85 41.26 -36.67
CA LEU A 157 -10.85 42.31 -36.56
C LEU A 157 -10.99 42.73 -35.11
N PHE A 158 -11.05 44.05 -34.88
CA PHE A 158 -11.45 44.63 -33.60
C PHE A 158 -12.67 45.50 -33.86
N PRO A 159 -13.88 44.96 -33.76
CA PRO A 159 -15.06 45.70 -34.21
C PRO A 159 -15.28 46.99 -33.45
N THR A 160 -15.46 48.08 -34.20
CA THR A 160 -15.80 49.37 -33.62
C THR A 160 -17.27 49.44 -33.25
N ALA A 161 -18.13 48.83 -34.06
CA ALA A 161 -19.58 48.97 -33.93
C ALA A 161 -19.97 50.44 -33.81
N GLY A 189 -23.70 24.60 -35.91
CA GLY A 189 -23.91 23.18 -35.65
C GLY A 189 -22.64 22.35 -35.79
N ALA A 190 -21.56 22.99 -36.20
CA ALA A 190 -20.26 22.34 -36.27
C ALA A 190 -19.18 23.33 -35.82
N THR A 191 -18.05 22.78 -35.38
CA THR A 191 -16.95 23.58 -34.87
C THR A 191 -16.13 24.22 -35.99
N PHE A 192 -16.31 23.77 -37.23
CA PHE A 192 -15.60 24.33 -38.36
C PHE A 192 -16.50 24.26 -39.59
N ALA A 193 -16.19 25.10 -40.59
CA ALA A 193 -16.89 25.02 -41.85
C ALA A 193 -16.03 25.56 -42.99
N PRO A 194 -16.11 24.98 -44.18
CA PRO A 194 -15.16 25.31 -45.24
C PRO A 194 -15.43 26.64 -45.93
N GLN A 195 -14.34 27.36 -46.19
CA GLN A 195 -14.30 28.45 -47.16
C GLN A 195 -15.34 29.54 -46.91
N MET A 196 -15.61 29.83 -45.63
CA MET A 196 -16.55 30.91 -45.34
C MET A 196 -15.91 32.27 -45.60
N ILE A 197 -14.61 32.39 -45.37
CA ILE A 197 -13.92 33.67 -45.37
C ILE A 197 -13.22 33.87 -46.72
N ARG A 198 -13.45 35.02 -47.34
CA ARG A 198 -12.81 35.43 -48.57
C ARG A 198 -11.78 36.49 -48.23
N LEU A 199 -10.50 36.22 -48.54
CA LEU A 199 -9.40 37.13 -48.23
C LEU A 199 -8.56 37.38 -49.46
N GLU A 200 -8.46 38.64 -49.87
CA GLU A 200 -7.56 39.08 -50.93
C GLU A 200 -6.53 40.05 -50.36
N TYR A 201 -5.26 39.83 -50.70
CA TYR A 201 -4.18 40.66 -50.17
C TYR A 201 -3.02 40.60 -51.16
N VAL A 202 -2.07 41.51 -50.98
CA VAL A 202 -0.79 41.47 -51.67
C VAL A 202 0.27 40.96 -50.70
N SER A 203 0.94 39.88 -51.08
CA SER A 203 2.14 39.40 -50.41
C SER A 203 3.38 39.84 -51.18
N GLY A 204 4.50 39.96 -50.46
CA GLY A 204 5.77 40.27 -51.09
C GLY A 204 6.64 41.16 -50.24
N MET A 205 7.79 41.57 -50.77
CA MET A 205 8.64 42.56 -50.13
C MET A 205 8.94 43.69 -51.12
N LEU A 206 9.06 44.91 -50.58
CA LEU A 206 9.53 46.04 -51.35
C LEU A 206 11.04 46.18 -51.23
N PRO A 207 11.73 46.72 -52.24
CA PRO A 207 13.15 47.02 -52.06
C PRO A 207 13.37 48.07 -50.98
N ARG A 208 14.39 47.85 -50.15
CA ARG A 208 14.64 48.71 -49.01
C ARG A 208 14.98 50.12 -49.45
N LYS A 209 14.54 51.10 -48.65
CA LYS A 209 14.66 52.50 -49.02
C LYS A 209 15.93 53.16 -48.52
N LYS A 210 16.59 52.57 -47.52
CA LYS A 210 17.83 53.10 -46.97
C LYS A 210 18.92 52.04 -47.03
N ALA A 211 20.17 52.50 -47.10
CA ALA A 211 21.29 51.59 -46.99
C ALA A 211 21.33 50.96 -45.61
N GLY A 212 21.60 49.65 -45.57
CA GLY A 212 21.83 48.95 -44.33
C GLY A 212 20.60 48.71 -43.48
N ARG A 213 19.45 49.26 -43.86
CA ARG A 213 18.25 49.25 -43.03
C ARG A 213 17.09 48.71 -43.85
N ASN A 214 16.16 48.06 -43.18
CA ASN A 214 14.90 47.66 -43.81
C ASN A 214 13.77 47.77 -42.80
N LYS A 215 12.61 48.23 -43.26
CA LYS A 215 11.38 48.11 -42.50
C LYS A 215 10.86 46.67 -42.59
N PRO A 216 9.93 46.30 -41.72
CA PRO A 216 9.44 44.91 -41.73
C PRO A 216 8.82 44.49 -43.05
N TRP A 217 8.34 45.42 -43.86
CA TRP A 217 7.83 45.11 -45.19
C TRP A 217 8.87 45.28 -46.28
N GLU A 218 10.12 45.56 -45.93
CA GLU A 218 11.20 45.73 -46.88
C GLU A 218 12.15 44.54 -46.83
N MET A 219 12.76 44.24 -47.97
CA MET A 219 13.60 43.06 -48.11
C MET A 219 14.85 43.22 -47.25
N PRO A 220 15.22 42.23 -46.43
CA PRO A 220 16.49 42.32 -45.70
C PRO A 220 17.66 42.42 -46.65
N PRO A 221 18.67 43.25 -46.37
CA PRO A 221 19.78 43.42 -47.31
C PRO A 221 20.48 42.14 -47.73
N GLU A 222 20.53 41.11 -46.88
CA GLU A 222 21.29 39.91 -47.19
C GLU A 222 20.44 38.76 -47.70
N LEU A 223 19.11 38.89 -47.75
CA LEU A 223 18.35 37.95 -48.56
C LEU A 223 18.68 38.14 -50.03
N GLU A 224 18.97 39.39 -50.41
CA GLU A 224 19.53 39.66 -51.72
C GLU A 224 20.83 38.88 -51.91
N GLN A 225 21.70 38.93 -50.91
CA GLN A 225 22.98 38.23 -51.01
C GLN A 225 22.79 36.72 -51.03
N LEU A 226 21.77 36.20 -50.37
CA LEU A 226 21.48 34.77 -50.45
C LEU A 226 21.10 34.35 -51.87
N VAL A 227 20.20 35.10 -52.50
CA VAL A 227 19.85 34.80 -53.88
C VAL A 227 21.06 34.94 -54.80
N ILE A 228 21.88 35.96 -54.56
CA ILE A 228 23.13 36.10 -55.30
C ILE A 228 23.99 34.86 -55.14
N LYS A 229 24.22 34.44 -53.90
CA LYS A 229 25.04 33.25 -53.66
C LYS A 229 24.53 32.03 -54.39
N TYR A 230 23.20 31.81 -54.40
CA TYR A 230 22.67 30.68 -55.18
C TYR A 230 22.99 30.81 -56.67
N ALA A 231 22.79 32.00 -57.23
CA ALA A 231 23.16 32.21 -58.63
C ALA A 231 24.64 31.94 -58.84
N LEU A 232 25.48 32.59 -58.05
CA LEU A 232 26.93 32.42 -58.13
C LEU A 232 27.32 30.96 -58.06
N LYS A 233 26.63 30.18 -57.21
CA LYS A 233 26.94 28.76 -57.09
C LYS A 233 26.62 28.01 -58.38
N GLU A 234 25.56 28.41 -59.08
CA GLU A 234 25.29 27.75 -60.36
C GLU A 234 26.29 28.18 -61.42
N ILE A 235 26.64 29.46 -61.46
CA ILE A 235 27.59 29.93 -62.44
C ILE A 235 28.96 29.29 -62.21
N TYR A 236 29.35 29.13 -60.94
CA TYR A 236 30.57 28.39 -60.64
C TYR A 236 30.49 26.92 -61.04
N GLN A 237 29.32 26.29 -60.93
CA GLN A 237 29.25 24.91 -61.42
C GLN A 237 29.46 24.85 -62.93
N VAL A 238 28.93 25.82 -63.66
CA VAL A 238 29.17 25.86 -65.11
C VAL A 238 30.64 26.14 -65.41
N TRP A 239 31.16 27.25 -64.88
CA TRP A 239 32.53 27.67 -65.15
C TRP A 239 33.57 26.62 -64.77
N GLY A 240 33.35 25.89 -63.68
CA GLY A 240 34.31 24.89 -63.24
C GLY A 240 34.53 23.76 -64.20
N ASN A 241 33.69 23.61 -65.23
CA ASN A 241 33.97 22.62 -66.27
C ASN A 241 35.01 23.07 -67.29
N LEU A 242 35.22 24.37 -67.46
CA LEU A 242 35.91 24.88 -68.63
C LEU A 242 37.33 25.38 -68.36
N ILE A 243 37.75 25.44 -67.09
CA ILE A 243 39.10 25.95 -66.80
C ILE A 243 40.18 25.07 -67.42
N ILE A 244 39.92 23.76 -67.55
CA ILE A 244 40.88 22.83 -68.15
C ILE A 244 40.10 21.93 -69.10
N GLY A 245 40.83 21.24 -69.97
CA GLY A 245 40.26 20.18 -70.77
C GLY A 245 39.52 19.12 -69.98
N ALA A 246 38.54 18.49 -70.62
CA ALA A 246 37.70 17.50 -69.95
C ALA A 246 38.50 16.35 -69.39
N GLY A 247 38.32 16.08 -68.10
CA GLY A 247 38.93 14.93 -67.45
C GLY A 247 40.41 15.00 -67.22
N ILE A 248 41.06 16.11 -67.53
CA ILE A 248 42.50 16.24 -67.29
C ILE A 248 42.70 16.62 -65.82
N ALA A 249 43.57 15.87 -65.13
CA ALA A 249 43.93 16.15 -63.75
C ALA A 249 45.41 16.37 -63.53
N ASN A 250 46.26 15.95 -64.46
CA ASN A 250 47.66 16.35 -64.49
C ASN A 250 48.08 16.38 -65.95
N LYS A 251 49.04 17.24 -66.27
CA LYS A 251 49.67 17.18 -67.58
C LYS A 251 51.15 17.52 -67.47
N THR A 252 51.93 16.88 -68.34
CA THR A 252 53.30 17.25 -68.62
C THR A 252 53.49 17.17 -70.13
N LEU A 253 54.18 18.15 -70.69
CA LEU A 253 54.63 18.08 -72.07
C LEU A 253 56.11 18.45 -72.13
N GLU A 254 56.90 17.65 -72.83
CA GLU A 254 58.30 17.96 -73.07
C GLU A 254 58.55 17.85 -74.56
N VAL A 255 59.08 18.93 -75.14
CA VAL A 255 59.39 18.99 -76.56
C VAL A 255 60.67 19.79 -76.73
N ASP A 256 61.66 19.19 -77.40
CA ASP A 256 62.86 19.89 -77.85
C ASP A 256 63.51 20.73 -76.76
N GLY A 257 63.68 20.12 -75.59
CA GLY A 257 64.32 20.77 -74.47
C GLY A 257 63.49 21.78 -73.71
N ILE A 258 62.22 21.95 -74.07
CA ILE A 258 61.28 22.73 -73.27
C ILE A 258 60.38 21.75 -72.54
N THR A 259 60.22 21.94 -71.22
CA THR A 259 59.35 21.10 -70.41
C THR A 259 58.36 21.98 -69.66
N GLU A 260 57.10 21.56 -69.66
CA GLU A 260 56.06 22.14 -68.83
C GLU A 260 55.34 21.06 -68.07
N THR A 261 54.90 21.38 -66.86
CA THR A 261 54.19 20.43 -66.01
C THR A 261 53.24 21.24 -65.14
N ILE A 262 51.97 20.86 -65.15
CA ILE A 262 50.91 21.59 -64.48
C ILE A 262 50.12 20.63 -63.62
N GLY A 263 49.94 20.98 -62.36
CA GLY A 263 48.90 20.40 -61.53
C GLY A 263 47.73 21.35 -61.44
N THR A 264 46.53 20.79 -61.30
CA THR A 264 45.30 21.56 -61.44
C THR A 264 44.35 21.25 -60.30
N THR A 265 43.39 22.15 -60.11
CA THR A 265 42.33 21.99 -59.12
C THR A 265 41.34 20.89 -59.46
N GLN A 266 41.37 20.37 -60.68
CA GLN A 266 40.62 19.16 -60.97
C GLN A 266 41.26 17.95 -60.31
N SER A 267 40.44 16.96 -60.02
CA SER A 267 40.91 15.67 -59.51
C SER A 267 39.83 14.63 -59.77
N ALA A 268 40.20 13.36 -59.56
CA ALA A 268 39.22 12.29 -59.68
C ALA A 268 38.08 12.39 -58.66
N MET A 269 38.28 13.11 -57.56
CA MET A 269 37.20 13.43 -56.63
C MET A 269 36.57 14.79 -56.88
N TYR A 270 37.36 15.85 -56.79
CA TYR A 270 36.86 17.23 -56.75
C TYR A 270 36.92 17.89 -58.11
N GLY A 271 35.82 18.53 -58.47
CA GLY A 271 35.78 19.35 -59.66
C GLY A 271 36.51 20.66 -59.44
N GLY A 272 36.78 21.35 -60.55
CA GLY A 272 37.66 22.49 -60.53
C GLY A 272 37.22 23.63 -59.63
N ALA A 273 35.93 23.70 -59.28
CA ALA A 273 35.41 24.75 -58.42
C ALA A 273 34.85 24.23 -57.11
N SER A 274 35.21 23.00 -56.72
CA SER A 274 34.81 22.44 -55.43
C SER A 274 34.99 23.42 -54.27
N ALA A 275 36.17 24.02 -54.15
CA ALA A 275 36.46 24.91 -53.03
C ALA A 275 35.47 26.06 -52.94
N GLN A 276 35.28 26.79 -54.03
CA GLN A 276 34.36 27.92 -54.04
C GLN A 276 32.95 27.48 -53.66
N ILE A 277 32.49 26.36 -54.21
CA ILE A 277 31.16 25.85 -53.89
C ILE A 277 31.04 25.56 -52.41
N LEU A 278 32.04 24.89 -51.83
CA LEU A 278 32.06 24.65 -50.38
C LEU A 278 31.95 25.95 -49.58
N GLN A 279 32.74 26.94 -49.93
CA GLN A 279 32.69 28.22 -49.21
C GLN A 279 31.31 28.87 -49.32
N ILE A 280 30.78 28.93 -50.54
CA ILE A 280 29.45 29.48 -50.77
C ILE A 280 28.40 28.72 -49.98
N ASN A 281 28.51 27.38 -49.92
CA ASN A 281 27.61 26.59 -49.09
C ASN A 281 27.68 26.96 -47.63
N GLU A 282 28.89 27.20 -47.11
CA GLU A 282 29.01 27.67 -45.74
C GLU A 282 28.28 29.00 -45.54
N ASP A 283 28.56 29.97 -46.42
CA ASP A 283 27.89 31.27 -46.31
C ASP A 283 26.37 31.14 -46.39
N ILE A 284 25.87 30.32 -47.32
CA ILE A 284 24.43 30.06 -47.40
C ILE A 284 23.91 29.52 -46.07
N LYS A 285 24.61 28.55 -45.50
CA LYS A 285 24.16 27.98 -44.23
C LYS A 285 24.04 29.07 -43.16
N GLU A 286 25.07 29.91 -43.03
CA GLU A 286 25.00 31.00 -42.05
C GLU A 286 23.84 31.95 -42.33
N LEU A 287 23.66 32.34 -43.60
CA LEU A 287 22.58 33.24 -43.97
C LEU A 287 21.23 32.64 -43.64
N LEU A 288 21.03 31.36 -43.97
CA LEU A 288 19.74 30.73 -43.71
C LEU A 288 19.49 30.60 -42.22
N ASP A 289 20.52 30.30 -41.43
CA ASP A 289 20.35 30.33 -39.98
C ASP A 289 19.84 31.69 -39.51
N GLY A 290 20.51 32.77 -39.93
CA GLY A 290 20.08 34.09 -39.53
C GLY A 290 18.66 34.40 -39.98
N LEU A 291 18.31 34.08 -41.22
CA LEU A 291 16.99 34.41 -41.72
C LEU A 291 15.90 33.53 -41.10
N ARG A 292 16.18 32.27 -40.81
CA ARG A 292 15.25 31.45 -40.05
C ARG A 292 15.20 31.84 -38.58
N ALA A 293 16.09 32.73 -38.14
CA ALA A 293 15.90 33.40 -36.86
C ALA A 293 15.06 34.67 -37.02
N TYR A 294 15.14 35.31 -38.17
CA TYR A 294 14.37 36.52 -38.41
C TYR A 294 12.88 36.21 -38.58
N PHE A 295 12.56 35.32 -39.51
CA PHE A 295 11.24 34.71 -39.56
C PHE A 295 11.15 33.63 -38.49
N GLY A 296 9.95 33.50 -37.89
CA GLY A 296 9.77 32.65 -36.75
C GLY A 296 9.52 31.19 -37.11
N TYR A 297 9.37 30.39 -36.06
CA TYR A 297 8.88 29.03 -36.23
C TYR A 297 7.40 29.00 -36.56
N ASN A 298 7.03 28.13 -37.48
CA ASN A 298 5.62 27.94 -37.81
C ASN A 298 4.94 27.17 -36.70
N MET A 299 3.66 27.47 -36.46
CA MET A 299 2.89 26.84 -35.41
C MET A 299 1.43 26.83 -35.83
N ILE A 300 0.71 25.81 -35.35
CA ILE A 300 -0.73 25.78 -35.50
C ILE A 300 -1.35 25.08 -34.30
N GLY A 301 -2.55 25.50 -33.94
CA GLY A 301 -3.31 24.87 -32.88
C GLY A 301 -4.32 23.89 -33.45
N LEU A 302 -4.33 22.68 -32.90
CA LEU A 302 -5.25 21.65 -33.34
C LEU A 302 -6.27 21.36 -32.25
N LEU B 17 12.77 71.41 -13.83
CA LEU B 17 13.42 70.94 -15.05
C LEU B 17 12.79 71.59 -16.28
N ASN B 18 13.62 71.89 -17.28
CA ASN B 18 13.16 72.42 -18.55
C ASN B 18 13.80 71.63 -19.68
N TYR B 19 12.99 71.29 -20.70
CA TYR B 19 13.47 70.41 -21.75
C TYR B 19 12.55 70.52 -22.95
N GLU B 20 13.07 70.09 -24.09
CA GLU B 20 12.23 69.89 -25.28
C GLU B 20 11.28 68.73 -25.01
N TYR B 21 9.98 68.97 -25.19
CA TYR B 21 8.91 68.28 -24.49
C TYR B 21 9.10 66.77 -24.34
N PRO B 22 9.23 66.00 -25.42
CA PRO B 22 9.28 64.54 -25.25
C PRO B 22 10.50 64.06 -24.49
N TYR B 23 11.57 64.85 -24.44
CA TYR B 23 12.88 64.37 -24.00
C TYR B 23 13.13 64.70 -22.52
N HIS B 24 12.24 64.20 -21.67
CA HIS B 24 12.37 64.41 -20.24
C HIS B 24 13.73 63.88 -19.76
N PRO B 25 14.53 64.68 -19.05
CA PRO B 25 15.95 64.32 -18.90
C PRO B 25 16.22 63.11 -18.03
N SER B 26 15.26 62.65 -17.24
CA SER B 26 15.44 61.40 -16.50
C SER B 26 14.99 60.19 -17.31
N GLY B 27 13.77 60.23 -17.84
CA GLY B 27 13.17 59.04 -18.41
C GLY B 27 13.44 58.85 -19.89
N ASN B 28 13.70 59.94 -20.61
CA ASN B 28 13.86 59.85 -22.06
C ASN B 28 14.83 60.92 -22.55
N PRO B 29 16.05 61.00 -22.02
CA PRO B 29 16.98 62.04 -22.46
C PRO B 29 17.22 61.97 -23.96
N LYS B 30 17.34 63.15 -24.57
CA LYS B 30 17.64 63.24 -26.00
C LYS B 30 19.08 62.84 -26.28
N HIS B 31 19.27 61.87 -27.18
CA HIS B 31 20.59 61.47 -27.61
C HIS B 31 20.92 61.83 -29.05
N ILE B 32 19.92 62.00 -29.92
CA ILE B 32 20.14 62.40 -31.30
C ILE B 32 18.98 63.26 -31.77
N ASP B 33 19.28 64.17 -32.70
CA ASP B 33 18.26 64.91 -33.42
C ASP B 33 17.77 64.10 -34.62
N VAL B 34 16.47 64.16 -34.88
CA VAL B 34 15.84 63.45 -35.99
C VAL B 34 16.24 63.99 -37.35
N SER B 35 17.03 65.06 -37.39
CA SER B 35 17.72 65.46 -38.62
C SER B 35 19.07 64.80 -38.77
N GLU B 36 19.74 64.48 -37.67
CA GLU B 36 21.07 63.88 -37.73
C GLU B 36 21.02 62.46 -38.24
N ILE B 37 19.91 61.76 -38.04
CA ILE B 37 19.78 60.38 -38.51
C ILE B 37 19.88 60.27 -40.03
N ASP B 38 19.65 61.36 -40.76
CA ASP B 38 19.91 61.35 -42.19
C ASP B 38 21.38 61.60 -42.51
N ASN B 39 22.09 62.33 -41.65
CA ASN B 39 23.46 62.72 -41.93
C ASN B 39 24.48 61.64 -41.62
N LEU B 40 24.13 60.68 -40.76
CA LEU B 40 25.07 59.63 -40.42
C LEU B 40 25.27 58.65 -41.56
N THR B 41 26.51 58.18 -41.71
CA THR B 41 26.90 57.31 -42.81
C THR B 41 27.79 56.21 -42.26
N LEU B 42 27.95 55.14 -43.05
CA LEU B 42 28.78 54.01 -42.65
C LEU B 42 30.20 54.46 -42.29
N ALA B 43 30.75 55.39 -43.06
CA ALA B 43 32.11 55.84 -42.80
C ALA B 43 32.26 56.50 -41.44
N ASP B 44 31.18 57.06 -40.90
CA ASP B 44 31.24 57.63 -39.55
C ASP B 44 31.45 56.58 -38.49
N TYR B 45 31.09 55.33 -38.76
CA TYR B 45 31.38 54.21 -37.88
C TYR B 45 32.71 53.53 -38.20
N GLY B 46 33.50 54.09 -39.11
CA GLY B 46 34.77 53.51 -39.48
C GLY B 46 34.69 52.40 -40.52
N TRP B 47 33.51 52.08 -41.01
CA TRP B 47 33.35 51.08 -42.07
C TRP B 47 33.61 51.74 -43.41
N SER B 48 34.84 51.57 -43.90
CA SER B 48 35.32 52.22 -45.10
C SER B 48 36.19 51.24 -45.88
N PRO B 49 36.25 51.37 -47.20
CA PRO B 49 37.20 50.54 -47.98
C PRO B 49 38.63 50.57 -47.45
N ASP B 50 39.11 51.74 -47.03
CA ASP B 50 40.45 51.84 -46.48
C ASP B 50 40.65 50.92 -45.28
N ALA B 51 39.65 50.77 -44.41
CA ALA B 51 39.78 49.85 -43.29
C ALA B 51 39.98 48.40 -43.74
N VAL B 52 39.22 47.98 -44.76
CA VAL B 52 39.42 46.64 -45.31
C VAL B 52 40.83 46.52 -45.87
N LYS B 53 41.22 47.44 -46.75
CA LYS B 53 42.57 47.38 -47.31
C LYS B 53 43.61 47.32 -46.21
N ALA B 54 43.41 48.07 -45.12
CA ALA B 54 44.33 48.00 -43.99
C ALA B 54 44.43 46.58 -43.46
N TYR B 55 43.30 45.88 -43.38
CA TYR B 55 43.35 44.48 -42.96
C TYR B 55 43.89 43.55 -44.03
N MET B 56 44.03 44.02 -45.27
CA MET B 56 44.73 43.30 -46.32
C MET B 56 46.02 44.03 -46.70
N PHE B 57 46.71 44.56 -45.70
CA PHE B 57 48.01 45.17 -45.90
C PHE B 57 48.95 44.24 -46.65
N GLY B 58 49.65 44.79 -47.64
CA GLY B 58 50.56 44.02 -48.45
C GLY B 58 49.93 43.17 -49.53
N ILE B 59 48.61 43.25 -49.69
CA ILE B 59 47.89 42.60 -50.78
C ILE B 59 47.29 43.70 -51.64
N VAL B 60 47.18 43.44 -52.94
CA VAL B 60 46.40 44.29 -53.83
C VAL B 60 45.54 43.40 -54.73
N VAL B 61 44.29 43.81 -54.91
CA VAL B 61 43.29 43.08 -55.68
C VAL B 61 43.10 43.78 -57.01
N GLN B 62 43.35 43.08 -58.12
CA GLN B 62 43.31 43.71 -59.42
C GLN B 62 42.91 42.69 -60.47
N ASN B 63 42.25 43.16 -61.51
CA ASN B 63 41.76 42.28 -62.56
C ASN B 63 42.95 41.71 -63.33
N PRO B 64 43.13 40.38 -63.40
CA PRO B 64 44.37 39.85 -63.97
C PRO B 64 44.57 40.23 -65.43
N ASP B 65 43.49 40.33 -66.20
CA ASP B 65 43.59 40.71 -67.60
C ASP B 65 43.53 42.21 -67.81
N THR B 66 42.72 42.93 -67.03
CA THR B 66 42.49 44.35 -67.26
C THR B 66 43.44 45.23 -66.47
N GLY B 67 44.02 44.71 -65.39
CA GLY B 67 44.96 45.46 -64.56
C GLY B 67 44.31 46.48 -63.64
N GLN B 68 43.05 46.83 -63.87
CA GLN B 68 42.39 47.82 -63.02
C GLN B 68 42.15 47.25 -61.63
N PRO B 69 42.38 48.03 -60.57
CA PRO B 69 42.05 47.55 -59.23
C PRO B 69 40.54 47.53 -59.01
N MET B 70 40.12 46.67 -58.09
CA MET B 70 38.71 46.60 -57.75
C MET B 70 38.26 47.90 -57.10
N GLY B 71 37.11 48.43 -57.57
CA GLY B 71 36.66 49.72 -57.11
C GLY B 71 35.98 49.67 -55.76
N ASP B 72 35.96 50.84 -55.11
CA ASP B 72 35.35 50.98 -53.79
C ASP B 72 33.87 50.70 -53.79
N GLU B 73 33.20 50.79 -54.95
CA GLU B 73 31.78 50.44 -55.03
C GLU B 73 31.52 49.04 -54.49
N PHE B 74 32.31 48.06 -54.93
CA PHE B 74 32.13 46.71 -54.46
C PHE B 74 32.38 46.61 -52.96
N TYR B 75 33.39 47.31 -52.46
CA TYR B 75 33.62 47.38 -51.02
C TYR B 75 32.38 47.89 -50.27
N ASN B 76 31.82 49.01 -50.70
CA ASN B 76 30.66 49.55 -50.00
C ASN B 76 29.46 48.61 -50.09
N HIS B 77 29.26 47.99 -51.24
CA HIS B 77 28.22 46.97 -51.38
C HIS B 77 28.38 45.87 -50.33
N ILE B 78 29.56 45.27 -50.31
CA ILE B 78 29.86 44.21 -49.35
C ILE B 78 29.65 44.70 -47.92
N LEU B 79 30.11 45.91 -47.62
CA LEU B 79 29.95 46.46 -46.27
C LEU B 79 28.49 46.59 -45.87
N GLU B 80 27.65 47.09 -46.77
CA GLU B 80 26.23 47.20 -46.45
C GLU B 80 25.61 45.83 -46.18
N ARG B 81 25.99 44.83 -46.98
CA ARG B 81 25.44 43.50 -46.71
C ARG B 81 26.03 42.87 -45.45
N ALA B 82 27.29 43.17 -45.13
CA ALA B 82 27.85 42.72 -43.85
C ALA B 82 27.13 43.34 -42.67
N VAL B 83 26.75 44.61 -42.78
CA VAL B 83 25.95 45.23 -41.73
C VAL B 83 24.59 44.54 -41.62
N GLY B 84 23.96 44.23 -42.74
CA GLY B 84 22.70 43.49 -42.67
C GLY B 84 22.85 42.15 -41.99
N LYS B 85 23.89 41.40 -42.36
CA LYS B 85 24.17 40.14 -41.71
C LYS B 85 24.40 40.30 -40.21
N ALA B 86 25.14 41.34 -39.82
CA ALA B 86 25.36 41.58 -38.39
C ALA B 86 24.07 41.91 -37.66
N GLU B 87 23.21 42.73 -38.28
CA GLU B 87 21.95 43.10 -37.64
C GLU B 87 20.98 41.94 -37.47
N ARG B 88 20.98 40.96 -38.37
CA ARG B 88 20.25 39.72 -38.07
C ARG B 88 21.02 38.72 -37.21
N ALA B 89 22.35 38.70 -37.27
CA ALA B 89 23.09 37.74 -36.45
C ALA B 89 22.91 38.02 -34.97
N LEU B 90 22.92 39.29 -34.59
CA LEU B 90 22.51 39.72 -33.26
C LEU B 90 21.22 40.50 -33.41
N ASP B 91 20.25 40.23 -32.53
CA ASP B 91 18.91 40.78 -32.69
C ASP B 91 18.89 42.25 -32.28
N ILE B 92 19.54 43.08 -33.12
CA ILE B 92 19.87 44.45 -32.75
C ILE B 92 19.61 45.36 -33.95
N SER B 93 19.52 46.65 -33.67
CA SER B 93 19.50 47.71 -34.68
C SER B 93 20.77 48.54 -34.55
N ILE B 94 21.52 48.64 -35.65
CA ILE B 94 22.83 49.29 -35.62
C ILE B 94 22.69 50.74 -36.07
N LEU B 95 22.34 50.94 -37.33
CA LEU B 95 22.20 52.31 -37.84
C LEU B 95 20.90 52.94 -37.34
N PRO B 96 20.92 54.19 -36.88
CA PRO B 96 19.69 54.84 -36.43
C PRO B 96 18.58 54.78 -37.46
N ASP B 97 17.38 54.45 -37.00
CA ASP B 97 16.19 54.50 -37.84
C ASP B 97 14.98 54.79 -36.98
N THR B 98 13.98 55.42 -37.60
CA THR B 98 12.71 55.72 -36.93
C THR B 98 11.77 54.51 -37.05
N GLN B 99 11.33 54.00 -35.90
CA GLN B 99 10.43 52.86 -35.83
C GLN B 99 9.05 53.32 -35.41
N HIS B 100 8.02 52.86 -36.13
CA HIS B 100 6.63 53.09 -35.78
C HIS B 100 5.98 51.73 -35.56
N GLU B 101 5.56 51.47 -34.33
CA GLU B 101 4.98 50.19 -33.92
C GLU B 101 3.56 50.36 -33.40
N MET B 102 2.69 49.42 -33.77
CA MET B 102 1.40 49.21 -33.14
C MET B 102 1.49 47.93 -32.32
N ARG B 103 1.32 48.03 -31.01
CA ARG B 103 1.62 46.94 -30.09
C ARG B 103 0.34 46.45 -29.43
N ASP B 104 0.28 45.13 -29.21
CA ASP B 104 -0.88 44.49 -28.61
C ASP B 104 -1.00 44.82 -27.13
N TYR B 105 -2.24 44.99 -26.67
CA TYR B 105 -2.53 44.95 -25.25
C TYR B 105 -2.49 43.53 -24.72
N HIS B 106 -1.72 43.31 -23.66
CA HIS B 106 -1.79 42.08 -22.87
C HIS B 106 -1.94 42.44 -21.40
N GLU B 107 -2.90 41.78 -20.73
CA GLU B 107 -3.28 42.21 -19.39
C GLU B 107 -2.15 42.09 -18.39
N THR B 108 -1.42 40.97 -18.45
CA THR B 108 -0.33 40.74 -17.49
C THR B 108 0.72 41.84 -17.59
N GLU B 109 1.16 42.16 -18.80
CA GLU B 109 2.22 43.14 -18.97
C GLU B 109 1.70 44.57 -18.86
N PHE B 110 0.44 44.79 -19.22
CA PHE B 110 -0.16 46.10 -19.02
C PHE B 110 -0.27 46.45 -17.55
N ASN B 111 -0.63 45.49 -16.71
CA ASN B 111 -0.63 45.72 -15.27
C ASN B 111 0.78 45.96 -14.71
N SER B 112 1.82 45.45 -15.38
CA SER B 112 3.19 45.59 -14.88
C SER B 112 3.81 46.92 -15.30
N TYR B 113 3.15 48.00 -14.89
CA TYR B 113 3.58 49.35 -15.25
C TYR B 113 3.61 49.58 -16.75
N MET B 114 2.63 49.00 -17.46
CA MET B 114 2.51 49.18 -18.90
C MET B 114 3.79 48.73 -19.61
N PHE B 115 4.31 47.58 -19.20
CA PHE B 115 5.55 47.07 -19.76
C PHE B 115 5.36 46.73 -21.23
N VAL B 116 6.25 47.22 -22.08
CA VAL B 116 6.33 46.80 -23.48
C VAL B 116 7.79 46.59 -23.84
N HIS B 117 8.07 45.50 -24.55
CA HIS B 117 9.38 45.24 -25.14
C HIS B 117 9.34 45.65 -26.61
N ALA B 118 10.22 46.57 -27.00
CA ALA B 118 10.32 46.98 -28.39
C ALA B 118 10.83 45.83 -29.26
N TYR B 119 10.41 45.83 -30.52
CA TYR B 119 10.89 44.84 -31.47
C TYR B 119 12.36 45.06 -31.81
N ARG B 120 12.83 46.30 -31.73
CA ARG B 120 14.17 46.69 -32.14
C ARG B 120 14.88 47.34 -30.97
N LYS B 121 16.15 47.03 -30.79
CA LYS B 121 16.95 47.53 -29.70
C LYS B 121 18.37 47.76 -30.18
N PRO B 122 19.13 48.65 -29.51
CA PRO B 122 18.79 49.56 -28.42
C PRO B 122 17.79 50.65 -28.80
N ILE B 123 17.10 51.20 -27.80
CA ILE B 123 16.38 52.46 -27.96
C ILE B 123 17.36 53.61 -27.83
N LEU B 124 17.43 54.45 -28.85
CA LEU B 124 18.09 55.75 -28.66
C LEU B 124 17.18 56.71 -27.91
N GLN B 125 15.91 56.81 -28.32
CA GLN B 125 14.93 57.57 -27.56
C GLN B 125 13.53 57.16 -28.01
N VAL B 126 12.57 57.37 -27.13
CA VAL B 126 11.15 57.22 -27.45
C VAL B 126 10.62 58.55 -27.96
N GLU B 127 9.88 58.51 -29.07
CA GLU B 127 9.33 59.70 -29.69
C GLU B 127 7.86 59.91 -29.39
N ASN B 128 7.07 58.85 -29.28
CA ASN B 128 5.66 58.98 -28.98
C ASN B 128 5.14 57.68 -28.37
N LEU B 129 4.12 57.81 -27.54
CA LEU B 129 3.50 56.66 -26.88
C LEU B 129 2.05 57.00 -26.57
N GLN B 130 1.12 56.27 -27.16
CA GLN B 130 -0.29 56.58 -27.05
C GLN B 130 -1.11 55.30 -26.99
N LEU B 131 -2.25 55.40 -26.30
CA LEU B 131 -3.29 54.38 -26.31
C LEU B 131 -4.41 54.88 -27.20
N GLN B 132 -4.86 54.04 -28.12
CA GLN B 132 -5.72 54.51 -29.22
C GLN B 132 -6.82 53.51 -29.49
N PHE B 133 -7.82 53.99 -30.24
CA PHE B 133 -9.00 53.20 -30.60
C PHE B 133 -9.43 53.60 -32.01
N ASN B 134 -9.22 52.70 -32.97
CA ASN B 134 -9.50 52.99 -34.38
C ASN B 134 -8.71 54.20 -34.88
N GLY B 135 -7.48 54.36 -34.40
CA GLY B 135 -6.66 55.49 -34.74
C GLY B 135 -6.93 56.75 -33.95
N ARG B 136 -8.04 56.83 -33.23
CA ARG B 136 -8.29 57.97 -32.36
C ARG B 136 -7.45 57.83 -31.10
N PRO B 137 -6.60 58.80 -30.76
CA PRO B 137 -5.96 58.75 -29.45
C PRO B 137 -6.99 58.83 -28.34
N ILE B 138 -7.08 57.77 -27.55
CA ILE B 138 -7.89 57.80 -26.34
C ILE B 138 -7.16 58.49 -25.20
N TYR B 139 -5.86 58.22 -25.05
CA TYR B 139 -5.04 58.96 -24.10
C TYR B 139 -3.62 59.07 -24.60
N LYS B 140 -3.02 60.24 -24.36
CA LYS B 140 -1.61 60.48 -24.61
C LYS B 140 -0.90 60.60 -23.27
N TYR B 141 0.04 59.70 -23.02
CA TYR B 141 0.70 59.66 -21.72
C TYR B 141 1.69 60.81 -21.60
N PRO B 142 1.66 61.58 -20.51
CA PRO B 142 2.66 62.65 -20.33
C PRO B 142 4.09 62.12 -20.41
N ALA B 143 4.93 62.88 -21.11
CA ALA B 143 6.32 62.47 -21.31
C ALA B 143 7.08 62.37 -20.00
N ASN B 144 6.65 63.05 -18.94
CA ASN B 144 7.29 62.88 -17.64
C ASN B 144 6.98 61.53 -17.00
N TRP B 145 6.04 60.78 -17.52
CA TRP B 145 5.79 59.42 -17.06
C TRP B 145 6.66 58.38 -17.73
N TRP B 146 7.19 58.67 -18.92
CA TRP B 146 7.87 57.66 -19.71
C TRP B 146 9.17 57.24 -19.06
N LYS B 147 9.31 55.94 -18.82
CA LYS B 147 10.54 55.33 -18.33
C LYS B 147 11.13 54.46 -19.42
N VAL B 148 12.35 54.76 -19.84
CA VAL B 148 13.03 54.07 -20.92
C VAL B 148 14.27 53.40 -20.36
N GLU B 149 14.48 52.13 -20.73
CA GLU B 149 15.74 51.42 -20.49
C GLU B 149 16.34 51.11 -21.86
N HIS B 150 17.45 51.78 -22.18
CA HIS B 150 17.89 51.89 -23.57
C HIS B 150 18.42 50.57 -24.11
N LEU B 151 19.38 49.96 -23.40
CA LEU B 151 19.98 48.72 -23.89
C LEU B 151 19.03 47.54 -23.81
N ALA B 152 18.14 47.51 -22.82
CA ALA B 152 17.19 46.40 -22.72
C ALA B 152 16.15 46.45 -23.82
N GLY B 153 15.77 47.65 -24.26
CA GLY B 153 14.63 47.79 -25.15
C GLY B 153 13.31 47.77 -24.43
N HIS B 154 13.26 48.24 -23.19
CA HIS B 154 12.06 48.23 -22.36
C HIS B 154 11.56 49.64 -22.17
N VAL B 155 10.24 49.81 -22.24
CA VAL B 155 9.60 51.07 -21.90
C VAL B 155 8.51 50.78 -20.89
N GLN B 156 8.37 51.67 -19.91
CA GLN B 156 7.34 51.53 -18.88
C GLN B 156 6.81 52.91 -18.52
N LEU B 157 5.63 52.91 -17.90
CA LEU B 157 5.05 54.11 -17.30
C LEU B 157 5.06 53.98 -15.79
N PHE B 158 5.45 55.06 -15.11
CA PHE B 158 5.28 55.22 -13.67
C PHE B 158 4.42 56.45 -13.42
N PRO B 159 3.09 56.30 -13.33
CA PRO B 159 2.24 57.50 -13.29
C PRO B 159 2.53 58.37 -12.09
N THR B 160 2.73 59.65 -12.34
CA THR B 160 2.93 60.60 -11.25
C THR B 160 1.60 60.96 -10.59
N ALA B 161 0.53 61.06 -11.37
CA ALA B 161 -0.75 61.56 -10.90
C ALA B 161 -0.58 62.88 -10.16
N GLY B 189 -12.75 42.14 -20.31
CA GLY B 189 -13.45 40.89 -20.54
C GLY B 189 -12.66 39.87 -21.35
N ALA B 190 -11.47 40.26 -21.81
CA ALA B 190 -10.58 39.35 -22.50
C ALA B 190 -9.15 39.65 -22.07
N THR B 191 -8.31 38.63 -22.18
CA THR B 191 -6.91 38.74 -21.75
C THR B 191 -6.03 39.46 -22.76
N PHE B 192 -6.48 39.67 -24.00
CA PHE B 192 -5.68 40.37 -24.98
C PHE B 192 -6.59 41.14 -25.93
N ALA B 193 -6.00 42.14 -26.60
CA ALA B 193 -6.70 42.84 -27.65
C ALA B 193 -5.67 43.42 -28.61
N PRO B 194 -5.95 43.44 -29.92
CA PRO B 194 -4.92 43.79 -30.90
C PRO B 194 -4.65 45.28 -31.02
N GLN B 195 -3.37 45.61 -31.14
CA GLN B 195 -2.90 46.90 -31.65
C GLN B 195 -3.49 48.10 -30.92
N MET B 196 -3.68 47.98 -29.61
CA MET B 196 -4.19 49.12 -28.87
C MET B 196 -3.12 50.19 -28.67
N ILE B 197 -1.87 49.80 -28.53
CA ILE B 197 -0.79 50.70 -28.14
C ILE B 197 -0.03 51.15 -29.38
N ARG B 198 0.14 52.46 -29.52
CA ARG B 198 0.93 53.08 -30.58
C ARG B 198 2.24 53.59 -29.99
N LEU B 199 3.36 53.08 -30.50
CA LEU B 199 4.69 53.44 -30.00
C LEU B 199 5.57 53.86 -31.16
N GLU B 200 6.07 55.09 -31.12
CA GLU B 200 7.07 55.57 -32.07
C GLU B 200 8.36 55.88 -31.34
N TYR B 201 9.48 55.41 -31.87
CA TYR B 201 10.79 55.60 -31.25
C TYR B 201 11.87 55.52 -32.31
N VAL B 202 13.07 55.94 -31.94
CA VAL B 202 14.27 55.72 -32.74
C VAL B 202 15.07 54.58 -32.13
N SER B 203 15.34 53.56 -32.93
CA SER B 203 16.29 52.51 -32.59
C SER B 203 17.62 52.76 -33.29
N GLY B 204 18.69 52.22 -32.70
CA GLY B 204 20.00 52.28 -33.30
C GLY B 204 21.13 52.45 -32.31
N MET B 205 22.36 52.60 -32.80
CA MET B 205 23.50 52.96 -31.98
C MET B 205 24.18 54.19 -32.55
N LEU B 206 24.72 55.02 -31.65
CA LEU B 206 25.56 56.14 -32.03
C LEU B 206 27.04 55.73 -32.04
N PRO B 207 27.87 56.36 -32.87
CA PRO B 207 29.31 56.11 -32.76
C PRO B 207 29.85 56.55 -31.41
N ARG B 208 30.72 55.72 -30.83
CA ARG B 208 31.21 55.96 -29.49
C ARG B 208 32.02 57.25 -29.43
N LYS B 209 31.91 57.94 -28.30
CA LYS B 209 32.49 59.27 -28.12
C LYS B 209 33.91 59.24 -27.55
N LYS B 210 34.30 58.15 -26.91
CA LYS B 210 35.63 58.01 -26.33
C LYS B 210 36.31 56.77 -26.88
N ALA B 211 37.65 56.80 -26.91
CA ALA B 211 38.41 55.62 -27.27
C ALA B 211 38.22 54.52 -26.24
N GLY B 212 38.04 53.29 -26.73
CA GLY B 212 38.03 52.10 -25.90
C GLY B 212 36.79 51.93 -25.04
N ARG B 213 35.89 52.90 -25.02
CA ARG B 213 34.76 52.93 -24.10
C ARG B 213 33.49 53.16 -24.89
N ASN B 214 32.38 52.61 -24.41
CA ASN B 214 31.07 52.91 -24.98
C ASN B 214 30.02 52.98 -23.88
N LYS B 215 29.11 53.93 -24.03
CA LYS B 215 27.88 53.96 -23.26
C LYS B 215 26.91 52.92 -23.82
N PRO B 216 25.86 52.58 -23.06
CA PRO B 216 24.92 51.56 -23.55
C PRO B 216 24.26 51.88 -24.88
N TRP B 217 24.17 53.16 -25.24
CA TRP B 217 23.63 53.55 -26.54
C TRP B 217 24.71 53.75 -27.60
N GLU B 218 25.96 53.44 -27.29
CA GLU B 218 27.06 53.59 -28.23
C GLU B 218 27.53 52.22 -28.72
N MET B 219 28.01 52.18 -29.95
CA MET B 219 28.39 50.93 -30.58
C MET B 219 29.61 50.35 -29.86
N PRO B 220 29.60 49.06 -29.49
CA PRO B 220 30.80 48.46 -28.93
C PRO B 220 31.95 48.49 -29.92
N PRO B 221 33.18 48.78 -29.47
CA PRO B 221 34.29 48.91 -30.43
C PRO B 221 34.52 47.72 -31.35
N GLU B 222 34.20 46.49 -30.94
CA GLU B 222 34.53 45.32 -31.74
C GLU B 222 33.36 44.81 -32.56
N LEU B 223 32.16 45.37 -32.41
CA LEU B 223 31.14 45.11 -33.42
C LEU B 223 31.55 45.72 -34.75
N GLU B 224 32.29 46.84 -34.69
CA GLU B 224 32.93 47.38 -35.88
C GLU B 224 33.86 46.34 -36.50
N GLN B 225 34.69 45.71 -35.68
CA GLN B 225 35.61 44.71 -36.20
C GLN B 225 34.88 43.47 -36.70
N LEU B 226 33.75 43.13 -36.10
CA LEU B 226 32.95 42.02 -36.61
C LEU B 226 32.43 42.29 -38.02
N VAL B 227 31.87 43.48 -38.23
CA VAL B 227 31.41 43.83 -39.57
C VAL B 227 32.58 43.87 -40.56
N ILE B 228 33.72 44.37 -40.11
CA ILE B 228 34.93 44.32 -40.94
C ILE B 228 35.26 42.88 -41.31
N LYS B 229 35.34 42.00 -40.33
CA LYS B 229 35.65 40.60 -40.61
C LYS B 229 34.67 39.97 -41.60
N TYR B 230 33.38 40.26 -41.46
CA TYR B 230 32.43 39.74 -42.45
C TYR B 230 32.73 40.24 -43.85
N ALA B 231 33.00 41.54 -44.00
CA ALA B 231 33.39 42.04 -45.31
C ALA B 231 34.67 41.38 -45.82
N LEU B 232 35.71 41.39 -44.99
CA LEU B 232 37.01 40.80 -45.31
C LEU B 232 36.89 39.36 -45.79
N LYS B 233 36.00 38.58 -45.20
CA LYS B 233 35.86 37.19 -45.64
C LYS B 233 35.37 37.09 -47.08
N GLU B 234 34.50 37.99 -47.50
CA GLU B 234 34.06 38.00 -48.89
C GLU B 234 35.15 38.52 -49.81
N ILE B 235 35.87 39.55 -49.38
CA ILE B 235 36.93 40.07 -50.24
C ILE B 235 38.02 39.03 -50.43
N TYR B 236 38.32 38.27 -49.38
CA TYR B 236 39.24 37.14 -49.53
C TYR B 236 38.69 36.06 -50.45
N GLN B 237 37.38 35.83 -50.45
CA GLN B 237 36.85 34.86 -51.40
C GLN B 237 37.04 35.33 -52.84
N VAL B 238 36.89 36.64 -53.07
CA VAL B 238 37.15 37.18 -54.40
C VAL B 238 38.62 37.06 -54.76
N TRP B 239 39.49 37.59 -53.90
CA TRP B 239 40.92 37.61 -54.15
C TRP B 239 41.52 36.22 -54.39
N GLY B 240 41.03 35.21 -53.68
CA GLY B 240 41.60 33.88 -53.82
C GLY B 240 41.49 33.27 -55.21
N ASN B 241 40.67 33.83 -56.10
CA ASN B 241 40.65 33.38 -57.49
C ASN B 241 41.80 33.92 -58.35
N LEU B 242 42.40 35.06 -57.96
CA LEU B 242 43.21 35.83 -58.87
C LEU B 242 44.72 35.76 -58.63
N ILE B 243 45.18 35.08 -57.58
CA ILE B 243 46.63 35.03 -57.33
C ILE B 243 47.39 34.39 -58.48
N ILE B 244 46.78 33.44 -59.18
CA ILE B 244 47.39 32.75 -60.31
C ILE B 244 46.33 32.69 -61.41
N GLY B 245 46.77 32.34 -62.62
CA GLY B 245 45.84 32.02 -63.68
C GLY B 245 44.82 30.97 -63.28
N ALA B 246 43.67 31.00 -63.95
CA ALA B 246 42.54 30.15 -63.59
C ALA B 246 42.91 28.68 -63.59
N GLY B 247 42.59 28.01 -62.47
CA GLY B 247 42.76 26.58 -62.32
C GLY B 247 44.17 26.08 -62.16
N ILE B 248 45.17 26.95 -62.08
CA ILE B 248 46.54 26.51 -61.88
C ILE B 248 46.76 26.24 -60.40
N ALA B 249 47.27 25.06 -60.08
CA ALA B 249 47.62 24.70 -58.71
C ALA B 249 49.07 24.28 -58.55
N ASN B 250 49.75 23.94 -59.64
CA ASN B 250 51.20 23.83 -59.67
C ASN B 250 51.63 24.18 -61.09
N LYS B 251 52.85 24.70 -61.22
CA LYS B 251 53.45 24.85 -62.53
C LYS B 251 54.95 24.61 -62.44
N THR B 252 55.50 24.08 -63.53
CA THR B 252 56.92 24.03 -63.76
C THR B 252 57.14 24.48 -65.21
N LEU B 253 58.17 25.28 -65.42
CA LEU B 253 58.64 25.59 -66.75
C LEU B 253 60.14 25.39 -66.79
N GLU B 254 60.60 24.68 -67.82
CA GLU B 254 62.01 24.47 -68.06
C GLU B 254 62.28 24.86 -69.51
N VAL B 255 63.26 25.73 -69.71
CA VAL B 255 63.62 26.18 -71.06
C VAL B 255 65.14 26.30 -71.11
N ASP B 256 65.75 25.60 -72.05
CA ASP B 256 67.16 25.77 -72.41
C ASP B 256 68.03 25.76 -71.16
N GLY B 257 67.79 24.78 -70.28
CA GLY B 257 68.56 24.63 -69.07
C GLY B 257 68.22 25.58 -67.95
N ILE B 258 67.21 26.43 -68.12
CA ILE B 258 66.65 27.24 -67.05
C ILE B 258 65.35 26.61 -66.61
N THR B 259 65.19 26.42 -65.30
CA THR B 259 63.99 25.85 -64.72
C THR B 259 63.39 26.76 -63.67
N GLU B 260 62.07 26.91 -63.72
CA GLU B 260 61.30 27.59 -62.69
C GLU B 260 60.17 26.68 -62.25
N THR B 261 59.84 26.71 -60.95
CA THR B 261 58.80 25.83 -60.43
C THR B 261 58.14 26.49 -59.22
N ILE B 262 56.82 26.58 -59.23
CA ILE B 262 56.06 27.25 -58.19
C ILE B 262 54.97 26.29 -57.71
N GLY B 263 54.92 26.09 -56.40
CA GLY B 263 53.74 25.54 -55.76
C GLY B 263 52.96 26.65 -55.07
N THR B 264 51.65 26.48 -54.98
CA THR B 264 50.74 27.54 -54.55
C THR B 264 49.76 26.99 -53.53
N THR B 265 49.15 27.92 -52.79
CA THR B 265 48.13 27.61 -51.79
C THR B 265 46.83 27.11 -52.38
N GLN B 266 46.62 27.20 -53.68
CA GLN B 266 45.50 26.50 -54.29
C GLN B 266 45.75 25.00 -54.29
N SER B 267 44.65 24.24 -54.28
CA SER B 267 44.71 22.79 -54.42
C SER B 267 43.34 22.31 -54.88
N ALA B 268 43.28 21.03 -55.25
CA ALA B 268 42.01 20.42 -55.61
C ALA B 268 41.01 20.38 -54.46
N MET B 269 41.47 20.49 -53.22
CA MET B 269 40.58 20.65 -52.07
C MET B 269 40.38 22.10 -51.66
N TYR B 270 41.45 22.77 -51.26
CA TYR B 270 41.39 24.07 -50.61
C TYR B 270 41.61 25.21 -51.58
N GLY B 271 40.74 26.22 -51.51
CA GLY B 271 40.93 27.43 -52.27
C GLY B 271 42.03 28.29 -51.68
N GLY B 272 42.46 29.27 -52.48
CA GLY B 272 43.66 30.02 -52.16
C GLY B 272 43.61 30.78 -50.85
N ALA B 273 42.41 31.06 -50.32
CA ALA B 273 42.27 31.77 -49.06
C ALA B 273 41.57 30.93 -47.99
N SER B 274 41.50 29.62 -48.18
CA SER B 274 40.94 28.73 -47.17
C SER B 274 41.44 29.03 -45.76
N ALA B 275 42.77 29.13 -45.60
CA ALA B 275 43.35 29.34 -44.28
C ALA B 275 42.83 30.63 -43.64
N GLN B 276 42.95 31.74 -44.37
CA GLN B 276 42.50 33.02 -43.85
C GLN B 276 41.03 33.00 -43.49
N ILE B 277 40.19 32.40 -44.35
CA ILE B 277 38.77 32.33 -44.07
C ILE B 277 38.49 31.54 -42.80
N LEU B 278 39.15 30.38 -42.64
CA LEU B 278 39.03 29.62 -41.40
C LEU B 278 39.39 30.45 -40.18
N GLN B 279 40.53 31.15 -40.23
CA GLN B 279 40.93 31.98 -39.10
C GLN B 279 39.91 33.06 -38.80
N ILE B 280 39.46 33.77 -39.84
CA ILE B 280 38.44 34.80 -39.67
C ILE B 280 37.17 34.21 -39.05
N ASN B 281 36.78 33.02 -39.47
CA ASN B 281 35.63 32.35 -38.84
C ASN B 281 35.86 32.12 -37.36
N GLU B 282 37.07 31.72 -36.97
CA GLU B 282 37.39 31.61 -35.54
C GLU B 282 37.20 32.94 -34.83
N ASP B 283 37.81 34.01 -35.36
CA ASP B 283 37.66 35.33 -34.74
C ASP B 283 36.20 35.75 -34.63
N ILE B 284 35.42 35.52 -35.70
CA ILE B 284 33.99 35.79 -35.66
C ILE B 284 33.34 35.02 -34.54
N LYS B 285 33.68 33.74 -34.38
CA LYS B 285 33.10 32.95 -33.31
C LYS B 285 33.34 33.58 -31.94
N GLU B 286 34.60 33.97 -31.67
CA GLU B 286 34.88 34.62 -30.39
C GLU B 286 34.11 35.93 -30.23
N LEU B 287 34.08 36.75 -31.28
CA LEU B 287 33.38 38.03 -31.21
C LEU B 287 31.89 37.83 -30.95
N LEU B 288 31.28 36.88 -31.65
CA LEU B 288 29.85 36.63 -31.48
C LEU B 288 29.56 36.05 -30.10
N ASP B 289 30.44 35.20 -29.58
CA ASP B 289 30.29 34.75 -28.20
C ASP B 289 30.24 35.95 -27.25
N GLY B 290 31.21 36.84 -27.37
CA GLY B 290 31.22 38.00 -26.48
C GLY B 290 29.97 38.87 -26.63
N LEU B 291 29.56 39.14 -27.87
CA LEU B 291 28.42 40.02 -28.08
C LEU B 291 27.09 39.35 -27.70
N ARG B 292 26.94 38.05 -27.90
CA ARG B 292 25.78 37.34 -27.38
C ARG B 292 25.84 37.14 -25.88
N ALA B 293 26.97 37.47 -25.24
CA ALA B 293 26.98 37.62 -23.80
C ALA B 293 26.60 39.04 -23.39
N TYR B 294 26.92 40.03 -24.23
CA TYR B 294 26.58 41.41 -23.90
C TYR B 294 25.07 41.65 -24.01
N PHE B 295 24.49 41.33 -25.17
CA PHE B 295 23.05 41.18 -25.28
C PHE B 295 22.59 39.86 -24.70
N GLY B 296 21.41 39.89 -24.07
CA GLY B 296 20.93 38.75 -23.32
C GLY B 296 20.21 37.71 -24.16
N TYR B 297 19.75 36.67 -23.47
CA TYR B 297 18.84 35.71 -24.08
C TYR B 297 17.46 36.31 -24.24
N ASN B 298 16.83 36.03 -25.37
CA ASN B 298 15.47 36.46 -25.60
C ASN B 298 14.52 35.62 -24.76
N MET B 299 13.44 36.25 -24.30
CA MET B 299 12.47 35.58 -23.46
C MET B 299 11.11 36.21 -23.67
N ILE B 300 10.05 35.41 -23.49
CA ILE B 300 8.69 35.92 -23.47
C ILE B 300 7.87 35.06 -22.53
N GLY B 301 6.88 35.70 -21.90
CA GLY B 301 5.94 35.01 -21.03
C GLY B 301 4.65 34.69 -21.76
N LEU B 302 4.22 33.44 -21.65
CA LEU B 302 2.98 32.98 -22.28
C LEU B 302 1.93 32.68 -21.21
N LEU C 17 36.45 64.20 11.52
CA LEU C 17 37.02 63.89 10.21
C LEU C 17 36.69 64.98 9.21
N ASN C 18 37.63 65.25 8.32
CA ASN C 18 37.44 66.20 7.22
C ASN C 18 37.86 65.55 5.92
N TYR C 19 37.06 65.76 4.87
CA TYR C 19 37.26 65.06 3.62
C TYR C 19 36.53 65.80 2.50
N GLU C 20 36.93 65.50 1.27
CA GLU C 20 36.16 65.92 0.11
C GLU C 20 34.81 65.20 0.12
N TYR C 21 33.72 65.97 0.08
CA TYR C 21 32.43 65.60 0.62
C TYR C 21 32.01 64.15 0.34
N PRO C 22 31.86 63.74 -0.92
CA PRO C 22 31.35 62.38 -1.17
C PRO C 22 32.28 61.29 -0.70
N TYR C 23 33.57 61.58 -0.54
CA TYR C 23 34.61 60.57 -0.40
C TYR C 23 34.96 60.34 1.07
N HIS C 24 33.95 59.93 1.84
CA HIS C 24 34.18 59.64 3.24
C HIS C 24 35.25 58.56 3.36
N PRO C 25 36.31 58.77 4.15
CA PRO C 25 37.51 57.94 4.00
C PRO C 25 37.34 56.48 4.40
N SER C 26 36.28 56.13 5.12
CA SER C 26 36.01 54.72 5.41
C SER C 26 35.16 54.06 4.33
N GLY C 27 34.02 54.66 3.99
CA GLY C 27 33.05 53.99 3.15
C GLY C 27 33.23 54.19 1.67
N ASN C 28 33.84 55.31 1.29
CA ASN C 28 33.98 55.64 -0.13
C ASN C 28 35.26 56.43 -0.38
N PRO C 29 36.42 55.91 0.01
CA PRO C 29 37.66 56.66 -0.19
C PRO C 29 37.87 57.03 -1.65
N LYS C 30 38.41 58.22 -1.87
CA LYS C 30 38.72 58.69 -3.21
C LYS C 30 39.94 57.96 -3.77
N HIS C 31 39.78 57.37 -4.96
CA HIS C 31 40.87 56.70 -5.66
C HIS C 31 41.33 57.44 -6.91
N ILE C 32 40.49 58.27 -7.51
CA ILE C 32 40.88 59.05 -8.68
C ILE C 32 40.19 60.41 -8.64
N ASP C 33 40.85 61.40 -9.22
CA ASP C 33 40.25 62.69 -9.47
C ASP C 33 39.49 62.69 -10.79
N VAL C 34 38.34 63.36 -10.81
CA VAL C 34 37.50 63.44 -12.00
C VAL C 34 38.13 64.25 -13.13
N SER C 35 39.30 64.84 -12.89
CA SER C 35 40.12 65.37 -13.97
C SER C 35 41.06 64.35 -14.58
N GLU C 36 41.50 63.36 -13.80
CA GLU C 36 42.46 62.38 -14.31
C GLU C 36 41.84 61.45 -15.34
N ILE C 37 40.52 61.25 -15.29
CA ILE C 37 39.89 60.38 -16.27
C ILE C 37 40.07 60.87 -17.69
N ASP C 38 40.35 62.16 -17.89
CA ASP C 38 40.73 62.64 -19.21
C ASP C 38 42.21 62.43 -19.50
N ASN C 39 43.05 62.40 -18.47
CA ASN C 39 44.49 62.34 -18.68
C ASN C 39 45.03 60.94 -18.93
N LEU C 40 44.30 59.90 -18.52
CA LEU C 40 44.79 58.54 -18.74
C LEU C 40 44.68 58.13 -20.20
N THR C 41 45.68 57.38 -20.66
CA THR C 41 45.80 56.95 -22.05
C THR C 41 46.23 55.49 -22.05
N LEU C 42 46.05 54.85 -23.20
CA LEU C 42 46.45 53.45 -23.33
C LEU C 42 47.92 53.25 -22.98
N ALA C 43 48.78 54.20 -23.38
CA ALA C 43 50.21 54.05 -23.10
C ALA C 43 50.48 54.05 -21.61
N ASP C 44 49.62 54.67 -20.81
CA ASP C 44 49.80 54.61 -19.36
C ASP C 44 49.59 53.21 -18.82
N TYR C 45 48.84 52.37 -19.53
CA TYR C 45 48.70 50.96 -19.18
C TYR C 45 49.74 50.08 -19.85
N GLY C 46 50.72 50.66 -20.53
CA GLY C 46 51.74 49.88 -21.22
C GLY C 46 51.34 49.36 -22.58
N TRP C 47 50.13 49.66 -23.05
CA TRP C 47 49.69 49.26 -24.38
C TRP C 47 50.23 50.24 -25.40
N SER C 48 51.33 49.87 -26.04
CA SER C 48 52.06 50.71 -26.96
C SER C 48 52.56 49.86 -28.12
N PRO C 49 52.71 50.44 -29.31
CA PRO C 49 53.33 49.69 -30.42
C PRO C 49 54.65 49.04 -30.07
N ASP C 50 55.49 49.71 -29.28
CA ASP C 50 56.75 49.13 -28.86
C ASP C 50 56.56 47.82 -28.12
N ALA C 51 55.52 47.72 -27.29
CA ALA C 51 55.26 46.46 -26.59
C ALA C 51 54.95 45.33 -27.56
N VAL C 52 54.16 45.61 -28.59
CA VAL C 52 53.90 44.59 -29.61
C VAL C 52 55.21 44.21 -30.29
N LYS C 53 55.94 45.20 -30.80
CA LYS C 53 57.21 44.90 -31.45
C LYS C 53 58.10 44.06 -30.55
N ALA C 54 58.11 44.34 -29.24
CA ALA C 54 58.85 43.54 -28.29
C ALA C 54 58.42 42.09 -28.35
N TYR C 55 57.10 41.85 -28.42
CA TYR C 55 56.63 40.47 -28.54
C TYR C 55 56.87 39.86 -29.92
N MET C 56 57.22 40.66 -30.92
CA MET C 56 57.69 40.18 -32.21
C MET C 56 59.15 40.54 -32.45
N PHE C 57 59.97 40.43 -31.40
CA PHE C 57 61.40 40.64 -31.53
C PHE C 57 61.98 39.79 -32.66
N GLY C 58 62.82 40.42 -33.48
CA GLY C 58 63.45 39.77 -34.60
C GLY C 58 62.59 39.58 -35.83
N ILE C 59 61.36 40.08 -35.82
CA ILE C 59 60.50 40.10 -37.00
C ILE C 59 60.25 41.56 -37.36
N VAL C 60 60.10 41.83 -38.65
CA VAL C 60 59.61 43.12 -39.12
C VAL C 60 58.57 42.90 -40.20
N VAL C 61 57.50 43.68 -40.12
CA VAL C 61 56.37 43.58 -41.04
C VAL C 61 56.45 44.77 -41.99
N GLN C 62 56.53 44.49 -43.29
CA GLN C 62 56.77 45.54 -44.27
C GLN C 62 56.11 45.14 -45.58
N ASN C 63 55.71 46.13 -46.34
CA ASN C 63 55.00 45.88 -47.58
C ASN C 63 55.95 45.21 -48.57
N PRO C 64 55.62 44.01 -49.07
CA PRO C 64 56.63 43.26 -49.85
C PRO C 64 57.11 43.97 -51.09
N ASP C 65 56.24 44.74 -51.75
CA ASP C 65 56.65 45.48 -52.93
C ASP C 65 57.20 46.86 -52.59
N THR C 66 56.62 47.52 -51.59
CA THR C 66 56.99 48.90 -51.28
C THR C 66 58.09 49.00 -50.24
N GLY C 67 58.29 47.96 -49.43
CA GLY C 67 59.33 47.97 -48.42
C GLY C 67 59.02 48.78 -47.19
N GLN C 68 58.01 49.63 -47.22
CA GLN C 68 57.67 50.47 -46.08
C GLN C 68 57.13 49.62 -44.94
N PRO C 69 57.53 49.88 -43.69
CA PRO C 69 56.96 49.16 -42.56
C PRO C 69 55.52 49.58 -42.27
N MET C 70 54.77 48.67 -41.65
CA MET C 70 53.40 48.97 -41.25
C MET C 70 53.37 50.07 -40.21
N GLY C 71 52.48 51.05 -40.40
CA GLY C 71 52.44 52.21 -39.54
C GLY C 71 51.74 51.96 -38.22
N ASP C 72 52.08 52.81 -37.25
CA ASP C 72 51.52 52.72 -35.91
C ASP C 72 50.01 52.92 -35.87
N GLU C 73 49.42 53.55 -36.89
CA GLU C 73 47.97 53.70 -36.95
C GLU C 73 47.25 52.37 -36.80
N PHE C 74 47.68 51.37 -37.58
CA PHE C 74 47.07 50.05 -37.51
C PHE C 74 47.28 49.43 -36.15
N TYR C 75 48.47 49.59 -35.57
CA TYR C 75 48.73 49.11 -34.22
C TYR C 75 47.73 49.67 -33.22
N ASN C 76 47.56 50.99 -33.21
CA ASN C 76 46.64 51.60 -32.25
C ASN C 76 45.21 51.16 -32.49
N HIS C 77 44.79 51.06 -33.76
CA HIS C 77 43.47 50.53 -34.09
C HIS C 77 43.27 49.13 -33.49
N ILE C 78 44.18 48.22 -33.81
CA ILE C 78 44.11 46.85 -33.30
C ILE C 78 44.09 46.84 -31.79
N LEU C 79 44.93 47.66 -31.16
CA LEU C 79 44.96 47.69 -29.69
C LEU C 79 43.63 48.13 -29.10
N GLU C 80 43.01 49.17 -29.68
CA GLU C 80 41.72 49.62 -29.17
C GLU C 80 40.67 48.53 -29.29
N ARG C 81 40.67 47.81 -30.41
CA ARG C 81 39.69 46.74 -30.54
C ARG C 81 40.01 45.54 -29.65
N ALA C 82 41.30 45.27 -29.41
CA ALA C 82 41.66 44.22 -28.45
C ALA C 82 41.21 44.58 -27.04
N VAL C 83 41.29 45.85 -26.66
CA VAL C 83 40.74 46.27 -25.37
C VAL C 83 39.24 46.07 -25.34
N GLY C 84 38.54 46.41 -26.42
CA GLY C 84 37.11 46.15 -26.44
C GLY C 84 36.76 44.68 -26.29
N LYS C 85 37.48 43.83 -27.04
CA LYS C 85 37.29 42.40 -26.91
C LYS C 85 37.55 41.92 -25.50
N ALA C 86 38.61 42.42 -24.86
CA ALA C 86 38.88 42.03 -23.48
C ALA C 86 37.78 42.46 -22.52
N GLU C 87 37.25 43.67 -22.71
CA GLU C 87 36.19 44.18 -21.85
C GLU C 87 34.88 43.41 -21.99
N ARG C 88 34.57 42.88 -23.17
CA ARG C 88 33.46 41.92 -23.25
C ARG C 88 33.81 40.49 -22.88
N ALA C 89 35.05 40.05 -23.06
CA ALA C 89 35.39 38.67 -22.70
C ALA C 89 35.22 38.44 -21.21
N LEU C 90 35.63 39.40 -20.40
CA LEU C 90 35.32 39.44 -18.98
C LEU C 90 34.38 40.60 -18.74
N ASP C 91 33.33 40.38 -17.95
CA ASP C 91 32.27 41.37 -17.79
C ASP C 91 32.74 42.51 -16.87
N ILE C 92 33.65 43.32 -17.40
CA ILE C 92 34.41 44.27 -16.59
C ILE C 92 34.52 45.60 -17.34
N SER C 93 34.86 46.64 -16.59
CA SER C 93 35.22 47.94 -17.13
C SER C 93 36.70 48.21 -16.83
N ILE C 94 37.48 48.47 -17.87
CA ILE C 94 38.93 48.61 -17.72
C ILE C 94 39.31 50.09 -17.60
N LEU C 95 39.08 50.85 -18.66
CA LEU C 95 39.45 52.27 -18.65
C LEU C 95 38.44 53.08 -17.83
N PRO C 96 38.90 53.99 -16.98
CA PRO C 96 37.95 54.81 -16.20
C PRO C 96 36.92 55.52 -17.07
N ASP C 97 35.67 55.47 -16.62
CA ASP C 97 34.58 56.20 -17.25
C ASP C 97 33.53 56.54 -16.20
N THR C 98 32.80 57.62 -16.44
CA THR C 98 31.71 58.03 -15.58
C THR C 98 30.45 57.28 -15.98
N GLN C 99 29.86 56.55 -15.04
CA GLN C 99 28.65 55.77 -15.27
C GLN C 99 27.46 56.42 -14.57
N HIS C 100 26.37 56.57 -15.31
CA HIS C 100 25.09 57.05 -14.78
C HIS C 100 24.04 55.97 -14.98
N GLU C 101 23.52 55.44 -13.87
CA GLU C 101 22.53 54.38 -13.88
C GLU C 101 21.25 54.83 -13.17
N MET C 102 20.11 54.47 -13.75
CA MET C 102 18.82 54.52 -13.08
C MET C 102 18.38 53.09 -12.80
N ARG C 103 18.22 52.74 -11.52
CA ARG C 103 18.05 51.36 -11.10
C ARG C 103 16.66 51.15 -10.50
N ASP C 104 16.09 49.97 -10.77
CA ASP C 104 14.77 49.60 -10.28
C ASP C 104 14.77 49.32 -8.79
N TYR C 105 13.68 49.72 -8.13
CA TYR C 105 13.40 49.23 -6.79
C TYR C 105 12.91 47.78 -6.84
N HIS C 106 13.55 46.93 -6.03
CA HIS C 106 13.04 45.59 -5.75
C HIS C 106 13.01 45.39 -4.25
N GLU C 107 11.88 44.89 -3.75
CA GLU C 107 11.64 44.90 -2.31
C GLU C 107 12.64 44.03 -1.56
N THR C 108 12.94 42.84 -2.10
CA THR C 108 13.85 41.92 -1.43
C THR C 108 15.21 42.55 -1.23
N GLU C 109 15.77 43.15 -2.28
CA GLU C 109 17.11 43.71 -2.18
C GLU C 109 17.10 45.07 -1.49
N PHE C 110 16.01 45.82 -1.60
CA PHE C 110 15.89 47.07 -0.87
C PHE C 110 15.87 46.84 0.64
N ASN C 111 15.19 45.79 1.09
CA ASN C 111 15.24 45.44 2.50
C ASN C 111 16.64 44.99 2.94
N SER C 112 17.46 44.48 2.02
CA SER C 112 18.79 43.99 2.36
C SER C 112 19.83 45.11 2.38
N TYR C 113 19.57 46.10 3.22
CA TYR C 113 20.43 47.28 3.34
C TYR C 113 20.54 48.04 2.02
N MET C 114 19.45 48.10 1.28
CA MET C 114 19.40 48.86 0.02
C MET C 114 20.47 48.35 -0.94
N PHE C 115 20.58 47.02 -1.03
CA PHE C 115 21.60 46.41 -1.88
C PHE C 115 21.33 46.74 -3.34
N VAL C 116 22.36 47.22 -4.04
CA VAL C 116 22.33 47.36 -5.49
C VAL C 116 23.65 46.88 -6.06
N HIS C 117 23.58 46.10 -7.14
CA HIS C 117 24.74 45.69 -7.92
C HIS C 117 24.88 46.61 -9.13
N ALA C 118 26.03 47.26 -9.25
CA ALA C 118 26.30 48.10 -10.41
C ALA C 118 26.41 47.26 -11.68
N TYR C 119 26.04 47.87 -12.82
CA TYR C 119 26.19 47.19 -14.09
C TYR C 119 27.65 47.04 -14.49
N ARG C 120 28.51 47.94 -14.02
CA ARG C 120 29.91 47.99 -14.42
C ARG C 120 30.77 47.89 -13.18
N LYS C 121 31.86 47.14 -13.27
CA LYS C 121 32.75 46.91 -12.16
C LYS C 121 34.18 46.83 -12.67
N PRO C 122 35.18 47.09 -11.81
CA PRO C 122 35.13 47.57 -10.42
C PRO C 122 34.57 48.98 -10.29
N ILE C 123 34.07 49.33 -9.09
CA ILE C 123 33.82 50.71 -8.73
C ILE C 123 35.13 51.35 -8.29
N LEU C 124 35.52 52.44 -8.95
CA LEU C 124 36.57 53.27 -8.39
C LEU C 124 36.03 54.14 -7.25
N GLN C 125 34.90 54.80 -7.47
CA GLN C 125 34.22 55.52 -6.40
C GLN C 125 32.78 55.78 -6.80
N VAL C 126 31.93 55.97 -5.80
CA VAL C 126 30.56 56.41 -6.00
C VAL C 126 30.52 57.94 -5.96
N GLU C 127 29.82 58.53 -6.93
CA GLU C 127 29.70 59.98 -7.05
C GLU C 127 28.39 60.54 -6.51
N ASN C 128 27.29 59.82 -6.67
CA ASN C 128 26.01 60.29 -6.16
C ASN C 128 25.08 59.10 -5.98
N LEU C 129 24.16 59.23 -5.02
CA LEU C 129 23.18 58.19 -4.75
C LEU C 129 21.94 58.82 -4.14
N GLN C 130 20.82 58.71 -4.84
CA GLN C 130 19.59 59.40 -4.46
C GLN C 130 18.39 58.53 -4.77
N LEU C 131 17.35 58.70 -3.98
CA LEU C 131 16.02 58.17 -4.26
C LEU C 131 15.18 59.31 -4.79
N GLN C 132 14.51 59.09 -5.92
CA GLN C 132 13.94 60.18 -6.68
C GLN C 132 12.58 59.80 -7.24
N PHE C 133 11.85 60.83 -7.69
CA PHE C 133 10.51 60.68 -8.23
C PHE C 133 10.32 61.68 -9.37
N ASN C 134 10.30 61.17 -10.60
CA ASN C 134 10.23 62.03 -11.79
C ASN C 134 11.39 63.03 -11.82
N GLY C 135 12.56 62.58 -11.38
CA GLY C 135 13.74 63.43 -11.28
C GLY C 135 13.82 64.27 -10.03
N ARG C 136 12.74 64.41 -9.27
CA ARG C 136 12.82 65.12 -7.99
C ARG C 136 13.47 64.22 -6.96
N PRO C 137 14.57 64.63 -6.31
CA PRO C 137 15.06 63.84 -5.19
C PRO C 137 14.05 63.80 -4.05
N ILE C 138 13.58 62.59 -3.75
CA ILE C 138 12.76 62.38 -2.56
C ILE C 138 13.62 62.31 -1.31
N TYR C 139 14.74 61.62 -1.37
CA TYR C 139 15.71 61.64 -0.29
C TYR C 139 17.11 61.48 -0.85
N LYS C 140 18.06 62.21 -0.26
CA LYS C 140 19.47 62.07 -0.55
C LYS C 140 20.15 61.44 0.66
N TYR C 141 20.73 60.27 0.47
CA TYR C 141 21.32 59.54 1.57
C TYR C 141 22.65 60.18 1.96
N PRO C 142 22.90 60.47 3.24
CA PRO C 142 24.20 61.02 3.62
C PRO C 142 25.35 60.13 3.18
N ALA C 143 26.41 60.78 2.66
CA ALA C 143 27.54 60.04 2.13
C ALA C 143 28.25 59.21 3.19
N ASN C 144 28.09 59.54 4.47
CA ASN C 144 28.64 58.70 5.53
C ASN C 144 27.89 57.39 5.68
N TRP C 145 26.72 57.23 5.04
CA TRP C 145 26.02 55.96 5.03
C TRP C 145 26.48 55.04 3.91
N TRP C 146 27.08 55.58 2.85
CA TRP C 146 27.38 54.77 1.67
C TRP C 146 28.46 53.74 1.98
N LYS C 147 28.16 52.47 1.72
CA LYS C 147 29.12 51.38 1.83
C LYS C 147 29.38 50.84 0.44
N VAL C 148 30.64 50.90 0.00
CA VAL C 148 31.05 50.48 -1.34
C VAL C 148 32.02 49.32 -1.20
N GLU C 149 31.81 48.28 -2.01
CA GLU C 149 32.79 47.21 -2.19
C GLU C 149 33.25 47.27 -3.65
N HIS C 150 34.50 47.67 -3.85
CA HIS C 150 34.94 48.16 -5.15
C HIS C 150 35.03 47.03 -6.18
N LEU C 151 35.73 45.96 -5.86
CA LEU C 151 35.90 44.87 -6.82
C LEU C 151 34.61 44.09 -7.04
N ALA C 152 33.77 43.97 -6.00
CA ALA C 152 32.52 43.27 -6.17
C ALA C 152 31.55 44.03 -7.05
N GLY C 153 31.57 45.36 -6.99
CA GLY C 153 30.55 46.16 -7.64
C GLY C 153 29.27 46.29 -6.83
N HIS C 154 29.38 46.25 -5.51
CA HIS C 154 28.23 46.28 -4.62
C HIS C 154 28.19 47.61 -3.88
N VAL C 155 26.98 48.17 -3.75
CA VAL C 155 26.76 49.35 -2.91
C VAL C 155 25.63 49.05 -1.95
N GLN C 156 25.79 49.51 -0.71
CA GLN C 156 24.77 49.33 0.31
C GLN C 156 24.72 50.57 1.19
N LEU C 157 23.62 50.73 1.91
CA LEU C 157 23.48 51.73 2.95
C LEU C 157 23.40 51.05 4.31
N PHE C 158 24.13 51.59 5.29
CA PHE C 158 23.97 51.24 6.70
C PHE C 158 23.62 52.48 7.49
N PRO C 159 22.33 52.79 7.68
CA PRO C 159 21.97 54.08 8.25
C PRO C 159 22.51 54.26 9.67
N THR C 160 23.18 55.39 9.89
CA THR C 160 23.67 55.73 11.22
C THR C 160 22.54 56.21 12.13
N ALA C 161 21.60 56.97 11.58
CA ALA C 161 20.57 57.64 12.36
C ALA C 161 21.19 58.42 13.52
N GLY C 189 3.08 48.84 -2.07
CA GLY C 189 1.93 48.16 -2.64
C GLY C 189 2.25 47.27 -3.83
N ALA C 190 3.52 47.28 -4.25
CA ALA C 190 3.99 46.40 -5.30
C ALA C 190 5.39 45.92 -4.93
N THR C 191 5.76 44.77 -5.48
CA THR C 191 7.06 44.19 -5.17
C THR C 191 8.21 44.84 -5.92
N PHE C 192 7.93 45.63 -6.95
CA PHE C 192 8.98 46.32 -7.70
C PHE C 192 8.44 47.64 -8.22
N ALA C 193 9.35 48.55 -8.55
CA ALA C 193 8.97 49.78 -9.22
C ALA C 193 10.14 50.31 -10.03
N PRO C 194 9.90 50.88 -11.20
CA PRO C 194 11.00 51.22 -12.11
C PRO C 194 11.78 52.49 -11.73
N GLN C 195 13.09 52.40 -11.87
CA GLN C 195 13.99 53.56 -11.96
C GLN C 195 13.84 54.52 -10.79
N MET C 196 13.61 53.99 -9.59
CA MET C 196 13.53 54.87 -8.42
C MET C 196 14.89 55.37 -7.99
N ILE C 197 15.94 54.56 -8.17
CA ILE C 197 17.26 54.84 -7.61
C ILE C 197 18.14 55.47 -8.68
N ARG C 198 18.76 56.60 -8.35
CA ARG C 198 19.73 57.28 -9.19
C ARG C 198 21.13 57.05 -8.63
N LEU C 199 22.00 56.44 -9.42
CA LEU C 199 23.35 56.10 -9.01
C LEU C 199 24.35 56.61 -10.04
N GLU C 200 25.27 57.48 -9.60
CA GLU C 200 26.38 57.93 -10.43
C GLU C 200 27.69 57.46 -9.81
N TYR C 201 28.57 56.88 -10.63
CA TYR C 201 29.83 56.37 -10.14
C TYR C 201 30.83 56.33 -11.29
N VAL C 202 32.09 56.16 -10.94
CA VAL C 202 33.15 55.87 -11.91
C VAL C 202 33.48 54.38 -11.83
N SER C 203 33.40 53.71 -12.97
CA SER C 203 33.90 52.35 -13.13
C SER C 203 35.26 52.41 -13.81
N GLY C 204 36.08 51.38 -13.57
CA GLY C 204 37.35 51.24 -14.25
C GLY C 204 38.44 50.67 -13.37
N MET C 205 39.66 50.60 -13.90
CA MET C 205 40.85 50.24 -13.14
C MET C 205 41.92 51.32 -13.28
N LEU C 206 42.69 51.51 -12.21
CA LEU C 206 43.87 52.36 -12.24
C LEU C 206 45.11 51.53 -12.58
N PRO C 207 46.12 52.12 -13.22
CA PRO C 207 47.38 51.39 -13.39
C PRO C 207 48.04 51.07 -12.05
N ARG C 208 48.55 49.84 -11.94
CA ARG C 208 49.10 49.37 -10.68
C ARG C 208 50.33 50.19 -10.29
N LYS C 209 50.48 50.41 -8.98
CA LYS C 209 51.52 51.29 -8.47
C LYS C 209 52.81 50.57 -8.11
N LYS C 210 52.77 49.26 -7.88
CA LYS C 210 53.95 48.48 -7.53
C LYS C 210 54.14 47.33 -8.51
N ALA C 211 55.39 46.91 -8.66
CA ALA C 211 55.68 45.72 -9.44
C ALA C 211 55.09 44.49 -8.76
N GLY C 212 54.50 43.61 -9.56
CA GLY C 212 54.04 42.31 -9.10
C GLY C 212 52.81 42.33 -8.23
N ARG C 213 52.33 43.51 -7.84
CA ARG C 213 51.26 43.64 -6.86
C ARG C 213 50.18 44.56 -7.44
N ASN C 214 48.93 44.30 -7.05
CA ASN C 214 47.83 45.20 -7.38
C ASN C 214 46.84 45.26 -6.23
N LYS C 215 46.32 46.45 -5.97
CA LYS C 215 45.15 46.59 -5.12
C LYS C 215 43.91 46.15 -5.90
N PRO C 216 42.79 45.92 -5.19
CA PRO C 216 41.58 45.46 -5.89
C PRO C 216 41.06 46.41 -6.96
N TRP C 217 41.38 47.69 -6.87
CA TRP C 217 41.02 48.68 -7.89
C TRP C 217 42.11 48.92 -8.92
N GLU C 218 43.20 48.15 -8.88
CA GLU C 218 44.30 48.27 -9.81
C GLU C 218 44.30 47.12 -10.80
N MET C 219 44.77 47.38 -12.00
CA MET C 219 44.73 46.39 -13.08
C MET C 219 45.66 45.23 -12.76
N PRO C 220 45.22 43.98 -12.88
CA PRO C 220 46.14 42.86 -12.71
C PRO C 220 47.24 42.90 -13.75
N PRO C 221 48.49 42.59 -13.38
CA PRO C 221 49.59 42.72 -14.34
C PRO C 221 49.42 41.98 -15.65
N GLU C 222 48.71 40.86 -15.69
CA GLU C 222 48.63 40.04 -16.90
C GLU C 222 47.36 40.25 -17.70
N LEU C 223 46.42 41.07 -17.23
CA LEU C 223 45.38 41.54 -18.14
C LEU C 223 45.98 42.42 -19.23
N GLU C 224 47.05 43.14 -18.89
CA GLU C 224 47.83 43.83 -19.92
C GLU C 224 48.35 42.84 -20.95
N GLN C 225 48.91 41.73 -20.48
CA GLN C 225 49.45 40.73 -21.41
C GLN C 225 48.35 40.06 -22.22
N LEU C 226 47.16 39.91 -21.64
CA LEU C 226 46.03 39.38 -22.41
C LEU C 226 45.67 40.31 -23.57
N VAL C 227 45.57 41.61 -23.30
CA VAL C 227 45.28 42.55 -24.37
C VAL C 227 46.40 42.54 -25.41
N ILE C 228 47.65 42.43 -24.97
CA ILE C 228 48.77 42.29 -25.89
C ILE C 228 48.57 41.06 -26.79
N LYS C 229 48.31 39.90 -26.18
CA LYS C 229 48.10 38.68 -26.96
C LYS C 229 46.98 38.83 -27.98
N TYR C 230 45.87 39.47 -27.60
CA TYR C 230 44.81 39.69 -28.58
C TYR C 230 45.29 40.54 -29.75
N ALA C 231 46.01 41.63 -29.48
CA ALA C 231 46.59 42.40 -30.58
C ALA C 231 47.54 41.55 -31.43
N LEU C 232 48.49 40.90 -30.77
CA LEU C 232 49.48 40.06 -31.42
C LEU C 232 48.86 39.03 -32.35
N LYS C 233 47.72 38.46 -31.97
CA LYS C 233 47.09 37.48 -32.84
C LYS C 233 46.65 38.08 -34.16
N GLU C 234 46.19 39.34 -34.15
CA GLU C 234 45.85 40.01 -35.40
C GLU C 234 47.10 40.38 -36.18
N ILE C 235 48.13 40.85 -35.50
CA ILE C 235 49.34 41.23 -36.21
C ILE C 235 49.97 40.01 -36.87
N TYR C 236 49.93 38.86 -36.19
CA TYR C 236 50.37 37.62 -36.83
C TYR C 236 49.49 37.21 -38.00
N GLN C 237 48.18 37.48 -37.93
CA GLN C 237 47.36 37.17 -39.11
C GLN C 237 47.75 38.03 -40.30
N VAL C 238 48.08 39.29 -40.06
CA VAL C 238 48.55 40.14 -41.15
C VAL C 238 49.89 39.65 -41.68
N TRP C 239 50.87 39.50 -40.78
CA TRP C 239 52.22 39.09 -41.18
C TRP C 239 52.26 37.76 -41.92
N GLY C 240 51.41 36.79 -41.54
CA GLY C 240 51.46 35.49 -42.19
C GLY C 240 51.15 35.48 -43.67
N ASN C 241 50.59 36.55 -44.23
CA ASN C 241 50.44 36.66 -45.68
C ASN C 241 51.71 37.11 -46.39
N LEU C 242 52.61 37.80 -45.70
CA LEU C 242 53.65 38.60 -46.34
C LEU C 242 55.05 37.99 -46.28
N ILE C 243 55.23 36.85 -45.59
CA ILE C 243 56.56 36.27 -45.49
C ILE C 243 57.12 35.93 -46.87
N ILE C 244 56.23 35.61 -47.81
CA ILE C 244 56.58 35.29 -49.19
C ILE C 244 55.59 36.07 -50.05
N GLY C 245 55.86 36.13 -51.35
CA GLY C 245 54.87 36.65 -52.27
C GLY C 245 53.54 35.95 -52.09
N ALA C 246 52.47 36.65 -52.46
CA ALA C 246 51.12 36.15 -52.22
C ALA C 246 50.90 34.78 -52.83
N GLY C 247 50.42 33.85 -51.99
CA GLY C 247 50.05 32.53 -52.44
C GLY C 247 51.19 31.58 -52.74
N ILE C 248 52.44 31.96 -52.51
CA ILE C 248 53.55 31.06 -52.77
C ILE C 248 53.69 30.09 -51.60
N ALA C 249 53.74 28.79 -51.92
CA ALA C 249 53.93 27.74 -50.93
C ALA C 249 55.13 26.85 -51.22
N ASN C 250 55.66 26.86 -52.44
CA ASN C 250 56.97 26.30 -52.74
C ASN C 250 57.55 27.11 -53.89
N LYS C 251 58.89 27.17 -53.93
CA LYS C 251 59.55 27.71 -55.10
C LYS C 251 60.86 26.97 -55.35
N THR C 252 61.21 26.86 -56.63
CA THR C 252 62.55 26.48 -57.05
C THR C 252 62.93 27.40 -58.18
N LEU C 253 64.17 27.86 -58.16
CA LEU C 253 64.77 28.57 -59.29
C LEU C 253 66.14 27.98 -59.56
N GLU C 254 66.41 27.67 -60.83
CA GLU C 254 67.73 27.22 -61.25
C GLU C 254 68.16 28.08 -62.43
N VAL C 255 69.34 28.69 -62.30
CA VAL C 255 69.90 29.53 -63.35
C VAL C 255 71.41 29.32 -63.35
N ASP C 256 71.96 28.93 -64.51
CA ASP C 256 73.40 28.92 -64.75
C ASP C 256 74.16 28.24 -63.62
N GLY C 257 73.66 27.07 -63.21
CA GLY C 257 74.32 26.31 -62.17
C GLY C 257 74.09 26.82 -60.77
N ILE C 258 73.27 27.84 -60.58
CA ILE C 258 72.82 28.27 -59.26
C ILE C 258 71.40 27.78 -59.07
N THR C 259 71.14 27.11 -57.95
CA THR C 259 69.82 26.62 -57.62
C THR C 259 69.43 27.12 -56.23
N GLU C 260 68.19 27.58 -56.10
CA GLU C 260 67.61 27.88 -54.81
C GLU C 260 66.26 27.20 -54.70
N THR C 261 65.93 26.73 -53.50
CA THR C 261 64.66 26.03 -53.27
C THR C 261 64.27 26.25 -51.82
N ILE C 262 63.03 26.71 -51.61
CA ILE C 262 62.54 27.07 -50.29
C ILE C 262 61.21 26.37 -50.07
N GLY C 263 61.09 25.68 -48.95
CA GLY C 263 59.80 25.28 -48.40
C GLY C 263 59.41 26.19 -47.25
N THR C 264 58.11 26.38 -47.08
CA THR C 264 57.59 27.40 -46.18
C THR C 264 56.48 26.81 -45.31
N THR C 265 56.20 27.50 -44.22
CA THR C 265 55.13 27.15 -43.30
C THR C 265 53.73 27.38 -43.88
N GLN C 266 53.61 28.06 -45.01
CA GLN C 266 52.33 28.10 -45.70
C GLN C 266 52.01 26.75 -46.34
N SER C 267 50.71 26.50 -46.48
CA SER C 267 50.22 25.33 -47.17
C SER C 267 48.78 25.59 -47.60
N ALA C 268 48.24 24.68 -48.41
CA ALA C 268 46.84 24.76 -48.79
C ALA C 268 45.90 24.61 -47.61
N MET C 269 46.36 24.04 -46.50
CA MET C 269 45.59 24.01 -45.25
C MET C 269 45.95 25.16 -44.32
N TYR C 270 47.20 25.22 -43.87
CA TYR C 270 47.61 26.09 -42.78
C TYR C 270 48.22 27.38 -43.30
N GLY C 271 47.78 28.50 -42.74
CA GLY C 271 48.37 29.78 -43.03
C GLY C 271 49.72 29.92 -42.34
N GLY C 272 50.49 30.91 -42.78
CA GLY C 272 51.87 31.04 -42.39
C GLY C 272 52.11 31.20 -40.90
N ALA C 273 51.10 31.64 -40.15
CA ALA C 273 51.22 31.83 -38.70
C ALA C 273 50.27 30.94 -37.91
N SER C 274 49.75 29.88 -38.52
CA SER C 274 48.90 28.92 -37.80
C SER C 274 49.49 28.51 -36.45
N ALA C 275 50.75 28.10 -36.43
CA ALA C 275 51.36 27.61 -35.19
C ALA C 275 51.34 28.67 -34.08
N GLN C 276 51.84 29.86 -34.38
CA GLN C 276 51.86 30.92 -33.39
C GLN C 276 50.46 31.27 -32.91
N ILE C 277 49.51 31.35 -33.82
CA ILE C 277 48.13 31.66 -33.44
C ILE C 277 47.58 30.60 -32.50
N LEU C 278 47.78 29.32 -32.81
CA LEU C 278 47.39 28.25 -31.89
C LEU C 278 48.00 28.42 -30.51
N GLN C 279 49.31 28.68 -30.45
CA GLN C 279 49.96 28.88 -29.16
C GLN C 279 49.36 30.07 -28.40
N ILE C 280 49.20 31.19 -29.09
CA ILE C 280 48.60 32.37 -28.47
C ILE C 280 47.19 32.07 -27.95
N ASN C 281 46.41 31.30 -28.72
CA ASN C 281 45.09 30.89 -28.23
C ASN C 281 45.17 30.06 -26.97
N GLU C 282 46.15 29.16 -26.88
CA GLU C 282 46.36 28.41 -25.64
C GLU C 282 46.66 29.35 -24.48
N ASP C 283 47.61 30.25 -24.66
CA ASP C 283 47.96 31.21 -23.60
C ASP C 283 46.74 32.03 -23.18
N ILE C 284 45.97 32.52 -24.15
CA ILE C 284 44.72 33.22 -23.86
C ILE C 284 43.79 32.35 -23.02
N LYS C 285 43.66 31.08 -23.39
CA LYS C 285 42.80 30.18 -22.64
C LYS C 285 43.21 30.12 -21.16
N GLU C 286 44.50 29.92 -20.91
CA GLU C 286 44.96 29.90 -19.52
C GLU C 286 44.69 31.23 -18.81
N LEU C 287 44.98 32.34 -19.47
CA LEU C 287 44.76 33.64 -18.87
C LEU C 287 43.28 33.85 -18.54
N LEU C 288 42.39 33.49 -19.47
CA LEU C 288 40.97 33.67 -19.24
C LEU C 288 40.47 32.77 -18.12
N ASP C 289 40.98 31.55 -18.04
CA ASP C 289 40.67 30.70 -16.89
C ASP C 289 41.03 31.40 -15.58
N GLY C 290 42.26 31.89 -15.48
CA GLY C 290 42.68 32.57 -14.27
C GLY C 290 41.84 33.79 -13.95
N LEU C 291 41.56 34.62 -14.94
CA LEU C 291 40.82 35.85 -14.70
C LEU C 291 39.34 35.60 -14.40
N ARG C 292 38.73 34.59 -15.03
CA ARG C 292 37.39 34.18 -14.62
C ARG C 292 37.37 33.44 -13.30
N ALA C 293 38.53 33.09 -12.76
CA ALA C 293 38.60 32.69 -11.36
C ALA C 293 38.76 33.89 -10.44
N TYR C 294 39.40 34.95 -10.93
CA TYR C 294 39.59 36.15 -10.12
C TYR C 294 38.29 36.91 -9.94
N PHE C 295 37.63 37.27 -11.05
CA PHE C 295 36.24 37.69 -11.02
C PHE C 295 35.31 36.48 -10.89
N GLY C 296 34.22 36.68 -10.15
CA GLY C 296 33.34 35.59 -9.81
C GLY C 296 32.33 35.24 -10.87
N TYR C 297 31.51 34.23 -10.57
CA TYR C 297 30.34 33.92 -11.36
C TYR C 297 29.23 34.94 -11.14
N ASN C 298 28.57 35.33 -12.22
CA ASN C 298 27.43 36.23 -12.12
C ASN C 298 26.22 35.48 -11.56
N MET C 299 25.41 36.20 -10.79
CA MET C 299 24.23 35.62 -10.15
C MET C 299 23.19 36.71 -9.96
N ILE C 300 21.92 36.30 -9.97
CA ILE C 300 20.83 37.18 -9.59
C ILE C 300 19.74 36.34 -8.94
N GLY C 301 19.03 36.96 -8.00
CA GLY C 301 17.90 36.32 -7.34
C GLY C 301 16.58 36.76 -7.96
N LEU C 302 15.76 35.77 -8.28
CA LEU C 302 14.44 36.03 -8.87
C LEU C 302 13.36 35.66 -7.87
N LEU D 17 55.13 39.08 29.75
CA LEU D 17 55.69 39.13 28.41
C LEU D 17 55.84 40.56 27.96
N ASN D 18 56.91 40.84 27.20
CA ASN D 18 57.15 42.15 26.63
C ASN D 18 57.46 42.03 25.15
N TYR D 19 56.86 42.93 24.36
CA TYR D 19 56.94 42.85 22.91
C TYR D 19 56.55 44.20 22.34
N GLU D 20 56.92 44.42 21.08
CA GLU D 20 56.37 45.55 20.34
C GLU D 20 54.87 45.32 20.12
N TYR D 21 54.06 46.28 20.55
CA TYR D 21 52.68 46.06 20.98
C TYR D 21 51.87 45.09 20.12
N PRO D 22 51.66 45.36 18.82
CA PRO D 22 50.75 44.49 18.05
C PRO D 22 51.27 43.07 17.91
N TYR D 23 52.58 42.86 18.05
CA TYR D 23 53.22 41.60 17.64
C TYR D 23 53.39 40.67 18.84
N HIS D 24 52.26 40.34 19.46
CA HIS D 24 52.30 39.43 20.60
C HIS D 24 52.92 38.11 20.18
N PRO D 25 53.94 37.61 20.88
CA PRO D 25 54.79 36.55 20.30
C PRO D 25 54.11 35.21 20.11
N SER D 26 52.96 34.97 20.74
CA SER D 26 52.21 33.74 20.48
C SER D 26 51.22 33.88 19.32
N GLY D 27 50.38 34.91 19.37
CA GLY D 27 49.27 34.98 18.43
C GLY D 27 49.57 35.70 17.14
N ASN D 28 50.53 36.62 17.16
CA ASN D 28 50.82 37.44 15.99
C ASN D 28 52.30 37.82 15.97
N PRO D 29 53.22 36.85 16.03
CA PRO D 29 54.64 37.19 16.02
C PRO D 29 55.04 38.00 14.81
N LYS D 30 55.95 38.94 15.02
CA LYS D 30 56.46 39.76 13.92
C LYS D 30 57.37 38.93 13.03
N HIS D 31 57.07 38.92 11.73
CA HIS D 31 57.91 38.23 10.75
C HIS D 31 58.64 39.17 9.80
N ILE D 32 58.15 40.39 9.60
CA ILE D 32 58.82 41.36 8.74
C ILE D 32 58.65 42.76 9.31
N ASP D 33 59.63 43.61 9.04
CA ASP D 33 59.49 45.04 9.32
C ASP D 33 58.80 45.74 8.16
N VAL D 34 57.94 46.70 8.49
CA VAL D 34 57.16 47.46 7.50
C VAL D 34 58.02 48.37 6.64
N SER D 35 59.33 48.44 6.91
CA SER D 35 60.26 49.06 5.97
C SER D 35 60.81 48.11 4.93
N GLU D 36 60.93 46.82 5.25
CA GLU D 36 61.50 45.88 4.30
C GLU D 36 60.57 45.59 3.12
N ILE D 37 59.26 45.72 3.32
CA ILE D 37 58.32 45.46 2.23
C ILE D 37 58.50 46.37 1.03
N ASP D 38 59.10 47.54 1.20
CA ASP D 38 59.45 48.36 0.05
C ASP D 38 60.78 47.97 -0.58
N ASN D 39 61.70 47.41 0.21
CA ASN D 39 63.04 47.12 -0.27
C ASN D 39 63.16 45.79 -0.99
N LEU D 40 62.23 44.86 -0.79
CA LEU D 40 62.32 43.57 -1.47
C LEU D 40 62.03 43.70 -2.95
N THR D 41 62.76 42.91 -3.75
CA THR D 41 62.69 42.95 -5.20
C THR D 41 62.68 41.53 -5.72
N LEU D 42 62.27 41.39 -6.98
CA LEU D 42 62.22 40.06 -7.60
C LEU D 42 63.56 39.35 -7.52
N ALA D 43 64.66 40.09 -7.71
CA ALA D 43 65.97 39.46 -7.67
C ALA D 43 66.29 38.86 -6.31
N ASP D 44 65.67 39.39 -5.25
CA ASP D 44 65.85 38.79 -3.93
C ASP D 44 65.21 37.41 -3.83
N TYR D 45 64.22 37.12 -4.66
CA TYR D 45 63.63 35.80 -4.77
C TYR D 45 64.30 34.93 -5.83
N GLY D 46 65.40 35.38 -6.42
CA GLY D 46 66.08 34.62 -7.44
C GLY D 46 65.51 34.76 -8.84
N TRP D 47 64.47 35.57 -9.02
CA TRP D 47 63.91 35.83 -10.34
C TRP D 47 64.73 36.92 -11.02
N SER D 48 65.65 36.49 -11.88
CA SER D 48 66.60 37.35 -12.54
C SER D 48 66.80 36.89 -13.97
N PRO D 49 67.13 37.80 -14.90
CA PRO D 49 67.46 37.36 -16.26
C PRO D 49 68.50 36.26 -16.31
N ASP D 50 69.52 36.32 -15.45
CA ASP D 50 70.53 35.27 -15.41
C ASP D 50 69.91 33.90 -15.15
N ALA D 51 68.89 33.82 -14.30
CA ALA D 51 68.25 32.53 -14.07
C ALA D 51 67.62 31.96 -15.35
N VAL D 52 66.96 32.82 -16.13
CA VAL D 52 66.43 32.36 -17.41
C VAL D 52 67.56 31.89 -18.31
N LYS D 53 68.56 32.75 -18.52
CA LYS D 53 69.68 32.35 -19.37
C LYS D 53 70.29 31.03 -18.89
N ALA D 54 70.37 30.83 -17.57
CA ALA D 54 70.85 29.56 -17.05
C ALA D 54 70.00 28.40 -17.54
N TYR D 55 68.67 28.59 -17.57
CA TYR D 55 67.82 27.53 -18.10
C TYR D 55 67.88 27.42 -19.63
N MET D 56 68.44 28.42 -20.31
CA MET D 56 68.73 28.32 -21.74
C MET D 56 70.23 28.33 -22.00
N PHE D 57 70.99 27.65 -21.15
CA PHE D 57 72.42 27.49 -21.37
C PHE D 57 72.70 26.94 -22.77
N GLY D 58 73.68 27.54 -23.44
CA GLY D 58 74.06 27.14 -24.77
C GLY D 58 73.16 27.65 -25.88
N ILE D 59 72.17 28.47 -25.57
CA ILE D 59 71.35 29.15 -26.56
C ILE D 59 71.58 30.65 -26.39
N VAL D 60 71.52 31.39 -27.49
CA VAL D 60 71.50 32.84 -27.45
C VAL D 60 70.43 33.38 -28.38
N VAL D 61 69.72 34.39 -27.91
CA VAL D 61 68.60 35.02 -28.62
C VAL D 61 69.12 36.34 -29.17
N GLN D 62 69.04 36.53 -30.49
CA GLN D 62 69.66 37.68 -31.11
C GLN D 62 68.88 38.09 -32.35
N ASN D 63 68.92 39.38 -32.64
CA ASN D 63 68.19 39.91 -33.78
C ASN D 63 68.85 39.38 -35.05
N PRO D 64 68.13 38.67 -35.92
CA PRO D 64 68.84 37.99 -37.02
C PRO D 64 69.57 38.91 -37.95
N ASP D 65 69.03 40.11 -38.20
CA ASP D 65 69.69 41.10 -39.05
C ASP D 65 70.64 42.00 -38.27
N THR D 66 70.27 42.38 -37.05
CA THR D 66 71.03 43.36 -36.29
C THR D 66 72.09 42.72 -35.40
N GLY D 67 71.94 41.45 -35.06
CA GLY D 67 72.92 40.75 -34.23
C GLY D 67 72.87 41.06 -32.75
N GLN D 68 72.19 42.12 -32.34
CA GLN D 68 72.16 42.48 -30.93
C GLN D 68 71.38 41.45 -30.12
N PRO D 69 71.88 41.05 -28.94
CA PRO D 69 71.10 40.14 -28.10
C PRO D 69 69.92 40.85 -27.45
N MET D 70 68.92 40.06 -27.09
CA MET D 70 67.74 40.60 -26.40
C MET D 70 68.11 41.15 -25.04
N GLY D 71 67.62 42.36 -24.74
CA GLY D 71 67.98 43.04 -23.51
C GLY D 71 67.21 42.55 -22.30
N ASP D 72 67.81 42.79 -21.12
CA ASP D 72 67.20 42.37 -19.86
C ASP D 72 65.85 43.03 -19.58
N GLU D 73 65.57 44.18 -20.20
CA GLU D 73 64.26 44.82 -20.04
C GLU D 73 63.11 43.85 -20.33
N PHE D 74 63.18 43.19 -21.49
CA PHE D 74 62.15 42.24 -21.85
C PHE D 74 62.08 41.07 -20.88
N TYR D 75 63.23 40.59 -20.44
CA TYR D 75 63.26 39.54 -19.41
C TYR D 75 62.49 39.96 -18.17
N ASN D 76 62.79 41.14 -17.62
CA ASN D 76 62.11 41.58 -16.42
C ASN D 76 60.61 41.78 -16.64
N HIS D 77 60.24 42.33 -17.80
CA HIS D 77 58.82 42.43 -18.16
C HIS D 77 58.12 41.07 -18.09
N ILE D 78 58.68 40.10 -18.81
CA ILE D 78 58.14 38.74 -18.82
C ILE D 78 58.06 38.18 -17.41
N LEU D 79 59.11 38.39 -16.61
CA LEU D 79 59.10 37.87 -15.24
C LEU D 79 57.97 38.46 -14.42
N GLU D 80 57.75 39.77 -14.51
CA GLU D 80 56.67 40.38 -13.74
C GLU D 80 55.31 39.83 -14.15
N ARG D 81 55.10 39.61 -15.46
CA ARG D 81 53.82 39.05 -15.87
C ARG D 81 53.69 37.57 -15.50
N ALA D 82 54.79 36.82 -15.51
CA ALA D 82 54.75 35.45 -15.03
C ALA D 82 54.41 35.38 -13.55
N VAL D 83 54.92 36.31 -12.76
CA VAL D 83 54.52 36.39 -11.35
C VAL D 83 53.04 36.71 -11.21
N GLY D 84 52.53 37.64 -12.02
CA GLY D 84 51.10 37.90 -11.97
C GLY D 84 50.26 36.68 -12.30
N LYS D 85 50.64 35.96 -13.36
CA LYS D 85 49.95 34.73 -13.70
C LYS D 85 50.00 33.72 -12.57
N ALA D 86 51.17 33.58 -11.93
CA ALA D 86 51.28 32.65 -10.81
C ALA D 86 50.40 33.07 -9.63
N GLU D 87 50.33 34.37 -9.35
CA GLU D 87 49.51 34.85 -8.24
C GLU D 87 48.03 34.64 -8.46
N ARG D 88 47.56 34.67 -9.71
CA ARG D 88 46.19 34.20 -9.96
C ARG D 88 46.07 32.68 -10.08
N ALA D 89 47.10 31.97 -10.53
CA ALA D 89 46.98 30.52 -10.66
C ALA D 89 46.77 29.85 -9.31
N LEU D 90 47.47 30.32 -8.28
CA LEU D 90 47.20 29.96 -6.90
C LEU D 90 46.67 31.19 -6.19
N ASP D 91 45.61 31.02 -5.39
CA ASP D 91 44.93 32.18 -4.82
C ASP D 91 45.74 32.73 -3.65
N ILE D 92 46.88 33.34 -3.98
CA ILE D 92 47.91 33.67 -3.01
C ILE D 92 48.46 35.06 -3.32
N SER D 93 49.15 35.62 -2.33
CA SER D 93 49.96 36.82 -2.47
C SER D 93 51.41 36.46 -2.28
N ILE D 94 52.26 36.79 -3.26
CA ILE D 94 53.65 36.36 -3.25
C ILE D 94 54.51 37.45 -2.66
N LEU D 95 54.58 38.58 -3.34
CA LEU D 95 55.41 39.68 -2.84
C LEU D 95 54.71 40.37 -1.67
N PRO D 96 55.42 40.68 -0.58
CA PRO D 96 54.78 41.36 0.54
C PRO D 96 54.05 42.64 0.12
N ASP D 97 52.84 42.81 0.62
CA ASP D 97 52.09 44.03 0.42
C ASP D 97 51.16 44.24 1.62
N THR D 98 50.86 45.50 1.89
CA THR D 98 49.92 45.85 2.96
C THR D 98 48.50 45.79 2.45
N GLN D 99 47.66 44.98 3.09
CA GLN D 99 46.27 44.80 2.73
C GLN D 99 45.39 45.48 3.77
N HIS D 100 44.43 46.27 3.31
CA HIS D 100 43.43 46.90 4.15
C HIS D 100 42.05 46.40 3.71
N GLU D 101 41.37 45.68 4.60
CA GLU D 101 40.06 45.09 4.30
C GLU D 101 38.99 45.62 5.25
N MET D 102 37.81 45.88 4.71
CA MET D 102 36.59 46.09 5.47
C MET D 102 35.71 44.86 5.29
N ARG D 103 35.42 44.16 6.38
CA ARG D 103 34.79 42.85 6.33
C ARG D 103 33.39 42.88 6.93
N ASP D 104 32.49 42.11 6.32
CA ASP D 104 31.10 42.04 6.76
C ASP D 104 30.96 41.26 8.06
N TYR D 105 30.05 41.72 8.92
CA TYR D 105 29.57 40.90 10.03
C TYR D 105 28.64 39.81 9.51
N HIS D 106 28.93 38.56 9.89
CA HIS D 106 27.99 37.45 9.72
C HIS D 106 27.84 36.72 11.05
N GLU D 107 26.59 36.46 11.45
CA GLU D 107 26.33 35.99 12.81
C GLU D 107 26.95 34.63 13.07
N THR D 108 26.83 33.71 12.13
CA THR D 108 27.36 32.36 12.32
C THR D 108 28.86 32.38 12.57
N GLU D 109 29.60 33.09 11.73
CA GLU D 109 31.05 33.08 11.86
C GLU D 109 31.52 34.03 12.95
N PHE D 110 30.77 35.09 13.22
CA PHE D 110 31.10 35.97 14.33
C PHE D 110 30.97 35.26 15.67
N ASN D 111 29.95 34.41 15.83
CA ASN D 111 29.86 33.58 17.03
C ASN D 111 30.98 32.55 17.13
N SER D 112 31.57 32.16 16.01
CA SER D 112 32.62 31.14 16.01
C SER D 112 34.00 31.74 16.30
N TYR D 113 34.10 32.37 17.47
CA TYR D 113 35.32 33.06 17.89
C TYR D 113 35.72 34.18 16.94
N MET D 114 34.73 34.88 16.40
CA MET D 114 34.97 36.03 15.51
C MET D 114 35.81 35.60 14.31
N PHE D 115 35.46 34.46 13.73
CA PHE D 115 36.23 33.92 12.61
C PHE D 115 36.11 34.84 11.41
N VAL D 116 37.25 35.20 10.82
CA VAL D 116 37.30 35.88 9.53
C VAL D 116 38.39 35.24 8.68
N HIS D 117 38.07 35.01 7.41
CA HIS D 117 39.04 34.58 6.41
C HIS D 117 39.50 35.79 5.62
N ALA D 118 40.82 36.04 5.62
CA ALA D 118 41.37 37.13 4.83
C ALA D 118 41.22 36.85 3.34
N TYR D 119 41.10 37.91 2.56
CA TYR D 119 41.03 37.75 1.12
C TYR D 119 42.36 37.30 0.53
N ARG D 120 43.47 37.64 1.19
CA ARG D 120 44.81 37.38 0.69
C ARG D 120 45.56 36.56 1.73
N LYS D 121 46.34 35.59 1.27
CA LYS D 121 47.07 34.68 2.14
C LYS D 121 48.41 34.36 1.49
N PRO D 122 49.41 33.94 2.29
CA PRO D 122 49.49 33.84 3.76
C PRO D 122 49.41 35.18 4.47
N ILE D 123 49.04 35.17 5.74
CA ILE D 123 49.25 36.32 6.61
C ILE D 123 50.69 36.27 7.11
N LEU D 124 51.45 37.34 6.84
CA LEU D 124 52.71 37.54 7.53
C LEU D 124 52.47 38.07 8.94
N GLN D 125 51.63 39.10 9.07
CA GLN D 125 51.22 39.57 10.39
C GLN D 125 49.95 40.40 10.23
N VAL D 126 49.19 40.48 11.32
CA VAL D 126 48.05 41.39 11.42
C VAL D 126 48.54 42.73 11.96
N GLU D 127 48.08 43.81 11.32
CA GLU D 127 48.48 45.16 11.70
C GLU D 127 47.43 45.88 12.53
N ASN D 128 46.14 45.64 12.27
CA ASN D 128 45.08 46.28 13.03
C ASN D 128 43.82 45.44 12.91
N LEU D 129 42.98 45.51 13.94
CA LEU D 129 41.72 44.78 13.96
C LEU D 129 40.78 45.53 14.89
N GLN D 130 39.67 46.04 14.33
CA GLN D 130 38.77 46.91 15.08
C GLN D 130 37.33 46.66 14.66
N LEU D 131 36.42 46.88 15.60
CA LEU D 131 35.00 46.95 15.34
C LEU D 131 34.61 48.42 15.31
N GLN D 132 33.88 48.81 14.26
CA GLN D 132 33.72 50.22 13.96
C GLN D 132 32.30 50.51 13.49
N PHE D 133 31.97 51.81 13.48
CA PHE D 133 30.67 52.30 13.08
C PHE D 133 30.86 53.64 12.38
N ASN D 134 30.68 53.66 11.06
CA ASN D 134 30.94 54.85 10.24
C ASN D 134 32.39 55.32 10.38
N GLY D 135 33.31 54.37 10.50
CA GLY D 135 34.70 54.68 10.72
C GLY D 135 35.08 54.98 12.15
N ARG D 136 34.12 55.18 13.04
CA ARG D 136 34.41 55.36 14.45
C ARG D 136 34.74 54.01 15.06
N PRO D 137 35.90 53.82 15.68
CA PRO D 137 36.13 52.57 16.43
C PRO D 137 35.18 52.45 17.60
N ILE D 138 34.33 51.42 17.55
CA ILE D 138 33.50 51.06 18.69
C ILE D 138 34.28 50.25 19.72
N TYR D 139 35.08 49.28 19.26
CA TYR D 139 35.99 48.58 20.16
C TYR D 139 37.25 48.16 19.42
N LYS D 140 38.38 48.27 20.12
CA LYS D 140 39.67 47.77 19.65
C LYS D 140 40.09 46.57 20.49
N TYR D 141 40.23 45.42 19.87
CA TYR D 141 40.54 44.20 20.59
C TYR D 141 42.01 44.21 21.02
N PRO D 142 42.32 43.93 22.29
CA PRO D 142 43.74 43.84 22.68
C PRO D 142 44.50 42.84 21.83
N ALA D 143 45.72 43.22 21.46
CA ALA D 143 46.53 42.39 20.58
C ALA D 143 46.85 41.02 21.18
N ASN D 144 46.79 40.87 22.50
CA ASN D 144 46.99 39.55 23.09
C ASN D 144 45.82 38.60 22.85
N TRP D 145 44.68 39.09 22.34
CA TRP D 145 43.59 38.21 21.97
C TRP D 145 43.72 37.66 20.55
N TRP D 146 44.48 38.31 19.68
CA TRP D 146 44.49 37.95 18.27
C TRP D 146 45.13 36.59 18.07
N LYS D 147 44.40 35.68 17.42
CA LYS D 147 44.90 34.36 17.04
C LYS D 147 44.98 34.31 15.52
N VAL D 148 46.18 34.10 15.00
CA VAL D 148 46.44 34.09 13.55
C VAL D 148 46.93 32.70 13.16
N GLU D 149 46.40 32.18 12.06
CA GLU D 149 46.93 31.00 11.40
C GLU D 149 47.43 31.44 10.04
N HIS D 150 48.76 31.43 9.87
CA HIS D 150 49.39 32.21 8.81
C HIS D 150 49.11 31.62 7.43
N LEU D 151 49.40 30.33 7.25
CA LEU D 151 49.22 29.72 5.94
C LEU D 151 47.76 29.56 5.57
N ALA D 152 46.89 29.35 6.56
CA ALA D 152 45.46 29.23 6.26
C ALA D 152 44.86 30.56 5.83
N GLY D 153 45.35 31.67 6.38
CA GLY D 153 44.70 32.94 6.19
C GLY D 153 43.52 33.17 7.11
N HIS D 154 43.56 32.61 8.31
CA HIS D 154 42.48 32.68 9.28
C HIS D 154 42.88 33.56 10.45
N VAL D 155 41.94 34.38 10.93
CA VAL D 155 42.12 35.17 12.14
C VAL D 155 40.94 34.89 13.07
N GLN D 156 41.24 34.77 14.36
CA GLN D 156 40.22 34.55 15.37
C GLN D 156 40.57 35.33 16.62
N LEU D 157 39.57 35.53 17.48
CA LEU D 157 39.76 36.07 18.81
C LEU D 157 39.47 34.99 19.84
N PHE D 158 40.34 34.89 20.84
CA PHE D 158 40.08 34.09 22.05
C PHE D 158 40.13 35.02 23.26
N PRO D 159 39.00 35.60 23.67
CA PRO D 159 39.06 36.64 24.71
C PRO D 159 39.60 36.12 26.03
N THR D 160 40.58 36.84 26.58
CA THR D 160 41.12 36.48 27.89
C THR D 160 40.18 36.88 29.02
N ALA D 161 39.50 38.02 28.87
CA ALA D 161 38.71 38.61 29.95
C ALA D 161 39.52 38.69 31.24
N GLY D 189 19.03 42.11 14.85
CA GLY D 189 17.79 41.95 14.09
C GLY D 189 18.00 41.42 12.68
N ALA D 190 19.26 41.26 12.28
CA ALA D 190 19.59 40.67 10.99
C ALA D 190 20.80 39.77 11.16
N THR D 191 20.92 38.81 10.24
CA THR D 191 22.00 37.83 10.27
C THR D 191 23.31 38.38 9.74
N PHE D 192 23.30 39.54 9.08
CA PHE D 192 24.52 40.14 8.56
C PHE D 192 24.41 41.64 8.60
N ALA D 193 25.57 42.31 8.55
CA ALA D 193 25.62 43.75 8.42
C ALA D 193 26.95 44.14 7.76
N PRO D 194 26.96 45.17 6.92
CA PRO D 194 28.15 45.45 6.11
C PRO D 194 29.27 46.14 6.86
N GLN D 195 30.50 45.70 6.57
CA GLN D 195 31.73 46.43 6.85
C GLN D 195 31.87 46.85 8.31
N MET D 196 31.44 46.00 9.24
CA MET D 196 31.62 46.34 10.64
C MET D 196 33.07 46.18 11.07
N ILE D 197 33.79 45.22 10.49
CA ILE D 197 35.13 44.84 10.93
C ILE D 197 36.15 45.53 10.03
N ARG D 198 37.10 46.22 10.64
CA ARG D 198 38.22 46.83 9.93
C ARG D 198 39.47 46.01 10.21
N LEU D 199 40.09 45.45 9.15
CA LEU D 199 41.24 44.58 9.29
C LEU D 199 42.38 45.07 8.38
N GLU D 200 43.52 45.38 8.98
CA GLU D 200 44.75 45.70 8.26
C GLU D 200 45.81 44.65 8.57
N TYR D 201 46.47 44.15 7.54
CA TYR D 201 47.47 43.09 7.71
C TYR D 201 48.45 43.16 6.53
N VAL D 202 49.57 42.46 6.69
CA VAL D 202 50.51 42.21 5.60
C VAL D 202 50.33 40.79 5.09
N SER D 203 50.07 40.65 3.80
CA SER D 203 50.12 39.38 3.09
C SER D 203 51.43 39.25 2.34
N GLY D 204 51.83 38.00 2.09
CA GLY D 204 53.00 37.74 1.28
C GLY D 204 53.82 36.55 1.72
N MET D 205 54.95 36.32 1.07
CA MET D 205 55.94 35.33 1.48
C MET D 205 57.30 35.99 1.62
N LEU D 206 58.09 35.49 2.57
CA LEU D 206 59.48 35.88 2.70
C LEU D 206 60.37 34.91 1.92
N PRO D 207 61.52 35.35 1.40
CA PRO D 207 62.45 34.38 0.82
C PRO D 207 62.95 33.41 1.88
N ARG D 208 63.03 32.14 1.50
CA ARG D 208 63.37 31.11 2.47
C ARG D 208 64.79 31.30 2.99
N LYS D 209 64.96 30.99 4.28
CA LYS D 209 66.23 31.26 4.96
C LYS D 209 67.20 30.09 4.92
N LYS D 210 66.71 28.87 4.68
CA LYS D 210 67.55 27.68 4.61
C LYS D 210 67.36 27.00 3.26
N ALA D 211 68.39 26.28 2.83
CA ALA D 211 68.26 25.46 1.64
C ALA D 211 67.26 24.33 1.85
N GLY D 212 66.43 24.09 0.84
CA GLY D 212 65.54 22.94 0.82
C GLY D 212 64.35 23.01 1.75
N ARG D 213 64.26 24.02 2.60
CA ARG D 213 63.26 24.08 3.66
C ARG D 213 62.54 25.41 3.58
N ASN D 214 61.27 25.41 3.98
CA ASN D 214 60.52 26.65 4.12
C ASN D 214 59.58 26.57 5.30
N LYS D 215 59.46 27.68 6.03
CA LYS D 215 58.40 27.86 7.00
C LYS D 215 57.10 28.18 6.27
N PRO D 216 55.96 28.09 6.97
CA PRO D 216 54.67 28.33 6.30
C PRO D 216 54.55 29.71 5.67
N TRP D 217 55.30 30.70 6.16
CA TRP D 217 55.32 32.03 5.56
C TRP D 217 56.47 32.22 4.57
N GLU D 218 57.23 31.18 4.27
CA GLU D 218 58.34 31.27 3.33
C GLU D 218 57.98 30.59 2.01
N MET D 219 58.55 31.10 0.93
CA MET D 219 58.21 30.61 -0.40
C MET D 219 58.71 29.18 -0.60
N PRO D 220 57.88 28.27 -1.08
CA PRO D 220 58.37 26.93 -1.42
C PRO D 220 59.42 27.01 -2.53
N PRO D 221 60.49 26.21 -2.45
CA PRO D 221 61.57 26.33 -3.44
C PRO D 221 61.15 26.22 -4.91
N GLU D 222 60.10 25.47 -5.24
CA GLU D 222 59.75 25.24 -6.64
C GLU D 222 58.63 26.12 -7.16
N LEU D 223 58.01 26.96 -6.32
CA LEU D 223 57.20 28.02 -6.88
C LEU D 223 58.07 29.02 -7.64
N GLU D 224 59.31 29.21 -7.19
CA GLU D 224 60.29 29.94 -7.98
C GLU D 224 60.47 29.29 -9.34
N GLN D 225 60.62 27.97 -9.36
CA GLN D 225 60.81 27.27 -10.63
C GLN D 225 59.56 27.36 -11.50
N LEU D 226 58.38 27.41 -10.89
CA LEU D 226 57.16 27.60 -11.67
C LEU D 226 57.17 28.96 -12.38
N VAL D 227 57.51 30.02 -11.65
CA VAL D 227 57.60 31.33 -12.27
C VAL D 227 58.66 31.35 -13.37
N ILE D 228 59.78 30.68 -13.13
CA ILE D 228 60.80 30.53 -14.16
C ILE D 228 60.22 29.87 -15.40
N LYS D 229 59.58 28.72 -15.22
CA LYS D 229 58.97 28.02 -16.35
C LYS D 229 58.00 28.89 -17.13
N TYR D 230 57.16 29.67 -16.43
CA TYR D 230 56.26 30.57 -17.15
C TYR D 230 57.00 31.60 -17.99
N ALA D 231 58.04 32.23 -17.41
CA ALA D 231 58.85 33.14 -18.21
C ALA D 231 59.49 32.44 -19.41
N LEU D 232 60.16 31.33 -19.13
CA LEU D 232 60.83 30.54 -20.13
C LEU D 232 59.92 30.19 -21.30
N LYS D 233 58.65 29.90 -21.03
CA LYS D 233 57.74 29.57 -22.12
C LYS D 233 57.55 30.74 -23.09
N GLU D 234 57.54 31.96 -22.57
CA GLU D 234 57.43 33.12 -23.46
C GLU D 234 58.74 33.35 -24.21
N ILE D 235 59.87 33.19 -23.52
CA ILE D 235 61.15 33.41 -24.17
C ILE D 235 61.37 32.39 -25.28
N TYR D 236 60.96 31.14 -25.04
CA TYR D 236 61.00 30.14 -26.11
C TYR D 236 60.05 30.46 -27.25
N GLN D 237 58.88 31.05 -26.97
CA GLN D 237 58.02 31.43 -28.10
C GLN D 237 58.67 32.51 -28.95
N VAL D 238 59.36 33.46 -28.32
CA VAL D 238 60.07 34.47 -29.10
C VAL D 238 61.20 33.83 -29.89
N TRP D 239 62.09 33.11 -29.21
CA TRP D 239 63.26 32.51 -29.84
C TRP D 239 62.90 31.56 -30.98
N GLY D 240 61.81 30.81 -30.86
CA GLY D 240 61.43 29.84 -31.89
C GLY D 240 61.14 30.42 -33.26
N ASN D 241 61.01 31.73 -33.38
CA ASN D 241 60.91 32.35 -34.70
C ASN D 241 62.25 32.50 -35.41
N LEU D 242 63.36 32.49 -34.69
CA LEU D 242 64.64 32.98 -35.20
C LEU D 242 65.63 31.90 -35.58
N ILE D 243 65.32 30.62 -35.35
CA ILE D 243 66.27 29.56 -35.68
C ILE D 243 66.58 29.55 -37.18
N ILE D 244 65.62 29.98 -38.00
CA ILE D 244 65.75 30.07 -39.44
C ILE D 244 65.15 31.42 -39.82
N GLY D 245 65.39 31.84 -41.06
CA GLY D 245 64.69 33.01 -41.56
C GLY D 245 63.19 32.90 -41.39
N ALA D 246 62.52 34.05 -41.31
CA ALA D 246 61.10 34.10 -41.02
C ALA D 246 60.30 33.29 -42.03
N GLY D 247 59.47 32.38 -41.51
CA GLY D 247 58.57 31.59 -42.33
C GLY D 247 59.24 30.51 -43.16
N ILE D 248 60.55 30.32 -43.01
CA ILE D 248 61.26 29.28 -43.74
C ILE D 248 61.09 27.94 -43.02
N ALA D 249 60.69 26.92 -43.77
CA ALA D 249 60.56 25.57 -43.26
C ALA D 249 61.42 24.57 -43.98
N ASN D 250 61.92 24.90 -45.17
CA ASN D 250 63.01 24.19 -45.81
C ASN D 250 63.78 25.19 -46.64
N LYS D 251 65.08 24.95 -46.80
CA LYS D 251 65.84 25.70 -47.78
C LYS D 251 66.91 24.80 -48.38
N THR D 252 67.22 25.05 -49.63
CA THR D 252 68.39 24.48 -50.28
C THR D 252 69.07 25.60 -51.06
N LEU D 253 70.40 25.62 -51.01
CA LEU D 253 71.19 26.46 -51.89
C LEU D 253 72.28 25.61 -52.51
N GLU D 254 72.40 25.70 -53.83
CA GLU D 254 73.44 25.04 -54.59
C GLU D 254 74.10 26.07 -55.49
N VAL D 255 75.42 26.16 -55.45
CA VAL D 255 76.16 27.10 -56.29
C VAL D 255 77.41 26.40 -56.77
N ASP D 256 77.58 26.36 -58.09
CA ASP D 256 78.82 25.94 -58.76
C ASP D 256 79.32 24.61 -58.19
N GLY D 257 78.40 23.65 -58.07
CA GLY D 257 78.73 22.32 -57.59
C GLY D 257 78.91 22.20 -56.08
N ILE D 258 78.68 23.27 -55.33
CA ILE D 258 78.62 23.23 -53.88
C ILE D 258 77.16 23.29 -53.49
N THR D 259 76.73 22.37 -52.61
CA THR D 259 75.36 22.31 -52.13
C THR D 259 75.29 22.38 -50.61
N GLU D 260 74.34 23.15 -50.12
CA GLU D 260 73.96 23.19 -48.71
C GLU D 260 72.46 22.97 -48.62
N THR D 261 72.02 22.25 -47.60
CA THR D 261 70.60 21.94 -47.47
C THR D 261 70.25 21.74 -46.01
N ILE D 262 69.20 22.42 -45.53
CA ILE D 262 68.80 22.37 -44.13
C ILE D 262 67.32 22.02 -44.08
N GLY D 263 66.98 20.98 -43.32
CA GLY D 263 65.64 20.75 -42.85
C GLY D 263 65.50 21.12 -41.38
N THR D 264 64.29 21.54 -41.00
CA THR D 264 64.07 22.13 -39.69
C THR D 264 62.85 21.54 -39.03
N THR D 265 62.81 21.71 -37.70
CA THR D 265 61.70 21.32 -36.83
C THR D 265 60.44 22.17 -37.02
N GLN D 266 60.50 23.25 -37.77
CA GLN D 266 59.28 23.94 -38.14
C GLN D 266 58.47 23.11 -39.13
N SER D 267 57.16 23.35 -39.11
CA SER D 267 56.24 22.73 -40.05
C SER D 267 54.99 23.59 -40.12
N ALA D 268 54.12 23.25 -41.07
CA ALA D 268 52.84 23.95 -41.20
C ALA D 268 51.95 23.80 -39.98
N MET D 269 52.18 22.81 -39.12
CA MET D 269 51.47 22.72 -37.85
C MET D 269 52.25 23.34 -36.69
N TYR D 270 53.43 22.82 -36.39
CA TYR D 270 54.16 23.15 -35.17
C TYR D 270 55.21 24.22 -35.40
N GLY D 271 55.23 25.21 -34.50
CA GLY D 271 56.27 26.21 -34.51
C GLY D 271 57.60 25.67 -34.01
N GLY D 272 58.66 26.44 -34.25
CA GLY D 272 60.01 25.97 -34.06
C GLY D 272 60.35 25.55 -32.65
N ALA D 273 59.59 26.01 -31.65
CA ALA D 273 59.84 25.66 -30.25
C ALA D 273 58.68 24.88 -29.63
N SER D 274 57.81 24.30 -30.45
CA SER D 274 56.73 23.46 -29.95
C SER D 274 57.19 22.45 -28.89
N ALA D 275 58.26 21.71 -29.18
CA ALA D 275 58.72 20.67 -28.26
C ALA D 275 59.05 21.22 -26.88
N GLN D 276 59.90 22.24 -26.81
CA GLN D 276 60.27 22.81 -25.52
C GLN D 276 59.06 23.33 -24.77
N ILE D 277 58.16 24.01 -25.47
CA ILE D 277 56.95 24.53 -24.84
C ILE D 277 56.10 23.41 -24.27
N LEU D 278 55.92 22.33 -25.04
CA LEU D 278 55.22 21.15 -24.54
C LEU D 278 55.84 20.61 -23.26
N GLN D 279 57.16 20.45 -23.26
CA GLN D 279 57.84 19.96 -22.05
C GLN D 279 57.60 20.89 -20.87
N ILE D 280 57.78 22.20 -21.09
CA ILE D 280 57.53 23.17 -20.04
C ILE D 280 56.09 23.09 -19.54
N ASN D 281 55.13 22.91 -20.44
CA ASN D 281 53.74 22.71 -20.01
C ASN D 281 53.59 21.49 -19.12
N GLU D 282 54.26 20.40 -19.45
CA GLU D 282 54.26 19.23 -18.55
C GLU D 282 54.79 19.59 -17.17
N ASP D 283 55.96 20.23 -17.12
CA ASP D 283 56.53 20.63 -15.84
C ASP D 283 55.60 21.54 -15.06
N ILE D 284 54.99 22.52 -15.73
CA ILE D 284 54.01 23.39 -15.10
C ILE D 284 52.86 22.58 -14.51
N LYS D 285 52.35 21.62 -15.28
CA LYS D 285 51.24 20.80 -14.80
C LYS D 285 51.61 20.07 -13.51
N GLU D 286 52.77 19.42 -13.49
CA GLU D 286 53.21 18.73 -12.28
C GLU D 286 53.39 19.68 -11.10
N LEU D 287 54.04 20.82 -11.34
CA LEU D 287 54.26 21.79 -10.26
C LEU D 287 52.94 22.30 -9.71
N LEU D 288 52.00 22.64 -10.59
CA LEU D 288 50.72 23.16 -10.14
C LEU D 288 49.92 22.10 -9.40
N ASP D 289 49.99 20.84 -9.85
CA ASP D 289 49.38 19.77 -9.08
C ASP D 289 49.92 19.74 -7.65
N GLY D 290 51.24 19.74 -7.51
CA GLY D 290 51.82 19.71 -6.17
C GLY D 290 51.41 20.90 -5.33
N LEU D 291 51.46 22.10 -5.91
CA LEU D 291 51.14 23.29 -5.13
C LEU D 291 49.66 23.41 -4.82
N ARG D 292 48.78 22.96 -5.72
CA ARG D 292 47.36 22.88 -5.41
C ARG D 292 47.04 21.73 -4.48
N ALA D 293 48.00 20.87 -4.19
CA ALA D 293 47.87 19.97 -3.06
C ALA D 293 48.36 20.61 -1.77
N TYR D 294 49.34 21.51 -1.88
CA TYR D 294 49.87 22.18 -0.71
C TYR D 294 48.87 23.20 -0.15
N PHE D 295 48.41 24.12 -0.99
CA PHE D 295 47.23 24.93 -0.69
C PHE D 295 45.95 24.14 -0.89
N GLY D 296 44.97 24.40 -0.04
CA GLY D 296 43.76 23.62 0.01
C GLY D 296 42.70 24.06 -0.99
N TYR D 297 41.58 23.34 -0.96
CA TYR D 297 40.38 23.75 -1.68
C TYR D 297 39.71 24.93 -1.00
N ASN D 298 39.25 25.88 -1.80
CA ASN D 298 38.48 27.00 -1.26
C ASN D 298 37.08 26.54 -0.87
N MET D 299 36.55 27.15 0.19
CA MET D 299 35.23 26.79 0.70
C MET D 299 34.62 28.00 1.39
N ILE D 300 33.28 28.07 1.37
CA ILE D 300 32.55 29.05 2.16
C ILE D 300 31.23 28.46 2.60
N GLY D 301 30.77 28.88 3.77
CA GLY D 301 29.47 28.49 4.28
C GLY D 301 28.43 29.56 3.99
N LEU D 302 27.30 29.11 3.44
CA LEU D 302 26.21 30.02 3.12
C LEU D 302 25.03 29.77 4.04
N LEU E 17 65.08 4.32 35.15
CA LEU E 17 65.67 4.81 33.91
C LEU E 17 66.23 6.21 34.08
N ASN E 18 67.34 6.49 33.40
CA ASN E 18 67.97 7.79 33.38
C ASN E 18 68.23 8.20 31.93
N TYR E 19 67.96 9.47 31.62
CA TYR E 19 68.02 9.93 30.24
C TYR E 19 68.11 11.45 30.25
N GLU E 20 68.53 12.00 29.12
CA GLU E 20 68.42 13.43 28.88
C GLU E 20 66.95 13.82 28.78
N TYR E 21 66.55 14.80 29.61
CA TYR E 21 65.18 14.94 30.11
C TYR E 21 64.08 14.71 29.08
N PRO E 22 63.99 15.47 27.98
CA PRO E 22 62.85 15.30 27.07
C PRO E 22 62.82 13.95 26.38
N TYR E 23 63.95 13.26 26.27
CA TYR E 23 64.10 12.12 25.38
C TYR E 23 63.92 10.81 26.14
N HIS E 24 62.74 10.65 26.72
CA HIS E 24 62.42 9.43 27.45
C HIS E 24 62.56 8.23 26.52
N PRO E 25 63.33 7.19 26.89
CA PRO E 25 63.77 6.21 25.89
C PRO E 25 62.68 5.33 25.32
N SER E 26 61.50 5.27 25.94
CA SER E 26 60.38 4.55 25.33
C SER E 26 59.54 5.43 24.42
N GLY E 27 59.10 6.58 24.91
CA GLY E 27 58.11 7.37 24.20
C GLY E 27 58.67 8.39 23.23
N ASN E 28 59.89 8.85 23.47
CA ASN E 28 60.48 9.91 22.66
C ASN E 28 61.99 9.75 22.58
N PRO E 29 62.50 8.60 22.14
CA PRO E 29 63.95 8.41 22.08
C PRO E 29 64.63 9.47 21.23
N LYS E 30 65.81 9.89 21.66
CA LYS E 30 66.58 10.87 20.91
C LYS E 30 67.18 10.24 19.66
N HIS E 31 66.90 10.84 18.51
CA HIS E 31 67.48 10.43 17.25
C HIS E 31 68.45 11.44 16.65
N ILE E 32 68.32 12.73 16.99
CA ILE E 32 69.23 13.75 16.51
C ILE E 32 69.39 14.82 17.59
N ASP E 33 70.57 15.44 17.62
CA ASP E 33 70.80 16.63 18.42
C ASP E 33 70.38 17.88 17.66
N VAL E 34 69.79 18.84 18.38
CA VAL E 34 69.33 20.09 17.79
C VAL E 34 70.48 20.97 17.29
N SER E 35 71.73 20.55 17.51
CA SER E 35 72.86 21.15 16.83
C SER E 35 73.17 20.51 15.50
N GLU E 36 72.86 19.23 15.35
CA GLU E 36 73.17 18.51 14.11
C GLU E 36 72.30 18.98 12.95
N ILE E 37 71.10 19.49 13.22
CA ILE E 37 70.23 19.97 12.15
C ILE E 37 70.83 21.11 11.34
N ASP E 38 71.80 21.84 11.91
CA ASP E 38 72.53 22.82 11.12
C ASP E 38 73.67 22.20 10.30
N ASN E 39 74.23 21.09 10.77
CA ASN E 39 75.41 20.51 10.14
C ASN E 39 75.10 19.63 8.94
N LEU E 40 73.87 19.13 8.83
CA LEU E 40 73.53 18.28 7.70
C LEU E 40 73.41 19.08 6.41
N THR E 41 73.85 18.46 5.31
CA THR E 41 73.90 19.10 4.00
C THR E 41 73.39 18.11 2.96
N LEU E 42 73.05 18.65 1.79
CA LEU E 42 72.56 17.80 0.70
C LEU E 42 73.54 16.69 0.36
N ALA E 43 74.83 16.99 0.38
CA ALA E 43 75.82 15.98 0.04
C ALA E 43 75.82 14.81 1.02
N ASP E 44 75.39 15.04 2.26
CA ASP E 44 75.28 13.93 3.21
C ASP E 44 74.20 12.93 2.81
N TYR E 45 73.20 13.35 2.04
CA TYR E 45 72.21 12.45 1.48
C TYR E 45 72.59 11.92 0.11
N GLY E 46 73.80 12.20 -0.37
CA GLY E 46 74.24 11.72 -1.66
C GLY E 46 73.79 12.55 -2.85
N TRP E 47 73.06 13.64 -2.63
CA TRP E 47 72.66 14.52 -3.73
C TRP E 47 73.82 15.45 -4.05
N SER E 48 74.58 15.09 -5.07
CA SER E 48 75.79 15.81 -5.45
C SER E 48 75.89 15.86 -6.97
N PRO E 49 76.53 16.89 -7.53
CA PRO E 49 76.76 16.90 -8.98
C PRO E 49 77.39 15.63 -9.51
N ASP E 50 78.34 15.06 -8.77
CA ASP E 50 78.96 13.80 -9.18
C ASP E 50 77.93 12.70 -9.37
N ALA E 51 76.91 12.64 -8.51
CA ALA E 51 75.87 11.63 -8.67
C ALA E 51 75.11 11.79 -9.98
N VAL E 52 74.78 13.04 -10.34
CA VAL E 52 74.14 13.27 -11.63
C VAL E 52 75.06 12.83 -12.76
N LYS E 53 76.29 13.33 -12.77
CA LYS E 53 77.23 12.93 -13.81
C LYS E 53 77.35 11.41 -13.90
N ALA E 54 77.33 10.73 -12.75
CA ALA E 54 77.36 9.27 -12.73
C ALA E 54 76.17 8.71 -13.51
N TYR E 55 74.99 9.29 -13.32
CA TYR E 55 73.85 8.83 -14.10
C TYR E 55 73.89 9.28 -15.56
N MET E 56 74.76 10.22 -15.90
CA MET E 56 75.05 10.58 -17.29
C MET E 56 76.48 10.21 -17.68
N PHE E 57 76.93 9.05 -17.23
CA PHE E 57 78.23 8.53 -17.63
C PHE E 57 78.39 8.53 -19.14
N GLY E 58 79.54 8.99 -19.61
CA GLY E 58 79.83 9.06 -21.03
C GLY E 58 79.20 10.22 -21.78
N ILE E 59 78.51 11.13 -21.09
CA ILE E 59 78.00 12.36 -21.67
C ILE E 59 78.69 13.54 -21.00
N VAL E 60 78.89 14.62 -21.76
CA VAL E 60 79.32 15.90 -21.21
C VAL E 60 78.48 17.01 -21.81
N VAL E 61 78.06 17.95 -20.96
CA VAL E 61 77.21 19.06 -21.37
C VAL E 61 78.09 20.30 -21.42
N GLN E 62 78.17 20.93 -22.59
CA GLN E 62 79.10 22.03 -22.78
C GLN E 62 78.53 23.00 -23.80
N ASN E 63 78.90 24.27 -23.66
CA ASN E 63 78.38 25.30 -24.53
C ASN E 63 78.93 25.09 -25.94
N PRO E 64 78.09 24.92 -26.96
CA PRO E 64 78.63 24.51 -28.27
C PRO E 64 79.62 25.49 -28.86
N ASP E 65 79.44 26.79 -28.61
CA ASP E 65 80.37 27.78 -29.12
C ASP E 65 81.55 28.00 -28.18
N THR E 66 81.32 27.98 -26.87
CA THR E 66 82.37 28.31 -25.92
C THR E 66 83.15 27.08 -25.44
N GLY E 67 82.56 25.89 -25.56
CA GLY E 67 83.21 24.66 -25.17
C GLY E 67 83.27 24.40 -23.68
N GLN E 68 83.02 25.39 -22.84
CA GLN E 68 83.11 25.19 -21.40
C GLN E 68 81.97 24.30 -20.91
N PRO E 69 82.24 23.36 -19.99
CA PRO E 69 81.16 22.55 -19.44
C PRO E 69 80.28 23.35 -18.49
N MET E 70 79.03 22.89 -18.36
CA MET E 70 78.09 23.49 -17.43
C MET E 70 78.57 23.32 -16.00
N GLY E 71 78.53 24.41 -15.22
CA GLY E 71 79.08 24.39 -13.89
C GLY E 71 78.18 23.73 -12.87
N ASP E 72 78.81 23.29 -11.77
CA ASP E 72 78.12 22.63 -10.69
C ASP E 72 77.07 23.51 -10.01
N GLU E 73 77.18 24.82 -10.15
CA GLU E 73 76.16 25.72 -9.60
C GLU E 73 74.77 25.34 -10.10
N PHE E 74 74.63 25.15 -11.41
CA PHE E 74 73.35 24.77 -11.97
C PHE E 74 72.88 23.42 -11.45
N TYR E 75 73.81 22.47 -11.33
CA TYR E 75 73.47 21.18 -10.72
C TYR E 75 72.88 21.35 -9.32
N ASN E 76 73.56 22.08 -8.44
CA ASN E 76 73.08 22.25 -7.08
C ASN E 76 71.74 23.00 -7.04
N HIS E 77 71.58 24.01 -7.88
CA HIS E 77 70.30 24.71 -8.01
C HIS E 77 69.19 23.73 -8.35
N ILE E 78 69.38 22.97 -9.42
CA ILE E 78 68.40 21.97 -9.85
C ILE E 78 68.12 21.00 -8.72
N LEU E 79 69.16 20.55 -8.02
CA LEU E 79 68.96 19.60 -6.93
C LEU E 79 68.09 20.18 -5.82
N GLU E 80 68.34 21.43 -5.44
CA GLU E 80 67.51 22.05 -4.40
C GLU E 80 66.05 22.13 -4.83
N ARG E 81 65.81 22.47 -6.09
CA ARG E 81 64.42 22.52 -6.54
C ARG E 81 63.81 21.13 -6.68
N ALA E 82 64.61 20.12 -7.04
CA ALA E 82 64.13 18.74 -7.05
C ALA E 82 63.73 18.28 -5.66
N VAL E 83 64.49 18.67 -4.64
CA VAL E 83 64.09 18.37 -3.26
C VAL E 83 62.78 19.04 -2.92
N GLY E 84 62.61 20.31 -3.30
CA GLY E 84 61.33 20.97 -3.06
C GLY E 84 60.17 20.26 -3.73
N LYS E 85 60.34 19.89 -5.01
CA LYS E 85 59.33 19.14 -5.71
C LYS E 85 59.03 17.82 -5.03
N ALA E 86 60.05 17.12 -4.56
CA ALA E 86 59.81 15.86 -3.87
C ALA E 86 59.04 16.05 -2.58
N GLU E 87 59.36 17.11 -1.82
CA GLU E 87 58.66 17.36 -0.56
C GLU E 87 57.20 17.74 -0.74
N ARG E 88 56.84 18.43 -1.82
CA ARG E 88 55.41 18.57 -2.12
C ARG E 88 54.76 17.39 -2.85
N ALA E 89 55.52 16.63 -3.66
CA ALA E 89 54.91 15.51 -4.36
C ALA E 89 54.41 14.44 -3.39
N LEU E 90 55.20 14.17 -2.35
CA LEU E 90 54.78 13.38 -1.21
C LEU E 90 54.69 14.30 0.00
N ASP E 91 53.63 14.17 0.78
CA ASP E 91 53.36 15.12 1.87
C ASP E 91 54.27 14.86 3.06
N ILE E 92 55.55 15.20 2.89
CA ILE E 92 56.61 14.76 3.80
C ILE E 92 57.57 15.92 4.04
N SER E 93 58.35 15.79 5.10
CA SER E 93 59.50 16.65 5.38
C SER E 93 60.77 15.83 5.25
N ILE E 94 61.68 16.28 4.40
CA ILE E 94 62.87 15.50 4.08
C ILE E 94 64.05 15.97 4.93
N LEU E 95 64.49 17.21 4.72
CA LEU E 95 65.62 17.70 5.49
C LEU E 95 65.19 18.05 6.92
N PRO E 96 65.96 17.65 7.93
CA PRO E 96 65.60 18.01 9.32
C PRO E 96 65.38 19.51 9.49
N ASP E 97 64.30 19.85 10.19
CA ASP E 97 64.03 21.22 10.57
C ASP E 97 63.24 21.24 11.87
N THR E 98 63.41 22.33 12.63
CA THR E 98 62.66 22.53 13.86
C THR E 98 61.31 23.16 13.54
N GLN E 99 60.23 22.49 13.93
CA GLN E 99 58.88 22.96 13.69
C GLN E 99 58.27 23.45 15.00
N HIS E 100 57.67 24.64 14.96
CA HIS E 100 56.92 25.19 16.07
C HIS E 100 55.49 25.41 15.61
N GLU E 101 54.55 24.68 16.21
CA GLU E 101 53.14 24.72 15.85
C GLU E 101 52.27 25.14 17.02
N MET E 102 51.26 25.96 16.72
CA MET E 102 50.15 26.22 17.63
C MET E 102 48.92 25.50 17.06
N ARG E 103 48.38 24.56 17.83
CA ARG E 103 47.37 23.64 17.35
C ARG E 103 46.03 23.87 18.05
N ASP E 104 44.95 23.71 17.30
CA ASP E 104 43.60 23.90 17.81
C ASP E 104 43.20 22.78 18.76
N TYR E 105 42.48 23.15 19.82
CA TYR E 105 41.75 22.16 20.60
C TYR E 105 40.50 21.68 19.85
N HIS E 106 40.37 20.36 19.73
CA HIS E 106 39.11 19.75 19.31
C HIS E 106 38.73 18.65 20.28
N GLU E 107 37.48 18.66 20.73
CA GLU E 107 37.07 17.81 21.86
C GLU E 107 37.20 16.33 21.53
N THR E 108 36.78 15.92 20.33
CA THR E 108 36.82 14.50 19.96
C THR E 108 38.24 13.95 20.05
N GLU E 109 39.21 14.66 19.48
CA GLU E 109 40.57 14.15 19.47
C GLU E 109 41.26 14.38 20.81
N PHE E 110 40.87 15.44 21.52
CA PHE E 110 41.40 15.66 22.86
C PHE E 110 40.99 14.55 23.82
N ASN E 111 39.75 14.07 23.70
CA ASN E 111 39.34 12.91 24.48
C ASN E 111 40.09 11.64 24.07
N SER E 112 40.57 11.57 22.84
CA SER E 112 41.26 10.37 22.36
C SER E 112 42.75 10.38 22.74
N TYR E 113 42.99 10.48 24.05
CA TYR E 113 44.35 10.56 24.59
C TYR E 113 45.12 11.78 24.07
N MET E 114 44.42 12.90 23.92
CA MET E 114 45.03 14.16 23.50
C MET E 114 45.71 13.99 22.14
N PHE E 115 45.03 13.33 21.21
CA PHE E 115 45.59 13.06 19.90
C PHE E 115 45.81 14.37 19.14
N VAL E 116 47.01 14.53 18.59
CA VAL E 116 47.30 15.60 17.64
C VAL E 116 48.11 15.02 16.48
N HIS E 117 47.74 15.43 15.27
CA HIS E 117 48.49 15.13 14.06
C HIS E 117 49.38 16.31 13.70
N ALA E 118 50.69 16.07 13.61
CA ALA E 118 51.61 17.10 13.19
C ALA E 118 51.39 17.47 11.73
N TYR E 119 51.67 18.72 11.39
CA TYR E 119 51.57 19.14 10.00
C TYR E 119 52.68 18.53 9.14
N ARG E 120 53.82 18.21 9.75
CA ARG E 120 55.00 17.75 9.04
C ARG E 120 55.41 16.40 9.60
N LYS E 121 55.82 15.50 8.73
CA LYS E 121 56.20 14.15 9.10
C LYS E 121 57.34 13.69 8.23
N PRO E 122 58.15 12.70 8.70
CA PRO E 122 58.18 12.05 10.01
C PRO E 122 58.55 12.98 11.17
N ILE E 123 58.18 12.60 12.38
CA ILE E 123 58.76 13.19 13.58
C ILE E 123 60.08 12.50 13.86
N LEU E 124 61.17 13.29 13.93
CA LEU E 124 62.41 12.77 14.49
C LEU E 124 62.34 12.70 16.01
N GLN E 125 61.90 13.79 16.65
CA GLN E 125 61.65 13.77 18.08
C GLN E 125 60.74 14.94 18.43
N VAL E 126 60.04 14.81 19.55
CA VAL E 126 59.28 15.91 20.13
C VAL E 126 60.16 16.70 21.08
N GLU E 127 60.12 18.03 20.96
CA GLU E 127 60.94 18.91 21.78
C GLU E 127 60.16 19.55 22.92
N ASN E 128 58.90 19.89 22.72
CA ASN E 128 58.10 20.50 23.77
C ASN E 128 56.62 20.26 23.50
N LEU E 129 55.84 20.21 24.58
CA LEU E 129 54.41 20.02 24.49
C LEU E 129 53.76 20.64 25.71
N GLN E 130 52.93 21.66 25.51
CA GLN E 130 52.35 22.44 26.60
C GLN E 130 50.94 22.86 26.26
N LEU E 131 50.11 22.99 27.30
CA LEU E 131 48.82 23.63 27.21
C LEU E 131 48.93 25.01 27.82
N GLN E 132 48.47 26.04 27.10
CA GLN E 132 48.80 27.41 27.45
C GLN E 132 47.60 28.32 27.23
N PHE E 133 47.71 29.52 27.79
CA PHE E 133 46.66 30.55 27.73
C PHE E 133 47.33 31.91 27.64
N ASN E 134 47.24 32.54 26.46
CA ASN E 134 47.91 33.81 26.21
C ASN E 134 49.42 33.72 26.42
N GLY E 135 49.99 32.57 26.05
CA GLY E 135 51.40 32.32 26.26
C GLY E 135 51.78 31.86 27.65
N ARG E 136 50.88 31.95 28.62
CA ARG E 136 51.16 31.43 29.94
C ARG E 136 51.02 29.91 29.92
N PRO E 137 52.03 29.14 30.29
CA PRO E 137 51.82 27.69 30.44
C PRO E 137 50.80 27.43 31.55
N ILE E 138 49.67 26.84 31.17
CA ILE E 138 48.71 26.35 32.15
C ILE E 138 49.15 25.01 32.72
N TYR E 139 49.62 24.10 31.88
CA TYR E 139 50.22 22.87 32.36
C TYR E 139 51.29 22.42 31.38
N LYS E 140 52.39 21.88 31.94
CA LYS E 140 53.45 21.26 31.15
C LYS E 140 53.41 19.75 31.39
N TYR E 141 53.16 19.00 30.34
CA TYR E 141 52.99 17.56 30.47
C TYR E 141 54.35 16.89 30.69
N PRO E 142 54.48 16.01 31.69
CA PRO E 142 55.75 15.28 31.86
C PRO E 142 56.15 14.52 30.61
N ALA E 143 57.44 14.60 30.28
CA ALA E 143 57.95 13.98 29.07
C ALA E 143 57.77 12.46 29.07
N ASN E 144 57.63 11.84 30.24
CA ASN E 144 57.35 10.41 30.28
C ASN E 144 55.93 10.07 29.85
N TRP E 145 55.05 11.06 29.71
CA TRP E 145 53.72 10.82 29.17
C TRP E 145 53.66 10.85 27.65
N TRP E 146 54.63 11.50 27.00
CA TRP E 146 54.53 11.73 25.57
C TRP E 146 54.67 10.40 24.83
N LYS E 147 53.69 10.09 23.99
CA LYS E 147 53.73 8.91 23.13
C LYS E 147 53.82 9.39 21.69
N VAL E 148 54.89 9.01 21.00
CA VAL E 148 55.17 9.46 19.64
C VAL E 148 55.16 8.24 18.72
N GLU E 149 54.49 8.39 17.57
CA GLU E 149 54.61 7.45 16.45
C GLU E 149 55.24 8.22 15.31
N HIS E 150 56.47 7.86 14.97
CA HIS E 150 57.33 8.76 14.20
C HIS E 150 56.87 8.89 12.76
N LEU E 151 56.68 7.76 12.07
CA LEU E 151 56.31 7.84 10.66
C LEU E 151 54.88 8.33 10.48
N ALA E 152 53.98 8.02 11.42
CA ALA E 152 52.61 8.50 11.31
C ALA E 152 52.51 10.00 11.50
N GLY E 153 53.36 10.58 12.35
CA GLY E 153 53.18 11.97 12.73
C GLY E 153 52.16 12.19 13.81
N HIS E 154 51.98 11.23 14.71
CA HIS E 154 50.97 11.27 15.75
C HIS E 154 51.65 11.45 17.10
N VAL E 155 51.05 12.29 17.95
CA VAL E 155 51.47 12.45 19.33
C VAL E 155 50.25 12.29 20.22
N GLN E 156 50.44 11.60 21.35
CA GLN E 156 49.37 11.41 22.32
C GLN E 156 49.95 11.46 23.72
N LEU E 157 49.07 11.69 24.69
CA LEU E 157 49.39 11.58 26.11
C LEU E 157 48.67 10.41 26.71
N PHE E 158 49.38 9.62 27.53
CA PHE E 158 48.76 8.62 28.40
C PHE E 158 49.15 8.93 29.84
N PRO E 159 48.35 9.73 30.56
CA PRO E 159 48.81 10.22 31.87
C PRO E 159 49.06 9.08 32.85
N THR E 160 50.24 9.11 33.47
CA THR E 160 50.56 8.13 34.51
C THR E 160 49.86 8.44 35.82
N ALA E 161 49.74 9.73 36.15
CA ALA E 161 49.26 10.15 37.47
C ALA E 161 50.01 9.43 38.59
N GLY E 189 32.25 25.17 26.87
CA GLY E 189 31.07 25.73 26.25
C GLY E 189 31.08 25.66 24.73
N ALA E 190 32.19 25.18 24.16
CA ALA E 190 32.29 24.96 22.73
C ALA E 190 33.05 23.67 22.47
N THR E 191 32.81 23.09 21.29
CA THR E 191 33.43 21.83 20.91
C THR E 191 34.86 22.01 20.42
N PHE E 192 35.29 23.25 20.14
CA PHE E 192 36.64 23.52 19.71
C PHE E 192 37.06 24.89 20.21
N ALA E 193 38.37 25.11 20.26
CA ALA E 193 38.89 26.43 20.60
C ALA E 193 40.28 26.61 19.99
N PRO E 194 40.63 27.82 19.55
CA PRO E 194 41.86 28.01 18.77
C PRO E 194 43.13 28.00 19.60
N GLN E 195 44.15 27.34 19.06
CA GLN E 195 45.55 27.51 19.46
C GLN E 195 45.78 27.28 20.95
N MET E 196 45.06 26.33 21.54
CA MET E 196 45.30 26.03 22.94
C MET E 196 46.59 25.26 23.13
N ILE E 197 46.95 24.41 22.16
CA ILE E 197 48.06 23.47 22.30
C ILE E 197 49.28 24.05 21.61
N ARG E 198 50.40 24.09 22.33
CA ARG E 198 51.70 24.50 21.82
C ARG E 198 52.57 23.26 21.64
N LEU E 199 53.01 23.03 20.41
CA LEU E 199 53.81 21.85 20.07
C LEU E 199 55.07 22.27 19.32
N GLU E 200 56.23 21.93 19.88
CA GLU E 200 57.51 22.11 19.21
C GLU E 200 58.15 20.75 18.97
N TYR E 201 58.63 20.53 17.74
CA TYR E 201 59.22 19.24 17.39
C TYR E 201 60.19 19.46 16.22
N VAL E 202 61.00 18.43 15.97
CA VAL E 202 61.82 18.36 14.76
C VAL E 202 61.16 17.38 13.80
N SER E 203 60.87 17.85 12.58
CA SER E 203 60.47 16.99 11.48
C SER E 203 61.67 16.73 10.57
N GLY E 204 61.63 15.61 9.86
CA GLY E 204 62.64 15.31 8.86
C GLY E 204 63.01 13.84 8.78
N MET E 205 63.99 13.52 7.94
CA MET E 205 64.59 12.20 7.88
C MET E 205 66.11 12.31 8.04
N LEU E 206 66.68 11.31 8.67
CA LEU E 206 68.12 11.15 8.75
C LEU E 206 68.62 10.29 7.59
N PRO E 207 69.86 10.48 7.13
CA PRO E 207 70.41 9.55 6.15
C PRO E 207 70.54 8.17 6.75
N ARG E 208 70.18 7.15 5.97
CA ARG E 208 70.15 5.79 6.47
C ARG E 208 71.55 5.33 6.84
N LYS E 209 71.64 4.54 7.90
CA LYS E 209 72.92 4.14 8.46
C LYS E 209 73.46 2.83 7.90
N LYS E 210 72.59 2.00 7.30
CA LYS E 210 72.99 0.73 6.72
C LYS E 210 72.59 0.68 5.27
N ALA E 211 73.32 -0.11 4.49
CA ALA E 211 72.94 -0.37 3.11
C ALA E 211 71.63 -1.12 3.03
N GLY E 212 70.77 -0.71 2.10
CA GLY E 212 69.56 -1.42 1.77
C GLY E 212 68.45 -1.33 2.79
N ARG E 213 68.69 -0.73 3.95
CA ARG E 213 67.76 -0.76 5.06
C ARG E 213 67.52 0.66 5.54
N ASN E 214 66.31 0.93 6.04
CA ASN E 214 66.03 2.19 6.70
C ASN E 214 65.08 1.97 7.86
N LYS E 215 65.32 2.68 8.96
CA LYS E 215 64.34 2.82 10.02
C LYS E 215 63.25 3.78 9.59
N PRO E 216 62.12 3.82 10.30
CA PRO E 216 61.03 4.71 9.89
C PRO E 216 61.42 6.18 9.86
N TRP E 217 62.44 6.58 10.61
CA TRP E 217 62.96 7.94 10.58
C TRP E 217 64.14 8.11 9.64
N GLU E 218 64.49 7.07 8.87
CA GLU E 218 65.59 7.11 7.92
C GLU E 218 65.05 7.15 6.50
N MET E 219 65.81 7.79 5.63
CA MET E 219 65.37 7.99 4.25
C MET E 219 65.31 6.67 3.50
N PRO E 220 64.22 6.35 2.81
CA PRO E 220 64.21 5.16 1.96
C PRO E 220 65.25 5.26 0.86
N PRO E 221 65.96 4.18 0.54
CA PRO E 221 67.05 4.27 -0.47
C PRO E 221 66.66 4.86 -1.81
N GLU E 222 65.41 4.70 -2.28
CA GLU E 222 65.04 5.14 -3.62
C GLU E 222 64.32 6.48 -3.64
N LEU E 223 64.02 7.07 -2.50
CA LEU E 223 63.63 8.49 -2.52
C LEU E 223 64.82 9.34 -2.96
N GLU E 224 66.03 8.92 -2.61
CA GLU E 224 67.22 9.53 -3.17
C GLU E 224 67.21 9.44 -4.69
N GLN E 225 66.89 8.25 -5.23
CA GLN E 225 66.86 8.08 -6.67
C GLN E 225 65.75 8.89 -7.30
N LEU E 226 64.63 9.09 -6.59
CA LEU E 226 63.56 9.95 -7.10
C LEU E 226 64.05 11.39 -7.26
N VAL E 227 64.73 11.91 -6.24
CA VAL E 227 65.28 13.27 -6.35
C VAL E 227 66.31 13.34 -7.47
N ILE E 228 67.11 12.30 -7.63
CA ILE E 228 68.04 12.22 -8.76
C ILE E 228 67.29 12.31 -10.07
N LYS E 229 66.27 11.46 -10.25
CA LYS E 229 65.49 11.49 -11.49
C LYS E 229 64.90 12.86 -11.77
N TYR E 230 64.38 13.55 -10.76
CA TYR E 230 63.87 14.89 -10.97
C TYR E 230 64.97 15.84 -11.46
N ALA E 231 66.13 15.80 -10.84
CA ALA E 231 67.25 16.62 -11.33
C ALA E 231 67.61 16.25 -12.77
N LEU E 232 67.84 14.97 -13.01
CA LEU E 232 68.19 14.45 -14.32
C LEU E 232 67.23 14.90 -15.40
N LYS E 233 65.94 14.98 -15.09
CA LYS E 233 64.98 15.41 -16.11
C LYS E 233 65.22 16.85 -16.55
N GLU E 234 65.64 17.72 -15.63
CA GLU E 234 65.97 19.08 -16.03
C GLU E 234 67.29 19.12 -16.78
N ILE E 235 68.27 18.35 -16.34
CA ILE E 235 69.56 18.37 -17.02
C ILE E 235 69.40 17.84 -18.44
N TYR E 236 68.57 16.81 -18.62
CA TYR E 236 68.23 16.36 -19.96
C TYR E 236 67.48 17.41 -20.78
N GLN E 237 66.62 18.21 -20.16
CA GLN E 237 65.99 19.27 -20.95
C GLN E 237 67.00 20.28 -21.44
N VAL E 238 67.99 20.62 -20.61
CA VAL E 238 69.04 21.52 -21.06
C VAL E 238 69.89 20.88 -22.16
N TRP E 239 70.44 19.70 -21.87
CA TRP E 239 71.32 19.02 -22.82
C TRP E 239 70.64 18.74 -24.16
N GLY E 240 69.35 18.42 -24.15
CA GLY E 240 68.64 18.11 -25.38
C GLY E 240 68.58 19.25 -26.37
N ASN E 241 68.90 20.48 -25.96
CA ASN E 241 69.03 21.55 -26.94
C ASN E 241 70.36 21.52 -27.68
N LEU E 242 71.40 20.92 -27.10
CA LEU E 242 72.75 21.13 -27.58
C LEU E 242 73.33 19.93 -28.33
N ILE E 243 72.64 18.80 -28.36
CA ILE E 243 73.16 17.63 -29.05
C ILE E 243 73.33 17.89 -30.54
N ILE E 244 72.47 18.73 -31.12
CA ILE E 244 72.51 19.11 -32.52
C ILE E 244 72.27 20.61 -32.53
N GLY E 245 72.54 21.26 -33.66
CA GLY E 245 72.09 22.63 -33.78
C GLY E 245 70.61 22.77 -33.50
N ALA E 246 70.23 23.94 -32.99
CA ALA E 246 68.85 24.20 -32.59
C ALA E 246 67.87 24.03 -33.74
N GLY E 247 66.85 23.20 -33.54
CA GLY E 247 65.79 23.10 -34.53
C GLY E 247 66.14 22.41 -35.83
N ILE E 248 67.34 21.86 -35.96
CA ILE E 248 67.72 21.18 -37.19
C ILE E 248 67.13 19.79 -37.17
N ALA E 249 66.47 19.42 -38.27
CA ALA E 249 65.89 18.09 -38.43
C ALA E 249 66.43 17.35 -39.65
N ASN E 250 67.04 18.05 -40.59
CA ASN E 250 67.86 17.40 -41.61
C ASN E 250 68.97 18.36 -42.01
N LYS E 251 70.10 17.82 -42.40
CA LYS E 251 71.14 18.62 -43.04
C LYS E 251 71.86 17.78 -44.08
N THR E 252 72.30 18.44 -45.14
CA THR E 252 73.25 17.86 -46.08
C THR E 252 74.30 18.93 -46.40
N LEU E 253 75.56 18.51 -46.46
CA LEU E 253 76.63 19.36 -46.99
C LEU E 253 77.46 18.54 -47.97
N GLU E 254 77.72 19.11 -49.15
CA GLU E 254 78.60 18.51 -50.13
C GLU E 254 79.63 19.55 -50.53
N VAL E 255 80.90 19.19 -50.43
CA VAL E 255 82.01 20.07 -50.79
C VAL E 255 83.10 19.21 -51.40
N ASP E 256 83.51 19.55 -52.63
CA ASP E 256 84.71 18.98 -53.26
C ASP E 256 84.74 17.46 -53.17
N GLY E 257 83.63 16.83 -53.50
CA GLY E 257 83.56 15.38 -53.50
C GLY E 257 83.43 14.74 -52.14
N ILE E 258 83.31 15.51 -51.06
CA ILE E 258 82.98 14.99 -49.75
C ILE E 258 81.52 15.33 -49.48
N THR E 259 80.75 14.33 -49.04
CA THR E 259 79.34 14.52 -48.72
C THR E 259 79.07 14.02 -47.30
N GLU E 260 78.32 14.80 -46.55
CA GLU E 260 77.79 14.40 -45.25
C GLU E 260 76.29 14.66 -45.23
N THR E 261 75.55 13.79 -44.56
CA THR E 261 74.10 13.93 -44.49
C THR E 261 73.64 13.29 -43.19
N ILE E 262 72.87 14.03 -42.40
CA ILE E 262 72.44 13.59 -41.07
C ILE E 262 70.93 13.75 -40.97
N GLY E 263 70.25 12.69 -40.55
CA GLY E 263 68.92 12.77 -40.00
C GLY E 263 69.05 12.65 -38.50
N THR E 264 68.16 13.28 -37.75
CA THR E 264 68.34 13.43 -36.32
C THR E 264 67.07 13.11 -35.55
N THR E 265 67.27 12.85 -34.26
CA THR E 265 66.23 12.60 -33.27
C THR E 265 65.41 13.83 -32.93
N GLN E 266 65.82 15.02 -33.37
CA GLN E 266 64.92 16.15 -33.25
C GLN E 266 63.76 16.00 -34.24
N SER E 267 62.63 16.62 -33.90
CA SER E 267 61.49 16.66 -34.79
C SER E 267 60.61 17.83 -34.40
N ALA E 268 59.64 18.12 -35.26
CA ALA E 268 58.67 19.17 -34.98
C ALA E 268 57.79 18.89 -33.75
N MET E 269 57.65 17.64 -33.33
CA MET E 269 56.97 17.32 -32.07
C MET E 269 57.94 17.15 -30.90
N TYR E 270 58.83 16.17 -30.99
CA TYR E 270 59.65 15.73 -29.86
C TYR E 270 61.03 16.35 -29.90
N GLY E 271 61.47 16.87 -28.75
CA GLY E 271 62.81 17.38 -28.61
C GLY E 271 63.86 16.29 -28.53
N GLY E 272 65.12 16.72 -28.67
CA GLY E 272 66.23 15.82 -28.86
C GLY E 272 66.45 14.83 -27.74
N ALA E 273 65.95 15.12 -26.54
CA ALA E 273 66.08 14.21 -25.39
C ALA E 273 64.72 13.72 -24.93
N SER E 274 63.69 13.85 -25.77
CA SER E 274 62.37 13.31 -25.48
C SER E 274 62.40 11.90 -24.93
N ALA E 275 63.13 11.00 -25.60
CA ALA E 275 63.13 9.59 -25.22
C ALA E 275 63.57 9.39 -23.76
N GLN E 276 64.73 9.95 -23.41
CA GLN E 276 65.22 9.80 -22.04
C GLN E 276 64.24 10.40 -21.04
N ILE E 277 63.68 11.57 -21.34
CA ILE E 277 62.71 12.20 -20.45
C ILE E 277 61.49 11.32 -20.24
N LEU E 278 60.96 10.76 -21.33
CA LEU E 278 59.85 9.81 -21.22
C LEU E 278 60.19 8.64 -20.31
N GLN E 279 61.37 8.05 -20.50
CA GLN E 279 61.77 6.95 -19.62
C GLN E 279 61.84 7.38 -18.17
N ILE E 280 62.48 8.52 -17.92
CA ILE E 280 62.55 9.07 -16.56
C ILE E 280 61.15 9.28 -15.99
N ASN E 281 60.21 9.77 -16.81
CA ASN E 281 58.83 9.90 -16.35
C ASN E 281 58.25 8.56 -15.93
N GLU E 282 58.52 7.51 -16.69
CA GLU E 282 58.10 6.17 -16.28
C GLU E 282 58.67 5.79 -14.91
N ASP E 283 60.00 5.93 -14.77
CA ASP E 283 60.63 5.61 -13.49
C ASP E 283 60.03 6.42 -12.34
N ILE E 284 59.82 7.72 -12.55
CA ILE E 284 59.17 8.56 -11.55
C ILE E 284 57.80 8.01 -11.19
N LYS E 285 57.02 7.64 -12.20
CA LYS E 285 55.69 7.10 -11.95
C LYS E 285 55.74 5.88 -11.04
N GLU E 286 56.60 4.91 -11.38
CA GLU E 286 56.73 3.72 -10.53
C GLU E 286 57.20 4.06 -9.12
N LEU E 287 58.22 4.92 -9.01
CA LEU E 287 58.72 5.28 -7.69
C LEU E 287 57.65 5.97 -6.86
N LEU E 288 56.91 6.89 -7.46
CA LEU E 288 55.86 7.60 -6.74
C LEU E 288 54.72 6.67 -6.35
N ASP E 289 54.37 5.72 -7.20
CA ASP E 289 53.41 4.69 -6.81
C ASP E 289 53.86 3.97 -5.54
N GLY E 290 55.10 3.49 -5.55
CA GLY E 290 55.61 2.79 -4.37
C GLY E 290 55.61 3.65 -3.13
N LEU E 291 56.08 4.90 -3.26
CA LEU E 291 56.18 5.78 -2.10
C LEU E 291 54.81 6.25 -1.60
N ARG E 292 53.84 6.45 -2.50
CA ARG E 292 52.47 6.73 -2.08
C ARG E 292 51.77 5.48 -1.57
N ALA E 293 52.38 4.31 -1.70
CA ALA E 293 51.93 3.17 -0.92
C ALA E 293 52.63 3.10 0.43
N TYR E 294 53.86 3.62 0.51
CA TYR E 294 54.59 3.60 1.78
C TYR E 294 54.02 4.59 2.78
N PHE E 295 53.91 5.86 2.40
CA PHE E 295 53.09 6.81 3.14
C PHE E 295 51.61 6.60 2.83
N GLY E 296 50.77 6.80 3.84
CA GLY E 296 49.36 6.47 3.74
C GLY E 296 48.53 7.56 3.10
N TYR E 297 47.24 7.26 2.98
CA TYR E 297 46.23 8.26 2.62
C TYR E 297 45.96 9.21 3.78
N ASN E 298 45.84 10.49 3.46
CA ASN E 298 45.46 11.48 4.46
C ASN E 298 43.97 11.38 4.77
N MET E 299 43.63 11.66 6.03
CA MET E 299 42.25 11.59 6.48
C MET E 299 42.06 12.57 7.63
N ILE E 300 40.82 13.08 7.76
CA ILE E 300 40.43 13.85 8.93
C ILE E 300 38.95 13.61 9.18
N GLY E 301 38.57 13.67 10.46
CA GLY E 301 37.18 13.56 10.86
C GLY E 301 36.59 14.94 11.10
N LEU E 302 35.43 15.18 10.50
CA LEU E 302 34.72 16.45 10.65
C LEU E 302 33.44 16.26 11.45
N LEU F 17 62.78 -30.28 27.25
CA LEU F 17 63.43 -29.60 26.14
C LEU F 17 64.40 -28.54 26.64
N ASN F 18 65.51 -28.38 25.91
CA ASN F 18 66.50 -27.35 26.19
C ASN F 18 66.82 -26.59 24.92
N TYR F 19 66.92 -25.27 25.03
CA TYR F 19 67.08 -24.40 23.88
C TYR F 19 67.58 -23.05 24.36
N GLU F 20 68.12 -22.28 23.44
CA GLU F 20 68.42 -20.88 23.71
C GLU F 20 67.11 -20.13 23.96
N TYR F 21 67.01 -19.48 25.11
CA TYR F 21 65.75 -19.20 25.79
C TYR F 21 64.62 -18.75 24.89
N PRO F 22 64.75 -17.63 24.17
CA PRO F 22 63.59 -17.15 23.40
C PRO F 22 63.16 -18.08 22.28
N TYR F 23 64.03 -18.97 21.82
CA TYR F 23 63.82 -19.68 20.55
C TYR F 23 63.20 -21.07 20.80
N HIS F 24 62.04 -21.07 21.43
CA HIS F 24 61.34 -22.32 21.69
C HIS F 24 61.08 -23.03 20.36
N PRO F 25 61.47 -24.31 20.22
CA PRO F 25 61.56 -24.90 18.88
C PRO F 25 60.24 -25.11 18.16
N SER F 26 59.11 -25.06 18.86
CA SER F 26 57.80 -25.11 18.20
C SER F 26 57.29 -23.73 17.81
N GLY F 27 57.27 -22.80 18.77
CA GLY F 27 56.60 -21.54 18.58
C GLY F 27 57.48 -20.45 17.99
N ASN F 28 58.79 -20.55 18.20
CA ASN F 28 59.71 -19.52 17.76
C ASN F 28 61.06 -20.12 17.40
N PRO F 29 61.12 -21.10 16.50
CA PRO F 29 62.40 -21.71 16.15
C PRO F 29 63.42 -20.68 15.66
N LYS F 30 64.67 -20.90 16.04
CA LYS F 30 65.76 -20.03 15.61
C LYS F 30 66.07 -20.24 14.14
N HIS F 31 66.05 -19.15 13.36
CA HIS F 31 66.41 -19.19 11.96
C HIS F 31 67.71 -18.47 11.63
N ILE F 32 68.13 -17.50 12.45
CA ILE F 32 69.39 -16.79 12.21
C ILE F 32 70.02 -16.43 13.55
N ASP F 33 71.35 -16.37 13.56
CA ASP F 33 72.09 -15.81 14.68
C ASP F 33 72.21 -14.30 14.54
N VAL F 34 72.10 -13.60 15.66
CA VAL F 34 72.19 -12.14 15.69
C VAL F 34 73.59 -11.63 15.34
N SER F 35 74.55 -12.54 15.15
CA SER F 35 75.81 -12.16 14.52
C SER F 35 75.77 -12.25 13.00
N GLU F 36 74.95 -13.14 12.45
CA GLU F 36 74.92 -13.30 11.00
C GLU F 36 74.29 -12.09 10.31
N ILE F 37 73.40 -11.38 10.99
CA ILE F 37 72.80 -10.21 10.39
C ILE F 37 73.84 -9.16 10.03
N ASP F 38 75.00 -9.19 10.68
CA ASP F 38 76.11 -8.35 10.26
C ASP F 38 76.92 -8.98 9.12
N ASN F 39 76.94 -10.31 9.04
CA ASN F 39 77.79 -10.98 8.06
C ASN F 39 77.17 -11.09 6.68
N LEU F 40 75.86 -11.00 6.57
CA LEU F 40 75.22 -11.09 5.25
C LEU F 40 75.46 -9.83 4.43
N THR F 41 75.65 -10.04 3.13
CA THR F 41 75.96 -8.96 2.19
C THR F 41 75.15 -9.19 0.93
N LEU F 42 75.03 -8.14 0.12
CA LEU F 42 74.28 -8.23 -1.13
C LEU F 42 74.80 -9.37 -2.00
N ALA F 43 76.12 -9.56 -2.03
CA ALA F 43 76.71 -10.60 -2.86
C ALA F 43 76.28 -11.99 -2.40
N ASP F 44 75.91 -12.16 -1.13
CA ASP F 44 75.41 -13.45 -0.67
C ASP F 44 74.07 -13.82 -1.29
N TYR F 45 73.30 -12.84 -1.75
CA TYR F 45 72.07 -13.10 -2.49
C TYR F 45 72.29 -13.18 -3.99
N GLY F 46 73.53 -13.15 -4.45
CA GLY F 46 73.82 -13.21 -5.86
C GLY F 46 73.70 -11.91 -6.60
N TRP F 47 73.37 -10.82 -5.93
CA TRP F 47 73.32 -9.50 -6.55
C TRP F 47 74.73 -8.93 -6.60
N SER F 48 75.38 -9.09 -7.74
CA SER F 48 76.77 -8.71 -7.92
C SER F 48 76.93 -8.10 -9.31
N PRO F 49 77.90 -7.18 -9.49
CA PRO F 49 78.18 -6.68 -10.84
C PRO F 49 78.37 -7.78 -11.87
N ASP F 50 79.07 -8.85 -11.51
CA ASP F 50 79.25 -9.97 -12.42
C ASP F 50 77.91 -10.54 -12.88
N ALA F 51 76.93 -10.63 -11.98
CA ALA F 51 75.61 -11.12 -12.37
C ALA F 51 74.95 -10.21 -13.41
N VAL F 52 75.06 -8.90 -13.23
CA VAL F 52 74.52 -7.98 -14.23
C VAL F 52 75.24 -8.18 -15.56
N LYS F 53 76.57 -8.10 -15.55
CA LYS F 53 77.31 -8.32 -16.79
C LYS F 53 76.93 -9.64 -17.45
N ALA F 54 76.70 -10.69 -16.64
CA ALA F 54 76.24 -11.96 -17.18
C ALA F 54 74.94 -11.77 -17.95
N TYR F 55 74.02 -10.96 -17.40
CA TYR F 55 72.80 -10.69 -18.15
C TYR F 55 73.01 -9.73 -19.31
N MET F 56 74.17 -9.07 -19.40
CA MET F 56 74.57 -8.29 -20.56
C MET F 56 75.77 -8.92 -21.26
N PHE F 57 75.77 -10.25 -21.38
CA PHE F 57 76.81 -10.94 -22.13
C PHE F 57 76.96 -10.38 -23.53
N GLY F 58 78.21 -10.16 -23.92
CA GLY F 58 78.53 -9.61 -25.22
C GLY F 58 78.37 -8.12 -25.35
N ILE F 59 78.03 -7.42 -24.27
CA ILE F 59 78.01 -5.97 -24.25
C ILE F 59 79.06 -5.50 -23.25
N VAL F 60 79.69 -4.36 -23.53
CA VAL F 60 80.52 -3.67 -22.57
C VAL F 60 80.20 -2.17 -22.61
N VAL F 61 80.13 -1.56 -21.44
CA VAL F 61 79.80 -0.15 -21.31
C VAL F 61 81.09 0.58 -20.97
N GLN F 62 81.47 1.52 -21.84
CA GLN F 62 82.76 2.18 -21.73
C GLN F 62 82.64 3.58 -22.30
N ASN F 63 83.44 4.49 -21.79
CA ASN F 63 83.37 5.87 -22.25
C ASN F 63 83.85 5.91 -23.69
N PRO F 64 83.04 6.39 -24.64
CA PRO F 64 83.43 6.22 -26.06
C PRO F 64 84.72 6.91 -26.42
N ASP F 65 85.02 8.07 -25.80
CA ASP F 65 86.28 8.75 -26.07
C ASP F 65 87.41 8.28 -25.17
N THR F 66 87.11 7.97 -23.90
CA THR F 66 88.17 7.63 -22.95
C THR F 66 88.43 6.14 -22.90
N GLY F 67 87.47 5.31 -23.31
CA GLY F 67 87.64 3.87 -23.34
C GLY F 67 87.53 3.16 -22.01
N GLN F 68 87.60 3.87 -20.89
CA GLN F 68 87.58 3.19 -19.61
C GLN F 68 86.19 2.59 -19.35
N PRO F 69 86.11 1.36 -18.84
CA PRO F 69 84.79 0.79 -18.50
C PRO F 69 84.21 1.42 -17.25
N MET F 70 82.88 1.36 -17.16
CA MET F 70 82.16 1.83 -16.00
C MET F 70 82.50 0.96 -14.78
N GLY F 71 82.80 1.61 -13.66
CA GLY F 71 83.24 0.89 -12.49
C GLY F 71 82.11 0.22 -11.72
N ASP F 72 82.51 -0.81 -10.95
CA ASP F 72 81.57 -1.58 -10.15
C ASP F 72 80.85 -0.75 -9.08
N GLU F 73 81.41 0.39 -8.68
CA GLU F 73 80.73 1.27 -7.73
C GLU F 73 79.32 1.60 -8.18
N PHE F 74 79.18 2.03 -9.43
CA PHE F 74 77.85 2.37 -9.95
C PHE F 74 76.94 1.15 -9.98
N TYR F 75 77.47 -0.01 -10.36
CA TYR F 75 76.69 -1.24 -10.30
C TYR F 75 76.13 -1.50 -8.92
N ASN F 76 76.98 -1.46 -7.89
CA ASN F 76 76.52 -1.72 -6.53
C ASN F 76 75.53 -0.67 -6.05
N HIS F 77 75.77 0.59 -6.40
CA HIS F 77 74.81 1.66 -6.11
C HIS F 77 73.44 1.33 -6.68
N ILE F 78 73.39 1.07 -7.97
CA ILE F 78 72.15 0.71 -8.65
C ILE F 78 71.51 -0.50 -7.99
N LEU F 79 72.31 -1.51 -7.64
CA LEU F 79 71.75 -2.70 -7.02
C LEU F 79 71.09 -2.39 -5.68
N GLU F 80 71.74 -1.57 -4.85
CA GLU F 80 71.15 -1.21 -3.57
C GLU F 80 69.82 -0.46 -3.76
N ARG F 81 69.76 0.43 -4.75
CA ARG F 81 68.50 1.12 -4.98
C ARG F 81 67.45 0.22 -5.61
N ALA F 82 67.86 -0.75 -6.43
CA ALA F 82 66.91 -1.74 -6.94
C ALA F 82 66.32 -2.58 -5.82
N VAL F 83 67.14 -2.94 -4.82
CA VAL F 83 66.62 -3.64 -3.66
C VAL F 83 65.63 -2.75 -2.91
N GLY F 84 65.96 -1.46 -2.74
CA GLY F 84 65.00 -0.57 -2.09
C GLY F 84 63.68 -0.49 -2.83
N LYS F 85 63.74 -0.34 -4.16
CA LYS F 85 62.53 -0.34 -4.97
C LYS F 85 61.74 -1.62 -4.80
N ALA F 86 62.42 -2.76 -4.79
CA ALA F 86 61.71 -4.03 -4.60
C ALA F 86 61.05 -4.11 -3.21
N GLU F 87 61.75 -3.63 -2.18
CA GLU F 87 61.21 -3.68 -0.83
C GLU F 87 60.00 -2.79 -0.61
N ARG F 88 59.91 -1.65 -1.30
CA ARG F 88 58.63 -0.94 -1.31
C ARG F 88 57.61 -1.44 -2.33
N ALA F 89 58.03 -2.01 -3.46
CA ALA F 89 57.07 -2.50 -4.44
C ALA F 89 56.25 -3.65 -3.87
N LEU F 90 56.90 -4.54 -3.13
CA LEU F 90 56.23 -5.55 -2.33
C LEU F 90 56.48 -5.21 -0.87
N ASP F 91 55.44 -5.29 -0.05
CA ASP F 91 55.52 -4.81 1.33
C ASP F 91 56.29 -5.80 2.21
N ILE F 92 57.61 -5.87 1.99
CA ILE F 92 58.43 -6.95 2.52
C ILE F 92 59.74 -6.36 3.04
N SER F 93 60.42 -7.14 3.87
CA SER F 93 61.79 -6.86 4.30
C SER F 93 62.71 -7.94 3.73
N ILE F 94 63.73 -7.53 3.00
CA ILE F 94 64.59 -8.47 2.29
C ILE F 94 65.83 -8.74 3.14
N LEU F 95 66.67 -7.72 3.34
CA LEU F 95 67.88 -7.93 4.12
C LEU F 95 67.54 -8.00 5.62
N PRO F 96 68.08 -8.97 6.35
CA PRO F 96 67.82 -9.05 7.79
C PRO F 96 68.11 -7.74 8.52
N ASP F 97 67.18 -7.34 9.39
CA ASP F 97 67.38 -6.19 10.26
C ASP F 97 66.60 -6.39 11.54
N THR F 98 67.09 -5.80 12.62
CA THR F 98 66.40 -5.83 13.91
C THR F 98 65.38 -4.71 13.97
N GLN F 99 64.13 -5.07 14.21
CA GLN F 99 63.02 -4.13 14.30
C GLN F 99 62.59 -4.00 15.75
N HIS F 100 62.44 -2.77 16.22
CA HIS F 100 61.91 -2.48 17.55
C HIS F 100 60.64 -1.66 17.38
N GLU F 101 59.50 -2.22 17.79
CA GLU F 101 58.19 -1.60 17.64
C GLU F 101 57.51 -1.39 18.98
N MET F 102 56.85 -0.24 19.12
CA MET F 102 55.88 0.01 20.19
C MET F 102 54.50 0.00 19.55
N ARG F 103 53.65 -0.93 19.98
CA ARG F 103 52.38 -1.20 19.31
C ARG F 103 51.20 -0.84 20.20
N ASP F 104 50.14 -0.34 19.57
CA ASP F 104 48.94 0.07 20.28
C ASP F 104 48.14 -1.14 20.78
N TYR F 105 47.57 -0.98 21.96
CA TYR F 105 46.53 -1.90 22.43
C TYR F 105 45.21 -1.64 21.70
N HIS F 106 44.64 -2.70 21.14
CA HIS F 106 43.25 -2.68 20.67
C HIS F 106 42.51 -3.88 21.25
N GLU F 107 41.33 -3.62 21.80
CA GLU F 107 40.63 -4.64 22.59
C GLU F 107 40.24 -5.85 21.75
N THR F 108 39.74 -5.60 20.54
CA THR F 108 39.29 -6.70 19.68
C THR F 108 40.43 -7.67 19.40
N GLU F 109 41.58 -7.15 19.01
CA GLU F 109 42.70 -8.02 18.64
C GLU F 109 43.42 -8.55 19.87
N PHE F 110 43.41 -7.79 20.97
CA PHE F 110 43.97 -8.29 22.22
C PHE F 110 43.19 -9.49 22.74
N ASN F 111 41.87 -9.47 22.63
CA ASN F 111 41.09 -10.64 22.98
C ASN F 111 41.36 -11.81 22.05
N SER F 112 41.80 -11.55 20.82
CA SER F 112 42.04 -12.61 19.83
C SER F 112 43.43 -13.23 20.01
N TYR F 113 43.67 -13.75 21.20
CA TYR F 113 44.96 -14.35 21.56
C TYR F 113 46.10 -13.35 21.44
N MET F 114 45.85 -12.09 21.80
CA MET F 114 46.89 -11.06 21.79
C MET F 114 47.49 -10.94 20.39
N PHE F 115 46.62 -10.94 19.38
CA PHE F 115 47.07 -10.89 17.99
C PHE F 115 47.75 -9.55 17.70
N VAL F 116 48.94 -9.60 17.11
CA VAL F 116 49.61 -8.43 16.57
C VAL F 116 50.18 -8.76 15.21
N HIS F 117 50.01 -7.84 14.26
CA HIS F 117 50.66 -7.90 12.95
C HIS F 117 51.89 -7.00 12.96
N ALA F 118 53.05 -7.58 12.66
CA ALA F 118 54.26 -6.79 12.55
C ALA F 118 54.20 -5.86 11.35
N TYR F 119 54.89 -4.72 11.46
CA TYR F 119 54.96 -3.80 10.33
C TYR F 119 55.81 -4.35 9.20
N ARG F 120 56.76 -5.22 9.51
CA ARG F 120 57.72 -5.74 8.55
C ARG F 120 57.64 -7.25 8.52
N LYS F 121 57.73 -7.83 7.33
CA LYS F 121 57.60 -9.27 7.14
C LYS F 121 58.55 -9.69 6.02
N PRO F 122 58.96 -10.98 6.00
CA PRO F 122 58.73 -12.05 6.97
C PRO F 122 59.37 -11.80 8.33
N ILE F 123 58.87 -12.47 9.36
CA ILE F 123 59.58 -12.58 10.63
C ILE F 123 60.60 -13.70 10.51
N LEU F 124 61.88 -13.37 10.75
CA LEU F 124 62.87 -14.42 10.96
C LEU F 124 62.75 -15.01 12.36
N GLN F 125 62.68 -14.16 13.38
CA GLN F 125 62.40 -14.63 14.73
C GLN F 125 61.93 -13.47 15.59
N VAL F 126 61.20 -13.79 16.65
CA VAL F 126 60.82 -12.83 17.68
C VAL F 126 61.92 -12.80 18.74
N GLU F 127 62.33 -11.59 19.13
CA GLU F 127 63.38 -11.40 20.12
C GLU F 127 62.86 -11.06 21.50
N ASN F 128 61.78 -10.28 21.59
CA ASN F 128 61.23 -9.92 22.88
C ASN F 128 59.76 -9.56 22.72
N LEU F 129 58.99 -9.77 23.78
CA LEU F 129 57.57 -9.43 23.77
C LEU F 129 57.12 -9.16 25.19
N GLN F 130 56.67 -7.94 25.45
CA GLN F 130 56.32 -7.50 26.80
C GLN F 130 55.13 -6.57 26.75
N LEU F 131 54.36 -6.61 27.83
CA LEU F 131 53.32 -5.63 28.10
C LEU F 131 53.86 -4.69 29.16
N GLN F 132 53.76 -3.37 28.91
CA GLN F 132 54.51 -2.40 29.69
C GLN F 132 53.65 -1.18 29.98
N PHE F 133 54.14 -0.37 30.93
CA PHE F 133 53.47 0.83 31.40
C PHE F 133 54.51 1.89 31.71
N ASN F 134 54.58 2.93 30.88
CA ASN F 134 55.59 3.98 30.99
C ASN F 134 57.00 3.39 30.89
N GLY F 135 57.16 2.39 30.05
CA GLY F 135 58.42 1.69 29.91
C GLY F 135 58.68 0.64 30.96
N ARG F 136 57.92 0.61 32.03
CA ARG F 136 58.06 -0.44 33.03
C ARG F 136 57.43 -1.73 32.50
N PRO F 137 58.15 -2.84 32.40
CA PRO F 137 57.47 -4.10 32.10
C PRO F 137 56.49 -4.46 33.21
N ILE F 138 55.21 -4.52 32.84
CA ILE F 138 54.21 -5.04 33.76
C ILE F 138 54.22 -6.56 33.77
N TYR F 139 54.33 -7.19 32.61
CA TYR F 139 54.54 -8.64 32.56
C TYR F 139 55.37 -9.00 31.35
N LYS F 140 56.23 -9.99 31.53
CA LYS F 140 57.01 -10.58 30.44
C LYS F 140 56.47 -11.98 30.16
N TYR F 141 55.97 -12.19 28.95
CA TYR F 141 55.31 -13.45 28.61
C TYR F 141 56.34 -14.56 28.43
N PRO F 142 56.15 -15.73 29.05
CA PRO F 142 57.08 -16.85 28.82
C PRO F 142 57.22 -17.19 27.35
N ALA F 143 58.45 -17.45 26.94
CA ALA F 143 58.75 -17.74 25.54
C ALA F 143 58.05 -18.98 25.02
N ASN F 144 57.65 -19.90 25.89
CA ASN F 144 56.88 -21.05 25.44
C ASN F 144 55.45 -20.70 25.04
N TRP F 145 54.99 -19.49 25.33
CA TRP F 145 53.69 -19.03 24.86
C TRP F 145 53.72 -18.42 23.47
N TRP F 146 54.87 -17.96 23.00
CA TRP F 146 54.93 -17.20 21.76
C TRP F 146 54.63 -18.11 20.57
N LYS F 147 53.63 -17.73 19.78
CA LYS F 147 53.29 -18.40 18.53
C LYS F 147 53.59 -17.46 17.38
N VAL F 148 54.46 -17.87 16.48
CA VAL F 148 54.91 -17.04 15.36
C VAL F 148 54.48 -17.71 14.06
N GLU F 149 53.91 -16.92 13.15
CA GLU F 149 53.70 -17.31 11.76
C GLU F 149 54.58 -16.40 10.91
N HIS F 150 55.60 -17.00 10.31
CA HIS F 150 56.73 -16.22 9.81
C HIS F 150 56.36 -15.40 8.58
N LEU F 151 55.81 -16.05 7.56
CA LEU F 151 55.50 -15.35 6.32
C LEU F 151 54.31 -14.41 6.48
N ALA F 152 53.36 -14.74 7.35
CA ALA F 152 52.23 -13.85 7.55
C ALA F 152 52.64 -12.58 8.29
N GLY F 153 53.61 -12.67 9.19
CA GLY F 153 53.91 -11.56 10.07
C GLY F 153 53.01 -11.48 11.27
N HIS F 154 52.52 -12.62 11.76
CA HIS F 154 51.58 -12.68 12.87
C HIS F 154 52.27 -13.24 14.10
N VAL F 155 51.99 -12.65 15.25
CA VAL F 155 52.42 -13.19 16.54
C VAL F 155 51.20 -13.28 17.44
N GLN F 156 51.12 -14.37 18.19
CA GLN F 156 50.02 -14.56 19.14
C GLN F 156 50.55 -15.26 20.38
N LEU F 157 49.79 -15.16 21.46
CA LEU F 157 50.02 -15.91 22.69
C LEU F 157 48.90 -16.93 22.87
N PHE F 158 49.29 -18.15 23.24
CA PHE F 158 48.35 -19.16 23.71
C PHE F 158 48.74 -19.59 25.12
N PRO F 159 48.18 -18.95 26.15
CA PRO F 159 48.68 -19.20 27.51
C PRO F 159 48.49 -20.65 27.92
N THR F 160 49.56 -21.25 28.43
CA THR F 160 49.47 -22.62 28.94
C THR F 160 48.77 -22.66 30.29
N ALA F 161 49.02 -21.67 31.14
CA ALA F 161 48.55 -21.70 32.51
C ALA F 161 48.91 -23.01 33.20
N GLY F 189 38.27 2.04 30.44
CA GLY F 189 37.33 3.07 30.07
C GLY F 189 37.37 3.44 28.60
N ALA F 190 38.31 2.86 27.86
CA ALA F 190 38.40 3.05 26.42
C ALA F 190 38.78 1.74 25.76
N THR F 191 38.43 1.62 24.48
CA THR F 191 38.66 0.41 23.71
C THR F 191 40.10 0.27 23.22
N PHE F 192 40.91 1.33 23.31
CA PHE F 192 42.30 1.26 22.88
C PHE F 192 43.14 2.18 23.76
N ALA F 193 44.45 1.95 23.76
CA ALA F 193 45.39 2.82 24.44
C ALA F 193 46.75 2.72 23.77
N PRO F 194 47.50 3.82 23.69
CA PRO F 194 48.72 3.85 22.86
C PRO F 194 49.92 3.13 23.45
N GLN F 195 50.62 2.42 22.58
CA GLN F 195 51.99 1.95 22.81
C GLN F 195 52.15 1.14 24.09
N MET F 196 51.14 0.32 24.41
CA MET F 196 51.25 -0.53 25.58
C MET F 196 52.21 -1.69 25.33
N ILE F 197 52.27 -2.20 24.11
CA ILE F 197 52.97 -3.43 23.80
C ILE F 197 54.33 -3.08 23.18
N ARG F 198 55.39 -3.64 23.74
CA ARG F 198 56.75 -3.51 23.21
C ARG F 198 57.15 -4.82 22.55
N LEU F 199 57.48 -4.75 21.26
CA LEU F 199 57.83 -5.94 20.46
C LEU F 199 59.14 -5.71 19.74
N GLU F 200 60.13 -6.57 20.00
CA GLU F 200 61.39 -6.60 19.27
C GLU F 200 61.52 -7.91 18.52
N TYR F 201 61.90 -7.83 17.25
CA TYR F 201 62.02 -9.01 16.40
C TYR F 201 63.01 -8.70 15.29
N VAL F 202 63.45 -9.74 14.60
CA VAL F 202 64.22 -9.62 13.37
C VAL F 202 63.31 -9.91 12.18
N SER F 203 63.22 -8.97 11.26
CA SER F 203 62.60 -9.17 9.95
C SER F 203 63.67 -9.42 8.90
N GLY F 204 63.26 -10.10 7.81
CA GLY F 204 64.14 -10.32 6.68
C GLY F 204 63.96 -11.66 5.99
N MET F 205 64.79 -11.94 4.99
CA MET F 205 64.86 -13.25 4.35
C MET F 205 66.28 -13.78 4.37
N LEU F 206 66.41 -15.11 4.50
CA LEU F 206 67.66 -15.83 4.34
C LEU F 206 67.87 -16.30 2.91
N PRO F 207 69.11 -16.41 2.44
CA PRO F 207 69.34 -17.04 1.13
C PRO F 207 68.92 -18.51 1.14
N ARG F 208 68.27 -18.93 0.06
CA ARG F 208 67.72 -20.28 0.00
C ARG F 208 68.83 -21.33 0.03
N LYS F 209 68.53 -22.46 0.67
CA LYS F 209 69.51 -23.50 0.93
C LYS F 209 69.55 -24.57 -0.15
N LYS F 210 68.50 -24.71 -0.96
CA LYS F 210 68.44 -25.70 -2.03
C LYS F 210 68.18 -25.01 -3.36
N ALA F 211 68.62 -25.64 -4.44
CA ALA F 211 68.28 -25.16 -5.76
C ALA F 211 66.79 -25.28 -6.00
N GLY F 212 66.22 -24.23 -6.61
CA GLY F 212 64.83 -24.26 -7.05
C GLY F 212 63.79 -24.17 -5.96
N ARG F 213 64.21 -24.22 -4.69
CA ARG F 213 63.30 -24.32 -3.57
C ARG F 213 63.61 -23.24 -2.55
N ASN F 214 62.59 -22.77 -1.85
CA ASN F 214 62.77 -21.87 -0.72
C ASN F 214 61.74 -22.20 0.36
N LYS F 215 62.18 -22.13 1.61
CA LYS F 215 61.27 -22.12 2.73
C LYS F 215 60.61 -20.74 2.87
N PRO F 216 59.53 -20.65 3.66
CA PRO F 216 58.83 -19.35 3.78
C PRO F 216 59.69 -18.23 4.32
N TRP F 217 60.76 -18.54 5.06
CA TRP F 217 61.70 -17.54 5.54
C TRP F 217 62.91 -17.37 4.62
N GLU F 218 62.91 -18.05 3.47
CA GLU F 218 63.99 -17.96 2.50
C GLU F 218 63.53 -17.18 1.29
N MET F 219 64.46 -16.49 0.65
CA MET F 219 64.12 -15.62 -0.47
C MET F 219 63.65 -16.47 -1.65
N PRO F 220 62.51 -16.15 -2.27
CA PRO F 220 62.12 -16.86 -3.49
C PRO F 220 63.15 -16.69 -4.58
N PRO F 221 63.44 -17.75 -5.35
CA PRO F 221 64.51 -17.64 -6.37
C PRO F 221 64.36 -16.50 -7.36
N GLU F 222 63.15 -16.07 -7.70
CA GLU F 222 62.97 -15.06 -8.74
C GLU F 222 62.76 -13.65 -8.21
N LEU F 223 62.66 -13.47 -6.89
CA LEU F 223 62.82 -12.11 -6.37
C LEU F 223 64.24 -11.61 -6.61
N GLU F 224 65.20 -12.52 -6.57
CA GLU F 224 66.55 -12.20 -7.01
C GLU F 224 66.56 -11.71 -8.45
N GLN F 225 65.85 -12.42 -9.33
CA GLN F 225 65.81 -12.03 -10.73
C GLN F 225 65.07 -10.71 -10.92
N LEU F 226 64.06 -10.43 -10.10
CA LEU F 226 63.38 -9.15 -10.17
C LEU F 226 64.32 -8.00 -9.83
N VAL F 227 65.10 -8.15 -8.75
CA VAL F 227 66.07 -7.10 -8.41
C VAL F 227 67.10 -6.95 -9.52
N ILE F 228 67.52 -8.07 -10.12
CA ILE F 228 68.41 -8.00 -11.28
C ILE F 228 67.77 -7.18 -12.39
N LYS F 229 66.54 -7.51 -12.77
CA LYS F 229 65.84 -6.78 -13.82
C LYS F 229 65.78 -5.28 -13.53
N TYR F 230 65.48 -4.90 -12.29
CA TYR F 230 65.47 -3.47 -11.95
C TYR F 230 66.83 -2.82 -12.16
N ALA F 231 67.91 -3.47 -11.72
CA ALA F 231 69.23 -2.94 -12.00
C ALA F 231 69.50 -2.84 -13.49
N LEU F 232 69.29 -3.95 -14.20
CA LEU F 232 69.48 -4.03 -15.64
C LEU F 232 68.78 -2.92 -16.39
N LYS F 233 67.57 -2.55 -15.97
CA LYS F 233 66.86 -1.49 -16.68
C LYS F 233 67.58 -0.15 -16.59
N GLU F 234 68.21 0.14 -15.46
CA GLU F 234 68.98 1.38 -15.34
C GLU F 234 70.28 1.28 -16.14
N ILE F 235 70.94 0.13 -16.08
CA ILE F 235 72.18 -0.01 -16.83
C ILE F 235 71.91 0.11 -18.33
N TYR F 236 70.80 -0.46 -18.80
CA TYR F 236 70.38 -0.26 -20.19
C TYR F 236 70.05 1.19 -20.51
N GLN F 237 69.45 1.94 -19.57
CA GLN F 237 69.23 3.34 -19.86
C GLN F 237 70.55 4.10 -20.01
N VAL F 238 71.54 3.76 -19.20
CA VAL F 238 72.85 4.39 -19.36
C VAL F 238 73.47 4.00 -20.70
N TRP F 239 73.57 2.70 -20.97
CA TRP F 239 74.20 2.21 -22.20
C TRP F 239 73.53 2.76 -23.45
N GLY F 240 72.20 2.92 -23.44
CA GLY F 240 71.47 3.41 -24.60
C GLY F 240 71.84 4.81 -25.05
N ASN F 241 72.55 5.59 -24.24
CA ASN F 241 73.03 6.88 -24.72
C ASN F 241 74.28 6.76 -25.60
N LEU F 242 75.05 5.69 -25.47
CA LEU F 242 76.41 5.67 -25.98
C LEU F 242 76.58 4.82 -27.23
N ILE F 243 75.55 4.09 -27.66
CA ILE F 243 75.69 3.25 -28.85
C ILE F 243 75.98 4.07 -30.10
N ILE F 244 75.47 5.30 -30.17
CA ILE F 244 75.69 6.19 -31.30
C ILE F 244 76.00 7.57 -30.76
N GLY F 245 76.53 8.43 -31.63
CA GLY F 245 76.63 9.85 -31.32
C GLY F 245 75.30 10.44 -30.93
N ALA F 246 75.34 11.49 -30.12
CA ALA F 246 74.13 12.08 -29.59
C ALA F 246 73.18 12.56 -30.70
N GLY F 247 71.94 12.09 -30.64
CA GLY F 247 70.90 12.55 -31.54
C GLY F 247 70.96 12.12 -32.98
N ILE F 248 71.90 11.26 -33.36
CA ILE F 248 71.97 10.81 -34.75
C ILE F 248 70.96 9.70 -34.95
N ALA F 249 70.13 9.83 -35.99
CA ALA F 249 69.15 8.82 -36.36
C ALA F 249 69.34 8.33 -37.78
N ASN F 250 70.06 9.06 -38.61
CA ASN F 250 70.58 8.55 -39.88
C ASN F 250 71.89 9.27 -40.14
N LYS F 251 72.80 8.59 -40.83
CA LYS F 251 73.98 9.27 -41.34
C LYS F 251 74.37 8.65 -42.67
N THR F 252 74.94 9.48 -43.53
CA THR F 252 75.63 9.03 -44.71
C THR F 252 76.93 9.81 -44.78
N LEU F 253 78.01 9.13 -45.16
CA LEU F 253 79.25 9.80 -45.49
C LEU F 253 79.72 9.24 -46.83
N GLU F 254 80.07 10.15 -47.74
CA GLU F 254 80.63 9.80 -49.03
C GLU F 254 81.91 10.59 -49.24
N VAL F 255 83.00 9.89 -49.57
CA VAL F 255 84.28 10.53 -49.83
C VAL F 255 84.92 9.79 -50.99
N ASP F 256 85.26 10.52 -52.05
CA ASP F 256 86.08 10.02 -53.14
C ASP F 256 85.57 8.68 -53.66
N GLY F 257 84.27 8.60 -53.89
CA GLY F 257 83.67 7.39 -54.42
C GLY F 257 83.47 6.26 -53.44
N ILE F 258 83.76 6.47 -52.15
CA ILE F 258 83.42 5.52 -51.11
C ILE F 258 82.20 6.07 -50.38
N THR F 259 81.19 5.22 -50.20
CA THR F 259 79.96 5.61 -49.49
C THR F 259 79.67 4.64 -48.35
N GLU F 260 79.28 5.22 -47.22
CA GLU F 260 78.77 4.47 -46.08
C GLU F 260 77.46 5.11 -45.63
N THR F 261 76.52 4.27 -45.17
CA THR F 261 75.22 4.76 -44.74
C THR F 261 74.68 3.81 -43.68
N ILE F 262 74.27 4.38 -42.55
CA ILE F 262 73.84 3.62 -41.38
C ILE F 262 72.47 4.14 -40.95
N GLY F 263 71.53 3.22 -40.77
CA GLY F 263 70.34 3.48 -39.98
C GLY F 263 70.48 2.85 -38.61
N THR F 264 69.87 3.46 -37.60
CA THR F 264 70.14 3.10 -36.22
C THR F 264 68.84 2.95 -35.43
N THR F 265 68.98 2.26 -34.29
CA THR F 265 67.91 2.06 -33.32
C THR F 265 67.50 3.34 -32.58
N GLN F 266 68.28 4.40 -32.68
CA GLN F 266 67.82 5.70 -32.21
C GLN F 266 66.73 6.24 -33.11
N SER F 267 65.87 7.06 -32.53
CA SER F 267 64.85 7.77 -33.30
C SER F 267 64.39 8.97 -32.47
N ALA F 268 63.64 9.85 -33.12
CA ALA F 268 63.06 10.99 -32.42
C ALA F 268 62.07 10.59 -31.34
N MET F 269 61.50 9.38 -31.40
CA MET F 269 60.68 8.86 -30.31
C MET F 269 61.46 7.97 -29.35
N TYR F 270 62.00 6.86 -29.86
CA TYR F 270 62.56 5.79 -29.03
C TYR F 270 64.07 5.89 -28.91
N GLY F 271 64.55 5.77 -27.68
CA GLY F 271 65.97 5.69 -27.41
C GLY F 271 66.54 4.34 -27.80
N GLY F 272 67.88 4.30 -27.85
CA GLY F 272 68.60 3.18 -28.43
C GLY F 272 68.35 1.84 -27.75
N ALA F 273 67.86 1.84 -26.51
CA ALA F 273 67.60 0.60 -25.77
C ALA F 273 66.12 0.44 -25.44
N SER F 274 65.25 1.16 -26.15
CA SER F 274 63.81 1.00 -25.99
C SER F 274 63.34 -0.44 -25.94
N ALA F 275 63.77 -1.25 -26.92
CA ALA F 275 63.29 -2.63 -27.01
C ALA F 275 63.61 -3.43 -25.75
N GLN F 276 64.87 -3.43 -25.33
CA GLN F 276 65.26 -4.18 -24.13
C GLN F 276 64.52 -3.68 -22.90
N ILE F 277 64.38 -2.37 -22.75
CA ILE F 277 63.66 -1.83 -21.60
C ILE F 277 62.21 -2.29 -21.61
N LEU F 278 61.54 -2.23 -22.76
CA LEU F 278 60.19 -2.77 -22.88
C LEU F 278 60.10 -4.22 -22.47
N GLN F 279 61.00 -5.05 -22.97
CA GLN F 279 60.99 -6.46 -22.59
C GLN F 279 61.17 -6.65 -21.08
N ILE F 280 62.16 -5.96 -20.51
CA ILE F 280 62.38 -6.02 -19.07
C ILE F 280 61.14 -5.59 -18.30
N ASN F 281 60.46 -4.54 -18.78
CA ASN F 281 59.20 -4.13 -18.16
C ASN F 281 58.16 -5.23 -18.20
N GLU F 282 58.06 -5.94 -19.32
CA GLU F 282 57.16 -7.09 -19.39
C GLU F 282 57.52 -8.12 -18.32
N ASP F 283 58.79 -8.52 -18.26
CA ASP F 283 59.23 -9.49 -17.27
C ASP F 283 58.91 -9.02 -15.85
N ILE F 284 59.19 -7.76 -15.55
CA ILE F 284 58.85 -7.19 -14.25
C ILE F 284 57.37 -7.34 -13.97
N LYS F 285 56.53 -7.00 -14.95
CA LYS F 285 55.08 -7.13 -14.76
C LYS F 285 54.69 -8.55 -14.38
N GLU F 286 55.18 -9.54 -15.12
CA GLU F 286 54.88 -10.93 -14.79
C GLU F 286 55.38 -11.31 -13.40
N LEU F 287 56.61 -10.93 -13.08
CA LEU F 287 57.17 -11.25 -11.78
C LEU F 287 56.36 -10.63 -10.65
N LEU F 288 55.98 -9.36 -10.79
CA LEU F 288 55.22 -8.71 -9.75
C LEU F 288 53.83 -9.32 -9.60
N ASP F 289 53.20 -9.70 -10.71
CA ASP F 289 51.94 -10.46 -10.60
C ASP F 289 52.14 -11.71 -9.76
N GLY F 290 53.15 -12.52 -10.10
CA GLY F 290 53.37 -13.74 -9.34
C GLY F 290 53.66 -13.48 -7.86
N LEU F 291 54.50 -12.50 -7.57
CA LEU F 291 54.86 -12.24 -6.17
C LEU F 291 53.72 -11.61 -5.39
N ARG F 292 52.89 -10.78 -6.03
CA ARG F 292 51.67 -10.30 -5.37
C ARG F 292 50.60 -11.36 -5.28
N ALA F 293 50.81 -12.51 -5.92
CA ALA F 293 50.01 -13.68 -5.59
C ALA F 293 50.62 -14.46 -4.45
N TYR F 294 51.95 -14.41 -4.31
CA TYR F 294 52.62 -15.12 -3.22
C TYR F 294 52.38 -14.45 -1.88
N PHE F 295 52.70 -13.17 -1.78
CA PHE F 295 52.23 -12.32 -0.68
C PHE F 295 50.78 -11.93 -0.87
N GLY F 296 50.04 -11.85 0.23
CA GLY F 296 48.61 -11.65 0.17
C GLY F 296 48.19 -10.20 0.04
N TYR F 297 46.88 -10.01 -0.02
CA TYR F 297 46.28 -8.68 0.10
C TYR F 297 46.33 -8.18 1.54
N ASN F 298 46.65 -6.91 1.69
CA ASN F 298 46.63 -6.29 3.01
C ASN F 298 45.19 -6.06 3.46
N MET F 299 44.97 -6.17 4.77
CA MET F 299 43.65 -5.99 5.33
C MET F 299 43.78 -5.50 6.76
N ILE F 300 42.78 -4.74 7.21
CA ILE F 300 42.65 -4.36 8.60
C ILE F 300 41.18 -4.23 8.93
N GLY F 301 40.82 -4.53 10.18
CA GLY F 301 39.47 -4.37 10.66
C GLY F 301 39.31 -3.06 11.43
N LEU F 302 38.28 -2.31 11.06
CA LEU F 302 37.97 -1.05 11.70
C LEU F 302 36.67 -1.19 12.49
N LEU G 17 47.18 -55.99 6.87
CA LEU G 17 48.07 -55.20 6.02
C LEU G 17 49.44 -55.04 6.67
N ASN G 18 50.48 -55.04 5.84
CA ASN G 18 51.84 -54.79 6.31
C ASN G 18 52.49 -53.72 5.43
N TYR G 19 53.18 -52.79 6.07
CA TYR G 19 53.73 -51.64 5.37
C TYR G 19 54.80 -50.99 6.23
N GLU G 20 55.63 -50.18 5.60
CA GLU G 20 56.51 -49.28 6.33
C GLU G 20 55.66 -48.23 7.04
N TYR G 21 55.83 -48.12 8.37
CA TYR G 21 54.78 -47.65 9.27
C TYR G 21 53.94 -46.48 8.78
N PRO G 22 54.52 -45.31 8.50
CA PRO G 22 53.66 -44.17 8.14
C PRO G 22 52.92 -44.37 6.83
N TYR G 23 53.40 -45.25 5.97
CA TYR G 23 52.96 -45.32 4.57
C TYR G 23 51.90 -46.40 4.38
N HIS G 24 50.79 -46.26 5.09
CA HIS G 24 49.70 -47.22 4.95
C HIS G 24 49.25 -47.25 3.49
N PRO G 25 49.19 -48.44 2.86
CA PRO G 25 49.13 -48.49 1.40
C PRO G 25 47.84 -47.95 0.79
N SER G 26 46.77 -47.78 1.57
CA SER G 26 45.57 -47.15 1.04
C SER G 26 45.58 -45.64 1.22
N GLY G 27 45.85 -45.16 2.43
CA GLY G 27 45.66 -43.75 2.73
C GLY G 27 46.88 -42.90 2.47
N ASN G 28 48.07 -43.50 2.55
CA ASN G 28 49.30 -42.73 2.41
C ASN G 28 50.40 -43.59 1.78
N PRO G 29 50.17 -44.19 0.62
CA PRO G 29 51.21 -45.04 0.01
C PRO G 29 52.52 -44.29 -0.19
N LYS G 30 53.62 -45.00 0.02
CA LYS G 30 54.95 -44.41 -0.19
C LYS G 30 55.24 -44.26 -1.68
N HIS G 31 55.59 -43.03 -2.08
CA HIS G 31 56.00 -42.75 -3.45
C HIS G 31 57.46 -42.39 -3.60
N ILE G 32 58.12 -41.90 -2.55
CA ILE G 32 59.54 -41.58 -2.60
C ILE G 32 60.17 -41.86 -1.25
N ASP G 33 61.46 -42.21 -1.29
CA ASP G 33 62.26 -42.30 -0.07
C ASP G 33 62.82 -40.93 0.31
N VAL G 34 62.84 -40.65 1.61
CA VAL G 34 63.34 -39.38 2.14
C VAL G 34 64.85 -39.21 1.95
N SER G 35 65.53 -40.22 1.42
CA SER G 35 66.89 -40.04 0.93
C SER G 35 66.95 -39.61 -0.52
N GLU G 36 65.96 -40.01 -1.33
CA GLU G 36 65.96 -39.69 -2.74
C GLU G 36 65.71 -38.21 -3.00
N ILE G 37 65.01 -37.52 -2.09
CA ILE G 37 64.73 -36.11 -2.26
C ILE G 37 65.99 -35.27 -2.33
N ASP G 38 67.11 -35.76 -1.81
CA ASP G 38 68.38 -35.07 -2.01
C ASP G 38 69.03 -35.41 -3.35
N ASN G 39 68.76 -36.60 -3.88
CA ASN G 39 69.45 -37.06 -5.08
C ASN G 39 68.84 -36.55 -6.37
N LEU G 40 67.59 -36.11 -6.36
CA LEU G 40 66.97 -35.60 -7.58
C LEU G 40 67.54 -34.24 -7.97
N THR G 41 67.67 -34.03 -9.28
CA THR G 41 68.27 -32.82 -9.84
C THR G 41 67.44 -32.39 -11.03
N LEU G 42 67.63 -31.13 -11.43
CA LEU G 42 66.91 -30.58 -12.57
C LEU G 42 67.07 -31.43 -13.82
N ALA G 43 68.28 -31.95 -14.05
CA ALA G 43 68.50 -32.75 -15.25
C ALA G 43 67.67 -34.02 -15.25
N ASP G 44 67.27 -34.51 -14.07
CA ASP G 44 66.39 -35.68 -14.01
C ASP G 44 65.00 -35.39 -14.54
N TYR G 45 64.58 -34.13 -14.54
CA TYR G 45 63.33 -33.71 -15.16
C TYR G 45 63.50 -33.28 -16.62
N GLY G 46 64.68 -33.45 -17.19
CA GLY G 46 64.93 -33.04 -18.55
C GLY G 46 65.26 -31.58 -18.73
N TRP G 47 65.34 -30.81 -17.65
CA TRP G 47 65.75 -29.41 -17.72
C TRP G 47 67.27 -29.36 -17.76
N SER G 48 67.82 -29.25 -18.96
CA SER G 48 69.24 -29.30 -19.19
C SER G 48 69.60 -28.29 -20.26
N PRO G 49 70.82 -27.75 -20.25
CA PRO G 49 71.27 -26.88 -21.36
C PRO G 49 71.05 -27.51 -22.73
N ASP G 50 71.31 -28.80 -22.86
CA ASP G 50 71.08 -29.49 -24.12
C ASP G 50 69.64 -29.35 -24.60
N ALA G 51 68.67 -29.41 -23.70
CA ALA G 51 67.27 -29.23 -24.10
C ALA G 51 67.03 -27.85 -24.70
N VAL G 52 67.60 -26.80 -24.08
CA VAL G 52 67.47 -25.47 -24.65
C VAL G 52 68.12 -25.44 -26.03
N LYS G 53 69.39 -25.87 -26.12
CA LYS G 53 70.06 -25.88 -27.42
C LYS G 53 69.23 -26.63 -28.46
N ALA G 54 68.59 -27.73 -28.06
CA ALA G 54 67.69 -28.45 -28.96
C ALA G 54 66.60 -27.54 -29.48
N TYR G 55 66.04 -26.71 -28.59
CA TYR G 55 65.03 -25.75 -29.05
C TYR G 55 65.62 -24.58 -29.83
N MET G 56 66.93 -24.40 -29.79
CA MET G 56 67.62 -23.43 -30.65
C MET G 56 68.53 -24.13 -31.66
N PHE G 57 68.07 -25.25 -32.21
CA PHE G 57 68.79 -25.92 -33.28
C PHE G 57 69.12 -24.96 -34.41
N GLY G 58 70.35 -25.02 -34.88
CA GLY G 58 70.82 -24.16 -35.95
C GLY G 58 71.17 -22.75 -35.55
N ILE G 59 71.11 -22.43 -34.25
CA ILE G 59 71.59 -21.15 -33.73
C ILE G 59 72.75 -21.46 -32.80
N VAL G 60 73.71 -20.54 -32.75
CA VAL G 60 74.75 -20.56 -31.74
C VAL G 60 74.93 -19.16 -31.18
N VAL G 61 75.08 -19.09 -29.85
CA VAL G 61 75.22 -17.83 -29.13
C VAL G 61 76.68 -17.69 -28.75
N GLN G 62 77.33 -16.62 -29.21
CA GLN G 62 78.76 -16.50 -29.04
C GLN G 62 79.14 -15.04 -28.94
N ASN G 63 80.22 -14.79 -28.21
CA ASN G 63 80.70 -13.43 -27.99
C ASN G 63 81.20 -12.88 -29.31
N PRO G 64 80.68 -11.75 -29.80
CA PRO G 64 81.02 -11.35 -31.18
C PRO G 64 82.50 -11.12 -31.39
N ASP G 65 83.22 -10.63 -30.39
CA ASP G 65 84.67 -10.44 -30.54
C ASP G 65 85.46 -11.69 -30.17
N THR G 66 85.04 -12.42 -29.15
CA THR G 66 85.85 -13.55 -28.68
C THR G 66 85.47 -14.87 -29.33
N GLY G 67 84.25 -14.98 -29.85
CA GLY G 67 83.81 -16.19 -30.53
C GLY G 67 83.45 -17.35 -29.63
N GLN G 68 83.86 -17.33 -28.36
CA GLN G 68 83.58 -18.45 -27.48
C GLN G 68 82.08 -18.51 -27.16
N PRO G 69 81.48 -19.69 -27.14
CA PRO G 69 80.08 -19.80 -26.76
C PRO G 69 79.85 -19.57 -25.28
N MET G 70 78.63 -19.14 -24.96
CA MET G 70 78.21 -18.94 -23.58
C MET G 70 78.18 -20.27 -22.83
N GLY G 71 78.74 -20.27 -21.62
CA GLY G 71 78.87 -21.50 -20.86
C GLY G 71 77.57 -21.95 -20.20
N ASP G 72 77.54 -23.25 -19.91
CA ASP G 72 76.37 -23.88 -19.29
C ASP G 72 76.01 -23.31 -17.94
N GLU G 73 76.95 -22.65 -17.24
CA GLU G 73 76.62 -22.03 -15.96
C GLU G 73 75.41 -21.10 -16.09
N PHE G 74 75.43 -20.22 -17.08
CA PHE G 74 74.31 -19.30 -17.27
C PHE G 74 73.03 -20.05 -17.61
N TYR G 75 73.13 -21.08 -18.44
CA TYR G 75 71.97 -21.91 -18.74
C TYR G 75 71.34 -22.48 -17.46
N ASN G 76 72.15 -23.10 -16.60
CA ASN G 76 71.61 -23.69 -15.39
C ASN G 76 71.03 -22.64 -14.45
N HIS G 77 71.70 -21.49 -14.34
CA HIS G 77 71.15 -20.38 -13.57
C HIS G 77 69.76 -20.00 -14.05
N ILE G 78 69.64 -19.71 -15.34
CA ILE G 78 68.37 -19.33 -15.93
C ILE G 78 67.32 -20.42 -15.70
N LEU G 79 67.70 -21.69 -15.87
CA LEU G 79 66.75 -22.77 -15.67
C LEU G 79 66.24 -22.82 -14.24
N GLU G 80 67.12 -22.66 -13.26
CA GLU G 80 66.67 -22.67 -11.87
C GLU G 80 65.70 -21.52 -11.58
N ARG G 81 65.98 -20.34 -12.14
CA ARG G 81 65.06 -19.24 -11.91
C ARG G 81 63.76 -19.42 -12.69
N ALA G 82 63.80 -20.04 -13.85
CA ALA G 82 62.57 -20.37 -14.57
C ALA G 82 61.71 -21.34 -13.78
N VAL G 83 62.33 -22.31 -13.09
CA VAL G 83 61.57 -23.19 -12.22
C VAL G 83 60.94 -22.41 -11.07
N GLY G 84 61.69 -21.48 -10.48
CA GLY G 84 61.09 -20.65 -9.43
C GLY G 84 59.89 -19.85 -9.93
N LYS G 85 60.06 -19.23 -11.10
CA LYS G 85 58.95 -18.50 -11.71
C LYS G 85 57.75 -19.41 -11.95
N ALA G 86 57.98 -20.63 -12.42
CA ALA G 86 56.87 -21.56 -12.62
C ALA G 86 56.19 -21.94 -11.31
N GLU G 87 56.98 -22.15 -10.25
CA GLU G 87 56.40 -22.52 -8.96
C GLU G 87 55.56 -21.42 -8.33
N ARG G 88 55.91 -20.15 -8.52
CA ARG G 88 54.95 -19.09 -8.13
C ARG G 88 53.87 -18.79 -9.17
N ALA G 89 54.14 -18.96 -10.47
CA ALA G 89 53.13 -18.66 -11.47
C ALA G 89 51.92 -19.57 -11.31
N LEU G 90 52.17 -20.85 -11.03
CA LEU G 90 51.13 -21.79 -10.62
C LEU G 90 51.40 -22.13 -9.16
N ASP G 91 50.34 -22.15 -8.35
CA ASP G 91 50.52 -22.30 -6.90
C ASP G 91 50.84 -23.75 -6.55
N ILE G 92 52.06 -24.15 -6.89
CA ILE G 92 52.46 -25.56 -6.88
C ILE G 92 53.87 -25.66 -6.33
N SER G 93 54.23 -26.88 -5.91
CA SER G 93 55.60 -27.24 -5.56
C SER G 93 56.09 -28.25 -6.58
N ILE G 94 57.22 -27.94 -7.24
CA ILE G 94 57.70 -28.76 -8.34
C ILE G 94 58.77 -29.73 -7.82
N LEU G 95 59.90 -29.19 -7.38
CA LEU G 95 60.98 -30.04 -6.89
C LEU G 95 60.66 -30.56 -5.48
N PRO G 96 60.88 -31.85 -5.22
CA PRO G 96 60.63 -32.39 -3.88
C PRO G 96 61.33 -31.60 -2.78
N ASP G 97 60.59 -31.32 -1.71
CA ASP G 97 61.16 -30.69 -0.53
C ASP G 97 60.37 -31.15 0.70
N THR G 98 61.05 -31.16 1.84
CA THR G 98 60.41 -31.51 3.12
C THR G 98 59.77 -30.27 3.71
N GLN G 99 58.45 -30.34 3.95
CA GLN G 99 57.69 -29.23 4.52
C GLN G 99 57.30 -29.53 5.97
N HIS G 100 57.54 -28.57 6.84
CA HIS G 100 57.11 -28.62 8.24
C HIS G 100 56.16 -27.45 8.49
N GLU G 101 54.90 -27.77 8.78
CA GLU G 101 53.86 -26.77 9.01
C GLU G 101 53.26 -26.89 10.39
N MET G 102 53.01 -25.76 11.02
CA MET G 102 52.16 -25.66 12.20
C MET G 102 50.86 -24.98 11.78
N ARG G 103 49.74 -25.69 11.93
CA ARG G 103 48.47 -25.26 11.36
C ARG G 103 47.47 -24.91 12.47
N ASP G 104 46.67 -23.89 12.19
CA ASP G 104 45.68 -23.42 13.14
C ASP G 104 44.51 -24.39 13.28
N TYR G 105 44.01 -24.53 14.51
CA TYR G 105 42.71 -25.14 14.73
C TYR G 105 41.59 -24.19 14.34
N HIS G 106 40.68 -24.67 13.50
CA HIS G 106 39.41 -24.00 13.25
C HIS G 106 38.27 -24.99 13.44
N GLU G 107 37.25 -24.59 14.20
CA GLU G 107 36.24 -25.54 14.67
C GLU G 107 35.47 -26.14 13.51
N THR G 108 35.09 -25.32 12.53
CA THR G 108 34.29 -25.81 11.40
C THR G 108 35.04 -26.90 10.65
N GLU G 109 36.31 -26.67 10.33
CA GLU G 109 37.05 -27.64 9.53
C GLU G 109 37.54 -28.81 10.37
N PHE G 110 37.80 -28.58 11.66
CA PHE G 110 38.16 -29.69 12.54
C PHE G 110 37.00 -30.67 12.70
N ASN G 111 35.77 -30.16 12.79
CA ASN G 111 34.62 -31.05 12.79
C ASN G 111 34.44 -31.78 11.47
N SER G 112 34.95 -31.24 10.38
CA SER G 112 34.78 -31.86 9.05
C SER G 112 35.86 -32.91 8.79
N TYR G 113 35.91 -33.90 9.68
CA TYR G 113 36.91 -34.97 9.61
C TYR G 113 38.34 -34.44 9.68
N MET G 114 38.56 -33.41 10.50
CA MET G 114 39.90 -32.85 10.71
C MET G 114 40.51 -32.40 9.38
N PHE G 115 39.71 -31.72 8.57
CA PHE G 115 40.17 -31.27 7.26
C PHE G 115 41.29 -30.25 7.43
N VAL G 116 42.39 -30.46 6.73
CA VAL G 116 43.45 -29.46 6.62
C VAL G 116 43.91 -29.38 5.16
N HIS G 117 44.09 -28.15 4.69
CA HIS G 117 44.69 -27.89 3.38
C HIS G 117 46.17 -27.54 3.58
N ALA G 118 47.04 -28.30 2.95
CA ALA G 118 48.47 -28.00 3.01
C ALA G 118 48.78 -26.71 2.25
N TYR G 119 49.80 -25.99 2.71
CA TYR G 119 50.23 -24.80 1.99
C TYR G 119 50.87 -25.14 0.66
N ARG G 120 51.46 -26.33 0.53
CA ARG G 120 52.21 -26.73 -0.65
C ARG G 120 51.61 -28.00 -1.20
N LYS G 121 51.51 -28.07 -2.53
CA LYS G 121 50.91 -29.20 -3.22
C LYS G 121 51.65 -29.42 -4.52
N PRO G 122 51.61 -30.65 -5.08
CA PRO G 122 51.03 -31.89 -4.58
C PRO G 122 51.71 -32.44 -3.33
N ILE G 123 50.99 -33.27 -2.59
CA ILE G 123 51.61 -34.13 -1.57
C ILE G 123 52.18 -35.36 -2.25
N LEU G 124 53.48 -35.58 -2.09
CA LEU G 124 54.05 -36.87 -2.42
C LEU G 124 53.72 -37.90 -1.34
N GLN G 125 53.94 -37.54 -0.08
CA GLN G 125 53.51 -38.38 1.03
C GLN G 125 53.47 -37.54 2.30
N VAL G 126 52.65 -37.99 3.26
CA VAL G 126 52.64 -37.43 4.60
C VAL G 126 53.64 -38.18 5.46
N GLU G 127 54.44 -37.43 6.22
CA GLU G 127 55.47 -38.00 7.08
C GLU G 127 55.06 -38.04 8.54
N ASN G 128 54.33 -37.03 9.02
CA ASN G 128 53.89 -37.01 10.40
C ASN G 128 52.67 -36.11 10.55
N LEU G 129 51.84 -36.43 11.54
CA LEU G 129 50.64 -35.65 11.81
C LEU G 129 50.29 -35.82 13.28
N GLN G 130 50.31 -34.71 14.02
CA GLN G 130 50.13 -34.76 15.48
C GLN G 130 49.34 -33.55 15.94
N LEU G 131 48.60 -33.73 17.02
CA LEU G 131 47.97 -32.66 17.77
C LEU G 131 48.79 -32.41 19.01
N GLN G 132 49.12 -31.15 19.27
CA GLN G 132 50.14 -30.81 20.26
C GLN G 132 49.74 -29.60 21.07
N PHE G 133 50.46 -29.40 22.17
CA PHE G 133 50.23 -28.31 23.11
C PHE G 133 51.56 -27.83 23.65
N ASN G 134 51.99 -26.64 23.23
CA ASN G 134 53.30 -26.11 23.58
C ASN G 134 54.42 -27.05 23.16
N GLY G 135 54.25 -27.70 22.01
CA GLY G 135 55.19 -28.68 21.53
C GLY G 135 55.06 -30.06 22.11
N ARG G 136 54.30 -30.22 23.19
CA ARG G 136 54.05 -31.54 23.74
C ARG G 136 53.02 -32.26 22.87
N PRO G 137 53.32 -33.45 22.32
CA PRO G 137 52.25 -34.20 21.64
C PRO G 137 51.15 -34.58 22.62
N ILE G 138 49.95 -34.04 22.36
CA ILE G 138 48.76 -34.46 23.07
C ILE G 138 48.20 -35.76 22.51
N TYR G 139 48.16 -35.89 21.19
CA TYR G 139 47.80 -37.16 20.57
C TYR G 139 48.52 -37.32 19.24
N LYS G 140 48.93 -38.56 18.97
CA LYS G 140 49.49 -38.94 17.68
C LYS G 140 48.49 -39.85 16.98
N TYR G 141 48.00 -39.40 15.84
CA TYR G 141 46.96 -40.13 15.14
C TYR G 141 47.54 -41.37 14.46
N PRO G 142 46.94 -42.55 14.63
CA PRO G 142 47.45 -43.72 13.91
C PRO G 142 47.49 -43.50 12.41
N ALA G 143 48.59 -43.93 11.79
CA ALA G 143 48.78 -43.72 10.37
C ALA G 143 47.74 -44.41 9.51
N ASN G 144 47.07 -45.45 10.03
CA ASN G 144 45.99 -46.07 9.29
C ASN G 144 44.75 -45.20 9.21
N TRP G 145 44.68 -44.12 9.98
CA TRP G 145 43.58 -43.17 9.87
C TRP G 145 43.81 -42.11 8.80
N TRP G 146 45.07 -41.87 8.42
CA TRP G 146 45.38 -40.75 7.54
C TRP G 146 44.83 -40.99 6.14
N LYS G 147 44.03 -40.04 5.66
CA LYS G 147 43.52 -40.04 4.29
C LYS G 147 44.14 -38.85 3.56
N VAL G 148 44.87 -39.13 2.48
CA VAL G 148 45.58 -38.13 1.71
C VAL G 148 44.99 -38.09 0.31
N GLU G 149 44.75 -36.89 -0.21
CA GLU G 149 44.43 -36.67 -1.62
C GLU G 149 45.57 -35.85 -2.21
N HIS G 150 46.37 -36.47 -3.07
CA HIS G 150 47.69 -35.96 -3.39
C HIS G 150 47.63 -34.69 -4.24
N LEU G 151 46.91 -34.73 -5.36
CA LEU G 151 46.87 -33.57 -6.24
C LEU G 151 46.09 -32.42 -5.63
N ALA G 152 45.08 -32.70 -4.82
CA ALA G 152 44.34 -31.62 -4.17
C ALA G 152 45.17 -30.93 -3.11
N GLY G 153 46.04 -31.68 -2.43
CA GLY G 153 46.72 -31.16 -1.26
C GLY G 153 45.89 -31.21 0.00
N HIS G 154 45.00 -32.19 0.10
CA HIS G 154 44.07 -32.33 1.22
C HIS G 154 44.47 -33.53 2.06
N VAL G 155 44.38 -33.36 3.38
CA VAL G 155 44.55 -34.45 4.33
C VAL G 155 43.34 -34.46 5.26
N GLN G 156 42.87 -35.66 5.58
CA GLN G 156 41.74 -35.82 6.48
C GLN G 156 41.97 -37.06 7.34
N LEU G 157 41.25 -37.12 8.45
CA LEU G 157 41.20 -38.31 9.30
C LEU G 157 39.83 -38.96 9.21
N PHE G 158 39.81 -40.29 9.07
CA PHE G 158 38.61 -41.10 9.24
C PHE G 158 38.86 -42.10 10.36
N PRO G 159 38.54 -41.74 11.61
CA PRO G 159 38.95 -42.60 12.73
C PRO G 159 38.33 -43.99 12.63
N THR G 160 39.17 -45.01 12.76
CA THR G 160 38.66 -46.38 12.78
C THR G 160 38.04 -46.73 14.13
N ALA G 161 38.62 -46.22 15.21
CA ALA G 161 38.22 -46.62 16.56
C ALA G 161 38.16 -48.14 16.71
N GLY G 189 35.64 -22.68 23.89
CA GLY G 189 35.13 -21.34 24.12
C GLY G 189 35.45 -20.36 23.01
N ALA G 190 36.21 -20.81 22.01
CA ALA G 190 36.50 -20.00 20.83
C ALA G 190 36.48 -20.90 19.60
N THR G 191 36.22 -20.27 18.46
CA THR G 191 36.13 -20.97 17.19
C THR G 191 37.49 -21.31 16.59
N PHE G 192 38.58 -20.73 17.10
CA PHE G 192 39.90 -21.03 16.59
C PHE G 192 40.92 -20.93 17.70
N ALA G 193 42.08 -21.56 17.47
CA ALA G 193 43.21 -21.46 18.36
C ALA G 193 44.48 -21.71 17.55
N PRO G 194 45.58 -21.02 17.85
CA PRO G 194 46.75 -21.08 16.96
C PRO G 194 47.57 -22.35 17.11
N GLN G 195 48.01 -22.85 15.95
CA GLN G 195 49.10 -23.81 15.83
C GLN G 195 48.88 -25.07 16.66
N MET G 196 47.63 -25.54 16.75
CA MET G 196 47.38 -26.78 17.47
C MET G 196 47.85 -27.99 16.67
N ILE G 197 47.75 -27.93 15.34
CA ILE G 197 47.98 -29.09 14.49
C ILE G 197 49.39 -29.01 13.94
N ARG G 198 50.15 -30.09 14.11
CA ARG G 198 51.49 -30.23 13.57
C ARG G 198 51.43 -31.20 12.38
N LEU G 199 51.83 -30.71 11.21
CA LEU G 199 51.78 -31.48 9.98
C LEU G 199 53.14 -31.45 9.29
N GLU G 200 53.73 -32.62 9.09
CA GLU G 200 54.96 -32.79 8.31
C GLU G 200 54.66 -33.64 7.08
N TYR G 201 55.13 -33.18 5.93
CA TYR G 201 54.87 -33.88 4.67
C TYR G 201 55.96 -33.52 3.68
N VAL G 202 56.03 -34.30 2.60
CA VAL G 202 56.84 -33.97 1.43
C VAL G 202 55.94 -33.44 0.33
N SER G 203 56.24 -32.23 -0.14
CA SER G 203 55.63 -31.68 -1.35
C SER G 203 56.57 -31.86 -2.54
N GLY G 204 55.98 -31.89 -3.73
CA GLY G 204 56.75 -31.92 -4.97
C GLY G 204 56.14 -32.77 -6.06
N MET G 205 56.84 -32.90 -7.19
CA MET G 205 56.47 -33.81 -8.25
C MET G 205 57.65 -34.71 -8.61
N LEU G 206 57.34 -35.96 -9.00
CA LEU G 206 58.30 -36.89 -9.55
C LEU G 206 58.33 -36.79 -11.07
N PRO G 207 59.47 -37.05 -11.72
CA PRO G 207 59.46 -37.16 -13.18
C PRO G 207 58.60 -38.32 -13.65
N ARG G 208 57.82 -38.07 -14.70
CA ARG G 208 56.86 -39.07 -15.16
C ARG G 208 57.57 -40.33 -15.66
N LYS G 209 56.94 -41.47 -15.42
CA LYS G 209 57.54 -42.77 -15.68
C LYS G 209 57.23 -43.32 -17.07
N LYS G 210 56.19 -42.82 -17.73
CA LYS G 210 55.80 -43.27 -19.07
C LYS G 210 55.76 -42.08 -20.01
N ALA G 211 55.98 -42.36 -21.30
CA ALA G 211 55.80 -41.33 -22.31
C ALA G 211 54.34 -40.88 -22.38
N GLY G 212 54.15 -39.58 -22.49
CA GLY G 212 52.83 -39.01 -22.73
C GLY G 212 51.89 -39.04 -21.56
N ARG G 213 52.26 -39.68 -20.45
CA ARG G 213 51.36 -39.92 -19.34
C ARG G 213 52.02 -39.46 -18.05
N ASN G 214 51.20 -39.02 -17.09
CA ASN G 214 51.67 -38.73 -15.75
C ASN G 214 50.61 -39.12 -14.73
N LYS G 215 51.05 -39.69 -13.61
CA LYS G 215 50.22 -39.86 -12.44
C LYS G 215 50.01 -38.52 -11.75
N PRO G 216 49.03 -38.43 -10.84
CA PRO G 216 48.77 -37.14 -10.17
C PRO G 216 49.95 -36.58 -9.39
N TRP G 217 50.87 -37.44 -8.95
CA TRP G 217 52.09 -37.00 -8.27
C TRP G 217 53.27 -36.89 -9.22
N GLU G 218 53.05 -37.07 -10.52
CA GLU G 218 54.10 -36.98 -11.54
C GLU G 218 53.93 -35.70 -12.35
N MET G 219 55.06 -35.19 -12.84
CA MET G 219 55.05 -33.91 -13.53
C MET G 219 54.28 -34.01 -14.84
N PRO G 220 53.35 -33.09 -15.12
CA PRO G 220 52.69 -33.09 -16.43
C PRO G 220 53.70 -32.88 -17.55
N PRO G 221 53.56 -33.59 -18.68
CA PRO G 221 54.58 -33.48 -19.74
C PRO G 221 54.86 -32.07 -20.24
N GLU G 222 53.89 -31.15 -20.22
CA GLU G 222 54.10 -29.83 -20.80
C GLU G 222 54.41 -28.76 -19.77
N LEU G 223 54.37 -29.07 -18.47
CA LEU G 223 55.00 -28.16 -17.51
C LEU G 223 56.50 -28.12 -17.72
N GLU G 224 57.08 -29.25 -18.13
CA GLU G 224 58.47 -29.26 -18.58
C GLU G 224 58.69 -28.27 -19.72
N GLN G 225 57.81 -28.32 -20.71
CA GLN G 225 57.95 -27.42 -21.86
C GLN G 225 57.70 -25.97 -21.46
N LEU G 226 56.84 -25.73 -20.48
CA LEU G 226 56.65 -24.38 -19.97
C LEU G 226 57.92 -23.83 -19.35
N VAL G 227 58.57 -24.62 -18.50
CA VAL G 227 59.84 -24.17 -17.91
C VAL G 227 60.89 -23.95 -19.00
N ILE G 228 60.92 -24.82 -20.00
CA ILE G 228 61.81 -24.61 -21.13
C ILE G 228 61.53 -23.26 -21.80
N LYS G 229 60.27 -23.00 -22.13
CA LYS G 229 59.90 -21.74 -22.76
C LYS G 229 60.32 -20.54 -21.92
N TYR G 230 60.14 -20.61 -20.60
CA TYR G 230 60.59 -19.53 -19.74
C TYR G 230 62.09 -19.30 -19.85
N ALA G 231 62.88 -20.37 -19.82
CA ALA G 231 64.32 -20.23 -20.04
C ALA G 231 64.62 -19.61 -21.41
N LEU G 232 64.04 -20.21 -22.45
CA LEU G 232 64.22 -19.76 -23.82
C LEU G 232 63.94 -18.27 -24.00
N LYS G 233 62.96 -17.73 -23.30
CA LYS G 233 62.67 -16.30 -23.45
C LYS G 233 63.84 -15.43 -22.98
N GLU G 234 64.52 -15.84 -21.91
CA GLU G 234 65.70 -15.09 -21.48
C GLU G 234 66.87 -15.32 -22.41
N ILE G 235 67.06 -16.56 -22.87
CA ILE G 235 68.18 -16.81 -23.77
C ILE G 235 68.00 -16.02 -25.06
N TYR G 236 66.77 -15.93 -25.56
CA TYR G 236 66.50 -15.04 -26.69
C TYR G 236 66.73 -13.57 -26.38
N GLN G 237 66.45 -13.12 -25.15
CA GLN G 237 66.77 -11.73 -24.84
C GLN G 237 68.27 -11.48 -24.89
N VAL G 238 69.07 -12.43 -24.42
CA VAL G 238 70.51 -12.30 -24.52
C VAL G 238 70.97 -12.33 -25.97
N TRP G 239 70.58 -13.38 -26.70
CA TRP G 239 71.00 -13.56 -28.10
C TRP G 239 70.60 -12.39 -28.98
N GLY G 240 69.43 -11.78 -28.73
CA GLY G 240 68.97 -10.67 -29.55
C GLY G 240 69.85 -9.44 -29.54
N ASN G 241 70.80 -9.35 -28.61
CA ASN G 241 71.77 -8.25 -28.67
C ASN G 241 72.88 -8.49 -29.70
N LEU G 242 73.18 -9.74 -30.05
CA LEU G 242 74.42 -10.07 -30.73
C LEU G 242 74.25 -10.39 -32.21
N ILE G 243 73.01 -10.49 -32.70
CA ILE G 243 72.81 -10.84 -34.11
C ILE G 243 73.40 -9.79 -35.04
N ILE G 244 73.42 -8.52 -34.63
CA ILE G 244 73.97 -7.42 -35.44
C ILE G 244 74.83 -6.56 -34.52
N GLY G 245 75.66 -5.72 -35.13
CA GLY G 245 76.36 -4.67 -34.41
C GLY G 245 75.47 -3.77 -33.58
N ALA G 246 76.06 -3.20 -32.52
CA ALA G 246 75.31 -2.39 -31.57
C ALA G 246 74.64 -1.20 -32.25
N GLY G 247 73.32 -1.08 -32.05
CA GLY G 247 72.58 0.07 -32.52
C GLY G 247 72.36 0.15 -34.01
N ILE G 248 72.79 -0.84 -34.78
CA ILE G 248 72.57 -0.82 -36.23
C ILE G 248 71.17 -1.31 -36.55
N ALA G 249 70.43 -0.53 -37.34
CA ALA G 249 69.11 -0.90 -37.81
C ALA G 249 68.99 -0.92 -39.32
N ASN G 250 69.90 -0.27 -40.04
CA ASN G 250 70.10 -0.45 -41.47
C ASN G 250 71.58 -0.19 -41.73
N LYS G 251 72.12 -0.83 -42.76
CA LYS G 251 73.46 -0.47 -43.21
C LYS G 251 73.58 -0.59 -44.72
N THR G 252 74.42 0.28 -45.28
CA THR G 252 74.91 0.16 -46.64
C THR G 252 76.41 0.44 -46.59
N LEU G 253 77.17 -0.34 -47.35
CA LEU G 253 78.59 -0.06 -47.59
C LEU G 253 78.88 -0.18 -49.07
N GLU G 254 79.58 0.81 -49.61
CA GLU G 254 80.04 0.79 -51.00
C GLU G 254 81.53 1.06 -51.01
N VAL G 255 82.29 0.14 -51.62
CA VAL G 255 83.74 0.27 -51.74
C VAL G 255 84.16 -0.27 -53.09
N ASP G 256 84.87 0.55 -53.88
CA ASP G 256 85.55 0.11 -55.10
C ASP G 256 84.64 -0.73 -56.00
N GLY G 257 83.44 -0.23 -56.23
CA GLY G 257 82.50 -0.89 -57.10
C GLY G 257 81.80 -2.09 -56.51
N ILE G 258 82.03 -2.41 -55.25
CA ILE G 258 81.27 -3.41 -54.53
C ILE G 258 80.31 -2.68 -53.60
N THR G 259 79.04 -3.05 -53.64
CA THR G 259 78.02 -2.46 -52.77
C THR G 259 77.32 -3.55 -52.00
N GLU G 260 77.12 -3.31 -50.70
CA GLU G 260 76.31 -4.15 -49.83
C GLU G 260 75.30 -3.29 -49.11
N THR G 261 74.12 -3.86 -48.87
CA THR G 261 73.05 -3.15 -48.18
C THR G 261 72.22 -4.19 -47.46
N ILE G 262 72.01 -3.98 -46.16
CA ILE G 262 71.34 -4.94 -45.30
C ILE G 262 70.24 -4.21 -44.53
N GLY G 263 69.04 -4.76 -44.57
CA GLY G 263 68.01 -4.45 -43.59
C GLY G 263 67.93 -5.58 -42.59
N THR G 264 67.56 -5.22 -41.36
CA THR G 264 67.68 -6.14 -40.23
C THR G 264 66.39 -6.13 -39.42
N THR G 265 66.23 -7.18 -38.62
CA THR G 265 65.11 -7.31 -37.69
C THR G 265 65.17 -6.33 -36.52
N GLN G 266 66.28 -5.65 -36.31
CA GLN G 266 66.29 -4.53 -35.38
C GLN G 266 65.53 -3.34 -35.96
N SER G 267 64.99 -2.52 -35.06
CA SER G 267 64.37 -1.26 -35.45
C SER G 267 64.33 -0.37 -34.22
N ALA G 268 63.99 0.89 -34.44
CA ALA G 268 63.83 1.82 -33.32
C ALA G 268 62.69 1.42 -32.40
N MET G 269 61.74 0.61 -32.87
CA MET G 269 60.71 0.03 -32.01
C MET G 269 61.07 -1.38 -31.53
N TYR G 270 61.24 -2.32 -32.46
CA TYR G 270 61.34 -3.73 -32.14
C TYR G 270 62.79 -4.20 -32.08
N GLY G 271 63.11 -4.93 -31.02
CA GLY G 271 64.41 -5.56 -30.91
C GLY G 271 64.52 -6.78 -31.81
N GLY G 272 65.76 -7.22 -32.00
CA GLY G 272 66.06 -8.24 -33.00
C GLY G 272 65.36 -9.56 -32.79
N ALA G 273 64.91 -9.86 -31.57
CA ALA G 273 64.22 -11.10 -31.27
C ALA G 273 62.78 -10.87 -30.80
N SER G 274 62.23 -9.68 -31.06
CA SER G 274 60.83 -9.41 -30.75
C SER G 274 59.90 -10.54 -31.20
N ALA G 275 60.04 -10.97 -32.45
CA ALA G 275 59.13 -11.99 -33.00
C ALA G 275 59.15 -13.28 -32.20
N GLN G 276 60.34 -13.84 -31.98
CA GLN G 276 60.43 -15.09 -31.24
C GLN G 276 59.87 -14.95 -29.83
N ILE G 277 60.18 -13.85 -29.16
CA ILE G 277 59.67 -13.63 -27.81
C ILE G 277 58.15 -13.56 -27.81
N LEU G 278 57.57 -12.82 -28.75
CA LEU G 278 56.12 -12.77 -28.90
C LEU G 278 55.51 -14.17 -29.06
N GLN G 279 56.08 -14.97 -29.96
CA GLN G 279 55.57 -16.33 -30.16
C GLN G 279 55.66 -17.15 -28.87
N ILE G 280 56.83 -17.11 -28.22
CA ILE G 280 57.00 -17.82 -26.96
C ILE G 280 55.98 -17.35 -25.92
N ASN G 281 55.72 -16.05 -25.85
CA ASN G 281 54.67 -15.55 -24.96
C ASN G 281 53.31 -16.13 -25.28
N GLU G 282 52.99 -16.25 -26.56
CA GLU G 282 51.74 -16.91 -26.93
C GLU G 282 51.71 -18.35 -26.39
N ASP G 283 52.77 -19.10 -26.66
CA ASP G 283 52.84 -20.48 -26.18
C ASP G 283 52.71 -20.56 -24.66
N ILE G 284 53.40 -19.66 -23.94
CA ILE G 284 53.27 -19.60 -22.49
C ILE G 284 51.82 -19.36 -22.09
N LYS G 285 51.15 -18.42 -22.76
CA LYS G 285 49.76 -18.14 -22.45
C LYS G 285 48.90 -19.39 -22.57
N GLU G 286 49.03 -20.11 -23.70
CA GLU G 286 48.25 -21.33 -23.88
C GLU G 286 48.58 -22.38 -22.81
N LEU G 287 49.86 -22.60 -22.54
CA LEU G 287 50.26 -23.59 -21.55
C LEU G 287 49.74 -23.23 -20.16
N LEU G 288 49.85 -21.97 -19.77
CA LEU G 288 49.39 -21.56 -18.45
C LEU G 288 47.87 -21.66 -18.33
N ASP G 289 47.15 -21.34 -19.40
CA ASP G 289 45.70 -21.58 -19.41
C ASP G 289 45.41 -23.05 -19.13
N GLY G 290 46.05 -23.95 -19.87
CA GLY G 290 45.80 -25.36 -19.66
C GLY G 290 46.14 -25.82 -18.25
N LEU G 291 47.28 -25.39 -17.73
CA LEU G 291 47.68 -25.84 -16.40
C LEU G 291 46.84 -25.21 -15.29
N ARG G 292 46.39 -23.96 -15.47
CA ARG G 292 45.44 -23.37 -14.53
C ARG G 292 44.04 -23.94 -14.69
N ALA G 293 43.80 -24.74 -15.72
CA ALA G 293 42.62 -25.58 -15.76
C ALA G 293 42.87 -26.93 -15.08
N TYR G 294 44.10 -27.42 -15.14
CA TYR G 294 44.42 -28.70 -14.52
C TYR G 294 44.42 -28.60 -13.00
N PHE G 295 45.21 -27.67 -12.46
CA PHE G 295 45.06 -27.25 -11.07
C PHE G 295 43.86 -26.34 -10.92
N GLY G 296 43.16 -26.47 -9.79
CA GLY G 296 41.90 -25.79 -9.60
C GLY G 296 42.03 -24.36 -9.10
N TYR G 297 40.87 -23.73 -8.95
CA TYR G 297 40.77 -22.44 -8.27
C TYR G 297 40.93 -22.60 -6.76
N ASN G 298 41.69 -21.70 -6.16
CA ASN G 298 41.83 -21.67 -4.71
C ASN G 298 40.57 -21.10 -4.06
N MET G 299 40.23 -21.62 -2.88
CA MET G 299 39.05 -21.19 -2.16
C MET G 299 39.28 -21.36 -0.66
N ILE G 300 38.61 -20.52 0.12
CA ILE G 300 38.57 -20.69 1.58
C ILE G 300 37.24 -20.19 2.09
N GLY G 301 36.75 -20.81 3.15
CA GLY G 301 35.53 -20.38 3.82
C GLY G 301 35.85 -19.52 5.03
N LEU G 302 35.18 -18.37 5.10
CA LEU G 302 35.36 -17.44 6.21
C LEU G 302 34.11 -17.40 7.06
N LEU H 17 25.48 -66.38 -19.52
CA LEU H 17 26.64 -65.73 -20.11
C LEU H 17 27.93 -66.21 -19.45
N ASN H 18 28.99 -66.34 -20.25
CA ASN H 18 30.31 -66.68 -19.75
C ASN H 18 31.33 -65.70 -20.29
N TYR H 19 32.23 -65.26 -19.42
CA TYR H 19 33.17 -64.21 -19.78
C TYR H 19 34.31 -64.21 -18.76
N GLU H 20 35.42 -63.58 -19.15
CA GLU H 20 36.46 -63.26 -18.19
C GLU H 20 35.93 -62.27 -17.17
N TYR H 21 36.03 -62.62 -15.89
CA TYR H 21 35.14 -62.16 -14.82
C TYR H 21 34.76 -60.69 -14.91
N PRO H 22 35.71 -59.75 -14.85
CA PRO H 22 35.30 -58.34 -14.79
C PRO H 22 34.58 -57.86 -16.03
N TYR H 23 34.74 -58.52 -17.16
CA TYR H 23 34.36 -57.96 -18.46
C TYR H 23 32.97 -58.45 -18.88
N HIS H 24 31.98 -58.17 -18.04
CA HIS H 24 30.61 -58.54 -18.35
C HIS H 24 30.20 -57.89 -19.68
N PRO H 25 29.70 -58.66 -20.65
CA PRO H 25 29.64 -58.14 -22.03
C PRO H 25 28.64 -57.01 -22.25
N SER H 26 27.68 -56.80 -21.35
CA SER H 26 26.79 -55.65 -21.45
C SER H 26 27.33 -54.42 -20.74
N GLY H 27 27.71 -54.57 -19.47
CA GLY H 27 28.00 -53.42 -18.64
C GLY H 27 29.44 -52.99 -18.70
N ASN H 28 30.35 -53.91 -19.00
CA ASN H 28 31.77 -53.60 -18.97
C ASN H 28 32.51 -54.43 -20.02
N PRO H 29 32.11 -54.36 -21.29
CA PRO H 29 32.78 -55.16 -22.32
C PRO H 29 34.28 -54.89 -22.38
N LYS H 30 35.05 -55.95 -22.63
CA LYS H 30 36.50 -55.82 -22.77
C LYS H 30 36.85 -55.15 -24.09
N HIS H 31 37.62 -54.07 -24.01
CA HIS H 31 38.12 -53.38 -25.19
C HIS H 31 39.62 -53.51 -25.39
N ILE H 32 40.39 -53.76 -24.34
CA ILE H 32 41.83 -53.95 -24.45
C ILE H 32 42.29 -54.96 -23.41
N ASP H 33 43.35 -55.70 -23.74
CA ASP H 33 44.04 -56.52 -22.76
C ASP H 33 45.05 -55.69 -21.99
N VAL H 34 45.15 -55.95 -20.69
CA VAL H 34 46.07 -55.23 -19.81
C VAL H 34 47.54 -55.49 -20.14
N SER H 35 47.82 -56.40 -21.07
CA SER H 35 49.15 -56.49 -21.65
C SER H 35 49.36 -55.59 -22.85
N GLU H 36 48.29 -55.30 -23.60
CA GLU H 36 48.40 -54.47 -24.80
C GLU H 36 48.71 -53.01 -24.48
N ILE H 37 48.33 -52.54 -23.30
CA ILE H 37 48.59 -51.14 -22.93
C ILE H 37 50.09 -50.84 -22.92
N ASP H 38 50.93 -51.87 -22.79
CA ASP H 38 52.37 -51.66 -22.93
C ASP H 38 52.81 -51.64 -24.39
N ASN H 39 52.07 -52.33 -25.28
CA ASN H 39 52.50 -52.47 -26.66
C ASN H 39 52.14 -51.28 -27.53
N LEU H 40 51.16 -50.48 -27.14
CA LEU H 40 50.78 -49.33 -27.94
C LEU H 40 51.83 -48.23 -27.87
N THR H 41 52.04 -47.56 -29.00
CA THR H 41 53.06 -46.53 -29.13
C THR H 41 52.48 -45.36 -29.90
N LEU H 42 53.15 -44.21 -29.81
CA LEU H 42 52.70 -43.02 -30.53
C LEU H 42 52.55 -43.29 -32.02
N ALA H 43 53.48 -44.05 -32.59
CA ALA H 43 53.42 -44.33 -34.03
C ALA H 43 52.17 -45.11 -34.41
N ASP H 44 51.60 -45.88 -33.48
CA ASP H 44 50.36 -46.59 -33.77
C ASP H 44 49.19 -45.65 -33.99
N TYR H 45 49.25 -44.43 -33.44
CA TYR H 45 48.26 -43.41 -33.71
C TYR H 45 48.62 -42.52 -34.90
N GLY H 46 49.67 -42.85 -35.64
CA GLY H 46 50.08 -42.05 -36.78
C GLY H 46 50.94 -40.85 -36.46
N TRP H 47 51.26 -40.63 -35.19
CA TRP H 47 52.14 -39.52 -34.81
C TRP H 47 53.58 -39.97 -35.01
N SER H 48 54.16 -39.59 -36.14
CA SER H 48 55.48 -40.02 -36.56
C SER H 48 56.18 -38.85 -37.22
N PRO H 49 57.51 -38.79 -37.16
CA PRO H 49 58.23 -37.74 -37.91
C PRO H 49 57.84 -37.65 -39.38
N ASP H 50 57.64 -38.79 -40.04
CA ASP H 50 57.21 -38.77 -41.43
C ASP H 50 55.92 -37.99 -41.63
N ALA H 51 54.97 -38.11 -40.70
CA ALA H 51 53.72 -37.35 -40.82
C ALA H 51 53.98 -35.84 -40.79
N VAL H 52 54.86 -35.40 -39.90
CA VAL H 52 55.22 -33.98 -39.87
C VAL H 52 55.87 -33.59 -41.19
N LYS H 53 56.89 -34.33 -41.62
CA LYS H 53 57.53 -34.02 -42.89
C LYS H 53 56.51 -33.94 -44.02
N ALA H 54 55.51 -34.83 -44.00
CA ALA H 54 54.45 -34.78 -44.99
C ALA H 54 53.73 -33.43 -44.96
N TYR H 55 53.47 -32.92 -43.76
CA TYR H 55 52.86 -31.60 -43.66
C TYR H 55 53.83 -30.47 -43.96
N MET H 56 55.13 -30.74 -44.03
CA MET H 56 56.12 -29.79 -44.52
C MET H 56 56.73 -30.27 -45.83
N PHE H 57 55.91 -30.81 -46.71
CA PHE H 57 56.37 -31.20 -48.03
C PHE H 57 57.07 -30.02 -48.71
N GLY H 58 58.21 -30.31 -49.32
CA GLY H 58 59.02 -29.31 -49.99
C GLY H 58 59.88 -28.45 -49.09
N ILE H 59 59.90 -28.70 -47.78
CA ILE H 59 60.81 -28.04 -46.87
C ILE H 59 61.75 -29.10 -46.29
N VAL H 60 62.98 -28.70 -46.01
CA VAL H 60 63.91 -29.52 -45.24
C VAL H 60 64.60 -28.65 -44.20
N VAL H 61 64.72 -29.18 -42.99
CA VAL H 61 65.31 -28.47 -41.85
C VAL H 61 66.70 -29.03 -41.61
N GLN H 62 67.72 -28.17 -41.68
CA GLN H 62 69.10 -28.62 -41.62
C GLN H 62 69.96 -27.52 -41.00
N ASN H 63 71.02 -27.95 -40.34
CA ASN H 63 71.90 -27.02 -39.65
C ASN H 63 72.63 -26.15 -40.67
N PRO H 64 72.52 -24.81 -40.62
CA PRO H 64 73.05 -24.01 -41.73
C PRO H 64 74.55 -24.16 -41.91
N ASP H 65 75.30 -24.36 -40.84
CA ASP H 65 76.74 -24.55 -40.96
C ASP H 65 77.11 -26.02 -41.15
N THR H 66 76.40 -26.92 -40.50
CA THR H 66 76.77 -28.33 -40.52
C THR H 66 76.08 -29.10 -41.64
N GLY H 67 74.95 -28.60 -42.15
CA GLY H 67 74.24 -29.26 -43.22
C GLY H 67 73.42 -30.46 -42.81
N GLN H 68 73.65 -31.01 -41.63
CA GLN H 68 72.93 -32.19 -41.19
C GLN H 68 71.46 -31.87 -40.94
N PRO H 69 70.54 -32.74 -41.35
CA PRO H 69 69.12 -32.50 -41.04
C PRO H 69 68.83 -32.72 -39.56
N MET H 70 67.76 -32.08 -39.10
CA MET H 70 67.31 -32.25 -37.72
C MET H 70 66.86 -33.69 -37.48
N GLY H 71 67.33 -34.27 -36.37
CA GLY H 71 67.07 -35.66 -36.10
C GLY H 71 65.67 -35.94 -35.56
N ASP H 72 65.26 -37.20 -35.73
CA ASP H 72 63.95 -37.65 -35.27
C ASP H 72 63.75 -37.53 -33.77
N GLU H 73 64.84 -37.49 -32.99
CA GLU H 73 64.71 -37.29 -31.54
C GLU H 73 63.86 -36.07 -31.21
N PHE H 74 64.19 -34.93 -31.82
CA PHE H 74 63.43 -33.70 -31.57
C PHE H 74 61.98 -33.84 -32.01
N TYR H 75 61.75 -34.47 -33.17
CA TYR H 75 60.38 -34.72 -33.61
C TYR H 75 59.58 -35.50 -32.58
N ASN H 76 60.12 -36.62 -32.10
CA ASN H 76 59.39 -37.43 -31.13
C ASN H 76 59.18 -36.69 -29.81
N HIS H 77 60.19 -35.94 -29.37
CA HIS H 77 60.04 -35.08 -28.19
C HIS H 77 58.85 -34.13 -28.35
N ILE H 78 58.87 -33.36 -29.43
CA ILE H 78 57.80 -32.41 -29.70
C ILE H 78 56.45 -33.12 -29.75
N LEU H 79 56.40 -34.29 -30.41
CA LEU H 79 55.14 -35.02 -30.50
C LEU H 79 54.62 -35.43 -29.13
N GLU H 80 55.50 -35.91 -28.25
CA GLU H 80 55.04 -36.29 -26.92
C GLU H 80 54.50 -35.09 -26.15
N ARG H 81 55.15 -33.94 -26.29
CA ARG H 81 54.63 -32.76 -25.59
C ARG H 81 53.36 -32.24 -26.24
N ALA H 82 53.21 -32.38 -27.56
CA ALA H 82 51.95 -32.03 -28.20
C ALA H 82 50.81 -32.91 -27.71
N VAL H 83 51.08 -34.19 -27.47
CA VAL H 83 50.08 -35.07 -26.88
C VAL H 83 49.72 -34.61 -25.47
N GLY H 84 50.72 -34.24 -24.67
CA GLY H 84 50.41 -33.71 -23.34
C GLY H 84 49.56 -32.46 -23.38
N LYS H 85 49.92 -31.51 -24.26
CA LYS H 85 49.14 -30.30 -24.44
C LYS H 85 47.71 -30.60 -24.86
N ALA H 86 47.53 -31.55 -25.79
CA ALA H 86 46.18 -31.92 -26.21
C ALA H 86 45.39 -32.56 -25.07
N GLU H 87 46.03 -33.40 -24.27
CA GLU H 87 45.34 -34.06 -23.16
C GLU H 87 44.90 -33.10 -22.07
N ARG H 88 45.64 -32.02 -21.83
CA ARG H 88 45.10 -30.97 -20.97
C ARG H 88 44.18 -29.98 -21.68
N ALA H 89 44.35 -29.73 -22.98
CA ALA H 89 43.48 -28.77 -23.65
C ALA H 89 42.03 -29.24 -23.65
N LEU H 90 41.82 -30.54 -23.86
CA LEU H 90 40.54 -31.19 -23.65
C LEU H 90 40.70 -32.12 -22.46
N ASP H 91 39.72 -32.13 -21.55
CA ASP H 91 39.87 -32.84 -20.28
C ASP H 91 39.71 -34.34 -20.49
N ILE H 92 40.72 -34.95 -21.12
CA ILE H 92 40.62 -36.30 -21.65
C ILE H 92 41.93 -37.05 -21.36
N SER H 93 41.84 -38.37 -21.45
CA SER H 93 43.01 -39.25 -21.44
C SER H 93 43.11 -39.93 -22.80
N ILE H 94 44.26 -39.78 -23.47
CA ILE H 94 44.40 -40.26 -24.83
C ILE H 94 45.06 -41.64 -24.83
N LEU H 95 46.31 -41.72 -24.39
CA LEU H 95 47.00 -43.01 -24.39
C LEU H 95 46.51 -43.87 -23.23
N PRO H 96 46.24 -45.16 -23.47
CA PRO H 96 45.80 -46.04 -22.38
C PRO H 96 46.73 -46.02 -21.17
N ASP H 97 46.14 -45.94 -19.99
CA ASP H 97 46.89 -46.06 -18.74
C ASP H 97 45.98 -46.64 -17.68
N THR H 98 46.58 -47.32 -16.71
CA THR H 98 45.85 -47.88 -15.58
C THR H 98 45.66 -46.81 -14.51
N GLN H 99 44.42 -46.54 -14.16
CA GLN H 99 44.06 -45.54 -13.15
C GLN H 99 43.57 -46.22 -11.89
N HIS H 100 44.11 -45.80 -10.74
CA HIS H 100 43.66 -46.24 -9.43
C HIS H 100 43.17 -45.01 -8.66
N GLU H 101 41.88 -44.97 -8.36
CA GLU H 101 41.26 -43.84 -7.68
C GLU H 101 40.63 -44.26 -6.36
N MET H 102 40.78 -43.40 -5.35
CA MET H 102 40.02 -43.46 -4.10
C MET H 102 39.03 -42.30 -4.11
N ARG H 103 37.74 -42.61 -4.08
CA ARG H 103 36.69 -41.62 -4.31
C ARG H 103 35.86 -41.41 -3.05
N ASP H 104 35.45 -40.17 -2.83
CA ASP H 104 34.67 -39.81 -1.65
C ASP H 104 33.24 -40.34 -1.74
N TYR H 105 32.72 -40.76 -0.60
CA TYR H 105 31.29 -40.99 -0.47
C TYR H 105 30.55 -39.65 -0.38
N HIS H 106 29.54 -39.48 -1.24
CA HIS H 106 28.56 -38.41 -1.12
C HIS H 106 27.17 -38.98 -1.19
N GLU H 107 26.30 -38.58 -0.25
CA GLU H 107 25.02 -39.25 -0.06
C GLU H 107 24.13 -39.13 -1.29
N THR H 108 24.05 -37.94 -1.89
CA THR H 108 23.19 -37.73 -3.04
C THR H 108 23.57 -38.65 -4.19
N GLU H 109 24.85 -38.71 -4.52
CA GLU H 109 25.27 -39.52 -5.67
C GLU H 109 25.34 -40.99 -5.33
N PHE H 110 25.62 -41.33 -4.07
CA PHE H 110 25.59 -42.73 -3.66
C PHE H 110 24.18 -43.30 -3.73
N ASN H 111 23.18 -42.51 -3.35
CA ASN H 111 21.79 -42.93 -3.54
C ASN H 111 21.40 -43.03 -5.00
N SER H 112 22.07 -42.29 -5.88
CA SER H 112 21.73 -42.28 -7.31
C SER H 112 22.39 -43.44 -8.06
N TYR H 113 22.09 -44.65 -7.61
CA TYR H 113 22.67 -45.87 -8.18
C TYR H 113 24.19 -45.87 -8.06
N MET H 114 24.70 -45.37 -6.94
CA MET H 114 26.14 -45.36 -6.67
C MET H 114 26.88 -44.61 -7.77
N PHE H 115 26.34 -43.47 -8.17
CA PHE H 115 26.93 -42.70 -9.27
C PHE H 115 28.31 -42.19 -8.87
N VAL H 116 29.30 -42.43 -9.73
CA VAL H 116 30.62 -41.82 -9.60
C VAL H 116 31.07 -41.36 -10.98
N HIS H 117 31.64 -40.15 -11.03
CA HIS H 117 32.30 -39.64 -12.23
C HIS H 117 33.80 -39.85 -12.10
N ALA H 118 34.37 -40.57 -13.07
CA ALA H 118 35.81 -40.79 -13.09
C ALA H 118 36.53 -39.48 -13.36
N TYR H 119 37.75 -39.36 -12.81
CA TYR H 119 38.57 -38.19 -13.09
C TYR H 119 39.07 -38.18 -14.52
N ARG H 120 39.22 -39.35 -15.13
CA ARG H 120 39.80 -39.49 -16.46
C ARG H 120 38.81 -40.20 -17.37
N LYS H 121 38.71 -39.75 -18.60
CA LYS H 121 37.78 -40.30 -19.57
C LYS H 121 38.43 -40.27 -20.95
N PRO H 122 37.99 -41.13 -21.88
CA PRO H 122 37.01 -42.21 -21.77
C PRO H 122 37.43 -43.36 -20.85
N ILE H 123 36.47 -44.13 -20.35
CA ILE H 123 36.76 -45.42 -19.75
C ILE H 123 36.92 -46.45 -20.86
N LEU H 124 38.08 -47.11 -20.91
CA LEU H 124 38.19 -48.32 -21.72
C LEU H 124 37.53 -49.50 -21.02
N GLN H 125 37.85 -49.71 -19.74
CA GLN H 125 37.14 -50.71 -18.95
C GLN H 125 37.37 -50.44 -17.47
N VAL H 126 36.45 -50.92 -16.65
CA VAL H 126 36.62 -50.93 -15.21
C VAL H 126 37.29 -52.24 -14.81
N GLU H 127 38.32 -52.16 -13.96
CA GLU H 127 39.06 -53.33 -13.52
C GLU H 127 38.67 -53.79 -12.12
N ASN H 128 38.35 -52.87 -11.22
CA ASN H 128 37.95 -53.24 -9.87
C ASN H 128 37.12 -52.12 -9.26
N LEU H 129 36.22 -52.50 -8.36
CA LEU H 129 35.36 -51.54 -7.67
C LEU H 129 34.95 -52.11 -6.33
N GLN H 130 35.36 -51.45 -5.25
CA GLN H 130 35.15 -51.97 -3.91
C GLN H 130 34.85 -50.85 -2.94
N LEU H 131 34.05 -51.18 -1.93
CA LEU H 131 33.85 -50.32 -0.76
C LEU H 131 34.67 -50.91 0.38
N GLN H 132 35.48 -50.09 1.04
CA GLN H 132 36.51 -50.58 1.92
C GLN H 132 36.61 -49.73 3.18
N PHE H 133 37.30 -50.28 4.16
CA PHE H 133 37.50 -49.62 5.45
C PHE H 133 38.89 -50.00 5.96
N ASN H 134 39.81 -49.04 5.93
CA ASN H 134 41.21 -49.28 6.28
C ASN H 134 41.86 -50.35 5.39
N GLY H 135 41.47 -50.36 4.11
CA GLY H 135 41.95 -51.35 3.19
C GLY H 135 41.23 -52.68 3.22
N ARG H 136 40.41 -52.94 4.23
CA ARG H 136 39.62 -54.16 4.26
C ARG H 136 38.43 -54.01 3.30
N PRO H 137 38.25 -54.90 2.32
CA PRO H 137 37.02 -54.84 1.53
C PRO H 137 35.80 -55.08 2.40
N ILE H 138 34.94 -54.07 2.47
CA ILE H 138 33.64 -54.24 3.11
C ILE H 138 32.66 -54.93 2.17
N TYR H 139 32.65 -54.56 0.89
CA TYR H 139 31.88 -55.27 -0.10
C TYR H 139 32.57 -55.20 -1.47
N LYS H 140 32.51 -56.31 -2.20
CA LYS H 140 32.96 -56.38 -3.59
C LYS H 140 31.72 -56.53 -4.46
N TYR H 141 31.48 -55.55 -5.31
CA TYR H 141 30.26 -55.56 -6.12
C TYR H 141 30.38 -56.58 -7.25
N PRO H 142 29.40 -57.45 -7.44
CA PRO H 142 29.46 -58.37 -8.59
C PRO H 142 29.61 -57.62 -9.90
N ALA H 143 30.49 -58.14 -10.76
CA ALA H 143 30.77 -57.47 -12.02
C ALA H 143 29.55 -57.36 -12.92
N ASN H 144 28.55 -58.23 -12.73
CA ASN H 144 27.31 -58.11 -13.49
C ASN H 144 26.47 -56.92 -13.05
N TRP H 145 26.80 -56.28 -11.94
CA TRP H 145 26.13 -55.05 -11.54
C TRP H 145 26.74 -53.80 -12.17
N TRP H 146 28.00 -53.88 -12.60
CA TRP H 146 28.71 -52.68 -13.03
C TRP H 146 28.10 -52.16 -14.34
N LYS H 147 27.69 -50.90 -14.34
CA LYS H 147 27.22 -50.21 -15.53
C LYS H 147 28.22 -49.10 -15.86
N VAL H 148 28.81 -49.18 -17.05
CA VAL H 148 29.83 -48.23 -17.49
C VAL H 148 29.30 -47.50 -18.72
N GLU H 149 29.48 -46.18 -18.75
CA GLU H 149 29.27 -45.38 -19.94
C GLU H 149 30.62 -44.80 -20.33
N HIS H 150 31.17 -45.27 -21.45
CA HIS H 150 32.60 -45.12 -21.71
C HIS H 150 32.99 -43.68 -22.01
N LEU H 151 32.32 -43.06 -22.98
CA LEU H 151 32.69 -41.70 -23.35
C LEU H 151 32.33 -40.68 -22.28
N ALA H 152 31.26 -40.92 -21.53
CA ALA H 152 30.89 -40.00 -20.47
C ALA H 152 31.89 -40.04 -19.31
N GLY H 153 32.46 -41.20 -19.04
CA GLY H 153 33.25 -41.37 -17.84
C GLY H 153 32.42 -41.65 -16.60
N HIS H 154 31.29 -42.30 -16.76
CA HIS H 154 30.35 -42.56 -15.68
C HIS H 154 30.34 -44.05 -15.36
N VAL H 155 30.30 -44.37 -14.07
CA VAL H 155 30.10 -45.73 -13.60
C VAL H 155 28.93 -45.74 -12.64
N GLN H 156 28.09 -46.76 -12.73
CA GLN H 156 26.94 -46.92 -11.85
C GLN H 156 26.76 -48.39 -11.53
N LEU H 157 26.00 -48.65 -10.47
CA LEU H 157 25.54 -50.00 -10.12
C LEU H 157 24.04 -50.09 -10.34
N PHE H 158 23.60 -51.20 -10.94
CA PHE H 158 22.19 -51.56 -11.00
C PHE H 158 22.01 -52.92 -10.32
N PRO H 159 21.73 -52.95 -9.03
CA PRO H 159 21.74 -54.24 -8.30
C PRO H 159 20.71 -55.20 -8.86
N THR H 160 21.17 -56.41 -9.15
CA THR H 160 20.24 -57.45 -9.60
C THR H 160 19.44 -58.02 -8.44
N ALA H 161 20.06 -58.15 -7.27
CA ALA H 161 19.47 -58.84 -6.13
C ALA H 161 18.91 -60.20 -6.53
N GLY H 189 24.97 -40.88 8.95
CA GLY H 189 24.86 -39.78 9.87
C GLY H 189 25.53 -38.50 9.39
N ALA H 190 26.21 -38.58 8.25
CA ALA H 190 26.81 -37.41 7.62
C ALA H 190 26.63 -37.52 6.11
N THR H 191 26.65 -36.37 5.45
CA THR H 191 26.43 -36.35 4.00
C THR H 191 27.67 -36.75 3.21
N PHE H 192 28.84 -36.79 3.83
CA PHE H 192 30.04 -37.22 3.13
C PHE H 192 30.99 -37.90 4.10
N ALA H 193 31.90 -38.70 3.54
CA ALA H 193 32.99 -39.30 4.30
C ALA H 193 34.11 -39.58 3.32
N PRO H 194 35.37 -39.42 3.74
CA PRO H 194 36.48 -39.48 2.76
C PRO H 194 36.85 -40.88 2.33
N GLN H 195 37.12 -41.01 1.02
CA GLN H 195 37.85 -42.13 0.43
C GLN H 195 37.25 -43.49 0.77
N MET H 196 35.92 -43.56 0.83
CA MET H 196 35.29 -44.85 1.09
C MET H 196 35.36 -45.78 -0.12
N ILE H 197 35.30 -45.23 -1.33
CA ILE H 197 35.16 -46.01 -2.55
C ILE H 197 36.51 -46.17 -3.20
N ARG H 198 36.88 -47.41 -3.51
CA ARG H 198 38.09 -47.74 -4.24
C ARG H 198 37.72 -48.14 -5.67
N LEU H 199 38.24 -47.41 -6.65
CA LEU H 199 37.93 -47.62 -8.05
C LEU H 199 39.22 -47.72 -8.86
N GLU H 200 39.41 -48.86 -9.53
CA GLU H 200 40.50 -49.04 -10.47
C GLU H 200 39.93 -49.26 -11.87
N TYR H 201 40.48 -48.57 -12.85
CA TYR H 201 40.00 -48.66 -14.22
C TYR H 201 41.13 -48.26 -15.15
N VAL H 202 40.96 -48.56 -16.44
CA VAL H 202 41.82 -48.07 -17.49
C VAL H 202 41.11 -46.93 -18.22
N SER H 203 41.76 -45.77 -18.28
CA SER H 203 41.36 -44.67 -19.13
C SER H 203 42.20 -44.65 -20.40
N GLY H 204 41.63 -44.06 -21.45
CA GLY H 204 42.38 -43.86 -22.69
C GLY H 204 41.54 -44.01 -23.94
N MET H 205 42.18 -43.92 -25.10
CA MET H 205 41.56 -44.23 -26.39
C MET H 205 42.39 -45.25 -27.15
N LEU H 206 41.70 -46.10 -27.89
CA LEU H 206 42.33 -47.01 -28.83
C LEU H 206 42.43 -46.38 -30.21
N PRO H 207 43.43 -46.74 -31.02
CA PRO H 207 43.43 -46.28 -32.40
C PRO H 207 42.25 -46.81 -33.18
N ARG H 208 41.63 -45.93 -33.97
CA ARG H 208 40.41 -46.28 -34.68
C ARG H 208 40.65 -47.39 -35.69
N LYS H 209 39.65 -48.26 -35.83
CA LYS H 209 39.78 -49.46 -36.66
C LYS H 209 39.33 -49.27 -38.09
N LYS H 210 38.51 -48.25 -38.37
CA LYS H 210 38.00 -47.98 -39.71
C LYS H 210 38.37 -46.56 -40.14
N ALA H 211 38.49 -46.37 -41.44
CA ALA H 211 38.67 -45.03 -41.99
C ALA H 211 37.43 -44.17 -41.73
N GLY H 212 37.66 -42.93 -41.35
CA GLY H 212 36.62 -41.93 -41.23
C GLY H 212 35.67 -42.10 -40.07
N ARG H 213 35.76 -43.19 -39.32
CA ARG H 213 34.79 -43.54 -38.30
C ARG H 213 35.52 -43.83 -36.99
N ASN H 214 34.84 -43.53 -35.88
CA ASN H 214 35.34 -43.91 -34.57
C ASN H 214 34.20 -44.32 -33.66
N LYS H 215 34.43 -45.34 -32.85
CA LYS H 215 33.56 -45.65 -31.74
C LYS H 215 33.80 -44.64 -30.63
N PRO H 216 32.91 -44.57 -29.64
CA PRO H 216 33.09 -43.58 -28.56
C PRO H 216 34.37 -43.75 -27.77
N TRP H 217 34.96 -44.95 -27.75
CA TRP H 217 36.23 -45.21 -27.11
C TRP H 217 37.42 -45.12 -28.05
N GLU H 218 37.20 -44.73 -29.31
CA GLU H 218 38.27 -44.60 -30.29
C GLU H 218 38.57 -43.14 -30.57
N MET H 219 39.82 -42.89 -30.91
CA MET H 219 40.28 -41.51 -31.10
C MET H 219 39.60 -40.90 -32.33
N PRO H 220 39.04 -39.69 -32.23
CA PRO H 220 38.52 -39.04 -33.43
C PRO H 220 39.62 -38.80 -34.44
N PRO H 221 39.36 -38.99 -35.74
CA PRO H 221 40.44 -38.86 -36.73
C PRO H 221 41.20 -37.55 -36.70
N GLU H 222 40.56 -36.44 -36.29
CA GLU H 222 41.22 -35.14 -36.35
C GLU H 222 41.80 -34.69 -35.01
N LEU H 223 41.60 -35.43 -33.92
CA LEU H 223 42.44 -35.18 -32.76
C LEU H 223 43.88 -35.53 -33.06
N GLU H 224 44.07 -36.54 -33.91
CA GLU H 224 45.38 -36.81 -34.46
C GLU H 224 45.92 -35.59 -35.19
N GLN H 225 45.08 -34.97 -36.02
CA GLN H 225 45.50 -33.80 -36.76
C GLN H 225 45.76 -32.61 -35.85
N LEU H 226 45.04 -32.51 -34.73
CA LEU H 226 45.34 -31.45 -33.76
C LEU H 226 46.74 -31.61 -33.18
N VAL H 227 47.08 -32.84 -32.77
CA VAL H 227 48.43 -33.07 -32.26
C VAL H 227 49.48 -32.81 -33.34
N ILE H 228 49.18 -33.20 -34.58
CA ILE H 228 50.05 -32.87 -35.71
C ILE H 228 50.25 -31.38 -35.82
N LYS H 229 49.16 -30.62 -35.86
CA LYS H 229 49.26 -29.16 -35.96
C LYS H 229 50.10 -28.55 -34.84
N TYR H 230 49.93 -29.01 -33.60
CA TYR H 230 50.79 -28.49 -32.53
C TYR H 230 52.27 -28.79 -32.78
N ALA H 231 52.58 -30.02 -33.18
CA ALA H 231 53.97 -30.34 -33.53
C ALA H 231 54.46 -29.43 -34.65
N LEU H 232 53.70 -29.39 -35.74
CA LEU H 232 54.04 -28.55 -36.89
C LEU H 232 54.30 -27.11 -36.47
N LYS H 233 53.50 -26.61 -35.52
CA LYS H 233 53.68 -25.24 -35.05
C LYS H 233 55.02 -25.06 -34.35
N GLU H 234 55.47 -26.09 -33.63
CA GLU H 234 56.80 -25.96 -33.02
C GLU H 234 57.90 -26.08 -34.08
N ILE H 235 57.75 -27.00 -35.02
CA ILE H 235 58.76 -27.17 -36.05
C ILE H 235 58.88 -25.91 -36.91
N TYR H 236 57.74 -25.28 -37.22
CA TYR H 236 57.80 -23.99 -37.90
C TYR H 236 58.45 -22.90 -37.06
N GLN H 237 58.26 -22.92 -35.74
CA GLN H 237 58.98 -21.92 -34.94
C GLN H 237 60.48 -22.13 -35.01
N VAL H 238 60.92 -23.39 -35.02
CA VAL H 238 62.35 -23.66 -35.17
C VAL H 238 62.83 -23.24 -36.56
N TRP H 239 62.18 -23.73 -37.61
CA TRP H 239 62.57 -23.46 -38.98
C TRP H 239 62.63 -21.98 -39.32
N GLY H 240 61.73 -21.17 -38.76
CA GLY H 240 61.71 -19.76 -39.10
C GLY H 240 62.96 -18.97 -38.71
N ASN H 241 63.85 -19.51 -37.89
CA ASN H 241 65.12 -18.85 -37.64
C ASN H 241 66.17 -19.09 -38.74
N LEU H 242 66.06 -20.17 -39.51
CA LEU H 242 67.17 -20.66 -40.32
C LEU H 242 67.02 -20.39 -41.81
N ILE H 243 65.88 -19.86 -42.26
CA ILE H 243 65.69 -19.62 -43.69
C ILE H 243 66.71 -18.65 -44.25
N ILE H 244 67.19 -17.71 -43.45
CA ILE H 244 68.19 -16.73 -43.86
C ILE H 244 69.22 -16.65 -42.72
N GLY H 245 70.36 -16.03 -43.02
CA GLY H 245 71.30 -15.69 -41.98
C GLY H 245 70.65 -14.92 -40.85
N ALA H 246 71.24 -15.02 -39.66
CA ALA H 246 70.64 -14.43 -38.46
C ALA H 246 70.40 -12.93 -38.63
N GLY H 247 69.16 -12.52 -38.37
CA GLY H 247 68.79 -11.12 -38.37
C GLY H 247 68.72 -10.45 -39.73
N ILE H 248 68.91 -11.19 -40.82
CA ILE H 248 68.81 -10.60 -42.15
C ILE H 248 67.35 -10.52 -42.55
N ALA H 249 66.91 -9.33 -42.96
CA ALA H 249 65.56 -9.10 -43.47
C ALA H 249 65.55 -8.53 -44.87
N ASN H 250 66.65 -7.94 -45.33
CA ASN H 250 66.86 -7.62 -46.73
C ASN H 250 68.36 -7.72 -46.99
N LYS H 251 68.71 -8.05 -48.22
CA LYS H 251 70.11 -7.94 -48.62
C LYS H 251 70.20 -7.50 -50.07
N THR H 252 71.26 -6.77 -50.37
CA THR H 252 71.68 -6.50 -51.73
C THR H 252 73.17 -6.71 -51.78
N LEU H 253 73.66 -7.34 -52.84
CA LEU H 253 75.07 -7.38 -53.14
C LEU H 253 75.25 -7.01 -54.60
N GLU H 254 76.18 -6.10 -54.85
CA GLU H 254 76.52 -5.69 -56.20
C GLU H 254 78.02 -5.82 -56.37
N VAL H 255 78.45 -6.53 -57.42
CA VAL H 255 79.86 -6.72 -57.71
C VAL H 255 80.01 -6.65 -59.22
N ASP H 256 80.86 -5.76 -59.70
CA ASP H 256 81.30 -5.71 -61.09
C ASP H 256 80.12 -5.77 -62.07
N GLY H 257 79.10 -4.97 -61.80
CA GLY H 257 77.94 -4.90 -62.67
C GLY H 257 76.98 -6.06 -62.56
N ILE H 258 77.21 -7.00 -61.65
CA ILE H 258 76.25 -8.04 -61.31
C ILE H 258 75.60 -7.66 -59.99
N THR H 259 74.28 -7.71 -59.94
CA THR H 259 73.52 -7.39 -58.74
C THR H 259 72.60 -8.54 -58.37
N GLU H 260 72.57 -8.85 -57.08
CA GLU H 260 71.61 -9.78 -56.51
C GLU H 260 70.94 -9.10 -55.33
N THR H 261 69.65 -9.37 -55.15
CA THR H 261 68.89 -8.72 -54.07
C THR H 261 67.75 -9.63 -53.66
N ILE H 262 67.63 -9.88 -52.36
CA ILE H 262 66.64 -10.80 -51.82
C ILE H 262 65.88 -10.07 -50.72
N GLY H 263 64.56 -10.07 -50.83
CA GLY H 263 63.69 -9.77 -49.71
C GLY H 263 63.09 -11.06 -49.17
N THR H 264 62.80 -11.07 -47.86
CA THR H 264 62.45 -12.29 -47.16
C THR H 264 61.23 -12.05 -46.29
N THR H 265 60.58 -13.15 -45.91
CA THR H 265 59.44 -13.14 -45.01
C THR H 265 59.80 -12.76 -43.58
N GLN H 266 61.08 -12.69 -43.25
CA GLN H 266 61.48 -12.10 -41.98
C GLN H 266 61.28 -10.60 -42.00
N SER H 267 61.06 -10.04 -40.81
CA SER H 267 60.98 -8.60 -40.62
C SER H 267 61.25 -8.31 -39.15
N ALA H 268 61.41 -7.03 -38.84
CA ALA H 268 61.57 -6.63 -37.44
C ALA H 268 60.35 -6.96 -36.59
N MET H 269 59.18 -7.14 -37.20
CA MET H 269 58.00 -7.64 -36.49
C MET H 269 57.82 -9.15 -36.63
N TYR H 270 57.64 -9.64 -37.86
CA TYR H 270 57.21 -11.00 -38.11
C TYR H 270 58.37 -11.91 -38.43
N GLY H 271 58.40 -13.06 -37.77
CA GLY H 271 59.37 -14.09 -38.10
C GLY H 271 58.98 -14.77 -39.40
N GLY H 272 59.93 -15.53 -39.95
CA GLY H 272 59.79 -16.05 -41.29
C GLY H 272 58.58 -16.95 -41.50
N ALA H 273 58.03 -17.53 -40.42
CA ALA H 273 56.87 -18.41 -40.52
C ALA H 273 55.65 -17.86 -39.78
N SER H 274 55.62 -16.56 -39.48
CA SER H 274 54.44 -15.94 -38.88
C SER H 274 53.14 -16.35 -39.55
N ALA H 275 53.08 -16.23 -40.88
CA ALA H 275 51.85 -16.52 -41.62
C ALA H 275 51.37 -17.95 -41.37
N GLN H 276 52.26 -18.93 -41.56
CA GLN H 276 51.88 -20.32 -41.35
C GLN H 276 51.40 -20.57 -39.93
N ILE H 277 52.09 -19.98 -38.95
CA ILE H 277 51.69 -20.15 -37.55
C ILE H 277 50.29 -19.59 -37.31
N LEU H 278 50.02 -18.39 -37.83
CA LEU H 278 48.67 -17.83 -37.76
C LEU H 278 47.63 -18.77 -38.36
N GLN H 279 47.89 -19.29 -39.55
CA GLN H 279 46.95 -20.22 -40.17
C GLN H 279 46.73 -21.46 -39.30
N ILE H 280 47.82 -22.04 -38.82
CA ILE H 280 47.73 -23.20 -37.92
C ILE H 280 46.91 -22.87 -36.69
N ASN H 281 47.08 -21.67 -36.12
CA ASN H 281 46.26 -21.25 -35.00
C ASN H 281 44.77 -21.21 -35.37
N GLU H 282 44.45 -20.71 -36.56
CA GLU H 282 43.05 -20.76 -37.01
C GLU H 282 42.53 -22.19 -37.04
N ASP H 283 43.26 -23.08 -37.70
CA ASP H 283 42.84 -24.48 -37.78
C ASP H 283 42.67 -25.09 -36.39
N ILE H 284 43.62 -24.83 -35.48
CA ILE H 284 43.49 -25.28 -34.11
C ILE H 284 42.20 -24.77 -33.49
N LYS H 285 41.89 -23.49 -33.70
CA LYS H 285 40.66 -22.93 -33.16
C LYS H 285 39.43 -23.72 -33.62
N GLU H 286 39.33 -23.96 -34.93
CA GLU H 286 38.21 -24.74 -35.45
C GLU H 286 38.16 -26.15 -34.85
N LEU H 287 39.32 -26.81 -34.80
CA LEU H 287 39.38 -28.16 -34.26
C LEU H 287 38.93 -28.19 -32.80
N LEU H 288 39.41 -27.24 -32.01
CA LEU H 288 39.05 -27.21 -30.60
C LEU H 288 37.57 -26.90 -30.41
N ASP H 289 36.99 -26.02 -31.24
CA ASP H 289 35.56 -25.83 -31.20
C ASP H 289 34.82 -27.14 -31.41
N GLY H 290 35.17 -27.88 -32.47
CA GLY H 290 34.52 -29.14 -32.73
C GLY H 290 34.67 -30.15 -31.61
N LEU H 291 35.89 -30.29 -31.08
CA LEU H 291 36.12 -31.28 -30.03
C LEU H 291 35.52 -30.88 -28.68
N ARG H 292 35.49 -29.58 -28.35
CA ARG H 292 34.76 -29.13 -27.18
C ARG H 292 33.25 -29.16 -27.38
N ALA H 293 32.79 -29.40 -28.59
CA ALA H 293 31.40 -29.78 -28.79
C ALA H 293 31.20 -31.28 -28.66
N TYR H 294 32.22 -32.07 -29.01
CA TYR H 294 32.13 -33.51 -28.91
C TYR H 294 32.16 -33.97 -27.46
N PHE H 295 33.18 -33.57 -26.71
CA PHE H 295 33.15 -33.66 -25.26
C PHE H 295 32.30 -32.55 -24.67
N GLY H 296 31.59 -32.87 -23.59
CA GLY H 296 30.60 -31.96 -23.04
C GLY H 296 31.20 -30.93 -22.10
N TYR H 297 30.31 -30.08 -21.59
CA TYR H 297 30.64 -29.18 -20.49
C TYR H 297 30.76 -29.94 -19.18
N ASN H 298 31.77 -29.58 -18.40
CA ASN H 298 31.93 -30.16 -17.07
C ASN H 298 30.91 -29.57 -16.12
N MET H 299 30.46 -30.38 -15.18
CA MET H 299 29.45 -29.98 -14.21
C MET H 299 29.64 -30.77 -12.93
N ILE H 300 29.25 -30.16 -11.81
CA ILE H 300 29.17 -30.86 -10.53
C ILE H 300 28.04 -30.27 -9.72
N GLY H 301 27.40 -31.12 -8.92
CA GLY H 301 26.37 -30.69 -8.01
C GLY H 301 26.89 -30.50 -6.60
N LEU H 302 26.58 -29.35 -6.02
CA LEU H 302 26.99 -29.03 -4.66
C LEU H 302 25.77 -29.01 -3.76
N LEU I 17 1.75 -59.17 -45.65
CA LEU I 17 3.03 -58.64 -46.08
C LEU I 17 4.15 -59.61 -45.70
N ASN I 18 5.17 -59.72 -46.55
CA ASN I 18 6.35 -60.53 -46.29
C ASN I 18 7.61 -59.71 -46.53
N TYR I 19 8.57 -59.85 -45.64
CA TYR I 19 9.77 -59.02 -45.65
C TYR I 19 10.84 -59.70 -44.80
N GLU I 20 12.08 -59.27 -44.99
CA GLU I 20 13.15 -59.64 -44.07
C GLU I 20 12.90 -59.01 -42.71
N TYR I 21 12.87 -59.85 -41.67
CA TYR I 21 12.12 -59.62 -40.44
C TYR I 21 12.19 -58.19 -39.88
N PRO I 22 13.38 -57.67 -39.55
CA PRO I 22 13.41 -56.35 -38.89
C PRO I 22 12.93 -55.22 -39.77
N TYR I 23 12.94 -55.39 -41.09
CA TYR I 23 12.78 -54.27 -42.01
C TYR I 23 11.34 -54.14 -42.48
N HIS I 24 10.44 -53.95 -41.52
CA HIS I 24 9.04 -53.77 -41.86
C HIS I 24 8.91 -52.54 -42.76
N PRO I 25 8.25 -52.65 -43.92
CA PRO I 25 8.42 -51.63 -44.96
C PRO I 25 7.87 -50.26 -44.62
N SER I 26 7.01 -50.14 -43.61
CA SER I 26 6.55 -48.82 -43.15
C SER I 26 7.47 -48.21 -42.09
N GLY I 27 7.77 -48.95 -41.04
CA GLY I 27 8.43 -48.35 -39.89
C GLY I 27 9.94 -48.38 -39.94
N ASN I 28 10.50 -49.35 -40.65
CA ASN I 28 11.95 -49.53 -40.67
C ASN I 28 12.39 -50.10 -42.02
N PRO I 29 12.02 -49.46 -43.13
CA PRO I 29 12.40 -50.00 -44.44
C PRO I 29 13.91 -50.18 -44.57
N LYS I 30 14.31 -51.26 -45.24
CA LYS I 30 15.71 -51.52 -45.48
C LYS I 30 16.26 -50.55 -46.52
N HIS I 31 17.33 -49.86 -46.17
CA HIS I 31 18.01 -48.95 -47.09
C HIS I 31 19.39 -49.44 -47.50
N ILE I 32 20.04 -50.30 -46.71
CA ILE I 32 21.34 -50.85 -47.08
C ILE I 32 21.43 -52.28 -46.60
N ASP I 33 22.21 -53.08 -47.33
CA ASP I 33 22.59 -54.42 -46.91
C ASP I 33 23.84 -54.35 -46.03
N VAL I 34 23.87 -55.19 -44.99
CA VAL I 34 25.00 -55.24 -44.07
C VAL I 34 26.28 -55.75 -44.72
N SER I 35 26.21 -56.16 -45.99
CA SER I 35 27.42 -56.38 -46.78
C SER I 35 27.89 -55.12 -47.49
N GLU I 36 26.98 -54.22 -47.86
CA GLU I 36 27.37 -53.02 -48.59
C GLU I 36 28.14 -52.05 -47.71
N ILE I 37 27.92 -52.06 -46.40
CA ILE I 37 28.62 -51.16 -45.50
C ILE I 37 30.13 -51.39 -45.51
N ASP I 38 30.58 -52.58 -45.91
CA ASP I 38 32.01 -52.80 -46.12
C ASP I 38 32.49 -52.34 -47.49
N ASN I 39 31.61 -52.34 -48.49
CA ASN I 39 32.02 -52.06 -49.86
C ASN I 39 32.11 -50.57 -50.18
N LEU I 40 31.45 -49.70 -49.41
CA LEU I 40 31.52 -48.27 -49.71
C LEU I 40 32.88 -47.69 -49.38
N THR I 41 33.33 -46.77 -50.23
CA THR I 41 34.65 -46.15 -50.11
C THR I 41 34.51 -44.65 -50.36
N LEU I 42 35.54 -43.90 -49.96
CA LEU I 42 35.52 -42.46 -50.15
C LEU I 42 35.29 -42.08 -51.60
N ALA I 43 35.89 -42.82 -52.54
CA ALA I 43 35.74 -42.48 -53.95
C ALA I 43 34.31 -42.63 -54.43
N ASP I 44 33.51 -43.49 -53.78
CA ASP I 44 32.10 -43.60 -54.14
C ASP I 44 31.31 -42.34 -53.82
N TYR I 45 31.77 -41.52 -52.88
CA TYR I 45 31.17 -40.23 -52.60
C TYR I 45 31.77 -39.10 -53.41
N GLY I 46 32.67 -39.40 -54.36
CA GLY I 46 33.30 -38.37 -55.15
C GLY I 46 34.49 -37.69 -54.51
N TRP I 47 34.87 -38.09 -53.30
CA TRP I 47 36.05 -37.56 -52.62
C TRP I 47 37.28 -38.29 -53.11
N SER I 48 37.97 -37.67 -54.07
CA SER I 48 39.13 -38.26 -54.74
C SER I 48 40.17 -37.18 -54.96
N PRO I 49 41.46 -37.55 -55.00
CA PRO I 49 42.49 -36.56 -55.36
C PRO I 49 42.21 -35.79 -56.64
N ASP I 50 41.70 -36.48 -57.67
CA ASP I 50 41.37 -35.80 -58.92
C ASP I 50 40.37 -34.67 -58.71
N ALA I 51 39.39 -34.85 -57.82
CA ALA I 51 38.45 -33.77 -57.55
C ALA I 51 39.15 -32.54 -56.96
N VAL I 52 40.08 -32.75 -56.04
CA VAL I 52 40.84 -31.63 -55.51
C VAL I 52 41.63 -30.97 -56.64
N LYS I 53 42.41 -31.75 -57.38
CA LYS I 53 43.17 -31.18 -58.48
C LYS I 53 42.25 -30.39 -59.41
N ALA I 54 41.04 -30.89 -59.65
CA ALA I 54 40.08 -30.15 -60.46
C ALA I 54 39.82 -28.78 -59.87
N TYR I 55 39.70 -28.69 -58.53
CA TYR I 55 39.53 -27.38 -57.93
C TYR I 55 40.83 -26.57 -57.91
N MET I 56 41.97 -27.18 -58.18
CA MET I 56 43.23 -26.49 -58.43
C MET I 56 43.67 -26.69 -59.86
N PHE I 57 42.71 -26.66 -60.79
CA PHE I 57 43.02 -26.75 -62.22
C PHE I 57 44.09 -25.75 -62.62
N GLY I 58 45.05 -26.22 -63.40
CA GLY I 58 46.16 -25.40 -63.85
C GLY I 58 47.26 -25.18 -62.84
N ILE I 59 47.18 -25.80 -61.67
CA ILE I 59 48.26 -25.78 -60.68
C ILE I 59 48.77 -27.20 -60.53
N VAL I 60 50.07 -27.32 -60.28
CA VAL I 60 50.67 -28.59 -59.86
C VAL I 60 51.60 -28.32 -58.70
N VAL I 61 51.56 -29.20 -57.70
CA VAL I 61 52.35 -29.08 -56.48
C VAL I 61 53.50 -30.07 -56.55
N GLN I 62 54.73 -29.57 -56.46
CA GLN I 62 55.90 -30.42 -56.66
C GLN I 62 57.05 -29.91 -55.81
N ASN I 63 57.91 -30.84 -55.42
CA ASN I 63 59.02 -30.50 -54.54
C ASN I 63 60.02 -29.62 -55.28
N PRO I 64 60.33 -28.41 -54.81
CA PRO I 64 61.13 -27.50 -55.63
C PRO I 64 62.52 -28.02 -55.96
N ASP I 65 63.14 -28.77 -55.05
CA ASP I 65 64.45 -29.33 -55.32
C ASP I 65 64.40 -30.68 -56.01
N THR I 66 63.44 -31.53 -55.66
CA THR I 66 63.40 -32.88 -56.17
C THR I 66 62.56 -33.00 -57.44
N GLY I 67 61.65 -32.06 -57.68
CA GLY I 67 60.83 -32.08 -58.86
C GLY I 67 59.68 -33.06 -58.84
N GLN I 68 59.67 -34.01 -57.90
CA GLN I 68 58.61 -35.00 -57.86
C GLN I 68 57.30 -34.35 -57.43
N PRO I 69 56.17 -34.67 -58.08
CA PRO I 69 54.89 -34.13 -57.62
C PRO I 69 54.46 -34.79 -56.32
N MET I 70 53.61 -34.07 -55.57
CA MET I 70 53.07 -34.61 -54.33
C MET I 70 52.16 -35.79 -54.63
N GLY I 71 52.34 -36.89 -53.88
CA GLY I 71 51.61 -38.10 -54.16
C GLY I 71 50.19 -38.10 -53.63
N ASP I 72 49.35 -38.94 -54.24
CA ASP I 72 47.95 -39.06 -53.85
C ASP I 72 47.77 -39.56 -52.41
N GLU I 73 48.77 -40.21 -51.84
CA GLU I 73 48.69 -40.64 -50.45
C GLU I 73 48.32 -39.48 -49.53
N PHE I 74 49.03 -38.36 -49.67
CA PHE I 74 48.74 -37.18 -48.85
C PHE I 74 47.33 -36.67 -49.10
N TYR I 75 46.90 -36.66 -50.35
CA TYR I 75 45.52 -36.29 -50.66
C TYR I 75 44.52 -37.15 -49.90
N ASN I 76 44.66 -38.47 -49.98
CA ASN I 76 43.70 -39.35 -49.31
C ASN I 76 43.74 -39.16 -47.80
N HIS I 77 44.94 -39.00 -47.23
CA HIS I 77 45.07 -38.68 -45.81
C HIS I 77 44.27 -37.43 -45.45
N ILE I 78 44.54 -36.33 -46.16
CA ILE I 78 43.82 -35.08 -45.90
C ILE I 78 42.33 -35.28 -46.02
N LEU I 79 41.88 -35.99 -47.05
CA LEU I 79 40.45 -36.22 -47.21
C LEU I 79 39.84 -36.99 -46.05
N GLU I 80 40.52 -38.03 -45.55
CA GLU I 80 39.96 -38.76 -44.41
C GLU I 80 39.83 -37.85 -43.20
N ARG I 81 40.81 -36.99 -42.97
CA ARG I 81 40.70 -36.07 -41.84
C ARG I 81 39.68 -34.97 -42.10
N ALA I 82 39.51 -34.53 -43.35
CA ALA I 82 38.46 -33.57 -43.67
C ALA I 82 37.07 -34.14 -43.43
N VAL I 83 36.86 -35.43 -43.74
CA VAL I 83 35.60 -36.07 -43.42
C VAL I 83 35.40 -36.11 -41.91
N GLY I 84 36.44 -36.45 -41.16
CA GLY I 84 36.30 -36.41 -39.70
C GLY I 84 35.92 -35.03 -39.17
N LYS I 85 36.61 -34.01 -39.66
CA LYS I 85 36.28 -32.63 -39.27
C LYS I 85 34.84 -32.28 -39.62
N ALA I 86 34.37 -32.68 -40.81
CA ALA I 86 32.99 -32.41 -41.18
C ALA I 86 32.01 -33.14 -40.26
N GLU I 87 32.31 -34.39 -39.92
CA GLU I 87 31.42 -35.15 -39.05
C GLU I 87 31.32 -34.58 -37.63
N ARG I 88 32.38 -33.96 -37.11
CA ARG I 88 32.19 -33.19 -35.87
C ARG I 88 31.65 -31.78 -36.08
N ALA I 89 31.90 -31.14 -37.21
CA ALA I 89 31.38 -29.79 -37.41
C ALA I 89 29.85 -29.78 -37.43
N LEU I 90 29.25 -30.77 -38.07
CA LEU I 90 27.82 -31.03 -37.99
C LEU I 90 27.63 -32.35 -37.24
N ASP I 91 26.67 -32.39 -36.32
CA ASP I 91 26.53 -33.54 -35.43
C ASP I 91 25.89 -34.70 -36.19
N ILE I 92 26.66 -35.28 -37.10
CA ILE I 92 26.15 -36.21 -38.10
C ILE I 92 27.11 -37.39 -38.25
N SER I 93 26.58 -38.46 -38.84
CA SER I 93 27.36 -39.61 -39.28
C SER I 93 27.29 -39.67 -40.80
N ILE I 94 28.46 -39.67 -41.46
CA ILE I 94 28.49 -39.59 -42.91
C ILE I 94 28.64 -41.00 -43.49
N LEU I 95 29.77 -41.64 -43.22
CA LEU I 95 29.96 -42.99 -43.76
C LEU I 95 29.16 -44.00 -42.94
N PRO I 96 28.46 -44.94 -43.59
CA PRO I 96 27.72 -45.95 -42.85
C PRO I 96 28.57 -46.68 -41.82
N ASP I 97 28.02 -46.84 -40.62
CA ASP I 97 28.65 -47.64 -39.58
C ASP I 97 27.59 -48.25 -38.69
N THR I 98 27.91 -49.39 -38.09
CA THR I 98 27.02 -50.06 -37.15
C THR I 98 27.20 -49.48 -35.76
N GLN I 99 26.12 -48.97 -35.18
CA GLN I 99 26.11 -48.38 -33.85
C GLN I 99 25.39 -49.32 -32.88
N HIS I 100 26.01 -49.58 -31.74
CA HIS I 100 25.41 -50.34 -30.65
C HIS I 100 25.35 -49.44 -29.43
N GLU I 101 24.14 -49.12 -28.97
CA GLU I 101 23.92 -48.23 -27.84
C GLU I 101 23.17 -48.93 -26.72
N MET I 102 23.59 -48.65 -25.49
CA MET I 102 22.82 -48.95 -24.28
C MET I 102 22.30 -47.64 -23.71
N ARG I 103 20.98 -47.50 -23.66
CA ARG I 103 20.34 -46.22 -23.37
C ARG I 103 19.61 -46.27 -22.04
N ASP I 104 19.65 -45.15 -21.31
CA ASP I 104 19.02 -45.05 -20.01
C ASP I 104 17.50 -45.00 -20.12
N TYR I 105 16.82 -45.64 -19.18
CA TYR I 105 15.40 -45.40 -18.96
C TYR I 105 15.17 -44.05 -18.30
N HIS I 106 14.30 -43.24 -18.89
CA HIS I 106 13.75 -42.05 -18.24
C HIS I 106 12.23 -42.10 -18.36
N GLU I 107 11.55 -41.87 -17.23
CA GLU I 107 10.11 -42.13 -17.17
C GLU I 107 9.34 -41.24 -18.13
N THR I 108 9.69 -39.95 -18.18
CA THR I 108 8.96 -39.02 -19.04
C THR I 108 9.00 -39.46 -20.49
N GLU I 109 10.18 -39.81 -20.99
CA GLU I 109 10.29 -40.17 -22.40
C GLU I 109 9.83 -41.59 -22.66
N PHE I 110 9.96 -42.48 -21.67
CA PHE I 110 9.43 -43.83 -21.83
C PHE I 110 7.91 -43.80 -21.94
N ASN I 111 7.24 -42.94 -21.17
CA ASN I 111 5.81 -42.76 -21.34
C ASN I 111 5.46 -42.14 -22.69
N SER I 112 6.39 -41.39 -23.29
CA SER I 112 6.13 -40.71 -24.56
C SER I 112 6.39 -41.65 -25.75
N TYR I 113 5.66 -42.77 -25.75
CA TYR I 113 5.82 -43.79 -26.78
C TYR I 113 7.23 -44.36 -26.85
N MET I 114 7.87 -44.51 -25.68
CA MET I 114 9.21 -45.10 -25.61
C MET I 114 10.18 -44.29 -26.47
N PHE I 115 10.08 -42.97 -26.37
CA PHE I 115 10.91 -42.10 -27.19
C PHE I 115 12.38 -42.27 -26.81
N VAL I 116 13.22 -42.48 -27.82
CA VAL I 116 14.67 -42.43 -27.64
C VAL I 116 15.28 -41.66 -28.82
N HIS I 117 16.22 -40.78 -28.50
CA HIS I 117 17.02 -40.08 -29.50
C HIS I 117 18.36 -40.81 -29.66
N ALA I 118 18.66 -41.24 -30.87
CA ALA I 118 19.95 -41.88 -31.14
C ALA I 118 21.09 -40.87 -30.97
N TYR I 119 22.25 -41.39 -30.56
CA TYR I 119 23.42 -40.53 -30.44
C TYR I 119 23.94 -40.09 -31.81
N ARG I 120 23.72 -40.90 -32.84
CA ARG I 120 24.28 -40.66 -34.17
C ARG I 120 23.14 -40.60 -35.17
N LYS I 121 23.22 -39.69 -36.12
CA LYS I 121 22.18 -39.49 -37.11
C LYS I 121 22.81 -39.11 -38.44
N PRO I 122 22.12 -39.34 -39.56
CA PRO I 122 20.83 -40.04 -39.77
C PRO I 122 20.85 -41.52 -39.42
N ILE I 123 19.68 -42.09 -39.16
CA ILE I 123 19.49 -43.53 -39.12
C ILE I 123 19.31 -44.04 -40.54
N LEU I 124 20.17 -44.96 -40.97
CA LEU I 124 19.86 -45.72 -42.18
C LEU I 124 18.81 -46.79 -41.90
N GLN I 125 19.00 -47.57 -40.83
CA GLN I 125 17.96 -48.49 -40.39
C GLN I 125 18.24 -48.89 -38.95
N VAL I 126 17.17 -49.31 -38.26
CA VAL I 126 17.28 -49.91 -36.94
C VAL I 126 17.44 -51.41 -37.09
N GLU I 127 18.40 -51.98 -36.36
CA GLU I 127 18.68 -53.42 -36.41
C GLU I 127 18.11 -54.19 -35.24
N ASN I 128 18.09 -53.60 -34.04
CA ASN I 128 17.54 -54.30 -32.88
C ASN I 128 17.12 -53.28 -31.83
N LEU I 129 16.12 -53.67 -31.04
CA LEU I 129 15.61 -52.82 -29.97
C LEU I 129 15.01 -53.73 -28.89
N GLN I 130 15.56 -53.69 -27.69
CA GLN I 130 15.18 -54.61 -26.63
C GLN I 130 15.18 -53.92 -25.27
N LEU I 131 14.31 -54.40 -24.40
CA LEU I 131 14.33 -54.07 -22.99
C LEU I 131 14.93 -55.26 -22.26
N GLN I 132 15.93 -55.01 -21.41
CA GLN I 132 16.78 -56.08 -20.91
C GLN I 132 17.13 -55.87 -19.44
N PHE I 133 17.64 -56.94 -18.84
CA PHE I 133 18.04 -56.96 -17.43
C PHE I 133 19.27 -57.83 -17.29
N ASN I 134 20.42 -57.21 -17.05
CA ASN I 134 21.70 -57.92 -16.98
C ASN I 134 21.99 -58.68 -18.26
N GLY I 135 21.60 -58.11 -19.40
CA GLY I 135 21.74 -58.79 -20.67
C GLY I 135 20.64 -59.77 -20.99
N ARG I 136 19.82 -60.14 -20.03
CA ARG I 136 18.67 -61.00 -20.31
C ARG I 136 17.59 -60.17 -20.99
N PRO I 137 17.13 -60.54 -22.19
CA PRO I 137 15.96 -59.85 -22.75
C PRO I 137 14.73 -60.05 -21.88
N ILE I 138 14.23 -58.94 -21.34
CA ILE I 138 12.94 -58.95 -20.65
C ILE I 138 11.80 -58.90 -21.65
N TYR I 139 11.90 -58.05 -22.67
CA TYR I 139 10.95 -58.06 -23.77
C TYR I 139 11.63 -57.64 -25.06
N LYS I 140 11.25 -58.30 -26.15
CA LYS I 140 11.67 -57.93 -27.50
C LYS I 140 10.47 -57.38 -28.25
N TYR I 141 10.54 -56.13 -28.66
CA TYR I 141 9.39 -55.49 -29.29
C TYR I 141 9.19 -56.00 -30.72
N PRO I 142 7.99 -56.39 -31.11
CA PRO I 142 7.76 -56.80 -32.50
C PRO I 142 8.16 -55.69 -33.48
N ALA I 143 8.81 -56.09 -34.56
CA ALA I 143 9.32 -55.14 -35.54
C ALA I 143 8.21 -54.33 -36.21
N ASN I 144 6.97 -54.82 -36.23
CA ASN I 144 5.88 -54.02 -36.77
C ASN I 144 5.48 -52.85 -35.88
N TRP I 145 5.98 -52.80 -34.64
CA TRP I 145 5.75 -51.64 -33.78
C TRP I 145 6.77 -50.52 -33.97
N TRP I 146 7.95 -50.81 -34.51
CA TRP I 146 9.02 -49.83 -34.54
C TRP I 146 8.68 -48.68 -35.48
N LYS I 147 8.74 -47.45 -34.96
CA LYS I 147 8.57 -46.25 -35.76
C LYS I 147 9.89 -45.50 -35.79
N VAL I 148 10.45 -45.32 -36.98
CA VAL I 148 11.76 -44.68 -37.17
C VAL I 148 11.57 -43.40 -37.97
N GLU I 149 12.22 -42.34 -37.53
CA GLU I 149 12.38 -41.10 -38.31
C GLU I 149 13.87 -40.95 -38.60
N HIS I 150 14.24 -41.10 -39.86
CA HIS I 150 15.62 -41.40 -40.22
C HIS I 150 16.55 -40.21 -39.98
N LEU I 151 16.20 -39.05 -40.55
CA LEU I 151 17.08 -37.88 -40.42
C LEU I 151 17.07 -37.31 -39.01
N ALA I 152 15.94 -37.42 -38.30
CA ALA I 152 15.88 -36.91 -36.94
C ALA I 152 16.73 -37.73 -35.98
N GLY I 153 16.83 -39.03 -36.20
CA GLY I 153 17.44 -39.90 -35.21
C GLY I 153 16.51 -40.30 -34.09
N HIS I 154 15.21 -40.40 -34.38
CA HIS I 154 14.20 -40.70 -33.40
C HIS I 154 13.65 -42.10 -33.63
N VAL I 155 13.43 -42.83 -32.55
CA VAL I 155 12.75 -44.12 -32.59
C VAL I 155 11.63 -44.09 -31.56
N GLN I 156 10.48 -44.65 -31.93
CA GLN I 156 9.34 -44.73 -31.05
C GLN I 156 8.64 -46.07 -31.26
N LEU I 157 7.85 -46.45 -30.27
CA LEU I 157 6.94 -47.59 -30.37
C LEU I 157 5.51 -47.09 -30.37
N PHE I 158 4.69 -47.64 -31.27
CA PHE I 158 3.24 -47.46 -31.21
C PHE I 158 2.58 -48.83 -31.09
N PRO I 159 2.35 -49.33 -29.88
CA PRO I 159 1.91 -50.72 -29.73
C PRO I 159 0.56 -50.96 -30.39
N THR I 160 0.49 -52.00 -31.21
CA THR I 160 -0.77 -52.39 -31.82
C THR I 160 -1.67 -53.10 -30.83
N ALA I 161 -1.09 -53.91 -29.94
CA ALA I 161 -1.85 -54.78 -29.05
C ALA I 161 -2.89 -55.58 -29.81
N GLY I 189 9.91 -47.29 -8.88
CA GLY I 189 10.27 -46.60 -7.65
C GLY I 189 11.26 -45.48 -7.85
N ALA I 190 11.74 -45.29 -9.08
CA ALA I 190 12.61 -44.19 -9.43
C ALA I 190 12.23 -43.67 -10.81
N THR I 191 12.55 -42.41 -11.05
CA THR I 191 12.20 -41.77 -12.32
C THR I 191 13.15 -42.15 -13.45
N PHE I 192 14.30 -42.76 -13.14
CA PHE I 192 15.24 -43.19 -14.16
C PHE I 192 15.97 -44.44 -13.68
N ALA I 193 16.55 -45.17 -14.63
CA ALA I 193 17.39 -46.30 -14.31
C ALA I 193 18.38 -46.52 -15.44
N PRO I 194 19.62 -46.94 -15.14
CA PRO I 194 20.66 -46.94 -16.17
C PRO I 194 20.55 -48.12 -17.14
N GLN I 195 20.79 -47.80 -18.41
CA GLN I 195 21.13 -48.78 -19.45
C GLN I 195 20.11 -49.92 -19.56
N MET I 196 18.83 -49.59 -19.38
CA MET I 196 17.80 -50.61 -19.55
C MET I 196 17.57 -50.95 -21.01
N ILE I 197 17.70 -49.97 -21.91
CA ILE I 197 17.31 -50.11 -23.30
C ILE I 197 18.55 -50.40 -24.13
N ARG I 198 18.48 -51.46 -24.92
CA ARG I 198 19.52 -51.85 -25.87
C ARG I 198 19.06 -51.52 -27.28
N LEU I 199 19.82 -50.68 -27.97
CA LEU I 199 19.49 -50.22 -29.32
C LEU I 199 20.67 -50.44 -30.24
N GLU I 200 20.47 -51.22 -31.30
CA GLU I 200 21.46 -51.40 -32.36
C GLU I 200 20.89 -50.88 -33.68
N TYR I 201 21.67 -50.08 -34.38
CA TYR I 201 21.21 -49.49 -35.65
C TYR I 201 22.43 -49.17 -36.50
N VAL I 202 22.19 -48.90 -37.77
CA VAL I 202 23.18 -48.34 -38.67
C VAL I 202 22.89 -46.86 -38.86
N SER I 203 23.88 -46.02 -38.58
CA SER I 203 23.87 -44.61 -38.92
C SER I 203 24.70 -44.36 -40.18
N GLY I 204 24.38 -43.27 -40.88
CA GLY I 204 25.16 -42.85 -42.03
C GLY I 204 24.35 -42.24 -43.16
N MET I 205 25.01 -41.91 -44.27
CA MET I 205 24.35 -41.49 -45.50
C MET I 205 24.80 -42.33 -46.68
N LEU I 206 23.88 -42.57 -47.62
CA LEU I 206 24.18 -43.18 -48.90
C LEU I 206 24.50 -42.11 -49.95
N PRO I 207 25.33 -42.39 -50.95
CA PRO I 207 25.50 -41.44 -52.05
C PRO I 207 24.21 -41.24 -52.81
N ARG I 208 23.92 -39.98 -53.15
CA ARG I 208 22.65 -39.64 -53.78
C ARG I 208 22.53 -40.29 -55.15
N LYS I 209 21.30 -40.68 -55.49
CA LYS I 209 21.02 -41.45 -56.70
C LYS I 209 20.67 -40.57 -57.90
N LYS I 210 20.26 -39.32 -57.68
CA LYS I 210 19.90 -38.40 -58.74
C LYS I 210 20.74 -37.14 -58.63
N ALA I 211 20.94 -36.47 -59.77
CA ALA I 211 21.59 -35.18 -59.75
C ALA I 211 20.75 -34.15 -59.02
N GLY I 212 21.40 -33.34 -58.19
CA GLY I 212 20.77 -32.19 -57.56
C GLY I 212 19.82 -32.53 -56.43
N ARG I 213 19.53 -33.80 -56.20
CA ARG I 213 18.48 -34.21 -55.28
C ARG I 213 19.05 -35.24 -54.31
N ASN I 214 18.51 -35.23 -53.08
CA ASN I 214 18.82 -36.27 -52.12
C ASN I 214 17.59 -36.60 -51.29
N LYS I 215 17.40 -37.88 -51.02
CA LYS I 215 16.46 -38.32 -49.99
C LYS I 215 17.05 -38.08 -48.61
N PRO I 216 16.25 -38.14 -47.55
CA PRO I 216 16.77 -37.86 -46.21
C PRO I 216 17.91 -38.77 -45.78
N TRP I 217 18.01 -39.96 -46.35
CA TRP I 217 19.13 -40.86 -46.08
C TRP I 217 20.24 -40.73 -47.11
N GLU I 218 20.14 -39.79 -48.04
CA GLU I 218 21.15 -39.57 -49.07
C GLU I 218 21.94 -38.30 -48.79
N MET I 219 23.19 -38.31 -49.21
CA MET I 219 24.12 -37.21 -48.92
C MET I 219 23.69 -35.93 -49.64
N PRO I 220 23.61 -34.79 -48.96
CA PRO I 220 23.35 -33.54 -49.67
C PRO I 220 24.47 -33.24 -50.65
N PRO I 221 24.15 -32.75 -51.86
CA PRO I 221 25.21 -32.52 -52.85
C PRO I 221 26.37 -31.65 -52.41
N GLU I 222 26.16 -30.68 -51.52
CA GLU I 222 27.21 -29.74 -51.15
C GLU I 222 27.90 -30.05 -49.83
N LEU I 223 27.45 -31.07 -49.08
CA LEU I 223 28.32 -31.57 -48.02
C LEU I 223 29.57 -32.21 -48.61
N GLU I 224 29.44 -32.82 -49.78
CA GLU I 224 30.61 -33.27 -50.53
C GLU I 224 31.52 -32.08 -50.82
N GLN I 225 30.95 -30.97 -51.29
CA GLN I 225 31.76 -29.81 -51.60
C GLN I 225 32.38 -29.20 -50.36
N LEU I 226 31.70 -29.28 -49.22
CA LEU I 226 32.28 -28.82 -47.97
C LEU I 226 33.53 -29.63 -47.61
N VAL I 227 33.44 -30.96 -47.70
CA VAL I 227 34.62 -31.79 -47.43
C VAL I 227 35.73 -31.49 -48.43
N ILE I 228 35.37 -31.27 -49.69
CA ILE I 228 36.37 -30.84 -50.68
C ILE I 228 37.05 -29.56 -50.24
N LYS I 229 36.27 -28.54 -49.89
CA LYS I 229 36.83 -27.26 -49.44
C LYS I 229 37.77 -27.44 -48.25
N TYR I 230 37.40 -28.28 -47.28
CA TYR I 230 38.30 -28.54 -46.16
C TYR I 230 39.62 -29.15 -46.60
N ALA I 231 39.58 -30.14 -47.49
CA ALA I 231 40.83 -30.68 -48.03
C ALA I 231 41.63 -29.61 -48.75
N LEU I 232 40.98 -28.92 -49.68
CA LEU I 232 41.59 -27.86 -50.46
C LEU I 232 42.29 -26.82 -49.60
N LYS I 233 41.73 -26.48 -48.44
CA LYS I 233 42.39 -25.49 -47.58
C LYS I 233 43.74 -25.97 -47.08
N GLU I 234 43.87 -27.27 -46.78
CA GLU I 234 45.17 -27.79 -46.38
C GLU I 234 46.12 -27.87 -47.57
N ILE I 235 45.62 -28.28 -48.72
CA ILE I 235 46.49 -28.37 -49.88
C ILE I 235 47.00 -27.00 -50.28
N TYR I 236 46.15 -25.97 -50.17
CA TYR I 236 46.62 -24.60 -50.37
C TYR I 236 47.62 -24.15 -49.33
N GLN I 237 47.49 -24.59 -48.08
CA GLN I 237 48.51 -24.24 -47.10
C GLN I 237 49.85 -24.85 -47.46
N VAL I 238 49.84 -26.08 -47.98
CA VAL I 238 51.08 -26.69 -48.44
C VAL I 238 51.65 -25.94 -49.63
N TRP I 239 50.83 -25.76 -50.68
CA TRP I 239 51.27 -25.11 -51.92
C TRP I 239 51.82 -23.71 -51.69
N GLY I 240 51.24 -22.94 -50.77
CA GLY I 240 51.71 -21.58 -50.57
C GLY I 240 53.15 -21.44 -50.12
N ASN I 241 53.79 -22.52 -49.68
CA ASN I 241 55.21 -22.49 -49.39
C ASN I 241 56.11 -22.61 -50.63
N LEU I 242 55.60 -23.18 -51.72
CA LEU I 242 56.46 -23.68 -52.80
C LEU I 242 56.49 -22.85 -54.07
N ILE I 243 55.69 -21.79 -54.17
CA ILE I 243 55.70 -21.01 -55.41
C ILE I 243 57.08 -20.41 -55.68
N ILE I 244 57.83 -20.11 -54.63
CA ILE I 244 59.17 -19.57 -54.71
C ILE I 244 60.00 -20.36 -53.70
N GLY I 245 61.31 -20.21 -53.76
CA GLY I 245 62.15 -20.75 -52.72
C GLY I 245 61.67 -20.33 -51.34
N ALA I 246 62.00 -21.13 -50.34
CA ALA I 246 61.49 -20.92 -49.00
C ALA I 246 61.80 -19.54 -48.47
N GLY I 247 60.76 -18.84 -48.00
CA GLY I 247 60.91 -17.54 -47.38
C GLY I 247 61.20 -16.40 -48.33
N ILE I 248 61.21 -16.62 -49.64
CA ILE I 248 61.47 -15.56 -50.59
C ILE I 248 60.18 -14.78 -50.82
N ALA I 249 60.25 -13.46 -50.68
CA ALA I 249 59.14 -12.56 -50.92
C ALA I 249 59.43 -11.49 -51.97
N ASN I 250 60.69 -11.26 -52.30
CA ASN I 250 61.08 -10.50 -53.48
C ASN I 250 62.40 -11.03 -53.98
N LYS I 251 62.62 -10.91 -55.28
CA LYS I 251 63.93 -11.18 -55.84
C LYS I 251 64.21 -10.22 -56.99
N THR I 252 65.48 -9.88 -57.14
CA THR I 252 65.97 -9.23 -58.34
C THR I 252 67.27 -9.91 -58.74
N LEU I 253 67.43 -10.15 -60.03
CA LEU I 253 68.70 -10.59 -60.58
C LEU I 253 69.03 -9.75 -61.81
N GLU I 254 70.25 -9.24 -61.87
CA GLU I 254 70.75 -8.54 -63.05
C GLU I 254 72.08 -9.18 -63.41
N VAL I 255 72.21 -9.63 -64.66
CA VAL I 255 73.44 -10.24 -65.14
C VAL I 255 73.64 -9.83 -66.59
N ASP I 256 74.79 -9.21 -66.89
CA ASP I 256 75.25 -8.97 -68.25
C ASP I 256 74.15 -8.37 -69.12
N GLY I 257 73.48 -7.35 -68.58
CA GLY I 257 72.44 -6.65 -69.30
C GLY I 257 71.09 -7.35 -69.35
N ILE I 258 70.95 -8.51 -68.72
CA ILE I 258 69.65 -9.15 -68.54
C ILE I 258 69.21 -8.92 -67.09
N THR I 259 67.99 -8.46 -66.90
CA THR I 259 67.42 -8.25 -65.58
C THR I 259 66.10 -8.97 -65.46
N GLU I 260 65.89 -9.64 -64.33
CA GLU I 260 64.62 -10.22 -63.96
C GLU I 260 64.24 -9.78 -62.55
N THR I 261 62.94 -9.57 -62.32
CA THR I 261 62.46 -9.13 -61.03
C THR I 261 61.04 -9.65 -60.84
N ILE I 262 60.79 -10.31 -59.72
CA ILE I 262 59.51 -10.94 -59.45
C ILE I 262 59.03 -10.49 -58.07
N GLY I 263 57.81 -10.00 -58.01
CA GLY I 263 57.07 -9.88 -56.77
C GLY I 263 56.04 -10.99 -56.64
N THR I 264 55.77 -11.38 -55.39
CA THR I 264 54.98 -12.57 -55.11
C THR I 264 53.92 -12.25 -54.06
N THR I 265 52.91 -13.11 -54.01
CA THR I 265 51.84 -13.03 -53.02
C THR I 265 52.27 -13.36 -51.60
N GLN I 266 53.46 -13.92 -51.39
CA GLN I 266 53.98 -14.03 -50.03
C GLN I 266 54.42 -12.67 -49.51
N SER I 267 54.39 -12.54 -48.18
CA SER I 267 54.89 -11.37 -47.48
C SER I 267 55.16 -11.76 -46.05
N ALA I 268 55.82 -10.85 -45.31
CA ALA I 268 56.05 -11.07 -43.89
C ALA I 268 54.76 -11.17 -43.09
N MET I 269 53.64 -10.69 -43.62
CA MET I 269 52.33 -10.90 -43.01
C MET I 269 51.61 -12.10 -43.60
N TYR I 270 51.31 -12.04 -44.90
CA TYR I 270 50.41 -12.98 -45.56
C TYR I 270 51.18 -14.09 -46.27
N GLY I 271 50.77 -15.32 -46.05
CA GLY I 271 51.30 -16.44 -46.78
C GLY I 271 50.78 -16.46 -48.20
N GLY I 272 51.43 -17.26 -49.03
CA GLY I 272 51.19 -17.20 -50.46
C GLY I 272 49.76 -17.51 -50.88
N ALA I 273 49.01 -18.22 -50.04
CA ALA I 273 47.62 -18.57 -50.34
C ALA I 273 46.62 -17.97 -49.35
N SER I 274 47.04 -16.94 -48.59
CA SER I 274 46.13 -16.24 -47.70
C SER I 274 44.79 -15.92 -48.35
N ALA I 275 44.83 -15.30 -49.54
CA ALA I 275 43.59 -14.88 -50.21
C ALA I 275 42.66 -16.06 -50.47
N GLN I 276 43.18 -17.10 -51.10
CA GLN I 276 42.35 -18.27 -51.40
C GLN I 276 41.79 -18.90 -50.13
N ILE I 277 42.60 -18.99 -49.09
CA ILE I 277 42.13 -19.55 -47.82
C ILE I 277 40.98 -18.72 -47.26
N LEU I 278 41.13 -17.40 -47.26
CA LEU I 278 40.04 -16.52 -46.85
C LEU I 278 38.76 -16.78 -47.64
N GLN I 279 38.87 -16.87 -48.96
CA GLN I 279 37.69 -17.14 -49.79
C GLN I 279 37.05 -18.48 -49.45
N ILE I 280 37.87 -19.53 -49.34
CA ILE I 280 37.37 -20.84 -48.97
C ILE I 280 36.68 -20.81 -47.60
N ASN I 281 37.25 -20.08 -46.64
CA ASN I 281 36.61 -19.92 -45.34
C ASN I 281 35.25 -19.24 -45.46
N GLU I 282 35.13 -18.23 -46.31
CA GLU I 282 33.83 -17.62 -46.55
C GLU I 282 32.82 -18.65 -47.08
N ASP I 283 33.23 -19.37 -48.13
CA ASP I 283 32.35 -20.39 -48.69
C ASP I 283 31.94 -21.43 -47.65
N ILE I 284 32.90 -21.88 -46.84
CA ILE I 284 32.61 -22.80 -45.74
C ILE I 284 31.56 -22.20 -44.81
N LYS I 285 31.73 -20.93 -44.45
CA LYS I 285 30.76 -20.27 -43.58
C LYS I 285 29.35 -20.35 -44.14
N GLU I 286 29.19 -20.00 -45.42
CA GLU I 286 27.87 -20.10 -46.04
C GLU I 286 27.35 -21.53 -46.03
N LEU I 287 28.20 -22.49 -46.39
CA LEU I 287 27.79 -23.89 -46.41
C LEU I 287 27.35 -24.38 -45.04
N LEU I 288 28.11 -24.04 -44.00
CA LEU I 288 27.78 -24.46 -42.66
C LEU I 288 26.49 -23.82 -42.18
N ASP I 289 26.27 -22.54 -42.52
CA ASP I 289 24.97 -21.93 -42.22
C ASP I 289 23.84 -22.75 -42.83
N GLY I 290 23.94 -23.05 -44.13
CA GLY I 290 22.89 -23.81 -44.78
C GLY I 290 22.68 -25.19 -44.17
N LEU I 291 23.77 -25.91 -43.90
CA LEU I 291 23.63 -27.27 -43.37
C LEU I 291 23.18 -27.29 -41.92
N ARG I 292 23.59 -26.33 -41.09
CA ARG I 292 23.04 -26.21 -39.75
C ARG I 292 21.63 -25.64 -39.76
N ALA I 293 21.14 -25.18 -40.90
CA ALA I 293 19.71 -24.95 -41.05
C ALA I 293 18.99 -26.22 -41.49
N TYR I 294 19.68 -27.09 -42.24
CA TYR I 294 19.07 -28.34 -42.69
C TYR I 294 18.91 -29.31 -41.53
N PHE I 295 19.99 -29.61 -40.81
CA PHE I 295 19.91 -30.24 -39.51
C PHE I 295 19.49 -29.22 -38.45
N GLY I 296 18.69 -29.66 -37.49
CA GLY I 296 18.10 -28.77 -36.53
C GLY I 296 19.00 -28.43 -35.37
N TYR I 297 18.47 -27.59 -34.47
CA TYR I 297 19.09 -27.36 -33.18
C TYR I 297 18.92 -28.57 -32.26
N ASN I 298 19.99 -28.91 -31.55
CA ASN I 298 19.93 -29.97 -30.56
C ASN I 298 19.18 -29.51 -29.32
N MET I 299 18.46 -30.43 -28.70
CA MET I 299 17.67 -30.12 -27.51
C MET I 299 17.55 -31.35 -26.63
N ILE I 300 17.41 -31.12 -25.33
CA ILE I 300 17.07 -32.18 -24.38
C ILE I 300 16.24 -31.57 -23.26
N GLY I 301 15.33 -32.38 -22.71
CA GLY I 301 14.53 -31.99 -21.56
C GLY I 301 15.11 -32.52 -20.26
N LEU I 302 15.26 -31.63 -19.29
CA LEU I 302 15.77 -31.99 -17.97
C LEU I 302 14.67 -31.89 -16.92
N LEU J 17 -17.72 -34.25 -64.14
CA LEU J 17 -16.31 -34.02 -64.43
C LEU J 17 -15.58 -35.34 -64.63
N ASN J 18 -14.62 -35.35 -65.54
CA ASN J 18 -13.77 -36.49 -65.79
C ASN J 18 -12.30 -36.07 -65.79
N TYR J 19 -11.46 -36.88 -65.15
CA TYR J 19 -10.07 -36.52 -64.94
C TYR J 19 -9.32 -37.80 -64.58
N GLU J 20 -8.01 -37.75 -64.72
CA GLU J 20 -7.17 -38.80 -64.16
C GLU J 20 -7.27 -38.75 -62.64
N TYR J 21 -7.64 -39.90 -62.04
CA TYR J 21 -8.34 -39.96 -60.76
C TYR J 21 -7.81 -38.99 -59.71
N PRO J 22 -6.54 -39.07 -59.30
CA PRO J 22 -6.08 -38.21 -58.20
C PRO J 22 -6.12 -36.73 -58.52
N TYR J 23 -6.10 -36.36 -59.80
CA TYR J 23 -5.82 -34.99 -60.20
C TYR J 23 -7.11 -34.21 -60.44
N HIS J 24 -7.92 -34.11 -59.41
CA HIS J 24 -9.17 -33.37 -59.51
C HIS J 24 -8.86 -31.92 -59.92
N PRO J 25 -9.49 -31.40 -60.99
CA PRO J 25 -8.95 -30.17 -61.61
C PRO J 25 -9.10 -28.91 -60.77
N SER J 26 -9.93 -28.90 -59.74
CA SER J 26 -9.98 -27.75 -58.84
C SER J 26 -9.00 -27.88 -57.68
N GLY J 27 -9.03 -29.01 -56.98
CA GLY J 27 -8.29 -29.11 -55.73
C GLY J 27 -6.89 -29.63 -55.90
N ASN J 28 -6.64 -30.40 -56.96
CA ASN J 28 -5.35 -31.04 -57.17
C ASN J 28 -5.06 -31.17 -58.66
N PRO J 29 -5.10 -30.09 -59.43
CA PRO J 29 -4.85 -30.19 -60.87
C PRO J 29 -3.50 -30.83 -61.17
N LYS J 30 -3.47 -31.63 -62.24
CA LYS J 30 -2.23 -32.26 -62.69
C LYS J 30 -1.32 -31.23 -63.32
N HIS J 31 -0.09 -31.15 -62.82
CA HIS J 31 0.93 -30.26 -63.39
C HIS J 31 2.07 -30.98 -64.08
N ILE J 32 2.35 -32.23 -63.75
CA ILE J 32 3.39 -32.99 -64.42
C ILE J 32 2.99 -34.46 -64.50
N ASP J 33 3.47 -35.13 -65.55
CA ASP J 33 3.36 -36.58 -65.63
C ASP J 33 4.51 -37.24 -64.88
N VAL J 34 4.20 -38.34 -64.19
CA VAL J 34 5.19 -39.09 -63.41
C VAL J 34 6.25 -39.76 -64.29
N SER J 35 6.11 -39.68 -65.61
CA SER J 35 7.21 -40.02 -66.50
C SER J 35 8.11 -38.84 -66.80
N GLU J 36 7.56 -37.61 -66.79
CA GLU J 36 8.35 -36.45 -67.13
C GLU J 36 9.37 -36.11 -66.04
N ILE J 37 9.10 -36.47 -64.79
CA ILE J 37 10.05 -36.20 -63.72
C ILE J 37 11.37 -36.91 -63.93
N ASP J 38 11.38 -38.00 -64.70
CA ASP J 38 12.64 -38.63 -65.09
C ASP J 38 13.29 -37.96 -66.30
N ASN J 39 12.50 -37.34 -67.16
CA ASN J 39 13.02 -36.81 -68.41
C ASN J 39 13.62 -35.41 -68.29
N LEU J 40 13.27 -34.66 -67.24
CA LEU J 40 13.81 -33.31 -67.07
C LEU J 40 15.27 -33.32 -66.68
N THR J 41 16.01 -32.34 -67.20
CA THR J 41 17.45 -32.22 -67.00
C THR J 41 17.79 -30.75 -66.73
N LEU J 42 18.99 -30.54 -66.18
CA LEU J 42 19.45 -29.18 -65.87
C LEU J 42 19.41 -28.27 -67.09
N ALA J 43 19.78 -28.79 -68.26
CA ALA J 43 19.81 -27.94 -69.46
C ALA J 43 18.42 -27.45 -69.83
N ASP J 44 17.37 -28.17 -69.45
CA ASP J 44 16.02 -27.69 -69.70
C ASP J 44 15.68 -26.45 -68.90
N TYR J 45 16.35 -26.22 -67.78
CA TYR J 45 16.22 -24.99 -67.02
C TYR J 45 17.21 -23.92 -67.44
N GLY J 46 17.98 -24.15 -68.51
CA GLY J 46 18.96 -23.19 -68.96
C GLY J 46 20.27 -23.21 -68.22
N TRP J 47 20.46 -24.11 -67.27
CA TRP J 47 21.74 -24.25 -66.59
C TRP J 47 22.64 -25.11 -67.46
N SER J 48 23.49 -24.44 -68.24
CA SER J 48 24.35 -25.07 -69.23
C SER J 48 25.69 -24.36 -69.24
N PRO J 49 26.77 -25.07 -69.59
CA PRO J 49 28.07 -24.38 -69.77
C PRO J 49 27.99 -23.16 -70.66
N ASP J 50 27.22 -23.21 -71.74
CA ASP J 50 27.07 -22.05 -72.62
C ASP J 50 26.56 -20.83 -71.86
N ALA J 51 25.62 -21.00 -70.93
CA ALA J 51 25.13 -19.87 -70.14
C ALA J 51 26.25 -19.24 -69.32
N VAL J 52 27.09 -20.07 -68.69
CA VAL J 52 28.23 -19.53 -67.96
C VAL J 52 29.15 -18.80 -68.92
N LYS J 53 29.56 -19.45 -70.01
CA LYS J 53 30.43 -18.78 -70.97
C LYS J 53 29.84 -17.44 -71.41
N ALA J 54 28.53 -17.39 -71.60
CA ALA J 54 27.88 -16.13 -71.94
C ALA J 54 28.15 -15.09 -70.88
N TYR J 55 28.08 -15.47 -69.60
CA TYR J 55 28.40 -14.52 -68.56
C TYR J 55 29.89 -14.26 -68.41
N MET J 56 30.74 -15.07 -69.04
CA MET J 56 32.17 -14.80 -69.14
C MET J 56 32.58 -14.51 -70.59
N PHE J 57 31.75 -13.77 -71.30
CA PHE J 57 32.08 -13.33 -72.65
C PHE J 57 33.43 -12.62 -72.67
N GLY J 58 34.26 -12.98 -73.65
CA GLY J 58 35.57 -12.41 -73.82
C GLY J 58 36.64 -12.93 -72.89
N ILE J 59 36.35 -13.92 -72.06
CA ILE J 59 37.34 -14.61 -71.25
C ILE J 59 37.39 -16.06 -71.71
N VAL J 60 38.57 -16.67 -71.63
CA VAL J 60 38.71 -18.10 -71.82
C VAL J 60 39.61 -18.67 -70.74
N VAL J 61 39.21 -19.81 -70.19
CA VAL J 61 39.91 -20.51 -69.12
C VAL J 61 40.61 -21.71 -69.74
N GLN J 62 41.93 -21.80 -69.57
CA GLN J 62 42.69 -22.82 -70.25
C GLN J 62 43.89 -23.20 -69.39
N ASN J 63 44.30 -24.45 -69.53
CA ASN J 63 45.39 -24.97 -68.72
C ASN J 63 46.70 -24.28 -69.10
N PRO J 64 47.40 -23.62 -68.17
CA PRO J 64 48.54 -22.80 -68.59
C PRO J 64 49.63 -23.59 -69.27
N ASP J 65 49.84 -24.84 -68.87
CA ASP J 65 50.86 -25.68 -69.50
C ASP J 65 50.33 -26.41 -70.72
N THR J 66 49.08 -26.88 -70.67
CA THR J 66 48.54 -27.72 -71.73
C THR J 66 47.81 -26.93 -72.81
N GLY J 67 47.36 -25.71 -72.50
CA GLY J 67 46.66 -24.89 -73.46
C GLY J 67 45.21 -25.28 -73.71
N GLN J 68 44.81 -26.48 -73.30
CA GLN J 68 43.46 -26.94 -73.52
C GLN J 68 42.46 -26.16 -72.66
N PRO J 69 41.29 -25.80 -73.20
CA PRO J 69 40.30 -25.13 -72.37
C PRO J 69 39.69 -26.08 -71.35
N MET J 70 39.18 -25.49 -70.26
CA MET J 70 38.53 -26.28 -69.22
C MET J 70 37.29 -26.97 -69.77
N GLY J 71 37.16 -28.26 -69.46
CA GLY J 71 36.08 -29.05 -70.01
C GLY J 71 34.75 -28.85 -69.32
N ASP J 72 33.70 -29.19 -70.06
CA ASP J 72 32.33 -29.07 -69.59
C ASP J 72 32.05 -29.92 -68.36
N GLU J 73 32.84 -30.96 -68.11
CA GLU J 73 32.66 -31.77 -66.91
C GLU J 73 32.66 -30.89 -65.66
N PHE J 74 33.66 -30.02 -65.54
CA PHE J 74 33.74 -29.14 -64.38
C PHE J 74 32.55 -28.19 -64.32
N TYR J 75 32.13 -27.67 -65.47
CA TYR J 75 30.93 -26.83 -65.51
C TYR J 75 29.72 -27.56 -64.93
N ASN J 76 29.43 -28.76 -65.43
CA ASN J 76 28.26 -29.50 -64.94
C ASN J 76 28.37 -29.86 -63.47
N HIS J 77 29.56 -30.26 -63.03
CA HIS J 77 29.81 -30.51 -61.61
C HIS J 77 29.47 -29.30 -60.75
N ILE J 78 30.08 -28.16 -61.08
CA ILE J 78 29.82 -26.93 -60.35
C ILE J 78 28.34 -26.60 -60.36
N LEU J 79 27.68 -26.76 -61.51
CA LEU J 79 26.25 -26.45 -61.57
C LEU J 79 25.43 -27.34 -60.65
N GLU J 80 25.73 -28.64 -60.61
CA GLU J 80 24.97 -29.52 -59.72
C GLU J 80 25.15 -29.12 -58.26
N ARG J 81 26.38 -28.76 -57.87
CA ARG J 81 26.56 -28.35 -56.48
C ARG J 81 25.98 -26.96 -56.21
N ALA J 82 25.98 -26.06 -57.19
CA ALA J 82 25.31 -24.78 -57.03
C ALA J 82 23.81 -24.95 -56.85
N VAL J 83 23.20 -25.89 -57.57
CA VAL J 83 21.80 -26.19 -57.34
C VAL J 83 21.58 -26.73 -55.94
N GLY J 84 22.45 -27.62 -55.47
CA GLY J 84 22.32 -28.10 -54.10
C GLY J 84 22.41 -26.98 -53.07
N LYS J 85 23.40 -26.10 -53.23
CA LYS J 85 23.52 -24.95 -52.35
C LYS J 85 22.27 -24.08 -52.39
N ALA J 86 21.71 -23.85 -53.58
CA ALA J 86 20.50 -23.05 -53.69
C ALA J 86 19.32 -23.73 -53.00
N GLU J 87 19.20 -25.04 -53.14
CA GLU J 87 18.09 -25.77 -52.52
C GLU J 87 18.14 -25.76 -51.00
N ARG J 88 19.33 -25.74 -50.40
CA ARG J 88 19.38 -25.46 -48.96
C ARG J 88 19.34 -23.98 -48.60
N ALA J 89 19.82 -23.08 -49.46
CA ALA J 89 19.80 -21.67 -49.12
C ALA J 89 18.37 -21.16 -48.97
N LEU J 90 17.48 -21.59 -49.85
CA LEU J 90 16.04 -21.41 -49.68
C LEU J 90 15.43 -22.78 -49.44
N ASP J 91 14.51 -22.86 -48.48
CA ASP J 91 14.00 -24.16 -48.06
C ASP J 91 12.98 -24.68 -49.08
N ILE J 92 13.50 -25.08 -50.24
CA ILE J 92 12.69 -25.33 -51.43
C ILE J 92 13.19 -26.60 -52.11
N SER J 93 12.35 -27.13 -52.98
CA SER J 93 12.70 -28.21 -53.89
C SER J 93 12.67 -27.68 -55.31
N ILE J 94 13.78 -27.80 -56.04
CA ILE J 94 13.89 -27.19 -57.36
C ILE J 94 13.56 -28.25 -58.41
N LEU J 95 14.40 -29.26 -58.53
CA LEU J 95 14.15 -30.29 -59.53
C LEU J 95 13.04 -31.24 -59.06
N PRO J 96 12.09 -31.59 -59.93
CA PRO J 96 11.03 -32.52 -59.53
C PRO J 96 11.56 -33.81 -58.94
N ASP J 97 10.97 -34.24 -57.83
CA ASP J 97 11.27 -35.53 -57.24
C ASP J 97 10.03 -36.05 -56.53
N THR J 98 9.93 -37.38 -56.44
CA THR J 98 8.83 -38.01 -55.73
C THR J 98 9.14 -38.09 -54.25
N GLN J 99 8.27 -37.50 -53.43
CA GLN J 99 8.44 -37.48 -51.98
C GLN J 99 7.42 -38.40 -51.33
N HIS J 100 7.90 -39.26 -50.42
CA HIS J 100 7.07 -40.12 -49.60
C HIS J 100 7.32 -39.78 -48.14
N GLU J 101 6.30 -39.26 -47.45
CA GLU J 101 6.41 -38.85 -46.06
C GLU J 101 5.45 -39.63 -45.17
N MET J 102 5.92 -40.01 -43.99
CA MET J 102 5.08 -40.48 -42.90
C MET J 102 5.04 -39.40 -41.82
N ARG J 103 3.84 -38.86 -41.55
CA ARG J 103 3.68 -37.69 -40.72
C ARG J 103 2.94 -38.01 -39.44
N ASP J 104 3.34 -37.35 -38.35
CA ASP J 104 2.74 -37.56 -37.04
C ASP J 104 1.34 -36.96 -36.96
N TYR J 105 0.46 -37.66 -36.26
CA TYR J 105 -0.80 -37.08 -35.80
C TYR J 105 -0.55 -36.12 -34.64
N HIS J 106 -1.08 -34.90 -34.77
CA HIS J 106 -1.21 -33.97 -33.66
C HIS J 106 -2.64 -33.46 -33.61
N GLU J 107 -3.24 -33.49 -32.42
CA GLU J 107 -4.67 -33.28 -32.32
C GLU J 107 -5.08 -31.88 -32.77
N THR J 108 -4.32 -30.86 -32.38
CA THR J 108 -4.68 -29.49 -32.76
C THR J 108 -4.75 -29.33 -34.27
N GLU J 109 -3.73 -29.81 -34.98
CA GLU J 109 -3.70 -29.63 -36.43
C GLU J 109 -4.61 -30.62 -37.14
N PHE J 110 -4.81 -31.80 -36.58
CA PHE J 110 -5.76 -32.75 -37.15
C PHE J 110 -7.18 -32.21 -37.09
N ASN J 111 -7.55 -31.54 -36.00
CA ASN J 111 -8.84 -30.88 -35.96
C ASN J 111 -8.94 -29.72 -36.94
N SER J 112 -7.83 -29.11 -37.33
CA SER J 112 -7.84 -27.96 -38.23
C SER J 112 -7.90 -28.39 -39.70
N TYR J 113 -8.95 -29.13 -40.03
CA TYR J 113 -9.14 -29.68 -41.38
C TYR J 113 -8.00 -30.59 -41.81
N MET J 114 -7.48 -31.38 -40.86
CA MET J 114 -6.43 -32.36 -41.16
C MET J 114 -5.21 -31.66 -41.77
N PHE J 115 -4.83 -30.54 -41.19
CA PHE J 115 -3.73 -29.75 -41.72
C PHE J 115 -2.41 -30.54 -41.63
N VAL J 116 -1.68 -30.59 -42.73
CA VAL J 116 -0.31 -31.09 -42.75
C VAL J 116 0.54 -30.16 -43.59
N HIS J 117 1.73 -29.83 -43.08
CA HIS J 117 2.74 -29.09 -43.82
C HIS J 117 3.76 -30.08 -44.39
N ALA J 118 3.93 -30.06 -45.71
CA ALA J 118 4.94 -30.90 -46.34
C ALA J 118 6.34 -30.43 -45.96
N TYR J 119 7.28 -31.39 -45.90
CA TYR J 119 8.66 -31.03 -45.61
C TYR J 119 9.30 -30.29 -46.79
N ARG J 120 8.83 -30.53 -48.01
CA ARG J 120 9.42 -30.00 -49.23
C ARG J 120 8.35 -29.24 -49.99
N LYS J 121 8.73 -28.10 -50.56
CA LYS J 121 7.82 -27.23 -51.29
C LYS J 121 8.57 -26.61 -52.47
N PRO J 122 7.85 -26.19 -53.51
CA PRO J 122 6.42 -26.29 -53.81
C PRO J 122 5.92 -27.72 -54.01
N ILE J 123 4.61 -27.92 -53.82
CA ILE J 123 3.95 -29.13 -54.30
C ILE J 123 3.66 -28.98 -55.79
N LEU J 124 4.17 -29.91 -56.60
CA LEU J 124 3.66 -30.02 -57.96
C LEU J 124 2.31 -30.73 -57.98
N GLN J 125 2.20 -31.86 -57.29
CA GLN J 125 0.91 -32.50 -57.11
C GLN J 125 0.99 -33.49 -55.96
N VAL J 126 -0.16 -33.77 -55.36
CA VAL J 126 -0.30 -34.83 -54.37
C VAL J 126 -0.65 -36.13 -55.09
N GLU J 127 0.04 -37.21 -54.73
CA GLU J 127 -0.17 -38.52 -55.34
C GLU J 127 -1.00 -39.46 -54.48
N ASN J 128 -0.85 -39.41 -53.16
CA ASN J 128 -1.63 -40.27 -52.29
C ASN J 128 -1.70 -39.67 -50.90
N LEU J 129 -2.79 -39.99 -50.19
CA LEU J 129 -3.00 -39.50 -48.83
C LEU J 129 -3.91 -40.48 -48.11
N GLN J 130 -3.39 -41.11 -47.06
CA GLN J 130 -4.11 -42.16 -46.35
C GLN J 130 -3.82 -42.06 -44.86
N LEU J 131 -4.80 -42.48 -44.07
CA LEU J 131 -4.63 -42.69 -42.64
C LEU J 131 -4.53 -44.20 -42.41
N GLN J 132 -3.50 -44.62 -41.68
CA GLN J 132 -3.13 -46.03 -41.64
C GLN J 132 -2.72 -46.43 -40.23
N PHE J 133 -2.66 -47.75 -40.03
CA PHE J 133 -2.31 -48.33 -38.73
C PHE J 133 -1.50 -49.60 -38.97
N ASN J 134 -0.21 -49.55 -38.67
CA ASN J 134 0.70 -50.66 -38.92
C ASN J 134 0.72 -51.04 -40.40
N GLY J 135 0.62 -50.03 -41.27
CA GLY J 135 0.54 -50.27 -42.70
C GLY J 135 -0.84 -50.60 -43.20
N ARG J 136 -1.78 -50.91 -42.33
CA ARG J 136 -3.15 -51.16 -42.75
C ARG J 136 -3.81 -49.82 -43.05
N PRO J 137 -4.33 -49.59 -44.26
CA PRO J 137 -5.15 -48.38 -44.47
C PRO J 137 -6.40 -48.43 -43.61
N ILE J 138 -6.49 -47.47 -42.69
CA ILE J 138 -7.73 -47.28 -41.93
C ILE J 138 -8.76 -46.51 -42.73
N TYR J 139 -8.35 -45.45 -43.42
CA TYR J 139 -9.24 -44.76 -44.34
C TYR J 139 -8.44 -44.18 -45.49
N LYS J 140 -9.02 -44.24 -46.69
CA LYS J 140 -8.48 -43.58 -47.87
C LYS J 140 -9.38 -42.41 -48.22
N TYR J 141 -8.84 -41.21 -48.18
CA TYR J 141 -9.65 -40.02 -48.39
C TYR J 141 -9.97 -39.85 -49.87
N PRO J 142 -11.25 -39.64 -50.24
CA PRO J 142 -11.56 -39.36 -51.64
C PRO J 142 -10.77 -38.17 -52.17
N ALA J 143 -10.28 -38.30 -53.40
CA ALA J 143 -9.44 -37.25 -53.98
C ALA J 143 -10.19 -35.93 -54.15
N ASN J 144 -11.52 -35.94 -54.20
CA ASN J 144 -12.27 -34.69 -54.25
C ASN J 144 -12.25 -33.94 -52.93
N TRP J 145 -11.77 -34.54 -51.85
CA TRP J 145 -11.60 -33.83 -50.58
C TRP J 145 -10.27 -33.10 -50.49
N TRP J 146 -9.27 -33.50 -51.28
CA TRP J 146 -7.93 -32.97 -51.10
C TRP J 146 -7.87 -31.50 -51.50
N LYS J 147 -7.41 -30.66 -50.59
CA LYS J 147 -7.17 -29.24 -50.85
C LYS J 147 -5.67 -29.00 -50.77
N VAL J 148 -5.08 -28.52 -51.87
CA VAL J 148 -3.64 -28.31 -51.98
C VAL J 148 -3.39 -26.83 -52.19
N GLU J 149 -2.41 -26.29 -51.45
CA GLU J 149 -1.85 -24.97 -51.72
C GLU J 149 -0.39 -25.18 -52.12
N HIS J 150 -0.10 -24.92 -53.39
CA HIS J 150 1.10 -25.49 -54.00
C HIS J 150 2.38 -24.83 -53.49
N LEU J 151 2.46 -23.50 -53.54
CA LEU J 151 3.69 -22.83 -53.12
C LEU J 151 3.88 -22.88 -51.61
N ALA J 152 2.79 -22.87 -50.85
CA ALA J 152 2.92 -22.94 -49.40
C ALA J 152 3.39 -24.30 -48.93
N GLY J 153 3.02 -25.37 -49.64
CA GLY J 153 3.27 -26.71 -49.14
C GLY J 153 2.24 -27.18 -48.14
N HIS J 154 0.99 -26.73 -48.27
CA HIS J 154 -0.07 -27.06 -47.34
C HIS J 154 -1.06 -27.99 -48.01
N VAL J 155 -1.51 -28.99 -47.27
CA VAL J 155 -2.59 -29.87 -47.70
C VAL J 155 -3.64 -29.91 -46.61
N GLN J 156 -4.92 -29.90 -47.00
CA GLN J 156 -6.03 -29.97 -46.07
C GLN J 156 -7.13 -30.82 -46.69
N LEU J 157 -8.02 -31.30 -45.83
CA LEU J 157 -9.25 -31.95 -46.25
C LEU J 157 -10.45 -31.10 -45.89
N PHE J 158 -11.38 -30.97 -46.83
CA PHE J 158 -12.71 -30.40 -46.57
C PHE J 158 -13.72 -31.47 -46.93
N PRO J 159 -14.12 -32.32 -45.98
CA PRO J 159 -14.94 -33.49 -46.35
C PRO J 159 -16.27 -33.09 -46.95
N THR J 160 -16.56 -33.68 -48.12
CA THR J 160 -17.86 -33.48 -48.76
C THR J 160 -18.94 -34.32 -48.08
N ALA J 161 -18.58 -35.53 -47.65
CA ALA J 161 -19.54 -36.51 -47.16
C ALA J 161 -20.70 -36.67 -48.13
N GLY J 189 -6.56 -41.12 -26.82
CA GLY J 189 -6.05 -41.14 -25.47
C GLY J 189 -4.76 -40.37 -25.26
N ALA J 190 -4.22 -39.83 -26.36
CA ALA J 190 -3.05 -38.97 -26.31
C ALA J 190 -3.20 -37.84 -27.31
N THR J 191 -2.49 -36.74 -27.05
CA THR J 191 -2.58 -35.57 -27.91
C THR J 191 -1.77 -35.71 -29.20
N PHE J 192 -0.89 -36.70 -29.28
CA PHE J 192 -0.12 -36.93 -30.50
C PHE J 192 0.16 -38.42 -30.62
N ALA J 193 0.46 -38.85 -31.85
CA ALA J 193 0.89 -40.21 -32.10
C ALA J 193 1.73 -40.29 -33.36
N PRO J 194 2.75 -41.16 -33.41
CA PRO J 194 3.71 -41.12 -34.52
C PRO J 194 3.18 -41.76 -35.81
N GLN J 195 3.49 -41.10 -36.92
CA GLN J 195 3.43 -41.67 -38.26
C GLN J 195 2.08 -42.30 -38.61
N MET J 196 1.00 -41.67 -38.15
CA MET J 196 -0.32 -42.19 -38.51
C MET J 196 -0.67 -41.86 -39.97
N ILE J 197 -0.20 -40.72 -40.47
CA ILE J 197 -0.62 -40.20 -41.76
C ILE J 197 0.43 -40.55 -42.79
N ARG J 198 0.00 -41.15 -43.90
CA ARG J 198 0.85 -41.47 -45.05
C ARG J 198 0.56 -40.49 -46.17
N LEU J 199 1.57 -39.74 -46.60
CA LEU J 199 1.43 -38.73 -47.64
C LEU J 199 2.49 -38.94 -48.71
N GLU J 200 2.05 -39.15 -49.95
CA GLU J 200 2.92 -39.19 -51.12
C GLU J 200 2.57 -38.05 -52.06
N TYR J 201 3.59 -37.33 -52.53
CA TYR J 201 3.37 -36.19 -53.40
C TYR J 201 4.64 -35.99 -54.23
N VAL J 202 4.52 -35.16 -55.26
CA VAL J 202 5.66 -34.68 -56.03
C VAL J 202 5.96 -33.24 -55.60
N SER J 203 7.19 -33.00 -55.17
CA SER J 203 7.71 -31.65 -54.95
C SER J 203 8.58 -31.23 -56.13
N GLY J 204 8.69 -29.92 -56.32
CA GLY J 204 9.58 -29.36 -57.33
C GLY J 204 9.04 -28.14 -58.02
N MET J 205 9.78 -27.63 -59.01
CA MET J 205 9.30 -26.57 -59.89
C MET J 205 9.46 -27.01 -61.34
N LEU J 206 8.52 -26.56 -62.17
CA LEU J 206 8.59 -26.71 -63.62
C LEU J 206 9.25 -25.50 -64.26
N PRO J 207 9.92 -25.65 -65.39
CA PRO J 207 10.39 -24.47 -66.12
C PRO J 207 9.22 -23.61 -66.59
N ARG J 208 9.37 -22.30 -66.46
CA ARG J 208 8.27 -21.38 -66.75
C ARG J 208 7.87 -21.46 -68.22
N LYS J 209 6.57 -21.30 -68.48
CA LYS J 209 6.02 -21.50 -69.80
C LYS J 209 5.98 -20.23 -70.65
N LYS J 210 6.05 -19.06 -70.04
CA LYS J 210 6.04 -17.79 -70.74
C LYS J 210 7.30 -17.00 -70.39
N ALA J 211 7.71 -16.13 -71.30
CA ALA J 211 8.79 -15.22 -71.00
C ALA J 211 8.37 -14.25 -69.89
N GLY J 212 9.28 -14.01 -68.95
CA GLY J 212 9.09 -12.99 -67.95
C GLY J 212 8.08 -13.33 -66.86
N ARG J 213 7.38 -14.45 -66.97
CA ARG J 213 6.26 -14.77 -66.10
C ARG J 213 6.47 -16.16 -65.52
N ASN J 214 5.96 -16.38 -64.31
CA ASN J 214 5.93 -17.70 -63.72
C ASN J 214 4.66 -17.89 -62.90
N LYS J 215 4.09 -19.08 -62.99
CA LYS J 215 3.06 -19.51 -62.06
C LYS J 215 3.71 -19.89 -60.73
N PRO J 216 2.92 -20.03 -59.66
CA PRO J 216 3.51 -20.34 -58.35
C PRO J 216 4.28 -21.64 -58.32
N TRP J 217 3.98 -22.59 -59.20
CA TRP J 217 4.72 -23.84 -59.31
C TRP J 217 5.82 -23.79 -60.36
N GLU J 218 6.07 -22.62 -60.96
CA GLU J 218 7.10 -22.46 -61.98
C GLU J 218 8.29 -21.69 -61.42
N MET J 219 9.46 -22.00 -61.95
CA MET J 219 10.69 -21.41 -61.44
C MET J 219 10.72 -19.92 -61.72
N PRO J 220 11.01 -19.07 -60.74
CA PRO J 220 11.18 -17.64 -61.03
C PRO J 220 12.33 -17.41 -62.00
N PRO J 221 12.19 -16.49 -62.95
CA PRO J 221 13.26 -16.30 -63.96
C PRO J 221 14.64 -16.03 -63.40
N GLU J 222 14.75 -15.40 -62.23
CA GLU J 222 16.04 -15.00 -61.69
C GLU J 222 16.57 -15.94 -60.61
N LEU J 223 15.81 -16.95 -60.20
CA LEU J 223 16.44 -18.04 -59.46
C LEU J 223 17.41 -18.79 -60.35
N GLU J 224 17.12 -18.86 -61.64
CA GLU J 224 18.09 -19.35 -62.61
C GLU J 224 19.36 -18.52 -62.57
N GLN J 225 19.22 -17.20 -62.55
CA GLN J 225 20.40 -16.34 -62.51
C GLN J 225 21.14 -16.46 -61.19
N LEU J 226 20.43 -16.73 -60.10
CA LEU J 226 21.10 -16.97 -58.83
C LEU J 226 21.98 -18.21 -58.90
N VAL J 227 21.45 -19.31 -59.44
CA VAL J 227 22.26 -20.52 -59.61
C VAL J 227 23.45 -20.26 -60.53
N ILE J 228 23.22 -19.47 -61.59
CA ILE J 228 24.32 -19.06 -62.45
C ILE J 228 25.39 -18.35 -61.65
N LYS J 229 25.01 -17.33 -60.88
CA LYS J 229 25.96 -16.59 -60.06
C LYS J 229 26.74 -17.51 -59.12
N TYR J 230 26.07 -18.48 -58.50
CA TYR J 230 26.80 -19.42 -57.66
C TYR J 230 27.85 -20.20 -58.44
N ALA J 231 27.51 -20.70 -59.61
CA ALA J 231 28.50 -21.36 -60.44
C ALA J 231 29.64 -20.43 -60.81
N LEU J 232 29.29 -19.26 -61.35
CA LEU J 232 30.25 -18.24 -61.75
C LEU J 232 31.25 -17.92 -60.65
N LYS J 233 30.81 -17.89 -59.40
CA LYS J 233 31.73 -17.59 -58.32
C LYS J 233 32.83 -18.63 -58.16
N GLU J 234 32.50 -19.90 -58.39
CA GLU J 234 33.53 -20.93 -58.35
C GLU J 234 34.44 -20.87 -59.57
N ILE J 235 33.86 -20.64 -60.74
CA ILE J 235 34.69 -20.59 -61.93
C ILE J 235 35.66 -19.41 -61.86
N TYR J 236 35.20 -18.27 -61.34
CA TYR J 236 36.11 -17.16 -61.10
C TYR J 236 37.15 -17.44 -60.03
N GLN J 237 36.82 -18.21 -58.99
CA GLN J 237 37.87 -18.55 -58.02
C GLN J 237 38.95 -19.40 -58.66
N VAL J 238 38.57 -20.33 -59.53
CA VAL J 238 39.57 -21.12 -60.23
C VAL J 238 40.39 -20.24 -61.17
N TRP J 239 39.69 -19.51 -62.05
CA TRP J 239 40.35 -18.68 -63.06
C TRP J 239 41.30 -17.64 -62.46
N GLY J 240 40.96 -17.08 -61.31
CA GLY J 240 41.80 -16.05 -60.71
C GLY J 240 43.21 -16.49 -60.35
N ASN J 241 43.48 -17.79 -60.36
CA ASN J 241 44.86 -18.26 -60.20
C ASN J 241 45.67 -18.15 -61.47
N LEU J 242 45.05 -18.09 -62.63
CA LEU J 242 45.70 -18.35 -63.91
C LEU J 242 45.98 -17.10 -64.73
N ILE J 243 45.53 -15.93 -64.27
CA ILE J 243 45.76 -14.70 -65.05
C ILE J 243 47.25 -14.44 -65.22
N ILE J 244 48.05 -14.87 -64.25
CA ILE J 244 49.50 -14.73 -64.27
C ILE J 244 50.04 -16.08 -63.83
N GLY J 245 51.34 -16.28 -64.00
CA GLY J 245 51.96 -17.45 -63.40
C GLY J 245 51.63 -17.56 -61.92
N ALA J 246 51.66 -18.77 -61.41
CA ALA J 246 51.24 -19.04 -60.04
C ALA J 246 52.03 -18.19 -59.04
N GLY J 247 51.30 -17.47 -58.18
CA GLY J 247 51.90 -16.69 -57.12
C GLY J 247 52.62 -15.44 -57.55
N ILE J 248 52.58 -15.09 -58.83
CA ILE J 248 53.22 -13.87 -59.31
C ILE J 248 52.30 -12.69 -59.06
N ALA J 249 52.86 -11.64 -58.45
CA ALA J 249 52.14 -10.41 -58.19
C ALA J 249 52.80 -9.19 -58.82
N ASN J 250 54.06 -9.28 -59.20
CA ASN J 250 54.69 -8.33 -60.11
C ASN J 250 55.74 -9.07 -60.90
N LYS J 251 55.99 -8.62 -62.12
CA LYS J 251 57.14 -9.11 -62.87
C LYS J 251 57.73 -7.99 -63.70
N THR J 252 59.04 -8.04 -63.87
CA THR J 252 59.74 -7.25 -64.86
C THR J 252 60.76 -8.15 -65.54
N LEU J 253 60.88 -8.00 -66.85
CA LEU J 253 61.98 -8.60 -67.59
C LEU J 253 62.59 -7.54 -68.48
N GLU J 254 63.91 -7.42 -68.43
CA GLU J 254 64.67 -6.52 -69.29
C GLU J 254 65.75 -7.31 -69.97
N VAL J 255 65.82 -7.21 -71.30
CA VAL J 255 66.84 -7.91 -72.07
C VAL J 255 67.30 -6.98 -73.17
N ASP J 256 68.60 -6.71 -73.21
CA ASP J 256 69.27 -6.03 -74.31
C ASP J 256 68.54 -4.76 -74.72
N GLY J 257 68.17 -3.95 -73.72
CA GLY J 257 67.51 -2.69 -73.97
C GLY J 257 66.02 -2.77 -74.30
N ILE J 258 65.43 -3.96 -74.26
CA ILE J 258 63.98 -4.12 -74.35
C ILE J 258 63.46 -4.38 -72.95
N THR J 259 62.43 -3.65 -72.55
CA THR J 259 61.82 -3.81 -71.23
C THR J 259 60.33 -4.06 -71.32
N GLU J 260 59.87 -5.02 -70.52
CA GLU J 260 58.46 -5.27 -70.29
C GLU J 260 58.23 -5.30 -68.79
N THR J 261 57.08 -4.78 -68.36
CA THR J 261 56.78 -4.71 -66.93
C THR J 261 55.28 -4.73 -66.75
N ILE J 262 54.79 -5.62 -65.88
CA ILE J 262 53.36 -5.81 -65.66
C ILE J 262 53.11 -5.70 -64.16
N GLY J 263 52.18 -4.84 -63.79
CA GLY J 263 51.53 -4.88 -62.50
C GLY J 263 50.13 -5.45 -62.60
N THR J 264 49.68 -6.09 -61.53
CA THR J 264 48.45 -6.87 -61.59
C THR J 264 47.58 -6.56 -60.38
N THR J 265 46.29 -6.91 -60.52
CA THR J 265 45.28 -6.78 -59.48
C THR J 265 45.47 -7.77 -58.35
N GLN J 266 46.36 -8.75 -58.48
CA GLN J 266 46.73 -9.57 -57.34
C GLN J 266 47.52 -8.77 -56.32
N SER J 267 47.44 -9.21 -55.07
CA SER J 267 48.22 -8.66 -53.97
C SER J 267 48.28 -9.70 -52.87
N ALA J 268 49.11 -9.41 -51.86
CA ALA J 268 49.19 -10.29 -50.70
C ALA J 268 47.89 -10.40 -49.93
N MET J 269 46.95 -9.47 -50.09
CA MET J 269 45.62 -9.62 -49.52
C MET J 269 44.62 -10.25 -50.49
N TYR J 270 44.36 -9.57 -51.61
CA TYR J 270 43.25 -9.92 -52.51
C TYR J 270 43.72 -10.76 -53.68
N GLY J 271 42.98 -11.83 -53.95
CA GLY J 271 43.23 -12.65 -55.12
C GLY J 271 42.78 -11.96 -56.39
N GLY J 272 43.23 -12.52 -57.52
CA GLY J 272 43.10 -11.87 -58.81
C GLY J 272 41.69 -11.58 -59.25
N ALA J 273 40.69 -12.28 -58.69
CA ALA J 273 39.29 -12.06 -59.07
C ALA J 273 38.45 -11.55 -57.90
N SER J 274 39.10 -10.99 -56.87
CA SER J 274 38.38 -10.37 -55.75
C SER J 274 37.22 -9.47 -56.16
N ALA J 275 37.46 -8.53 -57.08
CA ALA J 275 36.43 -7.57 -57.46
C ALA J 275 35.17 -8.25 -57.99
N GLN J 276 35.33 -9.13 -58.98
CA GLN J 276 34.18 -9.82 -59.56
C GLN J 276 33.44 -10.65 -58.52
N ILE J 277 34.19 -11.35 -57.66
CA ILE J 277 33.56 -12.16 -56.62
C ILE J 277 32.74 -11.29 -55.67
N LEU J 278 33.31 -10.17 -55.25
CA LEU J 278 32.56 -9.21 -54.43
C LEU J 278 31.25 -8.78 -55.11
N GLN J 279 31.33 -8.41 -56.38
CA GLN J 279 30.12 -8.00 -57.10
C GLN J 279 29.10 -9.13 -57.15
N ILE J 280 29.54 -10.33 -57.50
CA ILE J 280 28.66 -11.49 -57.53
C ILE J 280 28.03 -11.73 -56.16
N ASN J 281 28.79 -11.58 -55.09
CA ASN J 281 28.22 -11.69 -53.74
C ASN J 281 27.13 -10.66 -53.49
N GLU J 282 27.34 -9.43 -53.94
CA GLU J 282 26.29 -8.42 -53.83
C GLU J 282 25.02 -8.86 -54.56
N ASP J 283 25.18 -9.27 -55.82
CA ASP J 283 24.04 -9.74 -56.60
C ASP J 283 23.32 -10.89 -55.92
N ILE J 284 24.08 -11.85 -55.40
CA ILE J 284 23.50 -12.95 -54.63
C ILE J 284 22.69 -12.42 -53.46
N LYS J 285 23.26 -11.47 -52.71
CA LYS J 285 22.55 -10.92 -51.56
C LYS J 285 21.20 -10.33 -51.96
N GLU J 286 21.17 -9.51 -53.01
CA GLU J 286 19.91 -8.95 -53.47
C GLU J 286 18.93 -10.02 -53.91
N LEU J 287 19.40 -11.00 -54.69
CA LEU J 287 18.52 -12.06 -55.16
C LEU J 287 17.94 -12.85 -54.00
N LEU J 288 18.77 -13.19 -53.01
CA LEU J 288 18.28 -13.95 -51.87
C LEU J 288 17.31 -13.15 -51.03
N ASP J 289 17.55 -11.84 -50.87
CA ASP J 289 16.56 -11.00 -50.21
C ASP J 289 15.21 -11.09 -50.93
N GLY J 290 15.21 -10.90 -52.24
CA GLY J 290 13.96 -10.97 -52.98
C GLY J 290 13.28 -12.33 -52.86
N LEU J 291 14.04 -13.41 -53.00
CA LEU J 291 13.44 -14.74 -52.96
C LEU J 291 12.98 -15.14 -51.56
N ARG J 292 13.70 -14.71 -50.50
CA ARG J 292 13.21 -14.91 -49.15
C ARG J 292 12.07 -13.96 -48.80
N ALA J 293 11.77 -13.00 -49.67
CA ALA J 293 10.49 -12.31 -49.57
C ALA J 293 9.42 -13.06 -50.33
N TYR J 294 9.79 -13.77 -51.39
CA TYR J 294 8.83 -14.54 -52.17
C TYR J 294 8.37 -15.77 -51.40
N PHE J 295 9.31 -16.61 -50.97
CA PHE J 295 9.03 -17.63 -49.96
C PHE J 295 8.95 -17.01 -48.57
N GLY J 296 8.05 -17.55 -47.74
CA GLY J 296 7.76 -16.97 -46.45
C GLY J 296 8.69 -17.41 -45.34
N TYR J 297 8.43 -16.86 -44.16
CA TYR J 297 9.06 -17.32 -42.92
C TYR J 297 8.48 -18.65 -42.46
N ASN J 298 9.35 -19.55 -42.01
CA ASN J 298 8.92 -20.81 -41.44
C ASN J 298 8.34 -20.59 -40.04
N MET J 299 7.35 -21.40 -39.70
CA MET J 299 6.68 -21.30 -38.41
C MET J 299 6.14 -22.66 -38.01
N ILE J 300 6.05 -22.90 -36.70
CA ILE J 300 5.37 -24.07 -36.17
C ILE J 300 4.74 -23.70 -34.83
N GLY J 301 3.61 -24.34 -34.53
CA GLY J 301 2.95 -24.18 -33.26
C GLY J 301 3.29 -25.31 -32.30
N LEU J 302 3.69 -24.95 -31.09
CA LEU J 302 4.03 -25.91 -30.06
C LEU J 302 2.99 -25.88 -28.94
N LEU K 17 -28.07 -0.48 -69.50
CA LEU K 17 -26.65 -0.51 -69.83
C LEU K 17 -26.32 -1.77 -70.59
N ASN K 18 -25.41 -1.68 -71.56
CA ASN K 18 -24.93 -2.82 -72.31
C ASN K 18 -23.40 -2.84 -72.31
N TYR K 19 -22.85 -4.04 -72.13
CA TYR K 19 -21.41 -4.21 -71.96
C TYR K 19 -21.08 -5.67 -72.18
N GLU K 20 -19.80 -5.94 -72.43
CA GLU K 20 -19.32 -7.31 -72.39
C GLU K 20 -19.42 -7.83 -70.96
N TYR K 21 -20.11 -8.96 -70.79
CA TYR K 21 -20.81 -9.33 -69.56
C TYR K 21 -20.02 -9.03 -68.29
N PRO K 22 -18.83 -9.60 -68.10
CA PRO K 22 -18.12 -9.40 -66.82
C PRO K 22 -17.70 -7.97 -66.58
N TYR K 23 -17.58 -7.15 -67.62
CA TYR K 23 -16.88 -5.87 -67.55
C TYR K 23 -17.85 -4.72 -67.33
N HIS K 24 -18.58 -4.79 -66.22
CA HIS K 24 -19.52 -3.73 -65.88
C HIS K 24 -18.76 -2.41 -65.78
N PRO K 25 -19.21 -1.35 -66.48
CA PRO K 25 -18.32 -0.19 -66.70
C PRO K 25 -18.00 0.62 -65.47
N SER K 26 -18.74 0.45 -64.37
CA SER K 26 -18.37 1.11 -63.12
C SER K 26 -17.42 0.27 -62.28
N GLY K 27 -17.77 -0.98 -62.02
CA GLY K 27 -17.06 -1.78 -61.05
C GLY K 27 -15.89 -2.56 -61.61
N ASN K 28 -15.93 -2.89 -62.89
CA ASN K 28 -14.90 -3.74 -63.49
C ASN K 28 -14.68 -3.37 -64.95
N PRO K 29 -14.39 -2.10 -65.27
CA PRO K 29 -14.20 -1.72 -66.67
C PRO K 29 -13.13 -2.56 -67.36
N LYS K 30 -13.37 -2.88 -68.63
CA LYS K 30 -12.40 -3.62 -69.42
C LYS K 30 -11.22 -2.75 -69.80
N HIS K 31 -10.00 -3.21 -69.48
CA HIS K 31 -8.78 -2.53 -69.88
C HIS K 31 -7.97 -3.30 -70.91
N ILE K 32 -8.11 -4.62 -70.99
CA ILE K 32 -7.40 -5.42 -71.98
C ILE K 32 -8.27 -6.59 -72.40
N ASP K 33 -8.10 -7.03 -73.65
CA ASP K 33 -8.69 -8.27 -74.13
C ASP K 33 -7.78 -9.45 -73.79
N VAL K 34 -8.40 -10.56 -73.42
CA VAL K 34 -7.68 -11.79 -73.05
C VAL K 34 -6.97 -12.42 -74.24
N SER K 35 -7.13 -11.87 -75.44
CA SER K 35 -6.27 -12.23 -76.56
C SER K 35 -5.02 -11.36 -76.63
N GLU K 36 -5.10 -10.11 -76.17
CA GLU K 36 -3.96 -9.21 -76.26
C GLU K 36 -2.83 -9.62 -75.31
N ILE K 37 -3.17 -10.28 -74.19
CA ILE K 37 -2.15 -10.70 -73.24
C ILE K 37 -1.14 -11.68 -73.84
N ASP K 38 -1.51 -12.37 -74.92
CA ASP K 38 -0.53 -13.18 -75.64
C ASP K 38 0.29 -12.37 -76.63
N ASN K 39 -0.27 -11.26 -77.15
CA ASN K 39 0.39 -10.50 -78.20
C ASN K 39 1.44 -9.52 -77.68
N LEU K 40 1.37 -9.14 -76.41
CA LEU K 40 2.33 -8.21 -75.84
C LEU K 40 3.70 -8.86 -75.65
N THR K 41 4.74 -8.05 -75.88
CA THR K 41 6.13 -8.50 -75.82
C THR K 41 6.95 -7.45 -75.08
N LEU K 42 8.14 -7.86 -74.66
CA LEU K 42 9.03 -6.95 -73.93
C LEU K 42 9.30 -5.66 -74.70
N ALA K 43 9.46 -5.77 -76.02
CA ALA K 43 9.75 -4.58 -76.82
C ALA K 43 8.62 -3.57 -76.79
N ASP K 44 7.39 -4.00 -76.53
CA ASP K 44 6.29 -3.06 -76.41
C ASP K 44 6.41 -2.14 -75.21
N TYR K 45 7.14 -2.54 -74.18
CA TYR K 45 7.44 -1.67 -73.04
C TYR K 45 8.73 -0.88 -73.21
N GLY K 46 9.36 -0.93 -74.38
CA GLY K 46 10.60 -0.21 -74.59
C GLY K 46 11.86 -0.90 -74.11
N TRP K 47 11.74 -2.11 -73.56
CA TRP K 47 12.91 -2.88 -73.13
C TRP K 47 13.49 -3.59 -74.34
N SER K 48 14.51 -3.01 -74.93
CA SER K 48 15.12 -3.49 -76.17
C SER K 48 16.63 -3.32 -76.07
N PRO K 49 17.41 -4.17 -76.74
CA PRO K 49 18.86 -3.96 -76.80
C PRO K 49 19.26 -2.54 -77.21
N ASP K 50 18.57 -1.97 -78.19
CA ASP K 50 18.86 -0.60 -78.61
C ASP K 50 18.75 0.38 -77.45
N ALA K 51 17.76 0.20 -76.56
CA ALA K 51 17.65 1.08 -75.40
C ALA K 51 18.86 0.97 -74.50
N VAL K 52 19.36 -0.24 -74.28
CA VAL K 52 20.58 -0.40 -73.51
C VAL K 52 21.73 0.31 -74.19
N LYS K 53 21.96 0.01 -75.48
CA LYS K 53 23.04 0.68 -76.19
C LYS K 53 22.90 2.20 -76.09
N ALA K 54 21.66 2.71 -76.14
CA ALA K 54 21.45 4.14 -75.97
C ALA K 54 22.01 4.60 -74.64
N TYR K 55 21.78 3.82 -73.58
CA TYR K 55 22.38 4.19 -72.29
C TYR K 55 23.88 3.92 -72.23
N MET K 56 24.43 3.17 -73.17
CA MET K 56 25.88 3.01 -73.34
C MET K 56 26.34 3.65 -74.64
N PHE K 57 25.78 4.80 -74.98
CA PHE K 57 26.23 5.54 -76.15
C PHE K 57 27.73 5.75 -76.11
N GLY K 58 28.38 5.52 -77.25
CA GLY K 58 29.81 5.66 -77.38
C GLY K 58 30.63 4.52 -76.83
N ILE K 59 29.99 3.45 -76.36
CA ILE K 59 30.68 2.22 -75.96
C ILE K 59 30.23 1.11 -76.89
N VAL K 60 31.15 0.18 -77.16
CA VAL K 60 30.83 -1.08 -77.82
C VAL K 60 31.52 -2.21 -77.08
N VAL K 61 30.81 -3.32 -76.90
CA VAL K 61 31.30 -4.47 -76.17
C VAL K 61 31.68 -5.52 -77.19
N GLN K 62 32.95 -5.93 -77.19
CA GLN K 62 33.46 -6.80 -78.23
C GLN K 62 34.59 -7.66 -77.67
N ASN K 63 34.72 -8.84 -78.24
CA ASN K 63 35.73 -9.80 -77.79
C ASN K 63 37.11 -9.26 -78.14
N PRO K 64 38.02 -9.07 -77.18
CA PRO K 64 39.26 -8.36 -77.50
C PRO K 64 40.09 -9.02 -78.57
N ASP K 65 40.09 -10.36 -78.64
CA ASP K 65 40.84 -11.06 -79.68
C ASP K 65 40.02 -11.24 -80.97
N THR K 66 38.73 -11.51 -80.84
CA THR K 66 37.92 -11.83 -82.02
C THR K 66 37.26 -10.62 -82.65
N GLY K 67 37.08 -9.53 -81.90
CA GLY K 67 36.50 -8.32 -82.43
C GLY K 67 35.00 -8.34 -82.61
N GLN K 68 34.38 -9.51 -82.59
CA GLN K 68 32.94 -9.58 -82.82
C GLN K 68 32.18 -8.95 -81.64
N PRO K 69 31.14 -8.16 -81.90
CA PRO K 69 30.35 -7.62 -80.79
C PRO K 69 29.48 -8.68 -80.15
N MET K 70 29.13 -8.42 -78.88
CA MET K 70 28.23 -9.30 -78.15
C MET K 70 26.84 -9.28 -78.77
N GLY K 71 26.26 -10.47 -78.96
CA GLY K 71 24.98 -10.57 -79.64
C GLY K 71 23.79 -10.21 -78.78
N ASP K 72 22.70 -9.85 -79.46
CA ASP K 72 21.46 -9.44 -78.81
C ASP K 72 20.83 -10.54 -77.96
N GLU K 73 21.17 -11.81 -78.21
CA GLU K 73 20.67 -12.89 -77.37
C GLU K 73 20.95 -12.63 -75.90
N PHE K 74 22.19 -12.28 -75.58
CA PHE K 74 22.55 -11.99 -74.19
C PHE K 74 21.76 -10.79 -73.66
N TYR K 75 21.59 -9.75 -74.48
CA TYR K 75 20.76 -8.62 -74.07
C TYR K 75 19.36 -9.05 -73.69
N ASN K 76 18.68 -9.81 -74.55
CA ASN K 76 17.31 -10.22 -74.26
C ASN K 76 17.24 -11.13 -73.02
N HIS K 77 18.20 -12.05 -72.88
CA HIS K 77 18.30 -12.86 -71.69
C HIS K 77 18.36 -12.00 -70.44
N ILE K 78 19.34 -11.09 -70.41
CA ILE K 78 19.51 -10.19 -69.28
C ILE K 78 18.25 -9.39 -69.02
N LEU K 79 17.60 -8.90 -70.07
CA LEU K 79 16.39 -8.11 -69.88
C LEU K 79 15.27 -8.93 -69.23
N GLU K 80 15.08 -10.17 -69.68
CA GLU K 80 14.05 -11.00 -69.07
C GLU K 80 14.34 -11.26 -67.60
N ARG K 81 15.60 -11.50 -67.25
CA ARG K 81 15.91 -11.71 -65.84
C ARG K 81 15.83 -10.43 -65.04
N ALA K 82 16.14 -9.28 -65.64
CA ALA K 82 15.95 -8.01 -64.96
C ALA K 82 14.47 -7.77 -64.66
N VAL K 83 13.59 -8.15 -65.58
CA VAL K 83 12.16 -8.06 -65.30
C VAL K 83 11.77 -8.98 -64.16
N GLY K 84 12.29 -10.20 -64.15
CA GLY K 84 12.02 -11.09 -63.02
C GLY K 84 12.48 -10.53 -61.69
N LYS K 85 13.70 -10.00 -61.66
CA LYS K 85 14.22 -9.36 -60.47
C LYS K 85 13.35 -8.19 -60.03
N ALA K 86 12.89 -7.37 -60.98
CA ALA K 86 12.02 -6.26 -60.62
C ALA K 86 10.68 -6.73 -60.07
N GLU K 87 10.11 -7.79 -60.67
CA GLU K 87 8.83 -8.29 -60.20
C GLU K 87 8.86 -8.91 -58.81
N ARG K 88 9.98 -9.53 -58.41
CA ARG K 88 10.12 -9.88 -56.99
C ARG K 88 10.62 -8.75 -56.10
N ALA K 89 11.41 -7.81 -56.62
CA ALA K 89 11.90 -6.72 -55.77
C ALA K 89 10.76 -5.86 -55.28
N LEU K 90 9.79 -5.58 -56.15
CA LEU K 90 8.52 -4.99 -55.76
C LEU K 90 7.44 -6.04 -55.96
N ASP K 91 6.54 -6.17 -55.00
CA ASP K 91 5.58 -7.27 -55.01
C ASP K 91 4.47 -7.01 -56.02
N ILE K 92 4.83 -7.09 -57.30
CA ILE K 92 3.99 -6.61 -58.39
C ILE K 92 4.04 -7.63 -59.52
N SER K 93 3.06 -7.53 -60.42
CA SER K 93 3.07 -8.23 -61.70
C SER K 93 3.19 -7.21 -62.81
N ILE K 94 4.21 -7.36 -63.66
CA ILE K 94 4.50 -6.36 -64.68
C ILE K 94 3.87 -6.80 -66.00
N LEU K 95 4.35 -7.90 -66.55
CA LEU K 95 3.79 -8.36 -67.82
C LEU K 95 2.42 -9.00 -67.59
N PRO K 96 1.43 -8.69 -68.42
CA PRO K 96 0.11 -9.31 -68.25
C PRO K 96 0.17 -10.83 -68.22
N ASP K 97 -0.55 -11.41 -67.27
CA ASP K 97 -0.69 -12.86 -67.21
C ASP K 97 -2.04 -13.20 -66.60
N THR K 98 -2.56 -14.36 -66.98
CA THR K 98 -3.82 -14.85 -66.43
C THR K 98 -3.57 -15.57 -65.11
N GLN K 99 -4.22 -15.09 -64.05
CA GLN K 99 -4.09 -15.66 -62.72
C GLN K 99 -5.37 -16.41 -62.35
N HIS K 100 -5.21 -17.64 -61.86
CA HIS K 100 -6.32 -18.42 -61.33
C HIS K 100 -6.01 -18.73 -59.86
N GLU K 101 -6.83 -18.19 -58.96
CA GLU K 101 -6.64 -18.37 -57.52
C GLU K 101 -7.85 -19.04 -56.88
N MET K 102 -7.57 -19.94 -55.95
CA MET K 102 -8.56 -20.47 -55.01
C MET K 102 -8.24 -19.89 -53.63
N ARG K 103 -9.17 -19.14 -53.06
CA ARG K 103 -8.91 -18.34 -51.87
C ARG K 103 -9.73 -18.86 -50.69
N ASP K 104 -9.11 -18.79 -49.50
CA ASP K 104 -9.73 -19.28 -48.28
C ASP K 104 -10.86 -18.38 -47.83
N TYR K 105 -11.92 -18.99 -47.31
CA TYR K 105 -12.90 -18.26 -46.53
C TYR K 105 -12.36 -17.90 -45.16
N HIS K 106 -12.44 -16.63 -44.80
CA HIS K 106 -12.23 -16.17 -43.43
C HIS K 106 -13.41 -15.32 -43.01
N GLU K 107 -13.96 -15.60 -41.82
CA GLU K 107 -15.24 -15.02 -41.44
C GLU K 107 -15.17 -13.50 -41.33
N THR K 108 -14.10 -12.98 -40.72
CA THR K 108 -13.98 -11.54 -40.53
C THR K 108 -13.98 -10.81 -41.88
N GLU K 109 -13.18 -11.27 -42.83
CA GLU K 109 -13.08 -10.58 -44.11
C GLU K 109 -14.25 -10.91 -45.03
N PHE K 110 -14.82 -12.10 -44.91
CA PHE K 110 -16.01 -12.42 -45.67
C PHE K 110 -17.19 -11.55 -45.25
N ASN K 111 -17.32 -11.29 -43.95
CA ASN K 111 -18.34 -10.35 -43.50
C ASN K 111 -18.06 -8.93 -43.96
N SER K 112 -16.81 -8.58 -44.24
CA SER K 112 -16.44 -7.22 -44.64
C SER K 112 -16.63 -7.03 -46.14
N TYR K 113 -17.87 -7.24 -46.60
CA TYR K 113 -18.23 -7.14 -48.02
C TYR K 113 -17.43 -8.11 -48.89
N MET K 114 -17.19 -9.32 -48.37
CA MET K 114 -16.50 -10.36 -49.12
C MET K 114 -15.13 -9.88 -49.58
N PHE K 115 -14.39 -9.23 -48.68
CA PHE K 115 -13.08 -8.69 -49.01
C PHE K 115 -12.12 -9.82 -49.34
N VAL K 116 -11.43 -9.69 -50.47
CA VAL K 116 -10.31 -10.57 -50.81
C VAL K 116 -9.18 -9.72 -51.38
N HIS K 117 -7.95 -10.01 -50.92
CA HIS K 117 -6.75 -9.43 -51.49
C HIS K 117 -6.14 -10.43 -52.47
N ALA K 118 -5.98 -10.01 -53.72
CA ALA K 118 -5.33 -10.86 -54.71
C ALA K 118 -3.86 -11.06 -54.36
N TYR K 119 -3.33 -12.23 -54.74
CA TYR K 119 -1.91 -12.48 -54.53
C TYR K 119 -1.04 -11.63 -55.46
N ARG K 120 -1.56 -11.25 -56.61
CA ARG K 120 -0.80 -10.55 -57.63
C ARG K 120 -1.50 -9.22 -57.92
N LYS K 121 -0.71 -8.17 -58.09
CA LYS K 121 -1.23 -6.84 -58.32
C LYS K 121 -0.31 -6.08 -59.27
N PRO K 122 -0.81 -5.06 -59.98
CA PRO K 122 -2.19 -4.59 -60.10
C PRO K 122 -3.14 -5.59 -60.77
N ILE K 123 -4.44 -5.43 -60.51
CA ILE K 123 -5.47 -6.07 -61.31
C ILE K 123 -5.71 -5.25 -62.58
N LEU K 124 -5.56 -5.88 -63.74
CA LEU K 124 -6.06 -5.28 -64.97
C LEU K 124 -7.58 -5.43 -65.06
N GLN K 125 -8.09 -6.63 -64.84
CA GLN K 125 -9.53 -6.83 -64.74
C GLN K 125 -9.80 -8.15 -64.03
N VAL K 126 -11.00 -8.25 -63.45
CA VAL K 126 -11.50 -9.50 -62.90
C VAL K 126 -12.24 -10.26 -63.99
N GLU K 127 -11.95 -11.55 -64.11
CA GLU K 127 -12.56 -12.40 -65.13
C GLU K 127 -13.67 -13.27 -64.58
N ASN K 128 -13.56 -13.75 -63.35
CA ASN K 128 -14.59 -14.58 -62.75
C ASN K 128 -14.47 -14.52 -61.24
N LEU K 129 -15.60 -14.72 -60.57
CA LEU K 129 -15.64 -14.73 -59.11
C LEU K 129 -16.82 -15.60 -58.69
N GLN K 130 -16.53 -16.69 -57.99
CA GLN K 130 -17.55 -17.68 -57.66
C GLN K 130 -17.29 -18.25 -56.28
N LEU K 131 -18.36 -18.65 -55.62
CA LEU K 131 -18.32 -19.45 -54.41
C LEU K 131 -18.70 -20.88 -54.80
N GLN K 132 -17.89 -21.85 -54.38
CA GLN K 132 -17.98 -23.19 -54.94
C GLN K 132 -17.78 -24.23 -53.85
N PHE K 133 -18.16 -25.47 -54.20
CA PHE K 133 -18.06 -26.62 -53.30
C PHE K 133 -17.71 -27.85 -54.12
N ASN K 134 -16.47 -28.32 -53.99
CA ASN K 134 -15.97 -29.45 -54.79
C ASN K 134 -16.05 -29.15 -56.28
N GLY K 135 -15.81 -27.89 -56.64
CA GLY K 135 -15.92 -27.44 -58.00
C GLY K 135 -17.33 -27.10 -58.47
N ARG K 136 -18.35 -27.48 -57.73
CA ARG K 136 -19.72 -27.08 -58.06
C ARG K 136 -19.93 -25.63 -57.65
N PRO K 137 -20.31 -24.72 -58.55
CA PRO K 137 -20.70 -23.38 -58.11
C PRO K 137 -21.91 -23.44 -57.19
N ILE K 138 -21.72 -22.98 -55.95
CA ILE K 138 -22.84 -22.79 -55.04
C ILE K 138 -23.57 -21.49 -55.36
N TYR K 139 -22.82 -20.42 -55.61
CA TYR K 139 -23.42 -19.19 -56.11
C TYR K 139 -22.43 -18.47 -57.00
N LYS K 140 -22.95 -17.87 -58.08
CA LYS K 140 -22.18 -17.01 -58.97
C LYS K 140 -22.67 -15.58 -58.79
N TYR K 141 -21.79 -14.71 -58.33
CA TYR K 141 -22.20 -13.34 -58.02
C TYR K 141 -22.41 -12.55 -59.31
N PRO K 142 -23.52 -11.83 -59.46
CA PRO K 142 -23.70 -11.00 -60.65
C PRO K 142 -22.56 -10.02 -60.83
N ALA K 143 -22.12 -9.88 -62.09
CA ALA K 143 -20.99 -9.03 -62.41
C ALA K 143 -21.23 -7.56 -62.05
N ASN K 144 -22.49 -7.14 -61.95
CA ASN K 144 -22.75 -5.77 -61.49
C ASN K 144 -22.46 -5.57 -60.02
N TRP K 145 -22.21 -6.63 -59.27
CA TRP K 145 -21.80 -6.51 -57.87
C TRP K 145 -20.30 -6.32 -57.70
N TRP K 146 -19.48 -6.72 -58.67
CA TRP K 146 -18.05 -6.74 -58.48
C TRP K 146 -17.49 -5.33 -58.37
N LYS K 147 -16.79 -5.05 -57.27
CA LYS K 147 -16.08 -3.81 -57.05
C LYS K 147 -14.58 -4.10 -57.04
N VAL K 148 -13.85 -3.46 -57.96
CA VAL K 148 -12.42 -3.69 -58.13
C VAL K 148 -11.67 -2.41 -57.82
N GLU K 149 -10.60 -2.53 -57.05
CA GLU K 149 -9.61 -1.46 -56.87
C GLU K 149 -8.30 -1.97 -57.46
N HIS K 150 -7.90 -1.39 -58.58
CA HIS K 150 -6.92 -2.03 -59.45
C HIS K 150 -5.52 -2.03 -58.84
N LEU K 151 -5.03 -0.86 -58.42
CA LEU K 151 -3.68 -0.78 -57.90
C LEU K 151 -3.56 -1.45 -56.53
N ALA K 152 -4.62 -1.42 -55.73
CA ALA K 152 -4.57 -2.07 -54.42
C ALA K 152 -4.54 -3.58 -54.55
N GLY K 153 -5.21 -4.14 -55.56
CA GLY K 153 -5.41 -5.57 -55.60
C GLY K 153 -6.55 -6.06 -54.76
N HIS K 154 -7.60 -5.24 -54.60
CA HIS K 154 -8.74 -5.56 -53.75
C HIS K 154 -9.96 -5.82 -54.61
N VAL K 155 -10.74 -6.82 -54.23
CA VAL K 155 -12.04 -7.11 -54.83
C VAL K 155 -13.06 -7.19 -53.71
N GLN K 156 -14.24 -6.62 -53.95
CA GLN K 156 -15.33 -6.65 -52.96
C GLN K 156 -16.65 -6.83 -53.68
N LEU K 157 -17.65 -7.27 -52.92
CA LEU K 157 -19.04 -7.31 -53.37
C LEU K 157 -19.86 -6.28 -52.60
N PHE K 158 -20.70 -5.54 -53.33
CA PHE K 158 -21.75 -4.71 -52.74
C PHE K 158 -23.08 -5.19 -53.32
N PRO K 159 -23.76 -6.13 -52.68
CA PRO K 159 -24.93 -6.75 -53.32
C PRO K 159 -26.04 -5.75 -53.63
N THR K 160 -26.50 -5.78 -54.88
CA THR K 160 -27.64 -4.95 -55.28
C THR K 160 -28.95 -5.54 -54.79
N ALA K 161 -29.06 -6.87 -54.81
CA ALA K 161 -30.31 -7.56 -54.55
C ALA K 161 -31.44 -6.99 -55.40
N GLY K 189 -19.51 -23.22 -38.09
CA GLY K 189 -18.94 -23.84 -36.90
C GLY K 189 -17.44 -23.64 -36.77
N ALA K 190 -16.83 -23.00 -37.76
CA ALA K 190 -15.42 -22.65 -37.72
C ALA K 190 -15.23 -21.28 -38.34
N THR K 191 -14.14 -20.62 -37.93
CA THR K 191 -13.84 -19.28 -38.39
C THR K 191 -13.21 -19.25 -39.78
N PHE K 192 -12.77 -20.39 -40.31
CA PHE K 192 -12.18 -20.43 -41.64
C PHE K 192 -12.49 -21.77 -42.29
N ALA K 193 -12.40 -21.80 -43.62
CA ALA K 193 -12.51 -23.04 -44.36
C ALA K 193 -11.76 -22.94 -45.67
N PRO K 194 -11.13 -24.01 -46.14
CA PRO K 194 -10.21 -23.89 -47.29
C PRO K 194 -10.90 -23.81 -48.63
N GLN K 195 -10.36 -22.92 -49.48
CA GLN K 195 -10.60 -22.92 -50.93
C GLN K 195 -12.08 -22.87 -51.30
N MET K 196 -12.87 -22.12 -50.53
CA MET K 196 -14.28 -21.97 -50.88
C MET K 196 -14.46 -21.04 -52.08
N ILE K 197 -13.60 -20.04 -52.22
CA ILE K 197 -13.78 -18.95 -53.18
C ILE K 197 -12.91 -19.24 -54.40
N ARG K 198 -13.52 -19.19 -55.58
CA ARG K 198 -12.83 -19.33 -56.86
C ARG K 198 -12.74 -17.96 -57.51
N LEU K 199 -11.51 -17.50 -57.75
CA LEU K 199 -11.26 -16.18 -58.33
C LEU K 199 -10.31 -16.32 -59.52
N GLU K 200 -10.77 -15.89 -60.70
CA GLU K 200 -9.93 -15.80 -61.89
C GLU K 200 -9.83 -14.35 -62.33
N TYR K 201 -8.62 -13.89 -62.62
CA TYR K 201 -8.41 -12.50 -63.02
C TYR K 201 -7.14 -12.43 -63.85
N VAL K 202 -6.94 -11.28 -64.51
CA VAL K 202 -5.69 -10.93 -65.17
C VAL K 202 -4.95 -9.92 -64.30
N SER K 203 -3.71 -10.25 -63.94
CA SER K 203 -2.79 -9.30 -63.32
C SER K 203 -1.81 -8.77 -64.36
N GLY K 204 -1.29 -7.57 -64.08
CA GLY K 204 -0.26 -6.98 -64.91
C GLY K 204 -0.37 -5.47 -65.04
N MET K 205 0.50 -4.88 -65.86
CA MET K 205 0.41 -3.47 -66.23
C MET K 205 0.42 -3.34 -67.74
N LEU K 206 -0.30 -2.35 -68.23
CA LEU K 206 -0.25 -1.97 -69.63
C LEU K 206 0.79 -0.88 -69.87
N PRO K 207 1.39 -0.82 -71.05
CA PRO K 207 2.26 0.33 -71.35
C PRO K 207 1.46 1.62 -71.36
N ARG K 208 2.05 2.67 -70.79
CA ARG K 208 1.33 3.93 -70.63
C ARG K 208 0.97 4.53 -71.98
N LYS K 209 -0.19 5.17 -72.02
CA LYS K 209 -0.76 5.66 -73.27
C LYS K 209 -0.36 7.09 -73.60
N LYS K 210 0.09 7.86 -72.60
CA LYS K 210 0.51 9.24 -72.78
C LYS K 210 1.93 9.41 -72.31
N ALA K 211 2.62 10.40 -72.88
CA ALA K 211 3.96 10.75 -72.39
C ALA K 211 3.87 11.29 -70.97
N GLY K 212 4.81 10.86 -70.13
CA GLY K 212 5.00 11.40 -68.80
C GLY K 212 3.95 11.02 -67.78
N ARG K 213 2.88 10.34 -68.20
CA ARG K 213 1.73 10.09 -67.35
C ARG K 213 1.38 8.61 -67.39
N ASN K 214 0.85 8.10 -66.28
CA ASN K 214 0.31 6.75 -66.24
C ASN K 214 -0.92 6.70 -65.35
N LYS K 215 -1.91 5.93 -65.79
CA LYS K 215 -3.01 5.55 -64.93
C LYS K 215 -2.56 4.46 -63.95
N PRO K 216 -3.34 4.20 -62.90
CA PRO K 216 -2.91 3.20 -61.91
C PRO K 216 -2.70 1.82 -62.48
N TRP K 217 -3.32 1.47 -63.60
CA TRP K 217 -3.08 0.20 -64.26
C TRP K 217 -2.05 0.29 -65.37
N GLU K 218 -1.41 1.45 -65.53
CA GLU K 218 -0.38 1.65 -66.54
C GLU K 218 0.99 1.71 -65.87
N MET K 219 2.00 1.28 -66.61
CA MET K 219 3.34 1.18 -66.05
C MET K 219 3.88 2.58 -65.74
N PRO K 220 4.41 2.83 -64.55
CA PRO K 220 5.06 4.12 -64.28
C PRO K 220 6.24 4.33 -65.21
N PRO K 221 6.45 5.54 -65.72
CA PRO K 221 7.54 5.76 -66.69
C PRO K 221 8.92 5.32 -66.23
N GLU K 222 9.24 5.36 -64.94
CA GLU K 222 10.59 5.05 -64.48
C GLU K 222 10.75 3.63 -63.97
N LEU K 223 9.68 2.85 -63.88
CA LEU K 223 9.88 1.42 -63.70
C LEU K 223 10.55 0.83 -64.94
N GLU K 224 10.26 1.39 -66.11
CA GLU K 224 11.02 1.07 -67.30
C GLU K 224 12.50 1.35 -67.10
N GLN K 225 12.82 2.53 -66.55
CA GLN K 225 14.21 2.87 -66.31
C GLN K 225 14.84 1.99 -65.26
N LEU K 226 14.07 1.52 -64.28
CA LEU K 226 14.58 0.59 -63.29
C LEU K 226 15.01 -0.73 -63.94
N VAL K 227 14.15 -1.28 -64.81
CA VAL K 227 14.52 -2.50 -65.51
C VAL K 227 15.74 -2.27 -66.41
N ILE K 228 15.80 -1.09 -67.04
CA ILE K 228 16.98 -0.73 -67.82
C ILE K 228 18.23 -0.75 -66.94
N LYS K 229 18.20 -0.06 -65.81
CA LYS K 229 19.34 -0.03 -64.90
C LYS K 229 19.77 -1.42 -64.46
N TYR K 230 18.81 -2.30 -64.15
CA TYR K 230 19.17 -3.67 -63.79
C TYR K 230 19.89 -4.39 -64.91
N ALA K 231 19.40 -4.28 -66.14
CA ALA K 231 20.12 -4.85 -67.28
C ALA K 231 21.51 -4.24 -67.41
N LEU K 232 21.57 -2.92 -67.43
CA LEU K 232 22.81 -2.17 -67.56
C LEU K 232 23.86 -2.62 -66.55
N LYS K 233 23.46 -2.95 -65.33
CA LYS K 233 24.45 -3.39 -64.34
C LYS K 233 25.14 -4.69 -64.74
N GLU K 234 24.41 -5.61 -65.37
CA GLU K 234 25.06 -6.82 -65.85
C GLU K 234 25.91 -6.54 -67.08
N ILE K 235 25.42 -5.69 -67.98
CA ILE K 235 26.19 -5.41 -69.18
C ILE K 235 27.50 -4.70 -68.82
N TYR K 236 27.45 -3.79 -67.84
CA TYR K 236 28.68 -3.19 -67.33
C TYR K 236 29.59 -4.20 -66.64
N GLN K 237 29.04 -5.20 -65.94
CA GLN K 237 29.93 -6.21 -65.37
C GLN K 237 30.65 -7.00 -66.46
N VAL K 238 29.97 -7.31 -67.55
CA VAL K 238 30.62 -8.00 -68.66
C VAL K 238 31.67 -7.09 -69.30
N TRP K 239 31.28 -5.90 -69.73
CA TRP K 239 32.19 -5.00 -70.43
C TRP K 239 33.42 -4.65 -69.60
N GLY K 240 33.27 -4.50 -68.28
CA GLY K 240 34.39 -4.13 -67.43
C GLY K 240 35.52 -5.13 -67.40
N ASN K 241 35.33 -6.34 -67.90
CA ASN K 241 36.45 -7.28 -68.03
C ASN K 241 37.34 -6.99 -69.24
N LEU K 242 36.83 -6.31 -70.26
CA LEU K 242 37.48 -6.31 -71.56
C LEU K 242 38.22 -5.02 -71.89
N ILE K 243 38.10 -3.98 -71.05
CA ILE K 243 38.78 -2.73 -71.35
C ILE K 243 40.30 -2.90 -71.38
N ILE K 244 40.83 -3.81 -70.57
CA ILE K 244 42.26 -4.11 -70.51
C ILE K 244 42.37 -5.62 -70.45
N GLY K 245 43.58 -6.13 -70.69
CA GLY K 245 43.83 -7.54 -70.41
C GLY K 245 43.45 -7.92 -68.99
N ALA K 246 43.10 -9.18 -68.82
CA ALA K 246 42.61 -9.70 -67.55
C ALA K 246 43.61 -9.50 -66.42
N GLY K 247 43.15 -8.90 -65.33
CA GLY K 247 43.98 -8.78 -64.15
C GLY K 247 45.12 -7.78 -64.22
N ILE K 248 45.21 -7.02 -65.29
CA ILE K 248 46.28 -6.03 -65.43
C ILE K 248 45.91 -4.79 -64.63
N ALA K 249 46.83 -4.33 -63.78
CA ALA K 249 46.66 -3.12 -63.00
C ALA K 249 47.75 -2.09 -63.26
N ASN K 250 48.88 -2.51 -63.85
CA ASN K 250 49.84 -1.61 -64.45
C ASN K 250 50.49 -2.36 -65.59
N LYS K 251 50.90 -1.62 -66.62
CA LYS K 251 51.76 -2.20 -67.64
C LYS K 251 52.72 -1.13 -68.13
N THR K 252 53.92 -1.56 -68.52
CA THR K 252 54.85 -0.72 -69.26
C THR K 252 55.46 -1.56 -70.37
N LEU K 253 55.60 -0.94 -71.55
CA LEU K 253 56.39 -1.51 -72.63
C LEU K 253 57.33 -0.45 -73.17
N GLU K 254 58.60 -0.80 -73.32
CA GLU K 254 59.59 0.07 -73.95
C GLU K 254 60.28 -0.73 -75.04
N VAL K 255 60.29 -0.19 -76.26
CA VAL K 255 60.93 -0.84 -77.39
C VAL K 255 61.57 0.24 -78.26
N ASP K 256 62.87 0.10 -78.52
CA ASP K 256 63.58 0.89 -79.52
C ASP K 256 63.29 2.38 -79.40
N GLY K 257 63.39 2.89 -78.18
CA GLY K 257 63.18 4.30 -77.92
C GLY K 257 61.73 4.76 -77.90
N ILE K 258 60.77 3.85 -78.04
CA ILE K 258 59.35 4.13 -77.82
C ILE K 258 58.98 3.54 -76.46
N THR K 259 58.33 4.33 -75.62
CA THR K 259 57.88 3.89 -74.31
C THR K 259 56.39 4.13 -74.13
N GLU K 260 55.70 3.14 -73.58
CA GLU K 260 54.31 3.27 -73.17
C GLU K 260 54.16 2.83 -71.71
N THR K 261 53.27 3.49 -70.98
CA THR K 261 53.03 3.18 -69.58
C THR K 261 51.60 3.57 -69.26
N ILE K 262 50.85 2.63 -68.69
CA ILE K 262 49.42 2.81 -68.44
C ILE K 262 49.13 2.47 -66.98
N GLY K 263 48.45 3.39 -66.30
CA GLY K 263 47.74 3.07 -65.07
C GLY K 263 46.27 2.96 -65.39
N THR K 264 45.56 2.12 -64.66
CA THR K 264 44.19 1.74 -65.04
C THR K 264 43.26 1.80 -63.84
N THR K 265 41.96 1.85 -64.17
CA THR K 265 40.87 1.82 -63.21
C THR K 265 40.70 0.47 -62.53
N GLN K 266 41.37 -0.57 -62.99
CA GLN K 266 41.43 -1.80 -62.21
C GLN K 266 42.29 -1.62 -60.97
N SER K 267 41.98 -2.40 -59.95
CA SER K 267 42.79 -2.47 -58.74
C SER K 267 42.48 -3.78 -58.04
N ALA K 268 43.29 -4.11 -57.03
CA ALA K 268 43.05 -5.30 -56.24
C ALA K 268 41.74 -5.24 -55.45
N MET K 269 41.19 -4.06 -55.21
CA MET K 269 39.86 -3.93 -54.63
C MET K 269 38.79 -3.74 -55.69
N TYR K 270 38.87 -2.66 -56.45
CA TYR K 270 37.79 -2.22 -57.33
C TYR K 270 38.04 -2.69 -58.75
N GLY K 271 37.01 -3.27 -59.35
CA GLY K 271 37.06 -3.65 -60.76
C GLY K 271 36.96 -2.45 -61.68
N GLY K 272 37.30 -2.69 -62.95
CA GLY K 272 37.45 -1.63 -63.92
C GLY K 272 36.20 -0.80 -64.16
N ALA K 273 35.02 -1.36 -63.86
CA ALA K 273 33.76 -0.65 -64.05
C ALA K 273 33.04 -0.42 -62.72
N SER K 274 33.75 -0.54 -61.61
CA SER K 274 33.22 -0.24 -60.28
C SER K 274 32.42 1.05 -60.21
N ALA K 275 32.99 2.15 -60.71
CA ALA K 275 32.35 3.46 -60.59
C ALA K 275 30.95 3.49 -61.19
N GLN K 276 30.83 3.05 -62.44
CA GLN K 276 29.53 3.05 -63.09
C GLN K 276 28.53 2.18 -62.35
N ILE K 277 28.96 1.01 -61.90
CA ILE K 277 28.07 0.12 -61.16
C ILE K 277 27.60 0.79 -59.86
N LEU K 278 28.51 1.41 -59.13
CA LEU K 278 28.12 2.17 -57.93
C LEU K 278 27.08 3.24 -58.25
N GLN K 279 27.30 4.02 -59.29
CA GLN K 279 26.34 5.06 -59.67
C GLN K 279 24.97 4.45 -59.98
N ILE K 280 24.97 3.38 -60.78
CA ILE K 280 23.73 2.69 -61.12
C ILE K 280 23.04 2.17 -59.85
N ASN K 281 23.81 1.65 -58.90
CA ASN K 281 23.23 1.24 -57.62
C ASN K 281 22.56 2.38 -56.88
N GLU K 282 23.18 3.56 -56.89
CA GLU K 282 22.52 4.72 -56.30
C GLU K 282 21.20 5.02 -56.99
N ASP K 283 21.22 5.09 -58.32
CA ASP K 283 19.99 5.36 -59.07
C ASP K 283 18.91 4.32 -58.77
N ILE K 284 19.29 3.05 -58.74
CA ILE K 284 18.35 1.98 -58.37
C ILE K 284 17.77 2.25 -56.99
N LYS K 285 18.63 2.61 -56.04
CA LYS K 285 18.14 2.89 -54.68
C LYS K 285 17.06 3.96 -54.68
N GLU K 286 17.32 5.08 -55.38
CA GLU K 286 16.31 6.15 -55.45
C GLU K 286 15.02 5.65 -56.11
N LEU K 287 15.15 4.92 -57.22
CA LEU K 287 13.97 4.42 -57.93
C LEU K 287 13.16 3.49 -57.03
N LEU K 288 13.82 2.57 -56.34
CA LEU K 288 13.11 1.64 -55.49
C LEU K 288 12.46 2.34 -54.30
N ASP K 289 13.13 3.35 -53.74
CA ASP K 289 12.48 4.16 -52.71
C ASP K 289 11.18 4.75 -53.23
N GLY K 290 11.23 5.41 -54.38
CA GLY K 290 10.02 6.00 -54.93
C GLY K 290 8.93 4.98 -55.20
N LEU K 291 9.29 3.85 -55.80
CA LEU K 291 8.27 2.86 -56.14
C LEU K 291 7.72 2.14 -54.92
N ARG K 292 8.54 1.91 -53.89
CA ARG K 292 8.02 1.40 -52.62
C ARG K 292 7.27 2.46 -51.83
N ALA K 293 7.30 3.71 -52.27
CA ALA K 293 6.36 4.70 -51.77
C ALA K 293 5.07 4.69 -52.58
N TYR K 294 5.16 4.34 -53.86
CA TYR K 294 3.97 4.29 -54.71
C TYR K 294 3.09 3.10 -54.34
N PHE K 295 3.66 1.90 -54.34
CA PHE K 295 3.06 0.75 -53.70
C PHE K 295 3.25 0.80 -52.18
N GLY K 296 2.24 0.33 -51.45
CA GLY K 296 2.20 0.46 -50.00
C GLY K 296 2.95 -0.63 -49.26
N TYR K 297 2.91 -0.52 -47.93
CA TYR K 297 3.36 -1.59 -47.06
C TYR K 297 2.36 -2.75 -47.04
N ASN K 298 2.89 -3.96 -47.05
CA ASN K 298 2.05 -5.14 -46.95
C ASN K 298 1.56 -5.31 -45.51
N MET K 299 0.34 -5.83 -45.38
CA MET K 299 -0.29 -6.01 -44.07
C MET K 299 -1.27 -7.17 -44.14
N ILE K 300 -1.47 -7.84 -43.00
CA ILE K 300 -2.52 -8.82 -42.86
C ILE K 300 -3.01 -8.81 -41.42
N GLY K 301 -4.30 -9.09 -41.25
CA GLY K 301 -4.90 -9.22 -39.93
C GLY K 301 -4.99 -10.67 -39.50
N LEU K 302 -4.53 -10.94 -38.28
CA LEU K 302 -4.57 -12.27 -37.70
C LEU K 302 -5.56 -12.32 -36.55
N LEU L 17 -24.52 35.26 -60.28
CA LEU L 17 -23.33 34.80 -60.96
C LEU L 17 -23.71 33.98 -62.20
N ASN L 18 -22.90 34.12 -63.26
CA ASN L 18 -23.06 33.34 -64.48
C ASN L 18 -21.73 32.73 -64.85
N TYR L 19 -21.75 31.45 -65.25
CA TYR L 19 -20.52 30.72 -65.49
C TYR L 19 -20.82 29.49 -66.32
N GLU L 20 -19.77 28.94 -66.92
CA GLU L 20 -19.86 27.61 -67.50
C GLU L 20 -20.08 26.59 -66.39
N TYR L 21 -21.15 25.80 -66.53
CA TYR L 21 -21.89 25.19 -65.43
C TYR L 21 -21.03 24.66 -64.28
N PRO L 22 -20.13 23.69 -64.50
CA PRO L 22 -19.41 23.12 -63.35
C PRO L 22 -18.49 24.09 -62.64
N TYR L 23 -18.06 25.17 -63.31
CA TYR L 23 -16.94 25.98 -62.83
C TYR L 23 -17.42 27.22 -62.07
N HIS L 24 -18.16 26.97 -60.99
CA HIS L 24 -18.64 28.08 -60.17
C HIS L 24 -17.44 28.89 -59.66
N PRO L 25 -17.42 30.21 -59.85
CA PRO L 25 -16.15 30.95 -59.72
C PRO L 25 -15.59 31.02 -58.31
N SER L 26 -16.36 30.71 -57.28
CA SER L 26 -15.81 30.64 -55.93
C SER L 26 -15.27 29.26 -55.58
N GLY L 27 -16.06 28.22 -55.78
CA GLY L 27 -15.71 26.91 -55.27
C GLY L 27 -14.90 26.06 -56.22
N ASN L 28 -15.02 26.29 -57.52
CA ASN L 28 -14.36 25.45 -58.50
C ASN L 28 -14.01 26.25 -59.76
N PRO L 29 -13.29 27.36 -59.62
CA PRO L 29 -12.97 28.18 -60.80
C PRO L 29 -12.25 27.38 -61.88
N LYS L 30 -12.58 27.68 -63.13
CA LYS L 30 -11.93 27.05 -64.27
C LYS L 30 -10.51 27.57 -64.43
N HIS L 31 -9.54 26.65 -64.47
CA HIS L 31 -8.14 26.99 -64.70
C HIS L 31 -7.61 26.51 -66.05
N ILE L 32 -8.21 25.49 -66.65
CA ILE L 32 -7.79 25.01 -67.97
C ILE L 32 -9.02 24.53 -68.73
N ASP L 33 -8.96 24.64 -70.05
CA ASP L 33 -9.94 24.01 -70.93
C ASP L 33 -9.55 22.57 -71.21
N VAL L 34 -10.55 21.69 -71.25
CA VAL L 34 -10.33 20.27 -71.50
C VAL L 34 -9.83 19.99 -72.91
N SER L 35 -9.73 21.01 -73.76
CA SER L 35 -9.00 20.89 -75.01
C SER L 35 -7.52 21.22 -74.86
N GLU L 36 -7.18 22.10 -73.92
CA GLU L 36 -5.79 22.50 -73.75
C GLU L 36 -4.92 21.40 -73.18
N ILE L 37 -5.50 20.46 -72.43
CA ILE L 37 -4.72 19.36 -71.88
C ILE L 37 -4.07 18.50 -72.94
N ASP L 38 -4.58 18.52 -74.17
CA ASP L 38 -3.88 17.84 -75.26
C ASP L 38 -2.78 18.71 -75.86
N ASN L 39 -2.92 20.03 -75.79
CA ASN L 39 -1.98 20.93 -76.46
C ASN L 39 -0.74 21.19 -75.64
N LEU L 40 -0.77 20.98 -74.32
CA LEU L 40 0.41 21.22 -73.50
C LEU L 40 1.46 20.14 -73.73
N THR L 41 2.73 20.56 -73.70
CA THR L 41 3.85 19.69 -73.99
C THR L 41 4.97 19.98 -72.99
N LEU L 42 5.91 19.03 -72.89
CA LEU L 42 7.03 19.18 -71.97
C LEU L 42 7.78 20.48 -72.21
N ALA L 43 7.96 20.85 -73.47
CA ALA L 43 8.70 22.08 -73.80
C ALA L 43 8.01 23.31 -73.25
N ASP L 44 6.70 23.26 -73.06
CA ASP L 44 5.99 24.40 -72.47
C ASP L 44 6.38 24.64 -71.01
N TYR L 45 6.88 23.62 -70.34
CA TYR L 45 7.43 23.76 -68.99
C TYR L 45 8.92 24.08 -68.99
N GLY L 46 9.51 24.33 -70.15
CA GLY L 46 10.92 24.61 -70.23
C GLY L 46 11.83 23.40 -70.25
N TRP L 47 11.26 22.19 -70.22
CA TRP L 47 12.05 20.97 -70.31
C TRP L 47 12.34 20.69 -71.77
N SER L 48 13.53 21.09 -72.23
CA SER L 48 13.91 20.99 -73.62
C SER L 48 15.37 20.58 -73.72
N PRO L 49 15.77 19.88 -74.79
CA PRO L 49 17.19 19.60 -75.00
C PRO L 49 18.09 20.83 -74.91
N ASP L 50 17.64 21.94 -75.49
CA ASP L 50 18.39 23.18 -75.42
C ASP L 50 18.65 23.61 -73.98
N ALA L 51 17.67 23.44 -73.10
CA ALA L 51 17.88 23.78 -71.70
C ALA L 51 18.99 22.94 -71.07
N VAL L 52 19.01 21.65 -71.38
CA VAL L 52 20.10 20.80 -70.89
C VAL L 52 21.43 21.30 -71.44
N LYS L 53 21.53 21.47 -72.77
CA LYS L 53 22.78 21.97 -73.34
C LYS L 53 23.20 23.28 -72.67
N ALA L 54 22.23 24.16 -72.36
CA ALA L 54 22.54 25.39 -71.65
C ALA L 54 23.22 25.09 -70.32
N TYR L 55 22.72 24.08 -69.60
CA TYR L 55 23.37 23.70 -68.35
C TYR L 55 24.68 22.95 -68.57
N MET L 56 24.96 22.51 -69.79
CA MET L 56 26.26 21.96 -70.17
C MET L 56 26.97 22.88 -71.16
N PHE L 57 26.86 24.18 -70.94
CA PHE L 57 27.58 25.16 -71.74
C PHE L 57 29.07 24.83 -71.79
N GLY L 58 29.62 24.91 -73.00
CA GLY L 58 31.03 24.63 -73.21
C GLY L 58 31.40 23.16 -73.26
N ILE L 59 30.43 22.25 -73.20
CA ILE L 59 30.65 20.83 -73.39
C ILE L 59 29.91 20.40 -74.64
N VAL L 60 30.47 19.43 -75.35
CA VAL L 60 29.77 18.74 -76.42
C VAL L 60 29.99 17.24 -76.27
N VAL L 61 28.92 16.48 -76.45
CA VAL L 61 28.92 15.03 -76.29
C VAL L 61 28.87 14.42 -77.68
N GLN L 62 29.87 13.60 -78.01
CA GLN L 62 29.98 13.07 -79.36
C GLN L 62 30.64 11.71 -79.29
N ASN L 63 30.30 10.85 -80.23
CA ASN L 63 30.83 9.49 -80.25
C ASN L 63 32.32 9.54 -80.56
N PRO L 64 33.20 9.02 -79.69
CA PRO L 64 34.63 9.28 -79.91
C PRO L 64 35.15 8.70 -81.21
N ASP L 65 34.63 7.56 -81.65
CA ASP L 65 35.04 6.98 -82.92
C ASP L 65 34.22 7.50 -84.10
N THR L 66 32.92 7.69 -83.90
CA THR L 66 32.03 8.06 -84.99
C THR L 66 31.89 9.57 -85.14
N GLY L 67 32.14 10.33 -84.08
CA GLY L 67 32.06 11.77 -84.12
C GLY L 67 30.66 12.35 -84.10
N GLN L 68 29.63 11.55 -84.35
CA GLN L 68 28.27 12.09 -84.40
C GLN L 68 27.81 12.50 -83.00
N PRO L 69 27.16 13.65 -82.86
CA PRO L 69 26.62 14.03 -81.55
C PRO L 69 25.39 13.21 -81.18
N MET L 70 25.15 13.10 -79.88
CA MET L 70 23.96 12.42 -79.39
C MET L 70 22.70 13.17 -79.77
N GLY L 71 21.70 12.45 -80.28
CA GLY L 71 20.49 13.07 -80.78
C GLY L 71 19.52 13.44 -79.66
N ASP L 72 18.65 14.40 -79.98
CA ASP L 72 17.65 14.88 -79.02
C ASP L 72 16.68 13.79 -78.59
N GLU L 73 16.53 12.72 -79.35
CA GLU L 73 15.66 11.62 -78.93
C GLU L 73 16.01 11.14 -77.53
N PHE L 74 17.30 10.88 -77.28
CA PHE L 74 17.73 10.43 -75.97
C PHE L 74 17.44 11.47 -74.90
N TYR L 75 17.67 12.75 -75.20
CA TYR L 75 17.32 13.82 -74.29
C TYR L 75 15.84 13.78 -73.89
N ASN L 76 14.95 13.71 -74.88
CA ASN L 76 13.52 13.71 -74.56
C ASN L 76 13.13 12.47 -73.77
N HIS L 77 13.70 11.31 -74.11
CA HIS L 77 13.49 10.10 -73.32
C HIS L 77 13.85 10.31 -71.86
N ILE L 78 15.09 10.77 -71.63
CA ILE L 78 15.56 11.03 -70.27
C ILE L 78 14.63 12.01 -69.57
N LEU L 79 14.22 13.08 -70.27
CA LEU L 79 13.34 14.06 -69.63
C LEU L 79 12.02 13.46 -69.20
N GLU L 80 11.40 12.63 -70.04
CA GLU L 80 10.15 12.01 -69.64
C GLU L 80 10.32 11.13 -68.42
N ARG L 81 11.43 10.40 -68.34
CA ARG L 81 11.66 9.58 -67.15
C ARG L 81 12.02 10.42 -65.93
N ALA L 82 12.69 11.55 -66.11
CA ALA L 82 12.93 12.46 -65.00
C ALA L 82 11.63 13.02 -64.45
N VAL L 83 10.67 13.33 -65.33
CA VAL L 83 9.36 13.75 -64.86
C VAL L 83 8.68 12.63 -64.09
N GLY L 84 8.78 11.39 -64.57
CA GLY L 84 8.22 10.27 -63.83
C GLY L 84 8.83 10.11 -62.44
N LYS L 85 10.16 10.19 -62.36
CA LYS L 85 10.83 10.13 -61.07
C LYS L 85 10.37 11.25 -60.16
N ALA L 86 10.23 12.46 -60.67
CA ALA L 86 9.76 13.56 -59.84
C ALA L 86 8.33 13.33 -59.36
N GLU L 87 7.46 12.82 -60.23
CA GLU L 87 6.08 12.58 -59.84
C GLU L 87 5.91 11.49 -58.79
N ARG L 88 6.76 10.46 -58.78
CA ARG L 88 6.76 9.58 -57.61
C ARG L 88 7.58 10.07 -56.42
N ALA L 89 8.63 10.86 -56.64
CA ALA L 89 9.43 11.33 -55.52
C ALA L 89 8.62 12.22 -54.59
N LEU L 90 7.78 13.08 -55.16
CA LEU L 90 6.75 13.80 -54.42
C LEU L 90 5.41 13.24 -54.89
N ASP L 91 4.51 12.99 -53.95
CA ASP L 91 3.27 12.30 -54.28
C ASP L 91 2.30 13.27 -54.97
N ILE L 92 2.65 13.62 -56.22
CA ILE L 92 2.04 14.73 -56.92
C ILE L 92 1.80 14.32 -58.37
N SER L 93 0.94 15.08 -59.04
CA SER L 93 0.75 15.00 -60.48
C SER L 93 1.25 16.29 -61.11
N ILE L 94 2.18 16.18 -62.06
CA ILE L 94 2.83 17.34 -62.64
C ILE L 94 2.13 17.70 -63.95
N LEU L 95 2.21 16.80 -64.93
CA LEU L 95 1.58 17.08 -66.21
C LEU L 95 0.07 16.89 -66.09
N PRO L 96 -0.74 17.80 -66.64
CA PRO L 96 -2.19 17.63 -66.57
C PRO L 96 -2.66 16.27 -67.07
N ASP L 97 -3.56 15.65 -66.32
CA ASP L 97 -4.20 14.42 -66.74
C ASP L 97 -5.59 14.36 -66.11
N THR L 98 -6.50 13.67 -66.80
CA THR L 98 -7.85 13.46 -66.30
C THR L 98 -7.86 12.23 -65.39
N GLN L 99 -8.30 12.42 -64.15
CA GLN L 99 -8.40 11.35 -63.17
C GLN L 99 -9.84 10.97 -62.94
N HIS L 100 -10.13 9.67 -62.98
CA HIS L 100 -11.44 9.13 -62.66
C HIS L 100 -11.28 8.19 -61.47
N GLU L 101 -11.89 8.56 -60.34
CA GLU L 101 -11.80 7.80 -59.10
C GLU L 101 -13.18 7.35 -58.64
N MET L 102 -13.24 6.12 -58.14
CA MET L 102 -14.36 5.62 -57.36
C MET L 102 -13.90 5.51 -55.92
N ARG L 103 -14.53 6.26 -55.02
CA ARG L 103 -14.02 6.43 -53.66
C ARG L 103 -15.00 5.81 -52.66
N ASP L 104 -14.43 5.22 -51.61
CA ASP L 104 -15.22 4.56 -50.57
C ASP L 104 -15.95 5.57 -49.70
N TYR L 105 -17.17 5.21 -49.30
CA TYR L 105 -17.84 5.89 -48.20
C TYR L 105 -17.22 5.50 -46.87
N HIS L 106 -16.84 6.50 -46.08
CA HIS L 106 -16.50 6.31 -44.67
C HIS L 106 -17.29 7.29 -43.84
N GLU L 107 -17.92 6.80 -42.77
CA GLU L 107 -18.90 7.59 -42.04
C GLU L 107 -18.26 8.83 -41.40
N THR L 108 -17.08 8.66 -40.80
CA THR L 108 -16.43 9.77 -40.12
C THR L 108 -16.17 10.93 -41.08
N GLU L 109 -15.59 10.65 -42.24
CA GLU L 109 -15.24 11.71 -43.16
C GLU L 109 -16.44 12.19 -43.96
N PHE L 110 -17.41 11.31 -44.21
CA PHE L 110 -18.64 11.74 -44.87
C PHE L 110 -19.43 12.71 -44.01
N ASN L 111 -19.46 12.50 -42.69
CA ASN L 111 -20.06 13.47 -41.80
C ASN L 111 -19.30 14.79 -41.78
N SER L 112 -18.01 14.78 -42.11
CA SER L 112 -17.20 15.99 -42.07
C SER L 112 -17.33 16.79 -43.37
N TYR L 113 -18.57 17.16 -43.70
CA TYR L 113 -18.87 17.88 -44.94
C TYR L 113 -18.47 17.10 -46.17
N MET L 114 -18.65 15.78 -46.14
CA MET L 114 -18.36 14.92 -47.29
C MET L 114 -16.90 15.10 -47.71
N PHE L 115 -16.01 15.13 -46.72
CA PHE L 115 -14.60 15.34 -46.99
C PHE L 115 -14.03 14.16 -47.78
N VAL L 116 -13.34 14.44 -48.88
CA VAL L 116 -12.56 13.45 -49.60
C VAL L 116 -11.21 14.04 -49.98
N HIS L 117 -10.16 13.26 -49.78
CA HIS L 117 -8.82 13.59 -50.25
C HIS L 117 -8.57 12.89 -51.58
N ALA L 118 -8.25 13.66 -52.60
CA ALA L 118 -7.93 13.08 -53.90
C ALA L 118 -6.62 12.30 -53.83
N TYR L 119 -6.51 11.26 -54.67
CA TYR L 119 -5.27 10.51 -54.75
C TYR L 119 -4.16 11.31 -55.41
N ARG L 120 -4.52 12.25 -56.27
CA ARG L 120 -3.55 13.02 -57.07
C ARG L 120 -3.76 14.50 -56.79
N LYS L 121 -2.66 15.23 -56.67
CA LYS L 121 -2.72 16.65 -56.35
C LYS L 121 -1.59 17.35 -57.10
N PRO L 122 -1.71 18.67 -57.35
CA PRO L 122 -2.85 19.57 -57.11
C PRO L 122 -4.08 19.25 -57.95
N ILE L 123 -5.25 19.69 -57.50
CA ILE L 123 -6.44 19.75 -58.34
C ILE L 123 -6.38 21.01 -59.19
N LEU L 124 -6.44 20.85 -60.51
CA LEU L 124 -6.72 22.00 -61.36
C LEU L 124 -8.20 22.38 -61.32
N GLN L 125 -9.08 21.41 -61.47
CA GLN L 125 -10.50 21.66 -61.27
C GLN L 125 -11.23 20.34 -61.07
N VAL L 126 -12.38 20.42 -60.42
CA VAL L 126 -13.30 19.29 -60.30
C VAL L 126 -14.25 19.32 -61.50
N GLU L 127 -14.42 18.16 -62.14
CA GLU L 127 -15.28 18.03 -63.31
C GLU L 127 -16.64 17.41 -62.99
N ASN L 128 -16.70 16.47 -62.06
CA ASN L 128 -17.96 15.84 -61.71
C ASN L 128 -17.85 15.25 -60.31
N LEU L 129 -19.00 15.17 -59.62
CA LEU L 129 -19.05 14.60 -58.29
C LEU L 129 -20.45 14.05 -58.06
N GLN L 130 -20.55 12.73 -57.87
CA GLN L 130 -21.83 12.06 -57.79
C GLN L 130 -21.78 10.91 -56.79
N LEU L 131 -22.92 10.66 -56.16
CA LEU L 131 -23.16 9.46 -55.37
C LEU L 131 -24.00 8.50 -56.20
N GLN L 132 -23.58 7.25 -56.30
CA GLN L 132 -24.15 6.34 -57.29
C GLN L 132 -24.33 4.95 -56.71
N PHE L 133 -25.11 4.15 -57.42
CA PHE L 133 -25.43 2.78 -57.01
C PHE L 133 -25.56 1.92 -58.26
N ASN L 134 -24.58 1.06 -58.51
CA ASN L 134 -24.52 0.25 -59.73
C ASN L 134 -24.48 1.13 -60.98
N GLY L 135 -23.79 2.25 -60.88
CA GLY L 135 -23.72 3.22 -61.96
C GLY L 135 -24.89 4.17 -62.06
N ARG L 136 -25.99 3.92 -61.38
CA ARG L 136 -27.10 4.87 -61.37
C ARG L 136 -26.75 6.04 -60.45
N PRO L 137 -26.76 7.29 -60.92
CA PRO L 137 -26.62 8.43 -59.99
C PRO L 137 -27.79 8.47 -59.01
N ILE L 138 -27.46 8.34 -57.73
CA ILE L 138 -28.44 8.55 -56.67
C ILE L 138 -28.66 10.04 -56.41
N TYR L 139 -27.58 10.82 -56.36
CA TYR L 139 -27.72 12.27 -56.28
C TYR L 139 -26.54 12.94 -56.98
N LYS L 140 -26.83 14.05 -57.66
CA LYS L 140 -25.83 14.92 -58.24
C LYS L 140 -25.79 16.22 -57.46
N TYR L 141 -24.66 16.50 -56.85
CA TYR L 141 -24.56 17.67 -55.98
C TYR L 141 -24.47 18.95 -56.81
N PRO L 142 -25.27 19.97 -56.51
CA PRO L 142 -25.14 21.25 -57.23
C PRO L 142 -23.72 21.80 -57.15
N ALA L 143 -23.25 22.31 -58.29
CA ALA L 143 -21.88 22.82 -58.38
C ALA L 143 -21.62 23.98 -57.44
N ASN L 144 -22.66 24.69 -57.00
CA ASN L 144 -22.46 25.74 -56.00
C ASN L 144 -22.15 25.18 -54.62
N TRP L 145 -22.30 23.88 -54.40
CA TRP L 145 -21.90 23.26 -53.15
C TRP L 145 -20.43 22.87 -53.12
N TRP L 146 -19.80 22.69 -54.27
CA TRP L 146 -18.46 22.14 -54.31
C TRP L 146 -17.46 23.12 -53.73
N LYS L 147 -16.70 22.66 -52.73
CA LYS L 147 -15.61 23.41 -52.14
C LYS L 147 -14.31 22.70 -52.48
N VAL L 148 -13.41 23.37 -53.19
CA VAL L 148 -12.16 22.78 -53.65
C VAL L 148 -11.00 23.53 -53.00
N GLU L 149 -10.03 22.78 -52.48
CA GLU L 149 -8.74 23.30 -52.08
C GLU L 149 -7.69 22.67 -52.99
N HIS L 150 -7.10 23.49 -53.85
CA HIS L 150 -6.41 22.94 -55.02
C HIS L 150 -5.11 22.25 -54.64
N LEU L 151 -4.24 22.93 -53.89
CA LEU L 151 -2.95 22.36 -53.53
C LEU L 151 -3.07 21.22 -52.53
N ALA L 152 -4.06 21.28 -51.63
CA ALA L 152 -4.23 20.19 -50.67
C ALA L 152 -4.72 18.92 -51.33
N GLY L 153 -5.55 19.03 -52.37
CA GLY L 153 -6.23 17.87 -52.90
C GLY L 153 -7.47 17.48 -52.15
N HIS L 154 -8.16 18.45 -51.56
CA HIS L 154 -9.34 18.23 -50.74
C HIS L 154 -10.58 18.73 -51.47
N VAL L 155 -11.66 17.97 -51.38
CA VAL L 155 -12.97 18.39 -51.87
C VAL L 155 -13.98 18.24 -50.75
N GLN L 156 -14.88 19.20 -50.64
CA GLN L 156 -15.94 19.18 -49.64
C GLN L 156 -17.23 19.72 -50.22
N LEU L 157 -18.34 19.39 -49.57
CA LEU L 157 -19.64 19.98 -49.85
C LEU L 157 -20.06 20.87 -48.69
N PHE L 158 -20.58 22.05 -49.01
CA PHE L 158 -21.27 22.90 -48.04
C PHE L 158 -22.69 23.13 -48.53
N PRO L 159 -23.64 22.28 -48.15
CA PRO L 159 -24.98 22.36 -48.77
C PRO L 159 -25.65 23.71 -48.52
N THR L 160 -26.13 24.31 -49.60
CA THR L 160 -26.89 25.55 -49.48
C THR L 160 -28.32 25.28 -48.99
N ALA L 161 -28.91 24.18 -49.44
CA ALA L 161 -30.32 23.89 -49.19
C ALA L 161 -31.20 25.08 -49.56
N GLY L 189 -25.71 0.63 -41.78
CA GLY L 189 -25.46 -0.55 -40.96
C GLY L 189 -23.99 -0.92 -40.86
N ALA L 190 -23.14 -0.19 -41.58
CA ALA L 190 -21.70 -0.37 -41.48
C ALA L 190 -21.03 0.99 -41.55
N THR L 191 -19.82 1.06 -41.01
CA THR L 191 -19.08 2.31 -40.96
C THR L 191 -18.43 2.65 -42.30
N PHE L 192 -18.37 1.71 -43.23
CA PHE L 192 -17.81 1.96 -44.55
C PHE L 192 -18.54 1.11 -45.58
N ALA L 193 -18.44 1.51 -46.84
CA ALA L 193 -18.95 0.74 -47.96
C ALA L 193 -18.16 1.10 -49.20
N PRO L 194 -17.90 0.15 -50.10
CA PRO L 194 -16.97 0.40 -51.20
C PRO L 194 -17.54 1.23 -52.34
N GLN L 195 -16.71 2.14 -52.83
CA GLN L 195 -16.87 2.77 -54.14
C GLN L 195 -18.25 3.42 -54.34
N MET L 196 -18.78 4.02 -53.27
CA MET L 196 -20.06 4.71 -53.42
C MET L 196 -19.90 6.03 -54.17
N ILE L 197 -18.76 6.70 -54.00
CA ILE L 197 -18.56 8.06 -54.50
C ILE L 197 -17.82 8.00 -55.82
N ARG L 198 -18.37 8.67 -56.83
CA ARG L 198 -17.75 8.83 -58.14
C ARG L 198 -17.22 10.25 -58.27
N LEU L 199 -15.91 10.38 -58.48
CA LEU L 199 -15.25 11.68 -58.57
C LEU L 199 -14.40 11.73 -59.83
N GLU L 200 -14.69 12.68 -60.71
CA GLU L 200 -13.87 12.97 -61.88
C GLU L 200 -13.31 14.38 -61.77
N TYR L 201 -12.01 14.53 -62.01
CA TYR L 201 -11.33 15.81 -61.88
C TYR L 201 -10.10 15.78 -62.77
N VAL L 202 -9.52 16.95 -62.99
CA VAL L 202 -8.21 17.09 -63.61
C VAL L 202 -7.18 17.38 -62.54
N SER L 203 -6.15 16.55 -62.47
CA SER L 203 -4.96 16.81 -61.67
C SER L 203 -3.85 17.34 -62.57
N GLY L 204 -2.92 18.08 -61.97
CA GLY L 204 -1.75 18.55 -62.69
C GLY L 204 -1.30 19.93 -62.28
N MET L 205 -0.29 20.46 -62.96
CA MET L 205 0.13 21.85 -62.78
C MET L 205 0.16 22.56 -64.14
N LEU L 206 -0.16 23.87 -64.11
CA LEU L 206 0.00 24.74 -65.26
C LEU L 206 1.36 25.43 -65.21
N PRO L 207 1.95 25.78 -66.36
CA PRO L 207 3.15 26.60 -66.33
C PRO L 207 2.87 27.97 -65.73
N ARG L 208 3.78 28.44 -64.89
CA ARG L 208 3.58 29.68 -64.17
C ARG L 208 3.49 30.86 -65.12
N LYS L 209 2.64 31.82 -64.75
CA LYS L 209 2.32 32.95 -65.62
C LYS L 209 3.21 34.17 -65.38
N LYS L 210 3.87 34.27 -64.24
CA LYS L 210 4.75 35.38 -63.92
C LYS L 210 6.15 34.87 -63.57
N ALA L 211 7.14 35.71 -63.80
CA ALA L 211 8.49 35.40 -63.36
C ALA L 211 8.58 35.36 -61.84
N GLY L 212 9.30 34.37 -61.33
CA GLY L 212 9.62 34.28 -59.92
C GLY L 212 8.48 33.90 -59.01
N ARG L 213 7.25 33.80 -59.52
CA ARG L 213 6.05 33.64 -58.73
C ARG L 213 5.25 32.46 -59.28
N ASN L 214 4.54 31.77 -58.40
CA ASN L 214 3.58 30.75 -58.82
C ASN L 214 2.37 30.77 -57.90
N LYS L 215 1.20 30.59 -58.50
CA LYS L 215 -0.01 30.28 -57.76
C LYS L 215 -0.01 28.82 -57.31
N PRO L 216 -0.89 28.46 -56.38
CA PRO L 216 -0.89 27.07 -55.88
C PRO L 216 -1.15 26.03 -56.95
N TRP L 217 -1.80 26.39 -58.05
CA TRP L 217 -2.00 25.49 -59.18
C TRP L 217 -0.95 25.63 -60.27
N GLU L 218 0.08 26.46 -60.04
CA GLU L 218 1.14 26.68 -61.00
C GLU L 218 2.42 26.01 -60.53
N MET L 219 3.23 25.59 -61.50
CA MET L 219 4.44 24.84 -61.19
C MET L 219 5.43 25.74 -60.46
N PRO L 220 6.00 25.30 -59.34
CA PRO L 220 7.05 26.09 -58.71
C PRO L 220 8.24 26.24 -59.65
N PRO L 221 8.86 27.42 -59.71
CA PRO L 221 9.96 27.62 -60.67
C PRO L 221 11.09 26.60 -60.57
N GLU L 222 11.35 26.04 -59.39
CA GLU L 222 12.49 25.15 -59.21
C GLU L 222 12.14 23.67 -59.24
N LEU L 223 10.86 23.32 -59.34
CA LEU L 223 10.54 21.94 -59.72
C LEU L 223 10.98 21.67 -61.14
N GLU L 224 10.93 22.69 -61.99
CA GLU L 224 11.54 22.60 -63.30
C GLU L 224 13.02 22.30 -63.18
N GLN L 225 13.71 23.02 -62.30
CA GLN L 225 15.14 22.80 -62.13
C GLN L 225 15.44 21.43 -61.54
N LEU L 226 14.56 20.91 -60.68
CA LEU L 226 14.74 19.56 -60.17
C LEU L 226 14.68 18.53 -61.29
N VAL L 227 13.67 18.62 -62.15
CA VAL L 227 13.58 17.68 -63.27
C VAL L 227 14.78 17.84 -64.21
N ILE L 228 15.20 19.07 -64.44
CA ILE L 228 16.42 19.31 -65.22
C ILE L 228 17.61 18.60 -64.59
N LYS L 229 17.84 18.82 -63.30
CA LYS L 229 18.95 18.17 -62.61
C LYS L 229 18.89 16.65 -62.76
N TYR L 230 17.70 16.07 -62.64
CA TYR L 230 17.58 14.62 -62.84
C TYR L 230 18.02 14.21 -64.24
N ALA L 231 17.57 14.93 -65.26
CA ALA L 231 18.05 14.64 -66.62
C ALA L 231 19.57 14.80 -66.73
N LEU L 232 20.07 15.95 -66.29
CA LEU L 232 21.49 16.28 -66.33
C LEU L 232 22.35 15.19 -65.70
N LYS L 233 21.86 14.58 -64.62
CA LYS L 233 22.65 13.52 -63.97
C LYS L 233 22.82 12.32 -64.90
N GLU L 234 21.82 12.01 -65.70
CA GLU L 234 21.98 10.91 -66.66
C GLU L 234 22.88 11.32 -67.80
N ILE L 235 22.74 12.56 -68.28
CA ILE L 235 23.59 13.00 -69.38
C ILE L 235 25.06 13.02 -68.96
N TYR L 236 25.32 13.46 -67.72
CA TYR L 236 26.68 13.37 -67.18
C TYR L 236 27.16 11.94 -67.00
N GLN L 237 26.29 11.00 -66.65
CA GLN L 237 26.75 9.62 -66.59
C GLN L 237 27.14 9.09 -67.96
N VAL L 238 26.40 9.47 -69.00
CA VAL L 238 26.78 9.06 -70.35
C VAL L 238 28.10 9.71 -70.76
N TRP L 239 28.16 11.05 -70.67
CA TRP L 239 29.35 11.78 -71.10
C TRP L 239 30.61 11.35 -70.35
N GLY L 240 30.51 11.01 -69.07
CA GLY L 240 31.68 10.63 -68.31
C GLY L 240 32.39 9.38 -68.81
N ASN L 241 31.77 8.60 -69.70
CA ASN L 241 32.47 7.49 -70.33
C ASN L 241 33.38 7.92 -71.46
N LEU L 242 33.15 9.09 -72.08
CA LEU L 242 33.75 9.40 -73.37
C LEU L 242 34.87 10.43 -73.27
N ILE L 243 35.10 11.01 -72.09
CA ILE L 243 36.16 12.01 -71.95
C ILE L 243 37.53 11.42 -72.22
N ILE L 244 37.74 10.14 -71.93
CA ILE L 244 39.01 9.46 -72.13
C ILE L 244 38.72 8.11 -72.76
N GLY L 245 39.76 7.49 -73.31
CA GLY L 245 39.66 6.10 -73.72
C GLY L 245 39.18 5.20 -72.60
N ALA L 246 38.55 4.09 -72.98
CA ALA L 246 37.94 3.19 -72.02
C ALA L 246 38.96 2.65 -71.01
N GLY L 247 38.66 2.81 -69.73
CA GLY L 247 39.47 2.24 -68.68
C GLY L 247 40.81 2.87 -68.41
N ILE L 248 41.15 3.97 -69.07
CA ILE L 248 42.44 4.62 -68.81
C ILE L 248 42.33 5.49 -67.57
N ALA L 249 43.25 5.30 -66.64
CA ALA L 249 43.33 6.11 -65.43
C ALA L 249 44.68 6.81 -65.28
N ASN L 250 45.70 6.35 -65.98
CA ASN L 250 46.91 7.12 -66.21
C ASN L 250 47.46 6.68 -67.56
N LYS L 251 48.13 7.58 -68.25
CA LYS L 251 48.89 7.18 -69.43
C LYS L 251 50.14 8.03 -69.54
N THR L 252 51.18 7.42 -70.10
CA THR L 252 52.35 8.14 -70.56
C THR L 252 52.71 7.57 -71.92
N LEU L 253 53.08 8.46 -72.84
CA LEU L 253 53.68 8.05 -74.10
C LEU L 253 54.92 8.88 -74.32
N GLU L 254 56.03 8.21 -74.63
CA GLU L 254 57.28 8.86 -74.95
C GLU L 254 57.78 8.29 -76.26
N VAL L 255 58.11 9.16 -77.21
CA VAL L 255 58.61 8.73 -78.51
C VAL L 255 59.71 9.69 -78.93
N ASP L 256 60.88 9.13 -79.22
CA ASP L 256 61.99 9.85 -79.85
C ASP L 256 62.27 11.19 -79.15
N GLY L 257 62.36 11.13 -77.82
CA GLY L 257 62.66 12.30 -77.04
C GLY L 257 61.50 13.26 -76.82
N ILE L 258 60.30 12.91 -77.28
CA ILE L 258 59.09 13.65 -76.96
C ILE L 258 58.35 12.85 -75.90
N THR L 259 57.95 13.51 -74.82
CA THR L 259 57.21 12.87 -73.73
C THR L 259 55.91 13.60 -73.47
N GLU L 260 54.85 12.83 -73.28
CA GLU L 260 53.56 13.32 -72.80
C GLU L 260 53.12 12.47 -71.62
N THR L 261 52.46 13.10 -70.65
CA THR L 261 52.02 12.38 -69.46
C THR L 261 50.77 13.05 -68.93
N ILE L 262 49.73 12.24 -68.70
CA ILE L 262 48.41 12.72 -68.29
C ILE L 262 47.96 11.94 -67.08
N GLY L 263 47.54 12.65 -66.03
CA GLY L 263 46.70 12.10 -64.99
C GLY L 263 45.28 12.56 -65.25
N THR L 264 44.31 11.74 -64.87
CA THR L 264 42.93 11.97 -65.29
C THR L 264 41.97 11.85 -64.12
N THR L 265 40.77 12.40 -64.32
CA THR L 265 39.68 12.33 -63.37
C THR L 265 39.08 10.93 -63.24
N GLN L 266 39.42 10.01 -64.12
CA GLN L 266 39.06 8.62 -63.88
C GLN L 266 39.92 8.04 -62.76
N SER L 267 39.37 7.05 -62.08
CA SER L 267 40.10 6.30 -61.07
C SER L 267 39.41 4.96 -60.87
N ALA L 268 40.07 4.07 -60.14
CA ALA L 268 39.47 2.79 -59.80
C ALA L 268 38.24 2.92 -58.93
N MET L 269 38.06 4.03 -58.21
CA MET L 269 36.83 4.31 -57.50
C MET L 269 35.87 5.19 -58.29
N TYR L 270 36.31 6.40 -58.64
CA TYR L 270 35.44 7.44 -59.17
C TYR L 270 35.48 7.49 -60.69
N GLY L 271 34.30 7.54 -61.30
CA GLY L 271 34.18 7.73 -62.73
C GLY L 271 34.47 9.17 -63.14
N GLY L 272 34.66 9.34 -64.44
CA GLY L 272 35.16 10.60 -64.97
C GLY L 272 34.30 11.81 -64.67
N ALA L 273 33.01 11.61 -64.38
CA ALA L 273 32.10 12.71 -64.06
C ALA L 273 31.55 12.59 -62.64
N SER L 274 32.21 11.79 -61.80
CA SER L 274 31.84 11.66 -60.39
C SER L 274 31.58 13.00 -59.71
N ALA L 275 32.49 13.95 -59.86
CA ALA L 275 32.39 15.23 -59.15
C ALA L 275 31.08 15.95 -59.48
N GLN L 276 30.80 16.14 -60.77
CA GLN L 276 29.59 16.84 -61.18
C GLN L 276 28.34 16.13 -60.67
N ILE L 277 28.32 14.80 -60.76
CA ILE L 277 27.17 14.03 -60.30
C ILE L 277 26.96 14.23 -58.80
N LEU L 278 28.04 14.17 -58.02
CA LEU L 278 27.96 14.46 -56.59
C LEU L 278 27.35 15.84 -56.32
N GLN L 279 27.84 16.86 -57.03
CA GLN L 279 27.30 18.20 -56.84
C GLN L 279 25.81 18.24 -57.17
N ILE L 280 25.43 17.66 -58.30
CA ILE L 280 24.02 17.59 -58.68
C ILE L 280 23.19 16.89 -57.62
N ASN L 281 23.72 15.80 -57.04
CA ASN L 281 23.02 15.15 -55.93
C ASN L 281 22.81 16.08 -54.75
N GLU L 282 23.82 16.88 -54.41
CA GLU L 282 23.64 17.87 -53.35
C GLU L 282 22.51 18.84 -53.68
N ASP L 283 22.55 19.42 -54.88
CA ASP L 283 21.49 20.34 -55.29
C ASP L 283 20.10 19.69 -55.24
N ILE L 284 20.01 18.45 -55.73
CA ILE L 284 18.76 17.71 -55.64
C ILE L 284 18.30 17.60 -54.20
N LYS L 285 19.21 17.27 -53.29
CA LYS L 285 18.86 17.15 -51.89
C LYS L 285 18.23 18.43 -51.37
N GLU L 286 18.88 19.57 -51.63
CA GLU L 286 18.31 20.85 -51.19
C GLU L 286 16.93 21.10 -51.79
N LEU L 287 16.79 20.85 -53.10
CA LEU L 287 15.51 21.08 -53.76
C LEU L 287 14.42 20.20 -53.17
N LEU L 288 14.72 18.92 -52.93
CA LEU L 288 13.73 18.03 -52.37
C LEU L 288 13.36 18.40 -50.94
N ASP L 289 14.33 18.86 -50.14
CA ASP L 289 13.98 19.39 -48.82
C ASP L 289 12.95 20.51 -48.95
N GLY L 290 13.23 21.50 -49.80
CA GLY L 290 12.30 22.60 -49.95
C GLY L 290 10.93 22.15 -50.43
N LEU L 291 10.89 21.27 -51.43
CA LEU L 291 9.61 20.85 -51.98
C LEU L 291 8.83 19.93 -51.05
N ARG L 292 9.50 19.09 -50.27
CA ARG L 292 8.83 18.33 -49.24
C ARG L 292 8.47 19.18 -48.03
N ALA L 293 8.93 20.42 -47.97
CA ALA L 293 8.36 21.37 -47.04
C ALA L 293 7.17 22.11 -47.63
N TYR L 294 7.15 22.30 -48.94
CA TYR L 294 6.03 23.00 -49.58
C TYR L 294 4.78 22.13 -49.59
N PHE L 295 4.87 20.93 -50.14
CA PHE L 295 3.86 19.90 -49.91
C PHE L 295 4.02 19.27 -48.53
N GLY L 296 2.90 18.94 -47.90
CA GLY L 296 2.89 18.50 -46.52
C GLY L 296 3.18 17.02 -46.31
N TYR L 297 3.19 16.64 -45.03
CA TYR L 297 3.20 15.24 -44.64
C TYR L 297 1.85 14.58 -44.88
N ASN L 298 1.88 13.35 -45.38
CA ASN L 298 0.67 12.58 -45.57
C ASN L 298 0.14 12.08 -44.23
N MET L 299 -1.18 11.98 -44.13
CA MET L 299 -1.84 11.54 -42.91
C MET L 299 -3.16 10.88 -43.28
N ILE L 300 -3.59 9.93 -42.46
CA ILE L 300 -4.92 9.36 -42.59
C ILE L 300 -5.43 8.96 -41.21
N GLY L 301 -6.74 9.05 -41.04
CA GLY L 301 -7.41 8.60 -39.83
C GLY L 301 -7.97 7.21 -40.01
N LEU L 302 -7.67 6.34 -39.04
CA LEU L 302 -8.15 4.95 -39.07
C LEU L 302 -9.19 4.72 -37.99
N SER M 49 -14.69 64.29 29.49
CA SER M 49 -14.46 62.93 29.98
C SER M 49 -15.36 61.95 29.25
N LEU M 50 -14.87 60.71 29.13
CA LEU M 50 -15.61 59.69 28.39
C LEU M 50 -16.82 59.22 29.19
N TYR M 51 -16.60 58.84 30.45
CA TYR M 51 -17.67 58.35 31.33
C TYR M 51 -18.17 59.42 32.29
N GLY M 52 -17.27 60.18 32.90
CA GLY M 52 -17.65 61.10 33.95
C GLY M 52 -16.42 61.65 34.63
N GLN M 53 -16.65 62.54 35.59
CA GLN M 53 -15.54 63.19 36.27
C GLN M 53 -14.72 62.15 37.01
N GLN M 54 -13.44 62.08 36.67
CA GLN M 54 -12.51 61.13 37.25
C GLN M 54 -11.13 61.75 37.26
N GLN M 55 -10.31 61.34 38.22
CA GLN M 55 -8.97 61.89 38.34
C GLN M 55 -7.95 61.14 37.50
N ALA M 56 -8.26 59.91 37.10
CA ALA M 56 -7.49 59.22 36.07
C ALA M 56 -7.88 59.77 34.70
N TYR M 57 -6.88 60.04 33.87
CA TYR M 57 -7.14 60.43 32.49
C TYR M 57 -7.63 59.25 31.67
N ALA M 58 -8.67 59.50 30.87
CA ALA M 58 -9.29 58.49 30.02
C ALA M 58 -9.07 58.76 28.54
N GLU M 59 -8.30 59.78 28.20
CA GLU M 59 -8.00 60.16 26.82
C GLU M 59 -6.53 60.50 26.74
N PRO M 60 -5.96 60.53 25.52
CA PRO M 60 -4.56 60.95 25.40
C PRO M 60 -4.32 62.32 26.02
N PHE M 61 -3.34 62.37 26.93
CA PHE M 61 -3.11 63.57 27.73
C PHE M 61 -2.64 64.72 26.85
N ILE M 62 -1.66 64.46 25.99
CA ILE M 62 -1.29 65.40 24.96
C ILE M 62 -2.29 65.28 23.82
N GLU M 63 -2.81 66.41 23.36
CA GLU M 63 -3.77 66.40 22.26
C GLU M 63 -3.09 65.86 21.01
N MET M 64 -3.50 64.68 20.57
CA MET M 64 -3.03 64.15 19.30
C MET M 64 -3.67 64.91 18.15
N MET M 65 -2.95 64.98 17.02
CA MET M 65 -3.40 65.77 15.88
C MET M 65 -4.54 65.00 15.21
N ASP M 66 -5.74 65.18 15.77
CA ASP M 66 -6.95 64.75 15.09
C ASP M 66 -7.17 65.55 13.81
N THR M 67 -7.73 64.89 12.80
CA THR M 67 -7.96 65.56 11.53
C THR M 67 -8.88 66.76 11.68
N ASN M 68 -9.84 66.69 12.61
CA ASN M 68 -10.79 67.75 12.84
C ASN M 68 -10.86 68.05 14.33
N PRO M 69 -10.86 69.32 14.74
CA PRO M 69 -11.04 69.61 16.17
C PRO M 69 -12.39 69.16 16.72
N GLU M 70 -13.39 68.97 15.86
CA GLU M 70 -14.77 68.82 16.32
C GLU M 70 -15.17 67.37 16.58
N PHE M 71 -14.42 66.38 16.10
CA PHE M 71 -14.77 65.00 16.37
C PHE M 71 -13.51 64.14 16.43
N ARG M 72 -13.63 63.03 17.16
CA ARG M 72 -12.53 62.08 17.33
C ARG M 72 -12.44 61.14 16.14
N ASP M 73 -11.26 61.10 15.52
CA ASP M 73 -11.04 60.21 14.39
C ASP M 73 -11.01 58.75 14.84
N LYS M 74 -11.48 57.87 13.96
CA LYS M 74 -11.47 56.43 14.20
C LYS M 74 -10.13 55.84 13.72
N ARG M 75 -9.10 56.06 14.52
CA ARG M 75 -7.76 55.58 14.18
C ARG M 75 -7.69 54.05 14.25
N SER M 76 -6.98 53.47 13.29
CA SER M 76 -6.61 52.06 13.38
C SER M 76 -5.76 51.81 14.62
N TYR M 77 -5.83 50.56 15.10
CA TYR M 77 -5.12 50.16 16.32
C TYR M 77 -3.67 50.64 16.36
N MET M 78 -2.94 50.46 15.27
CA MET M 78 -1.55 50.88 15.17
C MET M 78 -1.39 52.31 14.66
N LYS M 79 -2.49 53.03 14.41
CA LYS M 79 -2.49 54.34 13.77
C LYS M 79 -1.87 54.30 12.37
N ASN M 80 -1.75 53.12 11.77
CA ASN M 80 -1.32 53.02 10.38
C ASN M 80 -2.34 53.56 9.41
N GLU M 81 -3.59 53.72 9.84
CA GLU M 81 -4.70 54.10 8.97
C GLU M 81 -5.64 55.01 9.74
N HIS M 82 -6.24 55.97 9.03
CA HIS M 82 -7.13 56.94 9.64
C HIS M 82 -8.58 56.82 9.19
N ASN M 83 -8.88 55.97 8.20
CA ASN M 83 -10.20 55.83 7.61
C ASN M 83 -10.63 54.38 7.67
N LEU M 84 -10.44 53.78 8.85
CA LEU M 84 -10.56 52.32 9.00
C LEU M 84 -11.90 51.81 8.50
N HIS M 85 -12.98 52.52 8.83
CA HIS M 85 -14.31 52.02 8.48
C HIS M 85 -14.56 52.06 6.99
N ASP M 86 -13.92 52.99 6.27
CA ASP M 86 -13.99 52.95 4.81
C ASP M 86 -13.16 51.82 4.23
N VAL M 87 -12.16 51.33 4.96
CA VAL M 87 -11.49 50.10 4.57
C VAL M 87 -12.42 48.91 4.76
N LEU M 88 -12.99 48.81 5.97
CA LEU M 88 -13.85 47.67 6.30
C LEU M 88 -15.07 47.58 5.39
N LYS M 89 -15.61 48.73 4.95
CA LYS M 89 -16.74 48.72 4.04
C LYS M 89 -16.47 47.88 2.79
N LYS M 90 -15.21 47.80 2.35
CA LYS M 90 -14.88 46.99 1.18
C LYS M 90 -15.06 45.49 1.40
N PHE M 91 -15.10 45.02 2.64
CA PHE M 91 -15.28 43.61 2.91
C PHE M 91 -16.73 43.20 3.10
N GLY M 92 -17.66 44.16 3.17
CA GLY M 92 -19.04 43.83 3.46
C GLY M 92 -19.72 42.91 2.45
N ASN M 93 -19.12 42.73 1.27
CA ASN M 93 -19.60 41.77 0.28
C ASN M 93 -18.82 40.46 0.29
N ASN M 94 -17.93 40.25 1.25
CA ASN M 94 -17.19 39.00 1.33
C ASN M 94 -18.15 37.82 1.53
N PRO M 95 -18.04 36.74 0.76
CA PRO M 95 -19.00 35.64 0.94
C PRO M 95 -18.97 34.95 2.31
N ILE M 96 -17.81 34.78 2.92
CA ILE M 96 -17.76 34.16 4.25
C ILE M 96 -18.41 35.06 5.28
N LEU M 97 -18.04 36.34 5.29
CA LEU M 97 -18.62 37.28 6.24
C LEU M 97 -20.12 37.38 6.07
N ASN M 98 -20.60 37.36 4.82
CA ASN M 98 -22.04 37.41 4.60
C ASN M 98 -22.73 36.11 4.99
N ALA M 99 -22.09 34.96 4.80
CA ALA M 99 -22.69 33.72 5.29
C ALA M 99 -22.86 33.74 6.80
N ILE M 100 -21.87 34.29 7.51
CA ILE M 100 -21.99 34.40 8.97
C ILE M 100 -23.09 35.38 9.35
N ILE M 101 -23.07 36.57 8.75
CA ILE M 101 -24.06 37.59 9.09
C ILE M 101 -25.46 37.09 8.81
N LEU M 102 -25.68 36.43 7.67
CA LEU M 102 -27.01 35.98 7.32
C LEU M 102 -27.48 34.85 8.23
N THR M 103 -26.62 33.88 8.53
CA THR M 103 -27.07 32.81 9.42
C THR M 103 -27.40 33.35 10.81
N ARG M 104 -26.54 34.22 11.36
CA ARG M 104 -26.82 34.78 12.67
C ARG M 104 -28.11 35.60 12.68
N SER M 105 -28.29 36.46 11.68
CA SER M 105 -29.48 37.32 11.68
C SER M 105 -30.75 36.54 11.40
N ASN M 106 -30.67 35.44 10.63
CA ASN M 106 -31.83 34.57 10.48
C ASN M 106 -32.17 33.88 11.78
N GLN M 107 -31.16 33.43 12.53
CA GLN M 107 -31.42 32.85 13.84
C GLN M 107 -32.10 33.86 14.75
N VAL M 108 -31.58 35.09 14.78
CA VAL M 108 -32.15 36.14 15.62
C VAL M 108 -33.59 36.47 15.21
N ALA M 109 -33.91 36.39 13.92
CA ALA M 109 -35.25 36.72 13.47
C ALA M 109 -36.34 35.90 14.15
N MET M 110 -36.02 34.69 14.61
CA MET M 110 -37.02 33.84 15.26
C MET M 110 -37.64 34.49 16.49
N TYR M 111 -36.87 35.29 17.22
CA TYR M 111 -37.33 35.86 18.48
C TYR M 111 -38.21 37.09 18.34
N CYS M 112 -38.07 37.84 17.24
CA CYS M 112 -38.61 39.19 17.15
C CYS M 112 -40.10 39.28 17.49
N GLN M 113 -40.89 38.27 17.19
CA GLN M 113 -42.29 38.33 17.55
C GLN M 113 -42.50 38.23 19.06
N PRO M 114 -43.58 38.81 19.59
CA PRO M 114 -43.90 38.61 21.01
C PRO M 114 -44.20 37.15 21.31
N ALA M 115 -43.64 36.65 22.41
CA ALA M 115 -43.99 35.32 22.89
C ALA M 115 -45.46 35.25 23.30
N ARG M 116 -45.98 36.33 23.89
CA ARG M 116 -47.37 36.43 24.32
C ARG M 116 -48.36 35.89 23.30
N TYR M 117 -48.18 36.24 22.03
CA TYR M 117 -49.11 35.84 20.98
C TYR M 117 -48.70 34.56 20.28
N SER M 118 -47.56 33.97 20.65
CA SER M 118 -46.99 32.82 19.97
C SER M 118 -47.24 31.61 20.85
N GLU M 119 -48.12 30.73 20.40
CA GLU M 119 -48.63 29.67 21.27
C GLU M 119 -47.54 28.74 21.73
N LYS M 120 -46.48 28.56 20.93
CA LYS M 120 -45.31 27.82 21.39
C LYS M 120 -44.51 28.57 22.45
N GLY M 121 -44.86 29.81 22.77
CA GLY M 121 -44.14 30.59 23.75
C GLY M 121 -42.83 31.17 23.30
N LEU M 122 -42.41 30.92 22.06
CA LEU M 122 -41.13 31.42 21.57
C LEU M 122 -41.26 32.87 21.12
N GLY M 123 -40.33 33.70 21.57
CA GLY M 123 -40.30 35.10 21.21
C GLY M 123 -39.60 35.92 22.27
N PHE M 124 -40.09 37.15 22.45
CA PHE M 124 -39.72 38.02 23.55
C PHE M 124 -40.96 38.40 24.36
N GLU M 125 -40.72 38.86 25.59
CA GLU M 125 -41.77 39.42 26.42
C GLU M 125 -41.23 40.63 27.18
N VAL M 126 -42.11 41.57 27.47
CA VAL M 126 -41.86 42.65 28.43
C VAL M 126 -42.49 42.29 29.77
N ARG M 127 -41.69 42.40 30.83
CA ARG M 127 -42.01 41.83 32.13
C ARG M 127 -41.66 42.84 33.21
N LEU M 128 -42.31 42.70 34.36
CA LEU M 128 -41.82 43.36 35.56
C LEU M 128 -40.47 42.80 35.99
N ARG M 129 -39.64 43.66 36.56
CA ARG M 129 -38.32 43.26 37.03
C ARG M 129 -38.41 42.22 38.14
N ASP M 130 -39.07 42.56 39.24
CA ASP M 130 -39.20 41.64 40.36
C ASP M 130 -40.06 40.44 39.99
N LEU M 131 -39.54 39.25 40.23
CA LEU M 131 -40.32 38.03 40.12
C LEU M 131 -41.38 37.93 41.20
N ASP M 132 -41.21 38.64 42.32
CA ASP M 132 -42.16 38.54 43.41
C ASP M 132 -43.38 39.42 43.22
N ALA M 133 -43.31 40.40 42.32
CA ALA M 133 -44.42 41.32 42.16
C ALA M 133 -45.54 40.64 41.37
N GLU M 134 -46.77 41.05 41.66
CA GLU M 134 -47.93 40.71 40.85
C GLU M 134 -48.36 41.95 40.09
N PRO M 135 -48.47 41.93 38.77
CA PRO M 135 -48.67 43.19 38.05
C PRO M 135 -50.06 43.76 38.30
N GLY M 136 -50.11 45.08 38.45
CA GLY M 136 -51.38 45.75 38.61
C GLY M 136 -52.16 45.79 37.32
N ARG M 137 -53.43 46.19 37.46
CA ARG M 137 -54.34 46.21 36.32
C ARG M 137 -53.80 47.10 35.20
N LYS M 138 -53.24 48.26 35.56
CA LYS M 138 -52.70 49.16 34.58
C LYS M 138 -51.32 48.74 34.08
N GLU M 139 -50.53 48.08 34.94
CA GLU M 139 -49.20 47.65 34.52
C GLU M 139 -49.27 46.61 33.39
N LYS M 140 -50.21 45.67 33.48
CA LYS M 140 -50.35 44.69 32.41
C LYS M 140 -50.62 45.37 31.07
N GLU M 141 -51.45 46.42 31.08
CA GLU M 141 -51.75 47.11 29.85
C GLU M 141 -50.56 47.93 29.38
N GLU M 142 -49.83 48.56 30.30
CA GLU M 142 -48.64 49.29 29.89
C GLU M 142 -47.60 48.36 29.28
N MET M 143 -47.41 47.18 29.86
CA MET M 143 -46.50 46.20 29.26
C MET M 143 -46.96 45.78 27.87
N LYS M 144 -48.27 45.58 27.69
CA LYS M 144 -48.76 45.24 26.37
C LYS M 144 -48.52 46.40 25.39
N ARG M 145 -48.68 47.64 25.87
CA ARG M 145 -48.42 48.79 25.02
C ARG M 145 -46.96 48.86 24.61
N ILE M 146 -46.05 48.60 25.55
CA ILE M 146 -44.63 48.62 25.23
C ILE M 146 -44.27 47.53 24.24
N GLU M 147 -44.82 46.33 24.42
CA GLU M 147 -44.65 45.26 23.44
C GLU M 147 -45.10 45.71 22.05
N ASP M 148 -46.32 46.24 21.96
CA ASP M 148 -46.84 46.72 20.69
C ASP M 148 -45.94 47.79 20.09
N PHE M 149 -45.52 48.76 20.89
CA PHE M 149 -44.58 49.79 20.43
C PHE M 149 -43.32 49.19 19.83
N ILE M 150 -42.71 48.22 20.53
CA ILE M 150 -41.51 47.59 20.01
C ILE M 150 -41.79 46.90 18.69
N VAL M 151 -42.82 46.05 18.64
CA VAL M 151 -43.21 45.38 17.40
C VAL M 151 -43.32 46.39 16.26
N ASN M 152 -44.10 47.46 16.47
CA ASN M 152 -44.25 48.50 15.46
C ASN M 152 -43.01 49.37 15.31
N THR M 153 -42.02 49.24 16.20
CA THR M 153 -40.80 50.04 16.18
C THR M 153 -41.12 51.53 16.41
N GLY M 154 -42.27 51.83 16.99
CA GLY M 154 -42.69 53.21 17.12
C GLY M 154 -44.13 53.28 17.58
N LYS M 155 -44.53 54.50 17.91
CA LYS M 155 -45.83 54.72 18.55
C LYS M 155 -46.98 54.38 17.62
N ASP M 156 -47.02 55.01 16.45
CA ASP M 156 -48.03 54.74 15.44
C ASP M 156 -47.61 53.58 14.53
N LYS M 157 -48.62 52.95 13.94
CA LYS M 157 -48.42 52.01 12.84
C LYS M 157 -48.01 52.76 11.57
N ASP M 158 -46.99 52.25 10.89
CA ASP M 158 -46.57 52.85 9.61
C ASP M 158 -45.86 51.77 8.80
N VAL M 159 -46.50 51.34 7.70
CA VAL M 159 -45.89 50.34 6.83
C VAL M 159 -44.57 50.82 6.25
N ASP M 160 -44.35 52.13 6.20
CA ASP M 160 -43.09 52.67 5.70
C ASP M 160 -41.94 52.53 6.68
N ARG M 161 -42.22 52.29 7.95
CA ARG M 161 -41.17 52.14 8.95
C ARG M 161 -40.70 50.69 9.00
N ASP M 162 -39.41 50.53 9.31
CA ASP M 162 -38.87 49.22 9.63
C ASP M 162 -39.70 48.53 10.71
N SER M 163 -39.95 47.24 10.52
CA SER M 163 -40.33 46.38 11.63
C SER M 163 -39.13 46.13 12.54
N PHE M 164 -39.43 45.62 13.73
CA PHE M 164 -38.38 45.18 14.65
C PHE M 164 -37.46 44.15 14.02
N GLN M 165 -38.01 43.27 13.18
CA GLN M 165 -37.16 42.30 12.48
C GLN M 165 -36.09 42.99 11.63
N THR M 166 -36.50 43.98 10.84
CA THR M 166 -35.55 44.70 10.01
C THR M 166 -34.51 45.42 10.87
N PHE M 167 -34.97 46.01 11.98
CA PHE M 167 -34.05 46.66 12.90
C PHE M 167 -33.01 45.69 13.44
N CYS M 168 -33.45 44.52 13.91
CA CYS M 168 -32.51 43.53 14.44
C CYS M 168 -31.52 43.06 13.39
N LYS M 169 -32.01 42.72 12.19
CA LYS M 169 -31.09 42.32 11.12
C LYS M 169 -30.07 43.42 10.82
N LYS M 170 -30.51 44.68 10.79
CA LYS M 170 -29.60 45.79 10.61
C LYS M 170 -28.52 45.80 11.67
N ILE M 171 -28.91 45.83 12.95
CA ILE M 171 -27.90 45.98 13.98
C ILE M 171 -27.00 44.77 14.09
N VAL M 172 -27.47 43.57 13.72
CA VAL M 172 -26.59 42.41 13.66
C VAL M 172 -25.53 42.61 12.58
N ARG M 173 -25.97 43.02 11.38
CA ARG M 173 -25.01 43.33 10.33
C ARG M 173 -24.00 44.38 10.79
N ASP M 174 -24.48 45.42 11.47
CA ASP M 174 -23.59 46.47 11.93
C ASP M 174 -22.59 45.96 12.97
N THR M 175 -23.03 45.12 13.90
CA THR M 175 -22.11 44.54 14.86
C THR M 175 -21.02 43.73 14.18
N TYR M 176 -21.40 42.90 13.20
CA TYR M 176 -20.41 41.99 12.64
C TYR M 176 -19.57 42.60 11.51
N ILE M 177 -19.96 43.76 10.95
CA ILE M 177 -19.05 44.47 10.05
C ILE M 177 -18.22 45.48 10.83
N TYR M 178 -18.89 46.38 11.55
CA TYR M 178 -18.23 47.55 12.11
C TYR M 178 -17.89 47.39 13.59
N ASP M 179 -18.55 46.46 14.28
CA ASP M 179 -18.66 46.48 15.73
C ASP M 179 -19.07 47.86 16.25
N GLN M 180 -20.11 48.42 15.65
CA GLN M 180 -20.71 49.65 16.16
C GLN M 180 -22.17 49.68 15.73
N VAL M 181 -23.08 49.76 16.70
CA VAL M 181 -24.51 49.91 16.43
C VAL M 181 -24.94 51.28 16.94
N ASN M 182 -25.71 52.00 16.11
CA ASN M 182 -26.34 53.24 16.53
C ASN M 182 -27.79 53.26 16.05
N PHE M 183 -28.68 53.72 16.92
CA PHE M 183 -30.05 54.05 16.54
C PHE M 183 -30.45 55.34 17.24
N GLU M 184 -31.13 56.22 16.51
CA GLU M 184 -31.63 57.46 17.08
C GLU M 184 -32.97 57.26 17.77
N LYS M 185 -33.14 57.94 18.90
CA LYS M 185 -34.40 58.03 19.63
C LYS M 185 -35.07 59.37 19.32
N VAL M 186 -36.28 59.32 18.77
CA VAL M 186 -37.03 60.52 18.39
C VAL M 186 -38.15 60.73 19.40
N PHE M 187 -38.12 61.87 20.09
CA PHE M 187 -39.16 62.26 21.03
C PHE M 187 -40.22 63.12 20.36
N ASN M 188 -41.44 63.05 20.90
CA ASN M 188 -42.52 63.92 20.44
C ASN M 188 -42.10 65.38 20.49
N LYS M 189 -42.43 66.12 19.44
CA LYS M 189 -42.03 67.52 19.37
C LYS M 189 -42.73 68.38 20.42
N ASN M 190 -43.99 68.07 20.72
CA ASN M 190 -44.70 68.84 21.73
C ASN M 190 -44.24 68.48 23.13
N ASN M 191 -43.91 67.22 23.36
CA ASN M 191 -43.48 66.73 24.67
C ASN M 191 -42.16 65.99 24.46
N LYS M 192 -41.05 66.65 24.82
CA LYS M 192 -39.74 66.06 24.61
C LYS M 192 -39.52 64.81 25.45
N THR M 193 -40.33 64.59 26.47
CA THR M 193 -40.19 63.42 27.33
C THR M 193 -40.80 62.16 26.72
N LYS M 194 -41.63 62.30 25.69
CA LYS M 194 -42.36 61.16 25.15
C LYS M 194 -41.67 60.65 23.89
N LEU M 195 -41.20 59.42 23.94
CA LEU M 195 -40.61 58.74 22.78
C LEU M 195 -41.68 58.32 21.79
N GLU M 196 -41.43 58.57 20.49
CA GLU M 196 -42.33 58.14 19.42
C GLU M 196 -41.73 57.07 18.52
N LYS M 197 -40.45 57.17 18.18
CA LYS M 197 -39.83 56.23 17.25
C LYS M 197 -38.38 56.00 17.68
N PHE M 198 -37.84 54.87 17.25
CA PHE M 198 -36.41 54.65 17.19
C PHE M 198 -36.03 54.08 15.84
N ILE M 199 -34.96 54.61 15.25
CA ILE M 199 -34.52 54.26 13.90
C ILE M 199 -33.02 54.01 13.92
N ALA M 200 -32.60 52.91 13.28
CA ALA M 200 -31.19 52.61 13.13
C ALA M 200 -30.49 53.58 12.19
N VAL M 201 -29.24 53.93 12.54
CA VAL M 201 -28.46 54.93 11.83
C VAL M 201 -27.17 54.29 11.37
N ASP M 202 -26.67 54.75 10.22
CA ASP M 202 -25.44 54.22 9.63
C ASP M 202 -24.25 54.44 10.56
N PRO M 203 -23.69 53.39 11.17
CA PRO M 203 -22.62 53.61 12.15
C PRO M 203 -21.37 54.25 11.58
N SER M 204 -21.09 54.08 10.29
CA SER M 204 -19.91 54.68 9.69
C SER M 204 -19.96 56.21 9.66
N THR M 205 -21.13 56.81 9.89
CA THR M 205 -21.27 58.26 9.89
C THR M 205 -21.23 58.89 11.27
N ILE M 206 -21.21 58.09 12.34
CA ILE M 206 -21.37 58.59 13.70
C ILE M 206 -20.01 58.61 14.38
N PHE M 207 -19.67 59.75 14.98
CA PHE M 207 -18.40 59.97 15.65
C PHE M 207 -18.64 60.63 17.01
N TYR M 208 -17.70 60.40 17.93
CA TYR M 208 -17.68 61.16 19.17
C TYR M 208 -17.34 62.61 18.91
N ALA M 209 -18.12 63.51 19.50
CA ALA M 209 -17.83 64.94 19.41
C ALA M 209 -16.74 65.29 20.41
N THR M 210 -15.84 66.19 20.00
CA THR M 210 -14.67 66.56 20.79
C THR M 210 -14.65 68.07 21.05
N ASP M 211 -14.32 68.44 22.27
CA ASP M 211 -14.09 69.82 22.61
C ASP M 211 -12.91 70.39 21.82
N LYS M 212 -12.87 71.72 21.74
CA LYS M 212 -11.73 72.39 21.10
C LYS M 212 -10.41 71.98 21.75
N LYS M 213 -10.43 71.68 23.04
CA LYS M 213 -9.27 71.14 23.75
C LYS M 213 -9.05 69.65 23.48
N GLY M 214 -9.70 69.08 22.47
CA GLY M 214 -9.51 67.69 22.15
C GLY M 214 -10.14 66.71 23.12
N LYS M 215 -10.85 67.18 24.14
CA LYS M 215 -11.49 66.31 25.10
C LYS M 215 -12.87 65.94 24.55
N ILE M 216 -13.27 64.68 24.77
CA ILE M 216 -14.61 64.27 24.37
C ILE M 216 -15.65 65.00 25.21
N ILE M 217 -16.68 65.51 24.54
CA ILE M 217 -17.73 66.27 25.21
C ILE M 217 -18.59 65.30 26.01
N LYS M 218 -18.93 65.69 27.24
CA LYS M 218 -19.92 64.99 28.03
C LYS M 218 -20.99 65.99 28.47
N GLY M 219 -22.23 65.52 28.54
CA GLY M 219 -23.36 66.34 28.94
C GLY M 219 -23.97 67.18 27.83
N GLY M 220 -23.16 67.61 26.87
CA GLY M 220 -23.70 68.30 25.70
C GLY M 220 -24.06 67.39 24.54
N LYS M 221 -23.82 67.86 23.33
CA LYS M 221 -24.05 67.10 22.10
C LYS M 221 -22.91 66.10 21.92
N ARG M 222 -23.05 64.97 22.60
CA ARG M 222 -21.99 63.97 22.67
C ARG M 222 -21.65 63.39 21.29
N PHE M 223 -22.61 63.37 20.36
CA PHE M 223 -22.42 62.71 19.08
C PHE M 223 -22.69 63.68 17.94
N VAL M 224 -21.96 63.48 16.83
CA VAL M 224 -22.19 64.16 15.57
C VAL M 224 -22.27 63.13 14.47
N GLN M 225 -23.06 63.42 13.44
CA GLN M 225 -23.02 62.67 12.19
C GLN M 225 -22.20 63.45 11.18
N VAL M 226 -21.23 62.77 10.58
CA VAL M 226 -20.29 63.38 9.64
C VAL M 226 -20.48 62.73 8.28
N VAL M 227 -20.72 63.56 7.26
CA VAL M 227 -20.83 63.12 5.88
C VAL M 227 -19.94 64.01 5.03
N ASP M 228 -19.16 63.40 4.14
CA ASP M 228 -18.17 64.12 3.33
C ASP M 228 -17.25 64.97 4.19
N LYS M 229 -16.93 64.48 5.40
CA LYS M 229 -16.09 65.21 6.34
C LYS M 229 -16.65 66.60 6.66
N ARG M 230 -17.97 66.73 6.70
CA ARG M 230 -18.61 67.85 7.37
C ARG M 230 -19.71 67.34 8.28
N VAL M 231 -19.92 68.06 9.38
CA VAL M 231 -20.95 67.70 10.35
C VAL M 231 -22.32 68.02 9.75
N VAL M 232 -23.15 67.00 9.60
CA VAL M 232 -24.50 67.18 9.07
C VAL M 232 -25.57 67.12 10.15
N ALA M 233 -25.25 66.59 11.34
CA ALA M 233 -26.22 66.51 12.43
C ALA M 233 -25.46 66.40 13.74
N SER M 234 -26.19 66.60 14.83
CA SER M 234 -25.63 66.39 16.16
C SER M 234 -26.70 65.82 17.08
N PHE M 235 -26.24 65.16 18.14
CA PHE M 235 -27.12 64.41 19.02
C PHE M 235 -26.59 64.50 20.44
N THR M 236 -27.50 64.48 21.42
CA THR M 236 -27.12 64.22 22.79
C THR M 236 -27.07 62.72 23.06
N SER M 237 -26.49 62.36 24.21
CA SER M 237 -26.59 60.99 24.71
C SER M 237 -28.03 60.54 24.83
N ARG M 238 -28.94 61.47 25.10
CA ARG M 238 -30.36 61.15 25.19
C ARG M 238 -30.94 60.74 23.85
N GLU M 239 -30.46 61.32 22.75
CA GLU M 239 -31.07 61.15 21.44
C GLU M 239 -30.48 60.00 20.63
N LEU M 240 -29.26 59.56 20.92
CA LEU M 240 -28.61 58.50 20.15
C LEU M 240 -27.95 57.50 21.07
N ALA M 241 -28.26 56.21 20.85
CA ALA M 241 -27.53 55.12 21.47
C ALA M 241 -26.25 54.80 20.70
N MET M 242 -25.23 54.36 21.42
CA MET M 242 -24.12 53.61 20.84
C MET M 242 -23.89 52.34 21.63
N GLY M 243 -23.76 51.23 20.91
CA GLY M 243 -23.48 49.93 21.53
C GLY M 243 -22.21 49.34 20.94
N ILE M 244 -21.37 48.77 21.82
CA ILE M 244 -20.09 48.20 21.43
C ILE M 244 -19.94 46.86 22.14
N ARG M 245 -19.52 45.84 21.40
CA ARG M 245 -19.36 44.49 21.94
C ARG M 245 -17.94 44.21 22.42
N ASN M 246 -16.92 44.79 21.78
CA ASN M 246 -15.52 44.47 22.03
C ASN M 246 -14.79 45.69 22.58
N PRO M 247 -15.08 46.07 23.82
CA PRO M 247 -14.48 47.28 24.38
C PRO M 247 -12.99 47.11 24.66
N ARG M 248 -12.33 48.25 24.82
CA ARG M 248 -10.90 48.30 25.14
C ARG M 248 -10.67 49.35 26.21
N THR M 249 -9.73 49.09 27.11
CA THR M 249 -9.25 50.10 28.04
C THR M 249 -8.24 51.06 27.42
N GLU M 250 -7.55 50.64 26.35
CA GLU M 250 -6.54 51.44 25.67
C GLU M 250 -6.98 52.89 25.50
N LEU M 251 -6.18 53.82 26.03
CA LEU M 251 -6.56 55.22 26.02
C LEU M 251 -6.86 55.70 24.60
N SER M 252 -6.00 55.34 23.65
CA SER M 252 -6.17 55.79 22.28
C SER M 252 -7.33 55.11 21.56
N SER M 253 -7.89 54.03 22.11
CA SER M 253 -9.08 53.45 21.52
C SER M 253 -10.27 54.40 21.57
N SER M 254 -10.22 55.39 22.47
CA SER M 254 -11.18 56.51 22.47
C SER M 254 -12.63 56.04 22.58
N GLY M 255 -12.87 54.88 23.18
CA GLY M 255 -14.23 54.42 23.34
C GLY M 255 -14.82 53.68 22.16
N TYR M 256 -14.09 53.53 21.07
CA TYR M 256 -14.61 52.80 19.91
C TYR M 256 -14.45 51.30 20.10
N GLY M 257 -15.16 50.54 19.27
CA GLY M 257 -15.14 49.10 19.31
C GLY M 257 -13.91 48.52 18.66
N LEU M 258 -13.99 47.24 18.32
CA LEU M 258 -12.89 46.51 17.70
C LEU M 258 -13.47 45.45 16.78
N SER M 259 -13.40 45.70 15.48
CA SER M 259 -13.95 44.77 14.49
C SER M 259 -13.05 43.57 14.32
N GLU M 260 -13.67 42.39 14.26
CA GLU M 260 -12.95 41.18 13.84
C GLU M 260 -12.40 41.29 12.42
N VAL M 261 -12.99 42.15 11.58
CA VAL M 261 -12.44 42.40 10.25
C VAL M 261 -11.06 43.03 10.35
N GLU M 262 -10.86 43.91 11.32
CA GLU M 262 -9.54 44.48 11.53
C GLU M 262 -8.55 43.39 11.97
N ILE M 263 -8.94 42.59 12.96
CA ILE M 263 -8.06 41.54 13.46
C ILE M 263 -7.77 40.50 12.37
N ALA M 264 -8.81 40.05 11.68
CA ALA M 264 -8.69 38.96 10.71
C ALA M 264 -8.30 39.42 9.31
N MET M 265 -7.93 40.68 9.12
CA MET M 265 -7.82 41.24 7.77
C MET M 265 -6.80 40.48 6.93
N LYS M 266 -5.65 40.14 7.52
CA LYS M 266 -4.66 39.33 6.81
C LYS M 266 -5.24 38.01 6.32
N GLU M 267 -5.99 37.32 7.19
CA GLU M 267 -6.63 36.07 6.79
C GLU M 267 -7.61 36.26 5.65
N PHE M 268 -8.43 37.31 5.70
CA PHE M 268 -9.34 37.56 4.59
C PHE M 268 -8.60 37.83 3.29
N ILE M 269 -7.50 38.58 3.36
CA ILE M 269 -6.71 38.84 2.16
C ILE M 269 -6.13 37.55 1.61
N ALA M 270 -5.53 36.73 2.47
CA ALA M 270 -5.02 35.43 2.03
C ALA M 270 -6.09 34.57 1.40
N TYR M 271 -7.27 34.49 2.01
CA TYR M 271 -8.41 33.80 1.42
C TYR M 271 -8.70 34.32 0.01
N ASN M 272 -8.89 35.63 -0.11
CA ASN M 272 -9.15 36.24 -1.42
C ASN M 272 -8.08 35.86 -2.43
N ASN M 273 -6.82 35.91 -2.03
CA ASN M 273 -5.74 35.57 -2.95
C ASN M 273 -5.82 34.12 -3.40
N THR M 274 -6.07 33.20 -2.47
CA THR M 274 -6.16 31.79 -2.87
C THR M 274 -7.37 31.52 -3.75
N GLU M 275 -8.46 32.23 -3.51
CA GLU M 275 -9.63 32.10 -4.39
C GLU M 275 -9.31 32.59 -5.79
N SER M 276 -8.70 33.77 -5.88
CA SER M 276 -8.30 34.30 -7.18
C SER M 276 -7.32 33.36 -7.89
N PHE M 277 -6.34 32.83 -7.16
CA PHE M 277 -5.40 31.88 -7.74
C PHE M 277 -6.11 30.69 -8.35
N ASN M 278 -7.03 30.07 -7.60
CA ASN M 278 -7.70 28.89 -8.14
C ASN M 278 -8.61 29.26 -9.32
N ASP M 279 -9.25 30.42 -9.27
CA ASP M 279 -10.11 30.82 -10.37
C ASP M 279 -9.34 31.16 -11.64
N ARG M 280 -8.14 31.73 -11.51
CA ARG M 280 -7.40 32.18 -12.68
C ARG M 280 -6.90 31.05 -13.58
N PHE M 281 -6.96 29.80 -13.12
CA PHE M 281 -6.69 28.68 -14.03
C PHE M 281 -7.56 28.75 -15.28
N PHE M 282 -8.86 28.98 -15.11
CA PHE M 282 -9.74 29.12 -16.27
C PHE M 282 -9.65 30.53 -16.87
N SER M 283 -9.79 31.55 -16.03
CA SER M 283 -9.92 32.91 -16.53
C SER M 283 -8.68 33.35 -17.29
N HIS M 284 -7.49 32.95 -16.80
CA HIS M 284 -6.24 33.49 -17.32
C HIS M 284 -5.21 32.41 -17.63
N GLY M 285 -5.42 31.17 -17.24
CA GLY M 285 -4.35 30.20 -17.28
C GLY M 285 -4.14 29.64 -18.66
N GLY M 286 -2.99 28.98 -18.82
CA GLY M 286 -2.83 28.01 -19.87
C GLY M 286 -3.29 26.62 -19.45
N THR M 287 -4.41 26.18 -19.98
CA THR M 287 -4.88 24.83 -19.73
C THR M 287 -4.25 23.79 -20.65
N THR M 288 -3.40 24.23 -21.58
CA THR M 288 -2.88 23.37 -22.64
C THR M 288 -2.23 22.12 -22.07
N ARG M 289 -2.74 20.95 -22.49
CA ARG M 289 -2.24 19.69 -21.95
C ARG M 289 -0.76 19.51 -22.25
N GLY M 290 -0.33 19.86 -23.46
CA GLY M 290 1.02 19.53 -23.88
C GLY M 290 1.25 19.97 -25.31
N ILE M 291 2.47 19.75 -25.78
CA ILE M 291 2.88 20.09 -27.13
C ILE M 291 3.10 18.79 -27.91
N LEU M 292 2.48 18.70 -29.07
CA LEU M 292 2.75 17.63 -30.03
C LEU M 292 3.90 18.09 -30.92
N GLN M 293 5.11 17.59 -30.65
CA GLN M 293 6.25 17.87 -31.50
C GLN M 293 6.33 16.87 -32.64
N ILE M 294 6.19 17.38 -33.87
CA ILE M 294 6.49 16.62 -35.08
C ILE M 294 7.77 17.24 -35.64
N ARG M 295 8.70 16.39 -36.05
CA ARG M 295 10.00 16.85 -36.50
C ARG M 295 10.46 16.12 -37.74
N SER M 296 11.00 16.88 -38.68
CA SER M 296 11.61 16.35 -39.89
C SER M 296 12.72 17.31 -40.31
N ASP M 297 13.38 16.98 -41.42
CA ASP M 297 14.52 17.75 -41.89
C ASP M 297 14.22 19.24 -42.00
N GLN M 298 12.98 19.61 -42.32
CA GLN M 298 12.59 21.01 -42.31
C GLN M 298 11.12 21.14 -41.93
N GLN M 299 10.80 22.27 -41.30
CA GLN M 299 9.43 22.58 -40.95
C GLN M 299 8.53 22.66 -42.19
N GLN M 300 7.29 22.22 -42.03
CA GLN M 300 6.28 22.38 -43.08
C GLN M 300 5.97 23.85 -43.32
N SER M 301 5.66 24.18 -44.57
CA SER M 301 5.09 25.48 -44.89
C SER M 301 3.78 25.70 -44.13
N GLN M 302 3.40 26.97 -44.00
CA GLN M 302 2.17 27.32 -43.31
C GLN M 302 0.95 26.75 -44.02
N HIS M 303 0.94 26.79 -45.35
CA HIS M 303 -0.17 26.22 -46.11
C HIS M 303 -0.32 24.72 -45.84
N ALA M 304 0.79 23.99 -45.95
CA ALA M 304 0.77 22.56 -45.65
C ALA M 304 0.24 22.30 -44.24
N LEU M 305 0.71 23.08 -43.28
CA LEU M 305 0.30 22.89 -41.89
C LEU M 305 -1.18 23.18 -41.70
N GLU M 306 -1.73 24.18 -42.38
CA GLU M 306 -3.16 24.47 -42.25
C GLU M 306 -4.04 23.43 -42.91
N ASN M 307 -3.61 22.86 -44.03
CA ASN M 307 -4.43 21.77 -44.58
C ASN M 307 -4.19 20.44 -43.86
N PHE M 308 -3.07 20.30 -43.16
CA PHE M 308 -2.93 19.20 -42.21
C PHE M 308 -3.87 19.36 -41.03
N LYS M 309 -4.04 20.59 -40.55
CA LYS M 309 -5.07 20.87 -39.55
C LYS M 309 -6.46 20.54 -40.08
N ARG M 310 -6.70 20.76 -41.38
CA ARG M 310 -8.01 20.41 -41.92
C ARG M 310 -8.21 18.90 -41.97
N GLU M 311 -7.21 18.15 -42.43
CA GLU M 311 -7.29 16.69 -42.36
C GLU M 311 -7.52 16.22 -40.93
N TRP M 312 -6.85 16.86 -39.97
CA TRP M 312 -6.97 16.47 -38.57
C TRP M 312 -8.40 16.67 -38.08
N LYS M 313 -8.90 17.89 -38.18
CA LYS M 313 -10.22 18.16 -37.61
C LYS M 313 -11.31 17.39 -38.37
N SER M 314 -11.18 17.28 -39.70
CA SER M 314 -12.15 16.50 -40.47
C SER M 314 -12.09 15.00 -40.17
N SER M 315 -11.03 14.50 -39.52
CA SER M 315 -10.94 13.07 -39.27
C SER M 315 -11.06 12.67 -37.81
N LEU M 316 -10.81 13.58 -36.86
CA LEU M 316 -10.59 13.20 -35.47
C LEU M 316 -11.39 14.01 -34.46
N SER M 317 -12.03 15.10 -34.83
CA SER M 317 -12.64 15.99 -33.85
C SER M 317 -14.01 15.50 -33.42
N GLY M 318 -14.38 15.89 -32.19
CA GLY M 318 -15.68 15.64 -31.62
C GLY M 318 -15.99 14.15 -31.40
N ILE M 319 -17.29 13.89 -31.26
CA ILE M 319 -17.77 12.51 -31.20
C ILE M 319 -17.49 11.78 -32.49
N ASN M 320 -17.61 12.48 -33.62
CA ASN M 320 -17.47 11.84 -34.92
C ASN M 320 -16.12 11.16 -35.09
N GLY M 321 -15.06 11.79 -34.61
CA GLY M 321 -13.72 11.24 -34.66
C GLY M 321 -13.26 10.45 -33.46
N SER M 322 -14.15 10.19 -32.50
CA SER M 322 -13.71 10.04 -31.12
C SER M 322 -12.77 8.86 -30.90
N TRP M 323 -12.94 7.76 -31.65
CA TRP M 323 -12.09 6.59 -31.45
C TRP M 323 -11.13 6.31 -32.60
N GLN M 324 -11.07 7.17 -33.61
CA GLN M 324 -10.07 6.99 -34.67
C GLN M 324 -8.69 7.40 -34.17
N ILE M 325 -7.67 6.77 -34.75
CA ILE M 325 -6.26 7.07 -34.46
C ILE M 325 -5.63 7.59 -35.75
N PRO M 326 -4.94 8.74 -35.75
CA PRO M 326 -4.18 9.13 -36.93
C PRO M 326 -2.93 8.27 -37.12
N VAL M 327 -2.63 7.94 -38.37
CA VAL M 327 -1.33 7.43 -38.75
C VAL M 327 -0.51 8.57 -39.34
N VAL M 328 0.70 8.75 -38.84
CA VAL M 328 1.61 9.80 -39.30
C VAL M 328 2.99 9.18 -39.46
N MET M 329 3.70 9.60 -40.51
CA MET M 329 4.97 8.98 -40.87
C MET M 329 6.14 9.97 -40.81
N ALA M 330 6.03 10.96 -39.93
CA ALA M 330 7.14 11.87 -39.67
C ALA M 330 8.37 11.11 -39.18
N ASP M 331 9.52 11.76 -39.31
CA ASP M 331 10.77 11.15 -38.87
C ASP M 331 10.75 10.85 -37.37
N ASP M 332 10.24 11.77 -36.56
CA ASP M 332 10.00 11.47 -35.15
C ASP M 332 8.85 12.31 -34.64
N ILE M 333 8.11 11.73 -33.71
CA ILE M 333 6.95 12.37 -33.10
C ILE M 333 7.06 12.23 -31.59
N LYS M 334 6.85 13.32 -30.88
CA LYS M 334 6.95 13.34 -29.42
C LYS M 334 5.83 14.20 -28.86
N PHE M 335 5.35 13.84 -27.68
CA PHE M 335 4.36 14.63 -26.95
C PHE M 335 4.91 15.01 -25.59
N VAL M 336 4.98 16.31 -25.33
CA VAL M 336 5.56 16.86 -24.11
C VAL M 336 4.41 17.22 -23.16
N ASN M 337 4.41 16.64 -21.97
CA ASN M 337 3.38 16.91 -20.99
C ASN M 337 3.73 18.18 -20.23
N MET M 338 2.83 19.17 -20.26
CA MET M 338 3.05 20.46 -19.62
C MET M 338 2.21 20.69 -18.37
N THR M 339 1.18 19.89 -18.13
CA THR M 339 0.35 20.00 -16.94
C THR M 339 0.14 18.63 -16.32
N PRO M 340 -0.28 18.57 -15.06
CA PRO M 340 -0.70 17.28 -14.49
C PRO M 340 -1.87 16.69 -15.26
N THR M 341 -1.87 15.36 -15.36
CA THR M 341 -2.96 14.67 -16.02
C THR M 341 -4.31 14.90 -15.34
N ALA M 342 -4.29 15.19 -14.04
CA ALA M 342 -5.53 15.37 -13.26
C ALA M 342 -5.38 16.64 -12.42
N ASN M 343 -6.02 17.71 -12.86
CA ASN M 343 -6.02 18.97 -12.14
C ASN M 343 -7.11 18.98 -11.08
N ASP M 344 -6.80 19.58 -9.93
CA ASP M 344 -7.83 19.91 -8.95
C ASP M 344 -7.40 21.14 -8.18
N MET M 345 -8.31 21.63 -7.35
CA MET M 345 -8.02 22.80 -6.51
C MET M 345 -6.77 22.57 -5.69
N GLN M 346 -6.10 23.67 -5.36
CA GLN M 346 -4.90 23.66 -4.55
C GLN M 346 -5.12 24.50 -3.30
N PHE M 347 -4.30 24.24 -2.28
CA PHE M 347 -4.33 24.98 -1.02
C PHE M 347 -5.63 24.78 -0.24
N GLU M 348 -6.24 23.60 -0.38
CA GLU M 348 -7.47 23.31 0.35
C GLU M 348 -7.25 23.38 1.86
N LYS M 349 -6.19 22.75 2.35
CA LYS M 349 -5.85 22.82 3.77
C LYS M 349 -5.63 24.26 4.22
N TRP M 350 -4.93 25.05 3.42
CA TRP M 350 -4.75 26.47 3.73
C TRP M 350 -6.09 27.17 3.93
N LEU M 351 -7.01 26.99 2.99
CA LEU M 351 -8.36 27.53 3.15
C LEU M 351 -9.02 27.06 4.43
N ASN M 352 -9.01 25.75 4.68
CA ASN M 352 -9.57 25.22 5.92
C ASN M 352 -9.00 25.92 7.15
N TYR M 353 -7.68 26.00 7.23
CA TYR M 353 -7.01 26.72 8.32
C TYR M 353 -7.54 28.14 8.49
N LEU M 354 -7.52 28.92 7.41
CA LEU M 354 -8.01 30.29 7.46
C LEU M 354 -9.43 30.38 7.97
N ILE M 355 -10.34 29.58 7.40
CA ILE M 355 -11.74 29.67 7.79
C ILE M 355 -11.96 29.17 9.21
N ASN M 356 -11.18 28.17 9.65
CA ASN M 356 -11.27 27.75 11.05
C ASN M 356 -10.90 28.88 12.00
N ILE M 357 -9.83 29.62 11.67
CA ILE M 357 -9.48 30.79 12.50
C ILE M 357 -10.61 31.81 12.51
N ILE M 358 -11.07 32.20 11.32
CA ILE M 358 -12.11 33.24 11.25
C ILE M 358 -13.35 32.81 12.01
N SER M 359 -13.75 31.54 11.87
CA SER M 359 -14.90 31.03 12.59
C SER M 359 -14.67 31.06 14.09
N ALA M 360 -13.46 30.72 14.54
CA ALA M 360 -13.18 30.76 15.97
C ALA M 360 -13.22 32.18 16.50
N LEU M 361 -12.82 33.15 15.69
CA LEU M 361 -12.93 34.55 16.11
C LEU M 361 -14.39 34.98 16.22
N TYR M 362 -15.21 34.64 15.23
CA TYR M 362 -16.62 34.99 15.33
C TYR M 362 -17.40 34.09 16.29
N GLY M 363 -16.83 32.97 16.73
CA GLY M 363 -17.54 32.09 17.63
C GLY M 363 -18.65 31.35 16.92
N ILE M 364 -18.29 30.70 15.82
CA ILE M 364 -19.23 29.93 15.01
C ILE M 364 -18.57 28.61 14.65
N ASP M 365 -19.39 27.57 14.56
CA ASP M 365 -18.92 26.30 14.03
C ASP M 365 -18.56 26.44 12.55
N PRO M 366 -17.33 26.13 12.13
CA PRO M 366 -17.05 26.05 10.69
C PRO M 366 -17.97 25.12 9.92
N ALA M 367 -18.36 23.98 10.51
CA ALA M 367 -19.23 23.06 9.81
C ALA M 367 -20.61 23.63 9.56
N GLU M 368 -20.99 24.67 10.30
CA GLU M 368 -22.23 25.39 10.00
C GLU M 368 -22.18 26.05 8.63
N ILE M 369 -20.99 26.42 8.17
CA ILE M 369 -20.83 27.16 6.92
C ILE M 369 -20.15 26.30 5.84
N GLY M 370 -20.18 24.98 6.01
CA GLY M 370 -19.70 24.09 4.96
C GLY M 370 -18.20 23.86 4.89
N PHE M 371 -17.50 23.95 6.01
CA PHE M 371 -16.07 23.71 6.07
C PHE M 371 -15.75 22.64 7.11
N PRO M 372 -14.72 21.81 6.89
CA PRO M 372 -14.27 20.93 7.97
C PRO M 372 -13.89 21.72 9.21
N ASN M 373 -14.37 21.26 10.36
CA ASN M 373 -13.91 21.75 11.64
C ASN M 373 -12.63 21.02 12.00
N ARG M 374 -11.51 21.74 12.07
CA ARG M 374 -10.25 21.13 12.48
C ARG M 374 -10.28 20.66 13.92
N GLY M 375 -11.15 21.23 14.75
CA GLY M 375 -11.35 20.77 16.11
C GLY M 375 -12.01 19.42 16.24
N GLY M 376 -12.44 18.82 15.14
CA GLY M 376 -13.00 17.48 15.14
C GLY M 376 -14.48 17.49 14.78
N ALA M 377 -15.06 16.30 14.81
CA ALA M 377 -16.40 16.10 14.25
C ALA M 377 -17.51 16.65 15.12
N THR M 378 -17.30 16.80 16.43
CA THR M 378 -18.31 17.26 17.37
C THR M 378 -19.64 16.55 17.10
N GLY M 379 -19.61 15.23 17.31
CA GLY M 379 -20.69 14.38 16.82
C GLY M 379 -22.05 14.69 17.39
N SER M 380 -22.10 15.17 18.63
CA SER M 380 -23.37 15.51 19.25
C SER M 380 -23.16 16.56 20.32
N LYS M 381 -24.23 17.31 20.61
CA LYS M 381 -24.33 18.29 21.70
C LYS M 381 -23.01 18.89 22.18
N LEU M 386 -29.16 18.83 25.54
CA LEU M 386 -30.10 18.43 26.59
C LEU M 386 -31.00 19.61 26.96
N ASN M 387 -30.42 20.80 27.01
CA ASN M 387 -31.19 21.98 27.42
C ASN M 387 -32.26 22.33 26.39
N GLU M 388 -32.00 22.04 25.12
CA GLU M 388 -32.97 22.32 24.07
C GLU M 388 -34.06 21.26 24.06
N ALA M 389 -33.68 19.99 23.95
CA ALA M 389 -34.64 18.90 23.82
C ALA M 389 -33.93 17.60 24.16
N ASP M 390 -34.72 16.53 24.19
CA ASP M 390 -34.15 15.20 24.44
C ASP M 390 -33.12 14.76 23.42
N PRO M 391 -33.28 15.01 22.11
CA PRO M 391 -32.20 14.69 21.18
C PRO M 391 -30.97 15.59 21.38
N GLY M 392 -29.80 14.96 21.26
CA GLY M 392 -28.51 15.60 21.42
C GLY M 392 -28.07 16.42 20.23
N LYS M 393 -29.00 17.12 19.59
CA LYS M 393 -28.68 17.85 18.37
C LYS M 393 -27.66 18.95 18.64
N LYS M 394 -26.76 19.15 17.67
CA LYS M 394 -25.59 20.00 17.87
C LYS M 394 -25.97 21.45 18.11
N GLN M 395 -27.09 21.90 17.53
CA GLN M 395 -27.42 23.32 17.53
C GLN M 395 -27.54 23.92 18.92
N GLN M 396 -27.80 23.11 19.95
CA GLN M 396 -27.75 23.61 21.32
C GLN M 396 -26.43 24.34 21.60
N GLN M 397 -25.30 23.75 21.21
CA GLN M 397 -24.02 24.38 21.45
C GLN M 397 -23.75 25.56 20.53
N SER M 398 -24.21 25.52 19.28
CA SER M 398 -24.14 26.70 18.43
C SER M 398 -24.88 27.87 19.06
N GLN M 399 -26.09 27.61 19.55
CA GLN M 399 -26.89 28.63 20.21
C GLN M 399 -26.17 29.18 21.44
N ASN M 400 -25.58 28.28 22.24
CA ASN M 400 -24.79 28.75 23.37
C ASN M 400 -23.64 29.65 22.90
N LYS M 401 -22.96 29.25 21.82
CA LYS M 401 -21.63 29.76 21.58
C LYS M 401 -21.69 31.11 20.89
N GLY M 402 -22.43 31.20 19.79
CA GLY M 402 -22.80 32.51 19.27
C GLY M 402 -24.04 33.22 19.80
N LEU M 403 -25.18 32.53 19.80
CA LEU M 403 -26.45 33.22 19.70
C LEU M 403 -26.81 33.94 20.98
N GLN M 404 -26.72 33.26 22.13
CA GLN M 404 -27.09 33.89 23.40
C GLN M 404 -26.31 35.15 23.72
N PRO M 405 -24.99 35.22 23.53
CA PRO M 405 -24.32 36.52 23.70
C PRO M 405 -24.89 37.65 22.85
N LEU M 406 -25.19 37.40 21.59
CA LEU M 406 -25.75 38.46 20.74
C LEU M 406 -27.12 38.90 21.22
N LEU M 407 -27.97 37.93 21.59
CA LEU M 407 -29.26 38.28 22.19
C LEU M 407 -29.07 39.10 23.46
N ARG M 408 -28.11 38.73 24.30
CA ARG M 408 -27.95 39.46 25.55
C ARG M 408 -27.49 40.89 25.28
N PHE M 409 -26.60 41.08 24.30
CA PHE M 409 -26.18 42.42 23.95
C PHE M 409 -27.34 43.27 23.45
N ILE M 410 -28.17 42.72 22.58
CA ILE M 410 -29.35 43.46 22.11
C ILE M 410 -30.30 43.77 23.26
N GLU M 411 -30.55 42.80 24.13
CA GLU M 411 -31.35 43.04 25.33
C GLU M 411 -30.79 44.19 26.15
N ASP M 412 -29.49 44.18 26.41
CA ASP M 412 -28.87 45.25 27.19
C ASP M 412 -29.10 46.61 26.54
N LEU M 413 -28.90 46.70 25.22
CA LEU M 413 -29.14 47.96 24.53
C LEU M 413 -30.58 48.42 24.69
N VAL M 414 -31.53 47.51 24.44
CA VAL M 414 -32.94 47.88 24.53
C VAL M 414 -33.30 48.32 25.94
N ASN M 415 -32.88 47.57 26.94
CA ASN M 415 -33.17 47.94 28.32
C ASN M 415 -32.62 49.32 28.67
N ARG M 416 -31.34 49.54 28.38
CA ARG M 416 -30.76 50.85 28.72
C ARG M 416 -31.46 52.00 28.01
N HIS M 417 -31.77 51.85 26.72
CA HIS M 417 -32.18 53.01 25.93
C HIS M 417 -33.69 53.19 25.78
N ILE M 418 -34.47 52.13 25.63
CA ILE M 418 -35.90 52.26 25.35
C ILE M 418 -36.69 52.12 26.64
N ILE M 419 -36.59 50.95 27.28
CA ILE M 419 -37.38 50.67 28.48
C ILE M 419 -37.13 51.74 29.54
N SER M 420 -35.88 52.22 29.65
CA SER M 420 -35.57 53.27 30.60
C SER M 420 -36.44 54.51 30.46
N GLU M 421 -37.07 54.72 29.30
CA GLU M 421 -38.07 55.78 29.20
C GLU M 421 -39.29 55.51 30.08
N TYR M 422 -39.59 54.24 30.34
CA TYR M 422 -40.73 53.86 31.17
C TYR M 422 -40.35 53.57 32.61
N GLY M 423 -39.08 53.71 32.98
CA GLY M 423 -38.64 53.46 34.34
C GLY M 423 -38.25 52.01 34.57
N ASP M 424 -37.57 51.80 35.70
CA ASP M 424 -36.87 50.55 35.98
C ASP M 424 -37.80 49.41 36.36
N LYS M 425 -39.10 49.66 36.54
CA LYS M 425 -40.00 48.59 36.95
C LYS M 425 -40.16 47.50 35.90
N TYR M 426 -39.94 47.81 34.63
CA TYR M 426 -40.11 46.85 33.56
C TYR M 426 -38.77 46.28 33.12
N THR M 427 -38.83 45.14 32.44
CA THR M 427 -37.66 44.55 31.80
C THR M 427 -38.04 43.96 30.45
N PHE M 428 -37.14 44.07 29.49
CA PHE M 428 -37.24 43.40 28.21
C PHE M 428 -36.32 42.19 28.22
N GLN M 429 -36.87 41.01 27.89
CA GLN M 429 -36.07 39.81 27.75
C GLN M 429 -36.58 38.97 26.59
N PHE M 430 -35.65 38.39 25.83
CA PHE M 430 -35.97 37.23 25.01
C PHE M 430 -36.18 36.00 25.88
N VAL M 431 -37.14 35.16 25.51
CA VAL M 431 -37.46 33.95 26.25
C VAL M 431 -37.60 32.80 25.27
N GLY M 432 -36.95 31.68 25.59
CA GLY M 432 -37.16 30.44 24.86
C GLY M 432 -38.46 29.77 25.22
N GLY M 433 -38.75 28.69 24.50
CA GLY M 433 -39.92 27.90 24.78
C GLY M 433 -39.85 27.21 26.13
N ASP M 434 -40.84 26.36 26.39
CA ASP M 434 -40.91 25.57 27.61
C ASP M 434 -41.44 24.19 27.31
N THR M 435 -41.07 23.24 28.17
CA THR M 435 -41.59 21.87 28.10
C THR M 435 -42.76 21.71 29.07
N LYS M 436 -43.85 22.37 28.72
CA LYS M 436 -45.03 22.53 29.56
C LYS M 436 -46.29 22.20 28.77
N SER M 437 -46.27 21.07 28.07
CA SER M 437 -47.45 20.62 27.36
C SER M 437 -48.61 20.38 28.34
N ALA M 438 -49.78 20.10 27.77
CA ALA M 438 -50.92 19.68 28.57
C ALA M 438 -50.58 18.45 29.43
N THR M 439 -49.84 17.49 28.87
CA THR M 439 -49.37 16.36 29.67
C THR M 439 -48.54 16.83 30.86
N ASP M 440 -47.55 17.68 30.61
CA ASP M 440 -46.68 18.14 31.69
C ASP M 440 -47.45 18.96 32.74
N LYS M 441 -48.32 19.86 32.28
CA LYS M 441 -49.13 20.65 33.22
C LYS M 441 -50.05 19.77 34.04
N LEU M 442 -50.65 18.75 33.41
CA LEU M 442 -51.51 17.83 34.15
C LEU M 442 -50.72 17.00 35.16
N ASN M 443 -49.52 16.54 34.81
CA ASN M 443 -48.68 15.87 35.78
C ASN M 443 -48.34 16.77 36.97
N ILE M 444 -47.97 18.02 36.68
CA ILE M 444 -47.62 18.96 37.74
C ILE M 444 -48.81 19.16 38.66
N LEU M 445 -49.96 19.49 38.10
CA LEU M 445 -51.15 19.68 38.92
C LEU M 445 -51.58 18.39 39.63
N LYS M 446 -51.39 17.24 39.01
CA LYS M 446 -51.64 15.96 39.67
C LYS M 446 -50.78 15.77 40.90
N LEU M 447 -49.61 16.42 40.94
CA LEU M 447 -48.83 16.42 42.17
C LEU M 447 -49.27 17.53 43.13
N GLU M 448 -49.55 18.73 42.60
CA GLU M 448 -50.01 19.84 43.43
C GLU M 448 -51.32 19.51 44.16
N THR M 449 -52.17 18.68 43.55
CA THR M 449 -53.42 18.29 44.18
C THR M 449 -53.23 17.27 45.28
N GLN M 450 -52.09 16.58 45.30
CA GLN M 450 -51.72 15.79 46.46
C GLN M 450 -51.07 16.66 47.52
N ILE M 451 -50.27 17.64 47.10
CA ILE M 451 -49.44 18.41 48.01
C ILE M 451 -50.15 19.67 48.48
N PHE M 452 -50.88 20.36 47.60
CA PHE M 452 -51.44 21.67 47.92
C PHE M 452 -52.94 21.77 47.70
N LYS M 453 -53.38 21.39 46.51
CA LYS M 453 -54.61 21.93 45.93
C LYS M 453 -55.79 21.01 46.18
N THR M 454 -56.85 21.57 46.77
CA THR M 454 -58.14 20.93 46.76
C THR M 454 -58.75 20.92 45.36
N VAL M 455 -59.66 19.97 45.16
CA VAL M 455 -60.42 19.87 43.91
C VAL M 455 -60.97 21.23 43.49
N ASN M 456 -61.53 21.98 44.44
CA ASN M 456 -62.18 23.24 44.07
C ASN M 456 -61.17 24.30 43.67
N GLU M 457 -59.97 24.31 44.27
CA GLU M 457 -58.95 25.24 43.81
C GLU M 457 -58.55 24.94 42.37
N ALA M 458 -58.36 23.66 42.06
CA ALA M 458 -58.08 23.24 40.68
C ALA M 458 -59.17 23.73 39.74
N ARG M 459 -60.42 23.41 40.06
CA ARG M 459 -61.53 23.82 39.21
C ARG M 459 -61.59 25.34 39.05
N GLU M 460 -61.30 26.06 40.12
CA GLU M 460 -61.28 27.53 40.06
C GLU M 460 -60.21 28.03 39.09
N GLU M 461 -59.04 27.41 39.11
CA GLU M 461 -58.03 27.77 38.12
C GLU M 461 -58.48 27.52 36.68
N GLN M 462 -59.42 26.60 36.47
CA GLN M 462 -60.07 26.43 35.17
C GLN M 462 -61.27 27.35 34.97
N GLY M 463 -61.67 28.11 35.98
CA GLY M 463 -62.93 28.81 35.93
C GLY M 463 -64.16 27.93 36.04
N LYS M 464 -64.03 26.74 36.64
CA LYS M 464 -65.13 25.81 36.77
C LYS M 464 -65.67 25.83 38.18
N LYS M 465 -66.99 25.77 38.30
CA LYS M 465 -67.67 26.01 39.57
C LYS M 465 -67.16 25.03 40.63
N PRO M 466 -66.93 25.49 41.86
CA PRO M 466 -66.63 24.54 42.94
C PRO M 466 -67.79 23.61 43.20
N ILE M 467 -67.46 22.40 43.66
CA ILE M 467 -68.44 21.35 43.89
C ILE M 467 -68.41 20.96 45.37
N GLU M 468 -69.58 20.73 45.94
CA GLU M 468 -69.70 20.14 47.26
C GLU M 468 -69.05 18.77 47.30
N GLY M 469 -68.13 18.59 48.23
CA GLY M 469 -67.20 17.47 48.25
C GLY M 469 -65.85 17.76 47.67
N GLY M 470 -65.65 18.93 47.09
CA GLY M 470 -64.31 19.46 46.92
C GLY M 470 -63.75 19.96 48.24
N ASP M 471 -62.85 20.93 48.18
CA ASP M 471 -62.11 21.40 49.35
C ASP M 471 -61.36 20.28 50.06
N ILE M 472 -61.04 19.19 49.36
CA ILE M 472 -60.30 18.07 49.94
C ILE M 472 -59.12 17.74 49.05
N ILE M 473 -57.99 17.42 49.68
CA ILE M 473 -56.86 16.83 48.97
C ILE M 473 -57.20 15.37 48.64
N LEU M 474 -56.81 14.94 47.43
CA LEU M 474 -57.06 13.57 46.99
C LEU M 474 -55.98 12.64 47.55
N ASP M 475 -55.96 12.52 48.87
CA ASP M 475 -55.10 11.57 49.56
C ASP M 475 -55.89 10.89 50.65
N ALA M 476 -55.78 9.55 50.70
CA ALA M 476 -56.49 8.76 51.71
C ALA M 476 -56.15 9.18 53.12
N SER M 477 -54.92 9.63 53.36
CA SER M 477 -54.55 10.05 54.71
C SER M 477 -55.34 11.29 55.15
N PHE M 478 -55.59 12.22 54.24
CA PHE M 478 -56.39 13.39 54.55
C PHE M 478 -57.81 13.01 54.98
N LEU M 479 -58.43 12.08 54.24
CA LEU M 479 -59.78 11.64 54.60
C LEU M 479 -59.79 10.84 55.90
N GLN M 480 -58.80 9.99 56.11
CA GLN M 480 -58.72 9.28 57.38
C GLN M 480 -58.58 10.25 58.55
N GLY M 481 -57.82 11.33 58.35
CA GLY M 481 -57.77 12.38 59.36
C GLY M 481 -59.12 13.02 59.62
N THR M 482 -59.80 13.46 58.56
CA THR M 482 -61.10 14.10 58.76
C THR M 482 -62.13 13.14 59.35
N ALA M 483 -62.07 11.86 58.98
CA ALA M 483 -62.95 10.86 59.57
C ALA M 483 -62.65 10.66 61.05
N GLN M 484 -61.39 10.74 61.44
CA GLN M 484 -61.06 10.77 62.86
C GLN M 484 -61.68 11.99 63.52
N LEU M 485 -61.40 13.17 62.98
CA LEU M 485 -61.82 14.42 63.61
C LEU M 485 -63.33 14.51 63.76
N GLN M 486 -64.09 13.97 62.81
CA GLN M 486 -65.54 13.92 62.95
C GLN M 486 -65.96 13.15 64.20
N GLN M 487 -65.41 11.96 64.38
CA GLN M 487 -65.70 11.18 65.58
C GLN M 487 -65.25 11.89 66.84
N ASP M 488 -64.06 12.50 66.82
CA ASP M 488 -63.59 13.31 67.93
C ASP M 488 -64.60 14.39 68.33
N LYS M 489 -65.10 15.13 67.34
CA LYS M 489 -66.13 16.14 67.60
C LYS M 489 -67.38 15.52 68.21
N GLN M 490 -67.86 14.42 67.63
CA GLN M 490 -69.09 13.82 68.15
C GLN M 490 -68.89 13.30 69.57
N TYR M 491 -67.68 12.82 69.89
CA TYR M 491 -67.38 12.41 71.25
C TYR M 491 -67.37 13.59 72.20
N ASN M 492 -66.69 14.68 71.84
CA ASN M 492 -66.63 15.82 72.74
C ASN M 492 -68.00 16.42 72.94
N ASP M 493 -68.83 16.46 71.89
CA ASP M 493 -70.22 16.88 72.02
C ASP M 493 -70.97 16.01 73.03
N GLY M 494 -70.85 14.69 72.88
CA GLY M 494 -71.51 13.81 73.84
C GLY M 494 -71.02 14.02 75.26
N LYS M 495 -69.70 14.06 75.43
CA LYS M 495 -69.11 14.27 76.75
C LYS M 495 -69.63 15.54 77.40
N GLN M 496 -69.58 16.66 76.68
CA GLN M 496 -69.98 17.93 77.27
C GLN M 496 -71.48 17.98 77.55
N LYS M 497 -72.30 17.43 76.64
CA LYS M 497 -73.73 17.38 76.89
C LYS M 497 -74.06 16.52 78.10
N GLU M 498 -73.39 15.37 78.25
CA GLU M 498 -73.64 14.53 79.41
C GLU M 498 -73.13 15.17 80.70
N ARG M 499 -72.03 15.91 80.62
CA ARG M 499 -71.59 16.72 81.76
C ARG M 499 -72.66 17.72 82.17
N LEU M 500 -73.21 18.46 81.21
CA LEU M 500 -74.26 19.42 81.52
C LEU M 500 -75.49 18.73 82.11
N GLN M 501 -75.90 17.60 81.53
CA GLN M 501 -77.07 16.89 82.03
C GLN M 501 -76.85 16.39 83.44
N MET M 502 -75.64 15.91 83.76
CA MET M 502 -75.32 15.51 85.13
C MET M 502 -75.34 16.70 86.07
N MET M 503 -74.77 17.83 85.64
CA MET M 503 -74.81 19.04 86.47
C MET M 503 -76.24 19.46 86.76
N MET M 504 -77.12 19.39 85.76
CA MET M 504 -78.52 19.72 85.98
C MET M 504 -79.21 18.69 86.87
N SER M 505 -78.77 17.44 86.84
CA SER M 505 -79.34 16.44 87.72
C SER M 505 -78.96 16.70 89.17
N LEU M 506 -77.70 17.08 89.41
CA LEU M 506 -77.21 17.26 90.78
C LEU M 506 -77.77 18.53 91.41
N SER N 49 7.64 50.21 52.20
CA SER N 49 7.51 48.75 52.22
C SER N 49 6.41 48.30 51.26
N LEU N 50 6.56 47.10 50.70
CA LEU N 50 5.58 46.62 49.73
C LEU N 50 4.28 46.23 50.41
N TYR N 51 4.34 45.34 51.40
CA TYR N 51 3.18 44.90 52.17
C TYR N 51 3.06 45.56 53.53
N GLY N 52 4.15 45.66 54.27
CA GLY N 52 4.10 46.11 55.65
C GLY N 52 5.44 45.88 56.31
N GLN N 53 5.51 46.30 57.57
CA GLN N 53 6.78 46.20 58.29
C GLN N 53 7.17 44.74 58.46
N GLN N 54 8.34 44.39 57.95
CA GLN N 54 8.86 43.03 58.02
C GLN N 54 10.38 43.11 58.05
N GLN N 55 11.00 42.12 58.70
CA GLN N 55 12.46 42.12 58.80
C GLN N 55 13.12 41.40 57.63
N ALA N 56 12.39 40.55 56.91
CA ALA N 56 12.86 40.05 55.62
C ALA N 56 12.65 41.11 54.56
N TYR N 57 13.66 41.33 53.73
CA TYR N 57 13.49 42.22 52.58
C TYR N 57 12.63 41.56 51.51
N ALA N 58 11.69 42.33 50.98
CA ALA N 58 10.77 41.88 49.95
C ALA N 58 10.99 42.60 48.62
N GLU N 59 11.99 43.45 48.53
CA GLU N 59 12.31 44.23 47.35
C GLU N 59 13.82 44.21 47.16
N PRO N 60 14.31 44.54 45.97
CA PRO N 60 15.77 44.63 45.77
C PRO N 60 16.41 45.58 46.78
N PHE N 61 17.41 45.06 47.49
CA PHE N 61 18.00 45.80 48.60
C PHE N 61 18.74 47.05 48.10
N ILE N 62 19.59 46.90 47.11
CA ILE N 62 20.17 48.03 46.40
C ILE N 62 19.18 48.53 45.36
N GLU N 63 18.95 49.83 45.35
CA GLU N 63 18.06 50.45 44.38
C GLU N 63 18.61 50.27 42.97
N MET N 64 17.93 49.49 42.14
CA MET N 64 18.31 49.39 40.74
C MET N 64 17.95 50.68 40.02
N MET N 65 18.71 50.98 38.96
CA MET N 65 18.56 52.26 38.27
C MET N 65 17.26 52.21 37.45
N ASP N 66 16.15 52.49 38.13
CA ASP N 66 14.90 52.78 37.46
C ASP N 66 15.02 54.07 36.68
N THR N 67 14.30 54.13 35.55
CA THR N 67 14.37 55.32 34.71
C THR N 67 13.94 56.57 35.47
N ASN N 68 13.02 56.42 36.43
CA ASN N 68 12.52 57.54 37.20
C ASN N 68 12.57 57.19 38.69
N PRO N 69 13.03 58.09 39.55
CA PRO N 69 12.99 57.81 40.99
C PRO N 69 11.59 57.62 41.54
N GLU N 70 10.56 58.10 40.85
CA GLU N 70 9.23 58.20 41.42
C GLU N 70 8.37 56.96 41.23
N PHE N 71 8.75 56.05 40.34
CA PHE N 71 7.96 54.83 40.16
C PHE N 71 8.85 53.67 39.78
N ARG N 72 8.37 52.47 40.09
CA ARG N 72 9.07 51.22 39.81
C ARG N 72 8.86 50.80 38.37
N ASP N 73 9.94 50.59 37.64
CA ASP N 73 9.85 50.17 36.25
C ASP N 73 9.35 48.73 36.16
N LYS N 74 8.61 48.44 35.08
CA LYS N 74 8.10 47.10 34.80
C LYS N 74 9.17 46.33 34.02
N ARG N 75 10.19 45.87 34.75
CA ARG N 75 11.28 45.15 34.13
C ARG N 75 10.84 43.78 33.62
N SER N 76 11.33 43.42 32.45
CA SER N 76 11.21 42.06 31.94
C SER N 76 11.88 41.05 32.86
N TYR N 77 11.40 39.81 32.79
CA TYR N 77 11.88 38.71 33.63
C TYR N 77 13.40 38.67 33.73
N MET N 78 14.09 38.78 32.59
CA MET N 78 15.54 38.76 32.56
C MET N 78 16.16 40.14 32.74
N LYS N 79 15.34 41.18 32.95
CA LYS N 79 15.77 42.57 32.99
C LYS N 79 16.42 43.01 31.67
N ASN N 80 16.21 42.25 30.60
CA ASN N 80 16.66 42.69 29.28
C ASN N 80 15.89 43.91 28.78
N GLU N 81 14.72 44.18 29.35
CA GLU N 81 13.83 45.23 28.88
C GLU N 81 13.14 45.89 30.06
N HIS N 82 12.91 47.19 29.94
CA HIS N 82 12.30 48.00 30.99
C HIS N 82 10.93 48.54 30.60
N ASN N 83 10.50 48.34 29.36
CA ASN N 83 9.26 48.92 28.85
C ASN N 83 8.39 47.78 28.33
N LEU N 84 8.30 46.72 29.16
CA LEU N 84 7.73 45.45 28.73
C LEU N 84 6.33 45.63 28.17
N HIS N 85 5.52 46.49 28.81
CA HIS N 85 4.14 46.62 28.39
C HIS N 85 4.00 47.24 27.02
N ASP N 86 4.95 48.08 26.60
CA ASP N 86 4.95 48.54 25.21
C ASP N 86 5.35 47.45 24.24
N VAL N 87 6.08 46.43 24.70
CA VAL N 87 6.29 45.24 23.88
C VAL N 87 4.99 44.47 23.75
N LEU N 88 4.35 44.16 24.88
CA LEU N 88 3.14 43.36 24.86
C LEU N 88 2.02 44.03 24.07
N LYS N 89 1.93 45.36 24.13
CA LYS N 89 0.92 46.10 23.37
C LYS N 89 0.94 45.76 21.89
N LYS N 90 2.11 45.42 21.34
CA LYS N 90 2.18 45.07 19.93
C LYS N 90 1.49 43.76 19.60
N PHE N 91 1.25 42.91 20.59
CA PHE N 91 0.57 41.63 20.37
C PHE N 91 -0.93 41.70 20.58
N GLY N 92 -1.47 42.82 21.07
CA GLY N 92 -2.87 42.91 21.40
C GLY N 92 -3.80 42.69 20.21
N ASN N 93 -3.29 42.75 18.98
CA ASN N 93 -4.03 42.42 17.78
C ASN N 93 -3.77 41.01 17.27
N ASN N 94 -3.05 40.19 18.03
CA ASN N 94 -2.78 38.82 17.59
C ASN N 94 -4.10 38.06 17.45
N PRO N 95 -4.35 37.37 16.33
CA PRO N 95 -5.64 36.67 16.18
C PRO N 95 -5.89 35.56 17.18
N ILE N 96 -4.88 34.76 17.53
CA ILE N 96 -5.09 33.69 18.52
C ILE N 96 -5.41 34.26 19.89
N LEU N 97 -4.60 35.22 20.34
CA LEU N 97 -4.83 35.82 21.65
C LEU N 97 -6.19 36.50 21.70
N ASN N 98 -6.59 37.15 20.61
CA ASN N 98 -7.91 37.77 20.60
C ASN N 98 -9.04 36.76 20.53
N ALA N 99 -8.84 35.63 19.84
CA ALA N 99 -9.86 34.58 19.88
C ALA N 99 -10.06 34.07 21.30
N ILE N 100 -8.97 33.92 22.05
CA ILE N 100 -9.08 33.48 23.44
C ILE N 100 -9.78 34.55 24.27
N ILE N 101 -9.34 35.80 24.15
CA ILE N 101 -9.92 36.87 24.95
C ILE N 101 -11.41 37.00 24.67
N LEU N 102 -11.82 36.90 23.41
CA LEU N 102 -13.22 37.05 23.07
C LEU N 102 -14.06 35.87 23.56
N THR N 103 -13.56 34.63 23.42
CA THR N 103 -14.37 33.52 23.92
C THR N 103 -14.52 33.58 25.44
N ARG N 104 -13.45 33.93 26.15
CA ARG N 104 -13.56 34.01 27.61
C ARG N 104 -14.49 35.14 28.04
N SER N 105 -14.34 36.32 27.43
CA SER N 105 -15.16 37.44 27.87
C SER N 105 -16.61 37.28 27.46
N ASN N 106 -16.89 36.59 26.34
CA ASN N 106 -18.27 36.23 26.03
C ASN N 106 -18.84 35.26 27.04
N GLN N 107 -18.08 34.26 27.47
CA GLN N 107 -18.60 33.36 28.49
C GLN N 107 -18.90 34.10 29.78
N VAL N 108 -17.94 34.93 30.23
CA VAL N 108 -18.11 35.68 31.47
C VAL N 108 -19.33 36.61 31.39
N ALA N 109 -19.54 37.27 30.25
CA ALA N 109 -20.61 38.24 30.14
C ALA N 109 -21.98 37.68 30.49
N MET N 110 -22.19 36.38 30.34
CA MET N 110 -23.49 35.81 30.67
C MET N 110 -23.81 35.92 32.16
N TYR N 111 -22.79 35.93 33.01
CA TYR N 111 -22.98 36.00 34.45
C TYR N 111 -23.22 37.41 34.98
N CYS N 112 -22.99 38.44 34.15
CA CYS N 112 -22.99 39.81 34.64
C CYS N 112 -24.34 40.26 35.21
N GLN N 113 -25.45 39.79 34.68
CA GLN N 113 -26.74 40.20 35.23
C GLN N 113 -26.99 39.57 36.60
N PRO N 114 -27.79 40.24 37.45
CA PRO N 114 -28.19 39.63 38.73
C PRO N 114 -29.00 38.36 38.53
N ALA N 115 -28.67 37.34 39.32
CA ALA N 115 -29.48 36.12 39.36
C ALA N 115 -30.88 36.40 39.87
N ARG N 116 -31.01 37.30 40.84
CA ARG N 116 -32.30 37.69 41.43
C ARG N 116 -33.41 37.88 40.39
N TYR N 117 -33.10 38.56 39.30
CA TYR N 117 -34.08 38.87 38.27
C TYR N 117 -34.14 37.85 37.15
N SER N 118 -33.27 36.83 37.20
CA SER N 118 -33.12 35.85 36.12
C SER N 118 -33.79 34.57 36.59
N GLU N 119 -34.92 34.23 35.97
CA GLU N 119 -35.77 33.17 36.50
C GLU N 119 -35.07 31.83 36.51
N LYS N 120 -34.11 31.62 35.61
CA LYS N 120 -33.29 30.41 35.66
C LYS N 120 -32.26 30.45 36.79
N GLY N 121 -32.17 31.55 37.54
CA GLY N 121 -31.23 31.67 38.62
C GLY N 121 -29.79 31.92 38.22
N LEU N 122 -29.50 31.98 36.93
CA LEU N 122 -28.12 32.19 36.48
C LEU N 122 -27.77 33.67 36.52
N GLY N 123 -26.63 33.99 37.09
CA GLY N 123 -26.17 35.36 37.19
C GLY N 123 -25.21 35.52 38.37
N PHE N 124 -25.29 36.70 38.99
CA PHE N 124 -24.63 36.97 40.26
C PHE N 124 -25.66 37.33 41.32
N GLU N 125 -25.24 37.22 42.58
CA GLU N 125 -26.03 37.71 43.71
C GLU N 125 -25.11 38.31 44.76
N VAL N 126 -25.65 39.29 45.49
CA VAL N 126 -25.06 39.77 46.73
C VAL N 126 -25.81 39.13 47.90
N ARG N 127 -25.06 38.56 48.83
CA ARG N 127 -25.59 37.65 49.82
C ARG N 127 -25.00 37.98 51.19
N LEU N 128 -25.72 37.61 52.25
CA LEU N 128 -25.13 37.55 53.58
C LEU N 128 -24.05 36.47 53.65
N ARG N 129 -23.05 36.74 54.48
CA ARG N 129 -21.95 35.81 54.67
C ARG N 129 -22.43 34.48 55.26
N ASP N 130 -23.03 34.54 56.44
CA ASP N 130 -23.53 33.32 57.07
C ASP N 130 -24.70 32.75 56.28
N LEU N 131 -24.63 31.47 55.95
CA LEU N 131 -25.76 30.76 55.38
C LEU N 131 -26.89 30.58 56.38
N ASP N 132 -26.59 30.63 57.68
CA ASP N 132 -27.61 30.40 58.70
C ASP N 132 -28.46 31.62 59.00
N ALA N 133 -28.01 32.81 58.61
CA ALA N 133 -28.75 34.03 58.94
C ALA N 133 -29.98 34.16 58.05
N GLU N 134 -31.01 34.80 58.61
CA GLU N 134 -32.16 35.27 57.83
C GLU N 134 -32.10 36.78 57.71
N PRO N 135 -32.13 37.35 56.52
CA PRO N 135 -31.84 38.79 56.40
C PRO N 135 -32.96 39.64 56.97
N GLY N 136 -32.56 40.72 57.64
CA GLY N 136 -33.50 41.67 58.18
C GLY N 136 -34.14 42.52 57.09
N ARG N 137 -35.18 43.26 57.51
CA ARG N 137 -35.95 44.07 56.56
C ARG N 137 -35.06 45.07 55.83
N LYS N 138 -34.13 45.68 56.56
CA LYS N 138 -33.22 46.65 55.95
C LYS N 138 -32.09 45.97 55.19
N GLU N 139 -31.66 44.79 55.64
CA GLU N 139 -30.59 44.09 54.96
C GLU N 139 -30.99 43.65 53.56
N LYS N 140 -32.22 43.16 53.39
CA LYS N 140 -32.67 42.78 52.05
C LYS N 140 -32.64 43.96 51.09
N GLU N 141 -33.01 45.14 51.58
CA GLU N 141 -32.99 46.32 50.73
C GLU N 141 -31.56 46.78 50.46
N GLU N 142 -30.68 46.68 51.45
CA GLU N 142 -29.30 47.04 51.22
C GLU N 142 -28.66 46.11 50.18
N MET N 143 -28.93 44.82 50.27
CA MET N 143 -28.42 43.88 49.27
C MET N 143 -28.96 44.19 47.88
N LYS N 144 -30.26 44.51 47.77
CA LYS N 144 -30.79 44.89 46.46
C LYS N 144 -30.14 46.16 45.95
N ARG N 145 -29.90 47.12 46.84
CA ARG N 145 -29.25 48.36 46.44
C ARG N 145 -27.82 48.10 45.94
N ILE N 146 -27.08 47.24 46.64
CA ILE N 146 -25.72 46.94 46.21
C ILE N 146 -25.72 46.23 44.86
N GLU N 147 -26.63 45.27 44.66
CA GLU N 147 -26.78 44.66 43.35
C GLU N 147 -27.04 45.69 42.26
N ASP N 148 -28.03 46.56 42.47
CA ASP N 148 -28.33 47.60 41.50
C ASP N 148 -27.12 48.50 41.24
N PHE N 149 -26.44 48.93 42.30
CA PHE N 149 -25.21 49.71 42.16
C PHE N 149 -24.19 49.02 41.28
N ILE N 150 -23.95 47.74 41.51
CA ILE N 150 -23.00 46.99 40.70
C ILE N 150 -23.44 46.97 39.24
N VAL N 151 -24.69 46.57 39.00
CA VAL N 151 -25.24 46.56 37.63
C VAL N 151 -24.98 47.90 36.95
N ASN N 152 -25.39 49.00 37.59
CA ASN N 152 -25.18 50.32 37.03
C ASN N 152 -23.73 50.78 37.11
N THR N 153 -22.86 50.05 37.82
CA THR N 153 -21.46 50.40 37.99
C THR N 153 -21.33 51.74 38.74
N GLY N 154 -22.37 52.11 39.48
CA GLY N 154 -22.41 53.42 40.11
C GLY N 154 -23.79 53.70 40.64
N LYS N 155 -23.87 54.79 41.40
CA LYS N 155 -25.09 55.07 42.15
C LYS N 155 -26.26 55.38 41.22
N ASP N 156 -26.09 56.38 40.35
CA ASP N 156 -27.11 56.72 39.36
C ASP N 156 -26.96 55.90 38.08
N LYS N 157 -28.07 55.78 37.36
CA LYS N 157 -28.03 55.30 35.98
C LYS N 157 -27.45 56.38 35.08
N ASP N 158 -26.55 55.98 34.19
CA ASP N 158 -25.95 56.90 33.23
C ASP N 158 -25.51 56.09 32.02
N VAL N 159 -26.20 56.31 30.90
CA VAL N 159 -25.88 55.62 29.65
C VAL N 159 -24.46 55.88 29.19
N ASP N 160 -23.84 56.98 29.63
CA ASP N 160 -22.46 57.25 29.25
C ASP N 160 -21.45 56.41 30.00
N ARG N 161 -21.84 55.80 31.12
CA ARG N 161 -20.93 54.95 31.87
C ARG N 161 -21.01 53.52 31.36
N ASP N 162 -19.86 52.83 31.42
CA ASP N 162 -19.83 51.40 31.20
C ASP N 162 -20.86 50.69 32.07
N SER N 163 -21.55 49.72 31.48
CA SER N 163 -22.22 48.70 32.27
C SER N 163 -21.20 47.74 32.87
N PHE N 164 -21.66 46.95 33.85
CA PHE N 164 -20.84 45.90 34.41
C PHE N 164 -20.33 44.93 33.36
N GLN N 165 -21.14 44.63 32.34
CA GLN N 165 -20.68 43.77 31.25
C GLN N 165 -19.45 44.35 30.57
N THR N 166 -19.50 45.63 30.21
CA THR N 166 -18.34 46.25 29.56
C THR N 166 -17.13 46.26 30.49
N PHE N 167 -17.36 46.51 31.77
CA PHE N 167 -16.26 46.47 32.75
C PHE N 167 -15.61 45.10 32.79
N CYS N 168 -16.41 44.05 32.87
CA CYS N 168 -15.85 42.70 32.93
C CYS N 168 -15.08 42.36 31.65
N LYS N 169 -15.65 42.67 30.49
CA LYS N 169 -14.93 42.44 29.24
C LYS N 169 -13.59 43.17 29.22
N LYS N 170 -13.58 44.42 29.68
CA LYS N 170 -12.34 45.17 29.79
C LYS N 170 -11.32 44.46 30.66
N ILE N 171 -11.69 44.14 31.90
CA ILE N 171 -10.69 43.58 32.81
C ILE N 171 -10.25 42.19 32.37
N VAL N 172 -11.10 41.44 31.67
CA VAL N 172 -10.65 40.16 31.10
C VAL N 172 -9.57 40.40 30.05
N ARG N 173 -9.83 41.35 29.14
CA ARG N 173 -8.79 41.70 28.17
C ARG N 173 -7.50 42.11 28.87
N ASP N 174 -7.60 42.91 29.91
CA ASP N 174 -6.40 43.36 30.63
C ASP N 174 -5.68 42.21 31.30
N THR N 175 -6.40 41.28 31.93
CA THR N 175 -5.75 40.12 32.52
C THR N 175 -4.98 39.32 31.48
N TYR N 176 -5.58 39.08 30.32
CA TYR N 176 -4.93 38.19 29.37
C TYR N 176 -3.89 38.87 28.49
N ILE N 177 -3.87 40.21 28.41
CA ILE N 177 -2.75 40.88 27.74
C ILE N 177 -1.65 41.17 28.75
N TYR N 178 -1.97 41.90 29.82
CA TYR N 178 -0.97 42.45 30.71
C TYR N 178 -0.76 41.64 31.97
N ASP N 179 -1.71 40.79 32.35
CA ASP N 179 -1.84 40.30 33.72
C ASP N 179 -1.76 41.45 34.72
N GLN N 180 -2.53 42.50 34.47
CA GLN N 180 -2.68 43.57 35.44
C GLN N 180 -4.04 44.23 35.20
N VAL N 181 -4.89 44.23 36.22
CA VAL N 181 -6.17 44.93 36.18
C VAL N 181 -6.12 46.07 37.18
N ASN N 182 -6.56 47.25 36.75
CA ASN N 182 -6.74 48.39 37.64
C ASN N 182 -8.09 49.04 37.37
N PHE N 183 -8.79 49.41 38.44
CA PHE N 183 -9.94 50.29 38.34
C PHE N 183 -9.89 51.27 39.49
N GLU N 184 -10.20 52.53 39.19
CA GLU N 184 -10.28 53.57 40.21
C GLU N 184 -11.64 53.57 40.89
N LYS N 185 -11.62 53.79 42.20
CA LYS N 185 -12.82 54.00 43.01
C LYS N 185 -12.95 55.49 43.27
N VAL N 186 -14.07 56.08 42.84
CA VAL N 186 -14.32 57.51 43.01
C VAL N 186 -15.33 57.70 44.14
N PHE N 187 -14.92 58.42 45.17
CA PHE N 187 -15.77 58.75 46.31
C PHE N 187 -16.45 60.09 46.08
N ASN N 188 -17.61 60.25 46.72
CA ASN N 188 -18.31 61.53 46.70
C ASN N 188 -17.39 62.66 47.15
N LYS N 189 -17.45 63.77 46.43
CA LYS N 189 -16.58 64.91 46.73
C LYS N 189 -16.95 65.54 48.07
N ASN N 190 -18.24 65.60 48.39
CA ASN N 190 -18.66 66.19 49.66
C ASN N 190 -18.39 65.25 50.83
N ASN N 191 -18.54 63.94 50.62
CA ASN N 191 -18.35 62.94 51.68
C ASN N 191 -17.39 61.89 51.15
N LYS N 192 -16.14 61.96 51.60
CA LYS N 192 -15.12 61.04 51.11
C LYS N 192 -15.39 59.59 51.51
N THR N 193 -16.26 59.36 52.48
CA THR N 193 -16.57 58.00 52.92
C THR N 193 -17.55 57.29 52.01
N LYS N 194 -18.24 58.00 51.12
CA LYS N 194 -19.29 57.42 50.30
C LYS N 194 -18.76 57.13 48.90
N LEU N 195 -18.77 55.84 48.53
CA LEU N 195 -18.39 55.44 47.19
C LEU N 195 -19.49 55.81 46.18
N GLU N 196 -19.09 56.38 45.05
CA GLU N 196 -20.01 56.73 43.98
C GLU N 196 -19.83 55.92 42.71
N LYS N 197 -18.58 55.67 42.30
CA LYS N 197 -18.31 55.00 41.04
C LYS N 197 -17.07 54.13 41.19
N PHE N 198 -16.97 53.13 40.33
CA PHE N 198 -15.70 52.48 40.02
C PHE N 198 -15.55 52.37 38.51
N ILE N 199 -14.37 52.70 38.01
CA ILE N 199 -14.08 52.78 36.58
C ILE N 199 -12.78 52.07 36.30
N ALA N 200 -12.76 51.23 35.26
CA ALA N 200 -11.54 50.57 34.82
C ALA N 200 -10.55 51.55 34.21
N VAL N 201 -9.27 51.33 34.49
CA VAL N 201 -8.19 52.22 34.09
C VAL N 201 -7.19 51.43 33.26
N ASP N 202 -6.56 52.10 32.30
CA ASP N 202 -5.59 51.51 31.39
C ASP N 202 -4.39 50.96 32.17
N PRO N 203 -4.22 49.64 32.28
CA PRO N 203 -3.13 49.13 33.13
C PRO N 203 -1.74 49.54 32.68
N SER N 204 -1.52 49.81 31.39
CA SER N 204 -0.21 50.22 30.92
C SER N 204 0.22 51.57 31.48
N THR N 205 -0.69 52.34 32.08
CA THR N 205 -0.37 53.65 32.64
C THR N 205 -0.13 53.62 34.15
N ILE N 206 -0.35 52.49 34.81
CA ILE N 206 -0.33 52.43 36.26
C ILE N 206 0.98 51.79 36.71
N PHE N 207 1.67 52.44 37.64
CA PHE N 207 2.95 52.00 38.17
C PHE N 207 2.94 52.13 39.69
N TYR N 208 3.75 51.31 40.34
CA TYR N 208 4.01 51.49 41.76
C TYR N 208 4.81 52.74 42.01
N ALA N 209 4.36 53.55 42.97
CA ALA N 209 5.10 54.74 43.39
C ALA N 209 6.22 54.35 44.34
N THR N 210 7.36 55.03 44.20
CA THR N 210 8.56 54.71 44.97
C THR N 210 9.02 55.94 45.74
N ASP N 211 9.38 55.72 47.00
CA ASP N 211 9.99 56.74 47.82
C ASP N 211 11.34 57.19 47.24
N LYS N 212 11.78 58.37 47.68
CA LYS N 212 13.11 58.84 47.30
C LYS N 212 14.19 57.85 47.67
N LYS N 213 13.98 57.09 48.75
CA LYS N 213 14.87 55.99 49.13
C LYS N 213 14.66 54.73 48.29
N GLY N 214 13.95 54.83 47.17
CA GLY N 214 13.73 53.70 46.30
C GLY N 214 12.79 52.64 46.83
N LYS N 215 12.22 52.84 48.01
CA LYS N 215 11.27 51.91 48.59
C LYS N 215 9.88 52.23 48.07
N ILE N 216 9.09 51.20 47.83
CA ILE N 216 7.70 51.41 47.43
C ILE N 216 6.93 52.04 48.57
N ILE N 217 6.15 53.07 48.26
CA ILE N 217 5.39 53.79 49.27
C ILE N 217 4.26 52.93 49.79
N LYS N 218 4.08 52.92 51.11
CA LYS N 218 2.89 52.34 51.73
C LYS N 218 2.25 53.39 52.62
N GLY N 219 0.92 53.37 52.68
CA GLY N 219 0.18 54.33 53.48
C GLY N 219 -0.05 55.66 52.80
N GLY N 220 0.89 56.10 51.98
CA GLY N 220 0.69 57.28 51.15
C GLY N 220 0.07 57.00 49.80
N LYS N 221 0.53 57.75 48.79
CA LYS N 221 0.10 57.56 47.40
C LYS N 221 0.82 56.36 46.81
N ARG N 222 0.27 55.17 47.10
CA ARG N 222 0.94 53.94 46.70
C ARG N 222 1.06 53.82 45.18
N PHE N 223 0.15 54.43 44.42
CA PHE N 223 0.10 54.27 42.98
C PHE N 223 0.17 55.63 42.29
N VAL N 224 0.79 55.64 41.11
CA VAL N 224 0.80 56.79 40.23
C VAL N 224 0.34 56.35 38.85
N GLN N 225 -0.30 57.27 38.12
CA GLN N 225 -0.54 57.10 36.69
C GLN N 225 0.51 57.89 35.94
N VAL N 226 1.19 57.21 35.01
CA VAL N 226 2.30 57.79 34.25
C VAL N 226 1.92 57.80 32.78
N VAL N 227 2.01 58.97 32.16
CA VAL N 227 1.78 59.13 30.74
C VAL N 227 2.93 59.96 30.17
N ASP N 228 3.48 59.51 29.05
CA ASP N 228 4.66 60.13 28.46
C ASP N 228 5.80 60.29 29.45
N LYS N 229 5.93 59.32 30.37
CA LYS N 229 6.95 59.35 31.42
C LYS N 229 6.88 60.63 32.27
N ARG N 230 5.68 61.16 32.47
CA ARG N 230 5.42 62.10 33.55
C ARG N 230 4.18 61.68 34.31
N VAL N 231 4.17 61.94 35.61
CA VAL N 231 3.03 61.61 36.46
C VAL N 231 1.89 62.57 36.17
N VAL N 232 0.76 62.01 35.73
CA VAL N 232 -0.44 62.80 35.46
C VAL N 232 -1.48 62.66 36.57
N ALA N 233 -1.35 61.66 37.43
CA ALA N 233 -2.28 61.46 38.54
C ALA N 233 -1.59 60.62 39.60
N SER N 234 -2.19 60.59 40.79
CA SER N 234 -1.72 59.74 41.87
C SER N 234 -2.90 59.20 42.64
N PHE N 235 -2.67 58.09 43.35
CA PHE N 235 -3.76 57.35 43.99
C PHE N 235 -3.26 56.76 45.30
N THR N 236 -4.16 56.65 46.27
CA THR N 236 -3.89 55.81 47.42
C THR N 236 -4.29 54.36 47.14
N SER N 237 -3.84 53.46 48.01
CA SER N 237 -4.33 52.08 47.98
C SER N 237 -5.85 52.01 48.10
N ARG N 238 -6.46 52.98 48.78
CA ARG N 238 -7.91 53.02 48.90
C ARG N 238 -8.59 53.32 47.57
N GLU N 239 -7.97 54.13 46.72
CA GLU N 239 -8.62 54.64 45.52
C GLU N 239 -8.43 53.79 44.29
N LEU N 240 -7.40 52.94 44.25
CA LEU N 240 -7.14 52.12 43.06
C LEU N 240 -6.86 50.69 43.46
N ALA N 241 -7.57 49.76 42.82
CA ALA N 241 -7.25 48.34 42.91
C ALA N 241 -6.14 47.97 41.94
N MET N 242 -5.35 46.98 42.33
CA MET N 242 -4.52 46.22 41.40
C MET N 242 -4.77 44.74 41.61
N GLY N 243 -4.98 44.01 40.52
CA GLY N 243 -5.19 42.57 40.58
C GLY N 243 -4.17 41.86 39.71
N ILE N 244 -3.60 40.77 40.24
CA ILE N 244 -2.57 40.00 39.56
C ILE N 244 -2.90 38.53 39.71
N ARG N 245 -2.82 37.78 38.61
CA ARG N 245 -3.12 36.36 38.62
C ARG N 245 -1.88 35.50 38.86
N ASN N 246 -0.72 35.93 38.38
CA ASN N 246 0.51 35.14 38.40
C ASN N 246 1.54 35.82 39.28
N PRO N 247 1.33 35.81 40.60
CA PRO N 247 2.25 36.52 41.50
C PRO N 247 3.60 35.81 41.59
N ARG N 248 4.60 36.54 42.06
CA ARG N 248 5.93 36.00 42.24
C ARG N 248 6.50 36.48 43.56
N THR N 249 7.26 35.61 44.22
CA THR N 249 8.06 36.04 45.37
C THR N 249 9.37 36.70 44.95
N GLU N 250 9.83 36.43 43.74
CA GLU N 250 11.08 36.95 43.19
C GLU N 250 11.24 38.43 43.49
N LEU N 251 12.34 38.77 44.17
CA LEU N 251 12.55 40.14 44.63
C LEU N 251 12.45 41.12 43.46
N SER N 252 13.10 40.80 42.34
CA SER N 252 13.11 41.72 41.21
C SER N 252 11.77 41.76 40.49
N SER N 253 10.84 40.83 40.77
CA SER N 253 9.51 40.96 40.21
C SER N 253 8.78 42.19 40.72
N SER N 254 9.22 42.73 41.86
CA SER N 254 8.78 44.04 42.34
C SER N 254 7.26 44.12 42.49
N GLY N 255 6.60 42.99 42.72
CA GLY N 255 5.16 42.99 42.90
C GLY N 255 4.34 43.00 41.64
N TYR N 256 4.96 43.03 40.46
CA TYR N 256 4.21 42.99 39.22
C TYR N 256 3.85 41.55 38.84
N GLY N 257 2.91 41.44 37.92
CA GLY N 257 2.44 40.15 37.46
C GLY N 257 3.39 39.53 36.45
N LEU N 258 2.87 38.55 35.71
CA LEU N 258 3.67 37.85 34.71
C LEU N 258 2.73 37.44 33.58
N SER N 259 2.84 38.13 32.45
CA SER N 259 1.97 37.84 31.32
C SER N 259 2.39 36.57 30.60
N GLU N 260 1.40 35.75 30.23
CA GLU N 260 1.63 34.63 29.34
C GLU N 260 2.18 35.05 27.98
N VAL N 261 1.93 36.29 27.56
CA VAL N 261 2.52 36.78 26.31
C VAL N 261 4.05 36.85 26.43
N GLU N 262 4.55 37.23 27.60
CA GLU N 262 6.00 37.22 27.81
C GLU N 262 6.56 35.81 27.74
N ILE N 263 5.93 34.87 28.44
CA ILE N 263 6.43 33.50 28.46
C ILE N 263 6.37 32.90 27.06
N ALA N 264 5.25 33.07 26.38
CA ALA N 264 5.02 32.44 25.09
C ALA N 264 5.57 33.24 23.91
N MET N 265 6.33 34.31 24.17
CA MET N 265 6.66 35.26 23.12
C MET N 265 7.40 34.60 21.95
N LYS N 266 8.35 33.72 22.25
CA LYS N 266 9.03 32.98 21.20
C LYS N 266 8.05 32.22 20.33
N GLU N 267 7.07 31.54 20.95
CA GLU N 267 6.06 30.83 20.18
C GLU N 267 5.24 31.77 19.31
N PHE N 268 4.83 32.92 19.84
CA PHE N 268 4.07 33.86 19.02
C PHE N 268 4.88 34.36 17.83
N ILE N 269 6.18 34.64 18.04
CA ILE N 269 7.02 35.09 16.94
C ILE N 269 7.15 33.98 15.88
N ALA N 270 7.44 32.76 16.32
CA ALA N 270 7.52 31.64 15.40
C ALA N 270 6.22 31.46 14.61
N TYR N 271 5.09 31.54 15.30
CA TYR N 271 3.79 31.52 14.63
C TYR N 271 3.70 32.58 13.53
N ASN N 272 3.95 33.84 13.89
CA ASN N 272 3.92 34.93 12.92
C ASN N 272 4.81 34.63 11.73
N ASN N 273 6.03 34.15 11.98
CA ASN N 273 6.94 33.85 10.89
C ASN N 273 6.40 32.76 9.98
N THR N 274 5.85 31.68 10.55
CA THR N 274 5.33 30.61 9.71
C THR N 274 4.08 31.04 8.93
N GLU N 275 3.27 31.91 9.53
CA GLU N 275 2.12 32.45 8.81
C GLU N 275 2.56 33.30 7.62
N SER N 276 3.52 34.21 7.85
CA SER N 276 4.06 35.01 6.77
C SER N 276 4.69 34.14 5.69
N PHE N 277 5.44 33.11 6.10
CA PHE N 277 6.03 32.18 5.15
C PHE N 277 4.98 31.56 4.24
N ASN N 278 3.91 31.02 4.82
CA ASN N 278 2.90 30.38 3.99
C ASN N 278 2.16 31.39 3.12
N ASP N 279 1.92 32.60 3.63
CA ASP N 279 1.23 33.62 2.84
C ASP N 279 2.06 34.15 1.68
N ARG N 280 3.38 34.25 1.85
CA ARG N 280 4.23 34.88 0.84
C ARG N 280 4.31 34.10 -0.47
N PHE N 281 3.85 32.85 -0.53
CA PHE N 281 3.74 32.17 -1.81
C PHE N 281 2.94 33.00 -2.82
N PHE N 282 1.80 33.53 -2.41
CA PHE N 282 1.02 34.39 -3.30
C PHE N 282 1.56 35.82 -3.31
N SER N 283 1.77 36.39 -2.12
CA SER N 283 2.10 37.81 -2.03
C SER N 283 3.40 38.14 -2.75
N HIS N 284 4.40 37.26 -2.64
CA HIS N 284 5.75 37.57 -3.10
C HIS N 284 6.36 36.47 -3.94
N GLY N 285 5.75 35.29 -4.02
CA GLY N 285 6.43 34.15 -4.59
C GLY N 285 6.42 34.14 -6.10
N GLY N 286 7.28 33.27 -6.64
CA GLY N 286 7.10 32.77 -7.99
C GLY N 286 6.22 31.54 -8.02
N THR N 287 5.00 31.69 -8.52
CA THR N 287 4.11 30.55 -8.71
C THR N 287 4.38 29.81 -10.01
N THR N 288 5.33 30.28 -10.82
CA THR N 288 5.56 29.76 -12.16
C THR N 288 5.76 28.25 -12.15
N ARG N 289 4.91 27.54 -12.88
CA ARG N 289 4.95 26.09 -12.89
C ARG N 289 6.29 25.57 -13.38
N GLY N 290 6.83 26.18 -14.43
CA GLY N 290 8.00 25.62 -15.08
C GLY N 290 8.37 26.46 -16.29
N ILE N 291 9.47 26.05 -16.93
CA ILE N 291 9.98 26.72 -18.13
C ILE N 291 9.77 25.80 -19.32
N LEU N 292 9.18 26.34 -20.38
CA LEU N 292 9.10 25.66 -21.68
C LEU N 292 10.35 26.00 -22.47
N GLN N 293 11.30 25.06 -22.52
CA GLN N 293 12.49 25.22 -23.33
C GLN N 293 12.23 24.76 -24.76
N ILE N 294 12.29 25.70 -25.70
CA ILE N 294 12.34 25.41 -27.12
C ILE N 294 13.75 25.74 -27.58
N ARG N 295 14.33 24.88 -28.40
CA ARG N 295 15.73 25.04 -28.80
C ARG N 295 15.88 24.76 -30.28
N SER N 296 16.66 25.63 -30.94
CA SER N 296 17.01 25.46 -32.35
C SER N 296 18.38 26.09 -32.57
N ASP N 297 18.84 26.03 -33.81
CA ASP N 297 20.18 26.52 -34.15
C ASP N 297 20.45 27.93 -33.66
N GLN N 298 19.43 28.80 -33.63
CA GLN N 298 19.58 30.12 -33.03
C GLN N 298 18.24 30.56 -32.44
N GLN N 299 18.33 31.37 -31.39
CA GLN N 299 17.12 31.94 -30.78
C GLN N 299 16.37 32.81 -31.78
N GLN N 300 15.04 32.77 -31.69
CA GLN N 300 14.19 33.65 -32.48
C GLN N 300 14.40 35.11 -32.09
N SER N 301 14.28 35.99 -33.10
CA SER N 301 14.19 37.42 -32.85
C SER N 301 12.99 37.75 -31.95
N GLN N 302 13.05 38.94 -31.34
CA GLN N 302 11.96 39.38 -30.47
C GLN N 302 10.66 39.54 -31.23
N HIS N 303 10.70 40.05 -32.46
CA HIS N 303 9.49 40.17 -33.26
C HIS N 303 8.86 38.80 -33.50
N ALA N 304 9.67 37.86 -33.97
CA ALA N 304 9.19 36.50 -34.19
C ALA N 304 8.60 35.92 -32.92
N LEU N 305 9.27 36.11 -31.79
CA LEU N 305 8.80 35.55 -30.53
C LEU N 305 7.49 36.19 -30.07
N GLU N 306 7.32 37.49 -30.30
CA GLU N 306 6.07 38.14 -29.90
C GLU N 306 4.90 37.77 -30.80
N ASN N 307 5.14 37.54 -32.10
CA ASN N 307 4.02 37.05 -32.90
C ASN N 307 3.79 35.56 -32.70
N PHE N 308 4.79 34.82 -32.21
CA PHE N 308 4.53 33.47 -31.72
C PHE N 308 3.67 33.49 -30.46
N LYS N 309 3.93 34.44 -29.56
CA LYS N 309 3.03 34.65 -28.42
C LYS N 309 1.62 35.01 -28.87
N ARG N 310 1.49 35.75 -29.97
CA ARG N 310 0.15 36.07 -30.45
C ARG N 310 -0.55 34.85 -31.02
N GLU N 311 0.15 34.04 -31.82
CA GLU N 311 -0.42 32.77 -32.27
C GLU N 311 -0.84 31.91 -31.07
N TRP N 312 -0.01 31.88 -30.03
CA TRP N 312 -0.30 31.06 -28.86
C TRP N 312 -1.58 31.53 -28.18
N LYS N 313 -1.62 32.81 -27.79
CA LYS N 313 -2.79 33.26 -27.03
C LYS N 313 -4.05 33.22 -27.87
N SER N 314 -3.96 33.58 -29.16
CA SER N 314 -5.11 33.50 -30.04
C SER N 314 -5.57 32.08 -30.32
N SER N 315 -4.76 31.06 -30.03
CA SER N 315 -5.16 29.69 -30.33
C SER N 315 -5.44 28.82 -29.12
N LEU N 316 -4.89 29.14 -27.94
CA LEU N 316 -4.85 28.20 -26.83
C LEU N 316 -5.31 28.76 -25.50
N SER N 317 -5.52 30.07 -25.37
CA SER N 317 -5.79 30.65 -24.06
C SER N 317 -7.27 30.54 -23.69
N GLY N 318 -7.51 30.52 -22.38
CA GLY N 318 -8.82 30.52 -21.79
C GLY N 318 -9.64 29.27 -22.09
N ILE N 319 -10.95 29.42 -21.90
CA ILE N 319 -11.88 28.38 -22.28
C ILE N 319 -11.88 28.16 -23.78
N ASN N 320 -11.76 29.24 -24.56
CA ASN N 320 -11.87 29.13 -26.01
C ASN N 320 -10.83 28.19 -26.61
N GLY N 321 -9.60 28.24 -26.12
CA GLY N 321 -8.54 27.39 -26.60
C GLY N 321 -8.35 26.09 -25.84
N SER N 322 -9.22 25.79 -24.89
CA SER N 322 -8.84 24.99 -23.74
C SER N 322 -8.39 23.58 -24.10
N TRP N 323 -8.96 22.97 -25.14
CA TRP N 323 -8.63 21.59 -25.48
C TRP N 323 -7.82 21.45 -26.77
N GLN N 324 -7.41 22.55 -27.40
CA GLN N 324 -6.54 22.45 -28.56
C GLN N 324 -5.12 22.11 -28.14
N ILE N 325 -4.40 21.45 -29.03
CA ILE N 325 -3.00 21.09 -28.83
C ILE N 325 -2.18 21.83 -29.89
N PRO N 326 -1.13 22.57 -29.52
CA PRO N 326 -0.23 23.12 -30.55
C PRO N 326 0.65 22.06 -31.18
N VAL N 327 0.85 22.19 -32.49
CA VAL N 327 1.92 21.49 -33.20
C VAL N 327 3.08 22.46 -33.40
N VAL N 328 4.27 22.04 -33.01
CA VAL N 328 5.48 22.85 -33.14
C VAL N 328 6.58 21.95 -33.67
N MET N 329 7.41 22.49 -34.57
CA MET N 329 8.41 21.69 -35.29
C MET N 329 9.83 22.13 -34.97
N ALA N 330 10.04 22.68 -33.79
CA ALA N 330 11.39 22.99 -33.34
C ALA N 330 12.24 21.73 -33.31
N ASP N 331 13.57 21.95 -33.32
CA ASP N 331 14.50 20.82 -33.29
C ASP N 331 14.33 19.99 -32.02
N ASP N 332 14.19 20.64 -30.86
CA ASP N 332 13.84 19.92 -29.65
C ASP N 332 13.06 20.83 -28.71
N ILE N 333 12.15 20.21 -27.96
CA ILE N 333 11.28 20.91 -27.01
C ILE N 333 11.33 20.17 -25.68
N LYS N 334 11.52 20.93 -24.60
CA LYS N 334 11.61 20.37 -23.25
C LYS N 334 10.87 21.30 -22.31
N PHE N 335 10.27 20.72 -21.28
CA PHE N 335 9.61 21.48 -20.21
C PHE N 335 10.23 21.12 -18.87
N VAL N 336 10.74 22.14 -18.18
CA VAL N 336 11.43 21.97 -16.90
C VAL N 336 10.46 22.33 -15.80
N ASN N 337 10.21 21.37 -14.90
CA ASN N 337 9.30 21.58 -13.78
C ASN N 337 10.03 22.27 -12.65
N MET N 338 9.52 23.43 -12.23
CA MET N 338 10.14 24.22 -11.17
C MET N 338 9.38 24.21 -9.85
N THR N 339 8.14 23.76 -9.84
CA THR N 339 7.37 23.65 -8.60
C THR N 339 6.70 22.29 -8.52
N PRO N 340 6.26 21.89 -7.33
CA PRO N 340 5.43 20.69 -7.22
C PRO N 340 4.14 20.86 -8.00
N THR N 341 3.66 19.75 -8.56
CA THR N 341 2.40 19.77 -9.29
C THR N 341 1.23 20.15 -8.39
N ALA N 342 1.33 19.90 -7.09
CA ALA N 342 0.25 20.17 -6.14
C ALA N 342 0.81 20.88 -4.92
N ASN N 343 0.60 22.19 -4.86
CA ASN N 343 1.04 23.00 -3.74
C ASN N 343 0.01 22.97 -2.62
N ASP N 344 0.50 22.97 -1.38
CA ASP N 344 -0.36 23.20 -0.23
C ASP N 344 0.46 23.86 0.88
N MET N 345 -0.25 24.26 1.94
CA MET N 345 0.40 24.87 3.09
C MET N 345 1.50 23.98 3.63
N GLN N 346 2.49 24.60 4.25
CA GLN N 346 3.61 23.89 4.85
C GLN N 346 3.68 24.21 6.35
N PHE N 347 4.34 23.32 7.09
CA PHE N 347 4.56 23.49 8.53
C PHE N 347 3.27 23.47 9.32
N GLU N 348 2.28 22.70 8.85
CA GLU N 348 1.02 22.58 9.59
C GLU N 348 1.25 21.99 10.97
N LYS N 349 2.07 20.94 11.05
CA LYS N 349 2.36 20.34 12.34
C LYS N 349 3.03 21.34 13.27
N TRP N 350 4.01 22.07 12.77
CA TRP N 350 4.67 23.11 13.55
C TRP N 350 3.66 24.10 14.14
N LEU N 351 2.76 24.61 13.30
CA LEU N 351 1.69 25.48 13.77
C LEU N 351 0.87 24.83 14.87
N ASN N 352 0.41 23.59 14.64
CA ASN N 352 -0.42 22.91 15.63
C ASN N 352 0.31 22.80 16.96
N TYR N 353 1.56 22.36 16.92
CA TYR N 353 2.39 22.26 18.12
C TYR N 353 2.47 23.59 18.87
N LEU N 354 2.87 24.66 18.18
CA LEU N 354 2.92 25.99 18.79
C LEU N 354 1.60 26.37 19.46
N ILE N 355 0.49 26.24 18.73
CA ILE N 355 -0.80 26.65 19.29
C ILE N 355 -1.19 25.75 20.44
N ASN N 356 -0.82 24.47 20.39
CA ASN N 356 -1.09 23.59 21.51
C ASN N 356 -0.38 24.08 22.77
N ILE N 357 0.89 24.47 22.64
CA ILE N 357 1.59 25.04 23.78
C ILE N 357 0.88 26.28 24.31
N ILE N 358 0.57 27.23 23.41
CA ILE N 358 -0.05 28.48 23.85
C ILE N 358 -1.38 28.20 24.56
N SER N 359 -2.17 27.28 24.00
CA SER N 359 -3.43 26.90 24.63
C SER N 359 -3.19 26.27 26.00
N ALA N 360 -2.18 25.43 26.12
CA ALA N 360 -1.90 24.81 27.42
C ALA N 360 -1.51 25.86 28.45
N LEU N 361 -0.76 26.88 28.03
CA LEU N 361 -0.43 27.96 28.96
C LEU N 361 -1.67 28.73 29.38
N TYR N 362 -2.53 29.08 28.41
CA TYR N 362 -3.73 29.82 28.75
C TYR N 362 -4.79 28.98 29.43
N GLY N 363 -4.68 27.66 29.37
CA GLY N 363 -5.70 26.80 29.92
C GLY N 363 -6.96 26.80 29.08
N ILE N 364 -6.83 26.43 27.81
CA ILE N 364 -7.94 26.36 26.88
C ILE N 364 -7.73 25.14 25.99
N ASP N 365 -8.83 24.54 25.54
CA ASP N 365 -8.73 23.47 24.57
C ASP N 365 -8.44 24.06 23.19
N PRO N 366 -7.37 23.65 22.50
CA PRO N 366 -7.21 24.03 21.09
C PRO N 366 -8.44 23.78 20.23
N ALA N 367 -9.17 22.69 20.48
CA ALA N 367 -10.37 22.43 19.70
C ALA N 367 -11.47 23.42 20.00
N GLU N 368 -11.42 24.09 21.15
CA GLU N 368 -12.33 25.20 21.39
C GLU N 368 -12.08 26.33 20.41
N ILE N 369 -10.86 26.48 19.91
CA ILE N 369 -10.47 27.58 19.04
C ILE N 369 -10.11 27.06 17.64
N GLY N 370 -10.54 25.86 17.29
CA GLY N 370 -10.37 25.35 15.95
C GLY N 370 -9.02 24.75 15.63
N PHE N 371 -8.36 24.11 16.60
CA PHE N 371 -7.15 23.35 16.35
C PHE N 371 -7.28 21.95 16.94
N PRO N 372 -6.59 20.97 16.39
CA PRO N 372 -6.46 19.69 17.10
C PRO N 372 -5.68 19.88 18.39
N ASN N 373 -6.19 19.29 19.48
CA ASN N 373 -5.44 19.19 20.72
C ASN N 373 -4.58 17.93 20.66
N ARG N 374 -3.28 18.13 20.51
CA ARG N 374 -2.35 17.02 20.33
C ARG N 374 -2.40 16.07 21.51
N GLY N 375 -2.65 14.79 21.23
CA GLY N 375 -2.92 13.82 22.26
C GLY N 375 -4.30 13.89 22.88
N GLY N 376 -4.71 15.08 23.34
CA GLY N 376 -5.99 15.24 23.98
C GLY N 376 -7.18 14.85 23.10
N ALA N 377 -6.99 14.80 21.78
CA ALA N 377 -8.07 14.40 20.90
C ALA N 377 -8.52 12.96 21.18
N THR N 378 -7.62 12.12 21.68
CA THR N 378 -7.97 10.76 22.06
C THR N 378 -8.67 10.76 23.42
N GLY N 379 -9.85 10.14 23.47
CA GLY N 379 -10.63 10.06 24.69
C GLY N 379 -11.40 11.33 25.03
N SER N 380 -11.05 11.95 26.15
CA SER N 380 -11.79 13.13 26.65
C SER N 380 -13.25 12.79 26.96
N LYS N 381 -13.53 11.52 27.27
CA LYS N 381 -14.87 11.12 27.68
C LYS N 381 -15.18 11.60 29.10
N GLY N 382 -16.47 11.58 29.42
CA GLY N 382 -16.93 11.98 30.73
C GLY N 382 -18.39 11.61 30.91
N GLY N 383 -18.98 12.15 31.98
CA GLY N 383 -20.38 11.86 32.26
C GLY N 383 -20.85 12.65 33.45
N SER N 384 -22.14 12.48 33.74
CA SER N 384 -22.77 13.20 34.84
C SER N 384 -24.09 12.54 35.25
N PRO N 391 -23.28 20.61 33.13
CA PRO N 391 -23.26 19.16 33.32
C PRO N 391 -22.91 18.38 32.06
N GLY N 392 -22.63 19.06 30.96
CA GLY N 392 -22.27 18.36 29.73
C GLY N 392 -20.90 17.71 29.85
N LYS N 393 -20.78 16.53 29.25
CA LYS N 393 -19.68 15.60 29.54
C LYS N 393 -18.32 16.28 29.44
N LYS N 394 -18.10 17.03 28.37
CA LYS N 394 -16.87 17.78 28.14
C LYS N 394 -16.97 19.24 28.57
N GLN N 395 -18.08 19.91 28.23
CA GLN N 395 -18.25 21.32 28.54
C GLN N 395 -17.97 21.64 30.01
N GLN N 396 -18.42 20.77 30.92
CA GLN N 396 -18.22 21.01 32.35
C GLN N 396 -16.74 21.06 32.72
N GLN N 397 -15.93 20.13 32.20
CA GLN N 397 -14.50 20.17 32.49
C GLN N 397 -13.78 21.27 31.70
N SER N 398 -14.22 21.57 30.48
CA SER N 398 -13.59 22.68 29.77
C SER N 398 -13.93 24.02 30.41
N GLN N 399 -15.02 24.10 31.15
CA GLN N 399 -15.28 25.24 32.02
C GLN N 399 -14.34 25.23 33.23
N ASN N 400 -14.21 24.07 33.88
CA ASN N 400 -13.28 23.96 35.01
C ASN N 400 -11.90 24.47 34.60
N LYS N 401 -11.44 24.02 33.44
CA LYS N 401 -10.15 24.45 32.93
C LYS N 401 -10.27 25.93 32.55
N GLY N 402 -9.67 26.79 33.35
CA GLY N 402 -9.71 28.24 33.11
C GLY N 402 -10.92 29.09 33.50
N LEU N 403 -12.13 28.72 33.08
CA LEU N 403 -13.25 29.64 33.25
C LEU N 403 -13.56 29.88 34.74
N GLN N 404 -13.64 28.81 35.53
CA GLN N 404 -13.82 28.96 36.97
C GLN N 404 -12.77 29.82 37.65
N PRO N 405 -11.46 29.60 37.45
CA PRO N 405 -10.49 30.54 38.02
C PRO N 405 -10.73 32.01 37.69
N LEU N 406 -11.07 32.33 36.43
CA LEU N 406 -11.29 33.72 36.07
C LEU N 406 -12.47 34.31 36.82
N LEU N 407 -13.58 33.56 36.91
CA LEU N 407 -14.71 33.96 37.72
C LEU N 407 -14.30 34.23 39.16
N ARG N 408 -13.58 33.28 39.77
CA ARG N 408 -13.23 33.46 41.18
C ARG N 408 -12.25 34.61 41.36
N PHE N 409 -11.48 34.94 40.32
CA PHE N 409 -10.62 36.11 40.36
C PHE N 409 -11.43 37.40 40.37
N ILE N 410 -12.44 37.47 39.50
CA ILE N 410 -13.31 38.64 39.48
C ILE N 410 -14.03 38.79 40.83
N GLU N 411 -14.59 37.69 41.33
CA GLU N 411 -15.22 37.70 42.65
C GLU N 411 -14.28 38.22 43.72
N ASP N 412 -13.06 37.70 43.78
CA ASP N 412 -12.09 38.16 44.77
C ASP N 412 -11.84 39.65 44.68
N LEU N 413 -11.64 40.16 43.45
CA LEU N 413 -11.42 41.60 43.31
C LEU N 413 -12.61 42.41 43.82
N VAL N 414 -13.82 42.01 43.42
CA VAL N 414 -15.01 42.75 43.84
C VAL N 414 -15.17 42.72 45.35
N ASN N 415 -15.02 41.54 45.96
CA ASN N 415 -15.17 41.43 47.40
C ASN N 415 -14.15 42.31 48.13
N ARG N 416 -12.87 42.17 47.78
CA ARG N 416 -11.86 42.96 48.47
C ARG N 416 -12.09 44.46 48.33
N HIS N 417 -12.44 44.93 47.13
CA HIS N 417 -12.40 46.38 46.89
C HIS N 417 -13.73 47.11 47.04
N ILE N 418 -14.86 46.52 46.65
CA ILE N 418 -16.13 47.24 46.66
C ILE N 418 -16.94 46.90 47.91
N ILE N 419 -17.31 45.64 48.08
CA ILE N 419 -18.17 45.22 49.18
C ILE N 419 -17.59 45.65 50.52
N SER N 420 -16.26 45.59 50.66
CA SER N 420 -15.63 46.02 51.90
C SER N 420 -16.00 47.44 52.31
N GLU N 421 -16.47 48.27 51.37
CA GLU N 421 -17.03 49.56 51.77
C GLU N 421 -18.30 49.42 52.59
N TYR N 422 -19.05 48.32 52.41
CA TYR N 422 -20.29 48.07 53.14
C TYR N 422 -20.10 47.18 54.36
N GLY N 423 -18.89 46.74 54.65
CA GLY N 423 -18.63 45.89 55.79
C GLY N 423 -18.77 44.41 55.48
N ASP N 424 -18.25 43.61 56.40
CA ASP N 424 -18.01 42.19 56.18
C ASP N 424 -19.28 41.33 56.20
N LYS N 425 -20.43 41.88 56.56
CA LYS N 425 -21.62 41.04 56.64
C LYS N 425 -22.09 40.51 55.29
N TYR N 426 -21.77 41.18 54.19
CA TYR N 426 -22.22 40.77 52.87
C TYR N 426 -21.10 40.05 52.11
N THR N 427 -21.52 39.30 51.08
CA THR N 427 -20.59 38.70 50.14
C THR N 427 -21.16 38.79 48.73
N PHE N 428 -20.28 39.00 47.75
CA PHE N 428 -20.62 38.92 46.34
C PHE N 428 -20.15 37.58 45.79
N GLN N 429 -21.05 36.85 45.14
CA GLN N 429 -20.68 35.62 44.46
C GLN N 429 -21.44 35.47 43.14
N PHE N 430 -20.76 34.98 42.12
CA PHE N 430 -21.45 34.40 40.97
C PHE N 430 -22.04 33.05 41.35
N VAL N 431 -23.23 32.76 40.82
CA VAL N 431 -23.94 31.52 41.11
C VAL N 431 -24.45 30.94 39.81
N GLY N 432 -24.24 29.64 39.62
CA GLY N 432 -24.86 28.92 38.53
C GLY N 432 -26.32 28.63 38.80
N GLY N 433 -26.98 28.09 37.79
CA GLY N 433 -28.36 27.69 37.92
C GLY N 433 -28.53 26.52 38.87
N ASP N 434 -29.77 26.03 38.94
CA ASP N 434 -30.11 24.88 39.75
C ASP N 434 -31.14 24.03 39.03
N THR N 435 -31.16 22.74 39.36
CA THR N 435 -32.14 21.81 38.83
C THR N 435 -33.28 21.62 39.84
N LYS N 436 -34.06 22.69 39.98
CA LYS N 436 -35.09 22.83 41.01
C LYS N 436 -36.38 23.32 40.38
N SER N 437 -36.79 22.68 39.29
CA SER N 437 -38.06 23.00 38.66
C SER N 437 -39.22 22.75 39.64
N ALA N 438 -40.41 23.16 39.20
CA ALA N 438 -41.63 22.83 39.94
C ALA N 438 -41.76 21.34 40.17
N THR N 439 -41.42 20.52 39.18
CA THR N 439 -41.41 19.07 39.39
C THR N 439 -40.47 18.68 40.53
N ASP N 440 -39.22 19.16 40.47
CA ASP N 440 -38.25 18.81 41.50
C ASP N 440 -38.65 19.34 42.88
N LYS N 441 -39.12 20.59 42.93
CA LYS N 441 -39.59 21.15 44.20
C LYS N 441 -40.78 20.38 44.76
N LEU N 442 -41.70 19.97 43.89
CA LEU N 442 -42.83 19.18 44.34
C LEU N 442 -42.41 17.80 44.84
N ASN N 443 -41.45 17.15 44.16
CA ASN N 443 -40.92 15.89 44.68
C ASN N 443 -40.28 16.07 46.05
N ILE N 444 -39.47 17.12 46.19
CA ILE N 444 -38.81 17.38 47.47
C ILE N 444 -39.85 17.59 48.56
N LEU N 445 -40.81 18.48 48.31
CA LEU N 445 -41.86 18.72 49.30
C LEU N 445 -42.73 17.48 49.53
N LYS N 446 -42.94 16.66 48.50
CA LYS N 446 -43.64 15.39 48.67
C LYS N 446 -42.91 14.47 49.63
N LEU N 447 -41.60 14.61 49.75
CA LEU N 447 -40.91 13.89 50.82
C LEU N 447 -40.93 14.63 52.16
N GLU N 448 -40.74 15.96 52.12
CA GLU N 448 -40.79 16.74 53.35
C GLU N 448 -42.13 16.64 54.05
N THR N 449 -43.21 16.46 53.29
CA THR N 449 -44.54 16.31 53.86
C THR N 449 -44.77 14.94 54.50
N GLN N 450 -43.95 13.96 54.14
CA GLN N 450 -43.93 12.72 54.88
C GLN N 450 -43.05 12.86 56.11
N ILE N 451 -41.95 13.59 55.99
CA ILE N 451 -40.94 13.64 57.03
C ILE N 451 -41.17 14.80 57.99
N PHE N 452 -41.59 15.97 57.48
CA PHE N 452 -41.67 17.17 58.30
C PHE N 452 -43.03 17.84 58.28
N LYS N 453 -43.53 18.11 57.09
CA LYS N 453 -44.47 19.20 56.86
C LYS N 453 -45.92 18.73 56.86
N THR N 454 -46.73 19.35 57.70
CA THR N 454 -48.18 19.23 57.55
C THR N 454 -48.65 19.96 56.30
N VAL N 455 -49.82 19.54 55.81
CA VAL N 455 -50.47 20.18 54.67
C VAL N 455 -50.50 21.69 54.83
N ASN N 456 -50.84 22.17 56.04
CA ASN N 456 -51.00 23.61 56.23
C ASN N 456 -49.67 24.34 56.19
N GLU N 457 -48.58 23.74 56.65
CA GLU N 457 -47.28 24.37 56.50
C GLU N 457 -46.92 24.53 55.03
N ALA N 458 -47.13 23.47 54.24
CA ALA N 458 -46.91 23.55 52.81
C ALA N 458 -47.73 24.67 52.19
N ARG N 459 -49.05 24.69 52.46
CA ARG N 459 -49.92 25.71 51.89
C ARG N 459 -49.49 27.10 52.32
N GLU N 460 -49.07 27.26 53.56
CA GLU N 460 -48.58 28.55 54.04
C GLU N 460 -47.34 28.98 53.25
N GLU N 461 -46.42 28.05 52.99
CA GLU N 461 -45.28 28.36 52.15
C GLU N 461 -45.69 28.79 50.74
N GLN N 462 -46.87 28.37 50.28
CA GLN N 462 -47.44 28.88 49.04
C GLN N 462 -48.23 30.17 49.21
N GLY N 463 -48.41 30.64 50.44
CA GLY N 463 -49.36 31.69 50.73
C GLY N 463 -50.81 31.31 50.64
N LYS N 464 -51.13 30.02 50.77
CA LYS N 464 -52.49 29.53 50.67
C LYS N 464 -53.03 29.25 52.06
N LYS N 465 -54.29 29.60 52.28
CA LYS N 465 -54.86 29.58 53.62
C LYS N 465 -54.75 28.18 54.22
N PRO N 466 -54.41 28.05 55.50
CA PRO N 466 -54.49 26.73 56.15
C PRO N 466 -55.93 26.23 56.15
N ILE N 467 -56.08 24.91 56.11
CA ILE N 467 -57.39 24.27 56.01
C ILE N 467 -57.61 23.38 57.22
N GLU N 468 -58.84 23.40 57.73
CA GLU N 468 -59.27 22.44 58.73
C GLU N 468 -59.14 21.02 58.22
N GLY N 469 -58.39 20.19 58.95
CA GLY N 469 -57.94 18.91 58.49
C GLY N 469 -56.52 18.89 57.94
N GLY N 470 -55.90 20.05 57.80
CA GLY N 470 -54.45 20.10 57.73
C GLY N 470 -53.83 19.87 59.10
N ASP N 471 -52.64 20.42 59.32
CA ASP N 471 -51.86 20.15 60.53
C ASP N 471 -51.60 18.67 60.73
N ILE N 472 -51.60 17.87 59.67
CA ILE N 472 -51.32 16.45 59.74
C ILE N 472 -50.24 16.10 58.74
N ILE N 473 -49.32 15.22 59.15
CA ILE N 473 -48.38 14.62 58.22
C ILE N 473 -49.11 13.61 57.35
N LEU N 474 -48.77 13.58 56.07
CA LEU N 474 -49.37 12.64 55.12
C LEU N 474 -48.68 11.28 55.23
N ASP N 475 -48.84 10.66 56.39
CA ASP N 475 -48.38 9.29 56.60
C ASP N 475 -49.44 8.50 57.35
N ALA N 476 -49.76 7.32 56.84
CA ALA N 476 -50.76 6.45 57.45
C ALA N 476 -50.41 6.07 58.88
N SER N 477 -49.12 5.92 59.19
CA SER N 477 -48.73 5.57 60.56
C SER N 477 -49.05 6.69 61.53
N PHE N 478 -48.87 7.95 61.11
CA PHE N 478 -49.22 9.08 61.96
C PHE N 478 -50.71 9.06 62.31
N LEU N 479 -51.56 8.82 61.32
CA LEU N 479 -53.00 8.78 61.57
C LEU N 479 -53.39 7.57 62.41
N GLN N 480 -52.77 6.41 62.16
CA GLN N 480 -53.05 5.26 63.01
C GLN N 480 -52.64 5.53 64.46
N GLY N 481 -51.54 6.26 64.65
CA GLY N 481 -51.18 6.71 65.98
C GLY N 481 -52.23 7.61 66.62
N THR N 482 -52.66 8.65 65.91
CA THR N 482 -53.65 9.54 66.49
C THR N 482 -54.98 8.84 66.74
N ALA N 483 -55.37 7.91 65.86
CA ALA N 483 -56.58 7.12 66.08
C ALA N 483 -56.46 6.20 67.28
N GLN N 484 -55.26 5.65 67.51
CA GLN N 484 -55.03 4.93 68.75
C GLN N 484 -55.17 5.85 69.95
N LEU N 485 -54.44 6.97 69.93
CA LEU N 485 -54.40 7.87 71.08
C LEU N 485 -55.77 8.41 71.44
N GLN N 486 -56.64 8.64 70.44
CA GLN N 486 -58.00 9.07 70.74
C GLN N 486 -58.74 8.05 71.61
N GLN N 487 -58.68 6.77 71.22
CA GLN N 487 -59.30 5.73 72.03
C GLN N 487 -58.67 5.65 73.40
N ASP N 488 -57.34 5.73 73.46
CA ASP N 488 -56.64 5.80 74.75
C ASP N 488 -57.18 6.91 75.64
N LYS N 489 -57.33 8.12 75.08
CA LYS N 489 -57.90 9.24 75.82
C LYS N 489 -59.30 8.93 76.31
N GLN N 490 -60.17 8.41 75.43
CA GLN N 490 -61.54 8.14 75.84
C GLN N 490 -61.61 7.06 76.90
N TYR N 491 -60.69 6.09 76.84
CA TYR N 491 -60.62 5.07 77.88
C TYR N 491 -60.18 5.67 79.21
N ASN N 492 -59.12 6.47 79.19
CA ASN N 492 -58.63 7.05 80.45
C ASN N 492 -59.66 7.98 81.05
N ASP N 493 -60.38 8.73 80.20
CA ASP N 493 -61.50 9.55 80.68
C ASP N 493 -62.55 8.68 81.37
N GLY N 494 -62.95 7.58 80.73
CA GLY N 494 -63.90 6.69 81.37
C GLY N 494 -63.39 6.15 82.69
N LYS N 495 -62.15 5.67 82.69
CA LYS N 495 -61.54 5.15 83.90
C LYS N 495 -61.58 6.16 85.05
N GLN N 496 -61.15 7.40 84.77
CA GLN N 496 -61.08 8.40 85.83
C GLN N 496 -62.47 8.82 86.30
N LYS N 497 -63.41 8.96 85.37
CA LYS N 497 -64.78 9.29 85.77
C LYS N 497 -65.41 8.18 86.61
N GLU N 498 -65.18 6.92 86.24
CA GLU N 498 -65.71 5.82 87.02
C GLU N 498 -65.04 5.70 88.38
N ARG N 499 -63.74 6.02 88.45
CA ARG N 499 -63.06 6.13 89.74
C ARG N 499 -63.71 7.20 90.63
N LEU N 500 -63.94 8.39 90.06
CA LEU N 500 -64.60 9.44 90.82
C LEU N 500 -65.99 9.02 91.27
N GLN N 501 -66.76 8.40 90.37
CA GLN N 501 -68.10 7.94 90.69
C GLN N 501 -68.07 6.90 91.80
N MET N 502 -67.08 6.01 91.79
CA MET N 502 -66.91 5.04 92.87
C MET N 502 -66.57 5.73 94.18
N MET N 503 -65.68 6.71 94.15
CA MET N 503 -65.36 7.47 95.36
C MET N 503 -66.61 8.15 95.92
N MET N 504 -67.43 8.72 95.05
CA MET N 504 -68.68 9.35 95.48
C MET N 504 -69.68 8.33 96.00
N SER N 505 -69.66 7.10 95.47
CA SER N 505 -70.56 6.07 95.97
C SER N 505 -70.17 5.65 97.38
N LEU N 506 -68.88 5.51 97.66
CA LEU N 506 -68.43 5.01 98.96
C LEU N 506 -68.63 6.06 100.05
N SER O 49 23.47 20.94 65.34
CA SER O 49 22.80 19.75 64.83
C SER O 49 21.63 20.14 63.93
N LEU O 50 21.33 19.29 62.95
CA LEU O 50 20.26 19.59 62.00
C LEU O 50 18.90 19.46 62.65
N TYR O 51 18.63 18.32 63.28
CA TYR O 51 17.38 18.05 63.97
C TYR O 51 17.50 18.21 65.48
N GLY O 52 18.57 17.71 66.07
CA GLY O 52 18.67 17.68 67.53
C GLY O 52 19.86 16.84 67.93
N GLN O 53 20.08 16.81 69.25
CA GLN O 53 21.23 16.09 69.78
C GLN O 53 21.09 14.60 69.49
N GLN O 54 22.07 14.06 68.77
CA GLN O 54 22.08 12.67 68.37
C GLN O 54 23.52 12.20 68.28
N GLN O 55 23.74 10.90 68.51
CA GLN O 55 25.08 10.35 68.45
C GLN O 55 25.49 9.91 67.06
N ALA O 56 24.53 9.69 66.17
CA ALA O 56 24.82 9.55 64.75
C ALA O 56 25.04 10.93 64.14
N TYR O 57 26.10 11.06 63.34
CA TYR O 57 26.31 12.31 62.61
C TYR O 57 25.30 12.46 61.49
N ALA O 58 24.73 13.66 61.38
CA ALA O 58 23.73 13.99 60.37
C ALA O 58 24.24 15.01 59.36
N GLU O 59 25.49 15.42 59.45
CA GLU O 59 26.08 16.40 58.56
C GLU O 59 27.48 15.93 58.18
N PRO O 60 28.06 16.47 57.11
CA PRO O 60 29.45 16.14 56.78
C PRO O 60 30.40 16.39 57.94
N PHE O 61 31.13 15.35 58.33
CA PHE O 61 31.96 15.44 59.53
C PHE O 61 33.08 16.46 59.35
N ILE O 62 33.78 16.37 58.22
CA ILE O 62 34.72 17.43 57.83
C ILE O 62 33.94 18.57 57.21
N GLU O 63 34.22 19.79 57.67
CA GLU O 63 33.58 20.99 57.14
C GLU O 63 33.95 21.18 55.69
N MET O 64 32.98 21.05 54.79
CA MET O 64 33.19 21.37 53.39
C MET O 64 33.32 22.87 53.20
N MET O 65 34.07 23.26 52.16
CA MET O 65 34.40 24.67 51.93
C MET O 65 33.16 25.40 51.44
N ASP O 66 32.32 25.79 52.40
CA ASP O 66 31.26 26.75 52.13
C ASP O 66 31.85 28.11 51.76
N THR O 67 31.16 28.83 50.88
CA THR O 67 31.65 30.12 50.46
C THR O 67 31.79 31.06 51.64
N ASN O 68 30.93 30.90 52.64
CA ASN O 68 30.90 31.72 53.84
C ASN O 68 30.84 30.82 55.05
N PRO O 69 31.62 31.09 56.11
CA PRO O 69 31.49 30.28 57.33
C PRO O 69 30.12 30.31 57.97
N GLU O 70 29.31 31.33 57.67
CA GLU O 70 28.11 31.60 58.44
C GLU O 70 26.86 30.87 57.93
N PHE O 71 26.87 30.32 56.71
CA PHE O 71 25.69 29.60 56.24
C PHE O 71 26.11 28.47 55.31
N ARG O 72 25.24 27.47 55.24
CA ARG O 72 25.44 26.28 54.42
C ARG O 72 25.06 26.57 52.96
N ASP O 73 26.00 26.32 52.05
CA ASP O 73 25.76 26.53 50.63
C ASP O 73 24.78 25.50 50.09
N LYS O 74 24.01 25.93 49.09
CA LYS O 74 23.06 25.05 48.39
C LYS O 74 23.82 24.36 47.26
N ARG O 75 24.59 23.35 47.65
CA ARG O 75 25.40 22.61 46.70
C ARG O 75 24.55 21.80 45.73
N SER O 76 24.95 21.80 44.47
CA SER O 76 24.39 20.86 43.50
C SER O 76 24.66 19.43 43.91
N TYR O 77 23.77 18.52 43.46
CA TYR O 77 23.85 17.12 43.81
C TYR O 77 25.26 16.55 43.70
N MET O 78 25.95 16.84 42.60
CA MET O 78 27.30 16.36 42.38
C MET O 78 28.37 17.29 42.96
N LYS O 79 27.97 18.36 43.63
CA LYS O 79 28.87 19.42 44.10
C LYS O 79 29.63 20.08 42.96
N ASN O 80 29.17 19.90 41.71
CA ASN O 80 29.76 20.63 40.60
C ASN O 80 29.45 22.12 40.67
N GLU O 81 28.46 22.51 41.45
CA GLU O 81 27.98 23.88 41.52
C GLU O 81 27.54 24.19 42.94
N HIS O 82 27.77 25.44 43.36
CA HIS O 82 27.45 25.90 44.70
C HIS O 82 26.34 26.93 44.74
N ASN O 83 25.87 27.39 43.59
CA ASN O 83 24.89 28.46 43.50
C ASN O 83 23.70 27.96 42.69
N LEU O 84 23.24 26.76 43.05
CA LEU O 84 22.30 26.01 42.22
C LEU O 84 21.07 26.84 41.89
N HIS O 85 20.55 27.59 42.86
CA HIS O 85 19.32 28.33 42.63
C HIS O 85 19.51 29.43 41.61
N ASP O 86 20.71 29.98 41.49
CA ASP O 86 20.97 30.91 40.39
C ASP O 86 21.04 30.22 39.04
N VAL O 87 21.34 28.91 39.01
CA VAL O 87 21.18 28.14 37.78
C VAL O 87 19.70 27.96 37.47
N LEU O 88 18.94 27.46 38.45
CA LEU O 88 17.53 27.16 38.23
C LEU O 88 16.72 28.39 37.87
N LYS O 89 17.09 29.56 38.41
CA LYS O 89 16.39 30.79 38.06
C LYS O 89 16.33 31.02 36.56
N LYS O 90 17.33 30.54 35.81
CA LYS O 90 17.31 30.72 34.36
C LYS O 90 16.21 29.92 33.68
N PHE O 91 15.68 28.88 34.33
CA PHE O 91 14.62 28.08 33.74
C PHE O 91 13.23 28.53 34.14
N GLY O 92 13.11 29.47 35.07
CA GLY O 92 11.80 29.89 35.57
C GLY O 92 10.89 30.49 34.52
N ASN O 93 11.43 30.85 33.35
CA ASN O 93 10.62 31.30 32.21
C ASN O 93 10.36 30.20 31.19
N ASN O 94 10.72 28.96 31.49
CA ASN O 94 10.48 27.88 30.55
C ASN O 94 8.96 27.74 30.32
N PRO O 95 8.50 27.67 29.06
CA PRO O 95 7.05 27.56 28.84
C PRO O 95 6.40 26.31 29.40
N ILE O 96 7.07 25.16 29.33
CA ILE O 96 6.48 23.93 29.88
C ILE O 96 6.37 24.03 31.40
N LEU O 97 7.45 24.44 32.06
CA LEU O 97 7.43 24.57 33.51
C LEU O 97 6.39 25.58 33.95
N ASN O 98 6.22 26.67 33.21
CA ASN O 98 5.19 27.63 33.55
C ASN O 98 3.79 27.09 33.30
N ALA O 99 3.60 26.29 32.25
CA ALA O 99 2.29 25.65 32.07
C ALA O 99 1.93 24.74 33.23
N ILE O 100 2.92 24.01 33.74
CA ILE O 100 2.68 23.15 34.89
C ILE O 100 2.36 23.99 36.13
N ILE O 101 3.18 25.00 36.40
CA ILE O 101 2.98 25.82 37.58
C ILE O 101 1.61 26.50 37.52
N LEU O 102 1.22 27.01 36.35
CA LEU O 102 -0.06 27.70 36.26
C LEU O 102 -1.24 26.75 36.41
N THR O 103 -1.19 25.56 35.81
CA THR O 103 -2.30 24.64 35.97
C THR O 103 -2.44 24.21 37.43
N ARG O 104 -1.33 23.87 38.08
CA ARG O 104 -1.41 23.44 39.47
C ARG O 104 -1.89 24.58 40.39
N SER O 105 -1.33 25.77 40.23
CA SER O 105 -1.76 26.89 41.07
C SER O 105 -3.23 27.24 40.85
N ASN O 106 -3.69 27.19 39.60
CA ASN O 106 -5.11 27.44 39.35
C ASN O 106 -5.99 26.38 40.00
N GLN O 107 -5.61 25.11 39.91
CA GLN O 107 -6.38 24.06 40.58
C GLN O 107 -6.43 24.30 42.09
N VAL O 108 -5.28 24.60 42.69
CA VAL O 108 -5.23 24.86 44.13
C VAL O 108 -6.10 26.04 44.50
N ALA O 109 -6.10 27.10 43.68
CA ALA O 109 -6.76 28.35 44.04
C ALA O 109 -8.23 28.17 44.42
N MET O 110 -8.91 27.18 43.85
CA MET O 110 -10.33 27.03 44.13
C MET O 110 -10.60 26.63 45.58
N TYR O 111 -9.66 25.93 46.21
CA TYR O 111 -9.83 25.55 47.61
C TYR O 111 -9.57 26.68 48.59
N CYS O 112 -9.02 27.81 48.13
CA CYS O 112 -8.58 28.88 49.02
C CYS O 112 -9.73 29.50 49.82
N GLN O 113 -10.93 29.57 49.26
CA GLN O 113 -12.03 30.15 50.02
C GLN O 113 -12.45 29.26 51.18
N PRO O 114 -13.00 29.83 52.26
CA PRO O 114 -13.58 29.00 53.33
C PRO O 114 -14.76 28.18 52.84
N ALA O 115 -14.78 26.91 53.23
CA ALA O 115 -15.95 26.07 52.96
C ALA O 115 -17.19 26.57 53.69
N ARG O 116 -17.03 27.06 54.92
CA ARG O 116 -18.14 27.58 55.71
C ARG O 116 -19.09 28.49 54.93
N TYR O 117 -18.54 29.42 54.15
CA TYR O 117 -19.34 30.38 53.42
C TYR O 117 -19.65 29.96 51.99
N SER O 118 -19.16 28.81 51.55
CA SER O 118 -19.27 28.38 50.16
C SER O 118 -20.34 27.29 50.13
N GLU O 119 -21.49 27.61 49.52
CA GLU O 119 -22.67 26.76 49.66
C GLU O 119 -22.43 25.38 49.06
N LYS O 120 -21.57 25.27 48.06
CA LYS O 120 -21.20 23.95 47.55
C LYS O 120 -20.27 23.20 48.50
N GLY O 121 -19.85 23.84 49.60
CA GLY O 121 -18.96 23.22 50.57
C GLY O 121 -17.51 23.12 50.16
N LEU O 122 -17.16 23.55 48.95
CA LEU O 122 -15.79 23.46 48.49
C LEU O 122 -14.96 24.62 49.03
N GLY O 123 -13.80 24.30 49.56
CA GLY O 123 -12.89 25.29 50.12
C GLY O 123 -12.00 24.66 51.18
N PHE O 124 -11.68 25.45 52.19
CA PHE O 124 -11.02 24.96 53.39
C PHE O 124 -11.89 25.23 54.62
N GLU O 125 -11.59 24.50 55.69
CA GLU O 125 -12.19 24.74 57.00
C GLU O 125 -11.14 24.52 58.08
N VAL O 126 -11.31 25.23 59.19
CA VAL O 126 -10.62 24.94 60.44
C VAL O 126 -11.57 24.16 61.34
N ARG O 127 -11.09 23.04 61.88
CA ARG O 127 -11.93 22.02 62.50
C ARG O 127 -11.26 21.58 63.79
N LEU O 128 -12.07 21.05 64.70
CA LEU O 128 -11.52 20.29 65.81
C LEU O 128 -10.87 18.99 65.32
N ARG O 129 -9.82 18.59 66.03
CA ARG O 129 -9.11 17.36 65.68
C ARG O 129 -10.02 16.15 65.84
N ASP O 130 -10.52 15.93 67.05
CA ASP O 130 -11.40 14.80 67.31
C ASP O 130 -12.72 14.97 66.57
N LEU O 131 -13.11 13.94 65.83
CA LEU O 131 -14.43 13.88 65.22
C LEU O 131 -15.54 13.72 66.26
N ASP O 132 -15.22 13.18 67.44
CA ASP O 132 -16.23 12.93 68.46
C ASP O 132 -16.58 14.17 69.28
N ALA O 133 -15.74 15.20 69.27
CA ALA O 133 -16.00 16.35 70.12
C ALA O 133 -17.13 17.20 69.56
N GLU O 134 -17.85 17.86 70.46
CA GLU O 134 -18.80 18.91 70.12
C GLU O 134 -18.24 20.26 70.53
N PRO O 135 -18.14 21.24 69.63
CA PRO O 135 -17.41 22.46 69.98
C PRO O 135 -18.16 23.29 71.00
N GLY O 136 -17.41 23.87 71.93
CA GLY O 136 -17.99 24.75 72.93
C GLY O 136 -18.39 26.09 72.34
N ARG O 137 -19.12 26.85 73.16
CA ARG O 137 -19.66 28.13 72.70
C ARG O 137 -18.54 29.06 72.23
N LYS O 138 -17.42 29.06 72.94
CA LYS O 138 -16.29 29.91 72.59
C LYS O 138 -15.45 29.32 71.46
N GLU O 139 -15.40 27.99 71.37
CA GLU O 139 -14.60 27.36 70.33
C GLU O 139 -15.12 27.67 68.93
N LYS O 140 -16.44 27.66 68.74
CA LYS O 140 -16.97 27.97 67.42
C LYS O 140 -16.57 29.38 66.97
N GLU O 141 -16.58 30.34 67.89
CA GLU O 141 -16.19 31.69 67.52
C GLU O 141 -14.69 31.79 67.30
N GLU O 142 -13.90 31.09 68.11
CA GLU O 142 -12.46 31.12 67.90
C GLU O 142 -12.09 30.51 66.55
N MET O 143 -12.74 29.40 66.18
CA MET O 143 -12.50 28.80 64.86
C MET O 143 -12.91 29.74 63.74
N LYS O 144 -14.03 30.44 63.88
CA LYS O 144 -14.41 31.40 62.85
C LYS O 144 -13.39 32.54 62.76
N ARG O 145 -12.88 32.98 63.90
CA ARG O 145 -11.87 34.03 63.89
C ARG O 145 -10.59 33.56 63.21
N ILE O 146 -10.17 32.33 63.49
CA ILE O 146 -8.95 31.81 62.85
C ILE O 146 -9.15 31.66 61.34
N GLU O 147 -10.31 31.16 60.92
CA GLU O 147 -10.62 31.12 59.49
C GLU O 147 -10.51 32.50 58.86
N ASP O 148 -11.17 33.49 59.45
CA ASP O 148 -11.09 34.85 58.93
C ASP O 148 -9.64 35.34 58.86
N PHE O 149 -8.87 35.11 59.93
CA PHE O 149 -7.45 35.44 59.94
C PHE O 149 -6.71 34.82 58.76
N ILE O 150 -6.94 33.54 58.50
CA ILE O 150 -6.29 32.88 57.37
C ILE O 150 -6.67 33.56 56.06
N VAL O 151 -7.97 33.74 55.82
CA VAL O 151 -8.44 34.43 54.62
C VAL O 151 -7.69 35.75 54.45
N ASN O 152 -7.69 36.58 55.49
CA ASN O 152 -6.98 37.85 55.46
C ASN O 152 -5.47 37.71 55.54
N THR O 153 -4.96 36.50 55.82
CA THR O 153 -3.53 36.26 55.96
C THR O 153 -2.96 37.06 57.14
N GLY O 154 -3.82 37.45 58.07
CA GLY O 154 -3.41 38.34 59.13
C GLY O 154 -4.63 38.84 59.89
N LYS O 155 -4.34 39.52 61.00
CA LYS O 155 -5.41 39.89 61.93
C LYS O 155 -6.37 40.90 61.32
N ASP O 156 -5.84 42.02 60.85
CA ASP O 156 -6.66 43.03 60.18
C ASP O 156 -6.77 42.76 58.68
N LYS O 157 -7.85 43.29 58.11
CA LYS O 157 -7.97 43.38 56.65
C LYS O 157 -7.02 44.46 56.13
N ASP O 158 -6.31 44.14 55.05
CA ASP O 158 -5.41 45.11 54.42
C ASP O 158 -5.27 44.73 52.95
N VAL O 159 -5.80 45.57 52.08
CA VAL O 159 -5.72 45.34 50.64
C VAL O 159 -4.28 45.27 50.16
N ASP O 160 -3.33 45.83 50.91
CA ASP O 160 -1.93 45.75 50.51
C ASP O 160 -1.31 44.40 50.79
N ARG O 161 -1.93 43.57 51.62
CA ARG O 161 -1.40 42.24 51.90
C ARG O 161 -1.93 41.24 50.88
N ASP O 162 -1.10 40.25 50.59
CA ASP O 162 -1.54 39.08 49.83
C ASP O 162 -2.79 38.48 50.45
N SER O 163 -3.74 38.10 49.60
CA SER O 163 -4.76 37.15 49.99
C SER O 163 -4.15 35.76 50.12
N PHE O 164 -4.91 34.86 50.76
CA PHE O 164 -4.51 33.47 50.82
C PHE O 164 -4.30 32.87 49.43
N GLN O 165 -5.13 33.28 48.47
CA GLN O 165 -4.93 32.81 47.09
C GLN O 165 -3.55 33.18 46.56
N THR O 166 -3.16 34.44 46.73
CA THR O 166 -1.84 34.87 46.26
C THR O 166 -0.73 34.13 47.00
N PHE O 167 -0.89 33.93 48.31
CA PHE O 167 0.10 33.18 49.08
C PHE O 167 0.25 31.76 48.54
N CYS O 168 -0.86 31.06 48.32
CA CYS O 168 -0.78 29.69 47.83
C CYS O 168 -0.15 29.64 46.44
N LYS O 169 -0.54 30.57 45.56
CA LYS O 169 0.06 30.62 44.23
C LYS O 169 1.57 30.79 44.32
N LYS O 170 2.00 31.73 45.16
CA LYS O 170 3.43 31.95 45.37
C LYS O 170 4.14 30.68 45.82
N ILE O 171 3.64 30.04 46.89
CA ILE O 171 4.37 28.90 47.43
C ILE O 171 4.34 27.72 46.47
N VAL O 172 3.27 27.54 45.70
CA VAL O 172 3.27 26.53 44.64
C VAL O 172 4.42 26.77 43.67
N ARG O 173 4.50 28.00 43.15
CA ARG O 173 5.60 28.34 42.25
C ARG O 173 6.95 28.03 42.89
N ASP O 174 7.10 28.37 44.17
CA ASP O 174 8.37 28.12 44.85
C ASP O 174 8.66 26.64 44.97
N THR O 175 7.65 25.82 45.28
CA THR O 175 7.89 24.38 45.38
C THR O 175 8.35 23.81 44.05
N TYR O 176 7.76 24.26 42.96
CA TYR O 176 8.07 23.64 41.67
C TYR O 176 9.31 24.22 40.99
N ILE O 177 9.76 25.41 41.37
CA ILE O 177 11.07 25.88 40.89
C ILE O 177 12.18 25.37 41.80
N TYR O 178 12.11 25.68 43.09
CA TYR O 178 13.22 25.47 43.99
C TYR O 178 13.12 24.20 44.82
N ASP O 179 11.92 23.64 44.97
CA ASP O 179 11.62 22.73 46.07
C ASP O 179 12.08 23.29 47.40
N GLN O 180 11.72 24.54 47.66
CA GLN O 180 11.93 25.17 48.96
C GLN O 180 10.88 26.25 49.14
N VAL O 181 10.07 26.15 50.20
CA VAL O 181 9.12 27.19 50.56
C VAL O 181 9.54 27.81 51.89
N ASN O 182 9.47 29.14 51.96
CA ASN O 182 9.66 29.85 53.21
C ASN O 182 8.62 30.96 53.32
N PHE O 183 8.05 31.11 54.52
CA PHE O 183 7.27 32.28 54.87
C PHE O 183 7.63 32.70 56.29
N GLU O 184 7.78 34.00 56.49
CA GLU O 184 8.05 34.55 57.82
C GLU O 184 6.77 34.76 58.61
N LYS O 185 6.85 34.46 59.91
CA LYS O 185 5.79 34.75 60.88
C LYS O 185 6.17 36.00 61.68
N VAL O 186 5.33 37.02 61.63
CA VAL O 186 5.55 38.29 62.32
C VAL O 186 4.64 38.36 63.54
N PHE O 187 5.26 38.49 64.71
CA PHE O 187 4.55 38.65 65.98
C PHE O 187 4.33 40.11 66.33
N ASN O 188 3.26 40.38 67.08
CA ASN O 188 3.00 41.70 67.61
C ASN O 188 4.20 42.28 68.36
N LYS O 189 4.48 43.55 68.11
CA LYS O 189 5.64 44.20 68.72
C LYS O 189 5.47 44.34 70.23
N ASN O 190 4.25 44.64 70.70
CA ASN O 190 4.03 44.78 72.12
C ASN O 190 3.99 43.43 72.82
N ASN O 191 3.46 42.41 72.15
CA ASN O 191 3.30 41.07 72.72
C ASN O 191 3.90 40.07 71.73
N LYS O 192 5.10 39.57 72.04
CA LYS O 192 5.78 38.67 71.13
C LYS O 192 5.04 37.36 70.95
N THR O 193 4.10 37.04 71.85
CA THR O 193 3.34 35.82 71.78
C THR O 193 2.18 35.89 70.77
N LYS O 194 1.83 37.07 70.29
CA LYS O 194 0.65 37.25 69.44
C LYS O 194 1.10 37.34 67.99
N LEU O 195 0.65 36.39 67.18
CA LEU O 195 0.89 36.40 65.74
C LEU O 195 -0.01 37.45 65.06
N GLU O 196 0.59 38.23 64.15
CA GLU O 196 -0.17 39.21 63.38
C GLU O 196 -0.25 38.89 61.89
N LYS O 197 0.86 38.44 61.29
CA LYS O 197 0.91 38.19 59.85
C LYS O 197 1.82 37.00 59.59
N PHE O 198 1.61 36.36 58.44
CA PHE O 198 2.62 35.52 57.81
C PHE O 198 2.74 35.89 56.35
N ILE O 199 3.98 35.99 55.86
CA ILE O 199 4.29 36.46 54.51
C ILE O 199 5.29 35.53 53.86
N ALA O 200 5.02 35.15 52.61
CA ALA O 200 5.95 34.34 51.83
C ALA O 200 7.20 35.13 51.46
N VAL O 201 8.35 34.44 51.50
CA VAL O 201 9.66 35.05 51.29
C VAL O 201 10.34 34.32 50.13
N ASP O 202 11.17 35.06 49.39
CA ASP O 202 11.89 34.54 48.23
C ASP O 202 12.80 33.39 48.64
N PRO O 203 12.51 32.15 48.25
CA PRO O 203 13.33 31.03 48.75
C PRO O 203 14.79 31.08 48.36
N SER O 204 15.12 31.71 47.24
CA SER O 204 16.51 31.80 46.82
C SER O 204 17.36 32.63 47.77
N THR O 205 16.74 33.38 48.69
CA THR O 205 17.44 34.21 49.65
C THR O 205 17.61 33.55 51.02
N ILE O 206 17.01 32.39 51.26
CA ILE O 206 16.96 31.79 52.58
C ILE O 206 17.97 30.66 52.64
N PHE O 207 18.81 30.68 53.68
CA PHE O 207 19.86 29.69 53.87
C PHE O 207 19.88 29.23 55.32
N TYR O 208 20.34 28.00 55.55
CA TYR O 208 20.65 27.55 56.89
C TYR O 208 21.86 28.27 57.45
N ALA O 209 21.73 28.77 58.68
CA ALA O 209 22.84 29.38 59.38
C ALA O 209 23.73 28.31 60.02
N THR O 210 25.04 28.54 59.98
CA THR O 210 26.02 27.57 60.48
C THR O 210 26.90 28.24 61.53
N ASP O 211 27.14 27.52 62.62
CA ASP O 211 28.08 27.97 63.63
C ASP O 211 29.49 28.07 63.07
N LYS O 212 30.34 28.82 63.77
CA LYS O 212 31.74 28.91 63.41
C LYS O 212 32.41 27.54 63.36
N LYS O 213 31.94 26.60 64.17
CA LYS O 213 32.39 25.22 64.11
C LYS O 213 31.76 24.43 62.96
N GLY O 214 31.15 25.09 61.99
CA GLY O 214 30.57 24.42 60.85
C GLY O 214 29.31 23.63 61.15
N LYS O 215 28.81 23.66 62.38
CA LYS O 215 27.60 22.95 62.75
C LYS O 215 26.40 23.83 62.45
N ILE O 216 25.31 23.20 61.98
CA ILE O 216 24.07 23.94 61.79
C ILE O 216 23.52 24.35 63.13
N ILE O 217 23.09 25.62 63.23
CA ILE O 217 22.58 26.16 64.48
C ILE O 217 21.23 25.54 64.79
N LYS O 218 21.04 25.13 66.04
CA LYS O 218 19.72 24.75 66.54
C LYS O 218 19.40 25.56 67.79
N GLY O 219 18.12 25.92 67.94
CA GLY O 219 17.67 26.68 69.08
C GLY O 219 17.86 28.17 68.98
N GLY O 220 18.94 28.60 68.34
CA GLY O 220 19.15 30.02 68.06
C GLY O 220 18.57 30.51 66.75
N LYS O 221 19.29 31.44 66.12
CA LYS O 221 18.92 31.98 64.81
C LYS O 221 19.28 30.96 63.74
N ARG O 222 18.39 29.99 63.55
CA ARG O 222 18.66 28.87 62.66
C ARG O 222 18.83 29.29 61.21
N PHE O 223 18.22 30.40 60.80
CA PHE O 223 18.20 30.81 59.40
C PHE O 223 18.78 32.20 59.23
N VAL O 224 19.42 32.43 58.08
CA VAL O 224 19.88 33.75 57.66
C VAL O 224 19.34 34.02 56.27
N GLN O 225 19.08 35.30 55.99
CA GLN O 225 18.82 35.78 54.63
C GLN O 225 20.10 36.41 54.08
N VAL O 226 20.51 35.96 52.90
CA VAL O 226 21.75 36.40 52.26
C VAL O 226 21.39 37.09 50.94
N VAL O 227 21.85 38.32 50.78
CA VAL O 227 21.69 39.07 49.55
C VAL O 227 23.04 39.67 49.19
N ASP O 228 23.44 39.54 47.92
CA ASP O 228 24.75 39.98 47.45
C ASP O 228 25.89 39.42 48.30
N LYS O 229 25.72 38.19 48.80
CA LYS O 229 26.70 37.55 49.67
C LYS O 229 27.00 38.39 50.91
N ARG O 230 26.01 39.10 51.42
CA ARG O 230 26.04 39.62 52.79
C ARG O 230 24.74 39.29 53.50
N VAL O 231 24.84 39.06 54.80
CA VAL O 231 23.68 38.74 55.63
C VAL O 231 22.85 40.01 55.84
N VAL O 232 21.60 39.98 55.37
CA VAL O 232 20.69 41.10 55.55
C VAL O 232 19.66 40.86 56.65
N ALA O 233 19.45 39.61 57.07
CA ALA O 233 18.49 39.32 58.13
C ALA O 233 18.84 37.97 58.74
N SER O 234 18.24 37.69 59.90
CA SER O 234 18.35 36.40 60.53
C SER O 234 17.02 36.03 61.19
N PHE O 235 16.82 34.74 61.40
CA PHE O 235 15.54 34.24 61.87
C PHE O 235 15.76 33.05 62.79
N THR O 236 14.87 32.89 63.76
CA THR O 236 14.76 31.64 64.50
C THR O 236 13.85 30.65 63.77
N SER O 237 13.89 29.40 64.23
CA SER O 237 12.91 28.42 63.80
C SER O 237 11.49 28.88 64.05
N ARG O 238 11.29 29.69 65.09
CA ARG O 238 9.97 30.22 65.39
C ARG O 238 9.48 31.18 64.32
N GLU O 239 10.37 31.95 63.70
CA GLU O 239 9.96 33.03 62.82
C GLU O 239 9.84 32.63 61.35
N LEU O 240 10.48 31.55 60.92
CA LEU O 240 10.42 31.14 59.52
C LEU O 240 10.18 29.65 59.40
N ALA O 241 9.19 29.28 58.59
CA ALA O 241 8.97 27.91 58.16
C ALA O 241 9.89 27.53 57.01
N MET O 242 10.27 26.26 56.96
CA MET O 242 10.79 25.64 55.74
C MET O 242 10.04 24.35 55.46
N GLY O 243 9.60 24.19 54.21
CA GLY O 243 8.94 22.97 53.78
C GLY O 243 9.61 22.41 52.55
N ILE O 244 9.82 21.09 52.55
CA ILE O 244 10.53 20.40 51.48
C ILE O 244 9.75 19.16 51.08
N ARG O 245 9.64 18.94 49.78
CA ARG O 245 8.93 17.78 49.25
C ARG O 245 9.84 16.58 49.01
N ASN O 246 11.12 16.80 48.76
CA ASN O 246 12.04 15.75 48.31
C ASN O 246 13.23 15.66 49.26
N PRO O 247 13.01 15.17 50.47
CA PRO O 247 14.10 15.10 51.46
C PRO O 247 15.10 14.02 51.08
N ARG O 248 16.28 14.12 51.69
CA ARG O 248 17.34 13.14 51.45
C ARG O 248 18.10 12.91 52.75
N THR O 249 18.46 11.65 53.00
CA THR O 249 19.30 11.34 54.14
C THR O 249 20.77 11.66 53.87
N GLU O 250 21.15 11.77 52.59
CA GLU O 250 22.51 12.05 52.17
C GLU O 250 23.12 13.17 52.99
N LEU O 251 24.26 12.88 53.63
CA LEU O 251 24.88 13.83 54.55
C LEU O 251 25.12 15.18 53.87
N SER O 252 25.66 15.16 52.66
CA SER O 252 25.96 16.41 51.97
C SER O 252 24.73 17.14 51.46
N SER O 253 23.55 16.48 51.45
CA SER O 253 22.34 17.21 51.09
C SER O 253 22.01 18.30 52.09
N SER O 254 22.53 18.21 53.32
CA SER O 254 22.48 19.29 54.30
C SER O 254 21.06 19.77 54.59
N GLY O 255 20.07 18.90 54.42
CA GLY O 255 18.70 19.27 54.71
C GLY O 255 17.98 20.01 53.60
N TYR O 256 18.62 20.27 52.46
CA TYR O 256 17.95 20.95 51.36
C TYR O 256 17.14 19.96 50.53
N GLY O 257 16.26 20.52 49.71
CA GLY O 257 15.39 19.74 48.85
C GLY O 257 16.09 19.24 47.61
N LEU O 258 15.28 18.86 46.62
CA LEU O 258 15.79 18.34 45.36
C LEU O 258 14.81 18.75 44.27
N SER O 259 15.20 19.72 43.45
CA SER O 259 14.33 20.21 42.38
C SER O 259 14.30 19.23 41.23
N GLU O 260 13.10 18.99 40.70
CA GLU O 260 12.95 18.29 39.43
C GLU O 260 13.63 19.00 38.28
N VAL O 261 13.83 20.31 38.38
CA VAL O 261 14.58 21.03 37.35
C VAL O 261 16.03 20.55 37.30
N GLU O 262 16.61 20.25 38.46
CA GLU O 262 17.95 19.67 38.46
C GLU O 262 17.95 18.31 37.78
N ILE O 263 17.01 17.45 38.15
CA ILE O 263 16.97 16.11 37.56
C ILE O 263 16.71 16.19 36.06
N ALA O 264 15.75 17.03 35.66
CA ALA O 264 15.32 17.11 34.27
C ALA O 264 16.16 18.07 33.43
N MET O 265 17.28 18.59 33.97
CA MET O 265 17.97 19.71 33.33
C MET O 265 18.43 19.35 31.91
N LYS O 266 18.98 18.15 31.75
CA LYS O 266 19.34 17.68 30.41
C LYS O 266 18.15 17.72 29.45
N GLU O 267 17.00 17.24 29.91
CA GLU O 267 15.80 17.29 29.08
C GLU O 267 15.40 18.72 28.72
N PHE O 268 15.46 19.64 29.68
CA PHE O 268 15.14 21.03 29.36
C PHE O 268 16.10 21.61 28.33
N ILE O 269 17.39 21.29 28.45
CA ILE O 269 18.37 21.78 27.48
C ILE O 269 18.08 21.20 26.10
N ALA O 270 17.85 19.88 26.04
CA ALA O 270 17.50 19.24 24.78
C ALA O 270 16.25 19.86 24.16
N TYR O 271 15.22 20.08 24.97
CA TYR O 271 14.03 20.80 24.50
C TYR O 271 14.38 22.13 23.86
N ASN O 272 15.08 23.00 24.60
CA ASN O 272 15.49 24.29 24.05
C ASN O 272 16.24 24.15 22.74
N ASN O 273 17.18 23.20 22.67
CA ASN O 273 17.97 23.01 21.46
C ASN O 273 17.10 22.59 20.29
N THR O 274 16.19 21.64 20.49
CA THR O 274 15.34 21.20 19.39
C THR O 274 14.37 22.28 18.95
N GLU O 275 13.91 23.11 19.89
CA GLU O 275 13.07 24.23 19.53
C GLU O 275 13.83 25.24 18.70
N SER O 276 15.04 25.60 19.12
CA SER O 276 15.86 26.52 18.33
C SER O 276 16.15 25.94 16.95
N PHE O 277 16.46 24.64 16.89
CA PHE O 277 16.70 23.99 15.61
C PHE O 277 15.50 24.15 14.67
N ASN O 278 14.30 23.84 15.15
CA ASN O 278 13.13 23.94 14.29
C ASN O 278 12.82 25.39 13.91
N ASP O 279 13.03 26.32 14.83
CA ASP O 279 12.78 27.73 14.53
C ASP O 279 13.78 28.34 13.56
N ARG O 280 15.03 27.91 13.60
CA ARG O 280 16.07 28.54 12.77
C ARG O 280 15.88 28.32 11.28
N PHE O 281 14.99 27.42 10.85
CA PHE O 281 14.65 27.36 9.43
C PHE O 281 14.23 28.72 8.90
N PHE O 282 13.35 29.41 9.62
CA PHE O 282 12.94 30.76 9.22
C PHE O 282 13.95 31.81 9.66
N SER O 283 14.33 31.79 10.94
CA SER O 283 15.12 32.89 11.51
C SER O 283 16.47 33.03 10.80
N HIS O 284 17.11 31.91 10.48
CA HIS O 284 18.48 31.92 10.00
C HIS O 284 18.71 31.10 8.75
N GLY O 285 17.75 30.28 8.34
CA GLY O 285 18.02 29.27 7.33
C GLY O 285 18.02 29.82 5.92
N GLY O 286 18.55 29.00 5.02
CA GLY O 286 18.24 29.10 3.61
C GLY O 286 17.00 28.32 3.25
N THR O 287 15.90 29.01 2.97
CA THR O 287 14.68 28.38 2.50
C THR O 287 14.69 28.13 1.01
N THR O 288 15.75 28.53 0.29
CA THR O 288 15.77 28.50 -1.16
C THR O 288 15.44 27.12 -1.71
N ARG O 289 14.39 27.06 -2.54
CA ARG O 289 13.92 25.79 -3.06
C ARG O 289 15.00 25.09 -3.88
N GLY O 290 15.73 25.85 -4.70
CA GLY O 290 16.64 25.24 -5.65
C GLY O 290 17.31 26.29 -6.50
N ILE O 291 18.19 25.83 -7.38
CA ILE O 291 18.93 26.69 -8.30
C ILE O 291 18.45 26.40 -9.71
N LEU O 292 18.10 27.46 -10.44
CA LEU O 292 17.82 27.39 -11.86
C LEU O 292 19.12 27.57 -12.63
N GLN O 293 19.67 26.46 -13.13
CA GLN O 293 20.87 26.53 -13.96
C GLN O 293 20.48 26.75 -15.42
N ILE O 294 20.88 27.91 -15.96
CA ILE O 294 20.83 28.18 -17.39
C ILE O 294 22.27 28.17 -17.88
N ARG O 295 22.51 27.56 -19.03
CA ARG O 295 23.87 27.38 -19.53
C ARG O 295 23.94 27.68 -21.02
N SER O 296 24.98 28.41 -21.40
CA SER O 296 25.27 28.69 -22.80
C SER O 296 26.78 28.84 -22.94
N ASP O 297 27.23 29.10 -24.17
CA ASP O 297 28.64 29.18 -24.47
C ASP O 297 29.39 30.12 -23.53
N GLN O 298 28.75 31.19 -23.07
CA GLN O 298 29.35 32.06 -22.07
C GLN O 298 28.25 32.65 -21.18
N GLN O 299 28.62 32.93 -19.94
CA GLN O 299 27.69 33.57 -19.00
C GLN O 299 27.26 34.95 -19.50
N GLN O 300 26.01 35.29 -19.24
CA GLN O 300 25.50 36.63 -19.52
C GLN O 300 26.18 37.69 -18.67
N SER O 301 26.33 38.88 -19.25
CA SER O 301 26.71 40.06 -18.49
C SER O 301 25.70 40.37 -17.39
N GLN O 302 26.15 41.14 -16.40
CA GLN O 302 25.28 41.54 -15.29
C GLN O 302 24.12 42.40 -15.77
N HIS O 303 24.36 43.30 -16.72
CA HIS O 303 23.27 44.11 -17.27
C HIS O 303 22.22 43.23 -17.92
N ALA O 304 22.66 42.31 -18.77
CA ALA O 304 21.74 41.38 -19.40
C ALA O 304 20.94 40.61 -18.36
N LEU O 305 21.62 40.15 -17.31
CA LEU O 305 20.93 39.37 -16.28
C LEU O 305 19.92 40.21 -15.50
N GLU O 306 20.23 41.49 -15.25
CA GLU O 306 19.28 42.32 -14.53
C GLU O 306 18.06 42.70 -15.37
N ASN O 307 18.24 42.89 -16.68
CA ASN O 307 17.04 43.12 -17.49
C ASN O 307 16.31 41.82 -17.81
N PHE O 308 16.97 40.67 -17.71
CA PHE O 308 16.27 39.40 -17.71
C PHE O 308 15.42 39.23 -16.46
N LYS O 309 15.96 39.63 -15.31
CA LYS O 309 15.14 39.70 -14.09
C LYS O 309 13.97 40.65 -14.24
N ARG O 310 14.15 41.75 -14.98
CA ARG O 310 13.01 42.64 -15.17
C ARG O 310 11.94 42.03 -16.07
N GLU O 311 12.35 41.41 -17.18
CA GLU O 311 11.38 40.67 -17.98
C GLU O 311 10.65 39.61 -17.16
N TRP O 312 11.40 38.90 -16.31
CA TRP O 312 10.79 37.85 -15.50
C TRP O 312 9.75 38.41 -14.56
N LYS O 313 10.15 39.35 -13.70
CA LYS O 313 9.21 39.82 -12.69
C LYS O 313 8.06 40.57 -13.33
N SER O 314 8.32 41.36 -14.38
CA SER O 314 7.25 42.06 -15.06
C SER O 314 6.29 41.12 -15.80
N SER O 315 6.66 39.85 -16.00
CA SER O 315 5.79 38.94 -16.73
C SER O 315 5.19 37.82 -15.88
N LEU O 316 5.79 37.48 -14.74
CA LEU O 316 5.48 36.24 -14.04
C LEU O 316 5.23 36.38 -12.55
N SER O 317 5.48 37.53 -11.95
CA SER O 317 5.41 37.63 -10.49
C SER O 317 3.99 37.85 -10.01
N GLY O 318 3.75 37.42 -8.78
CA GLY O 318 2.50 37.61 -8.07
C GLY O 318 1.31 36.88 -8.69
N ILE O 319 0.12 37.34 -8.30
CA ILE O 319 -1.11 36.86 -8.91
C ILE O 319 -1.17 37.23 -10.39
N ASN O 320 -0.67 38.41 -10.74
CA ASN O 320 -0.79 38.90 -12.11
C ASN O 320 -0.14 37.96 -13.13
N GLY O 321 1.01 37.40 -12.79
CA GLY O 321 1.72 36.46 -13.65
C GLY O 321 1.42 35.00 -13.40
N SER O 322 0.47 34.69 -12.52
CA SER O 322 0.54 33.45 -11.77
C SER O 322 0.50 32.20 -12.64
N TRP O 323 -0.22 32.22 -13.75
CA TRP O 323 -0.34 31.04 -14.61
C TRP O 323 0.40 31.14 -15.93
N GLN O 324 1.12 32.23 -16.18
CA GLN O 324 1.93 32.31 -17.40
C GLN O 324 3.17 31.43 -17.27
N ILE O 325 3.65 30.93 -18.41
CA ILE O 325 4.85 30.13 -18.49
C ILE O 325 5.88 30.88 -19.33
N PRO O 326 7.11 31.07 -18.85
CA PRO O 326 8.15 31.62 -19.74
C PRO O 326 8.61 30.62 -20.79
N VAL O 327 8.85 31.12 -22.00
CA VAL O 327 9.61 30.41 -23.02
C VAL O 327 11.03 30.95 -23.02
N VAL O 328 12.01 30.03 -22.96
CA VAL O 328 13.42 30.38 -22.95
C VAL O 328 14.13 29.43 -23.90
N MET O 329 15.11 29.96 -24.66
CA MET O 329 15.76 29.20 -25.72
C MET O 329 17.25 29.01 -25.47
N ALA O 330 17.66 28.97 -24.20
CA ALA O 330 19.03 28.65 -23.86
C ALA O 330 19.40 27.26 -24.38
N ASP O 331 20.71 27.02 -24.50
CA ASP O 331 21.19 25.73 -24.97
C ASP O 331 20.76 24.59 -24.05
N ASP O 332 20.85 24.79 -22.74
CA ASP O 332 20.28 23.83 -21.81
C ASP O 332 19.87 24.54 -20.53
N ILE O 333 18.80 24.03 -19.91
CA ILE O 333 18.23 24.58 -18.69
C ILE O 333 18.01 23.42 -17.72
N LYS O 334 18.43 23.61 -16.47
CA LYS O 334 18.31 22.58 -15.45
C LYS O 334 17.88 23.25 -14.15
N PHE O 335 17.11 22.53 -13.35
CA PHE O 335 16.70 22.97 -12.01
C PHE O 335 17.14 21.95 -10.97
N VAL O 336 17.94 22.41 -10.01
CA VAL O 336 18.50 21.55 -8.98
C VAL O 336 17.67 21.74 -7.71
N ASN O 337 17.09 20.66 -7.21
CA ASN O 337 16.27 20.72 -6.00
C ASN O 337 17.18 20.64 -4.78
N MET O 338 17.10 21.66 -3.92
CA MET O 338 17.95 21.74 -2.73
C MET O 338 17.20 21.50 -1.43
N THR O 339 15.89 21.53 -1.42
CA THR O 339 15.10 21.25 -0.23
C THR O 339 13.98 20.28 -0.55
N PRO O 340 13.39 19.64 0.46
CA PRO O 340 12.18 18.86 0.24
C PRO O 340 11.05 19.72 -0.30
N THR O 341 10.23 19.14 -1.16
CA THR O 341 9.08 19.85 -1.70
C THR O 341 8.09 20.24 -0.60
N ALA O 342 8.08 19.51 0.51
CA ALA O 342 7.14 19.75 1.61
C ALA O 342 7.91 19.72 2.94
N ASN O 343 8.16 20.91 3.48
CA ASN O 343 8.85 21.04 4.76
C ASN O 343 7.87 20.92 5.93
N ASP O 344 8.32 20.28 7.00
CA ASP O 344 7.60 20.32 8.27
C ASP O 344 8.60 20.19 9.41
N MET O 345 8.11 20.41 10.62
CA MET O 345 8.94 20.28 11.81
C MET O 345 9.57 18.91 11.90
N GLN O 346 10.74 18.85 12.54
CA GLN O 346 11.50 17.63 12.72
C GLN O 346 11.64 17.32 14.20
N PHE O 347 11.90 16.05 14.50
CA PHE O 347 12.14 15.60 15.87
C PHE O 347 10.91 15.76 16.75
N GLU O 348 9.72 15.64 16.17
CA GLU O 348 8.51 15.75 16.96
C GLU O 348 8.43 14.66 18.01
N LYS O 349 8.78 13.43 17.63
CA LYS O 349 8.82 12.32 18.57
C LYS O 349 9.79 12.60 19.71
N TRP O 350 10.99 13.08 19.40
CA TRP O 350 11.96 13.45 20.42
C TRP O 350 11.36 14.42 21.44
N LEU O 351 10.65 15.44 20.95
CA LEU O 351 9.99 16.38 21.84
C LEU O 351 8.98 15.68 22.73
N ASN O 352 8.09 14.88 22.13
CA ASN O 352 7.09 14.16 22.90
C ASN O 352 7.75 13.33 24.00
N TYR O 353 8.81 12.61 23.64
CA TYR O 353 9.55 11.81 24.61
C TYR O 353 10.07 12.63 25.78
N LEU O 354 10.80 13.70 25.48
CA LEU O 354 11.30 14.60 26.52
C LEU O 354 10.18 15.08 27.44
N ILE O 355 9.10 15.58 26.86
CA ILE O 355 8.02 16.12 27.68
C ILE O 355 7.34 15.01 28.46
N ASN O 356 7.28 13.79 27.91
CA ASN O 356 6.73 12.67 28.66
C ASN O 356 7.54 12.41 29.92
N ILE O 357 8.87 12.44 29.81
CA ILE O 357 9.71 12.26 30.98
C ILE O 357 9.47 13.37 32.00
N ILE O 358 9.52 14.62 31.54
CA ILE O 358 9.32 15.74 32.48
C ILE O 358 7.96 15.66 33.16
N SER O 359 6.91 15.33 32.40
CA SER O 359 5.58 15.18 32.99
C SER O 359 5.55 14.05 34.00
N ALA O 360 6.22 12.93 33.70
CA ALA O 360 6.22 11.82 34.64
C ALA O 360 6.94 12.19 35.92
N LEU O 361 8.00 12.98 35.81
CA LEU O 361 8.67 13.45 37.03
C LEU O 361 7.78 14.37 37.84
N TYR O 362 7.10 15.31 37.18
CA TYR O 362 6.28 16.25 37.93
C TYR O 362 4.97 15.66 38.42
N GLY O 363 4.52 14.54 37.85
CA GLY O 363 3.21 14.02 38.20
C GLY O 363 2.08 14.79 37.53
N ILE O 364 2.10 14.81 36.20
CA ILE O 364 1.06 15.45 35.42
C ILE O 364 0.87 14.64 34.14
N ASP O 365 -0.33 14.69 33.58
CA ASP O 365 -0.59 13.98 32.33
C ASP O 365 -0.09 14.82 31.15
N PRO O 366 0.76 14.27 30.27
CA PRO O 366 0.99 14.89 28.96
C PRO O 366 -0.25 15.40 28.24
N ALA O 367 -1.33 14.63 28.27
CA ALA O 367 -2.54 15.03 27.57
C ALA O 367 -3.33 16.10 28.29
N GLU O 368 -3.04 16.35 29.56
CA GLU O 368 -3.58 17.55 30.21
C GLU O 368 -3.08 18.82 29.54
N ILE O 369 -1.90 18.78 28.93
CA ILE O 369 -1.21 19.98 28.46
C ILE O 369 -0.79 19.80 27.01
N GLY O 370 -1.62 19.12 26.21
CA GLY O 370 -1.48 19.20 24.77
C GLY O 370 -0.31 18.43 24.20
N PHE O 371 0.07 17.31 24.80
CA PHE O 371 1.01 16.39 24.19
C PHE O 371 0.41 14.99 24.09
N PRO O 372 0.80 14.20 23.09
CA PRO O 372 0.51 12.77 23.14
C PRO O 372 1.11 12.10 24.37
N ASN O 373 0.39 11.10 24.89
CA ASN O 373 0.90 10.21 25.92
C ASN O 373 1.37 8.92 25.27
N ARG O 374 2.64 8.58 25.47
CA ARG O 374 3.19 7.35 24.91
C ARG O 374 2.74 6.12 25.69
N GLY O 375 2.23 6.30 26.90
CA GLY O 375 1.29 5.36 27.46
C GLY O 375 -0.07 5.55 26.81
N GLY O 376 -0.53 4.53 26.08
CA GLY O 376 -1.68 4.71 25.20
C GLY O 376 -2.88 5.25 25.96
N ALA O 377 -3.63 6.14 25.30
CA ALA O 377 -4.65 6.91 26.00
C ALA O 377 -5.70 6.02 26.65
N THR O 378 -5.95 4.84 26.08
CA THR O 378 -6.88 3.90 26.70
C THR O 378 -6.27 3.16 27.89
N GLY O 379 -4.95 3.19 28.04
CA GLY O 379 -4.31 2.54 29.17
C GLY O 379 -4.43 3.31 30.48
N SER O 380 -4.47 4.64 30.40
CA SER O 380 -4.84 5.44 31.56
C SER O 380 -6.31 5.28 31.88
N LYS O 381 -6.60 5.17 33.18
CA LYS O 381 -7.96 4.88 33.65
C LYS O 381 -8.15 5.43 35.06
N LEU O 386 -17.26 4.59 43.24
CA LEU O 386 -17.65 4.70 41.85
C LEU O 386 -17.11 5.98 41.19
N ASN O 387 -16.50 6.84 42.00
CA ASN O 387 -15.81 8.02 41.48
C ASN O 387 -14.74 8.44 42.48
N GLU O 388 -13.76 9.21 41.99
CA GLU O 388 -12.73 9.73 42.86
C GLU O 388 -12.27 11.14 42.49
N ALA O 389 -12.95 11.82 41.57
CA ALA O 389 -12.61 13.20 41.24
C ALA O 389 -13.84 13.88 40.67
N ASP O 390 -13.64 15.09 40.15
CA ASP O 390 -14.60 15.68 39.23
C ASP O 390 -14.72 14.82 37.97
N PRO O 391 -15.87 14.85 37.29
CA PRO O 391 -16.09 13.93 36.16
C PRO O 391 -15.08 14.14 35.03
N GLY O 392 -14.80 13.05 34.32
CA GLY O 392 -13.93 13.03 33.14
C GLY O 392 -12.69 12.18 33.33
N LYS O 393 -12.46 11.30 32.36
CA LYS O 393 -11.46 10.25 32.51
C LYS O 393 -10.05 10.82 32.63
N LYS O 394 -9.73 11.83 31.81
CA LYS O 394 -8.40 12.42 31.81
C LYS O 394 -8.05 12.99 33.18
N GLN O 395 -8.93 13.82 33.74
CA GLN O 395 -8.57 14.66 34.88
C GLN O 395 -8.45 13.91 36.20
N GLN O 396 -9.22 12.84 36.40
CA GLN O 396 -9.25 12.16 37.70
C GLN O 396 -7.87 11.71 38.18
N GLN O 397 -7.06 11.11 37.30
CA GLN O 397 -5.75 10.62 37.72
C GLN O 397 -4.76 11.75 37.97
N SER O 398 -4.70 12.74 37.07
CA SER O 398 -3.78 13.85 37.29
C SER O 398 -4.20 14.68 38.50
N GLN O 399 -5.50 14.80 38.72
CA GLN O 399 -6.01 15.37 39.96
C GLN O 399 -5.46 14.65 41.18
N ASN O 400 -5.58 13.32 41.20
CA ASN O 400 -5.05 12.56 42.33
C ASN O 400 -3.57 12.87 42.52
N LYS O 401 -2.81 12.73 41.43
CA LYS O 401 -1.36 12.68 41.54
C LYS O 401 -0.81 14.05 41.92
N GLY O 402 -1.23 15.10 41.22
CA GLY O 402 -0.71 16.42 41.53
C GLY O 402 -1.31 16.96 42.81
N LEU O 403 -2.64 17.01 42.91
CA LEU O 403 -3.24 17.80 43.97
C LEU O 403 -3.10 17.15 45.34
N GLN O 404 -3.34 15.84 45.47
CA GLN O 404 -3.37 15.29 46.82
C GLN O 404 -2.03 15.43 47.54
N PRO O 405 -0.87 15.19 46.92
CA PRO O 405 0.39 15.57 47.58
C PRO O 405 0.44 17.05 47.87
N LEU O 406 0.16 17.89 46.88
CA LEU O 406 0.41 19.32 47.04
C LEU O 406 -0.51 19.91 48.11
N LEU O 407 -1.79 19.54 48.05
CA LEU O 407 -2.73 19.96 49.07
C LEU O 407 -2.31 19.48 50.45
N ARG O 408 -1.97 18.20 50.58
CA ARG O 408 -1.61 17.71 51.91
C ARG O 408 -0.32 18.33 52.41
N PHE O 409 0.58 18.73 51.51
CA PHE O 409 1.77 19.47 51.90
C PHE O 409 1.43 20.86 52.42
N ILE O 410 0.55 21.56 51.71
CA ILE O 410 0.15 22.89 52.16
C ILE O 410 -0.53 22.79 53.52
N GLU O 411 -1.44 21.82 53.67
CA GLU O 411 -2.03 21.56 54.97
C GLU O 411 -0.97 21.31 56.03
N ASP O 412 0.01 20.46 55.72
CA ASP O 412 1.09 20.17 56.67
C ASP O 412 1.75 21.45 57.16
N LEU O 413 2.12 22.33 56.23
CA LEU O 413 2.75 23.58 56.62
C LEU O 413 1.84 24.42 57.49
N VAL O 414 0.57 24.57 57.09
CA VAL O 414 -0.35 25.39 57.89
C VAL O 414 -0.48 24.82 59.29
N ASN O 415 -0.64 23.50 59.40
CA ASN O 415 -0.87 22.90 60.71
C ASN O 415 0.34 23.06 61.60
N ARG O 416 1.53 22.68 61.10
CA ARG O 416 2.73 22.78 61.92
C ARG O 416 3.00 24.23 62.35
N HIS O 417 2.89 25.20 61.45
CA HIS O 417 3.41 26.52 61.72
C HIS O 417 2.38 27.54 62.23
N ILE O 418 1.15 27.54 61.73
CA ILE O 418 0.17 28.56 62.09
C ILE O 418 -0.74 28.05 63.20
N ILE O 419 -1.49 26.98 62.91
CA ILE O 419 -2.45 26.45 63.87
C ILE O 419 -1.79 26.14 65.20
N SER O 420 -0.55 25.64 65.16
CA SER O 420 0.18 25.34 66.38
C SER O 420 0.29 26.52 67.34
N GLU O 421 0.11 27.76 66.86
CA GLU O 421 -0.01 28.88 67.77
C GLU O 421 -1.25 28.78 68.65
N TYR O 422 -2.31 28.14 68.16
CA TYR O 422 -3.55 27.99 68.89
C TYR O 422 -3.69 26.66 69.62
N GLY O 423 -2.68 25.80 69.54
CA GLY O 423 -2.71 24.51 70.20
C GLY O 423 -3.32 23.41 69.35
N ASP O 424 -3.08 22.17 69.80
CA ASP O 424 -3.32 20.98 69.02
C ASP O 424 -4.79 20.58 68.89
N LYS O 425 -5.69 21.24 69.61
CA LYS O 425 -7.10 20.83 69.54
C LYS O 425 -7.71 21.06 68.17
N TYR O 426 -7.18 21.99 67.38
CA TYR O 426 -7.72 22.30 66.07
C TYR O 426 -6.89 21.64 64.98
N THR O 427 -7.49 21.52 63.79
CA THR O 427 -6.78 21.07 62.60
C THR O 427 -7.24 21.87 61.41
N PHE O 428 -6.32 22.16 60.49
CA PHE O 428 -6.63 22.76 59.20
C PHE O 428 -6.64 21.70 58.13
N GLN O 429 -7.72 21.63 57.36
CA GLN O 429 -7.80 20.74 56.21
C GLN O 429 -8.54 21.43 55.07
N PHE O 430 -8.05 21.21 53.85
CA PHE O 430 -8.86 21.42 52.66
C PHE O 430 -9.94 20.35 52.57
N VAL O 431 -11.09 20.72 52.02
CA VAL O 431 -12.21 19.80 51.88
C VAL O 431 -12.83 19.97 50.50
N GLY O 432 -13.07 18.84 49.84
CA GLY O 432 -13.85 18.81 48.62
C GLY O 432 -15.33 18.97 48.91
N GLY O 433 -16.12 19.04 47.84
CA GLY O 433 -17.55 19.12 48.00
C GLY O 433 -18.11 17.85 48.61
N ASP O 434 -19.44 17.79 48.66
CA ASP O 434 -20.13 16.62 49.18
C ASP O 434 -21.38 16.34 48.37
N THR O 435 -21.79 15.06 48.39
CA THR O 435 -23.02 14.60 47.75
C THR O 435 -24.15 14.50 48.78
N LYS O 436 -24.59 15.68 49.23
CA LYS O 436 -25.52 15.84 50.33
C LYS O 436 -26.64 16.80 49.94
N SER O 437 -27.21 16.59 48.75
CA SER O 437 -28.34 17.40 48.33
C SER O 437 -29.52 17.22 49.28
N ALA O 438 -30.54 18.05 49.06
CA ALA O 438 -31.82 17.88 49.75
C ALA O 438 -32.39 16.49 49.54
N THR O 439 -32.27 15.95 48.33
CA THR O 439 -32.70 14.58 48.07
C THR O 439 -31.97 13.60 48.97
N ASP O 440 -30.64 13.69 49.03
CA ASP O 440 -29.87 12.75 49.85
C ASP O 440 -30.18 12.90 51.32
N LYS O 441 -30.29 14.15 51.80
CA LYS O 441 -30.63 14.37 53.20
C LYS O 441 -32.02 13.84 53.53
N LEU O 442 -32.97 14.02 52.62
CA LEU O 442 -34.32 13.49 52.83
C LEU O 442 -34.34 11.97 52.81
N ASN O 443 -33.59 11.34 51.92
CA ASN O 443 -33.47 9.88 51.95
C ASN O 443 -32.89 9.39 53.27
N ILE O 444 -31.83 10.06 53.73
CA ILE O 444 -31.18 9.67 54.97
C ILE O 444 -32.17 9.79 56.12
N LEU O 445 -32.81 10.95 56.26
CA LEU O 445 -33.78 11.12 57.32
C LEU O 445 -35.00 10.23 57.18
N LYS O 446 -35.44 9.95 55.94
CA LYS O 446 -36.51 8.98 55.72
C LYS O 446 -36.16 7.60 56.24
N LEU O 447 -34.88 7.27 56.30
CA LEU O 447 -34.51 6.03 56.98
C LEU O 447 -34.34 6.22 58.48
N GLU O 448 -33.71 7.32 58.91
CA GLU O 448 -33.54 7.59 60.34
C GLU O 448 -34.86 7.69 61.09
N THR O 449 -35.92 8.17 60.43
CA THR O 449 -37.23 8.28 61.06
C THR O 449 -37.93 6.93 61.16
N GLN O 450 -37.51 5.95 60.38
CA GLN O 450 -37.95 4.59 60.59
C GLN O 450 -37.13 3.92 61.68
N ILE O 451 -35.84 4.23 61.74
CA ILE O 451 -34.90 3.51 62.60
C ILE O 451 -34.77 4.18 63.96
N PHE O 452 -34.77 5.52 64.00
CA PHE O 452 -34.47 6.25 65.24
C PHE O 452 -35.54 7.25 65.63
N LYS O 453 -35.90 8.12 64.70
CA LYS O 453 -36.44 9.43 65.03
C LYS O 453 -37.96 9.43 65.00
N THR O 454 -38.56 9.86 66.11
CA THR O 454 -39.97 10.23 66.07
C THR O 454 -40.16 11.50 65.26
N VAL O 455 -41.37 11.69 64.77
CA VAL O 455 -41.73 12.90 64.03
C VAL O 455 -41.28 14.14 64.78
N ASN O 456 -41.50 14.17 66.09
CA ASN O 456 -41.19 15.39 66.84
C ASN O 456 -39.69 15.61 67.01
N GLU O 457 -38.89 14.54 67.13
CA GLU O 457 -37.45 14.71 67.17
C GLU O 457 -36.93 15.27 65.85
N ALA O 458 -37.40 14.73 64.73
CA ALA O 458 -37.03 15.25 63.43
C ALA O 458 -37.40 16.73 63.30
N ARG O 459 -38.66 17.07 63.57
CA ARG O 459 -39.10 18.46 63.45
C ARG O 459 -38.30 19.38 64.37
N GLU O 460 -38.01 18.94 65.59
CA GLU O 460 -37.21 19.75 66.50
C GLU O 460 -35.81 20.00 65.95
N GLU O 461 -35.18 18.96 65.37
CA GLU O 461 -33.89 19.18 64.72
C GLU O 461 -33.97 20.17 63.55
N GLN O 462 -35.15 20.35 62.96
CA GLN O 462 -35.36 21.42 61.99
C GLN O 462 -35.72 22.75 62.65
N GLY O 463 -35.88 22.76 63.96
CA GLY O 463 -36.48 23.89 64.65
C GLY O 463 -37.97 24.04 64.43
N LYS O 464 -38.66 22.96 64.07
CA LYS O 464 -40.09 22.99 63.80
C LYS O 464 -40.82 22.37 64.98
N LYS O 465 -41.94 22.99 65.35
CA LYS O 465 -42.62 22.66 66.59
C LYS O 465 -43.00 21.18 66.65
N PRO O 466 -42.81 20.50 67.79
CA PRO O 466 -43.34 19.16 67.94
C PRO O 466 -44.87 19.17 67.86
N ILE O 467 -45.44 18.06 67.39
CA ILE O 467 -46.88 17.94 67.17
C ILE O 467 -47.41 16.81 68.04
N GLU O 468 -48.59 17.04 68.62
CA GLU O 468 -49.35 15.98 69.27
C GLU O 468 -49.67 14.87 68.29
N GLY O 469 -49.27 13.65 68.65
CA GLY O 469 -49.25 12.53 67.73
C GLY O 469 -47.91 12.27 67.10
N GLY O 470 -46.92 13.14 67.32
CA GLY O 470 -45.54 12.75 67.15
C GLY O 470 -45.08 11.86 68.29
N ASP O 471 -43.78 11.89 68.58
CA ASP O 471 -43.16 10.98 69.54
C ASP O 471 -43.39 9.51 69.19
N ILE O 472 -43.65 9.22 67.92
CA ILE O 472 -43.84 7.87 67.43
C ILE O 472 -42.92 7.64 66.23
N ILE O 473 -42.34 6.44 66.16
CA ILE O 473 -41.63 6.02 64.96
C ILE O 473 -42.65 5.76 63.85
N LEU O 474 -42.31 6.18 62.63
CA LEU O 474 -43.19 5.98 61.48
C LEU O 474 -43.03 4.57 60.91
N ASP O 475 -43.39 3.59 61.72
CA ASP O 475 -43.47 2.21 61.27
C ASP O 475 -44.75 1.59 61.83
N ALA O 476 -45.51 0.93 60.96
CA ALA O 476 -46.75 0.32 61.39
C ALA O 476 -46.53 -0.73 62.48
N SER O 477 -45.39 -1.43 62.45
CA SER O 477 -45.12 -2.41 63.48
C SER O 477 -44.92 -1.76 64.84
N PHE O 478 -44.29 -0.59 64.89
CA PHE O 478 -44.13 0.12 66.15
C PHE O 478 -45.49 0.46 66.76
N LEU O 479 -46.42 0.95 65.93
CA LEU O 479 -47.75 1.28 66.44
C LEU O 479 -48.52 0.04 66.85
N GLN O 480 -48.41 -1.05 66.09
CA GLN O 480 -49.04 -2.29 66.51
C GLN O 480 -48.49 -2.77 67.85
N GLY O 481 -47.19 -2.58 68.07
CA GLY O 481 -46.61 -2.85 69.37
C GLY O 481 -47.20 -2.00 70.48
N THR O 482 -47.26 -0.69 70.27
CA THR O 482 -47.81 0.16 71.31
C THR O 482 -49.29 -0.13 71.57
N ALA O 483 -50.04 -0.48 70.52
CA ALA O 483 -51.43 -0.88 70.71
C ALA O 483 -51.54 -2.18 71.49
N GLN O 484 -50.60 -3.10 71.27
CA GLN O 484 -50.54 -4.28 72.12
C GLN O 484 -50.30 -3.89 73.56
N LEU O 485 -49.25 -3.10 73.81
CA LEU O 485 -48.92 -2.79 75.20
C LEU O 485 -50.08 -2.05 75.86
N GLN O 486 -50.80 -1.24 75.10
CA GLN O 486 -52.01 -0.59 75.61
C GLN O 486 -53.05 -1.61 76.06
N GLN O 487 -53.33 -2.61 75.22
CA GLN O 487 -54.26 -3.66 75.61
C GLN O 487 -53.75 -4.42 76.84
N ASP O 488 -52.46 -4.74 76.86
CA ASP O 488 -51.83 -5.34 78.04
C ASP O 488 -52.09 -4.53 79.30
N LYS O 489 -51.89 -3.22 79.23
CA LYS O 489 -52.20 -2.35 80.36
C LYS O 489 -53.66 -2.45 80.75
N GLN O 490 -54.56 -2.41 79.78
CA GLN O 490 -55.99 -2.45 80.12
C GLN O 490 -56.37 -3.79 80.75
N TYR O 491 -55.71 -4.87 80.32
CA TYR O 491 -55.92 -6.16 80.95
C TYR O 491 -55.41 -6.19 82.38
N ASN O 492 -54.17 -5.74 82.59
CA ASN O 492 -53.60 -5.75 83.93
C ASN O 492 -54.38 -4.84 84.87
N ASP O 493 -54.84 -3.69 84.36
CA ASP O 493 -55.72 -2.81 85.12
C ASP O 493 -57.00 -3.54 85.55
N GLY O 494 -57.65 -4.23 84.61
CA GLY O 494 -58.84 -4.98 84.97
C GLY O 494 -58.54 -6.06 86.00
N LYS O 495 -57.49 -6.83 85.76
CA LYS O 495 -57.09 -7.88 86.70
C LYS O 495 -56.86 -7.32 88.09
N GLN O 496 -56.11 -6.22 88.19
CA GLN O 496 -55.76 -5.65 89.49
C GLN O 496 -56.99 -5.05 90.17
N LYS O 497 -57.87 -4.41 89.41
CA LYS O 497 -59.10 -3.88 90.00
C LYS O 497 -59.98 -5.00 90.52
N GLU O 498 -60.09 -6.11 89.78
CA GLU O 498 -60.89 -7.24 90.24
C GLU O 498 -60.23 -7.93 91.43
N ARG O 499 -58.90 -7.96 91.47
CA ARG O 499 -58.17 -8.42 92.64
C ARG O 499 -58.51 -7.57 93.86
N LEU O 500 -58.47 -6.25 93.71
CA LEU O 500 -58.81 -5.36 94.81
C LEU O 500 -60.25 -5.57 95.26
N GLN O 501 -61.19 -5.68 94.32
CA GLN O 501 -62.59 -5.88 94.66
C GLN O 501 -62.81 -7.21 95.40
N MET O 502 -62.13 -8.27 94.97
CA MET O 502 -62.21 -9.54 95.68
C MET O 502 -61.59 -9.45 97.08
N MET O 503 -60.43 -8.82 97.19
CA MET O 503 -59.81 -8.65 98.49
C MET O 503 -60.71 -7.88 99.45
N MET O 504 -61.35 -6.81 98.96
CA MET O 504 -62.28 -6.08 99.83
C MET O 504 -63.51 -6.92 100.13
N SER O 505 -63.94 -7.77 99.19
CA SER O 505 -65.05 -8.67 99.47
C SER O 505 -64.62 -9.77 100.44
N LEU O 506 -63.40 -10.26 100.28
CA LEU O 506 -62.89 -11.39 101.06
C LEU O 506 -62.55 -10.95 102.48
N SER P 49 28.33 -13.70 65.81
CA SER P 49 27.33 -14.34 64.98
C SER P 49 26.34 -13.32 64.44
N LEU P 50 25.78 -13.61 63.27
CA LEU P 50 24.86 -12.66 62.64
C LEU P 50 23.52 -12.65 63.37
N TYR P 51 22.90 -13.83 63.53
CA TYR P 51 21.63 -13.99 64.23
C TYR P 51 21.79 -14.53 65.65
N GLY P 52 22.62 -15.55 65.83
CA GLY P 52 22.69 -16.23 67.11
C GLY P 52 23.48 -17.51 66.98
N GLN P 53 23.66 -18.18 68.12
CA GLN P 53 24.45 -19.41 68.16
C GLN P 53 23.75 -20.48 67.33
N GLN P 54 24.46 -20.99 66.33
CA GLN P 54 23.93 -22.01 65.43
C GLN P 54 25.09 -22.88 64.96
N GLN P 55 24.79 -24.14 64.65
CA GLN P 55 25.84 -25.05 64.21
C GLN P 55 26.06 -25.00 62.70
N ALA P 56 25.08 -24.50 61.94
CA ALA P 56 25.32 -24.14 60.55
C ALA P 56 26.05 -22.81 60.50
N TYR P 57 27.08 -22.73 59.68
CA TYR P 57 27.76 -21.47 59.45
C TYR P 57 26.91 -20.52 58.63
N ALA P 58 26.85 -19.26 59.07
CA ALA P 58 26.08 -18.22 58.41
C ALA P 58 26.96 -17.13 57.81
N GLU P 59 28.28 -17.29 57.86
CA GLU P 59 29.24 -16.33 57.34
C GLU P 59 30.33 -17.10 56.61
N PRO P 60 31.11 -16.43 55.77
CA PRO P 60 32.24 -17.11 55.13
C PRO P 60 33.16 -17.76 56.15
N PHE P 61 33.40 -19.05 55.98
CA PHE P 61 34.14 -19.80 57.00
C PHE P 61 35.57 -19.30 57.13
N ILE P 62 36.26 -19.16 56.01
CA ILE P 62 37.54 -18.46 56.00
C ILE P 62 37.27 -16.97 55.96
N GLU P 63 37.93 -16.23 56.86
CA GLU P 63 37.78 -14.79 56.88
C GLU P 63 38.30 -14.20 55.58
N MET P 64 37.41 -13.63 54.78
CA MET P 64 37.84 -12.91 53.59
C MET P 64 38.50 -11.60 53.98
N MET P 65 39.42 -11.16 53.11
CA MET P 65 40.24 -9.98 53.42
C MET P 65 39.35 -8.75 53.28
N ASP P 66 38.61 -8.47 54.35
CA ASP P 66 37.92 -7.19 54.48
C ASP P 66 38.94 -6.06 54.60
N THR P 67 38.57 -4.90 54.05
CA THR P 67 39.48 -3.75 54.07
C THR P 67 39.81 -3.35 55.50
N ASN P 68 38.87 -3.54 56.43
CA ASN P 68 39.05 -3.17 57.82
C ASN P 68 38.65 -4.35 58.70
N PRO P 69 39.43 -4.68 59.73
CA PRO P 69 39.00 -5.75 60.65
C PRO P 69 37.71 -5.44 61.39
N GLU P 70 37.33 -4.17 61.48
CA GLU P 70 36.28 -3.77 62.40
C GLU P 70 34.88 -3.78 61.80
N PHE P 71 34.75 -3.83 60.48
CA PHE P 71 33.41 -3.88 59.89
C PHE P 71 33.43 -4.67 58.59
N ARG P 72 32.26 -5.19 58.25
CA ARG P 72 32.06 -5.98 57.04
C ARG P 72 31.86 -5.07 55.83
N ASP P 73 32.69 -5.27 54.81
CA ASP P 73 32.58 -4.48 53.59
C ASP P 73 31.33 -4.86 52.82
N LYS P 74 30.76 -3.87 52.12
CA LYS P 74 29.59 -4.07 51.26
C LYS P 74 30.07 -4.50 49.88
N ARG P 75 30.46 -5.77 49.79
CA ARG P 75 30.96 -6.31 48.54
C ARG P 75 29.88 -6.43 47.49
N SER P 76 30.25 -6.08 46.25
CA SER P 76 29.42 -6.36 45.07
C SER P 76 29.19 -7.85 44.92
N TYR P 77 28.08 -8.19 44.25
CA TYR P 77 27.67 -9.58 44.05
C TYR P 77 28.82 -10.49 43.65
N MET P 78 29.63 -10.06 42.69
CA MET P 78 30.77 -10.85 42.24
C MET P 78 32.03 -10.60 43.06
N LYS P 79 31.94 -9.76 44.10
CA LYS P 79 33.08 -9.31 44.89
C LYS P 79 34.12 -8.57 44.04
N ASN P 80 33.72 -8.13 42.84
CA ASN P 80 34.58 -7.30 42.02
C ASN P 80 34.81 -5.92 42.62
N GLU P 81 33.97 -5.50 43.56
CA GLU P 81 34.01 -4.15 44.10
C GLU P 81 33.67 -4.16 45.59
N HIS P 82 34.30 -3.25 46.33
CA HIS P 82 34.16 -3.15 47.77
C HIS P 82 33.47 -1.87 48.24
N ASN P 83 33.18 -0.94 47.34
CA ASN P 83 32.64 0.37 47.69
C ASN P 83 31.33 0.56 46.93
N LEU P 84 30.49 -0.48 46.97
CA LEU P 84 29.32 -0.56 46.09
C LEU P 84 28.44 0.67 46.21
N HIS P 85 28.22 1.17 47.42
CA HIS P 85 27.29 2.28 47.59
C HIS P 85 27.83 3.56 46.96
N ASP P 86 29.15 3.72 46.90
CA ASP P 86 29.71 4.83 46.15
C ASP P 86 29.56 4.65 44.64
N VAL P 87 29.42 3.42 44.17
CA VAL P 87 29.04 3.20 42.77
C VAL P 87 27.59 3.61 42.55
N LEU P 88 26.68 3.08 43.37
CA LEU P 88 25.26 3.37 43.20
C LEU P 88 24.94 4.85 43.35
N LYS P 89 25.66 5.55 44.23
CA LYS P 89 25.46 6.98 44.42
C LYS P 89 25.55 7.75 43.11
N LYS P 90 26.34 7.28 42.15
CA LYS P 90 26.44 7.97 40.88
C LYS P 90 25.15 7.90 40.07
N PHE P 91 24.26 6.95 40.36
CA PHE P 91 22.98 6.84 39.67
C PHE P 91 21.83 7.55 40.37
N GLY P 92 22.05 8.05 41.59
CA GLY P 92 20.97 8.64 42.37
C GLY P 92 20.31 9.85 41.73
N ASN P 93 20.91 10.44 40.69
CA ASN P 93 20.29 11.51 39.93
C ASN P 93 19.67 11.03 38.62
N ASN P 94 19.57 9.72 38.41
CA ASN P 94 18.96 9.22 37.19
C ASN P 94 17.50 9.66 37.12
N PRO P 95 17.04 10.22 35.99
CA PRO P 95 15.63 10.66 35.94
C PRO P 95 14.61 9.55 36.07
N ILE P 96 14.87 8.36 35.52
CA ILE P 96 13.92 7.27 35.63
C ILE P 96 13.77 6.81 37.07
N LEU P 97 14.89 6.52 37.72
CA LEU P 97 14.84 6.08 39.11
C LEU P 97 14.19 7.12 40.01
N ASN P 98 14.46 8.41 39.74
CA ASN P 98 13.81 9.44 40.53
C ASN P 98 12.32 9.56 40.21
N ALA P 99 11.91 9.30 38.97
CA ALA P 99 10.49 9.25 38.67
C ALA P 99 9.79 8.18 39.49
N ILE P 100 10.39 6.99 39.53
CA ILE P 100 9.87 5.90 40.35
C ILE P 100 9.77 6.33 41.80
N ILE P 101 10.88 6.85 42.35
CA ILE P 101 10.93 7.21 43.76
C ILE P 101 9.89 8.27 44.08
N LEU P 102 9.72 9.26 43.21
CA LEU P 102 8.75 10.32 43.50
C LEU P 102 7.32 9.80 43.43
N THR P 103 6.98 8.99 42.43
CA THR P 103 5.61 8.49 42.37
C THR P 103 5.29 7.62 43.57
N ARG P 104 6.21 6.72 43.94
CA ARG P 104 6.00 5.87 45.11
C ARG P 104 5.86 6.69 46.37
N SER P 105 6.78 7.63 46.62
CA SER P 105 6.72 8.39 47.85
C SER P 105 5.53 9.34 47.90
N ASN P 106 5.04 9.82 46.75
CA ASN P 106 3.79 10.56 46.73
C ASN P 106 2.62 9.68 47.12
N GLN P 107 2.55 8.47 46.59
CA GLN P 107 1.47 7.57 47.00
C GLN P 107 1.54 7.26 48.49
N VAL P 108 2.74 6.99 49.01
CA VAL P 108 2.90 6.69 50.44
C VAL P 108 2.51 7.88 51.31
N ALA P 109 2.79 9.10 50.85
CA ALA P 109 2.52 10.29 51.66
C ALA P 109 1.08 10.36 52.16
N MET P 110 0.12 9.91 51.36
CA MET P 110 -1.29 10.02 51.73
C MET P 110 -1.60 9.35 53.07
N TYR P 111 -0.95 8.22 53.35
CA TYR P 111 -1.24 7.45 54.56
C TYR P 111 -0.71 8.07 55.84
N CYS P 112 0.25 8.99 55.76
CA CYS P 112 1.00 9.42 56.94
C CYS P 112 0.15 10.02 58.05
N GLN P 113 -1.03 10.56 57.73
CA GLN P 113 -1.92 11.03 58.79
C GLN P 113 -2.57 9.86 59.54
N PRO P 114 -2.81 10.01 60.84
CA PRO P 114 -3.71 9.07 61.54
C PRO P 114 -5.10 9.03 60.91
N ALA P 115 -5.62 7.82 60.72
CA ALA P 115 -7.00 7.65 60.28
C ALA P 115 -7.99 8.18 61.32
N ARG P 116 -7.70 8.00 62.61
CA ARG P 116 -8.58 8.47 63.68
C ARG P 116 -9.13 9.87 63.47
N TYR P 117 -8.27 10.81 63.07
CA TYR P 117 -8.65 12.20 62.90
C TYR P 117 -9.03 12.57 61.47
N SER P 118 -8.94 11.63 60.53
CA SER P 118 -9.12 11.92 59.12
C SER P 118 -10.50 11.39 58.74
N GLU P 119 -11.42 12.31 58.47
CA GLU P 119 -12.83 11.95 58.35
C GLU P 119 -13.09 11.01 57.19
N LYS P 120 -12.27 11.08 56.14
CA LYS P 120 -12.36 10.09 55.07
C LYS P 120 -11.86 8.71 55.50
N GLY P 121 -11.30 8.58 56.70
CA GLY P 121 -10.78 7.32 57.21
C GLY P 121 -9.45 6.89 56.63
N LEU P 122 -8.92 7.60 55.65
CA LEU P 122 -7.62 7.26 55.09
C LEU P 122 -6.51 7.62 56.06
N GLY P 123 -5.55 6.72 56.20
CA GLY P 123 -4.37 6.99 57.01
C GLY P 123 -3.83 5.71 57.63
N PHE P 124 -3.29 5.86 58.84
CA PHE P 124 -2.88 4.76 59.68
C PHE P 124 -3.62 4.78 61.01
N GLU P 125 -3.61 3.63 61.69
CA GLU P 125 -4.11 3.51 63.06
C GLU P 125 -3.19 2.59 63.85
N VAL P 126 -3.10 2.86 65.15
CA VAL P 126 -2.54 1.93 66.13
C VAL P 126 -3.68 1.22 66.86
N ARG P 127 -3.59 -0.11 66.93
CA ARG P 127 -4.71 -0.95 67.32
C ARG P 127 -4.19 -2.00 68.29
N LEU P 128 -5.09 -2.53 69.12
CA LEU P 128 -4.81 -3.78 69.82
C LEU P 128 -4.67 -4.93 68.84
N ARG P 129 -3.82 -5.90 69.20
CA ARG P 129 -3.61 -7.05 68.34
C ARG P 129 -4.90 -7.86 68.18
N ASP P 130 -5.46 -8.34 69.28
CA ASP P 130 -6.70 -9.10 69.19
C ASP P 130 -7.85 -8.19 68.76
N LEU P 131 -8.58 -8.61 67.73
CA LEU P 131 -9.80 -7.93 67.34
C LEU P 131 -10.92 -8.09 68.37
N ASP P 132 -10.86 -9.13 69.20
CA ASP P 132 -11.92 -9.39 70.16
C ASP P 132 -11.82 -8.55 71.43
N ALA P 133 -10.66 -7.96 71.71
CA ALA P 133 -10.50 -7.21 72.94
C ALA P 133 -11.22 -5.87 72.85
N GLU P 134 -11.68 -5.39 73.99
CA GLU P 134 -12.17 -4.03 74.15
C GLU P 134 -11.17 -3.21 74.95
N PRO P 135 -10.70 -2.07 74.45
CA PRO P 135 -9.58 -1.39 75.13
C PRO P 135 -10.03 -0.81 76.45
N GLY P 136 -9.15 -0.91 77.45
CA GLY P 136 -9.43 -0.32 78.74
C GLY P 136 -9.32 1.19 78.72
N ARG P 137 -9.78 1.79 79.82
CA ARG P 137 -9.83 3.25 79.89
C ARG P 137 -8.46 3.86 79.68
N LYS P 138 -7.43 3.25 80.25
CA LYS P 138 -6.07 3.76 80.09
C LYS P 138 -5.46 3.37 78.75
N GLU P 139 -5.86 2.21 78.20
CA GLU P 139 -5.33 1.79 76.91
C GLU P 139 -5.71 2.73 75.79
N LYS P 140 -6.95 3.22 75.77
CA LYS P 140 -7.35 4.17 74.73
C LYS P 140 -6.46 5.41 74.75
N GLU P 141 -6.11 5.88 75.94
CA GLU P 141 -5.27 7.07 76.03
C GLU P 141 -3.83 6.73 75.65
N GLU P 142 -3.35 5.55 76.04
CA GLU P 142 -2.00 5.17 75.64
C GLU P 142 -1.89 5.03 74.13
N MET P 143 -2.89 4.42 73.49
CA MET P 143 -2.89 4.31 72.03
C MET P 143 -2.94 5.68 71.37
N LYS P 144 -3.73 6.61 71.90
CA LYS P 144 -3.73 7.95 71.33
C LYS P 144 -2.38 8.62 71.49
N ARG P 145 -1.74 8.41 72.65
CA ARG P 145 -0.41 8.96 72.87
C ARG P 145 0.60 8.39 71.89
N ILE P 146 0.55 7.07 71.66
CA ILE P 146 1.49 6.45 70.74
C ILE P 146 1.28 6.96 69.31
N GLU P 147 0.02 7.07 68.88
CA GLU P 147 -0.27 7.69 67.58
C GLU P 147 0.34 9.08 67.48
N ASP P 148 0.06 9.94 68.45
CA ASP P 148 0.62 11.29 68.44
C ASP P 148 2.15 11.26 68.40
N PHE P 149 2.77 10.42 69.23
CA PHE P 149 4.22 10.25 69.21
C PHE P 149 4.74 9.91 67.82
N ILE P 150 4.09 8.95 67.15
CA ILE P 150 4.52 8.58 65.80
C ILE P 150 4.41 9.77 64.86
N VAL P 151 3.24 10.41 64.84
CA VAL P 151 3.05 11.60 64.01
C VAL P 151 4.18 12.60 64.23
N ASN P 152 4.42 12.95 65.50
CA ASN P 152 5.50 13.88 65.83
C ASN P 152 6.89 13.27 65.68
N THR P 153 6.99 11.96 65.46
CA THR P 153 8.27 11.27 65.34
C THR P 153 9.07 11.36 66.64
N GLY P 154 8.39 11.61 67.75
CA GLY P 154 9.10 11.85 68.99
C GLY P 154 8.15 12.38 70.05
N LYS P 155 8.67 12.43 71.27
CA LYS P 155 7.82 12.72 72.43
C LYS P 155 7.25 14.13 72.39
N ASP P 156 8.11 15.13 72.29
CA ASP P 156 7.66 16.51 72.18
C ASP P 156 7.42 16.89 70.72
N LYS P 157 6.58 17.90 70.53
CA LYS P 157 6.49 18.58 69.25
C LYS P 157 7.73 19.42 69.02
N ASP P 158 8.30 19.32 67.81
CA ASP P 158 9.47 20.11 67.46
C ASP P 158 9.50 20.29 65.95
N VAL P 159 9.28 21.53 65.50
CA VAL P 159 9.30 21.84 64.08
C VAL P 159 10.64 21.50 63.45
N ASP P 160 11.72 21.41 64.25
CA ASP P 160 13.03 21.05 63.73
C ASP P 160 13.17 19.56 63.43
N ARG P 161 12.29 18.72 63.97
CA ARG P 161 12.34 17.29 63.72
C ARG P 161 11.54 16.97 62.46
N ASP P 162 11.99 15.94 61.74
CA ASP P 162 11.19 15.38 60.66
C ASP P 162 9.79 15.04 61.15
N SER P 163 8.79 15.38 60.33
CA SER P 163 7.49 14.76 60.44
C SER P 163 7.56 13.32 59.94
N PHE P 164 6.51 12.56 60.26
CA PHE P 164 6.39 11.21 59.72
C PHE P 164 6.41 11.20 58.19
N GLN P 165 5.84 12.24 57.56
CA GLN P 165 5.85 12.32 56.11
C GLN P 165 7.28 12.36 55.57
N THR P 166 8.11 13.24 56.13
CA THR P 166 9.49 13.34 55.69
C THR P 166 10.25 12.05 55.97
N PHE P 167 10.01 11.44 57.13
CA PHE P 167 10.64 10.17 57.45
C PHE P 167 10.31 9.09 56.42
N CYS P 168 9.03 8.95 56.09
CA CYS P 168 8.64 7.94 55.11
C CYS P 168 9.24 8.23 53.74
N LYS P 169 9.22 9.49 53.31
CA LYS P 169 9.83 9.85 52.03
C LYS P 169 11.30 9.46 52.00
N LYS P 170 12.03 9.81 53.06
CA LYS P 170 13.43 9.45 53.18
C LYS P 170 13.64 7.95 53.05
N ILE P 171 12.96 7.16 53.87
CA ILE P 171 13.23 5.72 53.86
C ILE P 171 12.78 5.07 52.55
N VAL P 172 11.77 5.60 51.88
CA VAL P 172 11.43 5.09 50.55
C VAL P 172 12.57 5.34 49.56
N ARG P 173 13.10 6.57 49.56
CA ARG P 173 14.25 6.85 48.72
C ARG P 173 15.40 5.91 49.02
N ASP P 174 15.65 5.66 50.31
CA ASP P 174 16.75 4.76 50.69
C ASP P 174 16.51 3.33 50.23
N THR P 175 15.27 2.83 50.37
CA THR P 175 14.98 1.49 49.88
C THR P 175 15.25 1.37 48.40
N TYR P 176 14.80 2.35 47.61
CA TYR P 176 14.89 2.18 46.17
C TYR P 176 16.24 2.58 45.59
N ILE P 177 17.09 3.29 46.32
CA ILE P 177 18.47 3.49 45.87
C ILE P 177 19.37 2.37 46.39
N TYR P 178 19.41 2.19 47.71
CA TYR P 178 20.43 1.34 48.33
C TYR P 178 19.93 -0.07 48.64
N ASP P 179 18.62 -0.26 48.73
CA ASP P 179 18.05 -1.41 49.44
C ASP P 179 18.68 -1.59 50.82
N GLN P 180 18.74 -0.48 51.57
CA GLN P 180 19.15 -0.52 52.97
C GLN P 180 18.53 0.67 53.67
N VAL P 181 17.73 0.40 54.71
CA VAL P 181 17.15 1.44 55.55
C VAL P 181 17.74 1.33 56.94
N ASN P 182 18.15 2.47 57.50
CA ASN P 182 18.57 2.55 58.88
C ASN P 182 17.95 3.78 59.52
N PHE P 183 17.46 3.63 60.75
CA PHE P 183 17.09 4.76 61.59
C PHE P 183 17.55 4.49 63.01
N GLU P 184 18.11 5.51 63.66
CA GLU P 184 18.51 5.41 65.05
C GLU P 184 17.35 5.66 65.99
N LYS P 185 17.31 4.89 67.08
CA LYS P 185 16.38 5.08 68.19
C LYS P 185 17.13 5.73 69.34
N VAL P 186 16.67 6.90 69.77
CA VAL P 186 17.30 7.65 70.86
C VAL P 186 16.45 7.53 72.12
N PHE P 187 17.04 6.97 73.18
CA PHE P 187 16.39 6.84 74.47
C PHE P 187 16.71 8.04 75.35
N ASN P 188 15.80 8.34 76.28
CA ASN P 188 16.03 9.38 77.28
C ASN P 188 17.35 9.15 78.02
N LYS P 189 18.10 10.23 78.20
CA LYS P 189 19.40 10.14 78.85
C LYS P 189 19.26 9.80 80.33
N ASN P 190 18.22 10.33 80.99
CA ASN P 190 18.02 10.05 82.40
C ASN P 190 17.48 8.64 82.61
N ASN P 191 16.65 8.17 81.69
CA ASN P 191 16.02 6.84 81.78
C ASN P 191 16.28 6.14 80.46
N LYS P 192 17.25 5.23 80.45
CA LYS P 192 17.62 4.55 79.21
C LYS P 192 16.50 3.69 78.66
N THR P 193 15.51 3.35 79.47
CA THR P 193 14.40 2.50 79.02
C THR P 193 13.34 3.28 78.25
N LYS P 194 13.35 4.61 78.30
CA LYS P 194 12.30 5.42 77.70
C LYS P 194 12.76 5.99 76.36
N LEU P 195 12.08 5.60 75.29
CA LEU P 195 12.33 6.14 73.97
C LEU P 195 11.80 7.57 73.84
N GLU P 196 12.61 8.46 73.26
CA GLU P 196 12.20 9.84 72.99
C GLU P 196 12.07 10.16 71.51
N LYS P 197 12.99 9.67 70.68
CA LYS P 197 13.00 10.00 69.27
C LYS P 197 13.47 8.80 68.47
N PHE P 198 13.10 8.78 67.20
CA PHE P 198 13.77 7.98 66.19
C PHE P 198 14.07 8.86 64.98
N ILE P 199 15.28 8.73 64.44
CA ILE P 199 15.76 9.59 63.36
C ILE P 199 16.39 8.71 62.29
N ALA P 200 16.05 8.98 61.03
CA ALA P 200 16.65 8.29 59.89
C ALA P 200 18.11 8.67 59.70
N VAL P 201 18.92 7.68 59.34
CA VAL P 201 20.36 7.81 59.21
C VAL P 201 20.75 7.41 57.79
N ASP P 202 21.80 8.05 57.26
CA ASP P 202 22.28 7.82 55.91
C ASP P 202 22.72 6.36 55.76
N PRO P 203 21.99 5.54 54.99
CA PRO P 203 22.36 4.11 54.94
C PRO P 203 23.74 3.83 54.37
N SER P 204 24.25 4.71 53.52
CA SER P 204 25.59 4.51 52.96
C SER P 204 26.69 4.59 54.02
N THR P 205 26.37 5.10 55.21
CA THR P 205 27.33 5.22 56.29
C THR P 205 27.27 4.08 57.30
N ILE P 206 26.30 3.17 57.19
CA ILE P 206 26.05 2.15 58.20
C ILE P 206 26.60 0.82 57.73
N PHE P 207 27.39 0.18 58.58
CA PHE P 207 28.03 -1.10 58.28
C PHE P 207 27.88 -2.03 59.48
N TYR P 208 27.88 -3.33 59.21
CA TYR P 208 27.97 -4.31 60.28
C TYR P 208 29.35 -4.26 60.93
N ALA P 209 29.37 -4.20 62.26
CA ALA P 209 30.62 -4.28 63.01
C ALA P 209 31.05 -5.73 63.14
N THR P 210 32.36 -5.97 63.04
CA THR P 210 32.91 -7.32 63.06
C THR P 210 33.92 -7.46 64.18
N ASP P 211 33.82 -8.58 64.90
CA ASP P 211 34.80 -8.94 65.91
C ASP P 211 36.17 -9.19 65.27
N LYS P 212 37.20 -9.17 66.11
CA LYS P 212 38.55 -9.50 65.65
C LYS P 212 38.62 -10.89 65.02
N LYS P 213 37.77 -11.81 65.46
CA LYS P 213 37.64 -13.13 64.84
C LYS P 213 36.85 -13.11 63.53
N GLY P 214 36.61 -11.94 62.95
CA GLY P 214 35.90 -11.84 61.69
C GLY P 214 34.42 -12.12 61.77
N LYS P 215 33.90 -12.41 62.96
CA LYS P 215 32.48 -12.65 63.16
C LYS P 215 31.77 -11.33 63.38
N ILE P 216 30.56 -11.21 62.86
CA ILE P 216 29.75 -10.03 63.13
C ILE P 216 29.37 -10.03 64.60
N ILE P 217 29.50 -8.86 65.23
CA ILE P 217 29.25 -8.74 66.65
C ILE P 217 27.75 -8.88 66.92
N LYS P 218 27.41 -9.66 67.94
CA LYS P 218 26.06 -9.71 68.47
C LYS P 218 26.08 -9.41 69.96
N GLY P 219 25.04 -8.71 70.43
CA GLY P 219 24.92 -8.36 71.83
C GLY P 219 25.70 -7.11 72.21
N GLY P 220 26.84 -6.88 71.57
CA GLY P 220 27.58 -5.65 71.75
C GLY P 220 27.21 -4.55 70.78
N LYS P 221 28.21 -3.78 70.36
CA LYS P 221 28.05 -2.71 69.38
C LYS P 221 27.97 -3.34 67.98
N ARG P 222 26.77 -3.81 67.65
CA ARG P 222 26.59 -4.55 66.40
C ARG P 222 26.84 -3.69 65.17
N PHE P 223 26.64 -2.39 65.26
CA PHE P 223 26.72 -1.50 64.11
C PHE P 223 27.72 -0.37 64.37
N VAL P 224 28.39 0.08 63.31
CA VAL P 224 29.22 1.27 63.34
C VAL P 224 28.82 2.20 62.20
N GLN P 225 28.98 3.50 62.43
CA GLN P 225 28.91 4.50 61.37
C GLN P 225 30.33 4.87 60.96
N VAL P 226 30.60 4.81 59.66
CA VAL P 226 31.93 5.05 59.12
C VAL P 226 31.89 6.27 58.21
N VAL P 227 32.75 7.23 58.49
CA VAL P 227 32.90 8.43 57.68
C VAL P 227 34.39 8.63 57.42
N ASP P 228 34.74 8.92 56.16
CA ASP P 228 36.14 9.03 55.74
C ASP P 228 36.94 7.79 56.11
N LYS P 229 36.28 6.64 56.08
CA LYS P 229 36.90 5.36 56.44
C LYS P 229 37.48 5.37 57.86
N ARG P 230 36.85 6.11 58.78
CA ARG P 230 37.05 5.88 60.20
C ARG P 230 35.70 5.78 60.90
N VAL P 231 35.67 4.98 61.96
CA VAL P 231 34.44 4.80 62.73
C VAL P 231 34.18 6.05 63.54
N VAL P 232 33.03 6.69 63.29
CA VAL P 232 32.63 7.89 64.02
C VAL P 232 31.56 7.62 65.08
N ALA P 233 30.88 6.48 65.02
CA ALA P 233 29.87 6.14 66.01
C ALA P 233 29.68 4.64 66.02
N SER P 234 29.01 4.15 67.07
CA SER P 234 28.65 2.74 67.16
C SER P 234 27.29 2.60 67.83
N PHE P 235 26.65 1.46 67.58
CA PHE P 235 25.27 1.24 68.00
C PHE P 235 25.09 -0.23 68.37
N THR P 236 24.21 -0.48 69.32
CA THR P 236 23.69 -1.83 69.55
C THR P 236 22.50 -2.10 68.64
N SER P 237 22.11 -3.39 68.59
CA SER P 237 20.86 -3.77 67.94
C SER P 237 19.66 -3.03 68.54
N ARG P 238 19.74 -2.67 69.82
CA ARG P 238 18.66 -1.93 70.45
C ARG P 238 18.54 -0.51 69.88
N GLU P 239 19.66 0.10 69.53
CA GLU P 239 19.68 1.52 69.18
C GLU P 239 19.50 1.78 67.68
N LEU P 240 19.76 0.80 66.82
CA LEU P 240 19.65 1.02 65.38
C LEU P 240 18.92 -0.14 64.72
N ALA P 241 17.91 0.20 63.94
CA ALA P 241 17.26 -0.73 63.03
C ALA P 241 18.05 -0.88 61.73
N MET P 242 17.98 -2.06 61.14
CA MET P 242 18.29 -2.25 59.74
C MET P 242 17.15 -3.02 59.08
N GLY P 243 16.69 -2.53 57.93
CA GLY P 243 15.64 -3.18 57.16
C GLY P 243 16.13 -3.47 55.76
N ILE P 244 15.83 -4.67 55.27
CA ILE P 244 16.27 -5.11 53.95
C ILE P 244 15.09 -5.77 53.25
N ARG P 245 14.89 -5.41 51.98
CA ARG P 245 13.79 -5.94 51.18
C ARG P 245 14.17 -7.17 50.39
N ASN P 246 15.42 -7.26 49.92
CA ASN P 246 15.87 -8.30 48.99
C ASN P 246 16.92 -9.17 49.66
N PRO P 247 16.53 -9.98 50.63
CA PRO P 247 17.52 -10.79 51.35
C PRO P 247 18.09 -11.89 50.49
N ARG P 248 19.24 -12.41 50.94
CA ARG P 248 19.92 -13.51 50.26
C ARG P 248 20.43 -14.48 51.31
N THR P 249 20.39 -15.78 50.99
CA THR P 249 21.07 -16.77 51.80
C THR P 249 22.56 -16.85 51.50
N GLU P 250 22.99 -16.43 50.31
CA GLU P 250 24.38 -16.46 49.88
C GLU P 250 25.33 -16.01 50.98
N LEU P 251 26.26 -16.88 51.35
CA LEU P 251 27.16 -16.62 52.47
C LEU P 251 27.89 -15.29 52.28
N SER P 252 28.40 -15.04 51.08
CA SER P 252 29.16 -13.82 50.83
C SER P 252 28.28 -12.57 50.78
N SER P 253 26.96 -12.72 50.72
CA SER P 253 26.09 -11.55 50.82
C SER P 253 26.20 -10.88 52.19
N SER P 254 26.68 -11.61 53.19
CA SER P 254 27.05 -11.05 54.49
C SER P 254 25.90 -10.31 55.15
N GLY P 255 24.66 -10.68 54.84
CA GLY P 255 23.50 -10.08 55.45
C GLY P 255 23.05 -8.77 54.83
N TYR P 256 23.73 -8.27 53.81
CA TYR P 256 23.29 -7.05 53.17
C TYR P 256 22.22 -7.34 52.12
N GLY P 257 21.54 -6.29 51.69
CA GLY P 257 20.47 -6.40 50.72
C GLY P 257 21.01 -6.54 49.31
N LEU P 258 20.13 -6.27 48.34
CA LEU P 258 20.48 -6.37 46.93
C LEU P 258 19.66 -5.33 46.18
N SER P 259 20.32 -4.25 45.76
CA SER P 259 19.61 -3.17 45.06
C SER P 259 19.31 -3.57 43.62
N GLU P 260 18.10 -3.24 43.18
CA GLU P 260 17.75 -3.34 41.77
C GLU P 260 18.61 -2.44 40.87
N VAL P 261 19.19 -1.38 41.42
CA VAL P 261 20.12 -0.57 40.63
C VAL P 261 21.35 -1.38 40.25
N GLU P 262 21.81 -2.24 41.16
CA GLU P 262 22.91 -3.13 40.81
C GLU P 262 22.52 -4.09 39.71
N ILE P 263 21.34 -4.72 39.83
CA ILE P 263 20.89 -5.69 38.85
C ILE P 263 20.73 -5.02 37.49
N ALA P 264 20.07 -3.86 37.47
CA ALA P 264 19.75 -3.16 36.23
C ALA P 264 20.87 -2.25 35.74
N MET P 265 22.04 -2.32 36.35
CA MET P 265 23.06 -1.29 36.11
C MET P 265 23.47 -1.23 34.65
N LYS P 266 23.67 -2.38 34.01
CA LYS P 266 23.95 -2.41 32.58
C LYS P 266 22.88 -1.70 31.78
N GLU P 267 21.61 -1.96 32.11
CA GLU P 267 20.50 -1.29 31.43
C GLU P 267 20.55 0.23 31.64
N PHE P 268 20.83 0.68 32.85
CA PHE P 268 20.95 2.12 33.08
C PHE P 268 22.07 2.73 32.25
N ILE P 269 23.20 2.04 32.15
CA ILE P 269 24.30 2.56 31.34
C ILE P 269 23.90 2.64 29.87
N ALA P 270 23.32 1.56 29.34
CA ALA P 270 22.84 1.57 27.96
C ALA P 270 21.82 2.69 27.72
N TYR P 271 20.90 2.89 28.65
CA TYR P 271 19.93 3.98 28.53
C TYR P 271 20.62 5.33 28.44
N ASN P 272 21.49 5.62 29.41
CA ASN P 272 22.26 6.86 29.39
C ASN P 272 22.99 7.05 28.07
N ASN P 273 23.63 5.98 27.57
CA ASN P 273 24.36 6.09 26.32
C ASN P 273 23.44 6.42 25.15
N THR P 274 22.29 5.76 25.07
CA THR P 274 21.39 6.05 23.95
C THR P 274 20.80 7.45 24.04
N GLU P 275 20.58 7.93 25.26
CA GLU P 275 20.13 9.31 25.44
C GLU P 275 21.20 10.29 24.97
N SER P 276 22.45 10.07 25.38
CA SER P 276 23.54 10.91 24.92
C SER P 276 23.67 10.87 23.41
N PHE P 277 23.55 9.68 22.81
CA PHE P 277 23.61 9.56 21.36
C PHE P 277 22.56 10.43 20.68
N ASN P 278 21.31 10.33 21.12
CA ASN P 278 20.26 11.12 20.49
C ASN P 278 20.44 12.60 20.73
N ASP P 279 20.90 12.99 21.92
CA ASP P 279 21.10 14.41 22.22
C ASP P 279 22.26 15.03 21.46
N ARG P 280 23.33 14.28 21.22
CA ARG P 280 24.54 14.84 20.61
C ARG P 280 24.35 15.27 19.16
N PHE P 281 23.25 14.90 18.51
CA PHE P 281 22.95 15.47 17.20
C PHE P 281 22.95 16.99 17.22
N PHE P 282 22.31 17.59 18.22
CA PHE P 282 22.33 19.04 18.36
C PHE P 282 23.61 19.52 19.03
N SER P 283 23.96 18.91 20.17
CA SER P 283 25.06 19.43 20.97
C SER P 283 26.38 19.40 20.21
N HIS P 284 26.61 18.32 19.46
CA HIS P 284 27.91 18.09 18.84
C HIS P 284 27.86 17.73 17.37
N GLY P 285 26.69 17.45 16.80
CA GLY P 285 26.64 16.84 15.50
C GLY P 285 26.85 17.83 14.38
N GLY P 286 27.10 17.29 13.19
CA GLY P 286 26.87 18.01 11.96
C GLY P 286 25.46 17.87 11.45
N THR P 287 24.67 18.94 11.55
CA THR P 287 23.32 18.95 11.00
C THR P 287 23.29 19.30 9.53
N THR P 288 24.44 19.60 8.92
CA THR P 288 24.51 20.10 7.56
C THR P 288 23.76 19.20 6.59
N ARG P 289 22.77 19.78 5.90
CA ARG P 289 21.94 18.98 4.99
C ARG P 289 22.76 18.34 3.89
N GLY P 290 23.71 19.08 3.33
CA GLY P 290 24.41 18.62 2.15
C GLY P 290 25.39 19.67 1.68
N ILE P 291 26.11 19.32 0.60
CA ILE P 291 27.09 20.21 -0.02
C ILE P 291 26.56 20.62 -1.38
N LEU P 292 26.57 21.93 -1.63
CA LEU P 292 26.30 22.49 -2.95
C LEU P 292 27.59 22.52 -3.75
N GLN P 293 27.73 21.58 -4.68
CA GLN P 293 28.87 21.55 -5.59
C GLN P 293 28.61 22.42 -6.81
N ILE P 294 29.41 23.47 -6.95
CA ILE P 294 29.50 24.25 -8.18
C ILE P 294 30.86 23.92 -8.77
N ARG P 295 30.91 23.71 -10.08
CA ARG P 295 32.14 23.27 -10.73
C ARG P 295 32.36 24.04 -12.02
N SER P 296 33.61 24.46 -12.22
CA SER P 296 34.04 25.10 -13.44
C SER P 296 35.51 24.78 -13.65
N ASP P 297 36.06 25.31 -14.75
CA ASP P 297 37.43 25.02 -15.14
C ASP P 297 38.43 25.25 -14.01
N GLN P 298 38.19 26.23 -13.13
CA GLN P 298 39.03 26.41 -11.97
C GLN P 298 38.19 26.95 -10.82
N GLN P 299 38.61 26.62 -9.60
CA GLN P 299 37.95 27.14 -8.40
C GLN P 299 38.03 28.66 -8.35
N GLN P 300 36.96 29.28 -7.87
CA GLN P 300 36.95 30.71 -7.62
C GLN P 300 37.95 31.10 -6.53
N SER P 301 38.53 32.29 -6.69
CA SER P 301 39.29 32.92 -5.61
C SER P 301 38.40 33.11 -4.37
N GLN P 302 39.06 33.27 -3.23
CA GLN P 302 38.34 33.49 -1.98
C GLN P 302 37.55 34.79 -1.99
N HIS P 303 38.10 35.84 -2.58
CA HIS P 303 37.38 37.11 -2.69
C HIS P 303 36.09 36.94 -3.49
N ALA P 304 36.19 36.33 -4.66
CA ALA P 304 35.02 36.07 -5.48
C ALA P 304 33.98 35.28 -4.71
N LEU P 305 34.42 34.25 -3.99
CA LEU P 305 33.49 33.41 -3.24
C LEU P 305 32.82 34.17 -2.10
N GLU P 306 33.54 35.07 -1.43
CA GLU P 306 32.93 35.83 -0.35
C GLU P 306 31.94 36.88 -0.86
N ASN P 307 32.20 37.49 -2.02
CA ASN P 307 31.18 38.39 -2.54
C ASN P 307 30.03 37.65 -3.21
N PHE P 308 30.25 36.39 -3.63
CA PHE P 308 29.13 35.54 -4.00
C PHE P 308 28.27 35.20 -2.79
N LYS P 309 28.89 34.94 -1.65
CA LYS P 309 28.14 34.79 -0.40
C LYS P 309 27.37 36.05 -0.05
N ARG P 310 27.93 37.22 -0.37
CA ARG P 310 27.18 38.45 -0.10
C ARG P 310 25.98 38.62 -1.02
N GLU P 311 26.15 38.36 -2.32
CA GLU P 311 25.00 38.34 -3.21
C GLU P 311 23.94 37.36 -2.73
N TRP P 312 24.37 36.18 -2.27
CA TRP P 312 23.43 35.17 -1.82
C TRP P 312 22.63 35.66 -0.63
N LYS P 313 23.32 36.04 0.45
CA LYS P 313 22.57 36.40 1.65
C LYS P 313 21.74 37.66 1.43
N SER P 314 22.28 38.64 0.69
CA SER P 314 21.50 39.83 0.40
C SER P 314 20.31 39.58 -0.51
N SER P 315 20.23 38.42 -1.17
CA SER P 315 19.12 38.17 -2.09
C SER P 315 18.15 37.09 -1.61
N LEU P 316 18.57 36.18 -0.73
CA LEU P 316 17.83 34.95 -0.47
C LEU P 316 17.60 34.64 1.00
N SER P 317 18.21 35.36 1.93
CA SER P 317 18.16 34.96 3.34
C SER P 317 16.88 35.44 4.01
N GLY P 318 16.49 34.69 5.04
CA GLY P 318 15.37 34.98 5.91
C GLY P 318 14.01 34.95 5.23
N ILE P 319 13.05 35.58 5.90
CA ILE P 319 11.73 35.77 5.31
C ILE P 319 11.80 36.68 4.09
N ASN P 320 12.65 37.70 4.13
CA ASN P 320 12.70 38.68 3.06
C ASN P 320 13.03 38.04 1.71
N GLY P 321 13.93 37.08 1.68
CA GLY P 321 14.32 36.37 0.47
C GLY P 321 13.55 35.10 0.19
N SER P 322 12.53 34.78 0.99
CA SER P 322 12.17 33.39 1.22
C SER P 322 11.72 32.66 -0.03
N TRP P 323 11.07 33.34 -0.98
CA TRP P 323 10.55 32.68 -2.18
C TRP P 323 11.30 33.03 -3.45
N GLN P 324 12.38 33.81 -3.39
CA GLN P 324 13.18 34.07 -4.57
C GLN P 324 14.00 32.83 -4.95
N ILE P 325 14.29 32.71 -6.24
CA ILE P 325 15.10 31.63 -6.78
C ILE P 325 16.37 32.24 -7.38
N PRO P 326 17.57 31.78 -7.03
CA PRO P 326 18.76 32.24 -7.75
C PRO P 326 18.87 31.65 -9.14
N VAL P 327 19.32 32.49 -10.07
CA VAL P 327 19.80 32.04 -11.38
C VAL P 327 21.33 32.02 -11.34
N VAL P 328 21.91 30.88 -11.74
CA VAL P 328 23.36 30.70 -11.76
C VAL P 328 23.71 30.01 -13.08
N MET P 329 24.82 30.44 -13.69
CA MET P 329 25.19 29.98 -15.03
C MET P 329 26.51 29.22 -15.04
N ALA P 330 26.85 28.56 -13.93
CA ALA P 330 28.01 27.69 -13.89
C ALA P 330 27.89 26.58 -14.93
N ASP P 331 29.04 25.99 -15.27
CA ASP P 331 29.07 24.91 -16.25
C ASP P 331 28.25 23.71 -15.78
N ASP P 332 28.37 23.35 -14.51
CA ASP P 332 27.50 22.35 -13.92
C ASP P 332 27.33 22.63 -12.43
N ILE P 333 26.16 22.30 -11.93
CA ILE P 333 25.79 22.51 -10.53
C ILE P 333 25.19 21.22 -9.99
N LYS P 334 25.64 20.79 -8.82
CA LYS P 334 25.14 19.57 -8.20
C LYS P 334 25.00 19.81 -6.70
N PHE P 335 24.02 19.15 -6.09
CA PHE P 335 23.81 19.17 -4.65
C PHE P 335 23.85 17.76 -4.11
N VAL P 336 24.76 17.50 -3.18
CA VAL P 336 24.98 16.18 -2.61
C VAL P 336 24.29 16.12 -1.26
N ASN P 337 23.35 15.19 -1.10
CA ASN P 337 22.62 15.02 0.15
C ASN P 337 23.44 14.15 1.10
N MET P 338 23.72 14.69 2.30
CA MET P 338 24.52 13.99 3.30
C MET P 338 23.71 13.50 4.50
N THR P 339 22.49 13.97 4.69
CA THR P 339 21.64 13.52 5.78
C THR P 339 20.24 13.21 5.26
N PRO P 340 19.43 12.47 6.02
CA PRO P 340 18.03 12.31 5.66
C PRO P 340 17.29 13.64 5.63
N THR P 341 16.35 13.75 4.70
CA THR P 341 15.53 14.95 4.59
C THR P 341 14.69 15.19 5.84
N ALA P 342 14.36 14.14 6.58
CA ALA P 342 13.51 14.24 7.78
C ALA P 342 14.16 13.45 8.90
N ASN P 343 14.79 14.16 9.84
CA ASN P 343 15.44 13.55 10.99
C ASN P 343 14.44 13.32 12.11
N ASP P 344 14.60 12.20 12.82
CA ASP P 344 13.91 11.98 14.08
C ASP P 344 14.78 11.11 14.98
N MET P 345 14.35 10.98 16.24
CA MET P 345 15.08 10.17 17.20
C MET P 345 15.25 8.74 16.72
N GLN P 346 16.32 8.10 17.18
CA GLN P 346 16.66 6.73 16.82
C GLN P 346 16.68 5.85 18.07
N PHE P 347 16.54 4.55 17.86
CA PHE P 347 16.60 3.55 18.93
C PHE P 347 15.47 3.71 19.93
N GLU P 348 14.30 4.18 19.48
CA GLU P 348 13.17 4.33 20.38
C GLU P 348 12.73 3.00 20.95
N LYS P 349 12.64 1.96 20.11
CA LYS P 349 12.31 0.63 20.58
C LYS P 349 13.31 0.13 21.63
N TRP P 350 14.60 0.35 21.39
CA TRP P 350 15.62 0.01 22.38
C TRP P 350 15.35 0.66 23.72
N LEU P 351 15.01 1.95 23.71
CA LEU P 351 14.68 2.66 24.94
C LEU P 351 13.48 2.03 25.63
N ASN P 352 12.41 1.79 24.88
CA ASN P 352 11.23 1.16 25.44
C ASN P 352 11.57 -0.17 26.11
N TYR P 353 12.32 -1.02 25.40
CA TYR P 353 12.76 -2.29 25.96
C TYR P 353 13.49 -2.14 27.28
N LEU P 354 14.54 -1.31 27.30
CA LEU P 354 15.28 -1.09 28.54
C LEU P 354 14.37 -0.62 29.68
N ILE P 355 13.55 0.40 29.39
CA ILE P 355 12.67 0.96 30.41
C ILE P 355 11.72 -0.11 30.93
N ASN P 356 11.14 -0.89 30.03
CA ASN P 356 10.21 -1.94 30.44
C ASN P 356 10.89 -2.93 31.37
N ILE P 357 12.12 -3.32 31.08
CA ILE P 357 12.85 -4.21 32.00
C ILE P 357 12.98 -3.56 33.38
N ILE P 358 13.49 -2.33 33.42
CA ILE P 358 13.68 -1.69 34.73
C ILE P 358 12.35 -1.58 35.48
N SER P 359 11.28 -1.25 34.77
CA SER P 359 9.97 -1.15 35.38
C SER P 359 9.52 -2.48 35.96
N ALA P 360 9.73 -3.56 35.21
CA ALA P 360 9.35 -4.87 35.69
C ALA P 360 10.13 -5.26 36.92
N LEU P 361 11.43 -4.92 36.96
CA LEU P 361 12.21 -5.19 38.14
C LEU P 361 11.67 -4.44 39.35
N TYR P 362 11.35 -3.16 39.19
CA TYR P 362 10.76 -2.42 40.30
C TYR P 362 9.29 -2.74 40.54
N GLY P 363 8.62 -3.42 39.62
CA GLY P 363 7.22 -3.72 39.82
C GLY P 363 6.33 -2.51 39.65
N ILE P 364 6.54 -1.78 38.57
CA ILE P 364 5.81 -0.54 38.29
C ILE P 364 5.34 -0.59 36.85
N ASP P 365 4.17 -0.01 36.59
CA ASP P 365 3.66 0.03 35.22
C ASP P 365 4.42 1.07 34.41
N PRO P 366 4.99 0.71 33.25
CA PRO P 366 5.49 1.72 32.31
C PRO P 366 4.58 2.91 32.05
N ALA P 367 3.28 2.68 31.92
CA ALA P 367 2.37 3.78 31.62
C ALA P 367 2.27 4.77 32.78
N GLU P 368 2.53 4.31 34.00
CA GLU P 368 2.64 5.25 35.12
C GLU P 368 3.80 6.22 34.91
N ILE P 369 4.89 5.75 34.31
CA ILE P 369 6.03 6.61 34.02
C ILE P 369 5.87 7.23 32.63
N GLY P 370 4.71 7.00 32.00
CA GLY P 370 4.49 7.55 30.67
C GLY P 370 5.30 6.92 29.56
N PHE P 371 5.51 5.61 29.61
CA PHE P 371 6.19 4.87 28.56
C PHE P 371 5.30 3.74 28.03
N PRO P 372 5.51 3.30 26.80
CA PRO P 372 4.74 2.17 26.28
C PRO P 372 5.00 0.91 27.08
N ASN P 373 3.94 0.14 27.33
CA ASN P 373 4.05 -1.16 27.98
C ASN P 373 4.04 -2.23 26.89
N ARG P 374 5.21 -2.83 26.66
CA ARG P 374 5.36 -3.79 25.56
C ARG P 374 4.43 -4.99 25.73
N GLY P 375 4.05 -5.32 26.97
CA GLY P 375 3.06 -6.36 27.19
C GLY P 375 1.67 -6.09 26.67
N GLY P 376 1.42 -4.93 26.07
CA GLY P 376 0.14 -4.65 25.46
C GLY P 376 -0.89 -3.97 26.33
N ALA P 377 -0.48 -3.48 27.51
CA ALA P 377 -1.40 -2.82 28.43
C ALA P 377 -2.65 -3.67 28.69
N GLU P 388 -14.81 -3.68 41.13
CA GLU P 388 -16.08 -3.12 40.69
C GLU P 388 -16.45 -1.86 41.50
N ALA P 389 -15.82 -1.70 42.67
CA ALA P 389 -16.13 -0.57 43.52
C ALA P 389 -15.40 0.71 43.11
N ASP P 390 -14.29 0.59 42.37
CA ASP P 390 -13.42 1.71 42.06
C ASP P 390 -13.27 1.88 40.56
N PRO P 391 -13.07 3.11 40.07
CA PRO P 391 -12.90 3.31 38.64
C PRO P 391 -11.61 2.70 38.12
N GLY P 392 -11.57 2.47 36.81
CA GLY P 392 -10.32 2.31 36.10
C GLY P 392 -9.39 1.24 36.64
N LYS P 393 -9.81 -0.02 36.55
CA LYS P 393 -9.18 -1.11 37.29
C LYS P 393 -7.68 -1.24 37.00
N LYS P 394 -7.22 -0.74 35.86
CA LYS P 394 -5.77 -0.66 35.62
C LYS P 394 -5.06 0.06 36.75
N GLN P 395 -5.64 1.15 37.24
CA GLN P 395 -5.09 1.87 38.38
C GLN P 395 -5.00 0.96 39.60
N GLN P 396 -6.07 0.26 39.93
CA GLN P 396 -6.08 -0.58 41.13
C GLN P 396 -5.10 -1.73 40.99
N GLN P 397 -4.97 -2.30 39.79
CA GLN P 397 -3.97 -3.33 39.54
C GLN P 397 -2.55 -2.82 39.77
N SER P 398 -2.23 -1.64 39.22
CA SER P 398 -0.88 -1.10 39.40
C SER P 398 -0.62 -0.76 40.86
N GLN P 399 -1.62 -0.23 41.55
CA GLN P 399 -1.51 -0.02 43.00
C GLN P 399 -1.20 -1.34 43.71
N ASN P 400 -2.01 -2.37 43.47
CA ASN P 400 -1.78 -3.64 44.13
C ASN P 400 -0.38 -4.16 43.86
N LYS P 401 0.11 -3.97 42.63
CA LYS P 401 1.41 -4.51 42.26
C LYS P 401 2.56 -3.78 42.97
N GLY P 402 2.59 -2.46 42.87
CA GLY P 402 3.62 -1.69 43.57
C GLY P 402 3.48 -1.43 45.05
N LEU P 403 2.34 -0.87 45.44
CA LEU P 403 2.21 -0.04 46.63
C LEU P 403 2.19 -0.86 47.92
N GLN P 404 1.35 -1.88 47.96
CA GLN P 404 1.14 -2.65 49.20
C GLN P 404 2.39 -3.29 49.76
N PRO P 405 3.24 -3.95 48.99
CA PRO P 405 4.48 -4.49 49.59
C PRO P 405 5.36 -3.45 50.26
N LEU P 406 5.47 -2.25 49.70
CA LEU P 406 6.24 -1.21 50.36
C LEU P 406 5.62 -0.82 51.70
N LEU P 407 4.29 -0.80 51.77
CA LEU P 407 3.66 -0.38 53.02
C LEU P 407 3.72 -1.49 54.04
N ARG P 408 3.57 -2.75 53.61
CA ARG P 408 3.76 -3.86 54.54
C ARG P 408 5.17 -3.85 55.11
N PHE P 409 6.16 -3.54 54.28
CA PHE P 409 7.54 -3.44 54.78
C PHE P 409 7.67 -2.36 55.84
N ILE P 410 7.09 -1.18 55.59
CA ILE P 410 7.14 -0.12 56.60
C ILE P 410 6.41 -0.53 57.88
N GLU P 411 5.23 -1.15 57.74
CA GLU P 411 4.53 -1.69 58.89
C GLU P 411 5.40 -2.65 59.68
N ASP P 412 6.04 -3.60 59.01
CA ASP P 412 6.91 -4.55 59.70
C ASP P 412 8.01 -3.84 60.47
N LEU P 413 8.66 -2.86 59.84
CA LEU P 413 9.71 -2.13 60.55
C LEU P 413 9.17 -1.43 61.78
N VAL P 414 8.04 -0.72 61.64
CA VAL P 414 7.46 0.00 62.78
C VAL P 414 7.10 -0.96 63.89
N ASN P 415 6.42 -2.06 63.56
CA ASN P 415 6.03 -3.03 64.57
C ASN P 415 7.24 -3.58 65.31
N ARG P 416 8.24 -4.07 64.58
CA ARG P 416 9.41 -4.64 65.24
C ARG P 416 10.12 -3.62 66.13
N HIS P 417 10.31 -2.39 65.67
CA HIS P 417 11.23 -1.49 66.36
C HIS P 417 10.58 -0.50 67.32
N ILE P 418 9.42 0.07 66.99
CA ILE P 418 8.84 1.12 67.83
C ILE P 418 7.78 0.54 68.77
N ILE P 419 6.71 -0.01 68.20
CA ILE P 419 5.60 -0.52 69.00
C ILE P 419 6.10 -1.53 70.02
N SER P 420 7.07 -2.36 69.63
CA SER P 420 7.67 -3.33 70.54
C SER P 420 8.19 -2.71 71.83
N GLU P 421 8.46 -1.40 71.84
CA GLU P 421 8.77 -0.74 73.09
C GLU P 421 7.59 -0.76 74.06
N TYR P 422 6.37 -0.80 73.53
CA TYR P 422 5.16 -0.83 74.33
C TYR P 422 4.61 -2.24 74.54
N GLY P 423 5.27 -3.27 74.02
CA GLY P 423 4.80 -4.63 74.18
C GLY P 423 3.85 -5.06 73.08
N ASP P 424 3.63 -6.37 73.02
CA ASP P 424 2.99 -7.02 71.89
C ASP P 424 1.48 -6.79 71.83
N LYS P 425 0.89 -6.16 72.84
CA LYS P 425 -0.55 -5.96 72.83
C LYS P 425 -1.02 -5.03 71.72
N TYR P 426 -0.16 -4.14 71.22
CA TYR P 426 -0.55 -3.18 70.19
C TYR P 426 -0.07 -3.63 68.82
N THR P 427 -0.69 -3.06 67.78
CA THR P 427 -0.24 -3.23 66.41
C THR P 427 -0.37 -1.93 65.65
N PHE P 428 0.58 -1.66 64.76
CA PHE P 428 0.52 -0.56 63.82
C PHE P 428 0.11 -1.07 62.45
N GLN P 429 -0.93 -0.46 61.86
CA GLN P 429 -1.33 -0.77 60.50
C GLN P 429 -1.76 0.49 59.77
N PHE P 430 -1.36 0.58 58.50
CA PHE P 430 -2.02 1.48 57.56
C PHE P 430 -3.39 0.95 57.17
N VAL P 431 -4.36 1.86 57.04
CA VAL P 431 -5.73 1.51 56.67
C VAL P 431 -6.22 2.47 55.60
N GLY P 432 -6.80 1.91 54.54
CA GLY P 432 -7.51 2.71 53.56
C GLY P 432 -8.88 3.16 54.03
N GLY P 433 -9.51 3.99 53.22
CA GLY P 433 -10.86 4.44 53.50
C GLY P 433 -11.86 3.30 53.38
N ASP P 434 -13.14 3.67 53.52
CA ASP P 434 -14.23 2.73 53.38
C ASP P 434 -15.42 3.39 52.70
N THR P 435 -16.24 2.57 52.03
CA THR P 435 -17.50 3.04 51.43
C THR P 435 -18.66 2.70 52.37
N LYS P 436 -18.70 3.44 53.47
CA LYS P 436 -19.58 3.21 54.62
C LYS P 436 -20.26 4.51 55.03
N SER P 437 -20.84 5.19 54.05
CA SER P 437 -21.60 6.40 54.32
C SER P 437 -22.79 6.11 55.24
N ALA P 438 -23.45 7.19 55.64
CA ALA P 438 -24.70 7.10 56.39
C ALA P 438 -25.74 6.23 55.69
N THR P 439 -25.84 6.32 54.37
CA THR P 439 -26.74 5.43 53.63
C THR P 439 -26.44 3.96 53.92
N ASP P 440 -25.16 3.57 53.78
CA ASP P 440 -24.81 2.17 54.00
C ASP P 440 -25.04 1.75 55.44
N LYS P 441 -24.67 2.60 56.40
CA LYS P 441 -24.91 2.28 57.81
C LYS P 441 -26.39 2.15 58.11
N LEU P 442 -27.21 3.02 57.51
CA LEU P 442 -28.65 2.91 57.72
C LEU P 442 -29.24 1.65 57.11
N ASN P 443 -28.80 1.25 55.92
CA ASN P 443 -29.23 -0.03 55.38
C ASN P 443 -28.84 -1.19 56.29
N ILE P 444 -27.59 -1.18 56.77
CA ILE P 444 -27.12 -2.23 57.65
C ILE P 444 -27.96 -2.28 58.92
N LEU P 445 -28.12 -1.13 59.58
CA LEU P 445 -28.93 -1.09 60.79
C LEU P 445 -30.40 -1.42 60.52
N LYS P 446 -30.92 -1.05 59.35
CA LYS P 446 -32.27 -1.46 58.95
C LYS P 446 -32.41 -2.97 58.91
N LEU P 447 -31.32 -3.69 58.65
CA LEU P 447 -31.38 -5.14 58.80
C LEU P 447 -31.11 -5.61 60.23
N GLU P 448 -30.13 -5.00 60.91
CA GLU P 448 -29.81 -5.37 62.28
C GLU P 448 -30.98 -5.16 63.23
N THR P 449 -31.83 -4.16 62.98
CA THR P 449 -33.00 -3.91 63.81
C THR P 449 -34.11 -4.91 63.57
N GLN P 450 -34.08 -5.61 62.44
CA GLN P 450 -34.95 -6.75 62.25
C GLN P 450 -34.34 -7.99 62.89
N ILE P 451 -33.02 -8.12 62.84
CA ILE P 451 -32.37 -9.36 63.24
C ILE P 451 -31.99 -9.33 64.72
N PHE P 452 -31.52 -8.20 65.24
CA PHE P 452 -30.97 -8.14 66.59
C PHE P 452 -31.63 -7.06 67.44
N LYS P 453 -31.66 -5.84 66.92
CA LYS P 453 -31.70 -4.64 67.75
C LYS P 453 -33.13 -4.14 67.91
N THR P 454 -33.54 -3.98 69.17
CA THR P 454 -34.72 -3.20 69.46
C THR P 454 -34.45 -1.72 69.19
N VAL P 455 -35.54 -0.99 68.96
CA VAL P 455 -35.47 0.47 68.78
C VAL P 455 -34.63 1.12 69.86
N ASN P 456 -34.83 0.71 71.12
CA ASN P 456 -34.14 1.39 72.22
C ASN P 456 -32.64 1.10 72.25
N GLU P 457 -32.22 -0.11 71.87
CA GLU P 457 -30.80 -0.38 71.77
C GLU P 457 -30.15 0.49 70.69
N ALA P 458 -30.81 0.58 69.52
CA ALA P 458 -30.32 1.46 68.47
C ALA P 458 -30.22 2.90 68.96
N ARG P 459 -31.28 3.42 69.55
CA ARG P 459 -31.27 4.81 70.03
C ARG P 459 -30.18 5.04 71.06
N GLU P 460 -29.96 4.08 71.96
CA GLU P 460 -28.89 4.22 72.93
C GLU P 460 -27.53 4.27 72.22
N GLU P 461 -27.34 3.43 71.21
CA GLU P 461 -26.13 3.50 70.40
C GLU P 461 -25.97 4.84 69.69
N GLN P 462 -27.07 5.57 69.48
CA GLN P 462 -27.00 6.94 69.01
C GLN P 462 -26.80 7.93 70.16
N GLY P 463 -26.81 7.45 71.40
CA GLY P 463 -26.90 8.32 72.56
C GLY P 463 -28.24 8.96 72.78
N LYS P 464 -29.30 8.38 72.23
CA LYS P 464 -30.65 8.92 72.34
C LYS P 464 -31.44 8.09 73.35
N LYS P 465 -32.22 8.78 74.18
CA LYS P 465 -32.85 8.12 75.31
C LYS P 465 -33.73 6.96 74.83
N PRO P 466 -33.73 5.82 75.51
CA PRO P 466 -34.70 4.78 75.18
C PRO P 466 -36.13 5.28 75.39
N ILE P 467 -37.05 4.74 74.59
CA ILE P 467 -38.45 5.18 74.59
C ILE P 467 -39.35 4.00 74.94
N GLU P 468 -40.36 4.27 75.76
CA GLU P 468 -41.46 3.35 76.01
C GLU P 468 -42.18 2.98 74.72
N GLY P 469 -42.28 1.68 74.44
CA GLY P 469 -42.69 1.17 73.14
C GLY P 469 -41.55 0.74 72.24
N GLY P 470 -40.31 0.98 72.63
CA GLY P 470 -39.19 0.23 72.08
C GLY P 470 -39.16 -1.17 72.65
N ASP P 471 -37.97 -1.75 72.75
CA ASP P 471 -37.77 -3.14 73.14
C ASP P 471 -38.51 -4.14 72.25
N ILE P 472 -38.80 -3.78 71.00
CA ILE P 472 -39.46 -4.67 70.05
C ILE P 472 -38.65 -4.73 68.76
N ILE P 473 -38.53 -5.92 68.18
CA ILE P 473 -38.01 -6.05 66.83
C ILE P 473 -39.07 -5.55 65.84
N LEU P 474 -38.62 -4.84 64.81
CA LEU P 474 -39.51 -4.29 63.80
C LEU P 474 -39.89 -5.35 62.77
N ASP P 475 -40.58 -6.38 63.24
CA ASP P 475 -41.16 -7.39 62.35
C ASP P 475 -42.57 -7.72 62.83
N ALA P 476 -43.52 -7.72 61.90
CA ALA P 476 -44.91 -8.02 62.24
C ALA P 476 -45.06 -9.41 62.85
N SER P 477 -44.23 -10.37 62.44
CA SER P 477 -44.32 -11.71 63.01
C SER P 477 -43.95 -11.71 64.49
N PHE P 478 -42.96 -10.89 64.87
CA PHE P 478 -42.61 -10.76 66.28
C PHE P 478 -43.80 -10.27 67.09
N LEU P 479 -44.52 -9.28 66.57
CA LEU P 479 -45.69 -8.75 67.27
C LEU P 479 -46.81 -9.77 67.34
N GLN P 480 -47.03 -10.54 66.27
CA GLN P 480 -48.02 -11.61 66.33
C GLN P 480 -47.64 -12.64 67.39
N GLY P 481 -46.34 -12.91 67.54
CA GLY P 481 -45.89 -13.75 68.63
C GLY P 481 -46.20 -13.18 70.00
N THR P 482 -45.85 -11.91 70.22
CA THR P 482 -46.11 -11.32 71.53
C THR P 482 -47.61 -11.23 71.82
N ALA P 483 -48.44 -10.99 70.81
CA ALA P 483 -49.88 -11.00 71.00
C ALA P 483 -50.38 -12.40 71.35
N GLN P 484 -49.76 -13.42 70.77
CA GLN P 484 -50.05 -14.78 71.20
C GLN P 484 -49.71 -14.95 72.66
N LEU P 485 -48.48 -14.61 73.05
CA LEU P 485 -48.05 -14.86 74.43
C LEU P 485 -48.95 -14.10 75.41
N GLN P 486 -49.40 -12.90 75.03
CA GLN P 486 -50.36 -12.16 75.84
C GLN P 486 -51.65 -12.95 76.04
N GLN P 487 -52.21 -13.48 74.95
CA GLN P 487 -53.42 -14.29 75.07
C GLN P 487 -53.16 -15.52 75.94
N ASP P 488 -52.02 -16.18 75.74
CA ASP P 488 -51.61 -17.27 76.60
C ASP P 488 -51.62 -16.88 78.08
N LYS P 489 -51.04 -15.72 78.40
CA LYS P 489 -51.08 -15.23 79.77
C LYS P 489 -52.51 -15.04 80.28
N GLN P 490 -53.37 -14.42 79.48
CA GLN P 490 -54.74 -14.18 79.94
C GLN P 490 -55.49 -15.50 80.14
N TYR P 491 -55.19 -16.49 79.30
CA TYR P 491 -55.76 -17.82 79.48
C TYR P 491 -55.25 -18.47 80.76
N ASN P 492 -53.94 -18.44 80.98
CA ASN P 492 -53.38 -19.08 82.16
C ASN P 492 -53.88 -18.41 83.43
N ASP P 493 -54.04 -17.09 83.39
CA ASP P 493 -54.65 -16.37 84.52
C ASP P 493 -56.05 -16.89 84.81
N GLY P 494 -56.89 -16.98 83.77
CA GLY P 494 -58.23 -17.51 83.97
C GLY P 494 -58.22 -18.94 84.50
N LYS P 495 -57.44 -19.80 83.85
CA LYS P 495 -57.33 -21.20 84.26
C LYS P 495 -56.92 -21.32 85.72
N GLN P 496 -55.86 -20.61 86.12
CA GLN P 496 -55.36 -20.73 87.47
C GLN P 496 -56.34 -20.18 88.49
N LYS P 497 -57.00 -19.06 88.19
CA LYS P 497 -58.01 -18.55 89.11
C LYS P 497 -59.18 -19.51 89.27
N GLU P 498 -59.64 -20.11 88.16
CA GLU P 498 -60.74 -21.05 88.27
C GLU P 498 -60.33 -22.36 88.95
N ARG P 499 -59.10 -22.80 88.74
CA ARG P 499 -58.54 -23.92 89.50
C ARG P 499 -58.52 -23.62 90.99
N LEU P 500 -58.02 -22.45 91.39
CA LEU P 500 -58.02 -22.09 92.79
C LEU P 500 -59.43 -22.02 93.38
N GLN P 501 -60.37 -21.40 92.64
CA GLN P 501 -61.74 -21.31 93.13
C GLN P 501 -62.38 -22.69 93.29
N MET P 502 -62.12 -23.61 92.34
CA MET P 502 -62.62 -24.97 92.49
C MET P 502 -61.98 -25.68 93.67
N MET P 503 -60.68 -25.54 93.84
CA MET P 503 -59.99 -26.15 94.99
C MET P 503 -60.57 -25.63 96.31
N MET P 504 -60.81 -24.32 96.40
CA MET P 504 -61.41 -23.76 97.61
C MET P 504 -62.85 -24.20 97.80
N SER P 505 -63.59 -24.43 96.70
CA SER P 505 -64.95 -24.93 96.82
C SER P 505 -64.97 -26.37 97.34
N LEU P 506 -64.06 -27.20 96.85
CA LEU P 506 -64.07 -28.62 97.20
C LEU P 506 -63.58 -28.83 98.63
N SER Q 49 20.51 -45.88 52.12
CA SER Q 49 19.37 -45.78 51.23
C SER Q 49 18.84 -44.35 51.20
N LEU Q 50 18.26 -43.95 50.07
CA LEU Q 50 17.76 -42.59 49.92
C LEU Q 50 16.50 -42.38 50.74
N TYR Q 51 15.50 -43.25 50.56
CA TYR Q 51 14.25 -43.18 51.28
C TYR Q 51 14.17 -44.15 52.45
N GLY Q 52 14.61 -45.38 52.26
CA GLY Q 52 14.41 -46.41 53.27
C GLY Q 52 14.77 -47.76 52.69
N GLN Q 53 14.66 -48.77 53.55
CA GLN Q 53 15.03 -50.12 53.14
C GLN Q 53 14.11 -50.58 52.04
N GLN Q 54 14.69 -50.94 50.90
CA GLN Q 54 13.95 -51.38 49.73
C GLN Q 54 14.80 -52.37 48.96
N GLN Q 55 14.14 -53.29 48.26
CA GLN Q 55 14.86 -54.29 47.48
C GLN Q 55 15.18 -53.84 46.06
N ALA Q 56 14.47 -52.84 45.54
CA ALA Q 56 14.89 -52.16 44.33
C ALA Q 56 16.02 -51.20 44.64
N TYR Q 57 17.06 -51.21 43.82
CA TYR Q 57 18.13 -50.23 43.95
C TYR Q 57 17.68 -48.85 43.50
N ALA Q 58 18.02 -47.84 44.31
CA ALA Q 58 17.66 -46.46 44.05
C ALA Q 58 18.89 -45.60 43.75
N GLU Q 59 20.07 -46.20 43.68
CA GLU Q 59 21.32 -45.51 43.41
C GLU Q 59 22.14 -46.35 42.45
N PRO Q 60 23.14 -45.77 41.80
CA PRO Q 60 24.05 -46.56 40.97
C PRO Q 60 24.67 -47.71 41.76
N PHE Q 61 24.52 -48.93 41.23
CA PHE Q 61 24.92 -50.12 41.97
C PHE Q 61 26.42 -50.14 42.23
N ILE Q 62 27.21 -49.89 41.20
CA ILE Q 62 28.63 -49.64 41.39
C ILE Q 62 28.81 -48.20 41.82
N GLU Q 63 29.57 -47.99 42.89
CA GLU Q 63 29.84 -46.63 43.37
C GLU Q 63 30.62 -45.87 42.31
N MET Q 64 29.99 -44.84 41.74
CA MET Q 64 30.69 -43.97 40.81
C MET Q 64 31.69 -43.11 41.57
N MET Q 65 32.75 -42.72 40.88
CA MET Q 65 33.86 -42.00 41.51
C MET Q 65 33.39 -40.58 41.83
N ASP Q 66 32.72 -40.46 42.96
CA ASP Q 66 32.44 -39.17 43.56
C ASP Q 66 33.74 -38.49 43.99
N THR Q 67 33.76 -37.16 43.89
CA THR Q 67 34.95 -36.40 44.24
C THR Q 67 35.35 -36.63 45.69
N ASN Q 68 34.36 -36.86 46.56
CA ASN Q 68 34.62 -37.07 47.99
C ASN Q 68 33.87 -38.33 48.43
N PRO Q 69 34.51 -39.21 49.21
CA PRO Q 69 33.78 -40.38 49.72
C PRO Q 69 32.61 -40.03 50.62
N GLU Q 70 32.59 -38.84 51.22
CA GLU Q 70 31.67 -38.56 52.30
C GLU Q 70 30.35 -37.95 51.84
N PHE Q 71 30.27 -37.42 50.61
CA PHE Q 71 29.01 -36.86 50.15
C PHE Q 71 28.87 -37.04 48.64
N ARG Q 72 27.62 -37.04 48.20
CA ARG Q 72 27.26 -37.18 46.80
C ARG Q 72 27.38 -35.84 46.08
N ASP Q 73 28.17 -35.81 45.00
CA ASP Q 73 28.34 -34.59 44.23
C ASP Q 73 27.05 -34.25 43.49
N LYS Q 74 26.83 -32.95 43.30
CA LYS Q 74 25.67 -32.43 42.58
C LYS Q 74 26.00 -32.39 41.09
N ARG Q 75 25.98 -33.57 40.47
CA ARG Q 75 26.30 -33.72 39.07
C ARG Q 75 25.26 -33.06 38.16
N SER Q 76 25.74 -32.40 37.13
CA SER Q 76 24.89 -31.93 36.03
C SER Q 76 24.16 -33.08 35.35
N TYR Q 77 23.01 -32.75 34.75
CA TYR Q 77 22.16 -33.72 34.09
C TYR Q 77 22.92 -34.69 33.20
N MET Q 78 23.81 -34.17 32.35
CA MET Q 78 24.61 -34.99 31.46
C MET Q 78 25.92 -35.45 32.08
N LYS Q 79 26.17 -35.11 33.35
CA LYS Q 79 27.46 -35.33 34.00
C LYS Q 79 28.61 -34.63 33.29
N ASN Q 80 28.31 -33.65 32.43
CA ASN Q 80 29.35 -32.82 31.84
C ASN Q 80 30.01 -31.93 32.88
N GLU Q 81 29.36 -31.74 34.04
CA GLU Q 81 29.83 -30.84 35.07
C GLU Q 81 29.49 -31.45 36.42
N HIS Q 82 30.37 -31.21 37.39
CA HIS Q 82 30.24 -31.78 38.73
C HIS Q 82 29.98 -30.73 39.80
N ASN Q 83 30.04 -29.45 39.46
CA ASN Q 83 29.94 -28.36 40.42
C ASN Q 83 28.82 -27.45 39.95
N LEU Q 84 27.68 -28.08 39.60
CA LEU Q 84 26.61 -27.39 38.88
C LEU Q 84 26.18 -26.12 39.59
N HIS Q 85 26.08 -26.16 40.91
CA HIS Q 85 25.59 -25.00 41.64
C HIS Q 85 26.57 -23.83 41.58
N ASP Q 86 27.86 -24.10 41.45
CA ASP Q 86 28.79 -23.01 41.21
C ASP Q 86 28.67 -22.43 39.80
N VAL Q 87 28.17 -23.21 38.84
CA VAL Q 87 27.80 -22.64 37.55
C VAL Q 87 26.56 -21.77 37.68
N LEU Q 88 25.50 -22.32 38.28
CA LEU Q 88 24.23 -21.60 38.38
C LEU Q 88 24.35 -20.32 39.20
N LYS Q 89 25.21 -20.30 40.22
CA LYS Q 89 25.41 -19.10 41.00
C LYS Q 89 25.74 -17.88 40.14
N LYS Q 90 26.40 -18.09 39.00
CA LYS Q 90 26.72 -16.99 38.12
C LYS Q 90 25.51 -16.36 37.47
N PHE Q 91 24.36 -17.06 37.44
CA PHE Q 91 23.15 -16.50 36.83
C PHE Q 91 22.26 -15.79 37.84
N GLY Q 92 22.56 -15.86 39.13
CA GLY Q 92 21.70 -15.28 40.14
C GLY Q 92 21.51 -13.78 40.02
N ASN Q 93 22.35 -13.10 39.24
CA ASN Q 93 22.19 -11.68 38.95
C ASN Q 93 21.53 -11.40 37.60
N ASN Q 94 21.01 -12.43 36.92
CA ASN Q 94 20.34 -12.21 35.65
C ASN Q 94 19.13 -11.31 35.86
N PRO Q 95 18.94 -10.25 35.06
CA PRO Q 95 17.79 -9.37 35.29
C PRO Q 95 16.42 -10.02 35.11
N ILE Q 96 16.27 -10.90 34.14
CA ILE Q 96 14.97 -11.58 33.96
C ILE Q 96 14.68 -12.50 35.15
N LEU Q 97 15.65 -13.33 35.50
CA LEU Q 97 15.46 -14.24 36.63
C LEU Q 97 15.18 -13.47 37.92
N ASN Q 98 15.86 -12.35 38.11
CA ASN Q 98 15.60 -11.54 39.30
C ASN Q 98 14.24 -10.85 39.24
N ALA Q 99 13.79 -10.45 38.06
CA ALA Q 99 12.44 -9.91 37.96
C ALA Q 99 11.40 -10.95 38.37
N ILE Q 100 11.61 -12.20 37.98
CA ILE Q 100 10.71 -13.27 38.37
C ILE Q 100 10.78 -13.50 39.88
N ILE Q 101 11.99 -13.62 40.41
CA ILE Q 101 12.14 -13.89 41.84
C ILE Q 101 11.51 -12.77 42.67
N LEU Q 102 11.73 -11.51 42.26
CA LEU Q 102 11.19 -10.40 43.03
C LEU Q 102 9.68 -10.32 42.94
N THR Q 103 9.09 -10.52 41.75
CA THR Q 103 7.64 -10.46 41.67
C THR Q 103 7.00 -11.57 42.49
N ARG Q 104 7.56 -12.79 42.40
CA ARG Q 104 7.01 -13.90 43.17
C ARG Q 104 7.13 -13.67 44.67
N SER Q 105 8.31 -13.23 45.13
CA SER Q 105 8.50 -13.06 46.57
C SER Q 105 7.73 -11.87 47.12
N ASN Q 106 7.52 -10.82 46.31
CA ASN Q 106 6.62 -9.76 46.73
C ASN Q 106 5.19 -10.25 46.85
N GLN Q 107 4.75 -11.11 45.94
CA GLN Q 107 3.43 -11.70 46.09
C GLN Q 107 3.33 -12.50 47.39
N VAL Q 108 4.26 -13.43 47.58
CA VAL Q 108 4.24 -14.34 48.74
C VAL Q 108 4.25 -13.55 50.05
N ALA Q 109 5.01 -12.46 50.11
CA ALA Q 109 5.17 -11.72 51.36
C ALA Q 109 3.85 -11.23 51.95
N MET Q 110 2.82 -11.02 51.13
CA MET Q 110 1.56 -10.54 51.67
C MET Q 110 0.89 -11.52 52.63
N TYR Q 111 1.14 -12.82 52.46
CA TYR Q 111 0.51 -13.85 53.29
C TYR Q 111 1.23 -14.08 54.61
N CYS Q 112 2.42 -13.53 54.80
CA CYS Q 112 3.25 -13.85 55.96
C CYS Q 112 2.60 -13.47 57.29
N GLN Q 113 1.82 -12.41 57.34
CA GLN Q 113 1.17 -12.04 58.60
C GLN Q 113 0.08 -13.05 58.99
N PRO Q 114 -0.20 -13.20 60.28
CA PRO Q 114 -1.35 -14.02 60.70
C PRO Q 114 -2.67 -13.47 60.18
N ALA Q 115 -3.51 -14.36 59.67
CA ALA Q 115 -4.86 -13.98 59.28
C ALA Q 115 -5.68 -13.53 60.48
N ARG Q 116 -5.49 -14.16 61.64
CA ARG Q 116 -6.20 -13.83 62.87
C ARG Q 116 -6.29 -12.33 63.15
N TYR Q 117 -5.20 -11.60 62.95
CA TYR Q 117 -5.14 -10.18 63.26
C TYR Q 117 -5.42 -9.29 62.06
N SER Q 118 -5.67 -9.85 60.88
CA SER Q 118 -5.82 -9.09 59.65
C SER Q 118 -7.30 -9.05 59.30
N GLU Q 119 -7.92 -7.88 59.42
CA GLU Q 119 -9.38 -7.80 59.36
C GLU Q 119 -9.92 -8.25 58.01
N LYS Q 120 -9.12 -8.11 56.95
CA LYS Q 120 -9.51 -8.66 55.66
C LYS Q 120 -9.37 -10.17 55.61
N GLY Q 121 -8.86 -10.81 56.67
CA GLY Q 121 -8.71 -12.25 56.70
C GLY Q 121 -7.55 -12.79 55.91
N LEU Q 122 -6.78 -11.95 55.23
CA LEU Q 122 -5.67 -12.40 54.42
C LEU Q 122 -4.43 -12.65 55.27
N GLY Q 123 -3.81 -13.78 55.07
CA GLY Q 123 -2.60 -14.15 55.79
C GLY Q 123 -2.48 -15.67 55.86
N PHE Q 124 -1.92 -16.14 56.98
CA PHE Q 124 -1.91 -17.54 57.33
C PHE Q 124 -2.60 -17.75 58.67
N GLU Q 125 -3.00 -19.00 58.92
CA GLU Q 125 -3.50 -19.41 60.22
C GLU Q 125 -3.00 -20.81 60.54
N VAL Q 126 -2.84 -21.08 61.83
CA VAL Q 126 -2.67 -22.43 62.35
C VAL Q 126 -4.01 -22.91 62.90
N ARG Q 127 -4.42 -24.11 62.48
CA ARG Q 127 -5.78 -24.58 62.65
C ARG Q 127 -5.74 -26.03 63.10
N LEU Q 128 -6.81 -26.46 63.76
CA LEU Q 128 -7.02 -27.89 63.92
C LEU Q 128 -7.28 -28.57 62.58
N ARG Q 129 -6.84 -29.82 62.48
CA ARG Q 129 -7.01 -30.59 61.25
C ARG Q 129 -8.48 -30.78 60.93
N ASP Q 130 -9.22 -31.41 61.85
CA ASP Q 130 -10.65 -31.61 61.63
C ASP Q 130 -11.37 -30.28 61.63
N LEU Q 131 -12.16 -30.03 60.59
CA LEU Q 131 -13.05 -28.87 60.56
C LEU Q 131 -14.20 -28.98 61.57
N ASP Q 132 -14.55 -30.19 62.00
CA ASP Q 132 -15.69 -30.36 62.90
C ASP Q 132 -15.36 -30.09 64.35
N ALA Q 133 -14.08 -30.10 64.72
CA ALA Q 133 -13.72 -29.94 66.13
C ALA Q 133 -13.87 -28.50 66.58
N GLU Q 134 -14.17 -28.34 67.87
CA GLU Q 134 -14.09 -27.05 68.56
C GLU Q 134 -12.89 -27.08 69.49
N PRO Q 135 -11.96 -26.12 69.41
CA PRO Q 135 -10.70 -26.28 70.14
C PRO Q 135 -10.88 -26.15 71.65
N GLY Q 136 -10.15 -26.99 72.37
CA GLY Q 136 -10.13 -26.94 73.82
C GLY Q 136 -9.35 -25.76 74.36
N ARG Q 137 -9.48 -25.58 75.68
CA ARG Q 137 -8.87 -24.43 76.34
C ARG Q 137 -7.36 -24.39 76.10
N LYS Q 138 -6.70 -25.55 76.15
CA LYS Q 138 -5.27 -25.60 75.92
C LYS Q 138 -4.91 -25.53 74.44
N GLU Q 139 -5.76 -26.08 73.57
CA GLU Q 139 -5.50 -26.05 72.14
C GLU Q 139 -5.51 -24.63 71.58
N LYS Q 140 -6.46 -23.81 71.99
CA LYS Q 140 -6.50 -22.43 71.51
C LYS Q 140 -5.21 -21.68 71.85
N GLU Q 141 -4.70 -21.90 73.06
CA GLU Q 141 -3.47 -21.23 73.46
C GLU Q 141 -2.26 -21.81 72.75
N GLU Q 142 -2.23 -23.13 72.56
CA GLU Q 142 -1.12 -23.72 71.83
C GLU Q 142 -1.08 -23.22 70.38
N MET Q 143 -2.24 -23.13 69.73
CA MET Q 143 -2.28 -22.58 68.38
C MET Q 143 -1.82 -21.13 68.33
N LYS Q 144 -2.24 -20.31 69.30
CA LYS Q 144 -1.76 -18.93 69.32
C LYS Q 144 -0.25 -18.87 69.57
N ARG Q 145 0.26 -19.73 70.43
CA ARG Q 145 1.70 -19.76 70.69
C ARG Q 145 2.48 -20.17 69.45
N ILE Q 146 1.99 -21.18 68.72
CA ILE Q 146 2.67 -21.62 67.52
C ILE Q 146 2.64 -20.54 66.45
N GLU Q 147 1.49 -19.88 66.27
CA GLU Q 147 1.45 -18.74 65.35
C GLU Q 147 2.49 -17.69 65.71
N ASP Q 148 2.52 -17.27 66.97
CA ASP Q 148 3.51 -16.28 67.40
C ASP Q 148 4.94 -16.77 67.14
N PHE Q 149 5.23 -18.04 67.48
CA PHE Q 149 6.53 -18.63 67.20
C PHE Q 149 6.90 -18.52 65.73
N ILE Q 150 5.98 -18.86 64.83
CA ILE Q 150 6.25 -18.77 63.41
C ILE Q 150 6.56 -17.33 63.02
N VAL Q 151 5.68 -16.40 63.39
CA VAL Q 151 5.91 -14.98 63.12
C VAL Q 151 7.30 -14.56 63.56
N ASN Q 152 7.64 -14.85 64.81
CA ASN Q 152 8.95 -14.52 65.35
C ASN Q 152 10.07 -15.41 64.81
N THR Q 153 9.75 -16.48 64.09
CA THR Q 153 10.73 -17.42 63.55
C THR Q 153 11.49 -18.12 64.69
N GLY Q 154 10.91 -18.14 65.88
CA GLY Q 154 11.61 -18.64 67.05
C GLY Q 154 10.85 -18.29 68.31
N LYS Q 155 11.29 -18.89 69.41
CA LYS Q 155 10.52 -18.81 70.65
C LYS Q 155 10.49 -17.38 71.18
N ASP Q 156 11.66 -16.79 71.42
CA ASP Q 156 11.75 -15.41 71.86
C ASP Q 156 11.76 -14.45 70.68
N LYS Q 157 11.34 -13.22 70.95
CA LYS Q 157 11.58 -12.10 70.05
C LYS Q 157 13.05 -11.69 70.06
N ASP Q 158 13.61 -11.47 68.88
CA ASP Q 158 15.00 -11.03 68.76
C ASP Q 158 15.10 -10.28 67.44
N VAL Q 159 15.33 -8.96 67.52
CA VAL Q 159 15.47 -8.12 66.34
C VAL Q 159 16.60 -8.57 65.43
N ASP Q 160 17.58 -9.31 65.96
CA ASP Q 160 18.66 -9.81 65.13
C ASP Q 160 18.25 -10.99 64.26
N ARG Q 161 17.13 -11.66 64.56
CA ARG Q 161 16.69 -12.79 63.77
C ARG Q 161 15.80 -12.33 62.61
N ASP Q 162 15.89 -13.07 61.51
CA ASP Q 162 14.94 -12.93 60.42
C ASP Q 162 13.51 -13.00 60.92
N SER Q 163 12.66 -12.12 60.41
CA SER Q 163 11.23 -12.34 60.45
C SER Q 163 10.83 -13.45 59.49
N PHE Q 164 9.60 -13.94 59.65
CA PHE Q 164 9.04 -14.90 58.71
C PHE Q 164 9.05 -14.37 57.28
N GLN Q 165 8.82 -13.06 57.11
CA GLN Q 165 8.88 -12.46 55.79
C GLN Q 165 10.23 -12.67 55.12
N THR Q 166 11.32 -12.36 55.83
CA THR Q 166 12.65 -12.55 55.27
C THR Q 166 12.92 -14.01 54.98
N PHE Q 167 12.49 -14.90 55.87
CA PHE Q 167 12.66 -16.33 55.64
C PHE Q 167 11.96 -16.78 54.36
N CYS Q 168 10.70 -16.38 54.18
CA CYS Q 168 9.97 -16.78 52.98
C CYS Q 168 10.62 -16.22 51.72
N LYS Q 169 10.99 -14.94 51.73
CA LYS Q 169 11.69 -14.37 50.57
C LYS Q 169 12.96 -15.15 50.25
N LYS Q 170 13.73 -15.52 51.28
CA LYS Q 170 14.92 -16.33 51.09
C LYS Q 170 14.59 -17.64 50.40
N ILE Q 171 13.68 -18.42 50.97
CA ILE Q 171 13.44 -19.75 50.41
C ILE Q 171 12.82 -19.67 49.01
N VAL Q 172 12.06 -18.62 48.71
CA VAL Q 172 11.56 -18.44 47.34
C VAL Q 172 12.73 -18.22 46.39
N ARG Q 173 13.64 -17.31 46.75
CA ARG Q 173 14.84 -17.11 45.93
C ARG Q 173 15.60 -18.41 45.74
N ASP Q 174 15.75 -19.19 46.80
CA ASP Q 174 16.47 -20.45 46.71
C ASP Q 174 15.76 -21.46 45.81
N THR Q 175 14.44 -21.57 45.92
CA THR Q 175 13.70 -22.45 45.03
C THR Q 175 13.92 -22.08 43.58
N TYR Q 176 13.86 -20.79 43.25
CA TYR Q 176 13.90 -20.39 41.85
C TYR Q 176 15.31 -20.30 41.28
N ILE Q 177 16.34 -20.24 42.11
CA ILE Q 177 17.71 -20.36 41.59
C ILE Q 177 18.16 -21.82 41.57
N TYR Q 178 18.12 -22.48 42.73
CA TYR Q 178 18.76 -23.78 42.89
C TYR Q 178 17.81 -24.95 42.76
N ASP Q 179 16.50 -24.75 42.93
CA ASP Q 179 15.58 -25.82 43.29
C ASP Q 179 16.11 -26.66 44.44
N GLN Q 180 16.53 -25.97 45.50
CA GLN Q 180 16.91 -26.65 46.74
C GLN Q 180 16.72 -25.66 47.89
N VAL Q 181 15.88 -26.02 48.86
CA VAL Q 181 15.68 -25.24 50.08
C VAL Q 181 16.21 -26.03 51.26
N ASN Q 182 16.98 -25.36 52.13
CA ASN Q 182 17.39 -25.95 53.41
C ASN Q 182 17.21 -24.92 54.51
N PHE Q 183 16.69 -25.37 55.65
CA PHE Q 183 16.73 -24.60 56.89
C PHE Q 183 17.05 -25.53 58.05
N GLU Q 184 17.90 -25.07 58.96
CA GLU Q 184 18.23 -25.81 60.17
C GLU Q 184 17.22 -25.57 61.27
N LYS Q 185 16.90 -26.64 62.00
CA LYS Q 185 16.10 -26.60 63.23
C LYS Q 185 17.02 -26.71 64.44
N VAL Q 186 16.99 -25.71 65.31
CA VAL Q 186 17.84 -25.68 66.50
C VAL Q 186 16.99 -25.99 67.74
N PHE Q 187 17.34 -27.07 68.44
CA PHE Q 187 16.69 -27.48 69.67
C PHE Q 187 17.41 -26.92 70.90
N ASN Q 188 16.66 -26.75 71.98
CA ASN Q 188 17.22 -26.34 73.26
C ASN Q 188 18.36 -27.27 73.68
N LYS Q 189 19.43 -26.68 74.19
CA LYS Q 189 20.60 -27.46 74.58
C LYS Q 189 20.32 -28.36 75.78
N ASN Q 190 19.52 -27.88 76.73
CA ASN Q 190 19.21 -28.70 77.90
C ASN Q 190 18.20 -29.79 77.56
N ASN Q 191 17.26 -29.49 76.67
CA ASN Q 191 16.19 -30.43 76.30
C ASN Q 191 16.15 -30.55 74.78
N LYS Q 192 16.68 -31.65 74.26
CA LYS Q 192 16.76 -31.85 72.82
C LYS Q 192 15.38 -31.94 72.19
N THR Q 193 14.34 -32.19 72.99
CA THR Q 193 12.98 -32.32 72.49
C THR Q 193 12.30 -30.97 72.21
N LYS Q 194 12.87 -29.87 72.69
CA LYS Q 194 12.23 -28.55 72.59
C LYS Q 194 12.84 -27.76 71.43
N LEU Q 195 12.02 -27.44 70.44
CA LEU Q 195 12.45 -26.58 69.34
C LEU Q 195 12.56 -25.14 69.81
N GLU Q 196 13.66 -24.48 69.43
CA GLU Q 196 13.87 -23.07 69.76
C GLU Q 196 13.87 -22.15 68.54
N LYS Q 197 14.50 -22.55 67.44
CA LYS Q 197 14.63 -21.69 66.26
C LYS Q 197 14.61 -22.55 65.02
N PHE Q 198 14.23 -21.94 63.90
CA PHE Q 198 14.58 -22.46 62.59
C PHE Q 198 15.13 -21.33 61.72
N ILE Q 199 16.22 -21.62 61.01
CA ILE Q 199 16.94 -20.62 60.22
C ILE Q 199 17.26 -21.22 58.86
N ALA Q 200 17.01 -20.45 57.80
CA ALA Q 200 17.37 -20.84 56.45
C ALA Q 200 18.88 -20.84 56.22
N VAL Q 201 19.35 -21.84 55.47
CA VAL Q 201 20.77 -22.07 55.23
C VAL Q 201 21.01 -22.06 53.72
N ASP Q 202 22.21 -21.60 53.34
CA ASP Q 202 22.62 -21.48 51.93
C ASP Q 202 22.63 -22.86 51.26
N PRO Q 203 21.70 -23.14 50.34
CA PRO Q 203 21.63 -24.50 49.76
C PRO Q 203 22.88 -24.95 49.01
N SER Q 204 23.67 -24.02 48.46
CA SER Q 204 24.87 -24.43 47.72
C SER Q 204 25.91 -25.11 48.60
N THR Q 205 25.79 -25.02 49.93
CA THR Q 205 26.73 -25.65 50.85
C THR Q 205 26.25 -27.00 51.37
N ILE Q 206 25.01 -27.40 51.07
CA ILE Q 206 24.39 -28.58 51.66
C ILE Q 206 24.40 -29.71 50.64
N PHE Q 207 24.90 -30.88 51.07
CA PHE Q 207 25.02 -32.06 50.24
C PHE Q 207 24.51 -33.27 51.00
N TYR Q 208 24.04 -34.28 50.27
CA TYR Q 208 23.76 -35.56 50.89
C TYR Q 208 25.05 -36.22 51.35
N ALA Q 209 25.05 -36.70 52.59
CA ALA Q 209 26.18 -37.46 53.10
C ALA Q 209 26.08 -38.89 52.61
N THR Q 210 27.23 -39.49 52.28
CA THR Q 210 27.27 -40.82 51.71
C THR Q 210 28.16 -41.73 52.56
N ASP Q 211 27.68 -42.95 52.77
CA ASP Q 211 28.47 -43.98 53.44
C ASP Q 211 29.70 -44.31 52.62
N LYS Q 212 30.68 -44.93 53.28
CA LYS Q 212 31.87 -45.41 52.59
C LYS Q 212 31.51 -46.36 51.44
N LYS Q 213 30.41 -47.09 51.58
CA LYS Q 213 29.88 -47.91 50.50
C LYS Q 213 29.13 -47.10 49.45
N GLY Q 214 29.26 -45.77 49.45
CA GLY Q 214 28.60 -44.93 48.48
C GLY Q 214 27.09 -44.80 48.64
N LYS Q 215 26.52 -45.40 49.68
CA LYS Q 215 25.09 -45.29 49.93
C LYS Q 215 24.84 -44.02 50.72
N ILE Q 216 23.73 -43.35 50.43
CA ILE Q 216 23.33 -42.20 51.22
C ILE Q 216 22.95 -42.65 52.62
N ILE Q 217 23.43 -41.91 53.62
CA ILE Q 217 23.19 -42.26 55.00
C ILE Q 217 21.73 -42.01 55.35
N LYS Q 218 21.12 -42.97 56.05
CA LYS Q 218 19.82 -42.77 56.66
C LYS Q 218 19.91 -43.09 58.14
N GLY Q 219 19.16 -42.33 58.94
CA GLY Q 219 19.13 -42.51 60.38
C GLY Q 219 20.27 -41.83 61.11
N GLY Q 220 21.44 -41.76 60.48
CA GLY Q 220 22.55 -41.00 61.01
C GLY Q 220 22.60 -39.55 60.57
N LYS Q 221 23.81 -39.05 60.36
CA LYS Q 221 24.02 -37.68 59.87
C LYS Q 221 23.74 -37.66 58.37
N ARG Q 222 22.45 -37.56 58.03
CA ARG Q 222 22.05 -37.66 56.63
C ARG Q 222 22.62 -36.52 55.79
N PHE Q 223 22.88 -35.37 56.40
CA PHE Q 223 23.30 -34.18 55.66
C PHE Q 223 24.61 -33.66 56.21
N VAL Q 224 25.42 -33.09 55.33
CA VAL Q 224 26.63 -32.37 55.69
C VAL Q 224 26.62 -31.01 55.02
N GLN Q 225 27.23 -30.03 55.69
CA GLN Q 225 27.56 -28.75 55.07
C GLN Q 225 29.02 -28.76 54.66
N VAL Q 226 29.28 -28.43 53.40
CA VAL Q 226 30.62 -28.48 52.82
C VAL Q 226 31.01 -27.07 52.42
N VAL Q 227 32.15 -26.62 52.92
CA VAL Q 227 32.72 -25.32 52.58
C VAL Q 227 34.18 -25.54 52.23
N ASP Q 228 34.63 -24.94 51.12
CA ASP Q 228 35.97 -25.15 50.60
C ASP Q 228 36.30 -26.62 50.44
N LYS Q 229 35.29 -27.42 50.11
CA LYS Q 229 35.42 -28.87 49.96
C LYS Q 229 35.96 -29.53 51.22
N ARG Q 230 35.63 -29.00 52.40
CA ARG Q 230 35.74 -29.75 53.64
C ARG Q 230 34.45 -29.62 54.43
N VAL Q 231 34.12 -30.68 55.17
CA VAL Q 231 32.91 -30.70 55.99
C VAL Q 231 33.13 -29.81 57.21
N VAL Q 232 32.29 -28.78 57.35
CA VAL Q 232 32.33 -27.87 58.48
C VAL Q 232 31.23 -28.16 59.49
N ALA Q 233 30.20 -28.91 59.11
CA ALA Q 233 29.10 -29.26 60.00
C ALA Q 233 28.43 -30.52 59.48
N SER Q 234 27.60 -31.11 60.33
CA SER Q 234 26.78 -32.25 59.93
C SER Q 234 25.44 -32.17 60.63
N PHE Q 235 24.44 -32.84 60.05
CA PHE Q 235 23.06 -32.72 60.50
C PHE Q 235 22.37 -34.06 60.35
N THR Q 236 21.41 -34.32 61.23
CA THR Q 236 20.45 -35.39 61.02
C THR Q 236 19.27 -34.89 60.19
N SER Q 237 18.46 -35.83 59.72
CA SER Q 237 17.17 -35.50 59.13
C SER Q 237 16.30 -34.68 60.07
N ARG Q 238 16.46 -34.89 61.38
CA ARG Q 238 15.71 -34.13 62.37
C ARG Q 238 16.11 -32.66 62.38
N GLU Q 239 17.38 -32.36 62.14
CA GLU Q 239 17.89 -31.01 62.31
C GLU Q 239 17.85 -30.16 61.05
N LEU Q 240 17.79 -30.77 59.87
CA LEU Q 240 17.78 -30.01 58.62
C LEU Q 240 16.72 -30.54 57.67
N ALA Q 241 15.88 -29.63 57.17
CA ALA Q 241 14.99 -29.93 56.06
C ALA Q 241 15.73 -29.81 54.73
N MET Q 242 15.30 -30.61 53.76
CA MET Q 242 15.57 -30.35 52.35
C MET Q 242 14.27 -30.43 51.59
N GLY Q 243 14.01 -29.43 50.75
CA GLY Q 243 12.83 -29.39 49.91
C GLY Q 243 13.20 -29.29 48.44
N ILE Q 244 12.51 -30.06 47.61
CA ILE Q 244 12.78 -30.12 46.16
C ILE Q 244 11.44 -30.06 45.44
N ARG Q 245 11.35 -29.21 44.42
CA ARG Q 245 10.14 -29.05 43.64
C ARG Q 245 10.08 -29.95 42.43
N ASN Q 246 11.23 -30.24 41.80
CA ASN Q 246 11.29 -30.94 40.52
C ASN Q 246 12.01 -32.28 40.71
N PRO Q 247 11.37 -33.23 41.39
CA PRO Q 247 12.03 -34.51 41.66
C PRO Q 247 12.17 -35.36 40.39
N ARG Q 248 13.06 -36.34 40.47
CA ARG Q 248 13.28 -37.27 39.37
C ARG Q 248 13.42 -38.67 39.95
N THR Q 249 12.92 -39.66 39.20
CA THR Q 249 13.20 -41.05 39.52
C THR Q 249 14.56 -41.49 39.03
N GLU Q 250 15.10 -40.81 38.02
CA GLU Q 250 16.39 -41.13 37.41
C GLU Q 250 17.44 -41.43 38.46
N LEU Q 251 18.02 -42.63 38.38
CA LEU Q 251 18.97 -43.10 39.39
C LEU Q 251 20.10 -42.11 39.60
N SER Q 252 20.67 -41.60 38.51
CA SER Q 252 21.80 -40.68 38.62
C SER Q 252 21.40 -39.31 39.14
N SER Q 253 20.09 -38.99 39.19
CA SER Q 253 19.69 -37.74 39.82
C SER Q 253 20.02 -37.70 41.30
N SER Q 254 20.23 -38.86 41.92
CA SER Q 254 20.78 -38.96 43.26
C SER Q 254 19.95 -38.19 44.30
N GLY Q 255 18.66 -38.00 44.04
CA GLY Q 255 17.81 -37.30 44.99
C GLY Q 255 17.86 -35.80 44.94
N TYR Q 256 18.67 -35.21 44.07
CA TYR Q 256 18.71 -33.75 43.96
C TYR Q 256 17.59 -33.24 43.06
N GLY Q 257 17.35 -31.94 43.15
CA GLY Q 257 16.32 -31.29 42.37
C GLY Q 257 16.78 -31.04 40.94
N LEU Q 258 16.07 -30.14 40.27
CA LEU Q 258 16.38 -29.79 38.89
C LEU Q 258 16.01 -28.33 38.68
N SER Q 259 17.01 -27.46 38.59
CA SER Q 259 16.75 -26.03 38.41
C SER Q 259 16.34 -25.74 36.98
N GLU Q 260 15.33 -24.89 36.83
CA GLU Q 260 14.98 -24.34 35.53
C GLU Q 260 16.10 -23.52 34.92
N VAL Q 261 17.02 -22.99 35.73
CA VAL Q 261 18.18 -22.30 35.19
C VAL Q 261 19.05 -23.27 34.40
N GLU Q 262 19.17 -24.50 34.87
CA GLU Q 262 19.89 -25.51 34.11
C GLU Q 262 19.20 -25.79 32.78
N ILE Q 263 17.88 -25.99 32.82
CA ILE Q 263 17.14 -26.30 31.60
C ILE Q 263 17.24 -25.16 30.60
N ALA Q 264 17.03 -23.93 31.07
CA ALA Q 264 16.98 -22.75 30.21
C ALA Q 264 18.35 -22.16 29.90
N MET Q 265 19.43 -22.84 30.29
CA MET Q 265 20.75 -22.20 30.27
C MET Q 265 21.14 -21.71 28.88
N LYS Q 266 20.89 -22.53 27.86
CA LYS Q 266 21.15 -22.11 26.49
C LYS Q 266 20.40 -20.81 26.16
N GLU Q 267 19.12 -20.75 26.52
CA GLU Q 267 18.34 -19.54 26.29
C GLU Q 267 18.90 -18.33 27.03
N PHE Q 268 19.32 -18.51 28.29
CA PHE Q 268 19.92 -17.39 29.01
C PHE Q 268 21.19 -16.91 28.33
N ILE Q 269 22.02 -17.84 27.83
CA ILE Q 269 23.24 -17.45 27.13
C ILE Q 269 22.90 -16.68 25.86
N ALA Q 270 21.96 -17.21 25.06
CA ALA Q 270 21.52 -16.51 23.85
C ALA Q 270 21.00 -15.11 24.15
N TYR Q 271 20.17 -14.98 25.18
CA TYR Q 271 19.72 -13.67 25.65
C TYR Q 271 20.89 -12.74 25.93
N ASN Q 272 21.81 -13.18 26.79
CA ASN Q 272 22.99 -12.38 27.11
C ASN Q 272 23.73 -11.95 25.86
N ASN Q 273 23.93 -12.87 24.92
CA ASN Q 273 24.64 -12.54 23.70
C ASN Q 273 23.91 -11.48 22.88
N THR Q 274 22.60 -11.61 22.74
CA THR Q 274 21.85 -10.63 21.96
C THR Q 274 21.83 -9.26 22.64
N GLU Q 275 21.80 -9.25 23.97
CA GLU Q 275 21.90 -8.00 24.70
C GLU Q 275 23.25 -7.33 24.48
N SER Q 276 24.32 -8.09 24.62
CA SER Q 276 25.65 -7.54 24.36
C SER Q 276 25.78 -7.05 22.92
N PHE Q 277 25.27 -7.82 21.96
CA PHE Q 277 25.29 -7.38 20.57
C PHE Q 277 24.62 -6.03 20.39
N ASN Q 278 23.41 -5.87 20.91
CA ASN Q 278 22.71 -4.61 20.72
C ASN Q 278 23.39 -3.47 21.46
N ASP Q 279 23.96 -3.74 22.64
CA ASP Q 279 24.63 -2.69 23.40
C ASP Q 279 25.95 -2.25 22.76
N ARG Q 280 26.69 -3.16 22.14
CA ARG Q 280 28.01 -2.83 21.61
C ARG Q 280 27.98 -1.85 20.45
N PHE Q 281 26.81 -1.58 19.86
CA PHE Q 281 26.72 -0.50 18.88
C PHE Q 281 27.25 0.83 19.43
N PHE Q 282 26.85 1.18 20.65
CA PHE Q 282 27.36 2.41 21.25
C PHE Q 282 28.74 2.17 21.86
N SER Q 283 28.87 1.14 22.69
CA SER Q 283 30.10 0.97 23.46
C SER Q 283 31.31 0.78 22.56
N HIS Q 284 31.16 0.05 21.46
CA HIS Q 284 32.29 -0.36 20.64
C HIS Q 284 32.10 -0.14 19.15
N GLY Q 285 30.90 0.20 18.69
CA GLY Q 285 30.64 0.16 17.27
C GLY Q 285 31.18 1.37 16.54
N GLY Q 286 31.21 1.24 15.22
CA GLY Q 286 31.26 2.40 14.36
C GLY Q 286 29.88 2.93 14.02
N THR Q 287 29.54 4.08 14.60
CA THR Q 287 28.29 4.75 14.27
C THR Q 287 28.40 5.62 13.03
N THR Q 288 29.59 5.70 12.42
CA THR Q 288 29.85 6.63 11.34
C THR Q 288 28.84 6.49 10.21
N ARG Q 289 28.13 7.60 9.92
CA ARG Q 289 27.09 7.56 8.91
C ARG Q 289 27.64 7.18 7.55
N GLY Q 290 28.80 7.71 7.19
CA GLY Q 290 29.30 7.55 5.84
C GLY Q 290 30.62 8.28 5.67
N ILE Q 291 31.17 8.17 4.47
CA ILE Q 291 32.42 8.82 4.10
C ILE Q 291 32.11 9.91 3.09
N LEU Q 292 32.63 11.11 3.35
CA LEU Q 292 32.60 12.21 2.39
C LEU Q 292 33.82 12.09 1.48
N GLN Q 293 33.62 11.62 0.26
CA GLN Q 293 34.68 11.55 -0.73
C GLN Q 293 34.76 12.88 -1.49
N ILE Q 294 35.88 13.58 -1.31
CA ILE Q 294 36.25 14.72 -2.13
C ILE Q 294 37.45 14.26 -2.95
N ARG Q 295 37.48 14.60 -4.23
CA ARG Q 295 38.52 14.09 -5.12
C ARG Q 295 39.05 15.19 -6.02
N SER Q 296 40.39 15.21 -6.15
CA SER Q 296 41.07 16.11 -7.06
C SER Q 296 42.35 15.43 -7.53
N ASP Q 297 43.10 16.13 -8.38
CA ASP Q 297 44.30 15.56 -8.99
C ASP Q 297 45.25 14.94 -7.96
N GLN Q 298 45.32 15.51 -6.76
CA GLN Q 298 46.11 14.91 -5.69
C GLN Q 298 45.45 15.22 -4.36
N GLN Q 299 45.65 14.32 -3.40
CA GLN Q 299 45.13 14.54 -2.05
C GLN Q 299 45.71 15.81 -1.46
N GLN Q 300 44.89 16.50 -0.67
CA GLN Q 300 45.34 17.65 0.09
C GLN Q 300 46.40 17.28 1.11
N SER Q 301 47.34 18.19 1.34
CA SER Q 301 48.25 18.09 2.47
C SER Q 301 47.47 18.07 3.79
N GLN Q 302 48.15 17.56 4.82
CA GLN Q 302 47.53 17.51 6.15
C GLN Q 302 47.23 18.90 6.68
N HIS Q 303 48.12 19.86 6.44
CA HIS Q 303 47.86 21.23 6.87
C HIS Q 303 46.62 21.80 6.20
N ALA Q 304 46.56 21.67 4.87
CA ALA Q 304 45.38 22.11 4.14
C ALA Q 304 44.11 21.46 4.67
N LEU Q 305 44.16 20.16 4.91
CA LEU Q 305 42.99 19.44 5.39
C LEU Q 305 42.57 19.89 6.79
N GLU Q 306 43.54 20.19 7.66
CA GLU Q 306 43.20 20.65 9.00
C GLU Q 306 42.65 22.06 9.03
N ASN Q 307 43.11 22.95 8.15
CA ASN Q 307 42.47 24.25 8.11
C ASN Q 307 41.16 24.22 7.34
N PHE Q 308 40.96 23.22 6.49
CA PHE Q 308 39.63 22.96 5.95
C PHE Q 308 38.68 22.47 7.04
N LYS Q 309 39.15 21.63 7.94
CA LYS Q 309 38.39 21.27 9.13
C LYS Q 309 38.06 22.49 9.98
N ARG Q 310 38.98 23.45 10.05
CA ARG Q 310 38.68 24.65 10.83
C ARG Q 310 37.62 25.51 10.15
N GLU Q 311 37.73 25.72 8.84
CA GLU Q 311 36.64 26.40 8.12
C GLU Q 311 35.31 25.69 8.33
N TRP Q 312 35.33 24.35 8.28
CA TRP Q 312 34.09 23.59 8.43
C TRP Q 312 33.47 23.83 9.79
N LYS Q 313 34.21 23.54 10.86
CA LYS Q 313 33.61 23.63 12.18
C LYS Q 313 33.25 25.07 12.50
N SER Q 314 34.09 26.04 12.12
CA SER Q 314 33.77 27.43 12.35
C SER Q 314 32.58 27.92 11.55
N SER Q 315 32.13 27.18 10.52
CA SER Q 315 31.03 27.65 9.69
C SER Q 315 29.74 26.84 9.82
N LEU Q 316 29.82 25.59 10.26
CA LEU Q 316 28.71 24.65 10.13
C LEU Q 316 28.35 23.89 11.40
N SER Q 317 29.15 23.94 12.45
CA SER Q 317 28.93 23.08 13.60
C SER Q 317 27.88 23.65 14.54
N GLY Q 318 27.23 22.75 15.27
CA GLY Q 318 26.28 23.02 16.30
C GLY Q 318 25.01 23.69 15.80
N ILE Q 319 24.31 24.30 16.77
CA ILE Q 319 23.15 25.13 16.45
C ILE Q 319 23.57 26.35 15.64
N ASN Q 320 24.74 26.91 15.95
CA ASN Q 320 25.16 28.15 15.31
C ASN Q 320 25.27 28.02 13.80
N GLY Q 321 25.77 26.89 13.31
CA GLY Q 321 25.91 26.63 11.88
C GLY Q 321 24.75 25.89 11.23
N SER Q 322 23.67 25.65 11.95
CA SER Q 322 22.84 24.47 11.69
C SER Q 322 22.20 24.46 10.30
N TRP Q 323 21.84 25.62 9.74
CA TRP Q 323 21.16 25.66 8.46
C TRP Q 323 22.02 26.19 7.31
N GLN Q 324 23.29 26.48 7.54
CA GLN Q 324 24.17 26.89 6.46
C GLN Q 324 24.55 25.70 5.59
N ILE Q 325 24.82 25.97 4.31
CA ILE Q 325 25.26 24.97 3.35
C ILE Q 325 26.67 25.34 2.90
N PRO Q 326 27.64 24.44 2.94
CA PRO Q 326 28.95 24.73 2.33
C PRO Q 326 28.90 24.70 0.81
N VAL Q 327 29.62 25.62 0.18
CA VAL Q 327 29.95 25.56 -1.24
C VAL Q 327 31.37 25.01 -1.38
N VAL Q 328 31.53 23.99 -2.21
CA VAL Q 328 32.81 23.36 -2.47
C VAL Q 328 32.95 23.13 -3.97
N MET Q 329 34.14 23.35 -4.52
CA MET Q 329 34.36 23.34 -5.96
C MET Q 329 35.33 22.24 -6.39
N ALA Q 330 35.38 21.14 -5.64
CA ALA Q 330 36.16 19.98 -6.03
C ALA Q 330 35.70 19.43 -7.38
N ASP Q 331 36.58 18.64 -8.01
CA ASP Q 331 36.26 18.06 -9.30
C ASP Q 331 35.02 17.17 -9.23
N ASP Q 332 34.92 16.34 -8.19
CA ASP Q 332 33.71 15.60 -7.93
C ASP Q 332 33.59 15.33 -6.44
N ILE Q 333 32.35 15.28 -5.96
CA ILE Q 333 32.05 15.06 -4.55
C ILE Q 333 31.01 13.96 -4.46
N LYS Q 334 31.24 12.99 -3.58
CA LYS Q 334 30.34 11.86 -3.39
C LYS Q 334 30.28 11.55 -1.90
N PHE Q 335 29.12 11.08 -1.45
CA PHE Q 335 28.93 10.62 -0.08
C PHE Q 335 28.44 9.18 -0.09
N VAL Q 336 29.19 8.30 0.58
CA VAL Q 336 28.91 6.88 0.60
C VAL Q 336 28.21 6.56 1.92
N ASN Q 337 27.00 6.02 1.84
CA ASN Q 337 26.23 5.67 3.02
C ASN Q 337 26.68 4.30 3.53
N MET Q 338 27.09 4.24 4.79
CA MET Q 338 27.58 3.01 5.39
C MET Q 338 26.63 2.40 6.41
N THR Q 339 25.63 3.14 6.88
CA THR Q 339 24.65 2.61 7.81
C THR Q 339 23.24 3.00 7.36
N PRO Q 340 22.22 2.32 7.86
CA PRO Q 340 20.85 2.78 7.63
C PRO Q 340 20.62 4.16 8.20
N THR Q 341 19.78 4.93 7.51
CA THR Q 341 19.43 6.26 7.99
C THR Q 341 18.73 6.22 9.34
N ALA Q 342 18.07 5.11 9.67
CA ALA Q 342 17.32 4.98 10.92
C ALA Q 342 17.68 3.65 11.57
N ASN Q 343 18.51 3.71 12.61
CA ASN Q 343 18.91 2.54 13.37
C ASN Q 343 17.90 2.23 14.45
N ASP Q 344 17.67 0.94 14.69
CA ASP Q 344 16.95 0.50 15.86
C ASP Q 344 17.46 -0.87 16.29
N MET Q 345 16.98 -1.32 17.45
CA MET Q 345 17.36 -2.62 17.96
C MET Q 345 17.07 -3.72 16.94
N GLN Q 346 17.83 -4.80 17.03
CA GLN Q 346 17.68 -5.96 16.17
C GLN Q 346 17.39 -7.19 17.02
N PHE Q 347 16.80 -8.19 16.37
CA PHE Q 347 16.50 -9.47 17.02
C PHE Q 347 15.47 -9.31 18.14
N GLU Q 348 14.58 -8.33 18.00
CA GLU Q 348 13.54 -8.14 19.01
C GLU Q 348 12.64 -9.37 19.11
N LYS Q 349 12.20 -9.88 17.97
CA LYS Q 349 11.41 -11.12 17.95
C LYS Q 349 12.14 -12.27 18.60
N TRP Q 350 13.43 -12.42 18.30
CA TRP Q 350 14.26 -13.44 18.95
C TRP Q 350 14.24 -13.32 20.47
N LEU Q 351 14.47 -12.12 20.97
CA LEU Q 351 14.39 -11.86 22.41
C LEU Q 351 13.03 -12.25 22.97
N ASN Q 352 11.95 -11.75 22.36
CA ASN Q 352 10.60 -12.11 22.80
C ASN Q 352 10.41 -13.61 22.87
N TYR Q 353 10.82 -14.32 21.84
CA TYR Q 353 10.70 -15.77 21.80
C TYR Q 353 11.44 -16.43 22.96
N LEU Q 354 12.71 -16.08 23.15
CA LEU Q 354 13.48 -16.63 24.27
C LEU Q 354 12.80 -16.38 25.61
N ILE Q 355 12.41 -15.13 25.87
CA ILE Q 355 11.81 -14.83 27.17
C ILE Q 355 10.47 -15.51 27.31
N ASN Q 356 9.73 -15.69 26.21
CA ASN Q 356 8.48 -16.43 26.27
C ASN Q 356 8.73 -17.86 26.75
N ILE Q 357 9.76 -18.51 26.19
CA ILE Q 357 10.08 -19.86 26.62
C ILE Q 357 10.44 -19.88 28.11
N ILE Q 358 11.33 -18.98 28.53
CA ILE Q 358 11.74 -18.97 29.93
C ILE Q 358 10.55 -18.72 30.85
N SER Q 359 9.66 -17.80 30.48
CA SER Q 359 8.47 -17.57 31.27
C SER Q 359 7.58 -18.80 31.33
N ALA Q 360 7.45 -19.52 30.21
CA ALA Q 360 6.62 -20.71 30.21
C ALA Q 360 7.21 -21.78 31.11
N LEU Q 361 8.54 -21.89 31.15
CA LEU Q 361 9.15 -22.83 32.08
C LEU Q 361 8.91 -22.43 33.52
N TYR Q 362 9.08 -21.16 33.84
CA TYR Q 362 8.87 -20.72 35.22
C TYR Q 362 7.40 -20.65 35.60
N GLY Q 363 6.49 -20.68 34.63
CA GLY Q 363 5.07 -20.53 34.93
C GLY Q 363 4.72 -19.12 35.36
N ILE Q 364 4.97 -18.16 34.47
CA ILE Q 364 4.64 -16.76 34.70
C ILE Q 364 4.21 -16.15 33.36
N ASP Q 365 3.31 -15.19 33.42
CA ASP Q 365 2.91 -14.51 32.21
C ASP Q 365 4.00 -13.54 31.77
N PRO Q 366 4.48 -13.61 30.53
CA PRO Q 366 5.42 -12.59 30.05
C PRO Q 366 4.89 -11.17 30.19
N ALA Q 367 3.58 -10.98 30.06
CA ALA Q 367 3.00 -9.65 30.23
C ALA Q 367 3.23 -9.12 31.62
N GLU Q 368 3.41 -10.00 32.61
CA GLU Q 368 3.69 -9.54 33.96
C GLU Q 368 5.09 -8.94 34.07
N ILE Q 369 6.01 -9.36 33.22
CA ILE Q 369 7.40 -8.91 33.27
C ILE Q 369 7.75 -8.02 32.08
N GLY Q 370 6.73 -7.45 31.42
CA GLY Q 370 6.97 -6.48 30.37
C GLY Q 370 7.36 -7.01 29.01
N PHE Q 371 6.86 -8.19 28.62
CA PHE Q 371 7.11 -8.74 27.30
C PHE Q 371 5.78 -9.09 26.65
N PRO Q 372 5.66 -8.94 25.33
CA PRO Q 372 4.50 -9.51 24.64
C PRO Q 372 4.38 -11.01 24.85
N ASN Q 373 3.16 -11.46 25.14
CA ASN Q 373 2.85 -12.89 25.13
C ASN Q 373 2.52 -13.32 23.71
N ARG Q 374 3.38 -14.16 23.12
CA ARG Q 374 3.18 -14.58 21.73
C ARG Q 374 1.93 -15.43 21.57
N GLY Q 375 1.50 -16.11 22.62
CA GLY Q 375 0.23 -16.82 22.56
C GLY Q 375 -0.99 -15.93 22.45
N GLY Q 376 -0.85 -14.62 22.54
CA GLY Q 376 -1.93 -13.72 22.23
C GLY Q 376 -2.83 -13.35 23.40
N ALA Q 377 -2.43 -13.64 24.63
CA ALA Q 377 -3.20 -13.26 25.81
C ALA Q 377 -4.66 -13.70 25.70
N ASP Q 390 -8.50 -12.46 41.52
CA ASP Q 390 -8.16 -11.05 41.63
C ASP Q 390 -9.13 -10.19 40.82
N PRO Q 391 -9.17 -8.88 41.09
CA PRO Q 391 -10.00 -8.00 40.26
C PRO Q 391 -9.66 -8.06 38.78
N GLY Q 392 -8.38 -8.19 38.45
CA GLY Q 392 -7.97 -8.47 37.09
C GLY Q 392 -7.88 -9.96 36.80
N LYS Q 393 -8.66 -10.42 35.82
CA LYS Q 393 -8.57 -11.83 35.41
C LYS Q 393 -7.15 -12.19 35.00
N LYS Q 394 -6.37 -11.25 34.49
CA LYS Q 394 -4.98 -11.52 34.19
C LYS Q 394 -4.20 -11.88 35.45
N GLN Q 395 -4.29 -11.02 36.47
CA GLN Q 395 -3.70 -11.32 37.76
C GLN Q 395 -4.24 -12.62 38.33
N GLN Q 396 -5.57 -12.80 38.28
CA GLN Q 396 -6.18 -14.01 38.81
C GLN Q 396 -5.59 -15.27 38.18
N GLN Q 397 -5.54 -15.32 36.84
CA GLN Q 397 -5.01 -16.49 36.16
C GLN Q 397 -3.52 -16.70 36.43
N SER Q 398 -2.74 -15.62 36.44
CA SER Q 398 -1.32 -15.74 36.78
C SER Q 398 -1.14 -16.24 38.19
N GLN Q 399 -1.97 -15.78 39.13
CA GLN Q 399 -1.92 -16.27 40.49
C GLN Q 399 -2.25 -17.75 40.55
N ASN Q 400 -3.25 -18.18 39.79
CA ASN Q 400 -3.56 -19.60 39.68
C ASN Q 400 -2.32 -20.35 39.22
N LYS Q 401 -1.70 -19.89 38.14
CA LYS Q 401 -0.73 -20.69 37.42
C LYS Q 401 0.57 -20.80 38.20
N GLY Q 402 1.18 -19.65 38.52
CA GLY Q 402 2.36 -19.65 39.37
C GLY Q 402 2.19 -19.75 40.88
N LEU Q 403 1.36 -18.89 41.46
CA LEU Q 403 1.47 -18.58 42.88
C LEU Q 403 0.97 -19.72 43.77
N GLN Q 404 -0.11 -20.37 43.38
CA GLN Q 404 -0.67 -21.45 44.20
C GLN Q 404 0.29 -22.61 44.41
N PRO Q 405 0.99 -23.13 43.40
CA PRO Q 405 2.00 -24.15 43.71
C PRO Q 405 3.05 -23.71 44.71
N LEU Q 406 3.56 -22.49 44.59
CA LEU Q 406 4.62 -22.05 45.51
C LEU Q 406 4.10 -21.97 46.95
N LEU Q 407 2.93 -21.37 47.13
CA LEU Q 407 2.30 -21.36 48.45
C LEU Q 407 2.13 -22.76 49.01
N ARG Q 408 1.50 -23.64 48.23
CA ARG Q 408 1.26 -24.99 48.74
C ARG Q 408 2.56 -25.70 49.09
N PHE Q 409 3.61 -25.47 48.29
CA PHE Q 409 4.91 -26.04 48.60
C PHE Q 409 5.44 -25.57 49.95
N ILE Q 410 5.40 -24.26 50.19
CA ILE Q 410 5.83 -23.74 51.49
C ILE Q 410 4.98 -24.32 52.62
N GLU Q 411 3.66 -24.38 52.43
CA GLU Q 411 2.79 -25.03 53.40
C GLU Q 411 3.23 -26.45 53.71
N ASP Q 412 3.47 -27.24 52.67
CA ASP Q 412 3.91 -28.61 52.86
C ASP Q 412 5.19 -28.68 53.67
N LEU Q 413 6.16 -27.82 53.35
CA LEU Q 413 7.40 -27.81 54.12
C LEU Q 413 7.15 -27.50 55.59
N VAL Q 414 6.35 -26.47 55.86
CA VAL Q 414 6.08 -26.09 57.24
C VAL Q 414 5.38 -27.24 57.98
N ASN Q 415 4.36 -27.82 57.37
CA ASN Q 415 3.65 -28.92 58.01
C ASN Q 415 4.57 -30.08 58.33
N ARG Q 416 5.33 -30.55 57.34
CA ARG Q 416 6.21 -31.69 57.57
C ARG Q 416 7.24 -31.41 58.65
N HIS Q 417 7.86 -30.22 58.64
CA HIS Q 417 9.05 -30.00 59.46
C HIS Q 417 8.80 -29.31 60.80
N ILE Q 418 7.87 -28.35 60.89
CA ILE Q 418 7.71 -27.58 62.12
C ILE Q 418 6.55 -28.13 62.94
N ILE Q 419 5.34 -28.09 62.38
CA ILE Q 419 4.13 -28.50 63.10
C ILE Q 419 4.27 -29.91 63.63
N SER Q 420 4.90 -30.80 62.86
CA SER Q 420 5.09 -32.18 63.30
C SER Q 420 5.77 -32.30 64.65
N GLU Q 421 6.50 -31.28 65.11
CA GLU Q 421 6.99 -31.28 66.49
C GLU Q 421 5.85 -31.24 67.50
N TYR Q 422 4.72 -30.64 67.14
CA TYR Q 422 3.57 -30.52 68.01
C TYR Q 422 2.52 -31.60 67.77
N GLY Q 423 2.76 -32.52 66.84
CA GLY Q 423 1.82 -33.58 66.54
C GLY Q 423 0.81 -33.21 65.48
N ASP Q 424 0.13 -34.24 64.98
CA ASP Q 424 -0.68 -34.19 63.77
C ASP Q 424 -2.00 -33.46 63.95
N LYS Q 425 -2.38 -33.09 65.18
CA LYS Q 425 -3.67 -32.46 65.40
C LYS Q 425 -3.77 -31.09 64.75
N TYR Q 426 -2.66 -30.40 64.52
CA TYR Q 426 -2.67 -29.06 63.96
C TYR Q 426 -2.35 -29.07 62.47
N THR Q 427 -2.70 -27.98 61.81
CA THR Q 427 -2.32 -27.76 60.41
C THR Q 427 -1.96 -26.30 60.21
N PHE Q 428 -0.96 -26.07 59.36
CA PHE Q 428 -0.60 -24.73 58.90
C PHE Q 428 -1.17 -24.53 57.50
N GLN Q 429 -1.90 -23.43 57.30
CA GLN Q 429 -2.39 -23.06 55.97
C GLN Q 429 -2.33 -21.56 55.76
N PHE Q 430 -1.96 -21.16 54.54
CA PHE Q 430 -2.29 -19.82 54.06
C PHE Q 430 -3.78 -19.74 53.75
N VAL Q 431 -4.39 -18.60 54.07
CA VAL Q 431 -5.82 -18.39 53.84
C VAL Q 431 -6.02 -17.03 53.20
N GLY Q 432 -6.83 -17.00 52.15
CA GLY Q 432 -7.30 -15.77 51.56
C GLY Q 432 -8.41 -15.13 52.37
N GLY Q 433 -8.80 -13.94 51.94
CA GLY Q 433 -9.89 -13.22 52.55
C GLY Q 433 -11.22 -13.94 52.35
N ASP Q 434 -12.29 -13.27 52.77
CA ASP Q 434 -13.64 -13.79 52.61
C ASP Q 434 -14.60 -12.66 52.25
N THR Q 435 -15.69 -13.01 51.59
CA THR Q 435 -16.77 -12.08 51.26
C THR Q 435 -17.89 -12.20 52.29
N LYS Q 436 -17.58 -11.73 53.49
CA LYS Q 436 -18.41 -11.90 54.68
C LYS Q 436 -18.58 -10.58 55.41
N SER Q 437 -18.89 -9.53 54.65
CA SER Q 437 -19.17 -8.24 55.26
C SER Q 437 -20.37 -8.34 56.20
N ALA Q 438 -20.62 -7.24 56.91
CA ALA Q 438 -21.84 -7.14 57.70
C ALA Q 438 -23.08 -7.37 56.86
N THR Q 439 -23.10 -6.86 55.63
CA THR Q 439 -24.19 -7.14 54.71
C THR Q 439 -24.35 -8.64 54.47
N ASP Q 440 -23.26 -9.32 54.12
CA ASP Q 440 -23.33 -10.75 53.84
C ASP Q 440 -23.73 -11.55 55.07
N LYS Q 441 -23.14 -11.23 56.23
CA LYS Q 441 -23.52 -11.92 57.46
C LYS Q 441 -24.98 -11.68 57.81
N LEU Q 442 -25.48 -10.47 57.60
CA LEU Q 442 -26.88 -10.20 57.86
C LEU Q 442 -27.80 -10.94 56.90
N ASN Q 443 -27.43 -11.04 55.62
CA ASN Q 443 -28.21 -11.88 54.70
C ASN Q 443 -28.24 -13.33 55.16
N ILE Q 444 -27.07 -13.85 55.56
CA ILE Q 444 -26.98 -15.23 56.00
C ILE Q 444 -27.88 -15.46 57.20
N LEU Q 445 -27.74 -14.63 58.23
CA LEU Q 445 -28.58 -14.76 59.41
C LEU Q 445 -30.05 -14.48 59.12
N LYS Q 446 -30.36 -13.58 58.19
CA LYS Q 446 -31.74 -13.37 57.76
C LYS Q 446 -32.35 -14.63 57.18
N LEU Q 447 -31.53 -15.52 56.62
CA LEU Q 447 -32.07 -16.81 56.23
C LEU Q 447 -32.08 -17.82 57.37
N GLU Q 448 -31.01 -17.87 58.16
CA GLU Q 448 -30.94 -18.78 59.30
C GLU Q 448 -32.03 -18.53 60.34
N THR Q 449 -32.47 -17.27 60.49
CA THR Q 449 -33.52 -16.95 61.44
C THR Q 449 -34.90 -17.35 60.95
N GLN Q 450 -35.06 -17.56 59.65
CA GLN Q 450 -36.27 -18.20 59.15
C GLN Q 450 -36.15 -19.72 59.26
N ILE Q 451 -34.95 -20.25 59.02
CA ILE Q 451 -34.77 -21.70 58.90
C ILE Q 451 -34.41 -22.33 60.23
N PHE Q 452 -33.58 -21.67 61.04
CA PHE Q 452 -33.04 -22.27 62.25
C PHE Q 452 -33.28 -21.43 63.50
N LYS Q 453 -32.92 -20.16 63.44
CA LYS Q 453 -32.54 -19.40 64.61
C LYS Q 453 -33.70 -18.57 65.14
N THR Q 454 -34.00 -18.75 66.42
CA THR Q 454 -34.84 -17.79 67.13
C THR Q 454 -34.11 -16.47 67.32
N VAL Q 455 -34.90 -15.42 67.52
CA VAL Q 455 -34.37 -14.08 67.82
C VAL Q 455 -33.33 -14.14 68.92
N ASN Q 456 -33.59 -14.92 69.97
CA ASN Q 456 -32.68 -14.93 71.10
C ASN Q 456 -31.37 -15.61 70.78
N GLU Q 457 -31.38 -16.64 69.92
CA GLU Q 457 -30.12 -17.22 69.48
C GLU Q 457 -29.27 -16.22 68.70
N ALA Q 458 -29.90 -15.47 67.79
CA ALA Q 458 -29.21 -14.41 67.06
C ALA Q 458 -28.60 -13.41 68.04
N ARG Q 459 -29.40 -12.89 68.96
CA ARG Q 459 -28.91 -11.91 69.92
C ARG Q 459 -27.76 -12.50 70.75
N GLU Q 460 -27.87 -13.77 71.13
CA GLU Q 460 -26.81 -14.43 71.88
C GLU Q 460 -25.51 -14.48 71.10
N GLU Q 461 -25.58 -14.78 69.80
CA GLU Q 461 -24.37 -14.74 68.98
C GLU Q 461 -23.71 -13.36 68.97
N GLN Q 462 -24.47 -12.30 69.21
CA GLN Q 462 -23.92 -10.97 69.41
C GLN Q 462 -23.51 -10.72 70.86
N GLY Q 463 -23.76 -11.66 71.76
CA GLY Q 463 -23.65 -11.39 73.19
C GLY Q 463 -24.72 -10.51 73.78
N LYS Q 464 -25.89 -10.43 73.14
CA LYS Q 464 -26.96 -9.57 73.61
C LYS Q 464 -28.03 -10.41 74.30
N LYS Q 465 -28.53 -9.90 75.41
CA LYS Q 465 -29.40 -10.69 76.28
C LYS Q 465 -30.62 -11.19 75.52
N PRO Q 466 -31.03 -12.44 75.73
CA PRO Q 466 -32.31 -12.89 75.15
C PRO Q 466 -33.46 -12.06 75.71
N ILE Q 467 -34.51 -11.90 74.91
CA ILE Q 467 -35.65 -11.07 75.24
C ILE Q 467 -36.90 -11.93 75.28
N GLU Q 468 -37.76 -11.65 76.27
CA GLU Q 468 -39.10 -12.22 76.31
C GLU Q 468 -39.87 -11.86 75.05
N GLY Q 469 -40.36 -12.88 74.35
CA GLY Q 469 -40.87 -12.75 73.00
C GLY Q 469 -39.89 -13.13 71.93
N GLY Q 470 -38.63 -13.42 72.28
CA GLY Q 470 -37.77 -14.21 71.43
C GLY Q 470 -38.16 -15.68 71.47
N ASP Q 471 -37.20 -16.57 71.25
CA ASP Q 471 -37.43 -18.00 71.12
C ASP Q 471 -38.43 -18.34 70.01
N ILE Q 472 -38.58 -17.48 69.00
CA ILE Q 472 -39.48 -17.73 67.88
C ILE Q 472 -38.72 -17.56 66.57
N ILE Q 473 -39.01 -18.45 65.60
CA ILE Q 473 -38.56 -18.26 64.23
C ILE Q 473 -39.38 -17.14 63.60
N LEU Q 474 -38.72 -16.28 62.82
CA LEU Q 474 -39.38 -15.17 62.14
C LEU Q 474 -40.04 -15.64 60.84
N ASP Q 475 -41.05 -16.50 61.00
CA ASP Q 475 -41.90 -16.91 59.88
C ASP Q 475 -43.34 -16.92 60.33
N ALA Q 476 -44.21 -16.29 59.54
CA ALA Q 476 -45.63 -16.23 59.85
C ALA Q 476 -46.26 -17.62 59.98
N SER Q 477 -45.79 -18.58 59.20
CA SER Q 477 -46.35 -19.93 59.29
C SER Q 477 -46.05 -20.57 60.64
N PHE Q 478 -44.86 -20.32 61.19
CA PHE Q 478 -44.54 -20.82 62.52
C PHE Q 478 -45.52 -20.28 63.56
N LEU Q 479 -45.82 -18.99 63.49
CA LEU Q 479 -46.77 -18.40 64.43
C LEU Q 479 -48.19 -18.91 64.20
N GLN Q 480 -48.59 -19.11 62.95
CA GLN Q 480 -49.90 -19.70 62.71
C GLN Q 480 -49.98 -21.11 63.29
N GLY Q 481 -48.89 -21.86 63.23
CA GLY Q 481 -48.83 -23.14 63.92
C GLY Q 481 -48.99 -23.02 65.41
N THR Q 482 -48.21 -22.13 66.04
CA THR Q 482 -48.32 -21.99 67.48
C THR Q 482 -49.68 -21.47 67.92
N ALA Q 483 -50.30 -20.60 67.12
CA ALA Q 483 -51.65 -20.12 67.40
C ALA Q 483 -52.67 -21.24 67.28
N GLN Q 484 -52.46 -22.16 66.33
CA GLN Q 484 -53.28 -23.36 66.30
C GLN Q 484 -53.09 -24.18 67.57
N LEU Q 485 -51.83 -24.49 67.89
CA LEU Q 485 -51.52 -25.37 69.01
C LEU Q 485 -52.06 -24.82 70.34
N GLN Q 486 -52.04 -23.51 70.51
CA GLN Q 486 -52.64 -22.91 71.71
C GLN Q 486 -54.12 -23.26 71.82
N GLN Q 487 -54.87 -23.09 70.74
CA GLN Q 487 -56.28 -23.46 70.75
C GLN Q 487 -56.46 -24.95 71.02
N ASP Q 488 -55.63 -25.77 70.38
CA ASP Q 488 -55.63 -27.21 70.68
C ASP Q 488 -55.48 -27.50 72.17
N LYS Q 489 -54.50 -26.86 72.80
CA LYS Q 489 -54.30 -27.02 74.24
C LYS Q 489 -55.52 -26.58 75.04
N GLN Q 490 -56.07 -25.41 74.73
CA GLN Q 490 -57.23 -24.93 75.48
C GLN Q 490 -58.45 -25.82 75.27
N TYR Q 491 -58.58 -26.39 74.08
CA TYR Q 491 -59.65 -27.34 73.83
C TYR Q 491 -59.47 -28.59 74.66
N ASN Q 492 -58.27 -29.17 74.67
CA ASN Q 492 -58.06 -30.38 75.44
C ASN Q 492 -58.25 -30.13 76.93
N ASP Q 493 -57.84 -28.96 77.41
CA ASP Q 493 -58.12 -28.55 78.78
C ASP Q 493 -59.62 -28.53 79.07
N GLY Q 494 -60.39 -27.90 78.19
CA GLY Q 494 -61.84 -27.90 78.37
C GLY Q 494 -62.42 -29.30 78.36
N LYS Q 495 -62.02 -30.10 77.37
CA LYS Q 495 -62.50 -31.47 77.25
C LYS Q 495 -62.24 -32.25 78.54
N GLN Q 496 -61.00 -32.19 79.06
CA GLN Q 496 -60.66 -32.98 80.23
C GLN Q 496 -61.38 -32.47 81.48
N LYS Q 497 -61.51 -31.15 81.63
CA LYS Q 497 -62.25 -30.65 82.79
C LYS Q 497 -63.72 -31.03 82.74
N GLU Q 498 -64.34 -30.97 81.56
CA GLU Q 498 -65.74 -31.37 81.45
C GLU Q 498 -65.91 -32.87 81.61
N ARG Q 499 -64.93 -33.66 81.15
CA ARG Q 499 -64.93 -35.09 81.44
C ARG Q 499 -64.90 -35.36 82.94
N LEU Q 500 -64.00 -34.68 83.65
CA LEU Q 500 -63.94 -34.85 85.10
C LEU Q 500 -65.25 -34.43 85.77
N GLN Q 501 -65.82 -33.31 85.35
CA GLN Q 501 -67.08 -32.86 85.93
C GLN Q 501 -68.21 -33.86 85.67
N MET Q 502 -68.25 -34.45 84.47
CA MET Q 502 -69.24 -35.48 84.20
C MET Q 502 -69.01 -36.73 85.05
N MET Q 503 -67.76 -37.17 85.18
CA MET Q 503 -67.47 -38.31 86.04
C MET Q 503 -67.91 -38.05 87.48
N MET Q 504 -67.66 -36.84 87.98
CA MET Q 504 -68.11 -36.50 89.32
C MET Q 504 -69.63 -36.43 89.40
N SER Q 505 -70.28 -36.04 88.30
CA SER Q 505 -71.74 -36.04 88.29
C SER Q 505 -72.29 -37.47 88.31
N LEU Q 506 -71.64 -38.37 87.56
CA LEU Q 506 -72.13 -39.73 87.43
C LEU Q 506 -71.89 -40.53 88.70
N SER R 49 3.24 -66.23 29.50
CA SER R 49 2.20 -65.48 28.82
C SER R 49 2.09 -64.07 29.40
N LEU R 50 1.68 -63.12 28.57
CA LEU R 50 1.60 -61.72 29.00
C LEU R 50 0.41 -61.51 29.94
N TYR R 51 -0.78 -61.91 29.50
CA TYR R 51 -2.00 -61.76 30.30
C TYR R 51 -2.42 -63.06 30.98
N GLY R 52 -2.39 -64.18 30.27
CA GLY R 52 -2.94 -65.41 30.80
C GLY R 52 -3.03 -66.46 29.71
N GLN R 53 -3.48 -67.64 30.11
CA GLN R 53 -3.58 -68.76 29.17
C GLN R 53 -4.60 -68.43 28.10
N GLN R 54 -4.16 -68.44 26.84
CA GLN R 54 -5.02 -68.12 25.72
C GLN R 54 -4.52 -68.89 24.50
N GLN R 55 -5.45 -69.22 23.59
CA GLN R 55 -5.06 -69.95 22.39
C GLN R 55 -4.65 -69.05 21.24
N ALA R 56 -5.05 -67.78 21.28
CA ALA R 56 -4.47 -66.77 20.40
C ALA R 56 -3.12 -66.34 20.93
N TYR R 57 -2.12 -66.28 20.06
CA TYR R 57 -0.82 -65.75 20.46
C TYR R 57 -0.87 -64.24 20.65
N ALA R 58 -0.28 -63.79 21.75
CA ALA R 58 -0.21 -62.37 22.12
C ALA R 58 1.21 -61.83 22.07
N GLU R 59 2.18 -62.64 21.65
CA GLU R 59 3.58 -62.28 21.58
C GLU R 59 4.13 -62.81 20.26
N PRO R 60 5.28 -62.30 19.81
CA PRO R 60 5.90 -62.88 18.61
C PRO R 60 6.10 -64.38 18.74
N PHE R 61 5.57 -65.12 17.77
CA PHE R 61 5.55 -66.58 17.85
C PHE R 61 6.96 -67.14 17.82
N ILE R 62 7.77 -66.68 16.88
CA ILE R 62 9.20 -66.96 16.89
C ILE R 62 9.88 -66.02 17.87
N GLU R 63 10.72 -66.58 18.74
CA GLU R 63 11.46 -65.78 19.69
C GLU R 63 12.38 -64.83 18.93
N MET R 64 12.11 -63.54 19.02
CA MET R 64 13.02 -62.57 18.42
C MET R 64 14.32 -62.53 19.22
N MET R 65 15.41 -62.21 18.54
CA MET R 65 16.74 -62.26 19.13
C MET R 65 16.88 -61.09 20.10
N ASP R 66 16.37 -61.29 21.30
CA ASP R 66 16.67 -60.40 22.42
C ASP R 66 18.14 -60.48 22.78
N THR R 67 18.70 -59.35 23.22
CA THR R 67 20.11 -59.32 23.59
C THR R 67 20.38 -60.29 24.73
N ASN R 68 19.38 -60.50 25.60
CA ASN R 68 19.52 -61.37 26.75
C ASN R 68 18.32 -62.32 26.79
N PRO R 69 18.53 -63.61 27.04
CA PRO R 69 17.38 -64.52 27.17
C PRO R 69 16.44 -64.19 28.31
N GLU R 70 16.90 -63.43 29.30
CA GLU R 70 16.18 -63.32 30.57
C GLU R 70 15.14 -62.21 30.60
N PHE R 71 15.17 -61.25 29.66
CA PHE R 71 14.16 -60.20 29.65
C PHE R 71 13.90 -59.75 28.22
N ARG R 72 12.70 -59.21 28.00
CA ARG R 72 12.28 -58.72 26.70
C ARG R 72 12.84 -57.32 26.45
N ASP R 73 13.55 -57.16 25.34
CA ASP R 73 14.11 -55.87 24.98
C ASP R 73 13.02 -54.89 24.56
N LYS R 74 13.26 -53.61 24.84
CA LYS R 74 12.36 -52.52 24.47
C LYS R 74 12.69 -52.02 23.06
N ARG R 75 12.24 -52.78 22.06
CA ARG R 75 12.50 -52.43 20.68
C ARG R 75 11.78 -51.16 20.27
N SER R 76 12.48 -50.32 19.50
CA SER R 76 11.87 -49.18 18.83
C SER R 76 10.77 -49.61 17.86
N TYR R 77 9.83 -48.68 17.62
CA TYR R 77 8.67 -48.92 16.77
C TYR R 77 9.00 -49.66 15.48
N MET R 78 10.02 -49.21 14.76
CA MET R 78 10.43 -49.83 13.52
C MET R 78 11.43 -50.97 13.72
N LYS R 79 11.77 -51.28 14.97
CA LYS R 79 12.84 -52.22 15.32
C LYS R 79 14.19 -51.78 14.79
N ASN R 80 14.33 -50.51 14.39
CA ASN R 80 15.63 -49.98 14.04
C ASN R 80 16.55 -49.87 15.23
N GLU R 81 15.99 -49.90 16.44
CA GLU R 81 16.73 -49.69 17.68
C GLU R 81 16.16 -50.58 18.76
N HIS R 82 17.04 -51.07 19.64
CA HIS R 82 16.68 -51.99 20.70
C HIS R 82 16.82 -51.39 22.10
N ASN R 83 17.37 -50.18 22.21
CA ASN R 83 17.68 -49.56 23.50
C ASN R 83 16.98 -48.22 23.53
N LEU R 84 15.70 -48.23 23.17
CA LEU R 84 14.95 -47.01 22.89
C LEU R 84 15.01 -46.02 24.06
N HIS R 85 14.88 -46.53 25.29
CA HIS R 85 14.81 -45.61 26.42
C HIS R 85 16.11 -44.86 26.66
N ASP R 86 17.25 -45.44 26.30
CA ASP R 86 18.48 -44.67 26.34
C ASP R 86 18.55 -43.62 25.24
N VAL R 87 17.83 -43.81 24.14
CA VAL R 87 17.66 -42.73 23.16
C VAL R 87 16.78 -41.63 23.74
N LEU R 88 15.61 -41.99 24.24
CA LEU R 88 14.65 -41.01 24.74
C LEU R 88 15.21 -40.21 25.92
N LYS R 89 16.00 -40.85 26.77
CA LYS R 89 16.61 -40.15 27.89
C LYS R 89 17.38 -38.91 27.47
N LYS R 90 17.93 -38.91 26.25
CA LYS R 90 18.66 -37.74 25.79
C LYS R 90 17.78 -36.52 25.57
N PHE R 91 16.46 -36.68 25.44
CA PHE R 91 15.57 -35.56 25.24
C PHE R 91 14.99 -34.99 26.54
N GLY R 92 15.24 -35.65 27.68
CA GLY R 92 14.63 -35.24 28.94
C GLY R 92 15.01 -33.86 29.41
N ASN R 93 16.04 -33.24 28.82
CA ASN R 93 16.39 -31.86 29.12
C ASN R 93 15.86 -30.87 28.09
N ASN R 94 15.02 -31.31 27.16
CA ASN R 94 14.46 -30.39 26.19
C ASN R 94 13.63 -29.31 26.89
N PRO R 95 13.83 -28.02 26.60
CA PRO R 95 13.03 -27.00 27.29
C PRO R 95 11.53 -27.08 27.05
N ILE R 96 11.11 -27.45 25.84
CA ILE R 96 9.67 -27.56 25.56
C ILE R 96 9.05 -28.70 26.35
N LEU R 97 9.66 -29.89 26.26
CA LEU R 97 9.15 -31.04 26.98
C LEU R 97 9.13 -30.79 28.48
N ASN R 98 10.15 -30.10 29.00
CA ASN R 98 10.16 -29.79 30.41
C ASN R 98 9.13 -28.73 30.78
N ALA R 99 8.85 -27.78 29.88
CA ALA R 99 7.76 -26.84 30.15
C ALA R 99 6.42 -27.57 30.26
N ILE R 100 6.22 -28.56 29.41
CA ILE R 100 4.99 -29.36 29.48
C ILE R 100 4.93 -30.14 30.79
N ILE R 101 6.01 -30.85 31.10
CA ILE R 101 6.03 -31.67 32.31
C ILE R 101 5.81 -30.80 33.54
N LEU R 102 6.45 -29.64 33.60
CA LEU R 102 6.31 -28.78 34.78
C LEU R 102 4.92 -28.20 34.89
N THR R 103 4.32 -27.72 33.80
CA THR R 103 2.98 -27.18 33.92
C THR R 103 1.99 -28.26 34.35
N ARG R 104 2.07 -29.45 33.75
CA ARG R 104 1.17 -30.52 34.13
C ARG R 104 1.36 -30.92 35.60
N SER R 105 2.61 -31.09 36.03
CA SER R 105 2.83 -31.54 37.40
C SER R 105 2.49 -30.46 38.42
N ASN R 106 2.63 -29.18 38.05
CA ASN R 106 2.13 -28.12 38.91
C ASN R 106 0.61 -28.21 39.07
N GLN R 107 -0.10 -28.36 37.96
CA GLN R 107 -1.56 -28.51 38.04
C GLN R 107 -1.93 -29.70 38.92
N VAL R 108 -1.28 -30.83 38.71
CA VAL R 108 -1.57 -32.04 39.48
C VAL R 108 -1.33 -31.84 40.97
N ALA R 109 -0.27 -31.11 41.33
CA ALA R 109 0.10 -31.00 42.74
C ALA R 109 -1.02 -30.45 43.63
N MET R 110 -1.98 -29.71 43.09
CA MET R 110 -3.05 -29.17 43.94
C MET R 110 -3.93 -30.24 44.54
N TYR R 111 -4.18 -31.34 43.83
CA TYR R 111 -5.02 -32.40 44.35
C TYR R 111 -4.39 -33.16 45.51
N CYS R 112 -3.06 -33.21 45.56
CA CYS R 112 -2.36 -34.17 46.42
C CYS R 112 -2.83 -34.16 47.87
N GLN R 113 -3.23 -33.01 48.40
CA GLN R 113 -3.73 -32.97 49.76
C GLN R 113 -5.09 -33.66 49.87
N PRO R 114 -5.42 -34.22 51.04
CA PRO R 114 -6.78 -34.74 51.25
C PRO R 114 -7.84 -33.66 51.14
N ALA R 115 -8.91 -33.96 50.41
CA ALA R 115 -10.05 -33.06 50.36
C ALA R 115 -10.72 -32.91 51.73
N ARG R 116 -10.79 -34.01 52.50
CA ARG R 116 -11.39 -34.00 53.83
C ARG R 116 -10.97 -32.80 54.68
N TYR R 117 -9.69 -32.47 54.69
CA TYR R 117 -9.15 -31.41 55.52
C TYR R 117 -9.05 -30.07 54.79
N SER R 118 -9.43 -30.02 53.51
CA SER R 118 -9.25 -28.84 52.69
C SER R 118 -10.61 -28.19 52.55
N GLU R 119 -10.77 -27.02 53.19
CA GLU R 119 -12.10 -26.43 53.35
C GLU R 119 -12.72 -26.08 52.01
N LYS R 120 -11.90 -25.82 51.00
CA LYS R 120 -12.41 -25.62 49.65
C LYS R 120 -12.88 -26.93 49.00
N GLY R 121 -12.68 -28.07 49.67
CA GLY R 121 -13.09 -29.36 49.16
C GLY R 121 -12.21 -29.94 48.07
N LEU R 122 -11.17 -29.23 47.64
CA LEU R 122 -10.30 -29.71 46.58
C LEU R 122 -9.25 -30.67 47.14
N GLY R 123 -9.08 -31.79 46.47
CA GLY R 123 -8.10 -32.78 46.89
C GLY R 123 -8.48 -34.17 46.42
N PHE R 124 -8.15 -35.15 47.24
CA PHE R 124 -8.61 -36.53 47.08
C PHE R 124 -9.39 -36.98 48.30
N GLU R 125 -10.18 -38.04 48.11
CA GLU R 125 -10.87 -38.72 49.19
C GLU R 125 -10.85 -40.22 48.97
N VAL R 126 -10.87 -40.98 50.06
CA VAL R 126 -11.18 -42.40 50.05
C VAL R 126 -12.63 -42.58 50.46
N ARG R 127 -13.38 -43.33 49.65
CA ARG R 127 -14.83 -43.35 49.74
C ARG R 127 -15.31 -44.79 49.62
N LEU R 128 -16.49 -45.06 50.16
CA LEU R 128 -17.22 -46.27 49.80
C LEU R 128 -17.66 -46.23 48.34
N ARG R 129 -17.72 -47.41 47.74
CA ARG R 129 -18.14 -47.53 46.35
C ARG R 129 -19.58 -47.07 46.18
N ASP R 130 -20.51 -47.72 46.88
CA ASP R 130 -21.91 -47.35 46.78
C ASP R 130 -22.16 -45.97 47.38
N LEU R 131 -22.83 -45.12 46.60
CA LEU R 131 -23.30 -43.85 47.14
C LEU R 131 -24.42 -44.04 48.16
N ASP R 132 -25.12 -45.17 48.11
CA ASP R 132 -26.26 -45.43 48.98
C ASP R 132 -25.85 -45.93 50.37
N ALA R 133 -24.63 -46.41 50.53
CA ALA R 133 -24.22 -46.99 51.80
C ALA R 133 -23.98 -45.91 52.84
N GLU R 134 -24.20 -46.26 54.11
CA GLU R 134 -23.81 -45.44 55.24
C GLU R 134 -22.60 -46.04 55.94
N PRO R 135 -21.50 -45.31 56.12
CA PRO R 135 -20.28 -45.96 56.63
C PRO R 135 -20.44 -46.36 58.08
N GLY R 136 -19.91 -47.53 58.42
CA GLY R 136 -19.93 -47.97 59.80
C GLY R 136 -18.96 -47.21 60.66
N ARG R 137 -19.10 -47.41 61.97
CA ARG R 137 -18.29 -46.66 62.93
C ARG R 137 -16.81 -46.89 62.70
N LYS R 138 -16.43 -48.14 62.42
CA LYS R 138 -15.04 -48.48 62.18
C LYS R 138 -14.60 -48.13 60.77
N GLU R 139 -15.52 -48.16 59.80
CA GLU R 139 -15.15 -47.84 58.42
C GLU R 139 -14.68 -46.40 58.26
N LYS R 140 -15.34 -45.45 58.94
CA LYS R 140 -14.88 -44.06 58.85
C LYS R 140 -13.43 -43.92 59.31
N GLU R 141 -13.07 -44.65 60.36
CA GLU R 141 -11.70 -44.59 60.86
C GLU R 141 -10.75 -45.31 59.92
N GLU R 142 -11.19 -46.43 59.34
CA GLU R 142 -10.33 -47.11 58.38
C GLU R 142 -10.06 -46.24 57.16
N MET R 143 -11.07 -45.55 56.66
CA MET R 143 -10.87 -44.62 55.55
C MET R 143 -9.92 -43.48 55.94
N LYS R 144 -10.06 -42.95 57.15
CA LYS R 144 -9.12 -41.91 57.57
C LYS R 144 -7.70 -42.45 57.67
N ARG R 145 -7.54 -43.69 58.15
CA ARG R 145 -6.22 -44.30 58.22
C ARG R 145 -5.61 -44.47 56.83
N ILE R 146 -6.42 -44.92 55.87
CA ILE R 146 -5.91 -45.11 54.52
C ILE R 146 -5.51 -43.77 53.90
N GLU R 147 -6.33 -42.73 54.11
CA GLU R 147 -5.95 -41.39 53.68
C GLU R 147 -4.61 -40.97 54.27
N ASP R 148 -4.46 -41.10 55.58
CA ASP R 148 -3.20 -40.75 56.23
C ASP R 148 -2.03 -41.55 55.65
N PHE R 149 -2.21 -42.85 55.47
CA PHE R 149 -1.19 -43.69 54.84
C PHE R 149 -0.78 -43.16 53.47
N ILE R 150 -1.75 -42.82 52.63
CA ILE R 150 -1.44 -42.28 51.31
C ILE R 150 -0.64 -40.97 51.43
N VAL R 151 -1.17 -40.03 52.21
CA VAL R 151 -0.47 -38.75 52.43
C VAL R 151 0.99 -39.00 52.82
N ASN R 152 1.21 -39.83 53.84
CA ASN R 152 2.55 -40.16 54.29
C ASN R 152 3.28 -41.09 53.34
N THR R 153 2.60 -41.64 52.33
CA THR R 153 3.18 -42.59 51.38
C THR R 153 3.62 -43.87 52.10
N GLY R 154 3.04 -44.12 53.27
CA GLY R 154 3.47 -45.23 54.10
C GLY R 154 2.85 -45.10 55.47
N LYS R 155 3.02 -46.17 56.25
CA LYS R 155 2.30 -46.27 57.52
C LYS R 155 2.77 -45.22 58.51
N ASP R 156 4.07 -45.19 58.78
CA ASP R 156 4.67 -44.20 59.66
C ASP R 156 5.03 -42.92 58.91
N LYS R 157 5.12 -41.83 59.69
CA LYS R 157 5.72 -40.58 59.22
C LYS R 157 7.23 -40.72 59.10
N ASP R 158 7.77 -40.24 57.98
CA ASP R 158 9.23 -40.26 57.76
C ASP R 158 9.58 -39.14 56.81
N VAL R 159 10.28 -38.12 57.32
CA VAL R 159 10.71 -37.00 56.50
C VAL R 159 11.63 -37.44 55.36
N ASP R 160 12.29 -38.60 55.50
CA ASP R 160 13.15 -39.11 54.45
C ASP R 160 12.37 -39.75 53.30
N ARG R 161 11.10 -40.05 53.51
CA ARG R 161 10.28 -40.65 52.46
C ARG R 161 9.65 -39.55 51.61
N ASP R 162 9.48 -39.86 50.33
CA ASP R 162 8.67 -39.02 49.47
C ASP R 162 7.29 -38.78 50.07
N SER R 163 6.84 -37.53 49.99
CA SER R 163 5.42 -37.26 50.11
C SER R 163 4.68 -37.74 48.87
N PHE R 164 3.35 -37.82 48.99
CA PHE R 164 2.52 -38.12 47.83
C PHE R 164 2.75 -37.12 46.70
N GLN R 165 2.98 -35.85 47.03
CA GLN R 165 3.29 -34.85 46.02
C GLN R 165 4.52 -35.23 45.21
N THR R 166 5.61 -35.59 45.89
CA THR R 166 6.82 -35.98 45.17
C THR R 166 6.58 -37.21 44.32
N PHE R 167 5.82 -38.18 44.84
CA PHE R 167 5.47 -39.37 44.08
C PHE R 167 4.73 -39.02 42.80
N CYS R 168 3.70 -38.17 42.91
CA CYS R 168 2.92 -37.80 41.74
C CYS R 168 3.77 -37.06 40.71
N LYS R 169 4.57 -36.09 41.15
CA LYS R 169 5.45 -35.39 40.22
C LYS R 169 6.39 -36.37 39.50
N LYS R 170 6.95 -37.32 40.26
CA LYS R 170 7.79 -38.35 39.65
C LYS R 170 7.06 -39.12 38.56
N ILE R 171 5.92 -39.71 38.90
CA ILE R 171 5.24 -40.56 37.93
C ILE R 171 4.70 -39.76 36.75
N VAL R 172 4.35 -38.48 36.94
CA VAL R 172 3.97 -37.65 35.80
C VAL R 172 5.15 -37.45 34.85
N ARG R 173 6.32 -37.10 35.40
CA ARG R 173 7.50 -36.99 34.57
C ARG R 173 7.77 -38.29 33.82
N ASP R 174 7.65 -39.42 34.50
CA ASP R 174 7.88 -40.71 33.86
C ASP R 174 6.87 -41.01 32.76
N THR R 175 5.59 -40.70 33.00
CA THR R 175 4.59 -40.89 31.94
C THR R 175 4.93 -40.08 30.71
N TYR R 176 5.32 -38.82 30.90
CA TYR R 176 5.50 -37.96 29.73
C TYR R 176 6.87 -38.10 29.08
N ILE R 177 7.85 -38.73 29.71
CA ILE R 177 9.09 -39.06 29.01
C ILE R 177 8.99 -40.45 28.40
N TYR R 178 8.72 -41.47 29.23
CA TYR R 178 8.85 -42.86 28.84
C TYR R 178 7.54 -43.53 28.45
N ASP R 179 6.39 -43.00 28.85
CA ASP R 179 5.16 -43.78 28.92
C ASP R 179 5.38 -45.11 29.63
N GLN R 180 5.99 -45.04 30.81
CA GLN R 180 6.13 -46.21 31.68
C GLN R 180 6.22 -45.73 33.12
N VAL R 181 5.29 -46.19 33.96
CA VAL R 181 5.30 -45.93 35.40
C VAL R 181 5.55 -47.22 36.14
N ASN R 182 6.46 -47.18 37.11
CA ASN R 182 6.66 -48.29 38.03
C ASN R 182 6.79 -47.77 39.46
N PHE R 183 6.14 -48.45 40.40
CA PHE R 183 6.41 -48.26 41.82
C PHE R 183 6.40 -49.63 42.51
N GLU R 184 7.36 -49.83 43.42
CA GLU R 184 7.41 -51.05 44.22
C GLU R 184 6.53 -50.96 45.46
N LYS R 185 5.84 -52.05 45.78
CA LYS R 185 5.10 -52.22 47.02
C LYS R 185 5.88 -53.11 47.99
N VAL R 186 6.21 -52.58 49.16
CA VAL R 186 6.97 -53.31 50.18
C VAL R 186 6.02 -53.71 51.31
N PHE R 187 5.92 -55.02 51.55
CA PHE R 187 5.11 -55.56 52.63
C PHE R 187 5.95 -55.75 53.90
N ASN R 188 5.27 -55.68 55.05
CA ASN R 188 5.91 -55.96 56.33
C ASN R 188 6.59 -57.33 56.35
N LYS R 189 7.80 -57.36 56.92
CA LYS R 189 8.58 -58.58 56.96
C LYS R 189 7.95 -59.62 57.89
N ASN R 190 7.36 -59.20 59.00
CA ASN R 190 6.74 -60.16 59.91
C ASN R 190 5.42 -60.65 59.35
N ASN R 191 4.68 -59.78 58.68
CA ASN R 191 3.37 -60.12 58.12
C ASN R 191 3.40 -59.70 56.66
N LYS R 192 3.57 -60.69 55.76
CA LYS R 192 3.69 -60.37 54.35
C LYS R 192 2.42 -59.78 53.76
N THR R 193 1.29 -59.92 54.46
CA THR R 193 0.03 -59.38 53.97
C THR R 193 -0.12 -57.89 54.24
N LYS R 194 0.72 -57.29 55.09
CA LYS R 194 0.56 -55.91 55.50
C LYS R 194 1.51 -55.01 54.73
N LEU R 195 0.95 -54.09 53.94
CA LEU R 195 1.72 -53.08 53.24
C LEU R 195 2.24 -52.01 54.19
N GLU R 196 3.51 -51.64 54.01
CA GLU R 196 4.13 -50.56 54.79
C GLU R 196 4.46 -49.35 53.95
N LYS R 197 4.99 -49.53 52.74
CA LYS R 197 5.42 -48.43 51.90
C LYS R 197 5.15 -48.78 50.45
N PHE R 198 5.04 -47.74 49.63
CA PHE R 198 5.19 -47.83 48.19
C PHE R 198 6.12 -46.73 47.71
N ILE R 199 7.04 -47.09 46.81
CA ILE R 199 8.10 -46.19 46.35
C ILE R 199 8.17 -46.27 44.84
N ALA R 200 8.24 -45.11 44.18
CA ALA R 200 8.42 -45.03 42.74
C ALA R 200 9.81 -45.48 42.33
N VAL R 201 9.89 -46.19 41.19
CA VAL R 201 11.12 -46.80 40.69
C VAL R 201 11.39 -46.26 39.30
N ASP R 202 12.67 -46.14 38.96
CA ASP R 202 13.13 -45.63 37.68
C ASP R 202 12.65 -46.52 36.54
N PRO R 203 11.71 -46.06 35.70
CA PRO R 203 11.16 -46.96 34.67
C PRO R 203 12.18 -47.48 33.67
N SER R 204 13.27 -46.73 33.42
CA SER R 204 14.28 -47.17 32.49
C SER R 204 15.02 -48.43 32.94
N THR R 205 14.90 -48.81 34.21
CA THR R 205 15.57 -50.00 34.75
C THR R 205 14.67 -51.22 34.80
N ILE R 206 13.38 -51.09 34.52
CA ILE R 206 12.40 -52.15 34.71
C ILE R 206 12.05 -52.77 33.37
N PHE R 207 12.12 -54.09 33.30
CA PHE R 207 11.85 -54.87 32.10
C PHE R 207 10.95 -56.04 32.44
N TYR R 208 10.19 -56.49 31.44
CA TYR R 208 9.46 -57.75 31.58
C TYR R 208 10.43 -58.93 31.63
N ALA R 209 10.23 -59.80 32.61
CA ALA R 209 11.00 -61.02 32.70
C ALA R 209 10.46 -62.07 31.75
N THR R 210 11.36 -62.82 31.13
CA THR R 210 10.99 -63.81 30.12
C THR R 210 11.53 -65.17 30.54
N ASP R 211 10.68 -66.18 30.38
CA ASP R 211 11.10 -67.56 30.59
C ASP R 211 12.18 -67.95 29.58
N LYS R 212 12.92 -69.01 29.90
CA LYS R 212 13.89 -69.55 28.96
C LYS R 212 13.24 -69.91 27.63
N LYS R 213 11.96 -70.29 27.64
CA LYS R 213 11.19 -70.51 26.43
C LYS R 213 10.74 -69.21 25.77
N GLY R 214 11.29 -68.07 26.16
CA GLY R 214 10.96 -66.79 25.58
C GLY R 214 9.58 -66.25 25.92
N LYS R 215 8.81 -66.95 26.75
CA LYS R 215 7.49 -66.48 27.15
C LYS R 215 7.65 -65.57 28.35
N ILE R 216 6.83 -64.52 28.40
CA ILE R 216 6.81 -63.66 29.57
C ILE R 216 6.26 -64.44 30.75
N ILE R 217 6.93 -64.33 31.90
CA ILE R 217 6.52 -65.08 33.08
C ILE R 217 5.21 -64.50 33.60
N LYS R 218 4.27 -65.38 33.94
CA LYS R 218 3.08 -65.00 34.68
C LYS R 218 2.96 -65.87 35.92
N GLY R 219 2.46 -65.28 37.00
CA GLY R 219 2.28 -65.98 38.26
C GLY R 219 3.54 -66.04 39.11
N GLY R 220 4.70 -66.13 38.46
CA GLY R 220 5.97 -66.04 39.16
C GLY R 220 6.52 -64.64 39.26
N LYS R 221 7.84 -64.53 39.15
CA LYS R 221 8.55 -63.25 39.17
C LYS R 221 8.40 -62.59 37.80
N ARG R 222 7.26 -61.92 37.61
CA ARG R 222 6.91 -61.34 36.32
C ARG R 222 7.90 -60.27 35.87
N PHE R 223 8.55 -59.58 36.80
CA PHE R 223 9.38 -58.44 36.46
C PHE R 223 10.80 -58.60 36.99
N VAL R 224 11.76 -58.05 36.25
CA VAL R 224 13.14 -57.92 36.69
C VAL R 224 13.58 -56.48 36.54
N GLN R 225 14.47 -56.06 37.42
CA GLN R 225 15.21 -54.81 37.27
C GLN R 225 16.58 -55.12 36.70
N VAL R 226 16.94 -54.42 35.62
CA VAL R 226 18.20 -54.66 34.92
C VAL R 226 19.03 -53.40 35.03
N VAL R 227 20.24 -53.54 35.54
CA VAL R 227 21.20 -52.44 35.64
C VAL R 227 22.53 -52.93 35.10
N ASP R 228 23.16 -52.12 34.25
CA ASP R 228 24.38 -52.50 33.56
C ASP R 228 24.24 -53.84 32.84
N LYS R 229 23.04 -54.09 32.32
CA LYS R 229 22.71 -55.33 31.61
C LYS R 229 22.97 -56.57 32.46
N ARG R 230 22.78 -56.48 33.78
CA ARG R 230 22.59 -57.65 34.62
C ARG R 230 21.38 -57.45 35.53
N VAL R 231 20.70 -58.55 35.83
CA VAL R 231 19.55 -58.51 36.71
C VAL R 231 20.00 -58.30 38.15
N VAL R 232 19.57 -57.20 38.76
CA VAL R 232 19.91 -56.88 40.14
C VAL R 232 18.76 -57.19 41.10
N ALA R 233 17.53 -57.34 40.59
CA ALA R 233 16.38 -57.65 41.43
C ALA R 233 15.31 -58.28 40.56
N SER R 234 14.31 -58.88 41.21
CA SER R 234 13.16 -59.42 40.51
C SER R 234 11.91 -59.20 41.35
N PHE R 235 10.76 -59.21 40.67
CA PHE R 235 9.50 -58.86 41.31
C PHE R 235 8.38 -59.68 40.71
N THR R 236 7.38 -59.99 41.54
CA THR R 236 6.10 -60.47 41.05
C THR R 236 5.17 -59.33 40.66
N SER R 237 4.08 -59.67 39.98
CA SER R 237 3.00 -58.73 39.74
C SER R 237 2.45 -58.13 41.04
N ARG R 238 2.52 -58.89 42.14
CA ARG R 238 2.07 -58.39 43.43
C ARG R 238 2.95 -57.26 43.94
N GLU R 239 4.25 -57.33 43.67
CA GLU R 239 5.20 -56.41 44.28
C GLU R 239 5.47 -55.16 43.45
N LEU R 240 5.21 -55.19 42.15
CA LEU R 240 5.48 -54.04 41.29
C LEU R 240 4.30 -53.78 40.37
N ALA R 241 3.84 -52.54 40.35
CA ALA R 241 2.90 -52.08 39.34
C ALA R 241 3.63 -51.68 38.06
N MET R 242 2.96 -51.87 36.93
CA MET R 242 3.31 -51.19 35.69
C MET R 242 2.06 -50.53 35.10
N GLY R 243 2.20 -49.27 34.73
CA GLY R 243 1.12 -48.52 34.09
C GLY R 243 1.55 -47.99 32.74
N ILE R 244 0.66 -48.11 31.76
CA ILE R 244 0.94 -47.69 30.39
C ILE R 244 -0.27 -46.94 29.87
N ARG R 245 -0.04 -45.79 29.23
CA ARG R 245 -1.10 -44.97 28.69
C ARG R 245 -1.44 -45.28 27.24
N ASN R 246 -0.45 -45.66 26.43
CA ASN R 246 -0.60 -45.82 24.99
C ASN R 246 -0.38 -47.27 24.61
N PRO R 247 -1.33 -48.15 24.96
CA PRO R 247 -1.15 -49.57 24.68
C PRO R 247 -1.24 -49.88 23.20
N ARG R 248 -0.74 -51.05 22.83
CA ARG R 248 -0.80 -51.50 21.45
C ARG R 248 -1.17 -52.97 21.43
N THR R 249 -1.97 -53.35 20.42
CA THR R 249 -2.19 -54.77 20.15
C THR R 249 -1.06 -55.39 19.37
N GLU R 250 -0.29 -54.56 18.65
CA GLU R 250 0.83 -55.00 17.82
C GLU R 250 1.69 -56.02 18.54
N LEU R 251 1.84 -57.20 17.93
CA LEU R 251 2.54 -58.31 18.57
C LEU R 251 3.93 -57.91 19.02
N SER R 252 4.68 -57.22 18.16
CA SER R 252 6.04 -56.84 18.49
C SER R 252 6.12 -55.73 19.53
N SER R 253 5.01 -55.06 19.85
CA SER R 253 5.03 -54.10 20.94
C SER R 253 5.33 -54.75 22.28
N SER R 254 5.11 -56.06 22.40
CA SER R 254 5.56 -56.85 23.55
C SER R 254 5.01 -56.32 24.87
N GLY R 255 3.86 -55.65 24.83
CA GLY R 255 3.24 -55.14 26.03
C GLY R 255 3.76 -53.81 26.53
N TYR R 256 4.75 -53.23 25.88
CA TYR R 256 5.25 -51.91 26.29
C TYR R 256 4.41 -50.80 25.71
N GLY R 257 4.58 -49.61 26.28
CA GLY R 257 3.86 -48.44 25.86
C GLY R 257 4.42 -47.83 24.59
N LEU R 258 4.07 -46.57 24.37
CA LEU R 258 4.51 -45.84 23.18
C LEU R 258 4.66 -44.38 23.57
N SER R 259 5.89 -43.92 23.69
CA SER R 259 6.15 -42.54 24.10
C SER R 259 5.89 -41.59 22.94
N GLU R 260 5.25 -40.47 23.26
CA GLU R 260 5.14 -39.37 22.30
C GLU R 260 6.50 -38.83 21.87
N VAL R 261 7.54 -39.01 22.67
CA VAL R 261 8.88 -38.61 22.25
C VAL R 261 9.34 -39.42 21.05
N GLU R 262 8.98 -40.70 20.99
CA GLU R 262 9.30 -41.50 19.82
C GLU R 262 8.59 -40.98 18.58
N ILE R 263 7.29 -40.72 18.69
CA ILE R 263 6.50 -40.27 17.55
C ILE R 263 7.02 -38.93 17.03
N ALA R 264 7.27 -37.99 17.94
CA ALA R 264 7.65 -36.63 17.58
C ALA R 264 9.15 -36.46 17.33
N MET R 265 9.91 -37.56 17.30
CA MET R 265 11.37 -37.45 17.35
C MET R 265 11.93 -36.61 16.20
N LYS R 266 11.42 -36.83 14.98
CA LYS R 266 11.82 -36.00 13.85
C LYS R 266 11.58 -34.52 14.12
N GLU R 267 10.39 -34.20 14.63
CA GLU R 267 10.07 -32.81 14.97
C GLU R 267 11.01 -32.25 16.03
N PHE R 268 11.32 -33.02 17.07
CA PHE R 268 12.26 -32.54 18.08
C PHE R 268 13.64 -32.27 17.48
N ILE R 269 14.10 -33.15 16.59
CA ILE R 269 15.40 -32.92 15.95
C ILE R 269 15.37 -31.65 15.11
N ALA R 270 14.33 -31.50 14.29
CA ALA R 270 14.18 -30.28 13.49
C ALA R 270 14.15 -29.03 14.37
N TYR R 271 13.44 -29.10 15.49
CA TYR R 271 13.41 -27.98 16.43
C TYR R 271 14.82 -27.64 16.91
N ASN R 272 15.53 -28.64 17.44
CA ASN R 272 16.90 -28.45 17.90
C ASN R 272 17.76 -27.81 16.81
N ASN R 273 17.64 -28.30 15.58
CA ASN R 273 18.43 -27.75 14.49
C ASN R 273 18.09 -26.30 14.22
N THR R 274 16.81 -25.95 14.20
CA THR R 274 16.45 -24.56 13.94
C THR R 274 16.88 -23.64 15.06
N GLU R 275 16.86 -24.12 16.29
CA GLU R 275 17.39 -23.34 17.41
C GLU R 275 18.87 -23.10 17.27
N SER R 276 19.63 -24.15 16.96
CA SER R 276 21.06 -24.00 16.75
C SER R 276 21.34 -23.05 15.59
N PHE R 277 20.60 -23.18 14.50
CA PHE R 277 20.76 -22.27 13.36
C PHE R 277 20.59 -20.82 13.77
N ASN R 278 19.50 -20.51 14.47
CA ASN R 278 19.27 -19.11 14.84
C ASN R 278 20.29 -18.61 15.85
N ASP R 279 20.72 -19.48 16.78
CA ASP R 279 21.71 -19.07 17.77
C ASP R 279 23.10 -18.86 17.20
N ARG R 280 23.50 -19.65 16.19
CA ARG R 280 24.86 -19.60 15.69
C ARG R 280 25.21 -18.30 14.98
N PHE R 281 24.25 -17.44 14.68
CA PHE R 281 24.57 -16.09 14.19
C PHE R 281 25.53 -15.37 15.13
N PHE R 282 25.26 -15.42 16.43
CA PHE R 282 26.16 -14.81 17.40
C PHE R 282 27.33 -15.72 17.73
N SER R 283 27.04 -16.98 18.06
CA SER R 283 28.08 -17.86 18.59
C SER R 283 29.20 -18.08 17.58
N HIS R 284 28.86 -18.22 16.30
CA HIS R 284 29.82 -18.63 15.29
C HIS R 284 29.81 -17.78 14.04
N GLY R 285 28.83 -16.90 13.86
CA GLY R 285 28.64 -16.26 12.58
C GLY R 285 29.59 -15.11 12.32
N GLY R 286 29.63 -14.71 11.06
CA GLY R 286 30.08 -13.39 10.67
C GLY R 286 28.95 -12.38 10.70
N THR R 287 28.97 -11.48 11.67
CA THR R 287 28.01 -10.39 11.73
C THR R 287 28.40 -9.20 10.87
N THR R 288 29.56 -9.26 10.20
CA THR R 288 30.13 -8.12 9.49
C THR R 288 29.14 -7.52 8.51
N ARG R 289 28.86 -6.22 8.70
CA ARG R 289 27.87 -5.54 7.88
C ARG R 289 28.28 -5.53 6.41
N GLY R 290 29.57 -5.31 6.14
CA GLY R 290 30.01 -5.11 4.77
C GLY R 290 31.49 -4.81 4.73
N ILE R 291 31.99 -4.65 3.51
CA ILE R 291 33.39 -4.35 3.25
C ILE R 291 33.51 -2.92 2.72
N LEU R 292 34.39 -2.14 3.33
CA LEU R 292 34.78 -0.82 2.82
C LEU R 292 35.91 -0.99 1.82
N GLN R 293 35.60 -0.89 0.52
CA GLN R 293 36.61 -0.92 -0.52
C GLN R 293 37.17 0.47 -0.77
N ILE R 294 38.45 0.64 -0.48
CA ILE R 294 39.22 1.82 -0.88
C ILE R 294 40.19 1.35 -1.95
N ARG R 295 40.35 2.14 -3.01
CA ARG R 295 41.18 1.74 -4.14
C ARG R 295 42.05 2.89 -4.60
N SER R 296 43.31 2.59 -4.86
CA SER R 296 44.26 3.54 -5.43
C SER R 296 45.29 2.77 -6.24
N ASP R 297 46.24 3.51 -6.82
CA ASP R 297 47.24 2.93 -7.70
C ASP R 297 47.96 1.73 -7.09
N GLN R 298 48.16 1.72 -5.77
CA GLN R 298 48.71 0.56 -5.10
C GLN R 298 48.14 0.46 -3.70
N GLN R 299 48.04 -0.77 -3.20
CA GLN R 299 47.61 -1.00 -1.83
C GLN R 299 48.56 -0.33 -0.85
N GLN R 300 48.00 0.20 0.24
CA GLN R 300 48.81 0.74 1.32
C GLN R 300 49.65 -0.35 2.00
N SER R 301 50.84 0.04 2.44
CA SER R 301 51.64 -0.78 3.35
C SER R 301 50.87 -1.04 4.65
N GLN R 302 51.29 -2.09 5.35
CA GLN R 302 50.67 -2.43 6.63
C GLN R 302 50.84 -1.34 7.66
N HIS R 303 52.01 -0.70 7.70
CA HIS R 303 52.24 0.40 8.63
C HIS R 303 51.26 1.55 8.36
N ALA R 304 51.18 1.97 7.09
CA ALA R 304 50.25 3.01 6.71
C ALA R 304 48.83 2.65 7.12
N LEU R 305 48.43 1.41 6.86
CA LEU R 305 47.08 0.97 7.16
C LEU R 305 46.80 0.96 8.66
N GLU R 306 47.78 0.58 9.48
CA GLU R 306 47.57 0.59 10.93
C GLU R 306 47.52 2.00 11.52
N ASN R 307 48.30 2.93 10.97
CA ASN R 307 48.13 4.29 11.47
C ASN R 307 46.91 5.00 10.88
N PHE R 308 46.40 4.52 9.74
CA PHE R 308 45.08 4.95 9.29
C PHE R 308 43.99 4.43 10.22
N LYS R 309 44.11 3.18 10.68
CA LYS R 309 43.21 2.68 11.72
C LYS R 309 43.31 3.50 12.99
N ARG R 310 44.50 4.01 13.31
CA ARG R 310 44.61 4.86 14.50
C ARG R 310 43.94 6.21 14.30
N GLU R 311 44.14 6.84 13.14
CA GLU R 311 43.39 8.06 12.83
C GLU R 311 41.90 7.82 12.92
N TRP R 312 41.44 6.67 12.40
CA TRP R 312 40.02 6.36 12.40
C TRP R 312 39.49 6.26 13.82
N LYS R 313 40.07 5.37 14.62
CA LYS R 313 39.51 5.15 15.94
C LYS R 313 39.66 6.38 16.82
N SER R 314 40.79 7.09 16.71
CA SER R 314 40.97 8.32 17.47
C SER R 314 40.03 9.43 17.05
N SER R 315 39.38 9.34 15.89
CA SER R 315 38.51 10.41 15.42
C SER R 315 37.03 10.07 15.41
N LEU R 316 36.67 8.79 15.36
CA LEU R 316 35.31 8.38 15.02
C LEU R 316 34.69 7.34 15.94
N SER R 317 35.45 6.74 16.85
CA SER R 317 34.93 5.62 17.62
C SER R 317 34.12 6.07 18.82
N GLY R 318 33.19 5.22 19.23
CA GLY R 318 32.35 5.35 20.38
C GLY R 318 31.40 6.52 20.32
N ILE R 319 30.90 6.89 21.50
CA ILE R 319 30.10 8.09 21.66
C ILE R 319 30.91 9.33 21.32
N ASN R 320 32.19 9.33 21.70
CA ASN R 320 33.03 10.51 21.53
C ASN R 320 33.14 10.94 20.08
N GLY R 321 33.26 9.98 19.17
CA GLY R 321 33.36 10.25 17.74
C GLY R 321 32.04 10.22 16.99
N SER R 322 30.93 10.08 17.69
CA SER R 322 29.75 9.42 17.11
C SER R 322 29.18 10.17 15.91
N TRP R 323 29.26 11.49 15.88
CA TRP R 323 28.65 12.26 14.78
C TRP R 323 29.66 12.88 13.82
N GLN R 324 30.95 12.64 13.99
CA GLN R 324 31.91 13.13 13.01
C GLN R 324 31.85 12.29 11.73
N ILE R 325 32.18 12.93 10.61
CA ILE R 325 32.24 12.27 9.31
C ILE R 325 33.68 12.33 8.82
N PRO R 326 34.28 11.22 8.41
CA PRO R 326 35.61 11.30 7.78
C PRO R 326 35.57 11.91 6.39
N VAL R 327 36.58 12.72 6.08
CA VAL R 327 36.88 13.11 4.71
C VAL R 327 38.04 12.24 4.23
N VAL R 328 37.86 11.63 3.06
CA VAL R 328 38.86 10.76 2.45
C VAL R 328 38.93 11.09 0.97
N MET R 329 40.14 11.10 0.42
CA MET R 329 40.39 11.56 -0.94
C MET R 329 40.95 10.45 -1.83
N ALA R 330 40.61 9.20 -1.53
CA ALA R 330 40.96 8.09 -2.40
C ALA R 330 40.36 8.28 -3.79
N ASP R 331 40.92 7.58 -4.77
CA ASP R 331 40.42 7.68 -6.14
C ASP R 331 38.97 7.21 -6.23
N ASP R 332 38.64 6.11 -5.57
CA ASP R 332 37.26 5.70 -5.45
C ASP R 332 37.04 4.92 -4.17
N ILE R 333 35.85 5.06 -3.61
CA ILE R 333 35.47 4.39 -2.36
C ILE R 333 34.12 3.73 -2.58
N LYS R 334 34.00 2.47 -2.17
CA LYS R 334 32.76 1.73 -2.32
C LYS R 334 32.54 0.91 -1.06
N PHE R 335 31.28 0.70 -0.70
CA PHE R 335 30.90 -0.14 0.43
C PHE R 335 29.97 -1.25 -0.05
N VAL R 336 30.38 -2.48 0.18
CA VAL R 336 29.65 -3.67 -0.27
C VAL R 336 28.86 -4.22 0.92
N ASN R 337 27.54 -4.30 0.77
CA ASN R 337 26.68 -4.81 1.83
C ASN R 337 26.69 -6.33 1.78
N MET R 338 27.07 -6.96 2.89
CA MET R 338 27.16 -8.41 2.99
C MET R 338 26.06 -9.04 3.83
N THR R 339 25.34 -8.27 4.62
CA THR R 339 24.23 -8.76 5.41
C THR R 339 23.04 -7.85 5.23
N PRO R 340 21.83 -8.31 5.58
CA PRO R 340 20.69 -7.41 5.60
C PRO R 340 20.91 -6.27 6.59
N THR R 341 20.39 -5.10 6.24
CA THR R 341 20.51 -3.95 7.13
C THR R 341 19.81 -4.21 8.46
N ALA R 342 18.81 -5.08 8.49
CA ALA R 342 18.03 -5.38 9.68
C ALA R 342 17.89 -6.89 9.81
N ASN R 343 18.68 -7.49 10.72
CA ASN R 343 18.62 -8.92 10.97
C ASN R 343 17.53 -9.22 11.99
N ASP R 344 16.84 -10.35 11.79
CA ASP R 344 15.97 -10.88 12.81
C ASP R 344 15.91 -12.40 12.69
N MET R 345 15.25 -13.03 13.67
CA MET R 345 15.10 -14.47 13.67
C MET R 345 14.50 -14.96 12.36
N GLN R 346 14.83 -16.20 12.01
CA GLN R 346 14.32 -16.85 10.81
C GLN R 346 13.58 -18.12 11.17
N PHE R 347 12.70 -18.55 10.26
CA PHE R 347 11.95 -19.80 10.40
C PHE R 347 10.99 -19.78 11.58
N GLU R 348 10.45 -18.60 11.91
CA GLU R 348 9.49 -18.51 13.01
C GLU R 348 8.26 -19.37 12.74
N LYS R 349 7.73 -19.31 11.52
CA LYS R 349 6.58 -20.12 11.18
C LYS R 349 6.89 -21.61 11.32
N TRP R 350 8.04 -22.02 10.80
CA TRP R 350 8.49 -23.41 10.95
C TRP R 350 8.48 -23.85 12.41
N LEU R 351 9.03 -23.01 13.29
CA LEU R 351 9.03 -23.32 14.72
C LEU R 351 7.61 -23.46 15.26
N ASN R 352 6.76 -22.48 14.98
CA ASN R 352 5.38 -22.55 15.43
C ASN R 352 4.71 -23.83 14.96
N TYR R 353 4.90 -24.19 13.70
CA TYR R 353 4.35 -25.42 13.15
C TYR R 353 4.79 -26.66 13.93
N LEU R 354 6.10 -26.85 14.05
CA LEU R 354 6.63 -27.97 14.82
C LEU R 354 6.05 -28.01 16.23
N ILE R 355 6.10 -26.87 16.94
CA ILE R 355 5.59 -26.81 18.30
C ILE R 355 4.12 -27.18 18.34
N ASN R 356 3.34 -26.66 17.40
CA ASN R 356 1.91 -26.96 17.35
C ASN R 356 1.69 -28.47 17.23
N ILE R 357 2.47 -29.13 16.38
CA ILE R 357 2.37 -30.58 16.28
C ILE R 357 2.66 -31.24 17.63
N ILE R 358 3.78 -30.88 18.25
CA ILE R 358 4.14 -31.51 19.52
C ILE R 358 3.07 -31.29 20.57
N SER R 359 2.50 -30.08 20.61
CA SER R 359 1.43 -29.78 21.55
C SER R 359 0.20 -30.63 21.28
N ALA R 360 -0.15 -30.80 20.01
CA ALA R 360 -1.31 -31.63 19.69
C ALA R 360 -1.08 -33.08 20.06
N LEU R 361 0.15 -33.57 19.95
CA LEU R 361 0.43 -34.93 20.39
C LEU R 361 0.33 -35.06 21.90
N TYR R 362 0.89 -34.12 22.65
CA TYR R 362 0.77 -34.19 24.11
C TYR R 362 -0.60 -33.76 24.61
N GLY R 363 -1.43 -33.14 23.78
CA GLY R 363 -2.74 -32.71 24.23
C GLY R 363 -2.69 -31.50 25.13
N ILE R 364 -2.02 -30.45 24.68
CA ILE R 364 -1.88 -29.21 25.43
C ILE R 364 -2.12 -28.06 24.46
N ASP R 365 -2.65 -26.95 24.96
CA ASP R 365 -2.75 -25.76 24.13
C ASP R 365 -1.36 -25.13 23.99
N PRO R 366 -0.88 -24.91 22.75
CA PRO R 366 0.30 -24.04 22.55
C PRO R 366 0.28 -22.73 23.30
N ALA R 367 -0.88 -22.07 23.42
CA ALA R 367 -0.94 -20.83 24.17
C ALA R 367 -0.78 -21.04 25.66
N GLU R 368 -1.01 -22.26 26.16
CA GLU R 368 -0.69 -22.55 27.54
C GLU R 368 0.80 -22.40 27.81
N ILE R 369 1.63 -22.68 26.82
CA ILE R 369 3.07 -22.42 26.89
C ILE R 369 3.46 -21.20 26.07
N GLY R 370 2.52 -20.30 25.81
CA GLY R 370 2.82 -19.02 25.21
C GLY R 370 3.30 -19.03 23.78
N PHE R 371 3.12 -20.13 23.06
CA PHE R 371 3.29 -20.08 21.61
C PHE R 371 1.98 -19.69 20.93
N PRO R 372 2.04 -19.12 19.73
CA PRO R 372 0.82 -18.95 18.93
C PRO R 372 0.21 -20.30 18.58
N ASN R 373 -1.11 -20.32 18.50
CA ASN R 373 -1.85 -21.50 18.07
C ASN R 373 -2.34 -21.27 16.65
N ARG R 374 -1.89 -22.12 15.73
CA ARG R 374 -2.31 -22.00 14.34
C ARG R 374 -3.78 -22.37 14.17
N GLY R 375 -4.26 -23.35 14.93
CA GLY R 375 -5.67 -23.64 14.96
C GLY R 375 -6.45 -22.53 15.64
N GLY R 376 -7.55 -22.12 15.03
CA GLY R 376 -8.41 -21.10 15.62
C GLY R 376 -7.73 -19.77 15.82
N ALA R 377 -6.70 -19.47 15.05
CA ALA R 377 -5.99 -18.20 15.19
C ALA R 377 -6.93 -17.03 14.97
N THR R 378 -6.82 -16.02 15.84
CA THR R 378 -7.69 -14.85 15.80
C THR R 378 -9.17 -15.24 15.89
N GLY R 379 -9.50 -15.98 16.94
CA GLY R 379 -10.86 -16.44 17.10
C GLY R 379 -11.11 -16.98 18.49
N SER R 380 -12.29 -17.57 18.66
CA SER R 380 -12.70 -18.19 19.91
C SER R 380 -12.53 -17.23 21.09
N LYS R 381 -12.99 -15.99 20.89
CA LYS R 381 -12.89 -14.95 21.91
C LYS R 381 -11.45 -14.76 22.36
N ASP R 390 -13.30 -23.35 35.22
CA ASP R 390 -12.50 -22.18 35.56
C ASP R 390 -13.09 -20.92 34.92
N PRO R 391 -12.70 -19.74 35.41
CA PRO R 391 -13.18 -18.50 34.76
C PRO R 391 -12.79 -18.41 33.30
N GLY R 392 -11.56 -18.80 32.97
CA GLY R 392 -11.15 -18.95 31.58
C GLY R 392 -11.52 -20.29 30.98
N LYS R 393 -12.38 -20.28 29.96
CA LYS R 393 -12.78 -21.53 29.31
C LYS R 393 -11.58 -22.25 28.70
N LYS R 394 -10.52 -21.51 28.36
CA LYS R 394 -9.34 -22.13 27.77
C LYS R 394 -8.70 -23.11 28.73
N GLN R 395 -8.49 -22.67 29.98
CA GLN R 395 -7.93 -23.54 31.01
C GLN R 395 -8.79 -24.78 31.22
N GLN R 396 -10.09 -24.60 31.36
CA GLN R 396 -11.00 -25.75 31.50
C GLN R 396 -10.85 -26.73 30.33
N GLN R 397 -10.89 -26.20 29.10
CA GLN R 397 -10.78 -27.05 27.92
C GLN R 397 -9.47 -27.83 27.90
N SER R 398 -8.35 -27.16 28.18
CA SER R 398 -7.07 -27.86 28.13
C SER R 398 -6.92 -28.83 29.30
N GLN R 399 -7.52 -28.52 30.46
CA GLN R 399 -7.60 -29.49 31.53
C GLN R 399 -8.35 -30.73 31.08
N ASN R 400 -9.50 -30.54 30.42
CA ASN R 400 -10.24 -31.69 29.91
C ASN R 400 -9.40 -32.48 28.90
N LYS R 401 -8.57 -31.78 28.12
CA LYS R 401 -7.81 -32.46 27.07
C LYS R 401 -6.64 -33.28 27.64
N GLY R 402 -5.72 -32.63 28.34
CA GLY R 402 -4.65 -33.36 29.03
C GLY R 402 -4.90 -33.88 30.42
N LEU R 403 -5.32 -32.99 31.32
CA LEU R 403 -5.17 -33.22 32.75
C LEU R 403 -6.12 -34.29 33.26
N GLN R 404 -7.39 -34.23 32.86
CA GLN R 404 -8.36 -35.22 33.32
C GLN R 404 -7.96 -36.64 32.99
N PRO R 405 -7.56 -36.97 31.76
CA PRO R 405 -7.07 -38.32 31.51
C PRO R 405 -5.89 -38.70 32.40
N LEU R 406 -4.94 -37.79 32.62
CA LEU R 406 -3.82 -38.11 33.49
C LEU R 406 -4.27 -38.38 34.93
N LEU R 407 -5.22 -37.61 35.44
CA LEU R 407 -5.69 -37.85 36.80
C LEU R 407 -6.44 -39.16 36.89
N ARG R 408 -7.22 -39.49 35.86
CA ARG R 408 -8.00 -40.71 35.96
C ARG R 408 -7.13 -41.93 35.74
N PHE R 409 -5.97 -41.74 35.10
CA PHE R 409 -5.01 -42.82 34.98
C PHE R 409 -4.32 -43.06 36.32
N ILE R 410 -3.93 -41.98 37.01
CA ILE R 410 -3.35 -42.15 38.34
C ILE R 410 -4.37 -42.79 39.28
N GLU R 411 -5.62 -42.35 39.22
CA GLU R 411 -6.68 -42.99 39.99
C GLU R 411 -6.76 -44.48 39.69
N ASP R 412 -6.77 -44.85 38.41
CA ASP R 412 -6.84 -46.26 38.05
C ASP R 412 -5.68 -47.05 38.67
N LEU R 413 -4.46 -46.51 38.58
CA LEU R 413 -3.32 -47.19 39.17
C LEU R 413 -3.49 -47.37 40.67
N VAL R 414 -3.88 -46.30 41.37
CA VAL R 414 -4.03 -46.38 42.82
C VAL R 414 -5.11 -47.40 43.18
N ASN R 415 -6.25 -47.35 42.51
CA ASN R 415 -7.32 -48.30 42.81
C ASN R 415 -6.87 -49.73 42.61
N ARG R 416 -6.30 -50.04 41.45
CA ARG R 416 -5.88 -51.42 41.19
C ARG R 416 -4.84 -51.90 42.20
N HIS R 417 -3.84 -51.07 42.52
CA HIS R 417 -2.69 -51.58 43.25
C HIS R 417 -2.71 -51.35 44.76
N ILE R 418 -3.20 -50.22 45.26
CA ILE R 418 -3.11 -49.92 46.68
C ILE R 418 -4.42 -50.26 47.38
N ILE R 419 -5.51 -49.61 46.98
CA ILE R 419 -6.80 -49.81 47.64
C ILE R 419 -7.20 -51.27 47.62
N SER R 420 -6.88 -51.97 46.53
CA SER R 420 -7.17 -53.40 46.41
C SER R 420 -6.61 -54.23 47.57
N GLU R 421 -5.61 -53.73 48.30
CA GLU R 421 -5.21 -54.41 49.52
C GLU R 421 -6.30 -54.41 50.58
N TYR R 422 -7.18 -53.41 50.56
CA TYR R 422 -8.26 -53.30 51.52
C TYR R 422 -9.60 -53.85 51.01
N GLY R 423 -9.64 -54.37 49.79
CA GLY R 423 -10.86 -54.92 49.23
C GLY R 423 -11.70 -53.89 48.49
N ASP R 424 -12.66 -54.42 47.73
CA ASP R 424 -13.38 -53.65 46.72
C ASP R 424 -14.43 -52.71 47.30
N LYS R 425 -14.70 -52.76 48.60
CA LYS R 425 -15.74 -51.90 49.16
C LYS R 425 -15.36 -50.41 49.11
N TYR R 426 -14.07 -50.09 49.06
CA TYR R 426 -13.61 -48.71 49.06
C TYR R 426 -13.25 -48.26 47.66
N THR R 427 -13.17 -46.94 47.47
CA THR R 427 -12.68 -46.35 46.24
C THR R 427 -11.84 -45.11 46.55
N PHE R 428 -10.79 -44.91 45.75
CA PHE R 428 -9.99 -43.68 45.77
C PHE R 428 -10.42 -42.79 44.60
N GLN R 429 -10.74 -41.53 44.90
CA GLN R 429 -11.06 -40.56 43.85
C GLN R 429 -10.49 -39.19 44.19
N PHE R 430 -9.98 -38.51 43.18
CA PHE R 430 -9.82 -37.05 43.23
C PHE R 430 -11.18 -36.37 43.14
N VAL R 431 -11.35 -35.29 43.90
CA VAL R 431 -12.59 -34.54 43.92
C VAL R 431 -12.27 -33.06 43.81
N GLY R 432 -12.97 -32.37 42.91
CA GLY R 432 -12.92 -30.92 42.86
C GLY R 432 -13.74 -30.28 43.96
N GLY R 433 -13.63 -28.96 44.03
CA GLY R 433 -14.41 -28.22 44.99
C GLY R 433 -15.90 -28.29 44.66
N ASP R 434 -16.68 -27.52 45.42
CA ASP R 434 -18.11 -27.43 45.20
C ASP R 434 -18.58 -26.00 45.44
N THR R 435 -19.69 -25.65 44.80
CA THR R 435 -20.34 -24.35 45.02
C THR R 435 -21.49 -24.51 46.00
N LYS R 436 -21.11 -24.76 47.26
CA LYS R 436 -22.01 -25.13 48.34
C LYS R 436 -21.71 -24.29 49.56
N SER R 437 -21.59 -22.99 49.36
CA SER R 437 -21.41 -22.06 50.47
C SER R 437 -22.59 -22.12 51.43
N ALA R 438 -22.44 -21.42 52.54
CA ALA R 438 -23.56 -21.22 53.46
C ALA R 438 -24.77 -20.62 52.76
N THR R 439 -24.55 -19.67 51.86
CA THR R 439 -25.64 -19.13 51.06
C THR R 439 -26.35 -20.22 50.26
N ASP R 440 -25.59 -21.03 49.51
CA ASP R 440 -26.20 -22.07 48.70
C ASP R 440 -26.90 -23.13 49.55
N LYS R 441 -26.27 -23.55 50.65
CA LYS R 441 -26.90 -24.50 51.55
C LYS R 441 -28.17 -23.95 52.16
N LEU R 442 -28.16 -22.67 52.53
CA LEU R 442 -29.37 -22.04 53.07
C LEU R 442 -30.48 -21.94 52.03
N ASN R 443 -30.15 -21.60 50.78
CA ASN R 443 -31.16 -21.63 49.72
C ASN R 443 -31.75 -23.02 49.53
N ILE R 444 -30.87 -24.03 49.50
CA ILE R 444 -31.33 -25.40 49.31
C ILE R 444 -32.26 -25.80 50.45
N LEU R 445 -31.83 -25.60 51.69
CA LEU R 445 -32.67 -25.95 52.82
C LEU R 445 -33.94 -25.10 52.88
N LYS R 446 -33.87 -23.83 52.45
CA LYS R 446 -35.06 -23.01 52.34
C LYS R 446 -36.08 -23.60 51.40
N LEU R 447 -35.62 -24.39 50.42
CA LEU R 447 -36.58 -25.14 49.61
C LEU R 447 -36.97 -26.48 50.24
N GLU R 448 -36.01 -27.20 50.78
CA GLU R 448 -36.30 -28.48 51.43
C GLU R 448 -37.27 -28.36 52.59
N THR R 449 -37.24 -27.23 53.31
CA THR R 449 -38.14 -27.00 54.43
C THR R 449 -39.54 -26.66 53.97
N GLN R 450 -39.69 -26.24 52.72
CA GLN R 450 -41.01 -26.13 52.11
C GLN R 450 -41.47 -27.50 51.61
N ILE R 451 -40.54 -28.29 51.09
CA ILE R 451 -40.90 -29.52 50.40
C ILE R 451 -40.89 -30.72 51.35
N PHE R 452 -39.93 -30.76 52.28
CA PHE R 452 -39.72 -31.94 53.12
C PHE R 452 -39.73 -31.67 54.62
N LYS R 453 -38.91 -30.70 55.03
CA LYS R 453 -38.34 -30.67 56.37
C LYS R 453 -39.13 -29.80 57.32
N THR R 454 -39.54 -30.37 58.45
CA THR R 454 -40.00 -29.57 59.57
C THR R 454 -38.84 -28.80 60.18
N VAL R 455 -39.20 -27.71 60.87
CA VAL R 455 -38.22 -26.90 61.61
C VAL R 455 -37.30 -27.77 62.45
N ASN R 456 -37.87 -28.77 63.14
CA ASN R 456 -37.07 -29.57 64.05
C ASN R 456 -36.12 -30.49 63.32
N GLU R 457 -36.49 -31.00 62.14
CA GLU R 457 -35.53 -31.77 61.36
C GLU R 457 -34.35 -30.91 60.93
N ALA R 458 -34.63 -29.70 60.46
CA ALA R 458 -33.56 -28.76 60.13
C ALA R 458 -32.64 -28.53 61.32
N ARG R 459 -33.22 -28.18 62.46
CA ARG R 459 -32.42 -27.92 63.66
C ARG R 459 -31.61 -29.15 64.05
N GLU R 460 -32.20 -30.34 63.93
CA GLU R 460 -31.50 -31.58 64.24
C GLU R 460 -30.30 -31.78 63.33
N GLU R 461 -30.44 -31.51 62.04
CA GLU R 461 -29.29 -31.57 61.14
C GLU R 461 -28.18 -30.60 61.53
N GLN R 462 -28.51 -29.53 62.23
CA GLN R 462 -27.52 -28.65 62.83
C GLN R 462 -27.05 -29.13 64.20
N GLY R 463 -27.64 -30.20 64.73
CA GLY R 463 -27.45 -30.56 66.12
C GLY R 463 -28.12 -29.65 67.11
N LYS R 464 -29.16 -28.93 66.71
CA LYS R 464 -29.86 -28.00 67.58
C LYS R 464 -31.17 -28.60 68.05
N LYS R 465 -31.48 -28.37 69.32
CA LYS R 465 -32.58 -29.06 69.97
C LYS R 465 -33.89 -28.79 69.24
N PRO R 466 -34.75 -29.79 69.07
CA PRO R 466 -36.10 -29.51 68.55
C PRO R 466 -36.86 -28.59 69.49
N ILE R 467 -37.76 -27.80 68.92
CA ILE R 467 -38.51 -26.79 69.64
C ILE R 467 -40.00 -27.12 69.54
N GLU R 468 -40.72 -26.92 70.65
CA GLU R 468 -42.17 -26.96 70.65
C GLU R 468 -42.75 -25.95 69.69
N GLY R 469 -43.58 -26.44 68.76
CA GLY R 469 -44.03 -25.69 67.61
C GLY R 469 -43.26 -25.96 66.33
N GLY R 470 -42.19 -26.74 66.38
CA GLY R 470 -41.69 -27.41 65.20
C GLY R 470 -42.54 -28.59 64.78
N ASP R 471 -41.92 -29.56 64.11
CA ASP R 471 -42.61 -30.70 63.50
C ASP R 471 -43.70 -30.27 62.51
N ILE R 472 -43.58 -29.08 61.94
CA ILE R 472 -44.52 -28.59 60.93
C ILE R 472 -43.75 -28.14 59.70
N ILE R 473 -44.29 -28.43 58.52
CA ILE R 473 -43.76 -27.84 57.31
C ILE R 473 -44.11 -26.36 57.27
N LEU R 474 -43.16 -25.54 56.83
CA LEU R 474 -43.37 -24.09 56.73
C LEU R 474 -44.08 -23.76 55.42
N ASP R 475 -45.32 -24.24 55.32
CA ASP R 475 -46.21 -23.89 54.21
C ASP R 475 -47.58 -23.61 54.79
N ALA R 476 -48.16 -22.48 54.36
CA ALA R 476 -49.49 -22.10 54.86
C ALA R 476 -50.53 -23.16 54.53
N SER R 477 -50.40 -23.86 53.40
CA SER R 477 -51.37 -24.90 53.08
C SER R 477 -51.27 -26.07 54.05
N PHE R 478 -50.06 -26.42 54.48
CA PHE R 478 -49.91 -27.48 55.47
C PHE R 478 -50.61 -27.13 56.78
N LEU R 479 -50.44 -25.89 57.25
CA LEU R 479 -51.10 -25.48 58.48
C LEU R 479 -52.61 -25.38 58.32
N GLN R 480 -53.08 -24.89 57.17
CA GLN R 480 -54.51 -24.88 56.91
C GLN R 480 -55.08 -26.30 56.91
N GLY R 481 -54.30 -27.26 56.41
CA GLY R 481 -54.67 -28.65 56.54
C GLY R 481 -54.78 -29.10 57.98
N THR R 482 -53.76 -28.82 58.78
CA THR R 482 -53.83 -29.25 60.18
C THR R 482 -54.98 -28.57 60.93
N ALA R 483 -55.29 -27.32 60.60
CA ALA R 483 -56.45 -26.64 61.19
C ALA R 483 -57.75 -27.30 60.76
N GLN R 484 -57.81 -27.78 59.51
CA GLN R 484 -58.93 -28.59 59.09
C GLN R 484 -59.04 -29.84 59.95
N LEU R 485 -57.95 -30.61 60.04
CA LEU R 485 -58.03 -31.88 60.75
C LEU R 485 -58.42 -31.65 62.21
N GLN R 486 -57.95 -30.54 62.80
CA GLN R 486 -58.36 -30.18 64.16
C GLN R 486 -59.86 -29.99 64.25
N GLN R 487 -60.45 -29.21 63.32
CA GLN R 487 -61.90 -29.03 63.33
C GLN R 487 -62.62 -30.36 63.12
N ASP R 488 -62.14 -31.17 62.18
CA ASP R 488 -62.67 -32.51 61.97
C ASP R 488 -62.69 -33.34 63.25
N LYS R 489 -61.56 -33.38 63.97
CA LYS R 489 -61.51 -34.09 65.24
C LYS R 489 -62.51 -33.54 66.25
N GLN R 490 -62.58 -32.21 66.40
CA GLN R 490 -63.50 -31.66 67.38
C GLN R 490 -64.95 -31.95 67.01
N TYR R 491 -65.26 -31.98 65.72
CA TYR R 491 -66.59 -32.36 65.27
C TYR R 491 -66.87 -33.81 65.59
N ASN R 492 -65.95 -34.70 65.25
CA ASN R 492 -66.17 -36.12 65.49
C ASN R 492 -66.28 -36.41 66.99
N ASP R 493 -65.51 -35.71 67.81
CA ASP R 493 -65.66 -35.81 69.26
C ASP R 493 -67.06 -35.42 69.71
N GLY R 494 -67.56 -34.27 69.23
CA GLY R 494 -68.91 -33.88 69.58
C GLY R 494 -69.94 -34.90 69.11
N LYS R 495 -69.83 -35.30 67.84
CA LYS R 495 -70.74 -36.28 67.26
C LYS R 495 -70.79 -37.56 68.09
N GLN R 496 -69.61 -38.12 68.41
CA GLN R 496 -69.56 -39.38 69.11
C GLN R 496 -70.06 -39.26 70.55
N LYS R 497 -69.73 -38.17 71.23
CA LYS R 497 -70.24 -37.98 72.58
C LYS R 497 -71.75 -37.84 72.61
N GLU R 498 -72.31 -37.07 71.68
CA GLU R 498 -73.77 -36.92 71.64
C GLU R 498 -74.47 -38.19 71.16
N ARG R 499 -73.85 -38.94 70.25
CA ARG R 499 -74.35 -40.26 69.88
C ARG R 499 -74.40 -41.19 71.08
N LEU R 500 -73.31 -41.25 71.85
CA LEU R 500 -73.30 -42.11 73.03
C LEU R 500 -74.37 -41.68 74.03
N GLN R 501 -74.51 -40.37 74.26
CA GLN R 501 -75.53 -39.89 75.19
C GLN R 501 -76.93 -40.24 74.71
N MET R 502 -77.18 -40.14 73.41
CA MET R 502 -78.48 -40.55 72.87
C MET R 502 -78.71 -42.04 73.01
N MET R 503 -77.69 -42.86 72.73
CA MET R 503 -77.83 -44.30 72.93
C MET R 503 -78.16 -44.62 74.38
N MET R 504 -77.51 -43.94 75.32
CA MET R 504 -77.83 -44.14 76.73
C MET R 504 -79.22 -43.66 77.07
N SER R 505 -79.72 -42.64 76.36
CA SER R 505 -81.09 -42.18 76.59
C SER R 505 -82.10 -43.21 76.12
N LEU R 506 -81.86 -43.83 74.97
CA LEU R 506 -82.82 -44.76 74.39
C LEU R 506 -82.85 -46.07 75.17
N SER S 49 -20.41 -69.50 2.35
CA SER S 49 -21.03 -68.19 2.30
C SER S 49 -20.57 -67.34 3.48
N LEU S 50 -20.54 -66.02 3.26
CA LEU S 50 -20.06 -65.09 4.28
C LEU S 50 -21.08 -64.96 5.41
N TYR S 51 -22.34 -64.67 5.07
CA TYR S 51 -23.41 -64.51 6.04
C TYR S 51 -24.28 -65.75 6.19
N GLY S 52 -24.66 -66.38 5.09
CA GLY S 52 -25.63 -67.45 5.14
C GLY S 52 -26.08 -67.84 3.75
N GLN S 53 -26.94 -68.85 3.70
CA GLN S 53 -27.40 -69.36 2.42
C GLN S 53 -28.18 -68.29 1.68
N GLN S 54 -27.72 -67.98 0.47
CA GLN S 54 -28.35 -66.96 -0.35
C GLN S 54 -28.14 -67.34 -1.80
N GLN S 55 -29.08 -66.93 -2.66
CA GLN S 55 -29.00 -67.26 -4.08
C GLN S 55 -28.21 -66.23 -4.88
N ALA S 56 -28.05 -65.01 -4.37
CA ALA S 56 -27.09 -64.07 -4.93
C ALA S 56 -25.68 -64.44 -4.51
N TYR S 57 -24.76 -64.44 -5.45
CA TYR S 57 -23.36 -64.64 -5.12
C TYR S 57 -22.80 -63.41 -4.42
N ALA S 58 -22.05 -63.65 -3.35
CA ALA S 58 -21.44 -62.58 -2.57
C ALA S 58 -19.92 -62.58 -2.66
N GLU S 59 -19.34 -63.46 -3.46
CA GLU S 59 -17.90 -63.57 -3.63
C GLU S 59 -17.60 -63.77 -5.10
N PRO S 60 -16.35 -63.52 -5.53
CA PRO S 60 -15.98 -63.82 -6.91
C PRO S 60 -16.28 -65.26 -7.30
N PHE S 61 -17.03 -65.42 -8.39
CA PHE S 61 -17.53 -66.75 -8.75
C PHE S 61 -16.38 -67.68 -9.13
N ILE S 62 -15.45 -67.20 -9.95
CA ILE S 62 -14.21 -67.92 -10.18
C ILE S 62 -13.28 -67.67 -9.00
N GLU S 63 -12.71 -68.75 -8.47
CA GLU S 63 -11.78 -68.65 -7.35
C GLU S 63 -10.56 -67.84 -7.79
N MET S 64 -10.40 -66.66 -7.22
CA MET S 64 -9.19 -65.88 -7.44
C MET S 64 -8.02 -66.53 -6.72
N MET S 65 -6.83 -66.34 -7.27
CA MET S 65 -5.63 -67.01 -6.76
C MET S 65 -5.26 -66.35 -5.43
N ASP S 66 -5.92 -66.80 -4.37
CA ASP S 66 -5.50 -66.50 -3.02
C ASP S 66 -4.15 -67.13 -2.74
N THR S 67 -3.33 -66.44 -1.92
CA THR S 67 -2.00 -66.94 -1.63
C THR S 67 -2.07 -68.31 -0.96
N ASN S 68 -3.12 -68.56 -0.18
CA ASN S 68 -3.30 -69.81 0.54
C ASN S 68 -4.71 -70.32 0.30
N PRO S 69 -4.90 -71.62 0.05
CA PRO S 69 -6.27 -72.14 -0.08
C PRO S 69 -7.09 -71.99 1.18
N GLU S 70 -6.45 -71.82 2.34
CA GLU S 70 -7.13 -71.93 3.62
C GLU S 70 -7.71 -70.62 4.15
N PHE S 71 -7.31 -69.46 3.61
CA PHE S 71 -7.87 -68.21 4.09
C PHE S 71 -7.93 -67.18 2.96
N ARG S 72 -8.85 -66.23 3.12
CA ARG S 72 -9.07 -65.15 2.17
C ARG S 72 -8.05 -64.03 2.39
N ASP S 73 -7.32 -63.68 1.34
CA ASP S 73 -6.33 -62.62 1.41
C ASP S 73 -7.00 -61.25 1.57
N LYS S 74 -6.31 -60.35 2.27
CA LYS S 74 -6.76 -58.97 2.46
C LYS S 74 -6.25 -58.14 1.29
N ARG S 75 -6.91 -58.28 0.15
CA ARG S 75 -6.48 -57.57 -1.04
C ARG S 75 -6.72 -56.07 -0.91
N SER S 76 -5.73 -55.30 -1.38
CA SER S 76 -5.89 -53.87 -1.57
C SER S 76 -7.02 -53.57 -2.56
N TYR S 77 -7.60 -52.37 -2.41
CA TYR S 77 -8.72 -51.94 -3.24
C TYR S 77 -8.52 -52.26 -4.72
N MET S 78 -7.34 -51.95 -5.26
CA MET S 78 -7.05 -52.22 -6.66
C MET S 78 -6.50 -53.62 -6.89
N LYS S 79 -6.39 -54.43 -5.84
CA LYS S 79 -5.75 -55.75 -5.86
C LYS S 79 -4.29 -55.68 -6.28
N ASN S 80 -3.67 -54.50 -6.23
CA ASN S 80 -2.24 -54.37 -6.46
C ASN S 80 -1.41 -55.02 -5.36
N GLU S 81 -2.00 -55.28 -4.19
CA GLU S 81 -1.26 -55.75 -3.04
C GLU S 81 -2.09 -56.75 -2.25
N HIS S 82 -1.40 -57.74 -1.67
CA HIS S 82 -2.01 -58.81 -0.90
C HIS S 82 -1.66 -58.77 0.58
N ASN S 83 -0.76 -57.88 0.99
CA ASN S 83 -0.26 -57.83 2.35
C ASN S 83 -0.50 -56.41 2.86
N LEU S 84 -1.71 -55.91 2.62
CA LEU S 84 -2.02 -54.50 2.80
C LEU S 84 -1.69 -54.01 4.21
N HIS S 85 -1.99 -54.82 5.22
CA HIS S 85 -1.80 -54.37 6.59
C HIS S 85 -0.34 -54.21 6.93
N ASP S 86 0.55 -54.97 6.29
CA ASP S 86 1.98 -54.69 6.47
C ASP S 86 2.42 -53.42 5.77
N VAL S 87 1.69 -52.97 4.74
CA VAL S 87 1.91 -51.63 4.20
C VAL S 87 1.46 -50.58 5.20
N LEU S 88 0.21 -50.69 5.67
CA LEU S 88 -0.36 -49.69 6.56
C LEU S 88 0.41 -49.58 7.87
N LYS S 89 0.96 -50.70 8.36
CA LYS S 89 1.75 -50.68 9.58
C LYS S 89 2.88 -49.65 9.51
N LYS S 90 3.40 -49.39 8.32
CA LYS S 90 4.47 -48.39 8.20
C LYS S 90 3.99 -46.99 8.51
N PHE S 91 2.68 -46.73 8.45
CA PHE S 91 2.15 -45.41 8.76
C PHE S 91 1.73 -45.26 10.22
N GLY S 92 1.72 -46.35 10.99
CA GLY S 92 1.24 -46.31 12.36
C GLY S 92 2.02 -45.38 13.28
N ASN S 93 3.21 -44.94 12.87
CA ASN S 93 3.97 -43.94 13.60
C ASN S 93 3.84 -42.54 13.03
N ASN S 94 2.94 -42.31 12.08
CA ASN S 94 2.76 -40.97 11.53
C ASN S 94 2.30 -40.03 12.64
N PRO S 95 2.93 -38.85 12.80
CA PRO S 95 2.51 -37.97 13.89
C PRO S 95 1.08 -37.46 13.81
N ILE S 96 0.56 -37.16 12.63
CA ILE S 96 -0.83 -36.69 12.53
C ILE S 96 -1.80 -37.80 12.92
N LEU S 97 -1.62 -38.99 12.35
CA LEU S 97 -2.50 -40.11 12.67
C LEU S 97 -2.44 -40.43 14.16
N ASN S 98 -1.26 -40.35 14.76
CA ASN S 98 -1.15 -40.61 16.18
C ASN S 98 -1.77 -39.49 17.02
N ALA S 99 -1.70 -38.23 16.57
CA ALA S 99 -2.40 -37.18 17.28
C ALA S 99 -3.91 -37.42 17.28
N ILE S 100 -4.44 -37.91 16.17
CA ILE S 100 -5.87 -38.22 16.11
C ILE S 100 -6.19 -39.39 17.03
N ILE S 101 -5.42 -40.47 16.94
CA ILE S 101 -5.68 -41.65 17.75
C ILE S 101 -5.60 -41.31 19.23
N LEU S 102 -4.61 -40.52 19.63
CA LEU S 102 -4.45 -40.18 21.05
C LEU S 102 -5.56 -39.28 21.54
N THR S 103 -5.96 -38.25 20.78
CA THR S 103 -7.04 -37.40 21.24
C THR S 103 -8.35 -38.17 21.35
N ARG S 104 -8.63 -39.06 20.38
CA ARG S 104 -9.85 -39.84 20.44
C ARG S 104 -9.84 -40.80 21.62
N SER S 105 -8.74 -41.54 21.80
CA SER S 105 -8.67 -42.49 22.90
C SER S 105 -8.76 -41.79 24.26
N ASN S 106 -8.15 -40.61 24.38
CA ASN S 106 -8.29 -39.86 25.61
C ASN S 106 -9.74 -39.45 25.87
N GLN S 107 -10.43 -39.00 24.82
CA GLN S 107 -11.84 -38.67 25.00
C GLN S 107 -12.64 -39.89 25.46
N VAL S 108 -12.45 -41.02 24.79
CA VAL S 108 -13.20 -42.23 25.11
C VAL S 108 -12.92 -42.69 26.55
N ALA S 109 -11.67 -42.60 26.98
CA ALA S 109 -11.29 -43.12 28.30
C ALA S 109 -12.14 -42.56 29.44
N MET S 110 -12.70 -41.37 29.30
CA MET S 110 -13.53 -40.81 30.37
C MET S 110 -14.79 -41.63 30.62
N TYR S 111 -15.34 -42.27 29.58
CA TYR S 111 -16.57 -43.03 29.71
C TYR S 111 -16.38 -44.45 30.23
N CYS S 112 -15.13 -44.92 30.33
CA CYS S 112 -14.87 -46.31 30.66
C CYS S 112 -15.37 -46.72 32.05
N GLN S 113 -15.33 -45.83 33.03
CA GLN S 113 -15.82 -46.18 34.36
C GLN S 113 -17.34 -46.35 34.39
N PRO S 114 -17.86 -47.19 35.29
CA PRO S 114 -19.32 -47.26 35.49
C PRO S 114 -19.88 -45.94 35.96
N ALA S 115 -21.00 -45.54 35.36
CA ALA S 115 -21.72 -44.36 35.85
C ALA S 115 -22.25 -44.59 37.26
N ARG S 116 -22.71 -45.81 37.55
CA ARG S 116 -23.22 -46.17 38.87
C ARG S 116 -22.37 -45.64 40.02
N TYR S 117 -21.06 -45.77 39.92
CA TYR S 117 -20.13 -45.37 40.97
C TYR S 117 -19.59 -43.96 40.78
N SER S 118 -19.95 -43.29 39.70
CA SER S 118 -19.38 -42.00 39.33
C SER S 118 -20.45 -40.95 39.64
N GLU S 119 -20.18 -40.13 40.67
CA GLU S 119 -21.23 -39.28 41.21
C GLU S 119 -21.73 -38.27 40.18
N LYS S 120 -20.88 -37.87 39.24
CA LYS S 120 -21.35 -37.03 38.16
C LYS S 120 -22.19 -37.79 37.14
N GLY S 121 -22.35 -39.11 37.31
CA GLY S 121 -23.14 -39.91 36.39
C GLY S 121 -22.48 -40.21 35.06
N LEU S 122 -21.28 -39.71 34.82
CA LEU S 122 -20.60 -39.95 33.55
C LEU S 122 -19.92 -41.31 33.57
N GLY S 123 -20.13 -42.07 32.51
CA GLY S 123 -19.53 -43.37 32.39
C GLY S 123 -20.39 -44.26 31.50
N PHE S 124 -20.41 -45.54 31.84
CA PHE S 124 -21.32 -46.50 31.25
C PHE S 124 -22.20 -47.12 32.33
N GLU S 125 -23.32 -47.69 31.89
CA GLU S 125 -24.18 -48.49 32.75
C GLU S 125 -24.70 -49.69 31.97
N VAL S 126 -24.97 -50.77 32.70
CA VAL S 126 -25.76 -51.89 32.20
C VAL S 126 -27.18 -51.76 32.72
N ARG S 127 -28.14 -51.87 31.82
CA ARG S 127 -29.53 -51.46 32.07
C ARG S 127 -30.44 -52.53 31.50
N LEU S 128 -31.67 -52.60 32.03
CA LEU S 128 -32.72 -53.33 31.34
C LEU S 128 -33.07 -52.65 30.03
N ARG S 129 -33.49 -53.46 29.06
CA ARG S 129 -33.84 -52.95 27.75
C ARG S 129 -35.02 -51.99 27.84
N ASP S 130 -36.16 -52.47 28.35
CA ASP S 130 -37.33 -51.61 28.48
C ASP S 130 -37.07 -50.54 29.54
N LEU S 131 -37.31 -49.29 29.16
CA LEU S 131 -37.29 -48.19 30.13
C LEU S 131 -38.46 -48.28 31.10
N ASP S 132 -39.54 -48.96 30.72
CA ASP S 132 -40.73 -49.05 31.56
C ASP S 132 -40.63 -50.10 32.65
N ALA S 133 -39.70 -51.04 32.54
CA ALA S 133 -39.61 -52.12 33.52
C ALA S 133 -38.99 -51.60 34.80
N GLU S 134 -39.38 -52.22 35.91
CA GLU S 134 -38.72 -52.02 37.20
C GLU S 134 -37.92 -53.26 37.54
N PRO S 135 -36.62 -53.17 37.79
CA PRO S 135 -35.81 -54.39 37.92
C PRO S 135 -36.12 -55.15 39.20
N GLY S 136 -36.14 -56.47 39.08
CA GLY S 136 -36.33 -57.31 40.25
C GLY S 136 -35.08 -57.32 41.11
N ARG S 137 -35.25 -57.88 42.32
CA ARG S 137 -34.15 -57.88 43.29
C ARG S 137 -32.92 -58.60 42.75
N LYS S 138 -33.14 -59.71 42.04
CA LYS S 138 -32.01 -60.45 41.49
C LYS S 138 -31.46 -59.81 40.23
N GLU S 139 -32.30 -59.14 39.44
CA GLU S 139 -31.82 -58.50 38.23
C GLU S 139 -30.84 -57.38 38.54
N LYS S 140 -31.12 -56.57 39.57
CA LYS S 140 -30.19 -55.51 39.94
C LYS S 140 -28.81 -56.06 40.29
N GLU S 141 -28.78 -57.21 40.97
CA GLU S 141 -27.49 -57.80 41.32
C GLU S 141 -26.81 -58.40 40.10
N GLU S 142 -27.59 -59.02 39.20
CA GLU S 142 -26.99 -59.55 37.99
C GLU S 142 -26.38 -58.44 37.14
N MET S 143 -27.08 -57.31 37.02
CA MET S 143 -26.52 -56.17 36.31
C MET S 143 -25.26 -55.64 36.97
N LYS S 144 -25.24 -55.58 38.31
CA LYS S 144 -24.03 -55.15 38.99
C LYS S 144 -22.88 -56.13 38.74
N ARG S 145 -23.17 -57.42 38.72
CA ARG S 145 -22.14 -58.41 38.42
C ARG S 145 -21.59 -58.24 37.02
N ILE S 146 -22.47 -57.99 36.05
CA ILE S 146 -22.02 -57.81 34.67
C ILE S 146 -21.15 -56.56 34.55
N GLU S 147 -21.57 -55.46 35.19
CA GLU S 147 -20.75 -54.26 35.24
C GLU S 147 -19.37 -54.55 35.80
N ASP S 148 -19.31 -55.19 36.96
CA ASP S 148 -18.02 -55.53 37.57
C ASP S 148 -17.17 -56.39 36.64
N PHE S 149 -17.78 -57.41 36.03
CA PHE S 149 -17.08 -58.24 35.06
C PHE S 149 -16.47 -57.41 33.93
N ILE S 150 -17.25 -56.50 33.36
CA ILE S 150 -16.72 -55.64 32.30
C ILE S 150 -15.54 -54.81 32.79
N VAL S 151 -15.73 -54.10 33.91
CA VAL S 151 -14.66 -53.31 34.51
C VAL S 151 -13.38 -54.15 34.64
N ASN S 152 -13.50 -55.32 35.26
CA ASN S 152 -12.36 -56.21 35.42
C ASN S 152 -11.93 -56.88 34.13
N THR S 153 -12.71 -56.74 33.06
CA THR S 153 -12.43 -57.37 31.77
C THR S 153 -12.45 -58.89 31.88
N GLY S 154 -13.10 -59.41 32.91
CA GLY S 154 -13.05 -60.84 33.19
C GLY S 154 -13.64 -61.14 34.53
N LYS S 155 -13.82 -62.43 34.79
CA LYS S 155 -14.57 -62.86 35.97
C LYS S 155 -13.81 -62.52 37.24
N ASP S 156 -12.58 -62.99 37.36
CA ASP S 156 -11.72 -62.68 38.49
C ASP S 156 -10.96 -61.37 38.27
N LYS S 157 -10.56 -60.76 39.38
CA LYS S 157 -9.58 -59.69 39.35
C LYS S 157 -8.19 -60.23 39.03
N ASP S 158 -7.49 -59.55 38.13
CA ASP S 158 -6.12 -59.93 37.77
C ASP S 158 -5.40 -58.68 37.28
N VAL S 159 -4.43 -58.23 38.06
CA VAL S 159 -3.64 -57.05 37.72
C VAL S 159 -2.88 -57.22 36.42
N ASP S 160 -2.63 -58.46 35.98
CA ASP S 160 -1.96 -58.69 34.71
C ASP S 160 -2.86 -58.49 33.51
N ARG S 161 -4.17 -58.47 33.69
CA ARG S 161 -5.09 -58.28 32.59
C ARG S 161 -5.34 -56.80 32.34
N ASP S 162 -5.58 -56.47 31.07
CA ASP S 162 -6.06 -55.15 30.69
C ASP S 162 -7.30 -54.77 31.50
N SER S 163 -7.34 -53.51 31.94
CA SER S 163 -8.60 -52.89 32.30
C SER S 163 -9.42 -52.60 31.05
N PHE S 164 -10.70 -52.32 31.27
CA PHE S 164 -11.55 -51.87 30.17
C PHE S 164 -11.00 -50.65 29.47
N GLN S 165 -10.37 -49.73 30.22
CA GLN S 165 -9.75 -48.56 29.61
C GLN S 165 -8.69 -48.96 28.58
N THR S 166 -7.80 -49.87 28.96
CA THR S 166 -6.77 -50.32 28.03
C THR S 166 -7.37 -51.01 26.82
N PHE S 167 -8.42 -51.81 27.04
CA PHE S 167 -9.12 -52.47 25.94
C PHE S 167 -9.68 -51.45 24.95
N CYS S 168 -10.37 -50.44 25.47
CA CYS S 168 -10.95 -49.43 24.59
C CYS S 168 -9.88 -48.67 23.83
N LYS S 169 -8.81 -48.25 24.51
CA LYS S 169 -7.72 -47.57 23.81
C LYS S 169 -7.14 -48.44 22.69
N LYS S 170 -6.94 -49.73 22.97
CA LYS S 170 -6.48 -50.66 21.95
C LYS S 170 -7.40 -50.69 20.74
N ILE S 171 -8.69 -50.98 20.98
CA ILE S 171 -9.58 -51.14 19.82
C ILE S 171 -9.79 -49.82 19.09
N VAL S 172 -9.67 -48.70 19.77
CA VAL S 172 -9.71 -47.41 19.09
C VAL S 172 -8.55 -47.28 18.12
N ARG S 173 -7.33 -47.53 18.61
CA ARG S 173 -6.16 -47.51 17.74
C ARG S 173 -6.35 -48.45 16.56
N ASP S 174 -6.87 -49.65 16.82
CA ASP S 174 -7.07 -50.62 15.74
C ASP S 174 -8.10 -50.14 14.72
N THR S 175 -9.19 -49.52 15.17
CA THR S 175 -10.17 -48.98 14.22
C THR S 175 -9.53 -47.93 13.32
N TYR S 176 -8.80 -47.00 13.92
CA TYR S 176 -8.32 -45.87 13.12
C TYR S 176 -7.06 -46.17 12.32
N ILE S 177 -6.35 -47.26 12.61
CA ILE S 177 -5.28 -47.68 11.70
C ILE S 177 -5.86 -48.64 10.65
N TYR S 178 -6.48 -49.73 11.10
CA TYR S 178 -6.86 -50.82 10.22
C TYR S 178 -8.32 -50.80 9.80
N ASP S 179 -9.18 -50.09 10.55
CA ASP S 179 -10.61 -50.34 10.51
C ASP S 179 -10.94 -51.83 10.65
N GLN S 180 -10.34 -52.46 11.65
CA GLN S 180 -10.69 -53.84 12.00
C GLN S 180 -10.39 -54.05 13.48
N VAL S 181 -11.41 -54.43 14.24
CA VAL S 181 -11.26 -54.79 15.65
C VAL S 181 -11.55 -56.27 15.81
N ASN S 182 -10.70 -56.95 16.55
CA ASN S 182 -10.93 -58.34 16.94
C ASN S 182 -10.60 -58.51 18.43
N PHE S 183 -11.44 -59.24 19.15
CA PHE S 183 -11.12 -59.72 20.48
C PHE S 183 -11.61 -61.15 20.64
N GLU S 184 -10.78 -61.99 21.27
CA GLU S 184 -11.16 -63.36 21.56
C GLU S 184 -11.95 -63.46 22.86
N LYS S 185 -12.96 -64.32 22.85
CA LYS S 185 -13.72 -64.69 24.04
C LYS S 185 -13.27 -66.08 24.50
N VAL S 186 -12.78 -66.19 25.73
CA VAL S 186 -12.30 -67.45 26.29
C VAL S 186 -13.34 -67.96 27.29
N PHE S 187 -13.88 -69.14 27.00
CA PHE S 187 -14.85 -69.82 27.86
C PHE S 187 -14.19 -70.79 28.83
N ASN S 188 -14.86 -71.00 29.97
CA ASN S 188 -14.44 -72.01 30.93
C ASN S 188 -14.31 -73.38 30.28
N LYS S 189 -13.22 -74.09 30.63
CA LYS S 189 -12.94 -75.38 30.03
C LYS S 189 -13.98 -76.43 30.45
N ASN S 190 -14.44 -76.40 31.71
CA ASN S 190 -15.43 -77.37 32.16
C ASN S 190 -16.82 -77.05 31.63
N ASN S 191 -17.16 -75.77 31.52
CA ASN S 191 -18.48 -75.33 31.08
C ASN S 191 -18.30 -74.33 29.95
N LYS S 192 -18.52 -74.80 28.71
CA LYS S 192 -18.31 -73.97 27.53
C LYS S 192 -19.27 -72.80 27.47
N THR S 193 -20.38 -72.84 28.22
CA THR S 193 -21.37 -71.77 28.20
C THR S 193 -20.96 -70.57 29.05
N LYS S 194 -19.95 -70.70 29.90
CA LYS S 194 -19.59 -69.64 30.84
C LYS S 194 -18.40 -68.86 30.30
N LEU S 195 -18.61 -67.57 30.07
CA LEU S 195 -17.53 -66.67 29.66
C LEU S 195 -16.60 -66.37 30.83
N GLU S 196 -15.30 -66.43 30.58
CA GLU S 196 -14.29 -66.10 31.59
C GLU S 196 -13.50 -64.84 31.29
N LYS S 197 -13.11 -64.61 30.03
CA LYS S 197 -12.28 -63.47 29.69
C LYS S 197 -12.66 -63.00 28.29
N PHE S 198 -12.37 -61.73 28.02
CA PHE S 198 -12.24 -61.26 26.66
C PHE S 198 -10.97 -60.43 26.52
N ILE S 199 -10.22 -60.67 25.45
CA ILE S 199 -8.92 -60.05 25.23
C ILE S 199 -8.87 -59.57 23.78
N ALA S 200 -8.40 -58.35 23.58
CA ALA S 200 -8.18 -57.82 22.25
C ALA S 200 -7.03 -58.53 21.54
N VAL S 201 -7.19 -58.76 20.25
CA VAL S 201 -6.24 -59.53 19.45
C VAL S 201 -5.78 -58.67 18.29
N ASP S 202 -4.52 -58.88 17.88
CA ASP S 202 -3.89 -58.11 16.81
C ASP S 202 -4.65 -58.32 15.49
N PRO S 203 -5.35 -57.32 14.97
CA PRO S 203 -6.16 -57.55 13.76
C PRO S 203 -5.36 -57.93 12.53
N SER S 204 -4.09 -57.52 12.45
CA SER S 204 -3.27 -57.85 11.27
C SER S 204 -3.01 -59.34 11.13
N THR S 205 -3.26 -60.14 12.16
CA THR S 205 -3.03 -61.57 12.11
C THR S 205 -4.30 -62.37 11.81
N ILE S 206 -5.47 -61.73 11.76
CA ILE S 206 -6.75 -62.43 11.67
C ILE S 206 -7.26 -62.34 10.25
N PHE S 207 -7.64 -63.49 9.69
CA PHE S 207 -8.15 -63.62 8.33
C PHE S 207 -9.40 -64.49 8.33
N TYR S 208 -10.26 -64.27 7.35
CA TYR S 208 -11.37 -65.19 7.11
C TYR S 208 -10.85 -66.54 6.63
N ALA S 209 -11.37 -67.61 7.25
CA ALA S 209 -11.06 -68.96 6.82
C ALA S 209 -11.91 -69.31 5.62
N THR S 210 -11.32 -70.05 4.67
CA THR S 210 -11.97 -70.38 3.41
C THR S 210 -12.02 -71.89 3.22
N ASP S 211 -13.17 -72.37 2.75
CA ASP S 211 -13.34 -73.75 2.35
C ASP S 211 -12.41 -74.08 1.18
N LYS S 212 -12.20 -75.38 0.96
CA LYS S 212 -11.42 -75.83 -0.19
C LYS S 212 -11.97 -75.29 -1.50
N LYS S 213 -13.28 -75.08 -1.58
CA LYS S 213 -13.91 -74.42 -2.71
C LYS S 213 -13.76 -72.91 -2.68
N GLY S 214 -12.86 -72.37 -1.86
CA GLY S 214 -12.64 -70.94 -1.82
C GLY S 214 -13.75 -70.15 -1.17
N LYS S 215 -14.78 -70.79 -0.66
CA LYS S 215 -15.88 -70.10 0.01
C LYS S 215 -15.51 -69.90 1.47
N ILE S 216 -15.91 -68.76 2.02
CA ILE S 216 -15.69 -68.51 3.44
C ILE S 216 -16.53 -69.47 4.27
N ILE S 217 -15.89 -70.06 5.29
CA ILE S 217 -16.55 -71.04 6.14
C ILE S 217 -17.58 -70.35 7.02
N LYS S 218 -18.76 -70.98 7.12
CA LYS S 218 -19.77 -70.58 8.09
C LYS S 218 -20.14 -71.80 8.94
N GLY S 219 -20.41 -71.54 10.21
CA GLY S 219 -20.79 -72.60 11.14
C GLY S 219 -19.61 -73.35 11.73
N GLY S 220 -18.54 -73.50 10.96
CA GLY S 220 -17.30 -74.07 11.46
C GLY S 220 -16.32 -73.06 12.03
N LYS S 221 -15.03 -73.31 11.79
CA LYS S 221 -13.94 -72.44 12.21
C LYS S 221 -13.86 -71.26 11.24
N ARG S 222 -14.72 -70.27 11.49
CA ARG S 222 -14.85 -69.15 10.57
C ARG S 222 -13.58 -68.32 10.45
N PHE S 223 -12.75 -68.28 11.47
CA PHE S 223 -11.58 -67.41 11.49
C PHE S 223 -10.31 -68.19 11.76
N VAL S 224 -9.20 -67.71 11.18
CA VAL S 224 -7.87 -68.21 11.47
C VAL S 224 -6.97 -67.05 11.84
N GLN S 225 -6.00 -67.32 12.71
CA GLN S 225 -4.87 -66.43 12.96
C GLN S 225 -3.67 -66.92 12.19
N VAL S 226 -3.05 -66.01 11.42
CA VAL S 226 -1.94 -66.36 10.54
C VAL S 226 -0.71 -65.61 11.01
N VAL S 227 0.37 -66.35 11.26
CA VAL S 227 1.67 -65.80 11.63
C VAL S 227 2.72 -66.48 10.76
N ASP S 228 3.62 -65.68 10.20
CA ASP S 228 4.64 -66.17 9.26
C ASP S 228 4.01 -66.94 8.10
N LYS S 229 2.81 -66.52 7.68
CA LYS S 229 2.07 -67.18 6.61
C LYS S 229 1.86 -68.67 6.89
N ARG S 230 1.70 -69.06 8.15
CA ARG S 230 1.11 -70.33 8.52
C ARG S 230 0.03 -70.13 9.55
N VAL S 231 -0.99 -70.99 9.50
CA VAL S 231 -2.10 -70.92 10.45
C VAL S 231 -1.61 -71.41 11.81
N VAL S 232 -1.67 -70.54 12.80
CA VAL S 232 -1.27 -70.88 14.17
C VAL S 232 -2.46 -71.12 15.09
N ALA S 233 -3.66 -70.69 14.70
CA ALA S 233 -4.86 -70.90 15.52
C ALA S 233 -6.08 -70.80 14.62
N SER S 234 -7.21 -71.24 15.14
CA SER S 234 -8.49 -71.10 14.46
C SER S 234 -9.59 -70.83 15.47
N PHE S 235 -10.67 -70.23 15.00
CA PHE S 235 -11.74 -69.76 15.87
C PHE S 235 -13.07 -69.91 15.16
N THR S 236 -14.12 -70.16 15.94
CA THR S 236 -15.49 -70.01 15.48
C THR S 236 -15.96 -68.57 15.64
N SER S 237 -17.10 -68.28 15.03
CA SER S 237 -17.80 -67.02 15.29
C SER S 237 -18.09 -66.81 16.77
N ARG S 238 -18.27 -67.90 17.52
CA ARG S 238 -18.50 -67.79 18.96
C ARG S 238 -17.28 -67.26 19.70
N GLU S 239 -16.08 -67.59 19.24
CA GLU S 239 -14.87 -67.30 19.99
C GLU S 239 -14.22 -65.97 19.64
N LEU S 240 -14.49 -65.42 18.45
CA LEU S 240 -13.85 -64.17 18.03
C LEU S 240 -14.87 -63.22 17.43
N ALA S 241 -14.86 -61.98 17.91
CA ALA S 241 -15.58 -60.88 17.28
C ALA S 241 -14.79 -60.29 16.12
N MET S 242 -15.51 -59.79 15.11
CA MET S 242 -14.97 -58.86 14.14
C MET S 242 -15.89 -57.64 14.02
N GLY S 243 -15.29 -56.46 14.08
CA GLY S 243 -16.03 -55.21 13.91
C GLY S 243 -15.44 -54.38 12.79
N ILE S 244 -16.32 -53.82 11.96
CA ILE S 244 -15.91 -53.03 10.80
C ILE S 244 -16.77 -51.77 10.74
N ARG S 245 -16.14 -50.63 10.51
CA ARG S 245 -16.84 -49.35 10.45
C ARG S 245 -17.14 -48.88 9.04
N ASN S 246 -16.36 -49.31 8.04
CA ASN S 246 -16.49 -48.85 6.66
C ASN S 246 -16.75 -50.05 5.75
N PRO S 247 -17.94 -50.64 5.84
CA PRO S 247 -18.24 -51.83 5.04
C PRO S 247 -18.39 -51.49 3.58
N ARG S 248 -18.30 -52.52 2.74
CA ARG S 248 -18.48 -52.37 1.30
C ARG S 248 -19.33 -53.52 0.79
N THR S 249 -20.19 -53.23 -0.19
CA THR S 249 -20.87 -54.31 -0.92
C THR S 249 -19.98 -54.91 -1.99
N GLU S 250 -18.99 -54.16 -2.48
CA GLU S 250 -18.08 -54.60 -3.53
C GLU S 250 -17.62 -56.03 -3.30
N LEU S 251 -17.88 -56.90 -4.30
CA LEU S 251 -17.60 -58.32 -4.15
C LEU S 251 -16.15 -58.59 -3.76
N SER S 252 -15.20 -57.91 -4.42
CA SER S 252 -13.80 -58.15 -4.12
C SER S 252 -13.36 -57.60 -2.77
N SER S 253 -14.17 -56.76 -2.12
CA SER S 253 -13.84 -56.34 -0.77
C SER S 253 -13.84 -57.49 0.22
N SER S 254 -14.49 -58.60 -0.12
CA SER S 254 -14.38 -59.86 0.61
C SER S 254 -14.75 -59.72 2.09
N GLY S 255 -15.60 -58.75 2.43
CA GLY S 255 -16.03 -58.59 3.80
C GLY S 255 -15.09 -57.83 4.71
N TYR S 256 -13.94 -57.39 4.20
CA TYR S 256 -13.00 -56.62 4.99
C TYR S 256 -13.38 -55.14 5.03
N GLY S 257 -12.79 -54.41 5.97
CA GLY S 257 -13.06 -53.01 6.14
C GLY S 257 -12.35 -52.15 5.11
N LEU S 258 -12.26 -50.86 5.41
CA LEU S 258 -11.63 -49.91 4.51
C LEU S 258 -10.99 -48.80 5.35
N SER S 259 -9.67 -48.82 5.45
CA SER S 259 -8.97 -47.82 6.25
C SER S 259 -8.91 -46.49 5.50
N GLU S 260 -9.15 -45.41 6.23
CA GLU S 260 -8.88 -44.08 5.71
C GLU S 260 -7.41 -43.87 5.38
N VAL S 261 -6.51 -44.64 5.99
CA VAL S 261 -5.10 -44.55 5.61
C VAL S 261 -4.91 -45.01 4.17
N GLU S 262 -5.66 -46.02 3.74
CA GLU S 262 -5.60 -46.42 2.34
C GLU S 262 -6.11 -45.30 1.45
N ILE S 263 -7.26 -44.72 1.80
CA ILE S 263 -7.84 -43.65 0.99
C ILE S 263 -6.91 -42.45 0.96
N ALA S 264 -6.41 -42.05 2.13
CA ALA S 264 -5.61 -40.86 2.29
C ALA S 264 -4.12 -41.06 1.99
N MET S 265 -3.72 -42.22 1.46
CA MET S 265 -2.31 -42.57 1.41
C MET S 265 -1.50 -41.56 0.61
N LYS S 266 -2.03 -41.10 -0.54
CA LYS S 266 -1.38 -40.05 -1.30
C LYS S 266 -1.12 -38.81 -0.46
N GLU S 267 -2.13 -38.38 0.30
CA GLU S 267 -1.96 -37.23 1.17
C GLU S 267 -0.87 -37.46 2.22
N PHE S 268 -0.84 -38.65 2.82
CA PHE S 268 0.21 -38.93 3.79
C PHE S 268 1.60 -38.89 3.15
N ILE S 269 1.73 -39.43 1.93
CA ILE S 269 3.01 -39.38 1.24
C ILE S 269 3.41 -37.95 0.94
N ALA S 270 2.48 -37.16 0.39
CA ALA S 270 2.76 -35.75 0.12
C ALA S 270 3.18 -35.00 1.38
N TYR S 271 2.46 -35.21 2.49
CA TYR S 271 2.86 -34.65 3.77
C TYR S 271 4.29 -35.01 4.13
N ASN S 272 4.60 -36.32 4.16
CA ASN S 272 5.95 -36.77 4.46
C ASN S 272 6.99 -36.09 3.56
N ASN S 273 6.71 -36.02 2.26
CA ASN S 273 7.65 -35.41 1.33
C ASN S 273 7.87 -33.93 1.65
N THR S 274 6.80 -33.19 1.91
CA THR S 274 6.95 -31.77 2.20
C THR S 274 7.67 -31.54 3.53
N GLU S 275 7.44 -32.42 4.50
CA GLU S 275 8.17 -32.34 5.76
C GLU S 275 9.66 -32.59 5.55
N SER S 276 10.00 -33.66 4.82
CA SER S 276 11.39 -33.92 4.52
C SER S 276 12.03 -32.77 3.75
N PHE S 277 11.31 -32.22 2.77
CA PHE S 277 11.81 -31.08 2.02
C PHE S 277 12.15 -29.92 2.94
N ASN S 278 11.24 -29.55 3.83
CA ASN S 278 11.51 -28.42 4.72
C ASN S 278 12.64 -28.73 5.71
N ASP S 279 12.72 -29.96 6.19
CA ASP S 279 13.80 -30.33 7.11
C ASP S 279 15.17 -30.37 6.45
N ARG S 280 15.24 -30.80 5.19
CA ARG S 280 16.53 -30.97 4.54
C ARG S 280 17.29 -29.68 4.29
N PHE S 281 16.66 -28.52 4.46
CA PHE S 281 17.40 -27.26 4.46
C PHE S 281 18.55 -27.30 5.45
N PHE S 282 18.28 -27.75 6.68
CA PHE S 282 19.34 -27.87 7.68
C PHE S 282 20.14 -29.15 7.48
N SER S 283 19.46 -30.29 7.37
CA SER S 283 20.13 -31.58 7.39
C SER S 283 21.10 -31.72 6.22
N HIS S 284 20.73 -31.24 5.04
CA HIS S 284 21.48 -31.49 3.83
C HIS S 284 21.75 -30.25 3.01
N GLY S 285 21.13 -29.12 3.31
CA GLY S 285 21.16 -28.00 2.40
C GLY S 285 22.44 -27.20 2.49
N GLY S 286 22.65 -26.36 1.48
CA GLY S 286 23.53 -25.22 1.59
C GLY S 286 22.84 -23.99 2.14
N THR S 287 23.14 -23.62 3.37
CA THR S 287 22.63 -22.38 3.94
C THR S 287 23.46 -21.17 3.55
N THR S 288 24.54 -21.37 2.80
CA THR S 288 25.50 -20.31 2.50
C THR S 288 24.82 -19.09 1.90
N ARG S 289 24.97 -17.95 2.58
CA ARG S 289 24.30 -16.73 2.14
C ARG S 289 24.73 -16.31 0.74
N GLY S 290 26.01 -16.43 0.42
CA GLY S 290 26.51 -15.87 -0.81
C GLY S 290 28.01 -16.06 -0.92
N ILE S 291 28.56 -15.61 -2.03
CA ILE S 291 29.99 -15.69 -2.31
C ILE S 291 30.58 -14.29 -2.27
N LEU S 292 31.66 -14.13 -1.52
CA LEU S 292 32.47 -12.91 -1.53
C LEU S 292 33.52 -13.03 -2.64
N GLN S 293 33.29 -12.36 -3.75
CA GLN S 293 34.27 -12.33 -4.84
C GLN S 293 35.28 -11.21 -4.63
N ILE S 294 36.54 -11.58 -4.42
CA ILE S 294 37.68 -10.67 -4.46
C ILE S 294 38.47 -11.00 -5.72
N ARG S 295 38.91 -9.97 -6.44
CA ARG S 295 39.58 -10.17 -7.72
C ARG S 295 40.81 -9.28 -7.85
N SER S 296 41.87 -9.88 -8.36
CA SER S 296 43.11 -9.19 -8.70
C SER S 296 43.75 -9.91 -9.87
N ASP S 297 44.90 -9.41 -10.31
CA ASP S 297 45.57 -9.95 -11.49
C ASP S 297 45.75 -11.46 -11.42
N GLN S 298 45.97 -12.01 -10.23
CA GLN S 298 46.02 -13.46 -10.07
C GLN S 298 45.51 -13.83 -8.69
N GLN S 299 44.94 -15.02 -8.58
CA GLN S 299 44.48 -15.53 -7.29
C GLN S 299 45.64 -15.62 -6.30
N GLN S 300 45.31 -15.35 -5.04
CA GLN S 300 46.26 -15.51 -3.94
C GLN S 300 46.67 -16.97 -3.78
N SER S 301 47.91 -17.17 -3.36
CA SER S 301 48.36 -18.47 -2.91
C SER S 301 47.52 -18.96 -1.74
N GLN S 302 47.54 -20.28 -1.53
CA GLN S 302 46.80 -20.87 -0.42
C GLN S 302 47.30 -20.37 0.92
N HIS S 303 48.61 -20.21 1.06
CA HIS S 303 49.17 -19.68 2.30
C HIS S 303 48.67 -18.27 2.58
N ALA S 304 48.77 -17.39 1.58
CA ALA S 304 48.26 -16.03 1.71
C ALA S 304 46.80 -16.02 2.09
N LEU S 305 46.00 -16.87 1.43
CA LEU S 305 44.57 -16.90 1.70
C LEU S 305 44.26 -17.42 3.10
N GLU S 306 45.03 -18.38 3.59
CA GLU S 306 44.79 -18.89 4.93
C GLU S 306 45.21 -17.91 6.02
N ASN S 307 46.27 -17.13 5.80
CA ASN S 307 46.56 -16.11 6.79
C ASN S 307 45.68 -14.88 6.64
N PHE S 308 45.06 -14.69 5.47
CA PHE S 308 43.98 -13.72 5.35
C PHE S 308 42.75 -14.17 6.13
N LYS S 309 42.44 -15.47 6.09
CA LYS S 309 41.40 -16.01 6.97
C LYS S 309 41.74 -15.81 8.44
N ARG S 310 43.02 -15.91 8.79
CA ARG S 310 43.39 -15.68 10.18
C ARG S 310 43.25 -14.21 10.58
N GLU S 311 43.69 -13.28 9.74
CA GLU S 311 43.41 -11.87 10.00
C GLU S 311 41.91 -11.63 10.16
N TRP S 312 41.11 -12.28 9.32
CA TRP S 312 39.68 -12.09 9.37
C TRP S 312 39.13 -12.54 10.70
N LYS S 313 39.35 -13.80 11.06
CA LYS S 313 38.73 -14.31 12.28
C LYS S 313 39.28 -13.60 13.51
N SER S 314 40.58 -13.31 13.54
CA SER S 314 41.14 -12.59 14.67
C SER S 314 40.66 -11.15 14.77
N SER S 315 40.05 -10.57 13.72
CA SER S 315 39.62 -9.19 13.78
C SER S 315 38.11 -8.97 13.78
N LEU S 316 37.31 -9.92 13.28
CA LEU S 316 35.91 -9.66 12.96
C LEU S 316 34.92 -10.68 13.48
N SER S 317 35.35 -11.82 14.00
CA SER S 317 34.42 -12.89 14.32
C SER S 317 33.78 -12.69 15.69
N GLY S 318 32.58 -13.25 15.83
CA GLY S 318 31.84 -13.28 17.07
C GLY S 318 31.40 -11.92 17.57
N ILE S 319 31.08 -11.90 18.87
CA ILE S 319 30.78 -10.65 19.56
C ILE S 319 31.98 -9.73 19.57
N ASN S 320 33.18 -10.29 19.71
CA ASN S 320 34.38 -9.48 19.84
C ASN S 320 34.58 -8.56 18.63
N GLY S 321 34.40 -9.10 17.43
CA GLY S 321 34.55 -8.33 16.21
C GLY S 321 33.20 -8.01 15.61
N SER S 322 32.20 -7.84 16.46
CA SER S 322 30.83 -7.70 15.98
C SER S 322 30.63 -6.50 15.06
N TRP S 323 31.05 -5.31 15.49
CA TRP S 323 30.73 -4.08 14.73
C TRP S 323 31.89 -3.53 13.91
N GLN S 324 33.04 -4.18 13.86
CA GLN S 324 34.11 -3.71 12.98
C GLN S 324 33.81 -4.01 11.52
N ILE S 325 34.34 -3.16 10.65
CA ILE S 325 34.25 -3.33 9.20
C ILE S 325 35.66 -3.50 8.64
N PRO S 326 35.93 -4.53 7.84
CA PRO S 326 37.23 -4.62 7.17
C PRO S 326 37.41 -3.59 6.06
N VAL S 327 38.63 -3.07 5.95
CA VAL S 327 39.07 -2.33 4.78
C VAL S 327 39.89 -3.27 3.91
N VAL S 328 39.55 -3.32 2.62
CA VAL S 328 40.23 -4.18 1.64
C VAL S 328 40.46 -3.35 0.39
N MET S 329 41.63 -3.56 -0.24
CA MET S 329 42.06 -2.73 -1.36
C MET S 329 42.22 -3.53 -2.65
N ALA S 330 41.44 -4.60 -2.80
CA ALA S 330 41.38 -5.36 -4.03
C ALA S 330 40.93 -4.46 -5.19
N ASP S 331 41.23 -4.92 -6.42
CA ASP S 331 40.83 -4.16 -7.60
C ASP S 331 39.32 -4.00 -7.69
N ASP S 332 38.58 -5.07 -7.40
CA ASP S 332 37.13 -4.98 -7.27
C ASP S 332 36.64 -6.06 -6.32
N ILE S 333 35.57 -5.75 -5.60
CA ILE S 333 34.97 -6.64 -4.63
C ILE S 333 33.48 -6.70 -4.89
N LYS S 334 32.94 -7.91 -4.93
CA LYS S 334 31.52 -8.14 -5.19
C LYS S 334 31.03 -9.25 -4.28
N PHE S 335 29.76 -9.16 -3.89
CA PHE S 335 29.11 -10.20 -3.10
C PHE S 335 27.88 -10.71 -3.86
N VAL S 336 27.84 -12.01 -4.13
CA VAL S 336 26.78 -12.62 -4.92
C VAL S 336 25.79 -13.26 -3.94
N ASN S 337 24.53 -12.83 -4.00
CA ASN S 337 23.50 -13.35 -3.13
C ASN S 337 22.95 -14.66 -3.70
N MET S 338 23.01 -15.73 -2.92
CA MET S 338 22.56 -17.04 -3.34
C MET S 338 21.28 -17.50 -2.66
N THR S 339 20.85 -16.87 -1.57
CA THR S 339 19.62 -17.21 -0.90
C THR S 339 18.81 -15.95 -0.59
N PRO S 340 17.52 -16.10 -0.30
CA PRO S 340 16.74 -14.96 0.21
C PRO S 340 17.29 -14.46 1.53
N THR S 341 17.20 -13.15 1.74
CA THR S 341 17.64 -12.56 3.00
C THR S 341 16.85 -13.08 4.19
N ALA S 342 15.61 -13.52 3.97
CA ALA S 342 14.74 -13.99 5.06
C ALA S 342 14.09 -15.30 4.64
N ASN S 343 14.60 -16.41 5.18
CA ASN S 343 14.06 -17.74 4.92
C ASN S 343 12.91 -18.06 5.86
N ASP S 344 11.90 -18.75 5.34
CA ASP S 344 10.88 -19.36 6.17
C ASP S 344 10.36 -20.60 5.47
N MET S 345 9.55 -21.37 6.19
CA MET S 345 8.98 -22.59 5.64
C MET S 345 8.21 -22.32 4.36
N GLN S 346 8.17 -23.32 3.49
CA GLN S 346 7.49 -23.26 2.22
C GLN S 346 6.36 -24.29 2.16
N PHE S 347 5.41 -24.05 1.27
CA PHE S 347 4.29 -24.96 1.04
C PHE S 347 3.39 -25.09 2.26
N GLU S 348 3.29 -24.03 3.06
CA GLU S 348 2.44 -24.09 4.24
C GLU S 348 0.97 -24.28 3.85
N LYS S 349 0.52 -23.57 2.83
CA LYS S 349 -0.85 -23.76 2.34
C LYS S 349 -1.08 -25.19 1.90
N TRP S 350 -0.13 -25.75 1.14
CA TRP S 350 -0.22 -27.15 0.72
C TRP S 350 -0.41 -28.08 1.91
N LEU S 351 0.40 -27.88 2.96
CA LEU S 351 0.26 -28.67 4.17
C LEU S 351 -1.13 -28.54 4.78
N ASN S 352 -1.60 -27.30 4.94
CA ASN S 352 -2.92 -27.07 5.51
C ASN S 352 -3.99 -27.81 4.71
N TYR S 353 -3.94 -27.68 3.39
CA TYR S 353 -4.87 -28.36 2.50
C TYR S 353 -4.87 -29.87 2.74
N LEU S 354 -3.69 -30.48 2.67
CA LEU S 354 -3.56 -31.92 2.93
C LEU S 354 -4.17 -32.32 4.27
N ILE S 355 -3.80 -31.62 5.35
CA ILE S 355 -4.28 -32.00 6.66
C ILE S 355 -5.78 -31.76 6.77
N ASN S 356 -6.31 -30.75 6.08
CA ASN S 356 -7.75 -30.54 6.07
C ASN S 356 -8.46 -31.73 5.45
N ILE S 357 -7.96 -32.24 4.33
CA ILE S 357 -8.55 -33.44 3.72
C ILE S 357 -8.50 -34.61 4.70
N ILE S 358 -7.32 -34.89 5.25
CA ILE S 358 -7.20 -36.05 6.14
C ILE S 358 -8.14 -35.91 7.34
N SER S 359 -8.23 -34.71 7.92
CA SER S 359 -9.14 -34.49 9.02
C SER S 359 -10.59 -34.70 8.61
N ALA S 360 -10.96 -34.24 7.41
CA ALA S 360 -12.33 -34.43 6.97
C ALA S 360 -12.65 -35.90 6.79
N LEU S 361 -11.68 -36.67 6.30
CA LEU S 361 -11.89 -38.11 6.18
C LEU S 361 -12.05 -38.77 7.55
N TYR S 362 -11.20 -38.42 8.50
CA TYR S 362 -11.33 -38.96 9.85
C TYR S 362 -12.45 -38.32 10.65
N GLY S 363 -13.04 -37.22 10.17
CA GLY S 363 -14.09 -36.56 10.92
C GLY S 363 -13.58 -35.96 12.21
N ILE S 364 -12.67 -35.01 12.09
CA ILE S 364 -12.13 -34.27 13.23
C ILE S 364 -11.90 -32.83 12.78
N ASP S 365 -12.07 -31.90 13.72
CA ASP S 365 -11.81 -30.51 13.41
C ASP S 365 -10.31 -30.27 13.35
N PRO S 366 -9.77 -29.75 12.24
CA PRO S 366 -8.34 -29.41 12.22
C PRO S 366 -7.88 -28.51 13.35
N ALA S 367 -8.74 -27.59 13.81
CA ALA S 367 -8.32 -26.68 14.87
C ALA S 367 -8.12 -27.40 16.19
N GLU S 368 -8.72 -28.59 16.35
CA GLU S 368 -8.42 -29.41 17.51
C GLU S 368 -6.96 -29.83 17.53
N ILE S 369 -6.34 -29.99 16.36
CA ILE S 369 -4.99 -30.54 16.26
C ILE S 369 -4.06 -29.54 15.60
N GLY S 370 -4.25 -28.26 15.89
CA GLY S 370 -3.23 -27.28 15.59
C GLY S 370 -3.10 -26.87 14.13
N PHE S 371 -4.20 -26.90 13.38
CA PHE S 371 -4.17 -26.42 11.99
C PHE S 371 -5.34 -25.48 11.74
N PRO S 372 -5.15 -24.46 10.88
CA PRO S 372 -6.30 -23.74 10.34
C PRO S 372 -7.26 -24.67 9.59
N ASN S 373 -8.54 -24.43 9.78
CA ASN S 373 -9.59 -25.12 9.03
C ASN S 373 -10.01 -24.19 7.89
N ARG S 374 -9.67 -24.57 6.66
CA ARG S 374 -9.89 -23.68 5.52
C ARG S 374 -11.36 -23.32 5.35
N GLY S 375 -12.25 -24.30 5.53
CA GLY S 375 -13.67 -24.02 5.53
C GLY S 375 -14.14 -23.37 6.81
N GLY S 376 -13.58 -23.81 7.93
CA GLY S 376 -13.95 -23.31 9.24
C GLY S 376 -13.43 -21.93 9.59
N ALA S 377 -13.22 -21.06 8.61
CA ALA S 377 -12.91 -19.68 8.92
C ALA S 377 -14.09 -19.02 9.63
N THR S 378 -13.79 -17.96 10.37
CA THR S 378 -14.81 -17.27 11.16
C THR S 378 -15.54 -18.24 12.07
N GLY S 379 -14.76 -19.10 12.72
CA GLY S 379 -15.32 -20.12 13.58
C GLY S 379 -15.86 -19.56 14.88
N SER S 380 -16.63 -20.41 15.57
CA SER S 380 -17.15 -20.11 16.91
C SER S 380 -17.92 -18.80 16.90
N LYS S 381 -18.68 -18.57 15.83
CA LYS S 381 -19.48 -17.36 15.67
C LYS S 381 -20.38 -17.10 16.88
N ASN S 387 -23.90 -25.26 22.14
CA ASN S 387 -24.73 -24.25 21.52
C ASN S 387 -25.71 -23.65 22.52
N GLU S 388 -26.40 -24.53 23.26
CA GLU S 388 -27.40 -24.11 24.22
C GLU S 388 -27.36 -24.90 25.52
N ALA S 389 -26.49 -25.92 25.63
CA ALA S 389 -26.48 -26.79 26.80
C ALA S 389 -25.07 -27.26 27.15
N ASP S 390 -24.05 -26.59 26.65
CA ASP S 390 -22.67 -27.06 26.71
C ASP S 390 -21.76 -25.86 26.79
N PRO S 391 -20.50 -26.04 27.22
CA PRO S 391 -19.61 -24.88 27.38
C PRO S 391 -19.35 -24.14 26.08
N GLY S 392 -19.54 -24.78 24.94
CA GLY S 392 -19.43 -24.12 23.64
C GLY S 392 -19.89 -25.02 22.52
N LYS S 393 -20.37 -24.41 21.43
CA LYS S 393 -21.01 -25.18 20.37
C LYS S 393 -20.02 -26.07 19.61
N LYS S 394 -18.78 -25.61 19.43
CA LYS S 394 -17.78 -26.42 18.73
C LYS S 394 -17.45 -27.71 19.48
N GLN S 395 -17.44 -27.66 20.82
CA GLN S 395 -17.26 -28.87 21.61
C GLN S 395 -18.36 -29.88 21.34
N GLN S 396 -19.62 -29.45 21.42
CA GLN S 396 -20.74 -30.34 21.14
C GLN S 396 -20.69 -30.86 19.70
N GLN S 397 -20.36 -30.00 18.74
CA GLN S 397 -20.27 -30.44 17.35
C GLN S 397 -19.17 -31.49 17.15
N SER S 398 -18.02 -31.32 17.79
CA SER S 398 -16.98 -32.34 17.73
C SER S 398 -17.43 -33.64 18.38
N GLN S 399 -18.07 -33.53 19.55
CA GLN S 399 -18.60 -34.72 20.21
C GLN S 399 -19.58 -35.46 19.31
N ASN S 400 -20.46 -34.70 18.64
CA ASN S 400 -21.41 -35.25 17.69
C ASN S 400 -20.70 -35.97 16.55
N LYS S 401 -19.75 -35.30 15.90
CA LYS S 401 -19.22 -35.88 14.67
C LYS S 401 -18.26 -37.01 14.99
N GLY S 402 -17.23 -36.75 15.79
CA GLY S 402 -16.28 -37.80 16.12
C GLY S 402 -16.67 -38.75 17.23
N LEU S 403 -16.97 -38.24 18.43
CA LEU S 403 -16.90 -39.10 19.61
C LEU S 403 -18.07 -40.06 19.68
N GLN S 404 -19.29 -39.54 19.59
CA GLN S 404 -20.46 -40.37 19.84
C GLN S 404 -20.61 -41.51 18.83
N PRO S 405 -20.36 -41.35 17.52
CA PRO S 405 -20.38 -42.53 16.65
C PRO S 405 -19.46 -43.64 17.13
N LEU S 406 -18.26 -43.30 17.58
CA LEU S 406 -17.32 -44.30 18.03
C LEU S 406 -17.83 -45.00 19.29
N LEU S 407 -18.37 -44.24 20.22
CA LEU S 407 -18.96 -44.83 21.42
C LEU S 407 -20.11 -45.77 21.06
N ARG S 408 -20.95 -45.37 20.09
CA ARG S 408 -22.01 -46.27 19.64
C ARG S 408 -21.44 -47.55 19.05
N PHE S 409 -20.39 -47.44 18.24
CA PHE S 409 -19.75 -48.63 17.67
C PHE S 409 -19.26 -49.57 18.77
N ILE S 410 -18.64 -49.00 19.80
CA ILE S 410 -18.20 -49.80 20.95
C ILE S 410 -19.39 -50.49 21.59
N GLU S 411 -20.44 -49.71 21.89
CA GLU S 411 -21.65 -50.27 22.47
C GLU S 411 -22.15 -51.45 21.65
N ASP S 412 -22.25 -51.26 20.33
CA ASP S 412 -22.76 -52.30 19.46
C ASP S 412 -21.95 -53.59 19.61
N LEU S 413 -20.63 -53.48 19.52
CA LEU S 413 -19.77 -54.64 19.74
C LEU S 413 -20.04 -55.31 21.09
N VAL S 414 -20.10 -54.51 22.16
CA VAL S 414 -20.30 -55.07 23.48
C VAL S 414 -21.64 -55.79 23.56
N ASN S 415 -22.70 -55.16 23.08
CA ASN S 415 -24.02 -55.78 23.12
C ASN S 415 -24.05 -57.09 22.36
N ARG S 416 -23.59 -57.09 21.11
CA ARG S 416 -23.62 -58.33 20.33
C ARG S 416 -22.81 -59.44 20.98
N HIS S 417 -21.61 -59.14 21.48
CA HIS S 417 -20.69 -60.20 21.84
C HIS S 417 -20.69 -60.58 23.32
N ILE S 418 -20.83 -59.64 24.24
CA ILE S 418 -20.72 -59.92 25.66
C ILE S 418 -22.10 -60.10 26.27
N ILE S 419 -22.92 -59.05 26.21
CA ILE S 419 -24.23 -59.07 26.85
C ILE S 419 -25.06 -60.25 26.35
N SER S 420 -24.92 -60.59 25.06
CA SER S 420 -25.64 -61.73 24.51
C SER S 420 -25.40 -63.04 25.28
N GLU S 421 -24.32 -63.13 26.05
CA GLU S 421 -24.17 -64.27 26.95
C GLU S 421 -25.23 -64.27 28.04
N TYR S 422 -25.73 -63.10 28.42
CA TYR S 422 -26.75 -62.97 29.46
C TYR S 422 -28.17 -62.86 28.90
N GLY S 423 -28.35 -62.91 27.59
CA GLY S 423 -29.67 -62.82 26.99
C GLY S 423 -30.09 -61.40 26.70
N ASP S 424 -31.15 -61.29 25.88
CA ASP S 424 -31.54 -60.04 25.27
C ASP S 424 -32.25 -59.07 26.22
N LYS S 425 -32.56 -59.50 27.44
CA LYS S 425 -33.27 -58.61 28.36
C LYS S 425 -32.45 -57.41 28.79
N TYR S 426 -31.13 -57.47 28.74
CA TYR S 426 -30.27 -56.39 29.19
C TYR S 426 -29.77 -55.56 28.01
N THR S 427 -29.30 -54.35 28.31
CA THR S 427 -28.63 -53.50 27.34
C THR S 427 -27.45 -52.79 27.97
N PHE S 428 -26.38 -52.62 27.20
CA PHE S 428 -25.24 -51.80 27.57
C PHE S 428 -25.32 -50.45 26.87
N GLN S 429 -25.20 -49.36 27.63
CA GLN S 429 -25.14 -48.03 27.06
C GLN S 429 -24.14 -47.17 27.83
N PHE S 430 -23.36 -46.38 27.09
CA PHE S 430 -22.71 -45.20 27.66
C PHE S 430 -23.75 -44.13 28.00
N VAL S 431 -23.42 -43.33 29.01
CA VAL S 431 -24.31 -42.25 29.43
C VAL S 431 -23.48 -41.02 29.75
N GLY S 432 -23.91 -39.87 29.23
CA GLY S 432 -23.38 -38.59 29.62
C GLY S 432 -23.89 -38.15 30.96
N GLY S 433 -23.38 -37.01 31.43
CA GLY S 433 -23.87 -36.47 32.67
C GLY S 433 -25.31 -36.03 32.54
N ASP S 434 -25.81 -35.40 33.61
CA ASP S 434 -27.16 -34.88 33.61
C ASP S 434 -27.24 -33.55 34.34
N THR S 435 -28.24 -32.75 33.97
CA THR S 435 -28.52 -31.48 34.64
C THR S 435 -29.62 -31.67 35.68
N LYS S 436 -29.25 -32.39 36.74
CA LYS S 436 -30.17 -32.85 37.77
C LYS S 436 -29.60 -32.56 39.14
N SER S 437 -29.14 -31.33 39.35
CA SER S 437 -28.67 -30.93 40.66
C SER S 437 -29.79 -31.03 41.70
N ALA S 438 -29.40 -30.84 42.96
CA ALA S 438 -30.37 -30.72 44.03
C ALA S 438 -31.37 -29.60 43.76
N THR S 439 -30.91 -28.47 43.23
CA THR S 439 -31.82 -27.40 42.85
C THR S 439 -32.86 -27.88 41.83
N ASP S 440 -32.41 -28.52 40.75
CA ASP S 440 -33.34 -28.97 39.71
C ASP S 440 -34.29 -30.04 40.23
N LYS S 441 -33.78 -31.01 40.99
CA LYS S 441 -34.64 -32.04 41.56
C LYS S 441 -35.66 -31.45 42.53
N LEU S 442 -35.25 -30.47 43.34
CA LEU S 442 -36.18 -29.83 44.24
C LEU S 442 -37.24 -29.03 43.49
N ASN S 443 -36.86 -28.34 42.41
CA ASN S 443 -37.84 -27.68 41.57
C ASN S 443 -38.83 -28.68 40.97
N ILE S 444 -38.32 -29.81 40.48
CA ILE S 444 -39.18 -30.81 39.88
C ILE S 444 -40.19 -31.31 40.90
N LEU S 445 -39.71 -31.71 42.08
CA LEU S 445 -40.63 -32.17 43.12
C LEU S 445 -41.55 -31.05 43.60
N LYS S 446 -41.07 -29.81 43.63
CA LYS S 446 -41.93 -28.67 43.96
C LYS S 446 -43.09 -28.53 43.00
N LEU S 447 -42.93 -29.00 41.75
CA LEU S 447 -44.08 -29.06 40.86
C LEU S 447 -44.89 -30.34 41.02
N GLU S 448 -44.22 -31.49 41.17
CA GLU S 448 -44.92 -32.76 41.36
C GLU S 448 -45.79 -32.76 42.61
N THR S 449 -45.39 -32.01 43.65
CA THR S 449 -46.17 -31.94 44.87
C THR S 449 -47.40 -31.05 44.73
N GLN S 450 -47.43 -30.20 43.71
CA GLN S 450 -48.65 -29.51 43.35
C GLN S 450 -49.51 -30.40 42.45
N ILE S 451 -48.87 -31.18 41.59
CA ILE S 451 -49.60 -31.90 40.55
C ILE S 451 -49.97 -33.31 41.01
N PHE S 452 -49.07 -33.99 41.72
CA PHE S 452 -49.28 -35.40 42.06
C PHE S 452 -49.15 -35.68 43.55
N LYS S 453 -48.04 -35.24 44.14
CA LYS S 453 -47.49 -35.87 45.32
C LYS S 453 -47.93 -35.17 46.60
N THR S 454 -48.50 -35.95 47.50
CA THR S 454 -48.65 -35.50 48.87
C THR S 454 -47.30 -35.41 49.57
N VAL S 455 -47.28 -34.59 50.62
CA VAL S 455 -46.09 -34.45 51.46
C VAL S 455 -45.52 -35.81 51.85
N ASN S 456 -46.39 -36.74 52.22
CA ASN S 456 -45.90 -38.03 52.72
C ASN S 456 -45.27 -38.88 51.62
N GLU S 457 -45.79 -38.79 50.39
CA GLU S 457 -45.13 -39.49 49.28
C GLU S 457 -43.72 -38.95 49.05
N ALA S 458 -43.59 -37.62 49.06
CA ALA S 458 -42.27 -37.00 48.96
C ALA S 458 -41.35 -37.50 50.07
N ARG S 459 -41.80 -37.42 51.32
CA ARG S 459 -40.98 -37.85 52.44
C ARG S 459 -40.59 -39.32 52.31
N GLU S 460 -41.51 -40.16 51.83
CA GLU S 460 -41.18 -41.56 51.62
C GLU S 460 -40.06 -41.69 50.59
N GLU S 461 -40.12 -40.92 49.50
CA GLU S 461 -39.01 -40.91 48.56
C GLU S 461 -37.71 -40.44 49.20
N GLN S 462 -37.77 -39.67 50.28
CA GLN S 462 -36.59 -39.35 51.07
C GLN S 462 -36.27 -40.40 52.12
N GLY S 463 -37.13 -41.40 52.29
CA GLY S 463 -37.03 -42.29 53.44
C GLY S 463 -37.41 -41.68 54.77
N LYS S 464 -38.20 -40.62 54.76
CA LYS S 464 -38.58 -39.91 55.98
C LYS S 464 -40.01 -40.28 56.36
N LYS S 465 -40.22 -40.46 57.67
CA LYS S 465 -41.48 -41.00 58.17
C LYS S 465 -42.64 -40.11 57.71
N PRO S 466 -43.77 -40.70 57.30
CA PRO S 466 -44.95 -39.87 57.03
C PRO S 466 -45.40 -39.13 58.27
N ILE S 467 -46.00 -37.96 58.05
CA ILE S 467 -46.42 -37.06 59.12
C ILE S 467 -47.91 -36.84 59.05
N GLU S 468 -48.54 -36.81 60.22
CA GLU S 468 -49.93 -36.38 60.34
C GLU S 468 -50.09 -34.96 59.83
N GLY S 469 -51.00 -34.79 58.86
CA GLY S 469 -51.08 -33.58 58.07
C GLY S 469 -50.41 -33.65 56.72
N GLY S 470 -49.69 -34.73 56.43
CA GLY S 470 -49.40 -35.06 55.05
C GLY S 470 -50.61 -35.62 54.34
N ASP S 471 -50.38 -36.45 53.32
CA ASP S 471 -51.44 -36.95 52.44
C ASP S 471 -52.25 -35.84 51.78
N ILE S 472 -51.66 -34.65 51.65
CA ILE S 472 -52.32 -33.51 51.01
C ILE S 472 -51.41 -32.94 49.93
N ILE S 473 -52.01 -32.53 48.81
CA ILE S 473 -51.30 -31.73 47.82
C ILE S 473 -51.12 -30.32 48.37
N LEU S 474 -49.94 -29.75 48.14
CA LEU S 474 -49.63 -28.40 48.61
C LEU S 474 -50.21 -27.34 47.67
N ASP S 475 -51.53 -27.31 47.60
CA ASP S 475 -52.25 -26.26 46.88
C ASP S 475 -53.44 -25.82 47.73
N ALA S 476 -53.59 -24.50 47.89
CA ALA S 476 -54.69 -23.96 48.67
C ALA S 476 -56.05 -24.39 48.14
N SER S 477 -56.18 -24.55 46.82
CA SER S 477 -57.46 -24.96 46.26
C SER S 477 -57.82 -26.37 46.69
N PHE S 478 -56.84 -27.27 46.81
CA PHE S 478 -57.11 -28.61 47.29
C PHE S 478 -57.71 -28.58 48.69
N LEU S 479 -57.15 -27.75 49.57
CA LEU S 479 -57.69 -27.64 50.93
C LEU S 479 -59.06 -27.00 50.96
N GLN S 480 -59.28 -25.97 50.13
CA GLN S 480 -60.62 -25.40 50.04
C GLN S 480 -61.64 -26.43 49.57
N GLY S 481 -61.22 -27.31 48.65
CA GLY S 481 -62.06 -28.43 48.26
C GLY S 481 -62.38 -29.36 49.42
N THR S 482 -61.34 -29.79 50.15
CA THR S 482 -61.59 -30.70 51.26
C THR S 482 -62.44 -30.07 52.35
N ALA S 483 -62.27 -28.77 52.59
CA ALA S 483 -63.14 -28.08 53.56
C ALA S 483 -64.58 -28.01 53.08
N GLN S 484 -64.78 -27.86 51.77
CA GLN S 484 -66.12 -27.98 51.23
C GLN S 484 -66.67 -29.37 51.49
N LEU S 485 -65.93 -30.41 51.11
CA LEU S 485 -66.45 -31.76 51.24
C LEU S 485 -66.75 -32.07 52.69
N GLN S 486 -65.94 -31.54 53.62
CA GLN S 486 -66.21 -31.68 55.05
C GLN S 486 -67.57 -31.09 55.41
N GLN S 487 -67.84 -29.87 54.96
CA GLN S 487 -69.15 -29.28 55.23
C GLN S 487 -70.27 -30.12 54.63
N ASP S 488 -70.07 -30.59 53.40
CA ASP S 488 -71.01 -31.51 52.77
C ASP S 488 -71.30 -32.73 53.63
N LYS S 489 -70.24 -33.36 54.16
CA LYS S 489 -70.41 -34.50 55.07
C LYS S 489 -71.23 -34.13 56.29
N GLN S 490 -70.91 -33.01 56.93
CA GLN S 490 -71.66 -32.65 58.14
C GLN S 490 -73.13 -32.35 57.82
N TYR S 491 -73.39 -31.80 56.64
CA TYR S 491 -74.76 -31.58 56.20
C TYR S 491 -75.49 -32.90 55.99
N ASN S 492 -74.87 -33.82 55.26
CA ASN S 492 -75.53 -35.09 54.98
C ASN S 492 -75.77 -35.88 56.26
N ASP S 493 -74.82 -35.83 57.20
CA ASP S 493 -75.02 -36.45 58.51
C ASP S 493 -76.24 -35.87 59.22
N GLY S 494 -76.32 -34.53 59.29
CA GLY S 494 -77.48 -33.93 59.92
C GLY S 494 -78.79 -34.29 59.24
N LYS S 495 -78.82 -34.16 57.91
CA LYS S 495 -79.99 -34.48 57.13
C LYS S 495 -80.45 -35.91 57.40
N GLN S 496 -79.54 -36.88 57.31
CA GLN S 496 -79.93 -38.28 57.47
C GLN S 496 -80.37 -38.60 58.89
N LYS S 497 -79.69 -38.05 59.90
CA LYS S 497 -80.14 -38.29 61.26
C LYS S 497 -81.51 -37.69 61.53
N GLU S 498 -81.77 -36.47 61.02
CA GLU S 498 -83.07 -35.86 61.22
C GLU S 498 -84.16 -36.58 60.42
N ARG S 499 -83.82 -37.09 59.24
CA ARG S 499 -84.74 -37.95 58.50
C ARG S 499 -85.12 -39.19 59.31
N LEU S 500 -84.13 -39.89 59.86
CA LEU S 500 -84.43 -41.08 60.66
C LEU S 500 -85.27 -40.73 61.88
N GLN S 501 -84.92 -39.64 62.57
CA GLN S 501 -85.69 -39.24 63.75
C GLN S 501 -87.13 -38.89 63.40
N MET S 502 -87.34 -38.22 62.26
CA MET S 502 -88.70 -37.93 61.80
C MET S 502 -89.45 -39.20 61.43
N MET S 503 -88.79 -40.12 60.73
CA MET S 503 -89.43 -41.39 60.40
C MET S 503 -89.86 -42.14 61.65
N MET S 504 -88.99 -42.17 62.67
CA MET S 504 -89.37 -42.81 63.93
C MET S 504 -90.49 -42.05 64.62
N SER S 505 -90.53 -40.72 64.46
CA SER S 505 -91.61 -39.94 65.03
C SER S 505 -92.92 -40.21 64.29
N LEU S 506 -92.86 -40.35 62.97
CA LEU S 506 -94.06 -40.50 62.15
C LEU S 506 -94.67 -41.89 62.33
N SER T 49 -42.60 -54.36 -20.69
CA SER T 49 -42.92 -53.02 -20.24
C SER T 49 -42.16 -52.70 -18.96
N LEU T 50 -41.83 -51.42 -18.76
CA LEU T 50 -41.05 -51.03 -17.59
C LEU T 50 -41.89 -51.10 -16.32
N TYR T 51 -43.05 -50.44 -16.32
CA TYR T 51 -43.98 -50.43 -15.19
C TYR T 51 -45.15 -51.38 -15.39
N GLY T 52 -45.75 -51.40 -16.57
CA GLY T 52 -46.98 -52.13 -16.77
C GLY T 52 -47.57 -51.79 -18.12
N GLN T 53 -48.69 -52.45 -18.42
CA GLN T 53 -49.32 -52.26 -19.72
C GLN T 53 -49.81 -50.82 -19.87
N GLN T 54 -49.32 -50.16 -20.91
CA GLN T 54 -49.66 -48.77 -21.19
C GLN T 54 -49.62 -48.58 -22.69
N GLN T 55 -50.44 -47.65 -23.19
CA GLN T 55 -50.48 -47.41 -24.63
C GLN T 55 -49.45 -46.39 -25.09
N ALA T 56 -48.91 -45.58 -24.19
CA ALA T 56 -47.73 -44.80 -24.49
C ALA T 56 -46.50 -45.69 -24.44
N TYR T 57 -45.63 -45.58 -25.44
CA TYR T 57 -44.37 -46.30 -25.38
C TYR T 57 -43.47 -45.65 -24.34
N ALA T 58 -42.85 -46.49 -23.52
CA ALA T 58 -41.95 -46.03 -22.46
C ALA T 58 -40.51 -46.43 -22.70
N GLU T 59 -40.21 -47.06 -23.83
CA GLU T 59 -38.87 -47.50 -24.17
C GLU T 59 -38.62 -47.20 -25.63
N PRO T 60 -37.35 -47.18 -26.07
CA PRO T 60 -37.08 -47.01 -27.50
C PRO T 60 -37.80 -48.05 -28.36
N PHE T 61 -38.54 -47.57 -29.34
CA PHE T 61 -39.42 -48.43 -30.12
C PHE T 61 -38.60 -49.45 -30.92
N ILE T 62 -37.56 -48.99 -31.60
CA ILE T 62 -36.60 -49.90 -32.20
C ILE T 62 -35.65 -50.40 -31.13
N GLU T 63 -35.47 -51.72 -31.08
CA GLU T 63 -34.56 -52.34 -30.12
C GLU T 63 -33.14 -51.85 -30.37
N MET T 64 -32.58 -51.09 -29.45
CA MET T 64 -31.17 -50.73 -29.57
C MET T 64 -30.32 -51.96 -29.30
N MET T 65 -29.14 -51.98 -29.92
CA MET T 65 -28.28 -53.16 -29.87
C MET T 65 -27.66 -53.24 -28.47
N ASP T 66 -28.43 -53.80 -27.54
CA ASP T 66 -27.89 -54.22 -26.27
C ASP T 66 -26.88 -55.34 -26.47
N THR T 67 -25.85 -55.36 -25.62
CA THR T 67 -24.80 -56.37 -25.75
C THR T 67 -25.37 -57.78 -25.61
N ASN T 68 -26.42 -57.95 -24.82
CA ASN T 68 -27.03 -59.24 -24.59
C ASN T 68 -28.54 -59.12 -24.75
N PRO T 69 -29.20 -60.06 -25.44
CA PRO T 69 -30.66 -59.99 -25.51
C PRO T 69 -31.36 -60.08 -24.17
N GLU T 70 -30.69 -60.60 -23.15
CA GLU T 70 -31.38 -60.97 -21.92
C GLU T 70 -31.42 -59.85 -20.88
N PHE T 71 -30.61 -58.81 -21.00
CA PHE T 71 -30.67 -57.72 -20.04
C PHE T 71 -30.32 -56.39 -20.71
N ARG T 72 -30.84 -55.32 -20.12
CA ARG T 72 -30.64 -53.95 -20.60
C ARG T 72 -29.31 -53.39 -20.11
N ASP T 73 -28.47 -52.94 -21.04
CA ASP T 73 -27.19 -52.35 -20.68
C ASP T 73 -27.39 -50.99 -20.02
N LYS T 74 -26.49 -50.67 -19.09
CA LYS T 74 -26.47 -49.38 -18.39
C LYS T 74 -25.66 -48.38 -19.22
N ARG T 75 -26.29 -47.88 -20.27
CA ARG T 75 -25.62 -46.92 -21.16
C ARG T 75 -25.38 -45.59 -20.46
N SER T 76 -24.20 -45.02 -20.71
CA SER T 76 -23.93 -43.65 -20.32
C SER T 76 -24.91 -42.69 -20.99
N TYR T 77 -25.13 -41.55 -20.32
CA TYR T 77 -26.08 -40.54 -20.78
C TYR T 77 -25.97 -40.25 -22.27
N MET T 78 -24.76 -40.03 -22.76
CA MET T 78 -24.52 -39.75 -24.17
C MET T 78 -24.31 -41.01 -25.01
N LYS T 79 -24.42 -42.19 -24.42
CA LYS T 79 -24.07 -43.45 -25.09
C LYS T 79 -22.61 -43.49 -25.54
N ASN T 80 -21.77 -42.62 -24.99
CA ASN T 80 -20.34 -42.69 -25.26
C ASN T 80 -19.70 -43.92 -24.64
N GLU T 81 -20.37 -44.56 -23.69
CA GLU T 81 -19.80 -45.68 -22.94
C GLU T 81 -20.89 -46.69 -22.65
N HIS T 82 -20.52 -47.97 -22.65
CA HIS T 82 -21.45 -49.07 -22.44
C HIS T 82 -21.23 -49.84 -21.15
N ASN T 83 -20.16 -49.53 -20.41
CA ASN T 83 -19.79 -50.28 -19.21
C ASN T 83 -19.68 -49.29 -18.07
N LEU T 84 -20.70 -48.44 -17.95
CA LEU T 84 -20.61 -47.25 -17.08
C LEU T 84 -20.23 -47.60 -15.65
N HIS T 85 -20.81 -48.66 -15.09
CA HIS T 85 -20.54 -48.95 -13.69
C HIS T 85 -19.11 -49.42 -13.45
N ASP T 86 -18.48 -50.06 -14.44
CA ASP T 86 -17.06 -50.36 -14.31
C ASP T 86 -16.18 -49.13 -14.44
N VAL T 87 -16.67 -48.08 -15.10
CA VAL T 87 -15.99 -46.79 -15.07
C VAL T 87 -16.12 -46.17 -13.68
N LEU T 88 -17.35 -46.05 -13.19
CA LEU T 88 -17.61 -45.39 -11.91
C LEU T 88 -16.91 -46.10 -10.76
N LYS T 89 -16.79 -47.42 -10.82
CA LYS T 89 -16.09 -48.16 -9.79
C LYS T 89 -14.67 -47.66 -9.56
N LYS T 90 -14.02 -47.13 -10.59
CA LYS T 90 -12.66 -46.61 -10.42
C LYS T 90 -12.59 -45.37 -9.55
N PHE T 91 -13.70 -44.65 -9.36
CA PHE T 91 -13.69 -43.44 -8.53
C PHE T 91 -14.09 -43.70 -7.10
N GLY T 92 -14.52 -44.91 -6.76
CA GLY T 92 -14.99 -45.20 -5.41
C GLY T 92 -13.96 -45.00 -4.32
N ASN T 93 -12.68 -44.90 -4.68
CA ASN T 93 -11.61 -44.59 -3.74
C ASN T 93 -11.21 -43.11 -3.74
N ASN T 94 -11.95 -42.26 -4.44
CA ASN T 94 -11.63 -40.84 -4.45
C ASN T 94 -11.71 -40.28 -3.03
N PRO T 95 -10.70 -39.53 -2.55
CA PRO T 95 -10.78 -39.04 -1.16
C PRO T 95 -11.93 -38.08 -0.87
N ILE T 96 -12.27 -37.18 -1.79
CA ILE T 96 -13.39 -36.27 -1.55
C ILE T 96 -14.71 -37.04 -1.48
N LEU T 97 -14.95 -37.89 -2.47
CA LEU T 97 -16.16 -38.69 -2.48
C LEU T 97 -16.27 -39.56 -1.24
N ASN T 98 -15.16 -40.13 -0.79
CA ASN T 98 -15.20 -40.93 0.42
C ASN T 98 -15.39 -40.09 1.68
N ALA T 99 -14.86 -38.88 1.72
CA ALA T 99 -15.15 -38.01 2.87
C ALA T 99 -16.65 -37.70 2.96
N ILE T 100 -17.28 -37.49 1.81
CA ILE T 100 -18.72 -37.24 1.81
C ILE T 100 -19.47 -38.50 2.24
N ILE T 101 -19.13 -39.64 1.64
CA ILE T 101 -19.84 -40.88 1.95
C ILE T 101 -19.69 -41.21 3.43
N LEU T 102 -18.49 -41.05 3.98
CA LEU T 102 -18.29 -41.40 5.39
C LEU T 102 -19.01 -40.44 6.33
N THR T 103 -18.99 -39.14 6.06
CA THR T 103 -19.72 -38.23 6.95
C THR T 103 -21.22 -38.52 6.91
N ARG T 104 -21.78 -38.72 5.71
CA ARG T 104 -23.20 -39.01 5.60
C ARG T 104 -23.56 -40.33 6.29
N SER T 105 -22.77 -41.38 6.06
CA SER T 105 -23.12 -42.67 6.65
C SER T 105 -22.91 -42.70 8.15
N ASN T 106 -21.96 -41.92 8.67
CA ASN T 106 -21.86 -41.78 10.12
C ASN T 106 -23.08 -41.09 10.68
N GLN T 107 -23.50 -39.99 10.06
CA GLN T 107 -24.70 -39.30 10.52
C GLN T 107 -25.92 -40.22 10.49
N VAL T 108 -26.09 -40.98 9.40
CA VAL T 108 -27.23 -41.90 9.28
C VAL T 108 -27.19 -42.98 10.35
N ALA T 109 -26.00 -43.51 10.65
CA ALA T 109 -25.90 -44.61 11.61
C ALA T 109 -26.52 -44.29 12.97
N MET T 110 -26.60 -43.02 13.34
CA MET T 110 -27.12 -42.64 14.65
C MET T 110 -28.57 -43.07 14.86
N TYR T 111 -29.33 -43.22 13.78
CA TYR T 111 -30.76 -43.51 13.87
C TYR T 111 -31.09 -45.00 13.81
N CYS T 112 -30.11 -45.85 13.51
CA CYS T 112 -30.39 -47.26 13.28
C CYS T 112 -30.99 -47.97 14.49
N GLN T 113 -30.61 -47.59 15.71
CA GLN T 113 -31.21 -48.23 16.88
C GLN T 113 -32.67 -47.82 17.07
N PRO T 114 -33.50 -48.68 17.69
CA PRO T 114 -34.86 -48.28 18.03
C PRO T 114 -34.90 -47.12 19.01
N ALA T 115 -35.78 -46.16 18.72
CA ALA T 115 -36.04 -45.07 19.66
C ALA T 115 -36.65 -45.57 20.95
N ARG T 116 -37.51 -46.59 20.88
CA ARG T 116 -38.16 -47.19 22.04
C ARG T 116 -37.23 -47.40 23.23
N TYR T 117 -36.03 -47.92 22.97
CA TYR T 117 -35.07 -48.24 24.02
C TYR T 117 -34.07 -47.12 24.28
N SER T 118 -34.15 -46.02 23.53
CA SER T 118 -33.17 -44.94 23.59
C SER T 118 -33.82 -43.79 24.33
N GLU T 119 -33.33 -43.52 25.55
CA GLU T 119 -34.04 -42.61 26.45
C GLU T 119 -34.14 -41.20 25.87
N LYS T 120 -33.18 -40.81 25.03
CA LYS T 120 -33.30 -39.54 24.32
C LYS T 120 -34.32 -39.59 23.20
N GLY T 121 -34.94 -40.75 22.94
CA GLY T 121 -35.94 -40.87 21.89
C GLY T 121 -35.40 -40.91 20.48
N LEU T 122 -34.08 -40.80 20.30
CA LEU T 122 -33.49 -40.79 18.97
C LEU T 122 -33.35 -42.21 18.43
N GLY T 123 -33.77 -42.41 17.20
CA GLY T 123 -33.69 -43.69 16.56
C GLY T 123 -34.76 -43.82 15.48
N PHE T 124 -35.24 -45.05 15.32
CA PHE T 124 -36.41 -45.35 14.51
C PHE T 124 -37.50 -46.00 15.37
N GLU T 125 -38.73 -45.95 14.86
CA GLU T 125 -39.84 -46.67 15.47
C GLU T 125 -40.72 -47.26 14.38
N VAL T 126 -41.36 -48.37 14.70
CA VAL T 126 -42.48 -48.91 13.93
C VAL T 126 -43.78 -48.51 14.63
N ARG T 127 -44.69 -47.94 13.85
CA ARG T 127 -45.84 -47.22 14.38
C ARG T 127 -47.07 -47.61 13.58
N LEU T 128 -48.24 -47.47 14.19
CA LEU T 128 -49.47 -47.46 13.41
C LEU T 128 -49.53 -46.24 12.49
N ARG T 129 -50.17 -46.42 11.35
CA ARG T 129 -50.31 -45.35 10.38
C ARG T 129 -51.11 -44.19 10.96
N ASP T 130 -52.35 -44.46 11.35
CA ASP T 130 -53.19 -43.41 11.93
C ASP T 130 -52.64 -42.99 13.30
N LEU T 131 -52.47 -41.67 13.46
CA LEU T 131 -52.14 -41.14 14.78
C LEU T 131 -53.29 -41.29 15.77
N ASP T 132 -54.53 -41.40 15.27
CA ASP T 132 -55.69 -41.49 16.14
C ASP T 132 -55.94 -42.89 16.68
N ALA T 133 -55.35 -43.91 16.08
CA ALA T 133 -55.63 -45.27 16.50
C ALA T 133 -54.89 -45.56 17.81
N GLU T 134 -55.48 -46.45 18.62
CA GLU T 134 -54.80 -47.01 19.77
C GLU T 134 -54.46 -48.48 19.52
N PRO T 135 -53.20 -48.89 19.62
CA PRO T 135 -52.85 -50.25 19.20
C PRO T 135 -53.39 -51.30 20.15
N GLY T 136 -53.87 -52.41 19.59
CA GLY T 136 -54.32 -53.51 20.40
C GLY T 136 -53.15 -54.25 21.02
N ARG T 137 -53.49 -55.15 21.95
CA ARG T 137 -52.47 -55.86 22.69
C ARG T 137 -51.57 -56.66 21.75
N LYS T 138 -52.15 -57.26 20.72
CA LYS T 138 -51.34 -58.03 19.77
C LYS T 138 -50.60 -57.13 18.80
N GLU T 139 -51.18 -55.97 18.47
CA GLU T 139 -50.51 -55.06 17.55
C GLU T 139 -49.23 -54.51 18.17
N LYS T 140 -49.27 -54.17 19.46
CA LYS T 140 -48.08 -53.68 20.14
C LYS T 140 -46.96 -54.73 20.10
N GLU T 141 -47.32 -56.00 20.25
CA GLU T 141 -46.31 -57.05 20.22
C GLU T 141 -45.79 -57.26 18.82
N GLU T 142 -46.67 -57.17 17.82
CA GLU T 142 -46.20 -57.28 16.44
C GLU T 142 -45.23 -56.15 16.09
N MET T 143 -45.54 -54.93 16.52
CA MET T 143 -44.63 -53.81 16.29
C MET T 143 -43.30 -54.02 16.99
N LYS T 144 -43.31 -54.51 18.23
CA LYS T 144 -42.04 -54.78 18.91
C LYS T 144 -41.25 -55.88 18.19
N ARG T 145 -41.95 -56.90 17.70
CA ARG T 145 -41.29 -57.97 16.96
C ARG T 145 -40.67 -57.45 15.67
N ILE T 146 -41.39 -56.59 14.95
CA ILE T 146 -40.84 -56.04 13.71
C ILE T 146 -39.62 -55.17 13.99
N GLU T 147 -39.69 -54.34 15.02
CA GLU T 147 -38.51 -53.57 15.43
C GLU T 147 -37.31 -54.48 15.71
N ASP T 148 -37.51 -55.50 16.54
CA ASP T 148 -36.43 -56.43 16.83
C ASP T 148 -35.90 -57.10 15.56
N PHE T 149 -36.79 -57.55 14.69
CA PHE T 149 -36.38 -58.12 13.41
C PHE T 149 -35.50 -57.18 12.61
N ILE T 150 -35.88 -55.90 12.51
CA ILE T 150 -35.07 -54.94 11.79
C ILE T 150 -33.69 -54.81 12.43
N VAL T 151 -33.66 -54.56 13.74
CA VAL T 151 -32.39 -54.47 14.46
C VAL T 151 -31.49 -55.66 14.14
N ASN T 152 -32.02 -56.87 14.32
CA ASN T 152 -31.25 -58.08 14.02
C ASN T 152 -31.08 -58.34 12.53
N THR T 153 -31.75 -57.57 11.67
CA THR T 153 -31.68 -57.75 10.22
C THR T 153 -32.21 -59.14 9.82
N GLY T 154 -33.02 -59.74 10.66
CA GLY T 154 -33.46 -61.11 10.43
C GLY T 154 -34.13 -61.66 11.66
N LYS T 155 -34.75 -62.83 11.47
CA LYS T 155 -35.62 -63.39 12.50
C LYS T 155 -34.83 -63.77 13.75
N ASP T 156 -33.83 -64.63 13.59
CA ASP T 156 -32.96 -65.03 14.69
C ASP T 156 -31.79 -64.06 14.83
N LYS T 157 -31.24 -64.01 16.04
CA LYS T 157 -29.94 -63.39 16.26
C LYS T 157 -28.81 -64.24 15.69
N ASP T 158 -27.89 -63.60 14.98
CA ASP T 158 -26.74 -64.30 14.41
C ASP T 158 -25.62 -63.29 14.25
N VAL T 159 -24.55 -63.46 15.01
CA VAL T 159 -23.40 -62.57 14.93
C VAL T 159 -22.80 -62.57 13.53
N ASP T 160 -23.06 -63.62 12.74
CA ASP T 160 -22.55 -63.68 11.37
C ASP T 160 -23.34 -62.81 10.40
N ARG T 161 -24.53 -62.37 10.76
CA ARG T 161 -25.33 -61.53 9.89
C ARG T 161 -24.98 -60.07 10.09
N ASP T 162 -25.09 -59.29 9.01
CA ASP T 162 -25.04 -57.84 9.10
C ASP T 162 -26.04 -57.34 10.12
N SER T 163 -25.63 -56.38 10.94
CA SER T 163 -26.60 -55.54 11.63
C SER T 163 -27.28 -54.59 10.65
N PHE T 164 -28.39 -54.01 11.10
CA PHE T 164 -29.05 -52.96 10.34
C PHE T 164 -28.12 -51.79 10.07
N GLN T 165 -27.25 -51.46 11.03
CA GLN T 165 -26.28 -50.38 10.83
C GLN T 165 -25.38 -50.66 9.63
N THR T 166 -24.81 -51.86 9.54
CA THR T 166 -23.96 -52.18 8.41
C THR T 166 -24.73 -52.12 7.10
N PHE T 167 -25.97 -52.61 7.11
CA PHE T 167 -26.82 -52.54 5.93
C PHE T 167 -27.03 -51.11 5.47
N CYS T 168 -27.38 -50.22 6.40
CA CYS T 168 -27.62 -48.83 6.04
C CYS T 168 -26.36 -48.17 5.49
N LYS T 169 -25.23 -48.35 6.18
CA LYS T 169 -23.98 -47.79 5.66
C LYS T 169 -23.66 -48.30 4.26
N LYS T 170 -23.86 -49.59 4.02
CA LYS T 170 -23.67 -50.15 2.70
C LYS T 170 -24.55 -49.46 1.66
N ILE T 171 -25.86 -49.42 1.89
CA ILE T 171 -26.74 -48.88 0.86
C ILE T 171 -26.52 -47.38 0.67
N VAL T 172 -26.10 -46.66 1.70
CA VAL T 172 -25.74 -45.25 1.50
C VAL T 172 -24.54 -45.13 0.57
N ARG T 173 -23.49 -45.92 0.84
CA ARG T 173 -22.35 -45.93 -0.07
C ARG T 173 -22.78 -46.24 -1.50
N ASP T 174 -23.66 -47.22 -1.66
CA ASP T 174 -24.13 -47.59 -2.98
C ASP T 174 -24.93 -46.48 -3.65
N THR T 175 -25.79 -45.79 -2.89
CA THR T 175 -26.51 -44.65 -3.48
C THR T 175 -25.54 -43.60 -3.99
N TYR T 176 -24.52 -43.28 -3.21
CA TYR T 176 -23.66 -42.18 -3.60
C TYR T 176 -22.59 -42.55 -4.61
N ILE T 177 -22.30 -43.84 -4.81
CA ILE T 177 -21.42 -44.23 -5.91
C ILE T 177 -22.23 -44.49 -7.17
N TYR T 178 -23.20 -45.40 -7.10
CA TYR T 178 -23.87 -45.92 -8.30
C TYR T 178 -25.20 -45.26 -8.60
N ASP T 179 -25.82 -44.61 -7.61
CA ASP T 179 -27.26 -44.33 -7.64
C ASP T 179 -28.07 -45.58 -8.01
N GLN T 180 -27.76 -46.68 -7.33
CA GLN T 180 -28.57 -47.88 -7.46
C GLN T 180 -28.39 -48.69 -6.17
N VAL T 181 -29.50 -48.97 -5.48
CA VAL T 181 -29.50 -49.83 -4.30
C VAL T 181 -30.27 -51.10 -4.61
N ASN T 182 -29.70 -52.23 -4.21
CA ASN T 182 -30.39 -53.51 -4.27
C ASN T 182 -30.15 -54.27 -2.97
N PHE T 183 -31.21 -54.88 -2.44
CA PHE T 183 -31.09 -55.86 -1.38
C PHE T 183 -32.05 -57.00 -1.66
N GLU T 184 -31.60 -58.23 -1.45
CA GLU T 184 -32.44 -59.40 -1.61
C GLU T 184 -33.23 -59.69 -0.34
N LYS T 185 -34.48 -60.11 -0.53
CA LYS T 185 -35.35 -60.60 0.53
C LYS T 185 -35.41 -62.12 0.47
N VAL T 186 -35.03 -62.78 1.57
CA VAL T 186 -35.03 -64.24 1.64
C VAL T 186 -36.22 -64.68 2.47
N PHE T 187 -37.11 -65.47 1.85
CA PHE T 187 -38.28 -66.03 2.51
C PHE T 187 -38.00 -67.42 3.07
N ASN T 188 -38.74 -67.77 4.11
CA ASN T 188 -38.70 -69.11 4.67
C ASN T 188 -38.94 -70.16 3.59
N LYS T 189 -38.13 -71.22 3.62
CA LYS T 189 -38.26 -72.26 2.60
C LYS T 189 -39.57 -73.03 2.73
N ASN T 190 -40.03 -73.26 3.95
CA ASN T 190 -41.30 -73.96 4.15
C ASN T 190 -42.49 -73.08 3.85
N ASN T 191 -42.39 -71.79 4.15
CA ASN T 191 -43.49 -70.84 3.98
C ASN T 191 -42.97 -69.65 3.17
N LYS T 192 -43.32 -69.61 1.88
CA LYS T 192 -42.80 -68.55 1.02
C LYS T 192 -43.30 -67.17 1.42
N THR T 193 -44.37 -67.10 2.21
CA THR T 193 -44.94 -65.81 2.64
C THR T 193 -44.19 -65.18 3.81
N LYS T 194 -43.33 -65.93 4.50
CA LYS T 194 -42.68 -65.44 5.71
C LYS T 194 -41.26 -65.01 5.40
N LEU T 195 -40.98 -63.73 5.60
CA LEU T 195 -39.64 -63.19 5.46
C LEU T 195 -38.74 -63.63 6.60
N GLU T 196 -37.52 -64.05 6.27
CA GLU T 196 -36.51 -64.43 7.26
C GLU T 196 -35.32 -63.49 7.29
N LYS T 197 -34.84 -63.02 6.14
CA LYS T 197 -33.65 -62.20 6.07
C LYS T 197 -33.84 -61.19 4.94
N PHE T 198 -33.11 -60.09 5.05
CA PHE T 198 -32.81 -59.23 3.91
C PHE T 198 -31.32 -58.91 3.90
N ILE T 199 -30.71 -58.97 2.72
CA ILE T 199 -29.28 -58.80 2.55
C ILE T 199 -29.04 -57.87 1.38
N ALA T 200 -28.16 -56.89 1.59
CA ALA T 200 -27.75 -55.98 0.52
C ALA T 200 -26.90 -56.69 -0.52
N VAL T 201 -27.13 -56.33 -1.79
CA VAL T 201 -26.49 -56.98 -2.92
C VAL T 201 -25.74 -55.92 -3.71
N ASP T 202 -24.62 -56.31 -4.31
CA ASP T 202 -23.78 -55.40 -5.07
C ASP T 202 -24.58 -54.85 -6.26
N PRO T 203 -24.94 -53.56 -6.26
CA PRO T 203 -25.81 -53.06 -7.35
C PRO T 203 -25.19 -53.15 -8.72
N SER T 204 -23.86 -53.12 -8.83
CA SER T 204 -23.22 -53.23 -10.13
C SER T 204 -23.44 -54.57 -10.81
N THR T 205 -23.93 -55.57 -10.09
CA THR T 205 -24.19 -56.89 -10.66
C THR T 205 -25.63 -57.11 -11.07
N ILE T 206 -26.53 -56.17 -10.75
CA ILE T 206 -27.96 -56.36 -10.95
C ILE T 206 -28.40 -55.55 -12.17
N PHE T 207 -29.12 -56.21 -13.07
CA PHE T 207 -29.60 -55.60 -14.31
C PHE T 207 -31.08 -55.96 -14.50
N TYR T 208 -31.80 -55.10 -15.19
CA TYR T 208 -33.13 -55.45 -15.66
C TYR T 208 -33.05 -56.55 -16.71
N ALA T 209 -33.85 -57.59 -16.55
CA ALA T 209 -33.94 -58.63 -17.56
C ALA T 209 -34.85 -58.20 -18.69
N THR T 210 -34.47 -58.54 -19.92
CA THR T 210 -35.20 -58.13 -21.11
C THR T 210 -35.57 -59.36 -21.92
N ASP T 211 -36.82 -59.38 -22.40
CA ASP T 211 -37.25 -60.41 -23.33
C ASP T 211 -36.46 -60.31 -24.62
N LYS T 212 -36.48 -61.41 -25.39
CA LYS T 212 -35.87 -61.39 -26.71
C LYS T 212 -36.44 -60.28 -27.58
N LYS T 213 -37.70 -59.91 -27.37
CA LYS T 213 -38.30 -58.77 -28.05
C LYS T 213 -37.87 -57.43 -27.46
N GLY T 214 -36.83 -57.41 -26.63
CA GLY T 214 -36.33 -56.18 -26.06
C GLY T 214 -37.20 -55.55 -24.99
N LYS T 215 -38.32 -56.16 -24.63
CA LYS T 215 -39.18 -55.62 -23.59
C LYS T 215 -38.69 -56.08 -22.22
N ILE T 216 -38.77 -55.17 -21.24
CA ILE T 216 -38.45 -55.53 -19.86
C ILE T 216 -39.51 -56.48 -19.33
N ILE T 217 -39.05 -57.55 -18.66
CA ILE T 217 -39.96 -58.55 -18.14
C ILE T 217 -40.72 -57.97 -16.94
N LYS T 218 -42.03 -58.20 -16.90
CA LYS T 218 -42.85 -57.92 -15.74
C LYS T 218 -43.61 -59.18 -15.32
N GLY T 219 -43.78 -59.33 -14.01
CA GLY T 219 -44.49 -60.46 -13.46
C GLY T 219 -43.66 -61.73 -13.30
N GLY T 220 -42.72 -61.94 -14.21
CA GLY T 220 -41.77 -63.02 -14.09
C GLY T 220 -40.51 -62.65 -13.33
N LYS T 221 -39.38 -63.20 -13.77
CA LYS T 221 -38.08 -62.89 -13.20
C LYS T 221 -37.63 -61.53 -13.71
N ARG T 222 -38.12 -60.48 -13.04
CA ARG T 222 -37.88 -59.12 -13.50
C ARG T 222 -36.40 -58.76 -13.46
N PHE T 223 -35.62 -59.40 -12.59
CA PHE T 223 -34.23 -59.04 -12.40
C PHE T 223 -33.33 -60.25 -12.62
N VAL T 224 -32.13 -59.99 -13.12
CA VAL T 224 -31.07 -60.99 -13.22
C VAL T 224 -29.81 -60.42 -12.59
N GLN T 225 -29.01 -61.32 -12.02
CA GLN T 225 -27.65 -60.99 -11.62
C GLN T 225 -26.68 -61.49 -12.68
N VAL T 226 -25.81 -60.60 -13.16
CA VAL T 226 -24.88 -60.89 -14.24
C VAL T 226 -23.47 -60.76 -13.70
N VAL T 227 -22.68 -61.82 -13.86
CA VAL T 227 -21.27 -61.82 -13.49
C VAL T 227 -20.50 -62.39 -14.67
N ASP T 228 -19.40 -61.72 -15.04
CA ASP T 228 -18.62 -62.09 -16.22
C ASP T 228 -19.49 -62.20 -17.46
N LYS T 229 -20.53 -61.37 -17.55
CA LYS T 229 -21.48 -61.40 -18.67
C LYS T 229 -22.13 -62.77 -18.82
N ARG T 230 -22.33 -63.48 -17.72
CA ARG T 230 -23.28 -64.59 -17.68
C ARG T 230 -24.21 -64.43 -16.48
N VAL T 231 -25.44 -64.88 -16.66
CA VAL T 231 -26.43 -64.82 -15.59
C VAL T 231 -26.10 -65.86 -14.53
N VAL T 232 -25.86 -65.39 -13.31
CA VAL T 232 -25.57 -66.27 -12.18
C VAL T 232 -26.76 -66.44 -11.25
N ALA T 233 -27.76 -65.56 -11.33
CA ALA T 233 -28.94 -65.67 -10.50
C ALA T 233 -30.06 -64.89 -11.18
N SER T 234 -31.29 -65.11 -10.71
CA SER T 234 -32.44 -64.35 -11.17
C SER T 234 -33.39 -64.12 -10.01
N PHE T 235 -34.22 -63.10 -10.14
CA PHE T 235 -35.08 -62.65 -9.05
C PHE T 235 -36.39 -62.15 -9.63
N THR T 236 -37.46 -62.34 -8.87
CA THR T 236 -38.71 -61.63 -9.13
C THR T 236 -38.70 -60.26 -8.45
N SER T 237 -39.69 -59.44 -8.83
CA SER T 237 -39.94 -58.20 -8.09
C SER T 237 -40.17 -58.47 -6.61
N ARG T 238 -40.72 -59.65 -6.29
CA ARG T 238 -40.92 -60.03 -4.89
C ARG T 238 -39.61 -60.23 -4.15
N GLU T 239 -38.58 -60.75 -4.83
CA GLU T 239 -37.36 -61.17 -4.16
C GLU T 239 -36.29 -60.10 -4.08
N LEU T 240 -36.31 -59.08 -4.93
CA LEU T 240 -35.28 -58.05 -4.93
C LEU T 240 -35.88 -56.67 -5.05
N ALA T 241 -35.49 -55.78 -4.15
CA ALA T 241 -35.78 -54.36 -4.28
C ALA T 241 -34.76 -53.70 -5.20
N MET T 242 -35.21 -52.67 -5.91
CA MET T 242 -34.32 -51.67 -6.52
C MET T 242 -34.79 -50.29 -6.12
N GLY T 243 -33.86 -49.45 -5.68
CA GLY T 243 -34.15 -48.07 -5.32
C GLY T 243 -33.30 -47.11 -6.13
N ILE T 244 -33.92 -46.04 -6.60
CA ILE T 244 -33.25 -45.03 -7.43
C ILE T 244 -33.65 -43.65 -6.94
N ARG T 245 -32.66 -42.77 -6.78
CA ARG T 245 -32.90 -41.41 -6.30
C ARG T 245 -33.13 -40.41 -7.41
N ASN T 246 -32.46 -40.56 -8.56
CA ASN T 246 -32.46 -39.57 -9.64
C ASN T 246 -33.11 -40.15 -10.88
N PRO T 247 -34.43 -40.34 -10.86
CA PRO T 247 -35.11 -40.96 -12.00
C PRO T 247 -35.14 -40.04 -13.22
N ARG T 248 -35.38 -40.65 -14.37
CA ARG T 248 -35.49 -39.92 -15.63
C ARG T 248 -36.65 -40.49 -16.43
N THR T 249 -37.35 -39.62 -17.15
CA THR T 249 -38.32 -40.06 -18.15
C THR T 249 -37.69 -40.47 -19.47
N GLU T 250 -36.48 -39.99 -19.76
CA GLU T 250 -35.76 -40.27 -21.00
C GLU T 250 -35.87 -41.75 -21.39
N LEU T 251 -36.40 -42.00 -22.59
CA LEU T 251 -36.67 -43.36 -23.02
C LEU T 251 -35.43 -44.25 -22.91
N SER T 252 -34.29 -43.74 -23.40
CA SER T 252 -33.08 -44.54 -23.37
C SER T 252 -32.48 -44.67 -21.98
N SER T 253 -32.92 -43.88 -21.00
CA SER T 253 -32.47 -44.08 -19.63
C SER T 253 -32.92 -45.42 -19.07
N SER T 254 -33.93 -46.03 -19.66
CA SER T 254 -34.31 -47.41 -19.36
C SER T 254 -34.62 -47.61 -17.89
N GLY T 255 -35.05 -46.55 -17.20
CA GLY T 255 -35.40 -46.66 -15.80
C GLY T 255 -34.25 -46.59 -14.83
N TYR T 256 -33.02 -46.44 -15.29
CA TYR T 256 -31.89 -46.33 -14.38
C TYR T 256 -31.72 -44.91 -13.86
N GLY T 257 -30.94 -44.80 -12.79
CA GLY T 257 -30.67 -43.53 -12.14
C GLY T 257 -29.64 -42.69 -12.87
N LEU T 258 -29.07 -41.73 -12.14
CA LEU T 258 -28.08 -40.82 -12.70
C LEU T 258 -27.12 -40.44 -11.57
N SER T 259 -25.91 -40.98 -11.62
CA SER T 259 -24.92 -40.72 -10.58
C SER T 259 -24.31 -39.33 -10.74
N GLU T 260 -24.13 -38.65 -9.61
CA GLU T 260 -23.35 -37.43 -9.61
C GLU T 260 -21.91 -37.65 -10.04
N VAL T 261 -21.39 -38.87 -9.90
CA VAL T 261 -20.06 -39.18 -10.42
C VAL T 261 -20.04 -39.04 -11.93
N GLU T 262 -21.12 -39.46 -12.60
CA GLU T 262 -21.20 -39.28 -14.04
C GLU T 262 -21.24 -37.80 -14.42
N ILE T 263 -22.09 -37.03 -13.75
CA ILE T 263 -22.22 -35.61 -14.07
C ILE T 263 -20.92 -34.87 -13.80
N ALA T 264 -20.31 -35.11 -12.64
CA ALA T 264 -19.13 -34.38 -12.20
C ALA T 264 -17.82 -34.95 -12.72
N MET T 265 -17.85 -35.91 -13.64
CA MET T 265 -16.65 -36.67 -13.97
C MET T 265 -15.52 -35.77 -14.47
N LYS T 266 -15.85 -34.81 -15.34
CA LYS T 266 -14.86 -33.84 -15.79
C LYS T 266 -14.20 -33.13 -14.62
N GLU T 267 -15.01 -32.68 -13.66
CA GLU T 267 -14.48 -32.03 -12.47
C GLU T 267 -13.57 -32.96 -11.68
N PHE T 268 -13.96 -34.23 -11.52
CA PHE T 268 -13.09 -35.18 -10.81
C PHE T 268 -11.75 -35.35 -11.53
N ILE T 269 -11.77 -35.42 -12.86
CA ILE T 269 -10.52 -35.54 -13.61
C ILE T 269 -9.66 -34.29 -13.42
N ALA T 270 -10.26 -33.11 -13.57
CA ALA T 270 -9.53 -31.87 -13.34
C ALA T 270 -8.92 -31.80 -11.95
N TYR T 271 -9.70 -32.16 -10.92
CA TYR T 271 -9.17 -32.27 -9.56
C TYR T 271 -7.96 -33.18 -9.49
N ASN T 272 -8.10 -34.42 -9.95
CA ASN T 272 -6.98 -35.36 -9.95
C ASN T 272 -5.75 -34.79 -10.63
N ASN T 273 -5.95 -34.17 -11.80
CA ASN T 273 -4.83 -33.61 -12.53
C ASN T 273 -4.16 -32.48 -11.75
N THR T 274 -4.93 -31.59 -11.13
CA THR T 274 -4.31 -30.50 -10.38
C THR T 274 -3.59 -31.00 -9.14
N GLU T 275 -4.11 -32.07 -8.53
CA GLU T 275 -3.41 -32.69 -7.41
C GLU T 275 -2.08 -33.28 -7.86
N SER T 276 -2.10 -34.03 -8.96
CA SER T 276 -0.85 -34.58 -9.48
C SER T 276 0.13 -33.48 -9.86
N PHE T 277 -0.37 -32.41 -10.49
CA PHE T 277 0.48 -31.28 -10.82
C PHE T 277 1.19 -30.72 -9.60
N ASN T 278 0.44 -30.45 -8.53
CA ASN T 278 1.06 -29.87 -7.34
C ASN T 278 2.01 -30.86 -6.67
N ASP T 279 1.67 -32.15 -6.67
CA ASP T 279 2.53 -33.15 -6.04
C ASP T 279 3.82 -33.39 -6.82
N ARG T 280 3.80 -33.31 -8.14
CA ARG T 280 4.97 -33.65 -8.94
C ARG T 280 6.14 -32.70 -8.77
N PHE T 281 5.95 -31.54 -8.14
CA PHE T 281 7.09 -30.71 -7.78
C PHE T 281 8.11 -31.50 -6.96
N PHE T 282 7.65 -32.25 -5.96
CA PHE T 282 8.55 -33.11 -5.19
C PHE T 282 8.81 -34.43 -5.90
N SER T 283 7.75 -35.11 -6.34
CA SER T 283 7.89 -36.47 -6.86
C SER T 283 8.79 -36.50 -8.09
N HIS T 284 8.65 -35.52 -8.98
CA HIS T 284 9.30 -35.55 -10.28
C HIS T 284 10.01 -34.26 -10.64
N GLY T 285 9.84 -33.19 -9.89
CA GLY T 285 10.27 -31.89 -10.36
C GLY T 285 11.75 -31.67 -10.14
N GLY T 286 12.24 -30.63 -10.81
CA GLY T 286 13.47 -29.98 -10.40
C GLY T 286 13.23 -28.90 -9.38
N THR T 287 13.63 -29.14 -8.14
CA THR T 287 13.54 -28.13 -7.10
C THR T 287 14.73 -27.18 -7.13
N THR T 288 15.70 -27.39 -8.02
CA THR T 288 16.94 -26.65 -8.02
C THR T 288 16.70 -25.15 -8.05
N ARG T 289 17.21 -24.46 -7.03
CA ARG T 289 16.99 -23.03 -6.91
C ARG T 289 17.55 -22.27 -8.10
N GLY T 290 18.74 -22.67 -8.56
CA GLY T 290 19.45 -21.90 -9.56
C GLY T 290 20.79 -22.53 -9.85
N ILE T 291 21.50 -21.93 -10.78
CA ILE T 291 22.83 -22.37 -11.21
C ILE T 291 23.85 -21.33 -10.75
N LEU T 292 24.89 -21.79 -10.09
CA LEU T 292 26.06 -20.96 -9.77
C LEU T 292 27.02 -21.01 -10.94
N GLN T 293 27.03 -19.95 -11.74
CA GLN T 293 27.97 -19.81 -12.85
C GLN T 293 29.27 -19.20 -12.37
N ILE T 294 30.35 -19.98 -12.44
CA ILE T 294 31.72 -19.51 -12.28
C ILE T 294 32.36 -19.54 -13.66
N ARG T 295 33.11 -18.50 -14.00
CA ARG T 295 33.67 -18.37 -15.33
C ARG T 295 35.12 -17.91 -15.28
N SER T 296 35.94 -18.57 -16.11
CA SER T 296 37.33 -18.19 -16.30
C SER T 296 37.74 -18.56 -17.72
N ASP T 297 39.00 -18.27 -18.05
CA ASP T 297 39.51 -18.49 -19.41
C ASP T 297 39.23 -19.89 -19.94
N GLN T 298 39.24 -20.90 -19.06
CA GLN T 298 38.86 -22.25 -19.45
C GLN T 298 38.23 -22.96 -18.27
N GLN T 299 37.31 -23.88 -18.57
CA GLN T 299 36.69 -24.68 -17.52
C GLN T 299 37.72 -25.51 -16.78
N GLN T 300 37.50 -25.69 -15.48
CA GLN T 300 38.32 -26.58 -14.67
C GLN T 300 38.16 -28.02 -15.13
N SER T 301 39.24 -28.79 -15.02
CA SER T 301 39.17 -30.24 -15.15
C SER T 301 38.20 -30.83 -14.12
N GLN T 302 37.74 -32.03 -14.41
CA GLN T 302 36.82 -32.72 -13.51
C GLN T 302 37.44 -33.00 -12.15
N HIS T 303 38.72 -33.36 -12.12
CA HIS T 303 39.42 -33.59 -10.85
C HIS T 303 39.44 -32.33 -10.00
N ALA T 304 39.86 -31.21 -10.59
CA ALA T 304 39.87 -29.94 -9.89
C ALA T 304 38.49 -29.60 -9.34
N LEU T 305 37.46 -29.79 -10.16
CA LEU T 305 36.10 -29.46 -9.75
C LEU T 305 35.62 -30.36 -8.61
N GLU T 306 35.99 -31.63 -8.61
CA GLU T 306 35.57 -32.51 -7.53
C GLU T 306 36.30 -32.23 -6.23
N ASN T 307 37.57 -31.82 -6.27
CA ASN T 307 38.19 -31.43 -5.01
C ASN T 307 37.78 -30.03 -4.58
N PHE T 308 37.30 -29.20 -5.50
CA PHE T 308 36.61 -27.98 -5.11
C PHE T 308 35.29 -28.28 -4.41
N LYS T 309 34.55 -29.28 -4.91
CA LYS T 309 33.38 -29.77 -4.18
C LYS T 309 33.73 -30.27 -2.79
N ARG T 310 34.90 -30.89 -2.63
CA ARG T 310 35.28 -31.33 -1.30
C ARG T 310 35.61 -30.16 -0.38
N GLU T 311 36.37 -29.18 -0.87
CA GLU T 311 36.57 -27.96 -0.08
C GLU T 311 35.24 -27.32 0.31
N TRP T 312 34.28 -27.29 -0.63
CA TRP T 312 33.00 -26.66 -0.37
C TRP T 312 32.27 -27.40 0.75
N LYS T 313 32.04 -28.69 0.58
CA LYS T 313 31.23 -29.40 1.57
C LYS T 313 31.94 -29.45 2.91
N SER T 314 33.27 -29.65 2.92
CA SER T 314 34.02 -29.64 4.17
C SER T 314 34.07 -28.28 4.85
N SER T 315 33.72 -27.18 4.15
CA SER T 315 33.82 -25.86 4.77
C SER T 315 32.48 -25.19 5.04
N LEU T 316 31.41 -25.56 4.33
CA LEU T 316 30.19 -24.77 4.29
C LEU T 316 28.90 -25.54 4.53
N SER T 317 28.94 -26.87 4.56
CA SER T 317 27.71 -27.64 4.61
C SER T 317 27.16 -27.77 6.02
N GLY T 318 25.85 -27.95 6.10
CA GLY T 318 25.12 -28.21 7.32
C GLY T 318 25.14 -27.06 8.33
N ILE T 319 24.82 -27.44 9.57
CA ILE T 319 24.94 -26.51 10.70
C ILE T 319 26.39 -26.11 10.92
N ASN T 320 27.32 -27.04 10.74
CA ASN T 320 28.73 -26.77 11.06
C ASN T 320 29.28 -25.61 10.24
N GLY T 321 28.93 -25.53 8.97
CA GLY T 321 29.37 -24.46 8.08
C GLY T 321 28.42 -23.29 7.97
N SER T 322 27.36 -23.26 8.78
CA SER T 322 26.13 -22.61 8.37
C SER T 322 26.28 -21.11 8.13
N TRP T 323 27.15 -20.42 8.88
CA TRP T 323 27.28 -18.98 8.73
C TRP T 323 28.58 -18.53 8.08
N GLN T 324 29.43 -19.45 7.64
CA GLN T 324 30.62 -19.07 6.91
C GLN T 324 30.28 -18.62 5.49
N ILE T 325 31.12 -17.73 4.95
CA ILE T 325 31.00 -17.25 3.58
C ILE T 325 32.25 -17.69 2.82
N PRO T 326 32.13 -18.32 1.66
CA PRO T 326 33.31 -18.59 0.84
C PRO T 326 33.86 -17.34 0.19
N VAL T 327 35.19 -17.25 0.14
CA VAL T 327 35.90 -16.31 -0.73
C VAL T 327 36.35 -17.07 -1.96
N VAL T 328 36.05 -16.53 -3.14
CA VAL T 328 36.42 -17.13 -4.42
C VAL T 328 36.93 -16.01 -5.31
N MET T 329 37.98 -16.31 -6.09
CA MET T 329 38.68 -15.30 -6.87
C MET T 329 38.60 -15.58 -8.37
N ALA T 330 37.52 -16.23 -8.80
CA ALA T 330 37.25 -16.40 -10.22
C ALA T 330 37.13 -15.04 -10.90
N ASP T 331 37.29 -15.04 -12.22
CA ASP T 331 37.17 -13.79 -12.97
C ASP T 331 35.78 -13.17 -12.82
N ASP T 332 34.74 -13.99 -12.91
CA ASP T 332 33.39 -13.51 -12.60
C ASP T 332 32.55 -14.66 -12.09
N ILE T 333 31.61 -14.34 -11.20
CA ILE T 333 30.73 -15.30 -10.57
C ILE T 333 29.31 -14.77 -10.68
N LYS T 334 28.38 -15.63 -11.11
CA LYS T 334 26.98 -15.25 -11.27
C LYS T 334 26.09 -16.38 -10.79
N PHE T 335 24.93 -16.02 -10.25
CA PHE T 335 23.90 -16.98 -9.86
C PHE T 335 22.59 -16.67 -10.57
N VAL T 336 22.08 -17.64 -11.31
CA VAL T 336 20.86 -17.50 -12.11
C VAL T 336 19.72 -18.15 -11.35
N ASN T 337 18.69 -17.37 -11.02
CA ASN T 337 17.53 -17.88 -10.30
C ASN T 337 16.55 -18.52 -11.28
N MET T 338 16.22 -19.79 -11.02
CA MET T 338 15.32 -20.56 -11.87
C MET T 338 13.95 -20.81 -11.26
N THR T 339 13.77 -20.61 -9.96
CA THR T 339 12.48 -20.79 -9.31
C THR T 339 12.16 -19.61 -8.41
N PRO T 340 10.89 -19.44 -8.03
CA PRO T 340 10.56 -18.44 -7.01
C PRO T 340 11.24 -18.74 -5.68
N THR T 341 11.61 -17.67 -4.98
CA THR T 341 12.20 -17.82 -3.66
C THR T 341 11.26 -18.49 -2.68
N ALA T 342 9.95 -18.39 -2.88
CA ALA T 342 8.96 -18.94 -1.97
C ALA T 342 7.91 -19.70 -2.78
N ASN T 343 8.01 -21.03 -2.75
CA ASN T 343 7.06 -21.90 -3.43
C ASN T 343 5.85 -22.17 -2.54
N ASP T 344 4.67 -22.25 -3.16
CA ASP T 344 3.49 -22.76 -2.50
C ASP T 344 2.59 -23.41 -3.55
N MET T 345 1.53 -24.06 -3.05
CA MET T 345 0.57 -24.72 -3.93
C MET T 345 0.02 -23.75 -4.96
N GLN T 346 -0.31 -24.28 -6.13
CA GLN T 346 -0.86 -23.51 -7.23
C GLN T 346 -2.27 -23.99 -7.54
N PHE T 347 -3.06 -23.11 -8.16
CA PHE T 347 -4.42 -23.45 -8.59
C PHE T 347 -5.33 -23.73 -7.40
N GLU T 348 -5.07 -23.08 -6.27
CA GLU T 348 -5.93 -23.30 -5.10
C GLU T 348 -7.36 -22.88 -5.36
N LYS T 349 -7.55 -21.72 -6.01
CA LYS T 349 -8.89 -21.29 -6.35
C LYS T 349 -9.58 -22.28 -7.28
N TRP T 350 -8.87 -22.77 -8.29
CA TRP T 350 -9.42 -23.80 -9.17
C TRP T 350 -9.92 -25.01 -8.39
N LEU T 351 -9.12 -25.49 -7.44
CA LEU T 351 -9.53 -26.61 -6.60
C LEU T 351 -10.78 -26.27 -5.81
N ASN T 352 -10.79 -25.12 -5.14
CA ASN T 352 -11.96 -24.71 -4.37
C ASN T 352 -13.21 -24.69 -5.24
N TYR T 353 -13.10 -24.10 -6.43
CA TYR T 353 -14.21 -24.06 -7.37
C TYR T 353 -14.74 -25.45 -7.70
N LEU T 354 -13.84 -26.35 -8.13
CA LEU T 354 -14.24 -27.73 -8.41
C LEU T 354 -14.96 -28.38 -7.23
N ILE T 355 -14.38 -28.29 -6.04
CA ILE T 355 -14.99 -28.95 -4.89
C ILE T 355 -16.31 -28.30 -4.54
N ASN T 356 -16.42 -26.98 -4.73
CA ASN T 356 -17.69 -26.31 -4.50
C ASN T 356 -18.79 -26.85 -5.40
N ILE T 357 -18.47 -27.05 -6.67
CA ILE T 357 -19.44 -27.63 -7.60
C ILE T 357 -19.84 -29.04 -7.15
N ILE T 358 -18.84 -29.89 -6.89
CA ILE T 358 -19.15 -31.27 -6.49
C ILE T 358 -20.00 -31.29 -5.21
N SER T 359 -19.67 -30.44 -4.25
CA SER T 359 -20.47 -30.36 -3.03
C SER T 359 -21.89 -29.89 -3.31
N ALA T 360 -22.05 -28.91 -4.20
CA ALA T 360 -23.38 -28.42 -4.52
C ALA T 360 -24.21 -29.51 -5.19
N LEU T 361 -23.57 -30.33 -6.03
CA LEU T 361 -24.28 -31.44 -6.64
C LEU T 361 -24.70 -32.47 -5.60
N TYR T 362 -23.80 -32.80 -4.67
CA TYR T 362 -24.12 -33.81 -3.68
C TYR T 362 -25.06 -33.32 -2.59
N GLY T 363 -25.29 -32.01 -2.48
CA GLY T 363 -26.14 -31.50 -1.42
C GLY T 363 -25.44 -31.54 -0.08
N ILE T 364 -24.26 -30.93 -0.01
CA ILE T 364 -23.46 -30.85 1.21
C ILE T 364 -22.74 -29.52 1.22
N ASP T 365 -22.52 -28.98 2.41
CA ASP T 365 -21.72 -27.78 2.53
C ASP T 365 -20.23 -28.11 2.37
N PRO T 366 -19.51 -27.43 1.47
CA PRO T 366 -18.05 -27.59 1.43
C PRO T 366 -17.35 -27.39 2.76
N ALA T 367 -17.82 -26.43 3.57
CA ALA T 367 -17.18 -26.21 4.86
C ALA T 367 -17.43 -27.34 5.84
N GLU T 368 -18.45 -28.16 5.61
CA GLU T 368 -18.60 -29.38 6.39
C GLU T 368 -17.40 -30.30 6.19
N ILE T 369 -16.83 -30.32 4.98
CA ILE T 369 -15.59 -31.04 4.73
C ILE T 369 -14.42 -30.06 4.64
N GLY T 370 -14.53 -28.95 5.37
CA GLY T 370 -13.40 -28.07 5.59
C GLY T 370 -12.90 -27.31 4.38
N PHE T 371 -13.64 -27.29 3.27
CA PHE T 371 -13.25 -26.39 2.20
C PHE T 371 -13.87 -25.01 2.40
N PRO T 372 -13.23 -23.93 1.91
CA PRO T 372 -13.93 -22.65 1.85
C PRO T 372 -15.21 -22.73 1.04
N ASN T 373 -16.19 -21.91 1.43
CA ASN T 373 -17.46 -21.83 0.74
C ASN T 373 -17.50 -20.55 -0.07
N ARG T 374 -17.68 -20.68 -1.38
CA ARG T 374 -17.66 -19.54 -2.28
C ARG T 374 -18.92 -18.70 -2.17
N GLY T 375 -20.02 -19.27 -1.66
CA GLY T 375 -21.15 -18.49 -1.24
C GLY T 375 -20.93 -17.68 0.01
N GLY T 376 -19.74 -17.74 0.60
CA GLY T 376 -19.45 -17.11 1.87
C GLY T 376 -20.09 -17.80 3.06
N ALA T 377 -20.29 -17.02 4.13
CA ALA T 377 -21.10 -17.45 5.24
C ALA T 377 -22.59 -17.49 4.87
N THR T 378 -23.29 -18.44 5.48
CA THR T 378 -24.74 -18.52 5.31
C THR T 378 -25.42 -17.37 6.04
N GLY T 379 -26.71 -17.20 5.77
CA GLY T 379 -27.47 -16.11 6.33
C GLY T 379 -27.84 -16.36 7.78
N SER T 380 -28.76 -15.52 8.27
CA SER T 380 -29.24 -15.63 9.64
C SER T 380 -30.06 -16.90 9.82
N GLU T 388 -34.44 -18.47 6.88
CA GLU T 388 -35.09 -19.74 7.19
C GLU T 388 -35.66 -19.73 8.61
N ALA T 389 -36.98 -19.79 8.70
CA ALA T 389 -37.71 -19.55 9.95
C ALA T 389 -37.50 -20.65 10.98
N ASP T 390 -36.69 -21.67 10.70
CA ASP T 390 -36.51 -22.76 11.64
C ASP T 390 -35.91 -22.26 12.95
N PRO T 391 -36.20 -22.92 14.08
CA PRO T 391 -35.51 -22.59 15.33
C PRO T 391 -34.05 -22.99 15.35
N GLY T 392 -33.66 -23.99 14.59
CA GLY T 392 -32.27 -24.39 14.55
C GLY T 392 -31.38 -23.36 13.88
N LYS T 393 -30.11 -23.36 14.27
CA LYS T 393 -29.13 -22.39 13.80
C LYS T 393 -28.67 -22.78 12.40
N LYS T 394 -27.82 -21.91 11.82
CA LYS T 394 -27.25 -22.10 10.48
C LYS T 394 -26.77 -23.53 10.24
N GLN T 395 -26.24 -24.17 11.28
CA GLN T 395 -25.77 -25.55 11.19
C GLN T 395 -26.82 -26.48 10.57
N GLN T 396 -28.10 -26.15 10.73
CA GLN T 396 -29.17 -26.95 10.15
C GLN T 396 -29.02 -27.14 8.64
N GLN T 397 -28.43 -26.17 7.94
CA GLN T 397 -28.67 -26.05 6.50
C GLN T 397 -28.17 -27.27 5.73
N SER T 398 -26.92 -27.68 5.97
CA SER T 398 -26.39 -28.84 5.28
C SER T 398 -27.08 -30.13 5.70
N GLN T 399 -27.52 -30.21 6.97
CA GLN T 399 -28.34 -31.34 7.39
C GLN T 399 -29.62 -31.39 6.56
N ASN T 400 -30.34 -30.29 6.47
CA ASN T 400 -31.59 -30.30 5.73
C ASN T 400 -31.35 -30.62 4.26
N LYS T 401 -30.22 -30.18 3.72
CA LYS T 401 -29.94 -30.39 2.31
C LYS T 401 -29.61 -31.85 1.99
N GLY T 402 -28.65 -32.44 2.71
CA GLY T 402 -28.37 -33.87 2.54
C GLY T 402 -29.21 -34.88 3.29
N LEU T 403 -29.27 -34.74 4.61
CA LEU T 403 -29.52 -35.86 5.50
C LEU T 403 -30.98 -36.30 5.45
N GLN T 404 -31.91 -35.36 5.60
CA GLN T 404 -33.32 -35.73 5.61
C GLN T 404 -33.80 -36.35 4.31
N PRO T 405 -33.44 -35.85 3.12
CA PRO T 405 -33.83 -36.59 1.91
C PRO T 405 -33.34 -38.03 1.88
N LEU T 406 -32.09 -38.26 2.30
CA LEU T 406 -31.58 -39.63 2.32
C LEU T 406 -32.35 -40.50 3.30
N LEU T 407 -32.60 -39.98 4.50
CA LEU T 407 -33.44 -40.68 5.47
C LEU T 407 -34.81 -41.02 4.89
N ARG T 408 -35.48 -40.04 4.29
CA ARG T 408 -36.82 -40.29 3.76
C ARG T 408 -36.80 -41.28 2.61
N PHE T 409 -35.69 -41.35 1.87
CA PHE T 409 -35.53 -42.36 0.83
C PHE T 409 -35.41 -43.75 1.43
N ILE T 410 -34.56 -43.91 2.45
CA ILE T 410 -34.46 -45.20 3.14
C ILE T 410 -35.82 -45.61 3.71
N GLU T 411 -36.52 -44.67 4.34
CA GLU T 411 -37.87 -44.94 4.82
C GLU T 411 -38.78 -45.44 3.72
N ASP T 412 -38.79 -44.75 2.58
CA ASP T 412 -39.63 -45.18 1.47
C ASP T 412 -39.31 -46.61 1.04
N LEU T 413 -38.02 -46.92 0.90
CA LEU T 413 -37.64 -48.28 0.53
C LEU T 413 -38.13 -49.31 1.55
N VAL T 414 -37.90 -49.03 2.84
CA VAL T 414 -38.30 -49.97 3.87
C VAL T 414 -39.82 -50.16 3.85
N ASN T 415 -40.58 -49.07 3.80
CA ASN T 415 -42.03 -49.18 3.78
C ASN T 415 -42.52 -49.99 2.58
N ARG T 416 -42.06 -49.64 1.38
CA ARG T 416 -42.53 -50.37 0.20
C ARG T 416 -42.18 -51.85 0.26
N HIS T 417 -40.95 -52.20 0.66
CA HIS T 417 -40.50 -53.57 0.46
C HIS T 417 -40.65 -54.48 1.67
N ILE T 418 -40.40 -54.01 2.89
CA ILE T 418 -40.39 -54.87 4.07
C ILE T 418 -41.72 -54.76 4.80
N ILE T 419 -42.04 -53.56 5.29
CA ILE T 419 -43.24 -53.35 6.09
C ILE T 419 -44.48 -53.82 5.32
N SER T 420 -44.50 -53.59 4.01
CA SER T 420 -45.61 -54.04 3.18
C SER T 420 -45.91 -55.53 3.32
N GLU T 421 -44.96 -56.33 3.81
CA GLU T 421 -45.27 -57.72 4.16
C GLU T 421 -46.27 -57.80 5.31
N TYR T 422 -46.28 -56.80 6.19
CA TYR T 422 -47.18 -56.77 7.34
C TYR T 422 -48.47 -55.99 7.11
N GLY T 423 -48.67 -55.43 5.92
CA GLY T 423 -49.88 -54.69 5.64
C GLY T 423 -49.77 -53.22 5.99
N ASP T 424 -50.74 -52.46 5.47
CA ASP T 424 -50.68 -51.00 5.46
C ASP T 424 -50.95 -50.36 6.81
N LYS T 425 -51.34 -51.14 7.83
CA LYS T 425 -51.64 -50.55 9.12
C LYS T 425 -50.41 -49.98 9.82
N TYR T 426 -49.21 -50.46 9.51
CA TYR T 426 -48.00 -50.00 10.17
C TYR T 426 -47.24 -49.00 9.30
N THR T 427 -46.36 -48.24 9.95
CA THR T 427 -45.42 -47.36 9.26
C THR T 427 -44.06 -47.39 9.95
N PHE T 428 -43.01 -47.30 9.15
CA PHE T 428 -41.65 -47.12 9.64
C PHE T 428 -41.26 -45.66 9.48
N GLN T 429 -40.80 -45.04 10.57
CA GLN T 429 -40.28 -43.68 10.50
C GLN T 429 -39.06 -43.52 11.41
N PHE T 430 -38.07 -42.78 10.93
CA PHE T 430 -37.07 -42.18 11.81
C PHE T 430 -37.66 -41.02 12.60
N VAL T 431 -37.26 -40.90 13.87
CA VAL T 431 -37.75 -39.84 14.74
C VAL T 431 -36.57 -39.23 15.48
N GLY T 432 -36.50 -37.89 15.49
CA GLY T 432 -35.57 -37.19 16.34
C GLY T 432 -36.02 -37.13 17.79
N GLY T 433 -35.13 -36.60 18.62
CA GLY T 433 -35.43 -36.40 20.02
C GLY T 433 -36.52 -35.36 20.22
N ASP T 434 -36.77 -35.03 21.48
CA ASP T 434 -37.73 -33.99 21.83
C ASP T 434 -37.23 -33.19 23.02
N THR T 435 -37.70 -31.95 23.12
CA THR T 435 -37.41 -31.07 24.26
C THR T 435 -38.58 -31.12 25.24
N LYS T 436 -38.68 -32.27 25.90
CA LYS T 436 -39.80 -32.66 26.74
C LYS T 436 -39.29 -33.20 28.08
N SER T 437 -38.41 -32.45 28.71
CA SER T 437 -37.92 -32.84 30.03
C SER T 437 -39.07 -32.90 31.04
N ALA T 438 -38.73 -33.40 32.23
CA ALA T 438 -39.66 -33.39 33.36
C ALA T 438 -40.20 -31.99 33.65
N THR T 439 -39.33 -30.97 33.56
CA THR T 439 -39.82 -29.60 33.71
C THR T 439 -40.91 -29.26 32.70
N ASP T 440 -40.66 -29.52 31.42
CA ASP T 440 -41.64 -29.19 30.39
C ASP T 440 -42.92 -30.01 30.53
N LYS T 441 -42.78 -31.32 30.81
CA LYS T 441 -43.96 -32.16 31.01
C LYS T 441 -44.77 -31.72 32.22
N LEU T 442 -44.09 -31.32 33.29
CA LEU T 442 -44.79 -30.82 34.47
C LEU T 442 -45.49 -29.51 34.19
N ASN T 443 -44.86 -28.62 33.42
CA ASN T 443 -45.55 -27.40 33.01
C ASN T 443 -46.81 -27.73 32.19
N ILE T 444 -46.69 -28.67 31.26
CA ILE T 444 -47.82 -29.05 30.43
C ILE T 444 -48.96 -29.57 31.29
N LEU T 445 -48.66 -30.54 32.16
CA LEU T 445 -49.69 -31.07 33.03
C LEU T 445 -50.22 -30.04 34.02
N LYS T 446 -49.36 -29.12 34.47
CA LYS T 446 -49.82 -28.00 35.31
C LYS T 446 -50.85 -27.14 34.60
N LEU T 447 -50.82 -27.11 33.27
CA LEU T 447 -51.90 -26.46 32.53
C LEU T 447 -53.09 -27.38 32.30
N GLU T 448 -52.83 -28.65 31.94
CA GLU T 448 -53.91 -29.61 31.72
C GLU T 448 -54.76 -29.81 32.97
N THR T 449 -54.17 -29.69 34.16
CA THR T 449 -54.91 -29.84 35.40
C THR T 449 -55.77 -28.63 35.72
N GLN T 450 -55.48 -27.49 35.11
CA GLN T 450 -56.39 -26.35 35.15
C GLN T 450 -57.47 -26.50 34.10
N ILE T 451 -57.12 -27.05 32.94
CA ILE T 451 -58.03 -27.05 31.79
C ILE T 451 -58.85 -28.33 31.75
N PHE T 452 -58.27 -29.48 32.08
CA PHE T 452 -58.93 -30.77 31.89
C PHE T 452 -58.98 -31.61 33.16
N LYS T 453 -57.82 -31.81 33.76
CA LYS T 453 -57.56 -32.99 34.59
C LYS T 453 -57.79 -32.71 36.06
N THR T 454 -58.62 -33.52 36.69
CA THR T 454 -58.68 -33.57 38.13
C THR T 454 -57.40 -34.20 38.69
N VAL T 455 -57.12 -33.88 39.95
CA VAL T 455 -55.99 -34.45 40.68
C VAL T 455 -55.95 -35.98 40.52
N ASN T 456 -57.11 -36.63 40.63
CA ASN T 456 -57.12 -38.09 40.60
C ASN T 456 -56.80 -38.64 39.22
N GLU T 457 -57.22 -37.95 38.16
CA GLU T 457 -56.82 -38.40 36.83
C GLU T 457 -55.30 -38.32 36.66
N ALA T 458 -54.70 -37.21 37.09
CA ALA T 458 -53.25 -37.09 37.07
C ALA T 458 -52.59 -38.24 37.84
N ARG T 459 -53.00 -38.44 39.09
CA ARG T 459 -52.41 -39.49 39.91
C ARG T 459 -52.58 -40.87 39.27
N GLU T 460 -53.75 -41.12 38.67
CA GLU T 460 -53.98 -42.38 37.98
C GLU T 460 -53.01 -42.57 36.82
N GLU T 461 -52.76 -41.51 36.04
CA GLU T 461 -51.75 -41.60 34.99
C GLU T 461 -50.36 -41.93 35.53
N GLN T 462 -50.08 -41.60 36.78
CA GLN T 462 -48.86 -42.06 37.45
C GLN T 462 -48.98 -43.43 38.08
N GLY T 463 -50.17 -44.04 38.06
CA GLY T 463 -50.42 -45.21 38.86
C GLY T 463 -50.53 -44.98 40.36
N LYS T 464 -50.86 -43.76 40.77
CA LYS T 464 -50.96 -43.41 42.19
C LYS T 464 -52.43 -43.36 42.57
N LYS T 465 -52.74 -43.88 43.76
CA LYS T 465 -54.12 -44.10 44.15
C LYS T 465 -54.89 -42.78 44.12
N PRO T 466 -56.14 -42.77 43.63
CA PRO T 466 -56.96 -41.57 43.75
C PRO T 466 -57.21 -41.25 45.22
N ILE T 467 -57.38 -39.96 45.50
CA ILE T 467 -57.55 -39.48 46.86
C ILE T 467 -58.91 -38.79 46.98
N GLU T 468 -59.57 -39.03 48.11
CA GLU T 468 -60.76 -38.28 48.48
C GLU T 468 -60.43 -36.79 48.58
N GLY T 469 -61.16 -35.97 47.82
CA GLY T 469 -60.81 -34.60 47.58
C GLY T 469 -60.09 -34.35 46.27
N GLY T 470 -59.72 -35.40 45.54
CA GLY T 470 -59.47 -35.26 44.13
C GLY T 470 -60.77 -35.12 43.36
N ASP T 471 -60.78 -35.53 42.10
CA ASP T 471 -61.91 -35.31 41.20
C ASP T 471 -62.27 -33.84 41.08
N ILE T 472 -61.33 -32.94 41.35
CA ILE T 472 -61.54 -31.50 41.23
C ILE T 472 -60.45 -30.92 40.35
N ILE T 473 -60.83 -29.96 39.50
CA ILE T 473 -59.85 -29.14 38.80
C ILE T 473 -59.20 -28.20 39.79
N LEU T 474 -57.89 -28.00 39.65
CA LEU T 474 -57.15 -27.10 40.54
C LEU T 474 -57.31 -25.66 40.06
N ASP T 475 -58.55 -25.19 40.13
CA ASP T 475 -58.88 -23.79 39.89
C ASP T 475 -59.85 -23.33 40.96
N ALA T 476 -59.56 -22.18 41.57
CA ALA T 476 -60.42 -21.64 42.61
C ALA T 476 -61.84 -21.38 42.13
N SER T 477 -62.01 -21.01 40.86
CA SER T 477 -63.36 -20.75 40.36
C SER T 477 -64.21 -22.00 40.31
N PHE T 478 -63.63 -23.15 39.93
CA PHE T 478 -64.39 -24.39 39.94
C PHE T 478 -64.88 -24.74 41.34
N LEU T 479 -64.02 -24.61 42.34
CA LEU T 479 -64.41 -24.93 43.70
C LEU T 479 -65.43 -23.93 44.25
N GLN T 480 -65.26 -22.64 43.96
CA GLN T 480 -66.26 -21.67 44.37
C GLN T 480 -67.62 -21.96 43.72
N GLY T 481 -67.60 -22.43 42.48
CA GLY T 481 -68.83 -22.88 41.86
C GLY T 481 -69.48 -24.03 42.59
N THR T 482 -68.70 -25.07 42.88
CA THR T 482 -69.28 -26.21 43.59
C THR T 482 -69.76 -25.83 44.99
N ALA T 483 -69.07 -24.90 45.65
CA ALA T 483 -69.51 -24.41 46.95
C ALA T 483 -70.82 -23.63 46.84
N GLN T 484 -71.00 -22.89 45.75
CA GLN T 484 -72.31 -22.29 45.47
C GLN T 484 -73.37 -23.38 45.30
N LEU T 485 -73.10 -24.33 44.40
CA LEU T 485 -74.09 -25.35 44.07
C LEU T 485 -74.50 -26.16 45.29
N GLN T 486 -73.58 -26.37 46.23
CA GLN T 486 -73.93 -27.04 47.48
C GLN T 486 -75.05 -26.28 48.22
N GLN T 487 -74.87 -24.97 48.39
CA GLN T 487 -75.91 -24.16 49.02
C GLN T 487 -77.20 -24.21 48.22
N ASP T 488 -77.10 -24.13 46.90
CA ASP T 488 -78.27 -24.30 46.03
C ASP T 488 -79.01 -25.59 46.34
N LYS T 489 -78.28 -26.71 46.45
CA LYS T 489 -78.90 -27.99 46.81
C LYS T 489 -79.59 -27.91 48.16
N GLN T 490 -78.93 -27.35 49.17
CA GLN T 490 -79.55 -27.31 50.51
C GLN T 490 -80.80 -26.43 50.51
N TYR T 491 -80.80 -25.37 49.69
CA TYR T 491 -81.98 -24.54 49.53
C TYR T 491 -83.11 -25.32 48.88
N ASN T 492 -82.82 -26.00 47.77
CA ASN T 492 -83.87 -26.74 47.08
C ASN T 492 -84.43 -27.86 47.95
N ASP T 493 -83.56 -28.50 48.73
CA ASP T 493 -84.02 -29.49 49.70
C ASP T 493 -85.00 -28.89 50.70
N GLY T 494 -84.64 -27.74 51.29
CA GLY T 494 -85.56 -27.09 52.22
C GLY T 494 -86.87 -26.71 51.55
N LYS T 495 -86.78 -26.06 50.39
CA LYS T 495 -87.97 -25.65 49.65
C LYS T 495 -88.90 -26.82 49.38
N GLN T 496 -88.36 -27.91 48.84
CA GLN T 496 -89.21 -29.05 48.47
C GLN T 496 -89.80 -29.75 49.68
N LYS T 497 -89.02 -29.90 50.75
CA LYS T 497 -89.57 -30.51 51.96
C LYS T 497 -90.68 -29.66 52.55
N GLU T 498 -90.48 -28.34 52.58
CA GLU T 498 -91.53 -27.46 53.11
C GLU T 498 -92.75 -27.41 52.20
N ARG T 499 -92.56 -27.49 50.89
CA ARG T 499 -93.67 -27.65 49.96
C ARG T 499 -94.48 -28.91 50.23
N LEU T 500 -93.80 -30.05 50.39
CA LEU T 500 -94.52 -31.29 50.68
C LEU T 500 -95.25 -31.20 52.02
N GLN T 501 -94.59 -30.67 53.04
CA GLN T 501 -95.24 -30.55 54.36
C GLN T 501 -96.46 -29.63 54.29
N MET T 502 -96.38 -28.53 53.54
CA MET T 502 -97.54 -27.67 53.37
C MET T 502 -98.66 -28.37 52.63
N MET T 503 -98.32 -29.10 51.55
CA MET T 503 -99.33 -29.85 50.82
C MET T 503 -100.04 -30.86 51.72
N MET T 504 -99.27 -31.57 52.56
CA MET T 504 -99.89 -32.51 53.48
C MET T 504 -100.71 -31.79 54.55
N SER T 505 -100.30 -30.58 54.95
CA SER T 505 -101.09 -29.82 55.91
C SER T 505 -102.40 -29.34 55.30
N LEU T 506 -102.36 -28.89 54.05
CA LEU T 506 -103.54 -28.30 53.41
C LEU T 506 -104.55 -29.37 53.04
N SER U 49 -59.06 -25.41 -33.50
CA SER U 49 -58.74 -24.38 -32.53
C SER U 49 -57.93 -24.95 -31.38
N LEU U 50 -57.08 -24.10 -30.78
CA LEU U 50 -56.23 -24.56 -29.70
C LEU U 50 -57.03 -24.77 -28.42
N TYR U 51 -57.81 -23.77 -28.02
CA TYR U 51 -58.66 -23.82 -26.84
C TYR U 51 -60.11 -24.12 -27.18
N GLY U 52 -60.65 -23.49 -28.21
CA GLY U 52 -62.08 -23.56 -28.48
C GLY U 52 -62.45 -22.57 -29.56
N GLN U 53 -63.73 -22.60 -29.91
CA GLN U 53 -64.22 -21.74 -31.00
C GLN U 53 -64.06 -20.28 -30.62
N GLN U 54 -63.35 -19.55 -31.46
CA GLN U 54 -63.08 -18.14 -31.24
C GLN U 54 -62.95 -17.48 -32.60
N GLN U 55 -63.32 -16.20 -32.69
CA GLN U 55 -63.24 -15.51 -33.96
C GLN U 55 -61.88 -14.85 -34.18
N ALA U 56 -61.12 -14.62 -33.11
CA ALA U 56 -59.71 -14.27 -33.25
C ALA U 56 -58.91 -15.51 -33.54
N TYR U 57 -58.01 -15.43 -34.52
CA TYR U 57 -57.09 -16.54 -34.78
C TYR U 57 -56.04 -16.64 -33.68
N ALA U 58 -55.81 -17.88 -33.24
CA ALA U 58 -54.86 -18.20 -32.19
C ALA U 58 -53.68 -19.01 -32.71
N GLU U 59 -53.60 -19.25 -34.02
CA GLU U 59 -52.55 -20.03 -34.65
C GLU U 59 -52.12 -19.30 -35.90
N PRO U 60 -50.94 -19.62 -36.45
CA PRO U 60 -50.54 -19.02 -37.73
C PRO U 60 -51.61 -19.23 -38.81
N PHE U 61 -52.06 -18.13 -39.40
CA PHE U 61 -53.19 -18.17 -40.31
C PHE U 61 -52.85 -18.96 -41.57
N ILE U 62 -51.71 -18.66 -42.18
CA ILE U 62 -51.17 -19.49 -43.26
C ILE U 62 -50.44 -20.68 -42.64
N GLU U 63 -50.77 -21.87 -43.13
CA GLU U 63 -50.13 -23.10 -42.67
C GLU U 63 -48.64 -23.08 -43.00
N MET U 64 -47.79 -23.03 -41.98
CA MET U 64 -46.36 -23.16 -42.23
C MET U 64 -46.01 -24.59 -42.59
N MET U 65 -44.95 -24.75 -43.38
CA MET U 65 -44.57 -26.06 -43.91
C MET U 65 -43.96 -26.90 -42.79
N ASP U 66 -44.83 -27.52 -41.99
CA ASP U 66 -44.40 -28.57 -41.09
C ASP U 66 -43.91 -29.79 -41.87
N THR U 67 -42.92 -30.48 -41.30
CA THR U 67 -42.38 -31.65 -41.97
C THR U 67 -43.46 -32.71 -42.19
N ASN U 68 -44.44 -32.76 -41.28
CA ASN U 68 -45.52 -33.73 -41.34
C ASN U 68 -46.84 -33.01 -41.16
N PRO U 69 -47.87 -33.33 -41.96
CA PRO U 69 -49.18 -32.70 -41.74
C PRO U 69 -49.81 -33.00 -40.39
N GLU U 70 -49.38 -34.06 -39.70
CA GLU U 70 -50.13 -34.56 -38.57
C GLU U 70 -49.77 -33.94 -37.22
N PHE U 71 -48.63 -33.24 -37.11
CA PHE U 71 -48.31 -32.63 -35.83
C PHE U 71 -47.52 -31.34 -36.04
N ARG U 72 -47.62 -30.47 -35.04
CA ARG U 72 -46.95 -29.18 -35.05
C ARG U 72 -45.50 -29.35 -34.60
N ASP U 73 -44.57 -28.90 -35.43
CA ASP U 73 -43.16 -28.99 -35.09
C ASP U 73 -42.82 -28.02 -33.95
N LYS U 74 -41.85 -28.43 -33.13
CA LYS U 74 -41.38 -27.60 -32.01
C LYS U 74 -40.28 -26.67 -32.53
N ARG U 75 -40.69 -25.63 -33.24
CA ARG U 75 -39.75 -24.67 -33.81
C ARG U 75 -39.08 -23.84 -32.72
N SER U 76 -37.77 -23.62 -32.88
CA SER U 76 -37.05 -22.64 -32.09
C SER U 76 -37.63 -21.25 -32.27
N TYR U 77 -37.42 -20.40 -31.24
CA TYR U 77 -37.94 -19.05 -31.22
C TYR U 77 -37.74 -18.30 -32.54
N MET U 78 -36.54 -18.37 -33.11
CA MET U 78 -36.24 -17.71 -34.37
C MET U 78 -36.58 -18.56 -35.59
N LYS U 79 -37.15 -19.75 -35.39
CA LYS U 79 -37.39 -20.74 -36.45
C LYS U 79 -36.11 -21.19 -37.15
N ASN U 80 -34.95 -20.94 -36.56
CA ASN U 80 -33.71 -21.48 -37.11
C ASN U 80 -33.64 -23.00 -36.99
N GLU U 81 -34.47 -23.59 -36.12
CA GLU U 81 -34.42 -25.01 -35.81
C GLU U 81 -35.84 -25.52 -35.59
N HIS U 82 -36.06 -26.78 -35.98
CA HIS U 82 -37.37 -27.41 -35.90
C HIS U 82 -37.41 -28.55 -34.90
N ASN U 83 -36.27 -28.93 -34.33
CA ASN U 83 -36.15 -30.09 -33.44
C ASN U 83 -35.55 -29.63 -32.12
N LEU U 84 -36.09 -28.54 -31.58
CA LEU U 84 -35.47 -27.83 -30.46
C LEU U 84 -35.19 -28.77 -29.30
N HIS U 85 -36.12 -29.66 -28.99
CA HIS U 85 -35.94 -30.51 -27.82
C HIS U 85 -34.79 -31.48 -28.02
N ASP U 86 -34.49 -31.85 -29.26
CA ASP U 86 -33.27 -32.64 -29.48
C ASP U 86 -32.01 -31.82 -29.29
N VAL U 87 -32.08 -30.49 -29.43
CA VAL U 87 -30.97 -29.63 -29.03
C VAL U 87 -30.86 -29.60 -27.51
N LEU U 88 -31.96 -29.27 -26.83
CA LEU U 88 -31.94 -29.12 -25.37
C LEU U 88 -31.55 -30.41 -24.66
N LYS U 89 -31.96 -31.55 -25.19
CA LYS U 89 -31.59 -32.83 -24.59
C LYS U 89 -30.08 -32.96 -24.39
N LYS U 90 -29.28 -32.32 -25.25
CA LYS U 90 -27.84 -32.37 -25.11
C LYS U 90 -27.34 -31.65 -23.86
N PHE U 91 -28.13 -30.76 -23.27
CA PHE U 91 -27.72 -30.03 -22.08
C PHE U 91 -28.12 -30.71 -20.78
N GLY U 92 -28.90 -31.79 -20.84
CA GLY U 92 -29.41 -32.43 -19.64
C GLY U 92 -28.34 -32.96 -18.71
N ASN U 93 -27.09 -33.06 -19.16
CA ASN U 93 -25.96 -33.43 -18.32
C ASN U 93 -25.15 -32.24 -17.83
N ASN U 94 -25.61 -31.01 -18.05
CA ASN U 94 -24.87 -29.85 -17.57
C ASN U 94 -24.78 -29.90 -16.04
N PRO U 95 -23.59 -29.72 -15.45
CA PRO U 95 -23.51 -29.81 -13.98
C PRO U 95 -24.29 -28.75 -13.24
N ILE U 96 -24.37 -27.52 -13.74
CA ILE U 96 -25.10 -26.47 -13.03
C ILE U 96 -26.60 -26.75 -13.09
N LEU U 97 -27.11 -27.03 -14.29
CA LEU U 97 -28.53 -27.33 -14.44
C LEU U 97 -28.92 -28.53 -13.61
N ASN U 98 -28.05 -29.54 -13.52
CA ASN U 98 -28.35 -30.69 -12.68
C ASN U 98 -28.28 -30.36 -11.20
N ALA U 99 -27.37 -29.47 -10.79
CA ALA U 99 -27.38 -29.04 -9.39
C ALA U 99 -28.69 -28.36 -9.03
N ILE U 100 -29.21 -27.55 -9.95
CA ILE U 100 -30.49 -26.90 -9.70
C ILE U 100 -31.62 -27.93 -9.64
N ILE U 101 -31.67 -28.82 -10.63
CA ILE U 101 -32.74 -29.81 -10.67
C ILE U 101 -32.71 -30.68 -9.43
N LEU U 102 -31.53 -31.11 -8.99
CA LEU U 102 -31.44 -31.98 -7.84
C LEU U 102 -31.81 -31.26 -6.55
N THR U 103 -31.34 -30.03 -6.35
CA THR U 103 -31.71 -29.32 -5.12
C THR U 103 -33.20 -29.07 -5.07
N ARG U 104 -33.80 -28.61 -6.18
CA ARG U 104 -35.22 -28.35 -6.20
C ARG U 104 -36.03 -29.63 -5.95
N SER U 105 -35.68 -30.71 -6.64
CA SER U 105 -36.46 -31.93 -6.48
C SER U 105 -36.28 -32.57 -5.12
N ASN U 106 -35.11 -32.40 -4.49
CA ASN U 106 -34.96 -32.85 -3.11
C ASN U 106 -35.86 -32.05 -2.18
N GLN U 107 -35.87 -30.73 -2.33
CA GLN U 107 -36.78 -29.91 -1.52
C GLN U 107 -38.23 -30.34 -1.70
N VAL U 108 -38.65 -30.53 -2.96
CA VAL U 108 -40.03 -30.95 -3.23
C VAL U 108 -40.34 -32.30 -2.58
N ALA U 109 -39.40 -33.23 -2.60
CA ALA U 109 -39.69 -34.58 -2.12
C ALA U 109 -40.17 -34.62 -0.67
N MET U 110 -39.85 -33.62 0.15
CA MET U 110 -40.29 -33.63 1.54
C MET U 110 -41.81 -33.56 1.66
N TYR U 111 -42.47 -32.83 0.78
CA TYR U 111 -43.92 -32.70 0.83
C TYR U 111 -44.65 -33.98 0.42
N CYS U 112 -44.02 -34.81 -0.41
CA CYS U 112 -44.72 -35.89 -1.12
C CYS U 112 -45.54 -36.80 -0.21
N GLN U 113 -45.09 -37.05 1.02
CA GLN U 113 -45.88 -37.88 1.91
C GLN U 113 -47.16 -37.17 2.36
N PRO U 114 -48.22 -37.92 2.66
CA PRO U 114 -49.41 -37.30 3.27
C PRO U 114 -49.09 -36.69 4.62
N ALA U 115 -49.58 -35.47 4.85
CA ALA U 115 -49.48 -34.86 6.17
C ALA U 115 -50.27 -35.64 7.22
N ARG U 116 -51.44 -36.18 6.83
CA ARG U 116 -52.28 -36.96 7.73
C ARG U 116 -51.51 -37.98 8.57
N TYR U 117 -50.60 -38.72 7.94
CA TYR U 117 -49.84 -39.78 8.59
C TYR U 117 -48.48 -39.31 9.10
N SER U 118 -48.13 -38.05 8.90
CA SER U 118 -46.80 -37.53 9.22
C SER U 118 -46.93 -36.71 10.49
N GLU U 119 -46.35 -37.22 11.58
CA GLU U 119 -46.61 -36.68 12.91
C GLU U 119 -46.16 -35.23 13.01
N LYS U 120 -45.15 -34.83 12.25
CA LYS U 120 -44.78 -33.42 12.20
C LYS U 120 -45.76 -32.59 11.39
N GLY U 121 -46.77 -33.20 10.77
CA GLY U 121 -47.76 -32.51 9.99
C GLY U 121 -47.31 -32.02 8.64
N LEU U 122 -46.05 -32.21 8.27
CA LEU U 122 -45.54 -31.74 7.00
C LEU U 122 -45.88 -32.75 5.90
N GLY U 123 -46.39 -32.26 4.78
CA GLY U 123 -46.72 -33.10 3.66
C GLY U 123 -47.81 -32.47 2.81
N PHE U 124 -48.66 -33.33 2.25
CA PHE U 124 -49.88 -32.92 1.57
C PHE U 124 -51.10 -33.54 2.23
N GLU U 125 -52.25 -32.94 1.96
CA GLU U 125 -53.54 -33.49 2.35
C GLU U 125 -54.54 -33.27 1.23
N VAL U 126 -55.51 -34.17 1.13
CA VAL U 126 -56.72 -33.97 0.34
C VAL U 126 -57.85 -33.56 1.27
N ARG U 127 -58.54 -32.49 0.91
CA ARG U 127 -59.44 -31.77 1.81
C ARG U 127 -60.70 -31.42 1.03
N LEU U 128 -61.80 -31.24 1.76
CA LEU U 128 -62.95 -30.56 1.16
C LEU U 128 -62.62 -29.12 0.83
N ARG U 129 -63.22 -28.63 -0.24
CA ARG U 129 -62.99 -27.26 -0.68
C ARG U 129 -63.46 -26.25 0.35
N ASP U 130 -64.75 -26.28 0.68
CA ASP U 130 -65.28 -25.34 1.68
C ASP U 130 -64.73 -25.63 3.06
N LEU U 131 -64.21 -24.60 3.71
CA LEU U 131 -63.83 -24.69 5.11
C LEU U 131 -65.03 -24.83 6.03
N ASP U 132 -66.22 -24.41 5.60
CA ASP U 132 -67.39 -24.44 6.45
C ASP U 132 -68.05 -25.81 6.52
N ALA U 133 -67.76 -26.70 5.57
CA ALA U 133 -68.42 -27.99 5.54
C ALA U 133 -67.85 -28.91 6.61
N GLU U 134 -68.70 -29.82 7.10
CA GLU U 134 -68.26 -30.94 7.92
C GLU U 134 -68.34 -32.21 7.10
N PRO U 135 -67.28 -32.99 6.94
CA PRO U 135 -67.33 -34.10 5.97
C PRO U 135 -68.24 -35.22 6.45
N GLY U 136 -68.99 -35.78 5.51
CA GLY U 136 -69.83 -36.92 5.81
C GLY U 136 -69.04 -38.20 6.01
N ARG U 137 -69.73 -39.21 6.51
CA ARG U 137 -69.09 -40.48 6.84
C ARG U 137 -68.42 -41.09 5.61
N LYS U 138 -69.08 -41.00 4.45
CA LYS U 138 -68.51 -41.55 3.23
C LYS U 138 -67.46 -40.62 2.62
N GLU U 139 -67.60 -39.31 2.81
CA GLU U 139 -66.62 -38.39 2.24
C GLU U 139 -65.25 -38.57 2.86
N LYS U 140 -65.18 -38.76 4.18
CA LYS U 140 -63.89 -38.98 4.82
C LYS U 140 -63.18 -40.21 4.26
N GLU U 141 -63.95 -41.27 4.00
CA GLU U 141 -63.34 -42.48 3.45
C GLU U 141 -62.96 -42.29 2.00
N GLU U 142 -63.77 -41.58 1.23
CA GLU U 142 -63.40 -41.33 -0.16
C GLU U 142 -62.13 -40.49 -0.24
N MET U 143 -62.00 -39.47 0.61
CA MET U 143 -60.79 -38.68 0.65
C MET U 143 -59.58 -39.53 1.04
N LYS U 144 -59.74 -40.42 2.02
CA LYS U 144 -58.64 -41.30 2.37
C LYS U 144 -58.27 -42.23 1.22
N ARG U 145 -59.28 -42.71 0.49
CA ARG U 145 -59.03 -43.55 -0.67
C ARG U 145 -58.26 -42.80 -1.75
N ILE U 146 -58.63 -41.55 -2.01
CA ILE U 146 -57.94 -40.75 -3.02
C ILE U 146 -56.49 -40.50 -2.59
N GLU U 147 -56.29 -40.16 -1.32
CA GLU U 147 -54.93 -40.03 -0.79
C GLU U 147 -54.12 -41.30 -1.04
N ASP U 148 -54.66 -42.45 -0.64
CA ASP U 148 -53.97 -43.73 -0.87
C ASP U 148 -53.66 -43.96 -2.33
N PHE U 149 -54.65 -43.71 -3.21
CA PHE U 149 -54.44 -43.82 -4.64
C PHE U 149 -53.26 -42.98 -5.11
N ILE U 150 -53.20 -41.72 -4.67
CA ILE U 150 -52.09 -40.84 -5.06
C ILE U 150 -50.76 -41.42 -4.57
N VAL U 151 -50.68 -41.74 -3.27
CA VAL U 151 -49.46 -42.33 -2.72
C VAL U 151 -49.00 -43.51 -3.56
N ASN U 152 -49.89 -44.46 -3.81
CA ASN U 152 -49.56 -45.62 -4.65
C ASN U 152 -49.43 -45.28 -6.13
N THR U 153 -49.79 -44.06 -6.53
CA THR U 153 -49.74 -43.63 -7.94
C THR U 153 -50.71 -44.47 -8.79
N GLY U 154 -51.71 -45.05 -8.16
CA GLY U 154 -52.60 -45.97 -8.84
C GLY U 154 -53.47 -46.69 -7.84
N LYS U 155 -54.46 -47.40 -8.38
CA LYS U 155 -55.49 -47.97 -7.52
C LYS U 155 -54.91 -49.03 -6.59
N ASP U 156 -54.27 -50.05 -7.15
CA ASP U 156 -53.60 -51.06 -6.36
C ASP U 156 -52.17 -50.65 -6.07
N LYS U 157 -51.62 -51.19 -4.99
CA LYS U 157 -50.19 -51.12 -4.75
C LYS U 157 -49.44 -52.04 -5.70
N ASP U 158 -48.36 -51.52 -6.29
CA ASP U 158 -47.52 -52.28 -7.20
C ASP U 158 -46.12 -51.69 -7.15
N VAL U 159 -45.17 -52.45 -6.61
CA VAL U 159 -43.79 -52.02 -6.50
C VAL U 159 -43.16 -51.67 -7.84
N ASP U 160 -43.72 -52.17 -8.95
CA ASP U 160 -43.17 -51.84 -10.26
C ASP U 160 -43.55 -50.43 -10.72
N ARG U 161 -44.56 -49.82 -10.10
CA ARG U 161 -44.98 -48.47 -10.46
C ARG U 161 -44.19 -47.44 -9.67
N ASP U 162 -43.95 -46.29 -10.30
CA ASP U 162 -43.44 -45.12 -9.59
C ASP U 162 -44.28 -44.81 -8.36
N SER U 163 -43.60 -44.48 -7.26
CA SER U 163 -44.24 -43.75 -6.18
C SER U 163 -44.51 -42.31 -6.61
N PHE U 164 -45.36 -41.63 -5.83
CA PHE U 164 -45.58 -40.21 -6.04
C PHE U 164 -44.28 -39.42 -5.94
N GLN U 165 -43.39 -39.81 -5.04
CA GLN U 165 -42.09 -39.16 -4.96
C GLN U 165 -41.32 -39.23 -6.27
N THR U 166 -41.23 -40.44 -6.85
CA THR U 166 -40.54 -40.61 -8.12
C THR U 166 -41.22 -39.81 -9.23
N PHE U 167 -42.55 -39.82 -9.24
CA PHE U 167 -43.30 -39.04 -10.22
C PHE U 167 -42.97 -37.55 -10.12
N CYS U 168 -42.99 -37.01 -8.90
CA CYS U 168 -42.71 -35.59 -8.72
C CYS U 168 -41.29 -35.25 -9.14
N LYS U 169 -40.31 -36.05 -8.72
CA LYS U 169 -38.93 -35.80 -9.14
C LYS U 169 -38.81 -35.81 -10.66
N LYS U 170 -39.46 -36.77 -11.31
CA LYS U 170 -39.48 -36.82 -12.77
C LYS U 170 -40.02 -35.53 -13.36
N ILE U 171 -41.23 -35.14 -12.97
CA ILE U 171 -41.84 -33.98 -13.63
C ILE U 171 -41.10 -32.69 -13.29
N VAL U 172 -40.45 -32.59 -12.13
CA VAL U 172 -39.60 -31.43 -11.86
C VAL U 172 -38.43 -31.38 -12.84
N ARG U 173 -37.74 -32.51 -12.99
CA ARG U 173 -36.65 -32.56 -13.97
C ARG U 173 -37.15 -32.18 -15.36
N ASP U 174 -38.32 -32.70 -15.75
CA ASP U 174 -38.87 -32.41 -17.06
C ASP U 174 -39.22 -30.92 -17.22
N THR U 175 -39.80 -30.31 -16.19
CA THR U 175 -40.08 -28.88 -16.26
C THR U 175 -38.80 -28.09 -16.49
N TYR U 176 -37.74 -28.43 -15.77
CA TYR U 176 -36.54 -27.61 -15.83
C TYR U 176 -35.62 -27.93 -16.99
N ILE U 177 -35.83 -29.06 -17.69
CA ILE U 177 -35.12 -29.29 -18.95
C ILE U 177 -35.95 -28.75 -20.11
N TYR U 178 -37.19 -29.23 -20.24
CA TYR U 178 -37.98 -28.99 -21.44
C TYR U 178 -38.99 -27.85 -21.27
N ASP U 179 -39.33 -27.48 -20.05
CA ASP U 179 -40.57 -26.75 -19.77
C ASP U 179 -41.76 -27.40 -20.47
N GLN U 180 -41.88 -28.71 -20.32
CA GLN U 180 -43.05 -29.44 -20.79
C GLN U 180 -43.21 -30.69 -19.94
N VAL U 181 -44.36 -30.84 -19.28
CA VAL U 181 -44.69 -32.04 -18.52
C VAL U 181 -45.85 -32.75 -19.20
N ASN U 182 -45.73 -34.07 -19.35
CA ASN U 182 -46.82 -34.91 -19.80
C ASN U 182 -46.89 -36.16 -18.93
N PHE U 183 -48.11 -36.54 -18.56
CA PHE U 183 -48.35 -37.85 -17.97
C PHE U 183 -49.64 -38.41 -18.55
N GLU U 184 -49.63 -39.70 -18.88
CA GLU U 184 -50.82 -40.38 -19.36
C GLU U 184 -51.68 -40.85 -18.20
N LYS U 185 -53.00 -40.72 -18.36
CA LYS U 185 -53.98 -41.29 -17.45
C LYS U 185 -54.55 -42.55 -18.08
N VAL U 186 -54.41 -43.69 -17.40
CA VAL U 186 -54.89 -44.97 -17.89
C VAL U 186 -56.15 -45.34 -17.12
N PHE U 187 -57.26 -45.49 -17.84
CA PHE U 187 -58.53 -45.90 -17.26
C PHE U 187 -58.70 -47.41 -17.33
N ASN U 188 -59.48 -47.93 -16.39
CA ASN U 188 -59.84 -49.34 -16.40
C ASN U 188 -60.44 -49.76 -17.74
N LYS U 189 -60.00 -50.92 -18.24
CA LYS U 189 -60.45 -51.40 -19.53
C LYS U 189 -61.93 -51.78 -19.49
N ASN U 190 -62.40 -52.34 -18.38
CA ASN U 190 -63.80 -52.73 -18.28
C ASN U 190 -64.70 -51.51 -18.08
N ASN U 191 -64.21 -50.52 -17.34
CA ASN U 191 -64.98 -49.32 -17.02
C ASN U 191 -64.10 -48.13 -17.38
N LYS U 192 -64.39 -47.49 -18.52
CA LYS U 192 -63.56 -46.38 -18.99
C LYS U 192 -63.60 -45.20 -18.04
N THR U 193 -64.59 -45.13 -17.16
CA THR U 193 -64.71 -44.03 -16.21
C THR U 193 -63.79 -44.18 -15.00
N LYS U 194 -63.20 -45.35 -14.79
CA LYS U 194 -62.42 -45.62 -13.59
C LYS U 194 -60.93 -45.49 -13.90
N LEU U 195 -60.28 -44.53 -13.23
CA LEU U 195 -58.84 -44.35 -13.32
C LEU U 195 -58.11 -45.46 -12.57
N GLU U 196 -57.06 -46.00 -13.18
CA GLU U 196 -56.23 -47.01 -12.53
C GLU U 196 -54.82 -46.52 -12.24
N LYS U 197 -54.20 -45.81 -13.18
CA LYS U 197 -52.82 -45.36 -13.02
C LYS U 197 -52.66 -44.01 -13.69
N PHE U 198 -51.65 -43.28 -13.25
CA PHE U 198 -51.06 -42.20 -14.03
C PHE U 198 -49.54 -42.33 -14.03
N ILE U 199 -48.94 -42.16 -15.20
CA ILE U 199 -47.52 -42.36 -15.40
C ILE U 199 -46.98 -41.20 -16.22
N ALA U 200 -45.84 -40.65 -15.77
CA ALA U 200 -45.15 -39.61 -16.51
C ALA U 200 -44.55 -40.15 -17.80
N VAL U 201 -44.61 -39.35 -18.86
CA VAL U 201 -44.20 -39.74 -20.20
C VAL U 201 -43.13 -38.75 -20.67
N ASP U 202 -42.20 -39.26 -21.48
CA ASP U 202 -41.08 -38.48 -21.99
C ASP U 202 -41.61 -37.31 -22.82
N PRO U 203 -41.49 -36.06 -22.35
CA PRO U 203 -42.09 -34.93 -23.07
C PRO U 203 -41.53 -34.72 -24.47
N SER U 204 -40.29 -35.11 -24.72
CA SER U 204 -39.71 -34.93 -26.05
C SER U 204 -40.41 -35.74 -27.13
N THR U 205 -41.25 -36.72 -26.75
CA THR U 205 -41.97 -37.54 -27.70
C THR U 205 -43.40 -37.08 -27.96
N ILE U 206 -43.88 -36.07 -27.23
CA ILE U 206 -45.29 -35.67 -27.26
C ILE U 206 -45.41 -34.39 -28.09
N PHE U 207 -46.34 -34.39 -29.03
CA PHE U 207 -46.58 -33.28 -29.93
C PHE U 207 -48.08 -33.01 -30.03
N TYR U 208 -48.43 -31.76 -30.32
CA TYR U 208 -49.80 -31.43 -30.69
C TYR U 208 -50.12 -32.05 -32.05
N ALA U 209 -51.27 -32.72 -32.13
CA ALA U 209 -51.74 -33.25 -33.40
C ALA U 209 -52.42 -32.15 -34.20
N THR U 210 -52.20 -32.16 -35.52
CA THR U 210 -52.71 -31.12 -36.41
C THR U 210 -53.55 -31.77 -37.50
N ASP U 211 -54.69 -31.14 -37.80
CA ASP U 211 -55.51 -31.55 -38.92
C ASP U 211 -54.78 -31.36 -40.24
N LYS U 212 -55.26 -32.05 -41.26
CA LYS U 212 -54.74 -31.86 -42.61
C LYS U 212 -54.84 -30.41 -43.07
N LYS U 213 -55.84 -29.69 -42.57
CA LYS U 213 -55.97 -28.25 -42.79
C LYS U 213 -55.03 -27.42 -41.93
N GLY U 214 -54.03 -28.03 -41.30
CA GLY U 214 -53.07 -27.31 -40.49
C GLY U 214 -53.60 -26.80 -39.17
N LYS U 215 -54.86 -27.05 -38.83
CA LYS U 215 -55.42 -26.62 -37.57
C LYS U 215 -55.13 -27.67 -36.51
N ILE U 216 -54.84 -27.22 -35.30
CA ILE U 216 -54.67 -28.14 -34.19
C ILE U 216 -56.00 -28.81 -33.87
N ILE U 217 -55.97 -30.13 -33.69
CA ILE U 217 -57.19 -30.89 -33.44
C ILE U 217 -57.68 -30.59 -32.03
N LYS U 218 -58.99 -30.38 -31.91
CA LYS U 218 -59.65 -30.31 -30.60
C LYS U 218 -60.79 -31.31 -30.57
N GLY U 219 -61.02 -31.92 -29.40
CA GLY U 219 -62.07 -32.88 -29.20
C GLY U 219 -61.72 -34.29 -29.63
N GLY U 220 -60.91 -34.43 -30.68
CA GLY U 220 -60.39 -35.72 -31.08
C GLY U 220 -59.08 -36.11 -30.44
N LYS U 221 -58.23 -36.76 -31.22
CA LYS U 221 -56.89 -37.16 -30.77
C LYS U 221 -55.98 -35.95 -30.80
N ARG U 222 -56.08 -35.15 -29.73
CA ARG U 222 -55.36 -33.88 -29.67
C ARG U 222 -53.85 -34.08 -29.70
N PHE U 223 -53.36 -35.22 -29.22
CA PHE U 223 -51.93 -35.46 -29.06
C PHE U 223 -51.51 -36.73 -29.79
N VAL U 224 -50.28 -36.71 -30.28
CA VAL U 224 -49.63 -37.89 -30.84
C VAL U 224 -48.28 -38.08 -30.16
N GLN U 225 -47.87 -39.34 -30.04
CA GLN U 225 -46.49 -39.68 -29.67
C GLN U 225 -45.73 -40.04 -30.94
N VAL U 226 -44.58 -39.39 -31.14
CA VAL U 226 -43.76 -39.55 -32.33
C VAL U 226 -42.42 -40.12 -31.95
N VAL U 227 -42.05 -41.23 -32.59
CA VAL U 227 -40.74 -41.86 -32.42
C VAL U 227 -40.18 -42.13 -33.80
N ASP U 228 -38.91 -41.79 -34.01
CA ASP U 228 -38.27 -41.89 -35.32
C ASP U 228 -39.07 -41.16 -36.40
N LYS U 229 -39.71 -40.05 -36.03
CA LYS U 229 -40.54 -39.27 -36.93
C LYS U 229 -41.67 -40.09 -37.55
N ARG U 230 -42.21 -41.07 -36.82
CA ARG U 230 -43.51 -41.61 -37.15
C ARG U 230 -44.37 -41.66 -35.88
N VAL U 231 -45.68 -41.49 -36.08
CA VAL U 231 -46.62 -41.51 -34.96
C VAL U 231 -46.78 -42.96 -34.49
N VAL U 232 -46.44 -43.19 -33.23
CA VAL U 232 -46.57 -44.52 -32.63
C VAL U 232 -47.78 -44.63 -31.71
N ALA U 233 -48.36 -43.52 -31.27
CA ALA U 233 -49.53 -43.53 -30.41
C ALA U 233 -50.25 -42.20 -30.55
N SER U 234 -51.49 -42.17 -30.06
CA SER U 234 -52.26 -40.93 -30.01
C SER U 234 -53.13 -40.89 -28.76
N PHE U 235 -53.51 -39.68 -28.37
CA PHE U 235 -54.20 -39.45 -27.12
C PHE U 235 -55.20 -38.32 -27.30
N THR U 236 -56.31 -38.41 -26.58
CA THR U 236 -57.19 -37.26 -26.38
C THR U 236 -56.71 -36.42 -25.20
N SER U 237 -57.30 -35.22 -25.09
CA SER U 237 -57.11 -34.42 -23.88
C SER U 237 -57.50 -35.19 -22.62
N ARG U 238 -58.45 -36.11 -22.74
CA ARG U 238 -58.83 -36.93 -21.60
C ARG U 238 -57.71 -37.88 -21.18
N GLU U 239 -56.94 -38.37 -22.16
CA GLU U 239 -55.98 -39.43 -21.89
C GLU U 239 -54.58 -38.93 -21.55
N LEU U 240 -54.24 -37.68 -21.92
CA LEU U 240 -52.91 -37.14 -21.66
C LEU U 240 -53.01 -35.72 -21.13
N ALA U 241 -52.34 -35.46 -20.01
CA ALA U 241 -52.11 -34.10 -19.53
C ALA U 241 -50.93 -33.46 -20.26
N MET U 242 -51.00 -32.15 -20.44
CA MET U 242 -49.83 -31.33 -20.72
C MET U 242 -49.80 -30.13 -19.78
N GLY U 243 -48.63 -29.90 -19.18
CA GLY U 243 -48.43 -28.75 -18.30
C GLY U 243 -47.30 -27.88 -18.80
N ILE U 244 -47.50 -26.57 -18.77
CA ILE U 244 -46.53 -25.60 -19.25
C ILE U 244 -46.44 -24.47 -18.24
N ARG U 245 -45.21 -24.07 -17.90
CA ARG U 245 -44.97 -23.01 -16.93
C ARG U 245 -44.84 -21.64 -17.59
N ASN U 246 -44.26 -21.57 -18.79
CA ASN U 246 -43.91 -20.31 -19.45
C ASN U 246 -44.73 -20.15 -20.73
N PRO U 247 -46.02 -19.89 -20.61
CA PRO U 247 -46.87 -19.79 -21.80
C PRO U 247 -46.58 -18.53 -22.60
N ARG U 248 -47.02 -18.54 -23.86
CA ARG U 248 -46.86 -17.41 -24.75
C ARG U 248 -48.15 -17.18 -25.53
N THR U 249 -48.46 -15.91 -25.78
CA THR U 249 -49.53 -15.56 -26.71
C THR U 249 -49.09 -15.63 -28.17
N GLU U 250 -47.78 -15.52 -28.42
CA GLU U 250 -47.20 -15.54 -29.75
C GLU U 250 -47.84 -16.61 -30.63
N LEU U 251 -48.42 -16.18 -31.75
CA LEU U 251 -49.16 -17.10 -32.61
C LEU U 251 -48.31 -18.29 -33.02
N SER U 252 -47.07 -18.03 -33.45
CA SER U 252 -46.21 -19.11 -33.90
C SER U 252 -45.68 -19.97 -32.76
N SER U 253 -45.82 -19.54 -31.51
CA SER U 253 -45.46 -20.41 -30.39
C SER U 253 -46.35 -21.64 -30.32
N SER U 254 -47.52 -21.60 -30.95
CA SER U 254 -48.36 -22.78 -31.15
C SER U 254 -48.71 -23.47 -29.83
N GLY U 255 -48.73 -22.73 -28.73
CA GLY U 255 -49.08 -23.30 -27.45
C GLY U 255 -47.96 -23.99 -26.71
N TYR U 256 -46.75 -24.03 -27.26
CA TYR U 256 -45.64 -24.67 -26.57
C TYR U 256 -45.02 -23.71 -25.56
N GLY U 257 -44.23 -24.29 -24.65
CA GLY U 257 -43.57 -23.53 -23.61
C GLY U 257 -42.35 -22.79 -24.10
N LEU U 258 -41.51 -22.40 -23.14
CA LEU U 258 -40.28 -21.67 -23.43
C LEU U 258 -39.25 -22.06 -22.38
N SER U 259 -38.27 -22.86 -22.76
CA SER U 259 -37.25 -23.32 -21.84
C SER U 259 -36.25 -22.21 -21.54
N GLU U 260 -35.88 -22.10 -20.26
CA GLU U 260 -34.75 -21.26 -19.88
C GLU U 260 -33.45 -21.72 -20.51
N VAL U 261 -33.34 -22.99 -20.90
CA VAL U 261 -32.16 -23.46 -21.61
C VAL U 261 -32.03 -22.76 -22.96
N GLU U 262 -33.15 -22.52 -23.63
CA GLU U 262 -33.10 -21.77 -24.88
C GLU U 262 -32.64 -20.34 -24.64
N ILE U 263 -33.21 -19.67 -23.65
CA ILE U 263 -32.86 -18.28 -23.38
C ILE U 263 -31.39 -18.16 -22.98
N ALA U 264 -30.95 -19.04 -22.07
CA ALA U 264 -29.60 -18.97 -21.52
C ALA U 264 -28.55 -19.67 -22.37
N MET U 265 -28.91 -20.11 -23.58
CA MET U 265 -28.03 -21.01 -24.33
C MET U 265 -26.66 -20.40 -24.59
N LYS U 266 -26.62 -19.12 -24.96
CA LYS U 266 -25.35 -18.44 -25.13
C LYS U 266 -24.51 -18.51 -23.85
N GLU U 267 -25.14 -18.25 -22.71
CA GLU U 267 -24.44 -18.35 -21.44
C GLU U 267 -23.92 -19.76 -21.17
N PHE U 268 -24.71 -20.79 -21.47
CA PHE U 268 -24.23 -22.15 -21.29
C PHE U 268 -23.03 -22.44 -22.18
N ILE U 269 -23.05 -21.94 -23.42
CA ILE U 269 -21.91 -22.14 -24.31
C ILE U 269 -20.68 -21.44 -23.76
N ALA U 270 -20.82 -20.18 -23.36
CA ALA U 270 -19.71 -19.45 -22.76
C ALA U 270 -19.15 -20.17 -21.53
N TYR U 271 -20.04 -20.69 -20.67
CA TYR U 271 -19.59 -21.44 -19.51
C TYR U 271 -18.77 -22.66 -19.91
N ASN U 272 -19.34 -23.51 -20.78
CA ASN U 272 -18.63 -24.67 -21.28
C ASN U 272 -17.26 -24.30 -21.83
N ASN U 273 -17.20 -23.23 -22.63
CA ASN U 273 -15.94 -22.81 -23.22
C ASN U 273 -14.94 -22.39 -22.16
N THR U 274 -15.37 -21.64 -21.15
CA THR U 274 -14.42 -21.21 -20.13
C THR U 274 -13.94 -22.39 -19.29
N GLU U 275 -14.80 -23.38 -19.07
CA GLU U 275 -14.38 -24.58 -18.38
C GLU U 275 -13.33 -25.35 -19.18
N SER U 276 -13.59 -25.55 -20.48
CA SER U 276 -12.61 -26.21 -21.33
C SER U 276 -11.30 -25.45 -21.36
N PHE U 277 -11.37 -24.12 -21.48
CA PHE U 277 -10.18 -23.28 -21.46
C PHE U 277 -9.35 -23.53 -20.22
N ASN U 278 -9.97 -23.47 -19.04
CA ASN U 278 -9.21 -23.65 -17.82
C ASN U 278 -8.66 -25.07 -17.68
N ASP U 279 -9.42 -26.07 -18.12
CA ASP U 279 -8.93 -27.45 -18.03
C ASP U 279 -7.80 -27.76 -18.99
N ARG U 280 -7.80 -27.17 -20.19
CA ARG U 280 -6.81 -27.52 -21.19
C ARG U 280 -5.38 -27.10 -20.83
N PHE U 281 -5.20 -26.27 -19.81
CA PHE U 281 -3.85 -26.01 -19.30
C PHE U 281 -3.12 -27.31 -18.95
N PHE U 282 -3.80 -28.21 -18.24
CA PHE U 282 -3.19 -29.50 -17.93
C PHE U 282 -3.34 -30.48 -19.09
N SER U 283 -4.56 -30.62 -19.62
CA SER U 283 -4.83 -31.66 -20.60
C SER U 283 -3.99 -31.48 -21.85
N HIS U 284 -3.81 -30.23 -22.31
CA HIS U 284 -3.21 -29.95 -23.60
C HIS U 284 -2.11 -28.91 -23.55
N GLY U 285 -1.94 -28.19 -22.45
CA GLY U 285 -1.09 -27.02 -22.46
C GLY U 285 0.38 -27.36 -22.34
N GLY U 286 1.20 -26.36 -22.64
CA GLY U 286 2.56 -26.32 -22.16
C GLY U 286 2.67 -25.67 -20.79
N THR U 287 2.92 -26.48 -19.77
CA THR U 287 3.17 -25.95 -18.43
C THR U 287 4.60 -25.51 -18.22
N THR U 288 5.46 -25.69 -19.22
CA THR U 288 6.90 -25.48 -19.07
C THR U 288 7.21 -24.09 -18.55
N ARG U 289 7.90 -24.05 -17.40
CA ARG U 289 8.20 -22.78 -16.75
C ARG U 289 9.05 -21.88 -17.64
N GLY U 290 10.04 -22.46 -18.33
CA GLY U 290 10.99 -21.65 -19.06
C GLY U 290 12.05 -22.52 -19.71
N ILE U 291 12.95 -21.85 -20.43
CA ILE U 291 14.06 -22.50 -21.12
C ILE U 291 15.36 -22.11 -20.44
N LEU U 292 16.17 -23.12 -20.13
CA LEU U 292 17.54 -22.90 -19.66
C LEU U 292 18.44 -22.80 -20.89
N GLN U 293 18.83 -21.57 -21.23
CA GLN U 293 19.76 -21.33 -22.34
C GLN U 293 21.19 -21.44 -21.84
N ILE U 294 21.91 -22.43 -22.37
CA ILE U 294 23.36 -22.54 -22.23
C ILE U 294 23.95 -22.23 -23.59
N ARG U 295 25.02 -21.44 -23.63
CA ARG U 295 25.59 -21.00 -24.89
C ARG U 295 27.10 -21.08 -24.86
N SER U 296 27.66 -21.59 -25.96
CA SER U 296 29.10 -21.64 -26.15
C SER U 296 29.38 -21.55 -27.65
N ASP U 297 30.66 -21.59 -28.00
CA ASP U 297 31.09 -21.44 -29.39
C ASP U 297 30.35 -22.38 -30.34
N GLN U 298 29.98 -23.58 -29.88
CA GLN U 298 29.16 -24.48 -30.66
C GLN U 298 28.28 -25.30 -29.73
N GLN U 299 27.12 -25.70 -30.23
CA GLN U 299 26.23 -26.57 -29.47
C GLN U 299 26.93 -27.89 -29.14
N GLN U 300 26.63 -28.42 -27.96
CA GLN U 300 27.11 -29.75 -27.60
C GLN U 300 26.52 -30.80 -28.53
N SER U 301 27.30 -31.85 -28.78
CA SER U 301 26.77 -33.04 -29.43
C SER U 301 25.63 -33.63 -28.61
N GLN U 302 24.80 -34.43 -29.28
CA GLN U 302 23.68 -35.09 -28.61
C GLN U 302 24.16 -36.05 -27.52
N HIS U 303 25.24 -36.79 -27.78
CA HIS U 303 25.78 -37.69 -26.77
C HIS U 303 26.22 -36.93 -25.52
N ALA U 304 27.00 -35.86 -25.72
CA ALA U 304 27.44 -35.03 -24.61
C ALA U 304 26.24 -34.49 -23.83
N LEU U 305 25.22 -34.01 -24.55
CA LEU U 305 24.06 -33.44 -23.89
C LEU U 305 23.27 -34.50 -23.11
N GLU U 306 23.20 -35.73 -23.63
CA GLU U 306 22.48 -36.77 -22.92
C GLU U 306 23.22 -37.25 -21.67
N ASN U 307 24.55 -37.29 -21.69
CA ASN U 307 25.23 -37.61 -20.45
C ASN U 307 25.31 -36.42 -19.50
N PHE U 308 25.14 -35.20 -20.02
CA PHE U 308 24.91 -34.07 -19.13
C PHE U 308 23.55 -34.16 -18.45
N LYS U 309 22.53 -34.60 -19.18
CA LYS U 309 21.25 -34.92 -18.55
C LYS U 309 21.38 -36.02 -17.50
N ARG U 310 22.27 -36.97 -17.72
CA ARG U 310 22.47 -38.01 -16.71
C ARG U 310 23.15 -37.47 -15.46
N GLU U 311 24.20 -36.66 -15.63
CA GLU U 311 24.78 -35.96 -14.48
C GLU U 311 23.74 -35.14 -13.72
N TRP U 312 22.87 -34.46 -14.47
CA TRP U 312 21.87 -33.61 -13.85
C TRP U 312 20.92 -34.44 -13.00
N LYS U 313 20.26 -35.43 -13.62
CA LYS U 313 19.25 -36.17 -12.87
C LYS U 313 19.87 -36.97 -11.73
N SER U 314 21.05 -37.55 -11.96
CA SER U 314 21.74 -38.27 -10.90
C SER U 314 22.22 -37.38 -9.76
N SER U 315 22.26 -36.07 -9.95
CA SER U 315 22.78 -35.19 -8.90
C SER U 315 21.73 -34.29 -8.26
N LEU U 316 20.61 -34.01 -8.94
CA LEU U 316 19.72 -32.92 -8.55
C LEU U 316 18.23 -33.29 -8.47
N SER U 317 17.82 -34.45 -8.93
CA SER U 317 16.40 -34.75 -9.02
C SER U 317 15.81 -35.22 -7.70
N GLY U 318 14.52 -34.97 -7.56
CA GLY U 318 13.71 -35.41 -6.43
C GLY U 318 14.09 -34.80 -5.10
N ILE U 319 13.63 -35.47 -4.04
CA ILE U 319 14.04 -35.11 -2.69
C ILE U 319 15.52 -35.32 -2.49
N ASN U 320 16.08 -36.38 -3.08
CA ASN U 320 17.49 -36.70 -2.85
C ASN U 320 18.42 -35.58 -3.27
N GLY U 321 18.14 -34.93 -4.39
CA GLY U 321 18.94 -33.80 -4.86
C GLY U 321 18.47 -32.44 -4.43
N SER U 322 17.44 -32.36 -3.59
CA SER U 322 16.55 -31.22 -3.60
C SER U 322 17.23 -29.90 -3.27
N TRP U 323 18.24 -29.92 -2.40
CA TRP U 323 18.89 -28.68 -1.97
C TRP U 323 20.30 -28.49 -2.51
N GLN U 324 20.78 -29.38 -3.37
CA GLN U 324 22.07 -29.19 -4.00
C GLN U 324 21.98 -28.11 -5.08
N ILE U 325 23.10 -27.44 -5.34
CA ILE U 325 23.21 -26.42 -6.36
C ILE U 325 24.20 -26.91 -7.40
N PRO U 326 23.85 -26.93 -8.70
CA PRO U 326 24.86 -27.22 -9.73
C PRO U 326 25.83 -26.06 -9.91
N VAL U 327 27.10 -26.41 -10.10
CA VAL U 327 28.10 -25.49 -10.63
C VAL U 327 28.28 -25.78 -12.11
N VAL U 328 28.18 -24.74 -12.93
CA VAL U 328 28.33 -24.86 -14.38
C VAL U 328 29.23 -23.71 -14.84
N MET U 329 30.13 -23.97 -15.77
CA MET U 329 31.15 -23.02 -16.19
C MET U 329 31.01 -22.66 -17.66
N ALA U 330 29.79 -22.73 -18.20
CA ALA U 330 29.52 -22.28 -19.55
C ALA U 330 29.88 -20.81 -19.71
N ASP U 331 30.08 -20.42 -20.97
CA ASP U 331 30.43 -19.03 -21.28
C ASP U 331 29.33 -18.07 -20.84
N ASP U 332 28.07 -18.41 -21.08
CA ASP U 332 26.96 -17.65 -20.52
C ASP U 332 25.76 -18.57 -20.34
N ILE U 333 24.97 -18.26 -19.30
CA ILE U 333 23.79 -19.03 -18.95
C ILE U 333 22.65 -18.05 -18.72
N LYS U 334 21.50 -18.33 -19.32
CA LYS U 334 20.32 -17.47 -19.18
C LYS U 334 19.10 -18.36 -19.03
N PHE U 335 18.12 -17.88 -18.27
CA PHE U 335 16.85 -18.57 -18.10
C PHE U 335 15.72 -17.65 -18.53
N VAL U 336 14.93 -18.11 -19.50
CA VAL U 336 13.84 -17.33 -20.08
C VAL U 336 12.53 -17.80 -19.45
N ASN U 337 11.82 -16.89 -18.79
CA ASN U 337 10.55 -17.23 -18.17
C ASN U 337 9.44 -17.13 -19.21
N MET U 338 8.70 -18.23 -19.38
CA MET U 338 7.62 -18.30 -20.36
C MET U 338 6.24 -18.32 -19.74
N THR U 339 6.12 -18.55 -18.43
CA THR U 339 4.83 -18.53 -17.75
C THR U 339 4.93 -17.71 -16.48
N PRO U 340 3.79 -17.29 -15.93
CA PRO U 340 3.81 -16.67 -14.60
C PRO U 340 4.35 -17.63 -13.56
N THR U 341 5.06 -17.06 -12.57
CA THR U 341 5.58 -17.88 -11.49
C THR U 341 4.48 -18.56 -10.68
N ALA U 342 3.28 -17.99 -10.66
CA ALA U 342 2.16 -18.53 -9.90
C ALA U 342 0.92 -18.54 -10.78
N ASN U 343 0.56 -19.73 -11.27
CA ASN U 343 -0.63 -19.91 -12.09
C ASN U 343 -1.86 -20.11 -11.21
N ASP U 344 -2.98 -19.56 -11.66
CA ASP U 344 -4.28 -19.88 -11.09
C ASP U 344 -5.35 -19.74 -12.16
N MET U 345 -6.56 -20.20 -11.83
CA MET U 345 -7.68 -20.13 -12.76
C MET U 345 -7.91 -18.70 -13.23
N GLN U 346 -8.41 -18.58 -14.45
CA GLN U 346 -8.69 -17.32 -15.09
C GLN U 346 -10.19 -17.20 -15.37
N PHE U 347 -10.64 -15.95 -15.53
CA PHE U 347 -12.03 -15.66 -15.86
C PHE U 347 -13.01 -16.08 -14.77
N GLU U 348 -12.58 -16.02 -13.51
CA GLU U 348 -13.47 -16.40 -12.42
C GLU U 348 -14.66 -15.45 -12.33
N LYS U 349 -14.41 -14.15 -12.53
CA LYS U 349 -15.51 -13.19 -12.53
C LYS U 349 -16.50 -13.46 -13.65
N TRP U 350 -15.98 -13.77 -14.84
CA TRP U 350 -16.84 -14.18 -15.96
C TRP U 350 -17.74 -15.35 -15.59
N LEU U 351 -17.17 -16.36 -14.93
CA LEU U 351 -17.95 -17.50 -14.48
C LEU U 351 -19.05 -17.06 -13.52
N ASN U 352 -18.68 -16.30 -12.49
CA ASN U 352 -19.67 -15.84 -11.51
C ASN U 352 -20.79 -15.07 -12.18
N TYR U 353 -20.44 -14.17 -13.10
CA TYR U 353 -21.44 -13.40 -13.84
C TYR U 353 -22.41 -14.30 -14.59
N LEU U 354 -21.89 -15.19 -15.44
CA LEU U 354 -22.74 -16.13 -16.17
C LEU U 354 -23.66 -16.91 -15.23
N ILE U 355 -23.10 -17.46 -14.16
CA ILE U 355 -23.87 -18.30 -13.26
C ILE U 355 -24.94 -17.49 -12.56
N ASN U 356 -24.61 -16.25 -12.17
CA ASN U 356 -25.60 -15.38 -11.57
C ASN U 356 -26.78 -15.16 -12.51
N ILE U 357 -26.50 -14.94 -13.80
CA ILE U 357 -27.58 -14.71 -14.74
C ILE U 357 -28.46 -15.95 -14.88
N ILE U 358 -27.83 -17.12 -15.06
CA ILE U 358 -28.60 -18.35 -15.16
C ILE U 358 -29.43 -18.59 -13.90
N SER U 359 -28.86 -18.31 -12.73
CA SER U 359 -29.60 -18.44 -11.48
C SER U 359 -30.79 -17.48 -11.43
N ALA U 360 -30.61 -16.26 -11.91
CA ALA U 360 -31.70 -15.31 -11.93
C ALA U 360 -32.81 -15.75 -12.86
N LEU U 361 -32.46 -16.42 -13.97
CA LEU U 361 -33.50 -16.97 -14.82
C LEU U 361 -34.25 -18.10 -14.13
N TYR U 362 -33.53 -19.01 -13.49
CA TYR U 362 -34.19 -20.08 -12.75
C TYR U 362 -34.79 -19.62 -11.43
N GLY U 363 -34.43 -18.44 -10.94
CA GLY U 363 -34.96 -17.97 -9.67
C GLY U 363 -34.38 -18.70 -8.47
N ILE U 364 -33.05 -18.74 -8.39
CA ILE U 364 -32.35 -19.40 -7.29
C ILE U 364 -31.23 -18.47 -6.84
N ASP U 365 -30.88 -18.57 -5.56
CA ASP U 365 -29.72 -17.86 -5.04
C ASP U 365 -28.45 -18.59 -5.44
N PRO U 366 -27.51 -17.93 -6.14
CA PRO U 366 -26.19 -18.56 -6.37
C PRO U 366 -25.52 -19.08 -5.11
N ALA U 367 -25.65 -18.39 -3.99
CA ALA U 367 -24.99 -18.82 -2.77
C ALA U 367 -25.62 -20.09 -2.21
N GLU U 368 -26.88 -20.36 -2.54
CA GLU U 368 -27.46 -21.64 -2.21
C GLU U 368 -26.83 -22.79 -2.97
N ILE U 369 -26.07 -22.51 -4.04
CA ILE U 369 -25.44 -23.55 -4.84
C ILE U 369 -23.95 -23.25 -5.01
N GLY U 370 -23.35 -22.61 -4.01
CA GLY U 370 -21.91 -22.52 -3.97
C GLY U 370 -21.28 -21.52 -4.91
N PHE U 371 -21.94 -20.38 -5.14
CA PHE U 371 -21.37 -19.30 -5.93
C PHE U 371 -21.61 -17.98 -5.21
N PRO U 372 -20.79 -16.97 -5.48
CA PRO U 372 -21.10 -15.63 -4.98
C PRO U 372 -22.39 -15.11 -5.58
N ASN U 373 -23.25 -14.55 -4.72
CA ASN U 373 -24.40 -13.80 -5.20
C ASN U 373 -23.94 -12.38 -5.50
N ARG U 374 -23.94 -12.03 -6.78
CA ARG U 374 -23.41 -10.73 -7.19
C ARG U 374 -24.23 -9.61 -6.59
N GLY U 375 -23.57 -8.77 -5.79
CA GLY U 375 -24.22 -7.72 -5.04
C GLY U 375 -24.55 -8.08 -3.61
N GLY U 376 -24.63 -9.36 -3.28
CA GLY U 376 -24.97 -9.77 -1.93
C GLY U 376 -26.27 -9.16 -1.48
N ALA U 377 -26.29 -8.72 -0.21
CA ALA U 377 -27.37 -7.90 0.34
C ALA U 377 -28.73 -8.54 0.12
N THR U 378 -28.94 -9.66 0.81
CA THR U 378 -30.19 -10.38 0.71
C THR U 378 -31.36 -9.49 1.14
N GLY U 379 -32.52 -9.73 0.53
CA GLY U 379 -33.65 -8.83 0.66
C GLY U 379 -34.12 -8.66 2.10
N GLU U 388 -43.79 -10.98 4.77
CA GLU U 388 -44.41 -12.16 5.36
C GLU U 388 -45.13 -11.80 6.65
N ALA U 389 -46.20 -12.54 6.96
CA ALA U 389 -46.84 -12.39 8.28
C ALA U 389 -46.00 -13.04 9.37
N ASP U 390 -45.27 -14.11 9.04
CA ASP U 390 -44.35 -14.70 9.99
C ASP U 390 -43.15 -13.80 10.21
N PRO U 391 -42.49 -13.86 11.38
CA PRO U 391 -41.17 -13.26 11.51
C PRO U 391 -40.07 -14.08 10.82
N GLY U 392 -40.18 -14.21 9.50
CA GLY U 392 -39.22 -14.97 8.74
C GLY U 392 -37.87 -14.28 8.66
N LYS U 393 -37.00 -14.85 7.84
CA LYS U 393 -35.62 -14.38 7.71
C LYS U 393 -35.27 -14.32 6.23
N LYS U 394 -34.21 -13.55 5.93
CA LYS U 394 -33.83 -13.26 4.55
C LYS U 394 -33.81 -14.51 3.67
N GLN U 395 -33.15 -15.58 4.15
CA GLN U 395 -33.03 -16.79 3.33
C GLN U 395 -34.40 -17.35 2.96
N GLN U 396 -35.36 -17.27 3.87
CA GLN U 396 -36.67 -17.81 3.60
C GLN U 396 -37.31 -17.14 2.40
N GLN U 397 -36.98 -15.86 2.14
CA GLN U 397 -37.49 -15.21 0.93
C GLN U 397 -37.06 -15.96 -0.33
N SER U 398 -35.78 -16.32 -0.39
CA SER U 398 -35.26 -17.10 -1.52
C SER U 398 -35.92 -18.46 -1.60
N GLN U 399 -36.00 -19.15 -0.46
CA GLN U 399 -36.71 -20.43 -0.40
C GLN U 399 -38.10 -20.31 -0.98
N ASN U 400 -38.88 -19.34 -0.49
CA ASN U 400 -40.25 -19.19 -0.93
C ASN U 400 -40.33 -18.91 -2.43
N LYS U 401 -39.59 -17.88 -2.89
CA LYS U 401 -39.55 -17.53 -4.31
C LYS U 401 -39.25 -18.72 -5.18
N GLY U 402 -38.35 -19.59 -4.72
CA GLY U 402 -37.99 -20.77 -5.49
C GLY U 402 -39.08 -21.82 -5.45
N LEU U 403 -39.66 -22.03 -4.26
CA LEU U 403 -40.41 -23.24 -3.97
C LEU U 403 -41.90 -23.12 -4.27
N GLN U 404 -42.57 -22.08 -3.77
CA GLN U 404 -44.03 -22.02 -3.93
C GLN U 404 -44.49 -22.07 -5.38
N PRO U 405 -43.89 -21.36 -6.33
CA PRO U 405 -44.38 -21.49 -7.71
C PRO U 405 -44.35 -22.91 -8.24
N LEU U 406 -43.27 -23.66 -8.00
CA LEU U 406 -43.22 -25.03 -8.49
C LEU U 406 -44.27 -25.92 -7.83
N LEU U 407 -44.43 -25.80 -6.50
CA LEU U 407 -45.47 -26.56 -5.82
C LEU U 407 -46.85 -26.18 -6.33
N ARG U 408 -47.10 -24.90 -6.56
CA ARG U 408 -48.42 -24.49 -7.03
C ARG U 408 -48.68 -25.04 -8.42
N PHE U 409 -47.67 -25.05 -9.28
CA PHE U 409 -47.82 -25.64 -10.60
C PHE U 409 -48.18 -27.13 -10.52
N ILE U 410 -47.49 -27.87 -9.65
CA ILE U 410 -47.82 -29.28 -9.47
C ILE U 410 -49.23 -29.45 -8.92
N GLU U 411 -49.60 -28.64 -7.93
CA GLU U 411 -50.97 -28.65 -7.42
C GLU U 411 -51.99 -28.42 -8.53
N ASP U 412 -51.76 -27.41 -9.36
CA ASP U 412 -52.67 -27.13 -10.46
C ASP U 412 -52.83 -28.33 -11.37
N LEU U 413 -51.71 -28.97 -11.73
CA LEU U 413 -51.80 -30.16 -12.58
C LEU U 413 -52.61 -31.26 -11.91
N VAL U 414 -52.33 -31.55 -10.64
CA VAL U 414 -53.04 -32.62 -9.95
C VAL U 414 -54.53 -32.31 -9.87
N ASN U 415 -54.88 -31.09 -9.46
CA ASN U 415 -56.29 -30.73 -9.35
C ASN U 415 -57.01 -30.85 -10.67
N ARG U 416 -56.47 -30.24 -11.73
CA ARG U 416 -57.14 -30.31 -13.02
C ARG U 416 -57.30 -31.73 -13.52
N HIS U 417 -56.26 -32.57 -13.40
CA HIS U 417 -56.28 -33.84 -14.11
C HIS U 417 -56.73 -35.05 -13.29
N ILE U 418 -56.38 -35.15 -12.01
CA ILE U 418 -56.70 -36.35 -11.24
C ILE U 418 -57.96 -36.14 -10.41
N ILE U 419 -57.91 -35.18 -9.48
CA ILE U 419 -59.03 -34.95 -8.58
C ILE U 419 -60.31 -34.68 -9.36
N SER U 420 -60.20 -33.98 -10.49
CA SER U 420 -61.37 -33.72 -11.33
C SER U 420 -62.14 -34.97 -11.70
N GLU U 421 -61.52 -36.15 -11.63
CA GLU U 421 -62.28 -37.38 -11.77
C GLU U 421 -63.27 -37.56 -10.63
N TYR U 422 -62.97 -37.01 -9.46
CA TYR U 422 -63.84 -37.12 -8.28
C TYR U 422 -64.75 -35.91 -8.09
N GLY U 423 -64.69 -34.92 -8.98
CA GLY U 423 -65.53 -33.75 -8.87
C GLY U 423 -64.95 -32.63 -8.02
N ASP U 424 -65.56 -31.46 -8.16
CA ASP U 424 -65.01 -30.22 -7.66
C ASP U 424 -65.13 -30.06 -6.15
N LYS U 425 -65.84 -30.95 -5.46
CA LYS U 425 -65.99 -30.79 -4.02
C LYS U 425 -64.68 -30.96 -3.26
N TYR U 426 -63.72 -31.68 -3.83
CA TYR U 426 -62.45 -31.94 -3.17
C TYR U 426 -61.38 -31.01 -3.71
N THR U 427 -60.30 -30.88 -2.94
CA THR U 427 -59.11 -30.17 -3.38
C THR U 427 -57.85 -30.89 -2.90
N PHE U 428 -56.82 -30.88 -3.73
CA PHE U 428 -55.49 -31.36 -3.36
C PHE U 428 -54.61 -30.15 -3.04
N GLN U 429 -53.98 -30.15 -1.86
CA GLN U 429 -53.02 -29.11 -1.51
C GLN U 429 -51.85 -29.69 -0.74
N PHE U 430 -50.66 -29.19 -1.03
CA PHE U 430 -49.53 -29.29 -0.10
C PHE U 430 -49.74 -28.36 1.09
N VAL U 431 -49.34 -28.83 2.27
CA VAL U 431 -49.49 -28.07 3.50
C VAL U 431 -48.18 -28.11 4.28
N GLY U 432 -47.74 -26.94 4.73
CA GLY U 432 -46.64 -26.83 5.66
C GLY U 432 -47.03 -27.21 7.08
N GLY U 433 -46.01 -27.24 7.95
CA GLY U 433 -46.23 -27.50 9.35
C GLY U 433 -47.03 -26.39 10.02
N ASP U 434 -47.15 -26.51 11.35
CA ASP U 434 -47.84 -25.51 12.15
C ASP U 434 -47.12 -25.31 13.48
N THR U 435 -47.30 -24.12 14.04
CA THR U 435 -46.77 -23.78 15.37
C THR U 435 -47.86 -23.96 16.43
N LYS U 436 -48.18 -25.22 16.68
CA LYS U 436 -49.30 -25.64 17.50
C LYS U 436 -48.87 -26.71 18.50
N SER U 437 -47.77 -26.46 19.21
CA SER U 437 -47.34 -27.40 20.24
C SER U 437 -48.42 -27.53 21.32
N ALA U 438 -48.21 -28.50 22.22
CA ALA U 438 -49.06 -28.64 23.40
C ALA U 438 -49.13 -27.37 24.22
N THR U 439 -48.00 -26.68 24.41
CA THR U 439 -48.03 -25.40 25.10
C THR U 439 -48.94 -24.40 24.42
N ASP U 440 -48.77 -24.20 23.11
CA ASP U 440 -49.58 -23.24 22.39
C ASP U 440 -51.06 -23.62 22.37
N LYS U 441 -51.36 -24.90 22.13
CA LYS U 441 -52.74 -25.36 22.15
C LYS U 441 -53.38 -25.19 23.52
N LEU U 442 -52.62 -25.45 24.59
CA LEU U 442 -53.14 -25.25 25.94
C LEU U 442 -53.37 -23.78 26.24
N ASN U 443 -52.47 -22.89 25.80
CA ASN U 443 -52.74 -21.45 25.94
C ASN U 443 -54.00 -21.04 25.20
N ILE U 444 -54.17 -21.53 23.97
CA ILE U 444 -55.35 -21.20 23.18
C ILE U 444 -56.60 -21.66 23.90
N LEU U 445 -56.64 -22.92 24.32
CA LEU U 445 -57.80 -23.42 25.04
C LEU U 445 -58.00 -22.73 26.37
N LYS U 446 -56.92 -22.34 27.05
CA LYS U 446 -57.01 -21.53 28.26
C LYS U 446 -57.70 -20.19 28.00
N LEU U 447 -57.63 -19.70 26.78
CA LEU U 447 -58.43 -18.53 26.43
C LEU U 447 -59.85 -18.89 26.02
N GLU U 448 -60.01 -19.95 25.23
CA GLU U 448 -61.35 -20.39 24.83
C GLU U 448 -62.22 -20.74 26.02
N THR U 449 -61.62 -21.25 27.10
CA THR U 449 -62.36 -21.58 28.30
C THR U 449 -62.74 -20.36 29.12
N GLN U 450 -62.09 -19.23 28.89
CA GLN U 450 -62.56 -17.97 29.44
C GLN U 450 -63.65 -17.38 28.56
N ILE U 451 -63.52 -17.53 27.25
CA ILE U 451 -64.39 -16.84 26.31
C ILE U 451 -65.60 -17.71 25.94
N PHE U 452 -65.39 -19.02 25.77
CA PHE U 452 -66.44 -19.90 25.25
C PHE U 452 -66.73 -21.09 26.14
N LYS U 453 -65.68 -21.83 26.51
CA LYS U 453 -65.81 -23.24 26.82
C LYS U 453 -65.95 -23.47 28.33
N THR U 454 -67.01 -24.17 28.71
CA THR U 454 -67.08 -24.76 30.03
C THR U 454 -66.09 -25.92 30.13
N VAL U 455 -65.73 -26.24 31.38
CA VAL U 455 -64.87 -27.39 31.65
C VAL U 455 -65.36 -28.63 30.92
N ASN U 456 -66.67 -28.87 30.94
CA ASN U 456 -67.20 -30.10 30.34
C ASN U 456 -67.11 -30.09 28.83
N GLU U 457 -67.28 -28.94 28.18
CA GLU U 457 -67.07 -28.88 26.73
C GLU U 457 -65.63 -29.23 26.38
N ALA U 458 -64.67 -28.65 27.11
CA ALA U 458 -63.27 -29.00 26.92
C ALA U 458 -63.06 -30.49 27.07
N ARG U 459 -63.54 -31.06 28.19
CA ARG U 459 -63.37 -32.49 28.43
C ARG U 459 -64.00 -33.32 27.32
N GLU U 460 -65.16 -32.89 26.81
CA GLU U 460 -65.80 -33.59 25.71
C GLU U 460 -64.93 -33.58 24.46
N GLU U 461 -64.31 -32.45 24.14
CA GLU U 461 -63.37 -32.44 23.02
C GLU U 461 -62.19 -33.37 23.24
N GLN U 462 -61.84 -33.66 24.48
CA GLN U 462 -60.85 -34.70 24.78
C GLN U 462 -61.44 -36.10 24.86
N GLY U 463 -62.77 -36.24 24.76
CA GLY U 463 -63.40 -37.50 25.07
C GLY U 463 -63.44 -37.87 26.54
N LYS U 464 -63.36 -36.89 27.44
CA LYS U 464 -63.34 -37.15 28.87
C LYS U 464 -64.71 -36.84 29.45
N LYS U 465 -65.13 -37.70 30.38
CA LYS U 465 -66.50 -37.69 30.87
C LYS U 465 -66.84 -36.32 31.47
N PRO U 466 -68.04 -35.78 31.21
CA PRO U 466 -68.46 -34.57 31.91
C PRO U 466 -68.55 -34.79 33.41
N ILE U 467 -68.31 -33.71 34.16
CA ILE U 467 -68.31 -33.76 35.62
C ILE U 467 -69.37 -32.81 36.15
N GLU U 468 -70.09 -33.26 37.17
CA GLU U 468 -70.97 -32.38 37.94
C GLU U 468 -70.18 -31.25 38.57
N GLY U 469 -70.58 -30.01 38.28
CA GLY U 469 -69.79 -28.84 38.59
C GLY U 469 -68.97 -28.30 37.44
N GLY U 470 -68.93 -29.00 36.32
CA GLY U 470 -68.55 -28.38 35.06
C GLY U 470 -69.70 -27.53 34.54
N ASP U 471 -69.78 -27.37 33.23
CA ASP U 471 -70.74 -26.46 32.59
C ASP U 471 -70.60 -25.03 33.10
N ILE U 472 -69.42 -24.64 33.60
CA ILE U 472 -69.16 -23.29 34.07
C ILE U 472 -67.90 -22.76 33.40
N ILE U 473 -67.92 -21.48 33.02
CA ILE U 473 -66.71 -20.80 32.62
C ILE U 473 -65.84 -20.54 33.83
N LEU U 474 -64.53 -20.74 33.67
CA LEU U 474 -63.56 -20.53 34.75
C LEU U 474 -63.19 -19.05 34.86
N ASP U 475 -64.18 -18.24 35.22
CA ASP U 475 -63.95 -16.83 35.52
C ASP U 475 -64.73 -16.45 36.77
N ALA U 476 -64.06 -15.75 37.69
CA ALA U 476 -64.71 -15.32 38.93
C ALA U 476 -65.93 -14.44 38.66
N SER U 477 -65.91 -13.66 37.59
CA SER U 477 -67.06 -12.84 37.27
C SER U 477 -68.26 -13.70 36.93
N PHE U 478 -68.03 -14.83 36.25
CA PHE U 478 -69.11 -15.76 35.96
C PHE U 478 -69.75 -16.27 37.25
N LEU U 479 -68.93 -16.58 38.25
CA LEU U 479 -69.47 -17.04 39.52
C LEU U 479 -70.22 -15.95 40.25
N GLN U 480 -69.73 -14.71 40.21
CA GLN U 480 -70.49 -13.61 40.80
C GLN U 480 -71.84 -13.45 40.10
N GLY U 481 -71.86 -13.66 38.79
CA GLY U 481 -73.14 -13.69 38.08
C GLY U 481 -74.07 -14.79 38.56
N THR U 482 -73.57 -16.02 38.64
CA THR U 482 -74.43 -17.11 39.08
C THR U 482 -74.89 -16.93 40.52
N ALA U 483 -74.04 -16.38 41.39
CA ALA U 483 -74.45 -16.08 42.77
C ALA U 483 -75.52 -14.99 42.81
N GLN U 484 -75.42 -14.01 41.91
CA GLN U 484 -76.52 -13.05 41.77
C GLN U 484 -77.79 -13.77 41.37
N LEU U 485 -77.74 -14.55 40.30
CA LEU U 485 -78.97 -15.16 39.80
C LEU U 485 -79.58 -16.09 40.84
N GLN U 486 -78.74 -16.78 41.63
CA GLN U 486 -79.25 -17.61 42.73
C GLN U 486 -80.00 -16.77 43.76
N GLN U 487 -79.40 -15.66 44.20
CA GLN U 487 -80.11 -14.78 45.13
C GLN U 487 -81.40 -14.24 44.52
N ASP U 488 -81.35 -13.84 43.26
CA ASP U 488 -82.55 -13.43 42.54
C ASP U 488 -83.65 -14.48 42.60
N LYS U 489 -83.30 -15.73 42.32
CA LYS U 489 -84.28 -16.82 42.42
C LYS U 489 -84.85 -16.93 43.84
N GLN U 490 -83.98 -16.92 44.85
CA GLN U 490 -84.51 -17.08 46.22
C GLN U 490 -85.40 -15.90 46.63
N TYR U 491 -85.07 -14.69 46.16
CA TYR U 491 -85.92 -13.54 46.42
C TYR U 491 -87.26 -13.69 45.72
N ASN U 492 -87.24 -14.02 44.43
CA ASN U 492 -88.49 -14.14 43.69
C ASN U 492 -89.35 -15.26 44.24
N ASP U 493 -88.72 -16.35 44.69
CA ASP U 493 -89.44 -17.41 45.38
C ASP U 493 -90.14 -16.88 46.62
N GLY U 494 -89.42 -16.13 47.46
CA GLY U 494 -90.06 -15.55 48.64
C GLY U 494 -91.21 -14.62 48.28
N LYS U 495 -90.97 -13.71 47.34
CA LYS U 495 -92.00 -12.79 46.90
C LYS U 495 -93.24 -13.53 46.42
N GLN U 496 -93.06 -14.53 45.55
CA GLN U 496 -94.19 -15.25 44.98
C GLN U 496 -94.92 -16.08 46.02
N LYS U 497 -94.19 -16.71 46.94
CA LYS U 497 -94.86 -17.45 48.01
C LYS U 497 -95.68 -16.54 48.91
N GLU U 498 -95.14 -15.36 49.25
CA GLU U 498 -95.92 -14.44 50.09
C GLU U 498 -97.10 -13.83 49.34
N ARG U 499 -96.94 -13.59 48.04
CA ARG U 499 -98.07 -13.19 47.20
C ARG U 499 -99.15 -14.26 47.19
N LEU U 500 -98.76 -15.51 46.99
CA LEU U 500 -99.72 -16.62 47.00
C LEU U 500 -100.43 -16.72 48.35
N GLN U 501 -99.67 -16.60 49.45
CA GLN U 501 -100.26 -16.68 50.77
C GLN U 501 -101.27 -15.55 50.99
N MET U 502 -100.95 -14.34 50.52
CA MET U 502 -101.91 -13.24 50.60
C MET U 502 -103.14 -13.49 49.74
N MET U 503 -102.95 -13.98 48.51
CA MET U 503 -104.08 -14.28 47.65
C MET U 503 -105.00 -15.31 48.29
N MET U 504 -104.42 -16.35 48.90
CA MET U 504 -105.23 -17.34 49.59
C MET U 504 -105.90 -16.73 50.82
N SER U 505 -105.24 -15.76 51.46
CA SER U 505 -105.86 -15.07 52.59
C SER U 505 -107.02 -14.20 52.14
N LEU U 506 -106.87 -13.52 51.01
CA LEU U 506 -107.88 -12.57 50.53
C LEU U 506 -109.12 -13.29 49.99
N SER V 49 -64.11 9.41 -33.43
CA SER V 49 -63.42 9.98 -32.28
C SER V 49 -62.75 8.89 -31.46
N LEU V 50 -61.65 9.25 -30.80
CA LEU V 50 -60.90 8.26 -30.02
C LEU V 50 -61.65 7.90 -28.75
N TYR V 51 -62.03 8.91 -27.96
CA TYR V 51 -62.78 8.74 -26.72
C TYR V 51 -64.27 9.01 -26.89
N GLY V 52 -64.62 10.07 -27.59
CA GLY V 52 -65.99 10.53 -27.66
C GLY V 52 -66.03 11.90 -28.32
N GLN V 53 -67.24 12.40 -28.48
CA GLN V 53 -67.40 13.68 -29.16
C GLN V 53 -66.74 14.77 -28.32
N GLN V 54 -65.78 15.47 -28.93
CA GLN V 54 -65.04 16.51 -28.25
C GLN V 54 -64.62 17.56 -29.27
N GLN V 55 -64.49 18.80 -28.81
CA GLN V 55 -64.10 19.90 -29.70
C GLN V 55 -62.59 20.08 -29.79
N ALA V 56 -61.84 19.56 -28.82
CA ALA V 56 -60.40 19.43 -28.96
C ALA V 56 -60.07 18.23 -29.83
N TYR V 57 -59.17 18.40 -30.78
CA TYR V 57 -58.70 17.28 -31.58
C TYR V 57 -57.80 16.36 -30.74
N ALA V 58 -58.05 15.06 -30.87
CA ALA V 58 -57.31 14.03 -30.13
C ALA V 58 -56.47 13.15 -31.05
N GLU V 59 -56.44 13.42 -32.35
CA GLU V 59 -55.71 12.63 -33.32
C GLU V 59 -55.01 13.58 -34.27
N PRO V 60 -54.00 13.10 -35.00
CA PRO V 60 -53.38 13.96 -36.02
C PRO V 60 -54.42 14.50 -37.00
N PHE V 61 -54.45 15.83 -37.14
CA PHE V 61 -55.51 16.45 -37.90
C PHE V 61 -55.41 16.08 -39.37
N ILE V 62 -54.20 16.19 -39.94
CA ILE V 62 -53.92 15.65 -41.26
C ILE V 62 -53.64 14.16 -41.12
N GLU V 63 -54.29 13.36 -41.96
CA GLU V 63 -54.08 11.92 -41.98
C GLU V 63 -52.65 11.61 -42.38
N MET V 64 -51.86 11.05 -41.47
CA MET V 64 -50.53 10.60 -41.84
C MET V 64 -50.63 9.36 -42.73
N MET V 65 -49.65 9.18 -43.59
CA MET V 65 -49.70 8.10 -44.59
C MET V 65 -49.46 6.78 -43.89
N ASP V 66 -50.53 6.25 -43.30
CA ASP V 66 -50.56 4.88 -42.84
C ASP V 66 -50.45 3.90 -44.01
N THR V 67 -49.79 2.77 -43.76
CA THR V 67 -49.61 1.77 -44.81
C THR V 67 -50.95 1.28 -45.34
N ASN V 68 -51.97 1.25 -44.49
CA ASN V 68 -53.29 0.76 -44.86
C ASN V 68 -54.34 1.79 -44.43
N PRO V 69 -55.31 2.11 -45.27
CA PRO V 69 -56.38 3.03 -44.84
C PRO V 69 -57.21 2.51 -43.67
N GLU V 70 -57.21 1.21 -43.42
CA GLU V 70 -58.18 0.62 -42.51
C GLU V 70 -57.72 0.56 -41.05
N PHE V 71 -56.42 0.73 -40.77
CA PHE V 71 -55.98 0.69 -39.38
C PHE V 71 -54.79 1.64 -39.19
N ARG V 72 -54.64 2.08 -37.95
CA ARG V 72 -53.58 2.99 -37.54
C ARG V 72 -52.26 2.24 -37.30
N ASP V 73 -51.21 2.67 -37.99
CA ASP V 73 -49.91 2.05 -37.80
C ASP V 73 -49.33 2.40 -36.43
N LYS V 74 -48.57 1.46 -35.87
CA LYS V 74 -47.89 1.65 -34.59
C LYS V 74 -46.51 2.27 -34.82
N ARG V 75 -46.51 3.58 -35.10
CA ARG V 75 -45.25 4.28 -35.36
C ARG V 75 -44.41 4.42 -34.09
N SER V 76 -43.10 4.23 -34.26
CA SER V 76 -42.13 4.57 -33.24
C SER V 76 -42.17 6.05 -32.89
N TYR V 77 -41.73 6.35 -31.66
CA TYR V 77 -41.74 7.71 -31.11
C TYR V 77 -41.23 8.75 -32.11
N MET V 78 -40.11 8.46 -32.77
CA MET V 78 -39.54 9.38 -33.74
C MET V 78 -40.11 9.19 -35.15
N LYS V 79 -41.06 8.29 -35.32
CA LYS V 79 -41.58 7.90 -36.64
C LYS V 79 -40.48 7.33 -37.55
N ASN V 80 -39.34 6.93 -36.98
CA ASN V 80 -38.31 6.25 -37.76
C ASN V 80 -38.75 4.88 -38.23
N GLU V 81 -39.79 4.31 -37.63
CA GLU V 81 -40.20 2.94 -37.91
C GLU V 81 -41.73 2.84 -37.86
N HIS V 82 -42.27 1.97 -38.72
CA HIS V 82 -43.71 1.79 -38.85
C HIS V 82 -44.16 0.40 -38.40
N ASN V 83 -43.23 -0.50 -38.08
CA ASN V 83 -43.50 -1.89 -37.75
C ASN V 83 -42.88 -2.20 -36.40
N LEU V 84 -43.13 -1.30 -35.44
CA LEU V 84 -42.40 -1.31 -34.17
C LEU V 84 -42.48 -2.67 -33.48
N HIS V 85 -43.65 -3.29 -33.50
CA HIS V 85 -43.79 -4.54 -32.77
C HIS V 85 -42.98 -5.66 -33.40
N ASP V 86 -42.76 -5.62 -34.71
CA ASP V 86 -41.84 -6.57 -35.32
C ASP V 86 -40.38 -6.30 -34.96
N VAL V 87 -40.05 -5.06 -34.61
CA VAL V 87 -38.72 -4.80 -34.02
C VAL V 87 -38.65 -5.39 -32.62
N LEU V 88 -39.61 -5.05 -31.76
CA LEU V 88 -39.58 -5.50 -30.38
C LEU V 88 -39.62 -7.02 -30.26
N LYS V 89 -40.33 -7.70 -31.17
CA LYS V 89 -40.38 -9.16 -31.14
C LYS V 89 -39.00 -9.80 -31.13
N LYS V 90 -38.00 -9.15 -31.75
CA LYS V 90 -36.66 -9.71 -31.75
C LYS V 90 -36.00 -9.71 -30.36
N PHE V 91 -36.49 -8.90 -29.43
CA PHE V 91 -35.92 -8.86 -28.08
C PHE V 91 -36.60 -9.79 -27.09
N GLY V 92 -37.71 -10.44 -27.47
CA GLY V 92 -38.45 -11.26 -26.53
C GLY V 92 -37.69 -12.43 -25.96
N ASN V 93 -36.54 -12.77 -26.55
CA ASN V 93 -35.64 -13.80 -26.02
C ASN V 93 -34.48 -13.21 -25.23
N ASN V 94 -34.47 -11.91 -24.97
CA ASN V 94 -33.39 -11.32 -24.19
C ASN V 94 -33.34 -11.94 -22.80
N PRO V 95 -32.16 -12.39 -22.32
CA PRO V 95 -32.12 -13.00 -20.98
C PRO V 95 -32.50 -12.08 -19.83
N ILE V 96 -32.11 -10.80 -19.88
CA ILE V 96 -32.49 -9.89 -18.81
C ILE V 96 -34.00 -9.65 -18.82
N LEU V 97 -34.55 -9.34 -19.99
CA LEU V 97 -35.98 -9.10 -20.09
C LEU V 97 -36.78 -10.32 -19.67
N ASN V 98 -36.31 -11.52 -20.04
CA ASN V 98 -37.01 -12.72 -19.62
C ASN V 98 -36.85 -13.01 -18.14
N ALA V 99 -35.70 -12.69 -17.55
CA ALA V 99 -35.57 -12.83 -16.10
C ALA V 99 -36.56 -11.92 -15.36
N ILE V 100 -36.75 -10.70 -15.87
CA ILE V 100 -37.73 -9.79 -15.26
C ILE V 100 -39.14 -10.34 -15.44
N ILE V 101 -39.48 -10.73 -16.67
CA ILE V 101 -40.83 -11.21 -16.94
C ILE V 101 -41.13 -12.44 -16.09
N LEU V 102 -40.18 -13.37 -15.97
CA LEU V 102 -40.43 -14.57 -15.20
C LEU V 102 -40.54 -14.29 -13.70
N THR V 103 -39.69 -13.43 -13.14
CA THR V 103 -39.83 -13.15 -11.72
C THR V 103 -41.15 -12.46 -11.42
N ARG V 104 -41.54 -11.49 -12.26
CA ARG V 104 -42.82 -10.81 -12.02
C ARG V 104 -43.99 -11.77 -12.16
N SER V 105 -44.01 -12.58 -13.21
CA SER V 105 -45.16 -13.46 -13.42
C SER V 105 -45.21 -14.59 -12.40
N ASN V 106 -44.06 -15.05 -11.90
CA ASN V 106 -44.06 -15.99 -10.79
C ASN V 106 -44.62 -15.35 -9.53
N GLN V 107 -44.28 -14.10 -9.25
CA GLN V 107 -44.87 -13.42 -8.09
C GLN V 107 -46.38 -13.30 -8.24
N VAL V 108 -46.84 -12.88 -9.42
CA VAL V 108 -48.27 -12.71 -9.67
C VAL V 108 -49.02 -14.03 -9.55
N ALA V 109 -48.44 -15.12 -10.04
CA ALA V 109 -49.15 -16.40 -10.08
C ALA V 109 -49.65 -16.87 -8.72
N MET V 110 -49.03 -16.44 -7.63
CA MET V 110 -49.49 -16.88 -6.31
C MET V 110 -50.89 -16.38 -5.98
N TYR V 111 -51.29 -15.23 -6.52
CA TYR V 111 -52.60 -14.66 -6.21
C TYR V 111 -53.74 -15.25 -7.04
N CYS V 112 -53.44 -16.04 -8.06
CA CYS V 112 -54.48 -16.49 -8.99
C CYS V 112 -55.56 -17.34 -8.33
N GLN V 113 -55.22 -18.14 -7.32
CA GLN V 113 -56.25 -18.94 -6.66
C GLN V 113 -57.19 -18.06 -5.84
N PRO V 114 -58.45 -18.49 -5.64
CA PRO V 114 -59.34 -17.76 -4.74
C PRO V 114 -58.83 -17.74 -3.30
N ALA V 115 -58.90 -16.56 -2.69
CA ALA V 115 -58.59 -16.44 -1.27
C ALA V 115 -59.58 -17.22 -0.41
N ARG V 116 -60.85 -17.24 -0.81
CA ARG V 116 -61.91 -17.96 -0.10
C ARG V 116 -61.51 -19.36 0.35
N TYR V 117 -60.86 -20.12 -0.52
CA TYR V 117 -60.48 -21.49 -0.23
C TYR V 117 -59.07 -21.63 0.33
N SER V 118 -58.34 -20.53 0.48
CA SER V 118 -56.93 -20.55 0.85
C SER V 118 -56.85 -20.10 2.30
N GLU V 119 -56.50 -21.05 3.18
CA GLU V 119 -56.63 -20.81 4.61
C GLU V 119 -55.72 -19.67 5.06
N LYS V 120 -54.61 -19.45 4.36
CA LYS V 120 -53.78 -18.29 4.64
C LYS V 120 -54.41 -17.00 4.13
N GLY V 121 -55.55 -17.07 3.45
CA GLY V 121 -56.22 -15.89 2.94
C GLY V 121 -55.61 -15.27 1.71
N LEU V 122 -54.51 -15.81 1.20
CA LEU V 122 -53.86 -15.23 0.03
C LEU V 122 -54.54 -15.68 -1.25
N GLY V 123 -54.82 -14.72 -2.12
CA GLY V 123 -55.45 -15.01 -3.40
C GLY V 123 -56.21 -13.79 -3.90
N PHE V 124 -57.30 -14.06 -4.60
CA PHE V 124 -58.28 -13.05 -4.98
C PHE V 124 -59.65 -13.37 -4.40
N GLU V 125 -60.51 -12.36 -4.35
CA GLU V 125 -61.91 -12.52 -4.00
C GLU V 125 -62.77 -11.61 -4.85
N VAL V 126 -64.01 -12.05 -5.10
CA VAL V 126 -65.07 -11.20 -5.61
C VAL V 126 -65.96 -10.77 -4.46
N ARG V 127 -66.21 -9.46 -4.37
CA ARG V 127 -66.77 -8.85 -3.18
C ARG V 127 -67.83 -7.85 -3.60
N LEU V 128 -68.75 -7.57 -2.67
CA LEU V 128 -69.59 -6.39 -2.81
C LEU V 128 -68.75 -5.12 -2.70
N ARG V 129 -69.17 -4.09 -3.43
CA ARG V 129 -68.46 -2.82 -3.41
C ARG V 129 -68.48 -2.19 -2.02
N ASP V 130 -69.67 -1.92 -1.48
CA ASP V 130 -69.77 -1.33 -0.15
C ASP V 130 -69.30 -2.32 0.91
N LEU V 131 -68.39 -1.85 1.78
CA LEU V 131 -68.01 -2.62 2.95
C LEU V 131 -69.14 -2.73 3.97
N ASP V 132 -70.09 -1.79 3.94
CA ASP V 132 -71.17 -1.77 4.93
C ASP V 132 -72.32 -2.72 4.60
N ALA V 133 -72.41 -3.18 3.35
CA ALA V 133 -73.53 -4.02 2.96
C ALA V 133 -73.36 -5.43 3.51
N GLU V 134 -74.48 -6.11 3.75
CA GLU V 134 -74.51 -7.52 4.05
C GLU V 134 -75.06 -8.29 2.86
N PRO V 135 -74.35 -9.29 2.31
CA PRO V 135 -74.81 -9.88 1.04
C PRO V 135 -76.06 -10.72 1.24
N GLY V 136 -76.97 -10.63 0.28
CA GLY V 136 -78.15 -11.45 0.31
C GLY V 136 -77.86 -12.90 -0.03
N ARG V 137 -78.85 -13.75 0.20
CA ARG V 137 -78.68 -15.18 0.01
C ARG V 137 -78.31 -15.51 -1.43
N LYS V 138 -78.92 -14.81 -2.39
CA LYS V 138 -78.61 -15.05 -3.79
C LYS V 138 -77.32 -14.38 -4.21
N GLU V 139 -76.98 -13.25 -3.58
CA GLU V 139 -75.75 -12.56 -3.92
C GLU V 139 -74.53 -13.40 -3.61
N LYS V 140 -74.53 -14.09 -2.47
CA LYS V 140 -73.42 -14.96 -2.14
C LYS V 140 -73.20 -16.03 -3.20
N GLU V 141 -74.29 -16.57 -3.75
CA GLU V 141 -74.16 -17.58 -4.80
C GLU V 141 -73.70 -16.97 -6.11
N GLU V 142 -74.18 -15.76 -6.42
CA GLU V 142 -73.72 -15.09 -7.63
C GLU V 142 -72.24 -14.80 -7.56
N MET V 143 -71.76 -14.33 -6.40
CA MET V 143 -70.33 -14.12 -6.21
C MET V 143 -69.53 -15.41 -6.35
N LYS V 144 -70.05 -16.51 -5.79
CA LYS V 144 -69.36 -17.78 -5.95
C LYS V 144 -69.33 -18.22 -7.42
N ARG V 145 -70.41 -17.99 -8.15
CA ARG V 145 -70.41 -18.32 -9.57
C ARG V 145 -69.40 -17.50 -10.34
N ILE V 146 -69.31 -16.20 -10.06
CA ILE V 146 -68.36 -15.35 -10.76
C ILE V 146 -66.92 -15.77 -10.44
N GLU V 147 -66.64 -16.05 -9.17
CA GLU V 147 -65.33 -16.59 -8.79
C GLU V 147 -65.01 -17.86 -9.59
N ASP V 148 -65.92 -18.82 -9.58
CA ASP V 148 -65.71 -20.06 -10.33
C ASP V 148 -65.45 -19.79 -11.81
N PHE V 149 -66.26 -18.93 -12.42
CA PHE V 149 -66.04 -18.54 -13.82
C PHE V 149 -64.62 -18.00 -14.04
N ILE V 150 -64.18 -17.10 -13.17
CA ILE V 150 -62.83 -16.54 -13.31
C ILE V 150 -61.78 -17.64 -13.20
N VAL V 151 -61.84 -18.43 -12.14
CA VAL V 151 -60.91 -19.55 -11.96
C VAL V 151 -60.84 -20.41 -13.21
N ASN V 152 -61.99 -20.84 -13.70
CA ASN V 152 -62.04 -21.65 -14.92
C ASN V 152 -61.79 -20.85 -16.19
N THR V 153 -61.73 -19.52 -16.10
CA THR V 153 -61.53 -18.66 -17.27
C THR V 153 -62.72 -18.80 -18.24
N GLY V 154 -63.85 -19.24 -17.74
CA GLY V 154 -64.99 -19.55 -18.58
C GLY V 154 -66.05 -20.26 -17.79
N LYS V 155 -67.21 -20.41 -18.42
CA LYS V 155 -68.38 -20.88 -17.69
C LYS V 155 -68.21 -22.32 -17.24
N ASP V 156 -67.97 -23.23 -18.17
CA ASP V 156 -67.71 -24.63 -17.85
C ASP V 156 -66.23 -24.87 -17.59
N LYS V 157 -65.97 -25.93 -16.82
CA LYS V 157 -64.63 -26.48 -16.73
C LYS V 157 -64.26 -27.21 -18.02
N ASP V 158 -63.06 -26.95 -18.51
CA ASP V 158 -62.54 -27.61 -19.71
C ASP V 158 -61.03 -27.58 -19.62
N VAL V 159 -60.42 -28.76 -19.47
CA VAL V 159 -58.97 -28.87 -19.37
C VAL V 159 -58.26 -28.30 -20.60
N ASP V 160 -58.95 -28.18 -21.74
CA ASP V 160 -58.35 -27.60 -22.92
C ASP V 160 -58.21 -26.09 -22.86
N ARG V 161 -58.94 -25.42 -21.95
CA ARG V 161 -58.85 -23.98 -21.83
C ARG V 161 -57.74 -23.59 -20.87
N ASP V 162 -57.11 -22.44 -21.15
CA ASP V 162 -56.20 -21.83 -20.19
C ASP V 162 -56.88 -21.68 -18.83
N SER V 163 -56.13 -21.99 -17.78
CA SER V 163 -56.47 -21.50 -16.45
C SER V 163 -56.20 -20.00 -16.34
N PHE V 164 -56.76 -19.40 -15.29
CA PHE V 164 -56.47 -18.01 -14.96
C PHE V 164 -54.99 -17.78 -14.76
N GLN V 165 -54.28 -18.74 -14.19
CA GLN V 165 -52.83 -18.62 -14.01
C GLN V 165 -52.13 -18.43 -15.35
N THR V 166 -52.44 -19.26 -16.33
CA THR V 166 -51.83 -19.13 -17.65
C THR V 166 -52.18 -17.79 -18.29
N PHE V 167 -53.43 -17.36 -18.13
CA PHE V 167 -53.86 -16.06 -18.65
C PHE V 167 -53.03 -14.93 -18.04
N CYS V 168 -52.89 -14.93 -16.71
CA CYS V 168 -52.13 -13.87 -16.05
C CYS V 168 -50.67 -13.87 -16.49
N LYS V 169 -50.03 -15.04 -16.52
CA LYS V 169 -48.65 -15.09 -17.00
C LYS V 169 -48.51 -14.55 -18.41
N LYS V 170 -49.46 -14.91 -19.28
CA LYS V 170 -49.48 -14.38 -20.65
C LYS V 170 -49.54 -12.85 -20.65
N ILE V 171 -50.55 -12.29 -19.99
CA ILE V 171 -50.73 -10.84 -20.09
C ILE V 171 -49.60 -10.08 -19.40
N VAL V 172 -48.96 -10.66 -18.39
CA VAL V 172 -47.77 -10.03 -17.81
C VAL V 172 -46.66 -9.97 -18.84
N ARG V 173 -46.38 -11.09 -19.50
CA ARG V 173 -45.40 -11.09 -20.57
C ARG V 173 -45.73 -10.04 -21.63
N ASP V 174 -47.01 -9.95 -22.00
CA ASP V 174 -47.41 -8.98 -23.02
C ASP V 174 -47.22 -7.55 -22.56
N THR V 175 -47.55 -7.25 -21.30
CA THR V 175 -47.31 -5.91 -20.78
C THR V 175 -45.84 -5.54 -20.86
N TYR V 176 -44.96 -6.46 -20.46
CA TYR V 176 -43.54 -6.11 -20.38
C TYR V 176 -42.80 -6.21 -21.70
N ILE V 177 -43.37 -6.85 -22.72
CA ILE V 177 -42.77 -6.76 -24.06
C ILE V 177 -43.36 -5.59 -24.82
N TYR V 178 -44.69 -5.56 -24.97
CA TYR V 178 -45.34 -4.64 -25.90
C TYR V 178 -45.93 -3.41 -25.24
N ASP V 179 -46.17 -3.43 -23.93
CA ASP V 179 -47.11 -2.51 -23.30
C ASP V 179 -48.44 -2.46 -24.05
N GLN V 180 -48.97 -3.64 -24.35
CA GLN V 180 -50.32 -3.75 -24.91
C GLN V 180 -50.87 -5.11 -24.53
N VAL V 181 -52.01 -5.13 -23.83
CA VAL V 181 -52.72 -6.36 -23.50
C VAL V 181 -54.04 -6.37 -24.25
N ASN V 182 -54.36 -7.51 -24.87
CA ASN V 182 -55.66 -7.73 -25.46
C ASN V 182 -56.17 -9.10 -25.09
N PHE V 183 -57.46 -9.18 -24.75
CA PHE V 183 -58.16 -10.46 -24.64
C PHE V 183 -59.55 -10.30 -25.24
N GLU V 184 -59.97 -11.30 -25.99
CA GLU V 184 -61.32 -11.33 -26.56
C GLU V 184 -62.33 -11.90 -25.56
N LYS V 185 -63.51 -11.30 -25.54
CA LYS V 185 -64.66 -11.79 -24.81
C LYS V 185 -65.62 -12.49 -25.77
N VAL V 186 -65.89 -13.76 -25.53
CA VAL V 186 -66.77 -14.57 -26.38
C VAL V 186 -68.12 -14.74 -25.69
N PHE V 187 -69.18 -14.26 -26.33
CA PHE V 187 -70.55 -14.40 -25.83
C PHE V 187 -71.23 -15.65 -26.39
N ASN V 188 -72.20 -16.15 -25.62
CA ASN V 188 -73.03 -17.26 -26.06
C ASN V 188 -73.67 -16.99 -27.42
N LYS V 189 -73.66 -18.03 -28.26
CA LYS V 189 -74.19 -17.90 -29.62
C LYS V 189 -75.70 -17.69 -29.63
N ASN V 190 -76.42 -18.33 -28.71
CA ASN V 190 -77.87 -18.14 -28.69
C ASN V 190 -78.24 -16.80 -28.09
N ASN V 191 -77.48 -16.33 -27.11
CA ASN V 191 -77.74 -15.08 -26.41
C ASN V 191 -76.45 -14.27 -26.41
N LYS V 192 -76.38 -13.26 -27.27
CA LYS V 192 -75.15 -12.48 -27.38
C LYS V 192 -74.84 -11.73 -26.09
N THR V 193 -75.82 -11.58 -25.20
CA THR V 193 -75.62 -10.89 -23.93
C THR V 193 -74.92 -11.74 -22.89
N LYS V 194 -74.82 -13.05 -23.09
CA LYS V 194 -74.29 -13.97 -22.09
C LYS V 194 -72.84 -14.28 -22.41
N LEU V 195 -71.94 -13.90 -21.51
CA LEU V 195 -70.52 -14.22 -21.63
C LEU V 195 -70.25 -15.69 -21.33
N GLU V 196 -69.44 -16.33 -22.16
CA GLU V 196 -69.02 -17.71 -21.96
C GLU V 196 -67.54 -17.87 -21.66
N LYS V 197 -66.67 -17.12 -22.35
CA LYS V 197 -65.23 -17.25 -22.21
C LYS V 197 -64.59 -15.89 -22.39
N PHE V 198 -63.38 -15.76 -21.84
CA PHE V 198 -62.44 -14.73 -22.25
C PHE V 198 -61.08 -15.35 -22.51
N ILE V 199 -60.44 -14.95 -23.60
CA ILE V 199 -59.19 -15.54 -24.06
C ILE V 199 -58.22 -14.43 -24.41
N ALA V 200 -56.97 -14.56 -23.96
CA ALA V 200 -55.90 -13.63 -24.32
C ALA V 200 -55.51 -13.76 -25.78
N VAL V 201 -55.23 -12.61 -26.41
CA VAL V 201 -54.96 -12.52 -27.85
C VAL V 201 -53.59 -11.90 -28.04
N ASP V 202 -52.91 -12.31 -29.12
CA ASP V 202 -51.57 -11.84 -29.45
C ASP V 202 -51.56 -10.34 -29.68
N PRO V 203 -50.96 -9.53 -28.80
CA PRO V 203 -51.06 -8.06 -28.96
C PRO V 203 -50.46 -7.54 -30.24
N SER V 204 -49.47 -8.21 -30.82
CA SER V 204 -48.87 -7.75 -32.07
C SER V 204 -49.83 -7.78 -33.24
N THR V 205 -50.97 -8.45 -33.12
CA THR V 205 -51.95 -8.54 -34.19
C THR V 205 -53.09 -7.54 -34.08
N ILE V 206 -53.19 -6.79 -32.99
CA ILE V 206 -54.35 -5.95 -32.71
C ILE V 206 -54.00 -4.50 -33.03
N PHE V 207 -54.85 -3.85 -33.82
CA PHE V 207 -54.67 -2.47 -34.25
C PHE V 207 -55.98 -1.72 -34.10
N TYR V 208 -55.88 -0.40 -33.91
CA TYR V 208 -57.07 0.44 -34.01
C TYR V 208 -57.57 0.48 -35.44
N ALA V 209 -58.87 0.27 -35.61
CA ALA V 209 -59.51 0.40 -36.91
C ALA V 209 -59.79 1.86 -37.22
N THR V 210 -59.60 2.25 -38.49
CA THR V 210 -59.75 3.63 -38.90
C THR V 210 -60.77 3.73 -40.02
N ASP V 211 -61.65 4.73 -39.92
CA ASP V 211 -62.59 5.05 -40.98
C ASP V 211 -61.86 5.49 -42.25
N LYS V 212 -62.58 5.44 -43.37
CA LYS V 212 -62.04 5.95 -44.63
C LYS V 212 -61.61 7.41 -44.51
N LYS V 213 -62.26 8.18 -43.64
CA LYS V 213 -61.82 9.53 -43.34
C LYS V 213 -60.62 9.59 -42.39
N GLY V 214 -59.94 8.47 -42.16
CA GLY V 214 -58.77 8.43 -41.31
C GLY V 214 -59.04 8.59 -39.83
N LYS V 215 -60.30 8.71 -39.43
CA LYS V 215 -60.66 8.84 -38.02
C LYS V 215 -60.81 7.45 -37.41
N ILE V 216 -60.39 7.31 -36.15
CA ILE V 216 -60.59 6.07 -35.43
C ILE V 216 -62.07 5.85 -35.19
N ILE V 217 -62.53 4.62 -35.44
CA ILE V 217 -63.94 4.27 -35.30
C ILE V 217 -64.30 4.23 -33.82
N LYS V 218 -65.46 4.80 -33.47
CA LYS V 218 -66.04 4.62 -32.16
C LYS V 218 -67.47 4.11 -32.30
N GLY V 219 -67.85 3.24 -31.37
CA GLY V 219 -69.17 2.66 -31.35
C GLY V 219 -69.36 1.45 -32.26
N GLY V 220 -68.67 1.45 -33.40
CA GLY V 220 -68.65 0.30 -34.27
C GLY V 220 -67.54 -0.71 -34.00
N LYS V 221 -67.00 -1.29 -35.07
CA LYS V 221 -65.89 -2.22 -34.99
C LYS V 221 -64.60 -1.44 -34.78
N ARG V 222 -64.38 -1.08 -33.51
CA ARG V 222 -63.26 -0.21 -33.16
C ARG V 222 -61.91 -0.86 -33.45
N PHE V 223 -61.84 -2.20 -33.43
CA PHE V 223 -60.58 -2.92 -33.55
C PHE V 223 -60.62 -3.91 -34.71
N VAL V 224 -59.46 -4.12 -35.32
CA VAL V 224 -59.24 -5.17 -36.31
C VAL V 224 -58.04 -6.01 -35.92
N GLN V 225 -58.09 -7.29 -36.29
CA GLN V 225 -56.92 -8.16 -36.26
C GLN V 225 -56.32 -8.27 -37.65
N VAL V 226 -55.02 -8.01 -37.76
CA VAL V 226 -54.31 -7.98 -39.03
C VAL V 226 -53.24 -9.06 -39.01
N VAL V 227 -53.27 -9.94 -40.00
CA VAL V 227 -52.26 -10.98 -40.19
C VAL V 227 -51.84 -10.94 -41.65
N ASP V 228 -50.53 -10.98 -41.88
CA ASP V 228 -49.96 -10.85 -43.22
C ASP V 228 -50.45 -9.58 -43.92
N LYS V 229 -50.66 -8.53 -43.15
CA LYS V 229 -51.16 -7.24 -43.65
C LYS V 229 -52.49 -7.37 -44.38
N ARG V 230 -53.34 -8.30 -43.97
CA ARG V 230 -54.76 -8.26 -44.30
C ARG V 230 -55.59 -8.45 -43.04
N VAL V 231 -56.76 -7.82 -43.01
CA VAL V 231 -57.66 -7.91 -41.88
C VAL V 231 -58.32 -9.29 -41.85
N VAL V 232 -58.08 -10.03 -40.78
CA VAL V 232 -58.67 -11.35 -40.60
C VAL V 232 -59.85 -11.36 -39.63
N ALA V 233 -60.00 -10.33 -38.81
CA ALA V 233 -61.11 -10.26 -37.87
C ALA V 233 -61.35 -8.80 -37.50
N SER V 234 -62.51 -8.56 -36.87
CA SER V 234 -62.84 -7.25 -36.33
C SER V 234 -63.62 -7.41 -35.04
N PHE V 235 -63.60 -6.37 -34.21
CA PHE V 235 -64.16 -6.45 -32.88
C PHE V 235 -64.76 -5.10 -32.51
N THR V 236 -65.83 -5.14 -31.72
CA THR V 236 -66.32 -3.97 -31.02
C THR V 236 -65.60 -3.79 -29.69
N SER V 237 -65.78 -2.61 -29.09
CA SER V 237 -65.35 -2.39 -27.72
C SER V 237 -65.93 -3.43 -26.77
N ARG V 238 -67.12 -3.94 -27.08
CA ARG V 238 -67.74 -4.97 -26.27
C ARG V 238 -66.96 -6.28 -26.34
N GLU V 239 -66.38 -6.58 -27.49
CA GLU V 239 -65.78 -7.90 -27.72
C GLU V 239 -64.30 -7.96 -27.41
N LEU V 240 -63.58 -6.84 -27.39
CA LEU V 240 -62.15 -6.86 -27.13
C LEU V 240 -61.74 -5.76 -26.16
N ALA V 241 -61.03 -6.14 -25.12
CA ALA V 241 -60.34 -5.20 -24.24
C ALA V 241 -59.00 -4.78 -24.84
N MET V 242 -58.60 -3.54 -24.55
CA MET V 242 -57.21 -3.12 -24.67
C MET V 242 -56.77 -2.45 -23.37
N GLY V 243 -55.62 -2.85 -22.87
CA GLY V 243 -55.04 -2.26 -21.67
C GLY V 243 -53.66 -1.71 -21.96
N ILE V 244 -53.39 -0.50 -21.44
CA ILE V 244 -52.13 0.19 -21.67
C ILE V 244 -51.65 0.75 -20.33
N ARG V 245 -50.36 0.54 -20.04
CA ARG V 245 -49.76 1.01 -18.80
C ARG V 245 -49.15 2.40 -18.91
N ASN V 246 -48.59 2.74 -20.08
CA ASN V 246 -47.80 3.96 -20.26
C ASN V 246 -48.49 4.88 -21.27
N PRO V 247 -49.61 5.48 -20.89
CA PRO V 247 -50.35 6.32 -21.84
C PRO V 247 -49.62 7.62 -22.12
N ARG V 248 -50.02 8.26 -23.22
CA ARG V 248 -49.46 9.54 -23.63
C ARG V 248 -50.59 10.44 -24.10
N THR V 249 -50.47 11.74 -23.83
CA THR V 249 -51.35 12.72 -24.44
C THR V 249 -50.96 13.07 -25.87
N GLU V 250 -49.69 12.85 -26.24
CA GLU V 250 -49.16 13.16 -27.56
C GLU V 250 -50.11 12.72 -28.66
N LEU V 251 -50.54 13.67 -29.49
CA LEU V 251 -51.54 13.39 -30.52
C LEU V 251 -51.12 12.24 -31.41
N SER V 252 -49.85 12.24 -31.84
CA SER V 252 -49.37 11.21 -32.74
C SER V 252 -49.18 9.85 -32.06
N SER V 253 -49.25 9.78 -30.75
CA SER V 253 -49.23 8.48 -30.09
C SER V 253 -50.45 7.64 -30.45
N SER V 254 -51.52 8.26 -30.92
CA SER V 254 -52.67 7.58 -31.52
C SER V 254 -53.29 6.55 -30.57
N GLY V 255 -53.14 6.76 -29.26
CA GLY V 255 -53.73 5.87 -28.28
C GLY V 255 -52.93 4.63 -27.95
N TYR V 256 -51.78 4.41 -28.57
CA TYR V 256 -50.98 3.24 -28.24
C TYR V 256 -50.10 3.50 -27.02
N GLY V 257 -49.60 2.42 -26.46
CA GLY V 257 -48.75 2.47 -25.28
C GLY V 257 -47.34 2.89 -25.59
N LEU V 258 -46.44 2.60 -24.64
CA LEU V 258 -45.03 2.95 -24.79
C LEU V 258 -44.22 1.90 -24.04
N SER V 259 -43.56 1.00 -24.79
CA SER V 259 -42.78 -0.05 -24.17
C SER V 259 -41.46 0.51 -23.64
N GLU V 260 -41.09 0.08 -22.44
CA GLU V 260 -39.75 0.33 -21.93
C GLU V 260 -38.65 -0.25 -22.81
N VAL V 261 -38.96 -1.29 -23.59
CA VAL V 261 -37.97 -1.83 -24.53
C VAL V 261 -37.62 -0.80 -25.59
N GLU V 262 -38.60 -0.02 -26.03
CA GLU V 262 -38.31 1.05 -26.97
C GLU V 262 -37.40 2.11 -26.35
N ILE V 263 -37.72 2.54 -25.14
CA ILE V 263 -36.94 3.59 -24.48
C ILE V 263 -35.51 3.10 -24.24
N ALA V 264 -35.36 1.89 -23.72
CA ALA V 264 -34.06 1.35 -23.33
C ALA V 264 -33.30 0.69 -24.48
N MET V 265 -33.78 0.82 -25.72
CA MET V 265 -33.26 0.00 -26.81
C MET V 265 -31.77 0.18 -27.01
N LYS V 266 -31.28 1.42 -26.94
CA LYS V 266 -29.84 1.66 -27.03
C LYS V 266 -29.08 0.88 -25.96
N GLU V 267 -29.59 0.89 -24.73
CA GLU V 267 -28.95 0.11 -23.67
C GLU V 267 -28.94 -1.39 -23.98
N PHE V 268 -30.05 -1.92 -24.49
CA PHE V 268 -30.06 -3.34 -24.87
C PHE V 268 -29.04 -3.64 -25.95
N ILE V 269 -28.88 -2.74 -26.92
CA ILE V 269 -27.89 -2.93 -27.97
C ILE V 269 -26.49 -2.94 -27.37
N ALA V 270 -26.20 -1.95 -26.52
CA ALA V 270 -24.90 -1.90 -25.85
C ALA V 270 -24.64 -3.17 -25.05
N TYR V 271 -25.64 -3.65 -24.31
CA TYR V 271 -25.53 -4.93 -23.62
C TYR V 271 -25.14 -6.06 -24.56
N ASN V 272 -25.91 -6.25 -25.63
CA ASN V 272 -25.60 -7.29 -26.61
C ASN V 272 -24.17 -7.17 -27.12
N ASN V 273 -23.75 -5.94 -27.45
CA ASN V 273 -22.40 -5.74 -27.97
C ASN V 273 -21.33 -6.12 -26.94
N THR V 274 -21.51 -5.71 -25.68
CA THR V 274 -20.51 -6.04 -24.68
C THR V 274 -20.47 -7.53 -24.38
N GLU V 275 -21.62 -8.20 -24.46
CA GLU V 275 -21.64 -9.64 -24.30
C GLU V 275 -20.90 -10.33 -25.43
N SER V 276 -21.17 -9.92 -26.67
CA SER V 276 -20.45 -10.47 -27.80
C SER V 276 -18.95 -10.23 -27.69
N PHE V 277 -18.57 -9.01 -27.29
CA PHE V 277 -17.16 -8.70 -27.10
C PHE V 277 -16.50 -9.65 -26.12
N ASN V 278 -17.12 -9.84 -24.94
CA ASN V 278 -16.51 -10.71 -23.95
C ASN V 278 -16.48 -12.17 -24.40
N ASP V 279 -17.52 -12.61 -25.10
CA ASP V 279 -17.55 -14.00 -25.59
C ASP V 279 -16.54 -14.26 -26.70
N ARG V 280 -16.30 -13.29 -27.57
CA ARG V 280 -15.43 -13.51 -28.73
C ARG V 280 -13.97 -13.75 -28.38
N PHE V 281 -13.55 -13.50 -27.15
CA PHE V 281 -12.22 -13.93 -26.73
C PHE V 281 -12.01 -15.42 -26.99
N PHE V 282 -12.97 -16.26 -26.60
CA PHE V 282 -12.88 -17.68 -26.88
C PHE V 282 -13.32 -18.01 -28.30
N SER V 283 -14.49 -17.50 -28.70
CA SER V 283 -15.10 -17.93 -29.96
C SER V 283 -14.21 -17.60 -31.15
N HIS V 284 -13.59 -16.42 -31.15
CA HIS V 284 -12.91 -15.91 -32.33
C HIS V 284 -11.51 -15.40 -32.07
N GLY V 285 -11.10 -15.24 -30.82
CA GLY V 285 -9.88 -14.51 -30.54
C GLY V 285 -8.63 -15.33 -30.74
N GLY V 286 -7.50 -14.62 -30.78
CA GLY V 286 -6.22 -15.22 -30.49
C GLY V 286 -5.91 -15.18 -29.01
N THR V 287 -5.96 -16.34 -28.36
CA THR V 287 -5.56 -16.44 -26.96
C THR V 287 -4.06 -16.61 -26.78
N THR V 288 -3.30 -16.69 -27.87
CA THR V 288 -1.88 -17.02 -27.82
C THR V 288 -1.12 -16.10 -26.87
N ARG V 289 -0.48 -16.70 -25.87
CA ARG V 289 0.22 -15.92 -24.86
C ARG V 289 1.33 -15.08 -25.49
N GLY V 290 2.07 -15.65 -26.43
CA GLY V 290 3.25 -14.97 -26.92
C GLY V 290 3.98 -15.82 -27.94
N ILE V 291 5.05 -15.24 -28.48
CA ILE V 291 5.91 -15.90 -29.46
C ILE V 291 7.27 -16.18 -28.81
N LEU V 292 7.71 -17.43 -28.94
CA LEU V 292 9.08 -17.83 -28.57
C LEU V 292 9.97 -17.58 -29.78
N GLN V 293 10.76 -16.50 -29.74
CA GLN V 293 11.72 -16.20 -30.78
C GLN V 293 13.04 -16.93 -30.53
N ILE V 294 13.38 -17.84 -31.44
CA ILE V 294 14.71 -18.42 -31.53
C ILE V 294 15.34 -17.85 -32.79
N ARG V 295 16.61 -17.47 -32.71
CA ARG V 295 17.27 -16.80 -33.83
C ARG V 295 18.66 -17.36 -34.07
N SER V 296 18.98 -17.56 -35.34
CA SER V 296 20.30 -17.97 -35.76
C SER V 296 20.57 -17.39 -37.15
N ASP V 297 21.76 -17.69 -37.68
CA ASP V 297 22.19 -17.13 -38.96
C ASP V 297 21.16 -17.32 -40.06
N GLN V 298 20.41 -18.42 -40.03
CA GLN V 298 19.32 -18.64 -40.96
C GLN V 298 18.23 -19.44 -40.27
N GLN V 299 16.99 -19.23 -40.69
CA GLN V 299 15.88 -20.01 -40.16
C GLN V 299 16.06 -21.49 -40.42
N GLN V 300 15.63 -22.31 -39.46
CA GLN V 300 15.62 -23.75 -39.65
C GLN V 300 14.67 -24.14 -40.77
N SER V 301 15.03 -25.20 -41.49
CA SER V 301 14.09 -25.84 -42.40
C SER V 301 12.84 -26.32 -41.66
N GLN V 302 11.77 -26.51 -42.44
CA GLN V 302 10.53 -27.00 -41.86
C GLN V 302 10.69 -28.41 -41.27
N HIS V 303 11.46 -29.27 -41.93
CA HIS V 303 11.70 -30.60 -41.39
C HIS V 303 12.38 -30.55 -40.03
N ALA V 304 13.46 -29.77 -39.94
CA ALA V 304 14.16 -29.61 -38.67
C ALA V 304 13.21 -29.09 -37.60
N LEU V 305 12.40 -28.10 -37.94
CA LEU V 305 11.48 -27.51 -36.98
C LEU V 305 10.40 -28.50 -36.55
N GLU V 306 9.92 -29.34 -37.47
CA GLU V 306 8.91 -30.33 -37.10
C GLU V 306 9.46 -31.46 -36.23
N ASN V 307 10.70 -31.87 -36.44
CA ASN V 307 11.24 -32.85 -35.51
C ASN V 307 11.69 -32.21 -34.20
N PHE V 308 11.95 -30.91 -34.20
CA PHE V 308 12.10 -30.19 -32.94
C PHE V 308 10.79 -30.11 -32.18
N LYS V 309 9.68 -29.88 -32.89
CA LYS V 309 8.35 -29.99 -32.28
C LYS V 309 8.09 -31.38 -31.73
N ARG V 310 8.60 -32.42 -32.39
CA ARG V 310 8.40 -33.76 -31.86
C ARG V 310 9.22 -33.99 -30.60
N GLU V 311 10.49 -33.57 -30.59
CA GLU V 311 11.28 -33.61 -29.36
C GLU V 311 10.58 -32.84 -28.24
N TRP V 312 10.01 -31.68 -28.57
CA TRP V 312 9.35 -30.86 -27.55
C TRP V 312 8.17 -31.59 -26.95
N LYS V 313 7.21 -31.99 -27.78
CA LYS V 313 6.01 -32.59 -27.23
C LYS V 313 6.31 -33.92 -26.54
N SER V 314 7.22 -34.71 -27.11
CA SER V 314 7.61 -35.97 -26.49
C SER V 314 8.37 -35.78 -25.18
N SER V 315 8.87 -34.58 -24.88
CA SER V 315 9.65 -34.39 -23.66
C SER V 315 8.97 -33.53 -22.60
N LEU V 316 8.02 -32.67 -22.98
CA LEU V 316 7.57 -31.59 -22.10
C LEU V 316 6.05 -31.48 -21.98
N SER V 317 5.27 -32.19 -22.78
CA SER V 317 3.84 -31.95 -22.83
C SER V 317 3.10 -32.68 -21.70
N GLY V 318 1.95 -32.10 -21.35
CA GLY V 318 1.01 -32.62 -20.39
C GLY V 318 1.53 -32.70 -18.96
N ILE V 319 0.84 -33.52 -18.17
CA ILE V 319 1.28 -33.84 -16.82
C ILE V 319 2.61 -34.58 -16.85
N ASN V 320 2.79 -35.46 -17.83
CA ASN V 320 3.98 -36.31 -17.87
C ASN V 320 5.27 -35.50 -17.94
N GLY V 321 5.28 -34.43 -18.72
CA GLY V 321 6.42 -33.54 -18.87
C GLY V 321 6.45 -32.36 -17.93
N SER V 322 5.51 -32.28 -16.99
CA SER V 322 5.07 -30.98 -16.49
C SER V 322 6.16 -30.17 -15.80
N TRP V 323 7.10 -30.79 -15.11
CA TRP V 323 8.12 -30.05 -14.37
C TRP V 323 9.52 -30.12 -14.97
N GLN V 324 9.70 -30.77 -16.11
CA GLN V 324 11.00 -30.74 -16.77
C GLN V 324 11.24 -29.38 -17.43
N ILE V 325 12.51 -29.01 -17.53
CA ILE V 325 12.92 -27.77 -18.20
C ILE V 325 13.76 -28.15 -19.42
N PRO V 326 13.46 -27.64 -20.61
CA PRO V 326 14.36 -27.86 -21.75
C PRO V 326 15.64 -27.04 -21.65
N VAL V 327 16.75 -27.67 -22.06
CA VAL V 327 17.99 -26.96 -22.36
C VAL V 327 18.08 -26.78 -23.88
N VAL V 328 18.33 -25.55 -24.31
CA VAL V 328 18.47 -25.21 -25.72
C VAL V 328 19.68 -24.29 -25.85
N MET V 329 20.45 -24.47 -26.91
CA MET V 329 21.72 -23.78 -27.07
C MET V 329 21.74 -22.86 -28.28
N ALA V 330 20.58 -22.34 -28.67
CA ALA V 330 20.52 -21.34 -29.72
C ALA V 330 21.37 -20.11 -29.34
N ASP V 331 21.73 -19.34 -30.37
CA ASP V 331 22.53 -18.14 -30.15
C ASP V 331 21.83 -17.13 -29.26
N ASP V 332 20.52 -16.92 -29.48
CA ASP V 332 19.73 -16.11 -28.57
C ASP V 332 18.28 -16.58 -28.59
N ILE V 333 17.62 -16.45 -27.44
CA ILE V 333 16.25 -16.87 -27.25
C ILE V 333 15.47 -15.75 -26.57
N LYS V 334 14.29 -15.43 -27.11
CA LYS V 334 13.46 -14.37 -26.56
C LYS V 334 12.01 -14.83 -26.59
N PHE V 335 11.24 -14.37 -25.60
CA PHE V 335 9.81 -14.63 -25.53
C PHE V 335 9.05 -13.30 -25.45
N VAL V 336 8.16 -13.06 -26.42
CA VAL V 336 7.41 -11.82 -26.52
C VAL V 336 6.02 -12.05 -25.96
N ASN V 337 5.68 -11.29 -24.92
CA ASN V 337 4.35 -11.41 -24.29
C ASN V 337 3.34 -10.57 -25.05
N MET V 338 2.26 -11.22 -25.50
CA MET V 338 1.22 -10.56 -26.28
C MET V 338 -0.09 -10.36 -25.54
N THR V 339 -0.30 -11.00 -24.39
CA THR V 339 -1.50 -10.81 -23.60
C THR V 339 -1.14 -10.61 -22.14
N PRO V 340 -2.08 -10.08 -21.35
CA PRO V 340 -1.87 -10.05 -19.90
C PRO V 340 -1.73 -11.45 -19.34
N THR V 341 -0.90 -11.56 -18.30
CA THR V 341 -0.71 -12.84 -17.63
C THR V 341 -1.99 -13.37 -17.03
N ALA V 342 -2.93 -12.49 -16.68
CA ALA V 342 -4.19 -12.89 -16.04
C ALA V 342 -5.35 -12.19 -16.74
N ASN V 343 -6.07 -12.92 -17.58
CA ASN V 343 -7.22 -12.40 -18.30
C ASN V 343 -8.48 -12.51 -17.45
N ASP V 344 -9.34 -11.51 -17.55
CA ASP V 344 -10.69 -11.58 -17.02
C ASP V 344 -11.63 -10.72 -17.86
N MET V 345 -12.93 -10.85 -17.58
CA MET V 345 -13.94 -10.07 -18.30
C MET V 345 -13.66 -8.58 -18.18
N GLN V 346 -14.06 -7.85 -19.22
CA GLN V 346 -13.87 -6.41 -19.31
C GLN V 346 -15.23 -5.71 -19.36
N PHE V 347 -15.23 -4.43 -18.99
CA PHE V 347 -16.43 -3.60 -19.04
C PHE V 347 -17.51 -4.07 -18.07
N GLU V 348 -17.10 -4.65 -16.94
CA GLU V 348 -18.09 -5.10 -15.96
C GLU V 348 -18.88 -3.92 -15.40
N LYS V 349 -18.22 -2.81 -15.11
CA LYS V 349 -18.92 -1.63 -14.63
C LYS V 349 -19.93 -1.14 -15.66
N TRP V 350 -19.55 -1.11 -16.93
CA TRP V 350 -20.47 -0.75 -18.00
C TRP V 350 -21.73 -1.61 -17.96
N LEU V 351 -21.55 -2.93 -17.82
CA LEU V 351 -22.69 -3.84 -17.72
C LEU V 351 -23.58 -3.49 -16.53
N ASN V 352 -22.97 -3.36 -15.35
CA ASN V 352 -23.74 -3.02 -14.16
C ASN V 352 -24.54 -1.74 -14.36
N TYR V 353 -23.90 -0.73 -14.94
CA TYR V 353 -24.57 0.55 -15.21
C TYR V 353 -25.79 0.36 -16.12
N LEU V 354 -25.59 -0.26 -17.28
CA LEU V 354 -26.70 -0.55 -18.18
C LEU V 354 -27.86 -1.27 -17.49
N ILE V 355 -27.55 -2.35 -16.79
CA ILE V 355 -28.61 -3.15 -16.17
C ILE V 355 -29.26 -2.35 -15.05
N ASN V 356 -28.51 -1.50 -14.37
CA ASN V 356 -29.11 -0.62 -13.37
C ASN V 356 -30.15 0.30 -14.01
N ILE V 357 -29.82 0.87 -15.16
CA ILE V 357 -30.79 1.72 -15.84
C ILE V 357 -32.03 0.92 -16.22
N ILE V 358 -31.84 -0.23 -16.86
CA ILE V 358 -32.99 -1.03 -17.29
C ILE V 358 -33.86 -1.41 -16.10
N SER V 359 -33.24 -1.80 -15.00
CA SER V 359 -33.99 -2.13 -13.79
C SER V 359 -34.76 -0.92 -13.26
N ALA V 360 -34.13 0.25 -13.28
CA ALA V 360 -34.81 1.44 -12.80
C ALA V 360 -36.01 1.78 -13.66
N LEU V 361 -35.90 1.56 -14.97
CA LEU V 361 -37.06 1.78 -15.84
C LEU V 361 -38.17 0.77 -15.55
N TYR V 362 -37.84 -0.50 -15.38
CA TYR V 362 -38.85 -1.49 -15.05
C TYR V 362 -39.30 -1.43 -13.60
N GLY V 363 -38.61 -0.70 -12.74
CA GLY V 363 -38.96 -0.66 -11.33
C GLY V 363 -38.72 -1.97 -10.62
N ILE V 364 -37.49 -2.45 -10.68
CA ILE V 364 -37.07 -3.67 -10.00
C ILE V 364 -35.70 -3.43 -9.41
N ASP V 365 -35.42 -4.08 -8.29
CA ASP V 365 -34.08 -4.02 -7.72
C ASP V 365 -33.16 -4.92 -8.54
N PRO V 366 -32.04 -4.40 -9.09
CA PRO V 366 -31.05 -5.29 -9.70
C PRO V 366 -30.61 -6.45 -8.82
N ALA V 367 -30.52 -6.26 -7.51
CA ALA V 367 -30.13 -7.35 -6.63
C ALA V 367 -31.16 -8.47 -6.65
N GLU V 368 -32.43 -8.14 -6.90
CA GLU V 368 -33.43 -9.19 -7.07
C GLU V 368 -33.10 -10.08 -8.25
N ILE V 369 -32.38 -9.57 -9.25
CA ILE V 369 -32.06 -10.30 -10.47
C ILE V 369 -30.57 -10.54 -10.61
N GLY V 370 -29.83 -10.56 -9.51
CA GLY V 370 -28.46 -11.01 -9.53
C GLY V 370 -27.43 -10.03 -10.04
N PHE V 371 -27.60 -8.75 -9.76
CA PHE V 371 -26.63 -7.71 -10.11
C PHE V 371 -26.32 -6.86 -8.89
N PRO V 372 -25.11 -6.32 -8.80
CA PRO V 372 -24.87 -5.25 -7.81
C PRO V 372 -25.83 -4.08 -8.02
N ASN V 373 -26.30 -3.52 -6.92
CA ASN V 373 -27.16 -2.35 -6.94
C ASN V 373 -26.34 -1.11 -6.66
N ARG V 374 -26.45 -0.11 -7.55
CA ARG V 374 -25.86 1.20 -7.34
C ARG V 374 -26.89 2.22 -6.87
N GLY V 375 -28.10 2.13 -7.42
CA GLY V 375 -29.24 2.91 -7.00
C GLY V 375 -29.83 2.46 -5.68
N GLY V 376 -29.09 2.66 -4.60
CA GLY V 376 -29.25 1.84 -3.41
C GLY V 376 -28.06 0.92 -3.25
N ALA V 377 -26.87 1.45 -3.53
CA ALA V 377 -25.67 0.90 -2.92
C ALA V 377 -25.88 0.77 -1.43
N THR V 378 -25.54 -0.40 -0.90
CA THR V 378 -25.88 -0.75 0.48
C THR V 378 -27.40 -0.82 0.67
N GLY V 379 -28.11 -1.16 -0.41
CA GLY V 379 -29.53 -1.45 -0.28
C GLY V 379 -30.36 -0.20 -0.05
N SER V 380 -31.36 -0.35 0.82
CA SER V 380 -32.18 0.76 1.27
C SER V 380 -32.72 0.41 2.65
N LYS V 381 -33.07 1.44 3.41
CA LYS V 381 -33.54 1.24 4.77
C LYS V 381 -34.57 2.29 5.15
N GLY V 382 -35.45 1.92 6.07
CA GLY V 382 -36.42 2.82 6.66
C GLY V 382 -37.68 2.98 5.82
N GLY V 383 -38.74 3.41 6.49
CA GLY V 383 -40.04 3.60 5.87
C GLY V 383 -41.18 3.22 6.80
N GLY V 392 -38.11 -6.31 8.26
CA GLY V 392 -38.73 -6.77 7.03
C GLY V 392 -39.18 -5.64 6.12
N LYS V 393 -39.05 -4.40 6.60
CA LYS V 393 -39.52 -3.25 5.82
C LYS V 393 -38.82 -3.15 4.47
N LYS V 394 -37.55 -3.55 4.40
CA LYS V 394 -36.82 -3.52 3.14
C LYS V 394 -37.44 -4.48 2.12
N GLN V 395 -37.63 -5.74 2.53
CA GLN V 395 -38.34 -6.71 1.70
C GLN V 395 -39.73 -6.20 1.32
N GLN V 396 -40.51 -5.75 2.31
CA GLN V 396 -41.87 -5.31 2.04
C GLN V 396 -41.89 -4.20 1.00
N GLN V 397 -41.05 -3.18 1.18
CA GLN V 397 -41.00 -2.06 0.24
C GLN V 397 -40.60 -2.52 -1.14
N SER V 398 -39.51 -3.29 -1.27
CA SER V 398 -39.04 -3.69 -2.59
C SER V 398 -40.09 -4.55 -3.30
N GLN V 399 -40.62 -5.55 -2.60
CA GLN V 399 -41.64 -6.44 -3.18
C GLN V 399 -42.84 -5.64 -3.65
N ASN V 400 -43.38 -4.77 -2.80
CA ASN V 400 -44.59 -4.05 -3.20
C ASN V 400 -44.30 -3.02 -4.28
N LYS V 401 -43.14 -2.36 -4.22
CA LYS V 401 -42.74 -1.41 -5.24
C LYS V 401 -42.73 -2.04 -6.61
N GLY V 402 -42.21 -3.26 -6.72
CA GLY V 402 -42.35 -3.98 -7.97
C GLY V 402 -43.78 -4.41 -8.27
N LEU V 403 -44.42 -5.08 -7.33
CA LEU V 403 -45.60 -5.88 -7.64
C LEU V 403 -46.89 -5.08 -7.74
N GLN V 404 -47.12 -4.18 -6.78
CA GLN V 404 -48.43 -3.54 -6.65
C GLN V 404 -48.93 -2.81 -7.90
N PRO V 405 -48.10 -2.08 -8.64
CA PRO V 405 -48.63 -1.47 -9.88
C PRO V 405 -49.23 -2.48 -10.85
N LEU V 406 -48.51 -3.57 -11.12
CA LEU V 406 -49.00 -4.56 -12.08
C LEU V 406 -50.28 -5.25 -11.57
N LEU V 407 -50.32 -5.58 -10.28
CA LEU V 407 -51.53 -6.16 -9.71
C LEU V 407 -52.71 -5.21 -9.84
N ARG V 408 -52.54 -3.94 -9.44
CA ARG V 408 -53.61 -2.97 -9.59
C ARG V 408 -54.06 -2.83 -11.04
N PHE V 409 -53.12 -2.87 -11.98
CA PHE V 409 -53.49 -2.80 -13.39
C PHE V 409 -54.36 -3.99 -13.81
N ILE V 410 -53.98 -5.20 -13.40
CA ILE V 410 -54.80 -6.37 -13.71
C ILE V 410 -56.18 -6.27 -13.05
N GLU V 411 -56.23 -5.85 -11.79
CA GLU V 411 -57.51 -5.62 -11.12
C GLU V 411 -58.38 -4.66 -11.92
N ASP V 412 -57.82 -3.53 -12.32
CA ASP V 412 -58.58 -2.55 -13.10
C ASP V 412 -59.12 -3.17 -14.38
N LEU V 413 -58.28 -3.92 -15.09
CA LEU V 413 -58.74 -4.57 -16.31
C LEU V 413 -59.91 -5.52 -16.04
N VAL V 414 -59.78 -6.37 -15.03
CA VAL V 414 -60.83 -7.32 -14.72
C VAL V 414 -62.11 -6.61 -14.34
N ASN V 415 -62.02 -5.60 -13.47
CA ASN V 415 -63.21 -4.88 -13.05
C ASN V 415 -63.92 -4.23 -14.24
N ARG V 416 -63.18 -3.48 -15.05
CA ARG V 416 -63.80 -2.80 -16.19
C ARG V 416 -64.45 -3.79 -17.15
N HIS V 417 -63.78 -4.89 -17.47
CA HIS V 417 -64.22 -5.71 -18.60
C HIS V 417 -65.08 -6.91 -18.23
N ILE V 418 -64.82 -7.59 -17.12
CA ILE V 418 -65.55 -8.82 -16.81
C ILE V 418 -66.66 -8.54 -15.81
N ILE V 419 -66.29 -8.08 -14.61
CA ILE V 419 -67.27 -7.87 -13.54
C ILE V 419 -68.37 -6.91 -14.00
N SER V 420 -68.01 -5.90 -14.77
CA SER V 420 -68.99 -4.95 -15.30
C SER V 420 -70.13 -5.62 -16.05
N GLU V 421 -69.94 -6.85 -16.54
CA GLU V 421 -71.07 -7.60 -17.10
C GLU V 421 -72.11 -7.91 -16.04
N TYR V 422 -71.69 -8.02 -14.78
CA TYR V 422 -72.59 -8.32 -13.67
C TYR V 422 -73.07 -7.08 -12.92
N GLY V 423 -72.66 -5.89 -13.35
CA GLY V 423 -73.07 -4.66 -12.71
C GLY V 423 -72.15 -4.23 -11.57
N ASP V 424 -72.33 -2.98 -11.17
CA ASP V 424 -71.39 -2.28 -10.32
C ASP V 424 -71.44 -2.70 -8.86
N LYS V 425 -72.42 -3.52 -8.46
CA LYS V 425 -72.51 -3.89 -7.06
C LYS V 425 -71.33 -4.75 -6.61
N TYR V 426 -70.67 -5.46 -7.52
CA TYR V 426 -69.58 -6.35 -7.18
C TYR V 426 -68.24 -5.69 -7.51
N THR V 427 -67.17 -6.21 -6.90
CA THR V 427 -65.81 -5.82 -7.23
C THR V 427 -64.89 -7.03 -7.20
N PHE V 428 -63.93 -7.04 -8.11
CA PHE V 428 -62.85 -8.02 -8.11
C PHE V 428 -61.61 -7.37 -7.52
N GLN V 429 -61.01 -8.02 -6.52
CA GLN V 429 -59.76 -7.56 -5.94
C GLN V 429 -58.86 -8.74 -5.60
N PHE V 430 -57.56 -8.58 -5.85
CA PHE V 430 -56.58 -9.41 -5.18
C PHE V 430 -56.47 -8.99 -3.72
N VAL V 431 -56.30 -9.97 -2.84
CA VAL V 431 -56.20 -9.73 -1.41
C VAL V 431 -55.04 -10.51 -0.86
N GLY V 432 -54.19 -9.85 -0.07
CA GLY V 432 -53.18 -10.53 0.69
C GLY V 432 -53.74 -11.25 1.90
N GLY V 433 -52.88 -11.98 2.57
CA GLY V 433 -53.26 -12.66 3.79
C GLY V 433 -53.57 -11.65 4.89
N ASP V 434 -53.71 -12.18 6.10
CA ASP V 434 -53.84 -11.34 7.28
C ASP V 434 -53.27 -12.06 8.49
N THR V 435 -52.86 -11.27 9.48
CA THR V 435 -52.43 -11.80 10.78
C THR V 435 -53.63 -11.84 11.72
N LYS V 436 -54.51 -12.81 11.44
CA LYS V 436 -55.76 -13.02 12.16
C LYS V 436 -55.88 -14.48 12.56
N SER V 437 -54.80 -15.01 13.14
CA SER V 437 -54.80 -16.36 13.66
C SER V 437 -55.83 -16.48 14.78
N ALA V 438 -56.02 -17.72 15.24
CA ALA V 438 -56.83 -17.97 16.42
C ALA V 438 -56.37 -17.15 17.60
N THR V 439 -55.05 -17.01 17.78
CA THR V 439 -54.54 -16.13 18.83
C THR V 439 -55.05 -14.70 18.69
N ASP V 440 -54.89 -14.10 17.51
CA ASP V 440 -55.31 -12.72 17.31
C ASP V 440 -56.82 -12.56 17.45
N LYS V 441 -57.59 -13.48 16.86
CA LYS V 441 -59.04 -13.43 16.98
C LYS V 441 -59.48 -13.58 18.43
N LEU V 442 -58.83 -14.46 19.18
CA LEU V 442 -59.15 -14.62 20.59
C LEU V 442 -58.80 -13.38 21.40
N ASN V 443 -57.68 -12.73 21.11
CA ASN V 443 -57.38 -11.47 21.78
C ASN V 443 -58.46 -10.42 21.50
N ILE V 444 -58.87 -10.33 20.23
CA ILE V 444 -59.90 -9.36 19.85
C ILE V 444 -61.19 -9.64 20.60
N LEU V 445 -61.67 -10.89 20.54
CA LEU V 445 -62.88 -11.24 21.25
C LEU V 445 -62.73 -11.12 22.77
N LYS V 446 -61.56 -11.41 23.30
CA LYS V 446 -61.28 -11.18 24.72
C LYS V 446 -61.44 -9.73 25.12
N LEU V 447 -61.26 -8.80 24.18
CA LEU V 447 -61.60 -7.42 24.49
C LEU V 447 -63.08 -7.10 24.22
N GLU V 448 -63.63 -7.61 23.12
CA GLU V 448 -65.05 -7.39 22.82
C GLU V 448 -65.97 -7.94 23.91
N THR V 449 -65.56 -9.03 24.58
CA THR V 449 -66.35 -9.61 25.65
C THR V 449 -66.27 -8.80 26.94
N GLN V 450 -65.27 -7.94 27.08
CA GLN V 450 -65.28 -6.97 28.16
C GLN V 450 -66.12 -5.77 27.77
N ILE V 451 -66.06 -5.37 26.50
CA ILE V 451 -66.67 -4.13 26.06
C ILE V 451 -68.09 -4.34 25.58
N PHE V 452 -68.36 -5.46 24.89
CA PHE V 452 -69.66 -5.66 24.23
C PHE V 452 -70.36 -6.95 24.63
N LYS V 453 -69.66 -8.06 24.52
CA LYS V 453 -70.30 -9.35 24.31
C LYS V 453 -70.49 -10.10 25.61
N THR V 454 -71.73 -10.51 25.86
CA THR V 454 -72.01 -11.51 26.88
C THR V 454 -71.50 -12.88 26.45
N VAL V 455 -71.27 -13.72 27.45
CA VAL V 455 -70.85 -15.11 27.21
C VAL V 455 -71.75 -15.77 26.15
N ASN V 456 -73.05 -15.56 26.26
CA ASN V 456 -73.97 -16.25 25.35
C ASN V 456 -73.90 -15.72 23.93
N GLU V 457 -73.64 -14.43 23.74
CA GLU V 457 -73.43 -13.94 22.39
C GLU V 457 -72.20 -14.57 21.76
N ALA V 458 -71.11 -14.65 22.51
CA ALA V 458 -69.92 -15.36 22.05
C ALA V 458 -70.25 -16.79 21.66
N ARG V 459 -70.89 -17.53 22.57
CA ARG V 459 -71.23 -18.92 22.31
C ARG V 459 -72.11 -19.05 21.07
N GLU V 460 -73.05 -18.12 20.89
CA GLU V 460 -73.91 -18.13 19.73
C GLU V 460 -73.10 -17.95 18.45
N GLU V 461 -72.12 -17.05 18.47
CA GLU V 461 -71.24 -16.92 17.31
C GLU V 461 -70.47 -18.21 17.02
N GLN V 462 -70.27 -19.07 18.01
CA GLN V 462 -69.73 -20.40 17.80
C GLN V 462 -70.79 -21.43 17.43
N GLY V 463 -72.06 -21.04 17.45
CA GLY V 463 -73.15 -22.00 17.37
C GLY V 463 -73.36 -22.86 18.59
N LYS V 464 -72.92 -22.42 19.76
CA LYS V 464 -73.04 -23.19 20.99
C LYS V 464 -74.17 -22.62 21.84
N LYS V 465 -74.94 -23.52 22.45
CA LYS V 465 -76.18 -23.13 23.11
C LYS V 465 -75.90 -22.09 24.20
N PRO V 466 -76.75 -21.07 24.34
CA PRO V 466 -76.60 -20.17 25.48
C PRO V 466 -76.79 -20.93 26.79
N ILE V 467 -76.12 -20.44 27.83
CA ILE V 467 -76.10 -21.10 29.14
C ILE V 467 -76.68 -20.16 30.18
N GLU V 468 -77.46 -20.73 31.09
CA GLU V 468 -77.91 -20.01 32.28
C GLU V 468 -76.71 -19.52 33.09
N GLY V 469 -76.68 -18.21 33.33
CA GLY V 469 -75.51 -17.52 33.85
C GLY V 469 -74.66 -16.84 32.79
N GLY V 470 -74.96 -17.05 31.52
CA GLY V 470 -74.51 -16.12 30.49
C GLY V 470 -75.32 -14.84 30.50
N ASP V 471 -75.42 -14.19 29.35
CA ASP V 471 -76.02 -12.87 29.20
C ASP V 471 -75.38 -11.82 30.10
N ILE V 472 -74.11 -12.02 30.50
CA ILE V 472 -73.38 -11.07 31.31
C ILE V 472 -72.04 -10.77 30.65
N ILE V 473 -71.63 -9.51 30.69
CA ILE V 473 -70.27 -9.16 30.32
C ILE V 473 -69.33 -9.62 31.42
N LEU V 474 -68.17 -10.16 31.03
CA LEU V 474 -67.18 -10.65 31.99
C LEU V 474 -66.32 -9.49 32.51
N ASP V 475 -66.97 -8.57 33.21
CA ASP V 475 -66.30 -7.49 33.92
C ASP V 475 -66.94 -7.36 35.29
N ALA V 476 -66.10 -7.29 36.32
CA ALA V 476 -66.60 -7.16 37.69
C ALA V 476 -67.46 -5.92 37.88
N SER V 477 -67.15 -4.83 37.17
CA SER V 477 -67.96 -3.62 37.31
C SER V 477 -69.38 -3.82 36.79
N PHE V 478 -69.52 -4.55 35.68
CA PHE V 478 -70.86 -4.84 35.17
C PHE V 478 -71.69 -5.61 36.19
N LEU V 479 -71.10 -6.61 36.82
CA LEU V 479 -71.82 -7.38 37.83
C LEU V 479 -72.10 -6.55 39.07
N GLN V 480 -71.16 -5.70 39.48
CA GLN V 480 -71.44 -4.81 40.61
C GLN V 480 -72.60 -3.87 40.30
N GLY V 481 -72.70 -3.42 39.04
CA GLY V 481 -73.87 -2.66 38.63
C GLY V 481 -75.16 -3.45 38.74
N THR V 482 -75.18 -4.66 38.18
CA THR V 482 -76.40 -5.47 38.26
C THR V 482 -76.75 -5.84 39.69
N ALA V 483 -75.75 -6.07 40.54
CA ALA V 483 -75.98 -6.33 41.96
C ALA V 483 -76.56 -5.11 42.66
N GLN V 484 -76.14 -3.90 42.25
CA GLN V 484 -76.82 -2.71 42.73
C GLN V 484 -78.27 -2.71 42.29
N LEU V 485 -78.49 -2.86 40.99
CA LEU V 485 -79.83 -2.73 40.42
C LEU V 485 -80.81 -3.73 41.03
N GLN V 486 -80.35 -4.94 41.37
CA GLN V 486 -81.20 -5.89 42.06
C GLN V 486 -81.70 -5.34 43.39
N GLN V 487 -80.79 -4.79 44.19
CA GLN V 487 -81.17 -4.19 45.47
C GLN V 487 -82.12 -3.01 45.25
N ASP V 488 -81.82 -2.18 44.25
CA ASP V 488 -82.74 -1.10 43.87
C ASP V 488 -84.15 -1.63 43.61
N LYS V 489 -84.26 -2.70 42.83
CA LYS V 489 -85.56 -3.32 42.58
C LYS V 489 -86.21 -3.79 43.88
N GLN V 490 -85.46 -4.47 44.74
CA GLN V 490 -86.07 -4.97 45.98
C GLN V 490 -86.52 -3.83 46.88
N TYR V 491 -85.80 -2.71 46.86
CA TYR V 491 -86.21 -1.53 47.60
C TYR V 491 -87.50 -0.96 47.03
N ASN V 492 -87.56 -0.78 45.71
CA ASN V 492 -88.74 -0.19 45.11
C ASN V 492 -89.95 -1.10 45.32
N ASP V 493 -89.76 -2.41 45.26
CA ASP V 493 -90.83 -3.35 45.59
C ASP V 493 -91.33 -3.15 47.01
N GLY V 494 -90.41 -3.08 47.97
CA GLY V 494 -90.81 -2.83 49.35
C GLY V 494 -91.54 -1.51 49.52
N LYS V 495 -90.97 -0.45 48.96
CA LYS V 495 -91.58 0.88 49.04
C LYS V 495 -93.00 0.86 48.50
N GLN V 496 -93.19 0.32 47.30
CA GLN V 496 -94.51 0.36 46.68
C GLN V 496 -95.52 -0.51 47.42
N LYS V 497 -95.11 -1.69 47.87
CA LYS V 497 -96.05 -2.52 48.63
C LYS V 497 -96.42 -1.88 49.97
N GLU V 498 -95.45 -1.29 50.66
CA GLU V 498 -95.76 -0.64 51.93
C GLU V 498 -96.56 0.64 51.74
N ARG V 499 -96.31 1.37 50.64
CA ARG V 499 -97.16 2.51 50.29
C ARG V 499 -98.60 2.08 50.06
N LEU V 500 -98.81 1.02 49.27
CA LEU V 500 -100.17 0.56 49.04
C LEU V 500 -100.84 0.10 50.33
N GLN V 501 -100.12 -0.67 51.16
CA GLN V 501 -100.70 -1.13 52.41
C GLN V 501 -101.03 0.02 53.36
N MET V 502 -100.17 1.05 53.41
CA MET V 502 -100.48 2.22 54.22
C MET V 502 -101.69 2.98 53.67
N MET V 503 -101.77 3.15 52.36
CA MET V 503 -102.93 3.80 51.77
C MET V 503 -104.21 3.04 52.08
N MET V 504 -104.16 1.72 52.00
CA MET V 504 -105.33 0.91 52.35
C MET V 504 -105.65 0.97 53.83
N SER V 505 -104.63 1.13 54.68
CA SER V 505 -104.88 1.28 56.11
C SER V 505 -105.53 2.63 56.42
N LEU V 506 -105.09 3.68 55.75
CA LEU V 506 -105.57 5.03 56.05
C LEU V 506 -106.98 5.23 55.53
N SER W 49 -56.15 41.29 -19.88
CA SER W 49 -55.31 41.09 -18.70
C SER W 49 -55.15 39.62 -18.40
N LEU W 50 -54.01 39.27 -17.81
CA LEU W 50 -53.73 37.87 -17.52
C LEU W 50 -54.58 37.36 -16.37
N TYR W 51 -54.57 38.08 -15.24
CA TYR W 51 -55.33 37.72 -14.04
C TYR W 51 -56.62 38.51 -13.91
N GLY W 52 -56.58 39.81 -14.15
CA GLY W 52 -57.71 40.67 -13.86
C GLY W 52 -57.30 42.12 -13.99
N GLN W 53 -58.28 42.99 -13.79
CA GLN W 53 -58.03 44.41 -13.94
C GLN W 53 -57.01 44.86 -12.91
N GLN W 54 -55.90 45.42 -13.40
CA GLN W 54 -54.83 45.85 -12.54
C GLN W 54 -54.13 47.03 -13.20
N GLN W 55 -53.56 47.92 -12.37
CA GLN W 55 -52.88 49.10 -12.90
C GLN W 55 -51.41 48.86 -13.19
N ALA W 56 -50.81 47.82 -12.61
CA ALA W 56 -49.50 47.36 -13.04
C ALA W 56 -49.64 46.54 -14.33
N TYR W 57 -48.78 46.82 -15.30
CA TYR W 57 -48.73 45.99 -16.50
C TYR W 57 -48.10 44.64 -16.20
N ALA W 58 -48.72 43.59 -16.72
CA ALA W 58 -48.27 42.21 -16.53
C ALA W 58 -47.77 41.58 -17.82
N GLU W 59 -47.73 42.34 -18.91
CA GLU W 59 -47.30 41.87 -20.21
C GLU W 59 -46.39 42.94 -20.82
N PRO W 60 -45.60 42.59 -21.82
CA PRO W 60 -44.81 43.62 -22.52
C PRO W 60 -45.69 44.74 -23.04
N PHE W 61 -45.34 45.98 -22.65
CA PHE W 61 -46.21 47.11 -22.94
C PHE W 61 -46.31 47.35 -24.44
N ILE W 62 -45.17 47.38 -25.13
CA ILE W 62 -45.17 47.36 -26.59
C ILE W 62 -45.36 45.92 -27.05
N GLU W 63 -46.29 45.72 -27.97
CA GLU W 63 -46.54 44.38 -28.51
C GLU W 63 -45.30 43.89 -29.25
N MET W 64 -44.66 42.85 -28.71
CA MET W 64 -43.57 42.20 -29.40
C MET W 64 -44.09 41.41 -30.60
N MET W 65 -43.24 41.27 -31.61
CA MET W 65 -43.64 40.65 -32.87
C MET W 65 -43.78 39.15 -32.63
N ASP W 66 -44.94 38.77 -32.12
CA ASP W 66 -45.35 37.37 -32.10
C ASP W 66 -45.55 36.85 -33.52
N THR W 67 -45.24 35.56 -33.70
CA THR W 67 -45.37 34.96 -35.02
C THR W 67 -46.81 35.06 -35.53
N ASN W 68 -47.78 35.01 -34.62
CA ASN W 68 -49.20 35.06 -34.97
C ASN W 68 -49.86 36.12 -34.10
N PRO W 69 -50.72 36.98 -34.67
CA PRO W 69 -51.44 37.94 -33.81
C PRO W 69 -52.36 37.29 -32.80
N GLU W 70 -52.78 36.04 -33.02
CA GLU W 70 -53.88 35.48 -32.25
C GLU W 70 -53.45 34.75 -30.99
N PHE W 71 -52.16 34.40 -30.83
CA PHE W 71 -51.74 33.74 -29.62
C PHE W 71 -50.31 34.12 -29.25
N ARG W 72 -50.01 33.99 -27.96
CA ARG W 72 -48.71 34.30 -27.41
C ARG W 72 -47.78 33.10 -27.60
N ASP W 73 -46.63 33.33 -28.24
CA ASP W 73 -45.67 32.26 -28.45
C ASP W 73 -45.03 31.83 -27.13
N LYS W 74 -44.69 30.55 -27.04
CA LYS W 74 -44.01 29.98 -25.88
C LYS W 74 -42.51 30.14 -26.07
N ARG W 75 -42.04 31.37 -25.85
CA ARG W 75 -40.64 31.70 -26.01
C ARG W 75 -39.78 31.03 -24.94
N SER W 76 -38.62 30.54 -25.37
CA SER W 76 -37.60 30.09 -24.43
C SER W 76 -37.19 31.21 -23.49
N TYR W 77 -36.70 30.81 -22.31
CA TYR W 77 -36.33 31.74 -21.24
C TYR W 77 -35.53 32.94 -21.75
N MET W 78 -34.53 32.69 -22.58
CA MET W 78 -33.72 33.76 -23.14
C MET W 78 -34.29 34.34 -24.42
N LYS W 79 -35.46 33.87 -24.86
CA LYS W 79 -36.05 34.23 -26.15
C LYS W 79 -35.14 33.88 -27.32
N ASN W 80 -34.14 33.01 -27.09
CA ASN W 80 -33.31 32.51 -28.17
C ASN W 80 -34.09 31.59 -29.10
N GLU W 81 -35.24 31.09 -28.66
CA GLU W 81 -36.01 30.10 -29.41
C GLU W 81 -37.49 30.37 -29.21
N HIS W 82 -38.28 30.09 -30.25
CA HIS W 82 -39.71 30.36 -30.24
C HIS W 82 -40.58 29.11 -30.28
N ASN W 83 -39.98 27.92 -30.43
CA ASN W 83 -40.73 26.68 -30.59
C ASN W 83 -40.30 25.70 -29.52
N LEU W 84 -40.23 26.19 -28.28
CA LEU W 84 -39.60 25.46 -27.19
C LEU W 84 -40.19 24.06 -27.04
N HIS W 85 -41.51 23.93 -27.15
CA HIS W 85 -42.13 22.64 -26.89
C HIS W 85 -41.76 21.61 -27.95
N ASP W 86 -41.49 22.06 -29.18
CA ASP W 86 -40.97 21.15 -30.19
C ASP W 86 -39.52 20.77 -29.93
N VAL W 87 -38.77 21.58 -29.19
CA VAL W 87 -37.46 21.16 -28.70
C VAL W 87 -37.62 20.08 -27.62
N LEU W 88 -38.44 20.37 -26.61
CA LEU W 88 -38.61 19.45 -25.49
C LEU W 88 -39.17 18.10 -25.93
N LYS W 89 -40.05 18.09 -26.93
CA LYS W 89 -40.59 16.83 -27.42
C LYS W 89 -39.50 15.83 -27.80
N LYS W 90 -38.35 16.32 -28.26
CA LYS W 90 -37.26 15.42 -28.64
C LYS W 90 -36.64 14.71 -27.44
N PHE W 91 -36.84 15.19 -26.23
CA PHE W 91 -36.28 14.54 -25.04
C PHE W 91 -37.23 13.55 -24.39
N GLY W 92 -38.48 13.46 -24.84
CA GLY W 92 -39.46 12.62 -24.20
C GLY W 92 -39.12 11.14 -24.19
N ASN W 93 -38.13 10.71 -24.99
CA ASN W 93 -37.63 9.34 -24.96
C ASN W 93 -36.36 9.18 -24.14
N ASN W 94 -35.93 10.21 -23.42
CA ASN W 94 -34.74 10.10 -22.60
C ASN W 94 -34.94 9.01 -21.54
N PRO W 95 -34.01 8.06 -21.38
CA PRO W 95 -34.23 7.01 -20.37
C PRO W 95 -34.31 7.52 -18.94
N ILE W 96 -33.54 8.54 -18.58
CA ILE W 96 -33.59 9.06 -17.22
C ILE W 96 -34.94 9.73 -16.96
N LEU W 97 -35.34 10.63 -17.86
CA LEU W 97 -36.61 11.32 -17.70
C LEU W 97 -37.77 10.34 -17.68
N ASN W 98 -37.70 9.31 -18.51
CA ASN W 98 -38.76 8.30 -18.49
C ASN W 98 -38.74 7.47 -17.23
N ALA W 99 -37.55 7.19 -16.67
CA ALA W 99 -37.51 6.50 -15.39
C ALA W 99 -38.19 7.32 -14.30
N ILE W 100 -37.91 8.62 -14.26
CA ILE W 100 -38.57 9.51 -13.30
C ILE W 100 -40.08 9.48 -13.50
N ILE W 101 -40.52 9.76 -14.73
CA ILE W 101 -41.94 9.85 -15.02
C ILE W 101 -42.66 8.55 -14.66
N LEU W 102 -42.06 7.40 -15.01
CA LEU W 102 -42.72 6.13 -14.74
C LEU W 102 -42.76 5.84 -13.24
N THR W 103 -41.68 6.07 -12.51
CA THR W 103 -41.73 5.79 -11.07
C THR W 103 -42.77 6.67 -10.38
N ARG W 104 -42.77 7.96 -10.68
CA ARG W 104 -43.73 8.87 -10.06
C ARG W 104 -45.17 8.48 -10.41
N SER W 105 -45.44 8.25 -11.70
CA SER W 105 -46.79 7.88 -12.11
C SER W 105 -47.24 6.55 -11.50
N ASN W 106 -46.35 5.56 -11.44
CA ASN W 106 -46.69 4.31 -10.77
C ASN W 106 -47.02 4.54 -9.30
N GLN W 107 -46.25 5.39 -8.63
CA GLN W 107 -46.55 5.72 -7.25
C GLN W 107 -47.94 6.34 -7.13
N VAL W 108 -48.22 7.36 -7.93
CA VAL W 108 -49.49 8.07 -7.86
C VAL W 108 -50.66 7.13 -8.14
N ALA W 109 -50.49 6.20 -9.08
CA ALA W 109 -51.58 5.32 -9.47
C ALA W 109 -52.20 4.55 -8.30
N MET W 110 -51.45 4.32 -7.23
CA MET W 110 -52.01 3.59 -6.10
C MET W 110 -53.18 4.32 -5.44
N TYR W 111 -53.21 5.64 -5.50
CA TYR W 111 -54.24 6.44 -4.86
C TYR W 111 -55.52 6.59 -5.68
N CYS W 112 -55.49 6.18 -6.96
CA CYS W 112 -56.61 6.45 -7.86
C CYS W 112 -57.92 5.82 -7.44
N GLN W 113 -57.90 4.65 -6.81
CA GLN W 113 -59.15 4.04 -6.38
C GLN W 113 -59.78 4.82 -5.22
N PRO W 114 -61.10 4.77 -5.08
CA PRO W 114 -61.74 5.37 -3.90
C PRO W 114 -61.30 4.68 -2.61
N ALA W 115 -60.99 5.48 -1.60
CA ALA W 115 -60.70 4.94 -0.28
C ALA W 115 -61.93 4.23 0.31
N ARG W 116 -63.12 4.78 0.08
CA ARG W 116 -64.37 4.21 0.58
C ARG W 116 -64.48 2.69 0.41
N TYR W 117 -64.10 2.17 -0.76
CA TYR W 117 -64.23 0.74 -1.06
C TYR W 117 -62.97 -0.06 -0.78
N SER W 118 -61.89 0.58 -0.34
CA SER W 118 -60.59 -0.05 -0.18
C SER W 118 -60.35 -0.26 1.30
N GLU W 119 -60.38 -1.52 1.75
CA GLU W 119 -60.43 -1.80 3.17
C GLU W 119 -59.20 -1.28 3.90
N LYS W 120 -58.07 -1.18 3.23
CA LYS W 120 -56.89 -0.54 3.82
C LYS W 120 -57.03 0.97 3.91
N GLY W 121 -58.12 1.55 3.39
CA GLY W 121 -58.33 2.98 3.45
C GLY W 121 -57.51 3.81 2.48
N LEU W 122 -56.66 3.18 1.68
CA LEU W 122 -55.80 3.92 0.76
C LEU W 122 -56.57 4.27 -0.51
N GLY W 123 -56.47 5.52 -0.91
CA GLY W 123 -57.14 6.01 -2.11
C GLY W 123 -57.39 7.50 -2.02
N PHE W 124 -58.51 7.92 -2.61
CA PHE W 124 -59.05 9.26 -2.48
C PHE W 124 -60.46 9.22 -1.90
N GLU W 125 -60.91 10.36 -1.39
CA GLU W 125 -62.29 10.55 -0.98
C GLU W 125 -62.76 11.94 -1.37
N VAL W 126 -64.06 12.04 -1.64
CA VAL W 126 -64.78 13.31 -1.72
C VAL W 126 -65.51 13.54 -0.41
N ARG W 127 -65.34 14.71 0.18
CA ARG W 127 -65.70 14.97 1.56
C ARG W 127 -66.41 16.31 1.65
N LEU W 128 -67.21 16.47 2.70
CA LEU W 128 -67.65 17.79 3.11
C LEU W 128 -66.48 18.62 3.60
N ARG W 129 -66.56 19.93 3.37
CA ARG W 129 -65.51 20.84 3.79
C ARG W 129 -65.35 20.83 5.30
N ASP W 130 -66.40 21.19 6.03
CA ASP W 130 -66.34 21.20 7.48
C ASP W 130 -66.18 19.78 8.03
N LEU W 131 -65.18 19.59 8.88
CA LEU W 131 -65.03 18.34 9.62
C LEU W 131 -66.11 18.16 10.69
N ASP W 132 -66.74 19.25 11.14
CA ASP W 132 -67.73 19.16 12.21
C ASP W 132 -69.11 18.74 11.72
N ALA W 133 -69.37 18.85 10.42
CA ALA W 133 -70.69 18.55 9.90
C ALA W 133 -70.92 17.04 9.85
N GLU W 134 -72.19 16.66 9.98
CA GLU W 134 -72.65 15.31 9.71
C GLU W 134 -73.45 15.32 8.42
N PRO W 135 -73.11 14.50 7.42
CA PRO W 135 -73.74 14.68 6.11
C PRO W 135 -75.21 14.28 6.13
N GLY W 136 -76.01 15.05 5.41
CA GLY W 136 -77.41 14.76 5.25
C GLY W 136 -77.66 13.59 4.33
N ARG W 137 -78.92 13.14 4.33
CA ARG W 137 -79.29 11.95 3.57
C ARG W 137 -78.97 12.13 2.09
N LYS W 138 -79.21 13.32 1.55
CA LYS W 138 -78.91 13.57 0.14
C LYS W 138 -77.43 13.85 -0.09
N GLU W 139 -76.75 14.44 0.88
CA GLU W 139 -75.33 14.73 0.70
C GLU W 139 -74.49 13.47 0.57
N LYS W 140 -74.79 12.45 1.37
CA LYS W 140 -74.03 11.19 1.26
C LYS W 140 -74.16 10.59 -0.13
N GLU W 141 -75.35 10.67 -0.72
CA GLU W 141 -75.53 10.13 -2.06
C GLU W 141 -74.87 11.01 -3.11
N GLU W 142 -74.94 12.33 -2.93
CA GLU W 142 -74.26 13.20 -3.89
C GLU W 142 -72.76 12.98 -3.87
N MET W 143 -72.18 12.81 -2.68
CA MET W 143 -70.75 12.51 -2.59
C MET W 143 -70.42 11.18 -3.25
N LYS W 144 -71.25 10.16 -3.05
CA LYS W 144 -70.98 8.89 -3.73
C LYS W 144 -71.10 9.05 -5.25
N ARG W 145 -72.07 9.85 -5.70
CA ARG W 145 -72.22 10.10 -7.13
C ARG W 145 -71.02 10.81 -7.70
N ILE W 146 -70.49 11.81 -7.00
CA ILE W 146 -69.32 12.52 -7.49
C ILE W 146 -68.10 11.61 -7.53
N GLU W 147 -67.91 10.80 -6.49
CA GLU W 147 -66.85 9.80 -6.52
C GLU W 147 -66.97 8.89 -7.74
N ASP W 148 -68.15 8.32 -7.96
CA ASP W 148 -68.37 7.46 -9.12
C ASP W 148 -68.07 8.20 -10.43
N PHE W 149 -68.56 9.43 -10.57
CA PHE W 149 -68.25 10.23 -11.74
C PHE W 149 -66.75 10.36 -11.96
N ILE W 150 -66.00 10.67 -10.91
CA ILE W 150 -64.55 10.80 -11.04
C ILE W 150 -63.94 9.48 -11.49
N VAL W 151 -64.26 8.39 -10.78
CA VAL W 151 -63.77 7.06 -11.16
C VAL W 151 -64.01 6.78 -12.64
N ASN W 152 -65.26 6.97 -13.09
CA ASN W 152 -65.59 6.75 -14.49
C ASN W 152 -65.06 7.84 -15.41
N THR W 153 -64.53 8.94 -14.88
CA THR W 153 -64.03 10.05 -15.68
C THR W 153 -65.16 10.69 -16.49
N GLY W 154 -66.39 10.49 -16.07
CA GLY W 154 -67.54 10.93 -16.84
C GLY W 154 -68.81 10.35 -16.29
N LYS W 155 -69.93 10.84 -16.82
CA LYS W 155 -71.23 10.55 -16.22
C LYS W 155 -71.58 9.07 -16.37
N ASP W 156 -71.60 8.58 -17.59
CA ASP W 156 -71.84 7.16 -17.85
C ASP W 156 -70.53 6.37 -17.81
N LYS W 157 -70.67 5.07 -17.55
CA LYS W 157 -69.57 4.14 -17.76
C LYS W 157 -69.35 3.94 -19.26
N ASP W 158 -68.09 3.99 -19.68
CA ASP W 158 -67.75 3.77 -21.08
C ASP W 158 -66.32 3.26 -21.15
N VAL W 159 -66.17 2.00 -21.56
CA VAL W 159 -64.85 1.39 -21.69
C VAL W 159 -63.96 2.14 -22.66
N ASP W 160 -64.54 2.93 -23.57
CA ASP W 160 -63.74 3.72 -24.50
C ASP W 160 -63.12 4.95 -23.86
N ARG W 161 -63.60 5.37 -22.70
CA ARG W 161 -63.05 6.52 -22.02
C ARG W 161 -61.90 6.10 -21.10
N ASP W 162 -60.93 7.00 -20.97
CA ASP W 162 -59.90 6.86 -19.95
C ASP W 162 -60.51 6.63 -18.57
N SER W 163 -59.92 5.70 -17.82
CA SER W 163 -60.11 5.69 -16.38
C SER W 163 -59.40 6.88 -15.74
N PHE W 164 -59.74 7.12 -14.47
CA PHE W 164 -59.07 8.15 -13.69
C PHE W 164 -57.57 7.90 -13.62
N GLN W 165 -57.17 6.62 -13.52
CA GLN W 165 -55.75 6.26 -13.50
C GLN W 165 -55.03 6.72 -14.77
N THR W 166 -55.61 6.46 -15.93
CA THR W 166 -54.97 6.89 -17.17
C THR W 166 -54.85 8.41 -17.22
N PHE W 167 -55.88 9.11 -16.76
CA PHE W 167 -55.83 10.57 -16.70
C PHE W 167 -54.68 11.04 -15.82
N CYS W 168 -54.55 10.45 -14.64
CA CYS W 168 -53.45 10.79 -13.74
C CYS W 168 -52.10 10.57 -14.40
N LYS W 169 -51.86 9.36 -14.92
CA LYS W 169 -50.58 9.08 -15.56
C LYS W 169 -50.27 10.08 -16.68
N LYS W 170 -51.28 10.40 -17.49
CA LYS W 170 -51.13 11.40 -18.54
C LYS W 170 -50.66 12.74 -17.97
N ILE W 171 -51.41 13.27 -17.00
CA ILE W 171 -51.08 14.60 -16.51
C ILE W 171 -49.73 14.61 -15.78
N VAL W 172 -49.37 13.51 -15.13
CA VAL W 172 -48.03 13.41 -14.53
C VAL W 172 -46.96 13.56 -15.60
N ARG W 173 -47.06 12.77 -16.68
CA ARG W 173 -46.11 12.89 -17.76
C ARG W 173 -46.06 14.31 -18.31
N ASP W 174 -47.23 14.94 -18.46
CA ASP W 174 -47.26 16.30 -18.99
C ASP W 174 -46.59 17.30 -18.05
N THR W 175 -46.81 17.17 -16.73
CA THR W 175 -46.15 18.05 -15.79
C THR W 175 -44.64 17.92 -15.88
N TYR W 176 -44.15 16.68 -15.93
CA TYR W 176 -42.70 16.50 -15.85
C TYR W 176 -41.98 16.72 -17.18
N ILE W 177 -42.67 16.68 -18.31
CA ILE W 177 -42.04 17.09 -19.56
C ILE W 177 -42.20 18.59 -19.77
N TYR W 178 -43.45 19.07 -19.78
CA TYR W 178 -43.74 20.43 -20.22
C TYR W 178 -43.92 21.43 -19.09
N ASP W 179 -44.20 20.98 -17.87
CA ASP W 179 -44.79 21.83 -16.84
C ASP W 179 -46.00 22.59 -17.38
N GLN W 180 -46.90 21.86 -18.05
CA GLN W 180 -48.18 22.43 -18.46
C GLN W 180 -49.18 21.29 -18.57
N VAL W 181 -50.27 21.38 -17.82
CA VAL W 181 -51.38 20.42 -17.89
C VAL W 181 -52.60 21.15 -18.44
N ASN W 182 -53.28 20.51 -19.39
CA ASN W 182 -54.57 20.98 -19.86
C ASN W 182 -55.53 19.80 -19.96
N PHE W 183 -56.76 20.02 -19.52
CA PHE W 183 -57.86 19.10 -19.81
C PHE W 183 -59.11 19.90 -20.13
N GLU W 184 -59.84 19.46 -21.14
CA GLU W 184 -61.10 20.10 -21.51
C GLU W 184 -62.25 19.56 -20.67
N LYS W 185 -63.15 20.47 -20.30
CA LYS W 185 -64.41 20.15 -19.64
C LYS W 185 -65.55 20.24 -20.65
N VAL W 186 -66.27 19.13 -20.84
CA VAL W 186 -67.38 19.05 -21.78
C VAL W 186 -68.70 19.08 -21.02
N PHE W 187 -69.52 20.08 -21.29
CA PHE W 187 -70.85 20.23 -20.69
C PHE W 187 -71.93 19.58 -21.54
N ASN W 188 -73.01 19.18 -20.86
CA ASN W 188 -74.20 18.66 -21.52
C ASN W 188 -74.72 19.62 -22.59
N LYS W 189 -75.10 19.05 -23.74
CA LYS W 189 -75.56 19.87 -24.85
C LYS W 189 -76.89 20.55 -24.55
N ASN W 190 -77.79 19.87 -23.83
CA ASN W 190 -79.08 20.46 -23.49
C ASN W 190 -78.95 21.48 -22.37
N ASN W 191 -78.05 21.24 -21.41
CA ASN W 191 -77.88 22.10 -20.26
C ASN W 191 -76.40 22.43 -20.15
N LYS W 192 -76.03 23.64 -20.55
CA LYS W 192 -74.62 24.03 -20.56
C LYS W 192 -74.01 24.05 -19.17
N THR W 193 -74.84 24.10 -18.12
CA THR W 193 -74.35 24.13 -16.75
C THR W 193 -73.94 22.76 -16.23
N LYS W 194 -74.32 21.67 -16.91
CA LYS W 194 -74.09 20.33 -16.42
C LYS W 194 -72.88 19.72 -17.12
N LEU W 195 -71.85 19.41 -16.35
CA LEU W 195 -70.66 18.74 -16.85
C LEU W 195 -70.95 17.27 -17.15
N GLU W 196 -70.46 16.81 -18.31
CA GLU W 196 -70.58 15.42 -18.71
C GLU W 196 -69.26 14.68 -18.75
N LYS W 197 -68.19 15.32 -19.21
CA LYS W 197 -66.91 14.64 -19.36
C LYS W 197 -65.80 15.65 -19.05
N PHE W 198 -64.64 15.11 -18.66
CA PHE W 198 -63.38 15.83 -18.74
C PHE W 198 -62.35 14.93 -19.39
N ILE W 199 -61.57 15.50 -20.31
CA ILE W 199 -60.60 14.75 -21.10
C ILE W 199 -59.29 15.53 -21.11
N ALA W 200 -58.19 14.83 -20.88
CA ALA W 200 -56.87 15.44 -20.97
C ALA W 200 -56.52 15.76 -22.42
N VAL W 201 -55.85 16.90 -22.61
CA VAL W 201 -55.52 17.44 -23.92
C VAL W 201 -54.01 17.62 -24.03
N ASP W 202 -53.49 17.43 -25.23
CA ASP W 202 -52.06 17.54 -25.51
C ASP W 202 -51.57 18.95 -25.21
N PRO W 203 -50.76 19.17 -24.17
CA PRO W 203 -50.37 20.54 -23.81
C PRO W 203 -49.58 21.26 -24.89
N SER W 204 -48.86 20.54 -25.74
CA SER W 204 -48.09 21.17 -26.81
C SER W 204 -48.98 21.87 -27.84
N THR W 205 -50.28 21.61 -27.84
CA THR W 205 -51.20 22.22 -28.78
C THR W 205 -51.95 23.42 -28.21
N ILE W 206 -51.80 23.71 -26.92
CA ILE W 206 -52.60 24.71 -26.23
C ILE W 206 -51.77 25.96 -26.02
N PHE W 207 -52.34 27.11 -26.41
CA PHE W 207 -51.68 28.40 -26.31
C PHE W 207 -52.67 29.41 -25.74
N TYR W 208 -52.15 30.44 -25.07
CA TYR W 208 -52.97 31.57 -24.68
C TYR W 208 -53.41 32.35 -25.92
N ALA W 209 -54.70 32.65 -26.00
CA ALA W 209 -55.24 33.48 -27.06
C ALA W 209 -54.98 34.95 -26.74
N THR W 210 -54.64 35.72 -27.76
CA THR W 210 -54.29 37.13 -27.62
C THR W 210 -55.20 37.98 -28.49
N ASP W 211 -55.67 39.09 -27.93
CA ASP W 211 -56.44 40.06 -28.68
C ASP W 211 -55.58 40.68 -29.80
N LYS W 212 -56.28 41.27 -30.77
CA LYS W 212 -55.61 42.00 -31.84
C LYS W 212 -54.72 43.10 -31.30
N LYS W 213 -55.08 43.68 -30.15
CA LYS W 213 -54.24 44.65 -29.45
C LYS W 213 -53.10 44.00 -28.67
N GLY W 214 -52.81 42.72 -28.92
CA GLY W 214 -51.74 42.03 -28.24
C GLY W 214 -51.99 41.70 -26.79
N LYS W 215 -53.16 42.03 -26.25
CA LYS W 215 -53.50 41.71 -24.88
C LYS W 215 -54.06 40.29 -24.83
N ILE W 216 -53.73 39.56 -23.76
CA ILE W 216 -54.31 38.25 -23.56
C ILE W 216 -55.80 38.41 -23.27
N ILE W 217 -56.61 37.58 -23.93
CA ILE W 217 -58.05 37.67 -23.78
C ILE W 217 -58.45 37.19 -22.39
N LYS W 218 -59.33 37.93 -21.73
CA LYS W 218 -59.97 37.46 -20.51
C LYS W 218 -61.48 37.55 -20.67
N GLY W 219 -62.18 36.58 -20.08
CA GLY W 219 -63.63 36.54 -20.13
C GLY W 219 -64.18 35.90 -21.39
N GLY W 220 -63.50 36.07 -22.52
CA GLY W 220 -63.86 35.38 -23.74
C GLY W 220 -63.20 34.03 -23.93
N LYS W 221 -62.86 33.71 -25.18
CA LYS W 221 -62.15 32.48 -25.51
C LYS W 221 -60.68 32.65 -25.16
N ARG W 222 -60.38 32.44 -23.87
CA ARG W 222 -59.04 32.70 -23.36
C ARG W 222 -57.99 31.80 -24.00
N PHE W 223 -58.38 30.62 -24.47
CA PHE W 223 -57.43 29.64 -24.98
C PHE W 223 -57.78 29.24 -26.40
N VAL W 224 -56.74 28.94 -27.18
CA VAL W 224 -56.88 28.35 -28.51
C VAL W 224 -56.01 27.12 -28.60
N GLN W 225 -56.45 26.15 -29.40
CA GLN W 225 -55.61 25.03 -29.81
C GLN W 225 -55.04 25.32 -31.19
N VAL W 226 -53.71 25.21 -31.31
CA VAL W 226 -52.99 25.52 -32.54
C VAL W 226 -52.32 24.25 -33.02
N VAL W 227 -52.59 23.88 -34.27
CA VAL W 227 -51.96 22.74 -34.91
C VAL W 227 -51.47 23.19 -36.28
N ASP W 228 -50.24 22.83 -36.61
CA ASP W 228 -49.59 23.28 -37.85
C ASP W 228 -49.68 24.79 -38.02
N LYS W 229 -49.61 25.53 -36.92
CA LYS W 229 -49.71 26.99 -36.93
C LYS W 229 -51.00 27.48 -37.58
N ARG W 230 -52.09 26.72 -37.45
CA ARG W 230 -53.43 27.25 -37.67
C ARG W 230 -54.32 26.89 -36.49
N VAL W 231 -55.25 27.78 -36.19
CA VAL W 231 -56.19 27.56 -35.09
C VAL W 231 -57.21 26.51 -35.51
N VAL W 232 -57.24 25.40 -34.78
CA VAL W 232 -58.19 24.32 -35.04
C VAL W 232 -59.34 24.30 -34.03
N ALA W 233 -59.19 24.98 -32.89
CA ALA W 233 -60.24 25.02 -31.89
C ALA W 233 -60.03 26.24 -31.01
N SER W 234 -61.06 26.57 -30.23
CA SER W 234 -60.96 27.63 -29.24
C SER W 234 -61.76 27.25 -28.00
N PHE W 235 -61.39 27.88 -26.88
CA PHE W 235 -61.94 27.50 -25.58
C PHE W 235 -62.08 28.73 -24.71
N THR W 236 -63.09 28.73 -23.84
CA THR W 236 -63.14 29.68 -22.75
C THR W 236 -62.35 29.15 -21.55
N SER W 237 -62.10 30.05 -20.59
CA SER W 237 -61.57 29.64 -19.30
C SER W 237 -62.43 28.59 -18.64
N ARG W 238 -63.75 28.62 -18.90
CA ARG W 238 -64.64 27.62 -18.34
C ARG W 238 -64.40 26.23 -18.93
N GLU W 239 -64.01 26.16 -20.21
CA GLU W 239 -63.96 24.88 -20.90
C GLU W 239 -62.60 24.20 -20.82
N LEU W 240 -61.52 24.92 -20.54
CA LEU W 240 -60.19 24.31 -20.49
C LEU W 240 -59.45 24.81 -19.26
N ALA W 241 -58.92 23.87 -18.48
CA ALA W 241 -57.98 24.18 -17.41
C ALA W 241 -56.56 24.36 -17.95
N MET W 242 -55.79 25.22 -17.28
CA MET W 242 -54.35 25.22 -17.37
C MET W 242 -53.76 25.18 -15.97
N GLY W 243 -52.79 24.29 -15.77
CA GLY W 243 -52.09 24.16 -14.51
C GLY W 243 -50.59 24.22 -14.69
N ILE W 244 -49.92 25.02 -13.86
CA ILE W 244 -48.48 25.23 -13.95
C ILE W 244 -47.89 25.15 -12.55
N ARG W 245 -46.76 24.45 -12.42
CA ARG W 245 -46.12 24.24 -11.12
C ARG W 245 -45.04 25.27 -10.84
N ASN W 246 -44.43 25.87 -11.87
CA ASN W 246 -43.26 26.73 -11.73
C ASN W 246 -43.59 28.10 -12.30
N PRO W 247 -44.45 28.85 -11.62
CA PRO W 247 -44.85 30.16 -12.13
C PRO W 247 -43.71 31.16 -12.06
N ARG W 248 -43.85 32.23 -12.85
CA ARG W 248 -42.86 33.30 -12.85
C ARG W 248 -43.59 34.64 -12.87
N THR W 249 -43.02 35.62 -12.18
CA THR W 249 -43.48 37.00 -12.32
C THR W 249 -42.90 37.68 -13.56
N GLU W 250 -41.77 37.19 -14.05
CA GLU W 250 -41.08 37.75 -15.22
C GLU W 250 -42.06 38.09 -16.33
N LEU W 251 -42.06 39.35 -16.74
CA LEU W 251 -43.04 39.83 -17.71
C LEU W 251 -43.05 38.99 -18.98
N SER W 252 -41.86 38.69 -19.51
CA SER W 252 -41.78 37.93 -20.74
C SER W 252 -42.13 36.46 -20.58
N SER W 253 -42.23 35.96 -19.34
CA SER W 253 -42.70 34.59 -19.16
C SER W 253 -44.15 34.42 -19.60
N SER W 254 -44.90 35.50 -19.68
CA SER W 254 -46.23 35.51 -20.30
C SER W 254 -47.19 34.50 -19.66
N GLY W 255 -46.98 34.16 -18.39
CA GLY W 255 -47.86 33.25 -17.70
C GLY W 255 -47.60 31.77 -17.92
N TYR W 256 -46.60 31.41 -18.73
CA TYR W 256 -46.29 30.00 -18.92
C TYR W 256 -45.41 29.47 -17.81
N GLY W 257 -45.33 28.15 -17.72
CA GLY W 257 -44.55 27.49 -16.70
C GLY W 257 -43.07 27.49 -17.04
N LEU W 258 -42.34 26.60 -16.37
CA LEU W 258 -40.90 26.50 -16.59
C LEU W 258 -40.49 25.05 -16.36
N SER W 259 -40.21 24.33 -17.44
CA SER W 259 -39.84 22.93 -17.34
C SER W 259 -38.39 22.80 -16.86
N GLU W 260 -38.18 21.85 -15.95
CA GLU W 260 -36.82 21.45 -15.60
C GLU W 260 -36.04 20.90 -16.79
N VAL W 261 -36.73 20.40 -17.82
CA VAL W 261 -36.03 19.96 -19.02
C VAL W 261 -35.36 21.13 -19.70
N GLU W 262 -35.99 22.30 -19.69
CA GLU W 262 -35.34 23.49 -20.23
C GLU W 262 -34.11 23.87 -19.41
N ILE W 263 -34.25 23.90 -18.08
CA ILE W 263 -33.15 24.28 -17.21
C ILE W 263 -32.00 23.29 -17.33
N ALA W 264 -32.31 22.00 -17.29
CA ALA W 264 -31.30 20.95 -17.26
C ALA W 264 -30.77 20.54 -18.63
N MET W 265 -31.12 21.28 -19.69
CA MET W 265 -30.87 20.80 -21.04
C MET W 265 -29.39 20.52 -21.29
N LYS W 266 -28.51 21.42 -20.84
CA LYS W 266 -27.07 21.18 -20.95
C LYS W 266 -26.67 19.85 -20.31
N GLU W 267 -27.19 19.57 -19.12
CA GLU W 267 -26.88 18.30 -18.46
C GLU W 267 -27.36 17.12 -19.31
N PHE W 268 -28.56 17.21 -19.88
CA PHE W 268 -29.05 16.14 -20.74
C PHE W 268 -28.15 15.94 -21.95
N ILE W 269 -27.66 17.04 -22.54
CA ILE W 269 -26.76 16.93 -23.69
C ILE W 269 -25.45 16.28 -23.28
N ALA W 270 -24.86 16.73 -22.18
CA ALA W 270 -23.63 16.11 -21.67
C ALA W 270 -23.82 14.62 -21.41
N TYR W 271 -24.95 14.24 -20.82
CA TYR W 271 -25.25 12.83 -20.60
C TYR W 271 -25.27 12.06 -21.92
N ASN W 272 -26.08 12.53 -22.87
CA ASN W 272 -26.15 11.88 -24.17
C ASN W 272 -24.77 11.71 -24.80
N ASN W 273 -23.95 12.77 -24.74
CA ASN W 273 -22.62 12.70 -25.34
C ASN W 273 -21.75 11.66 -24.64
N THR W 274 -21.78 11.62 -23.30
CA THR W 274 -20.95 10.65 -22.60
C THR W 274 -21.41 9.22 -22.84
N GLU W 275 -22.72 9.03 -22.99
CA GLU W 275 -23.25 7.71 -23.34
C GLU W 275 -22.78 7.29 -24.72
N SER W 276 -22.90 8.18 -25.70
CA SER W 276 -22.42 7.86 -27.05
C SER W 276 -20.92 7.59 -27.05
N PHE W 277 -20.15 8.38 -26.32
CA PHE W 277 -18.71 8.15 -26.22
C PHE W 277 -18.41 6.74 -25.71
N ASN W 278 -19.02 6.35 -24.60
CA ASN W 278 -18.74 5.04 -24.04
C ASN W 278 -19.23 3.92 -24.95
N ASP W 279 -20.37 4.12 -25.62
CA ASP W 279 -20.89 3.09 -26.53
C ASP W 279 -20.04 2.93 -27.80
N ARG W 280 -19.49 4.02 -28.32
CA ARG W 280 -18.77 3.98 -29.59
C ARG W 280 -17.47 3.18 -29.55
N PHE W 281 -16.96 2.80 -28.39
CA PHE W 281 -15.85 1.86 -28.35
C PHE W 281 -16.16 0.59 -29.11
N PHE W 282 -17.34 0.01 -28.89
CA PHE W 282 -17.74 -1.18 -29.65
C PHE W 282 -18.29 -0.80 -31.02
N SER W 283 -19.24 0.14 -31.05
CA SER W 283 -19.96 0.43 -32.28
C SER W 283 -19.03 0.92 -33.37
N HIS W 284 -18.05 1.75 -33.01
CA HIS W 284 -17.23 2.45 -33.99
C HIS W 284 -15.74 2.37 -33.72
N GLY W 285 -15.32 1.89 -32.56
CA GLY W 285 -13.94 2.04 -32.16
C GLY W 285 -13.02 1.04 -32.80
N GLY W 286 -11.72 1.32 -32.70
CA GLY W 286 -10.71 0.30 -32.82
C GLY W 286 -10.42 -0.37 -31.50
N THR W 287 -10.87 -1.62 -31.36
CA THR W 287 -10.56 -2.41 -30.17
C THR W 287 -9.19 -3.07 -30.25
N THR W 288 -8.48 -2.90 -31.36
CA THR W 288 -7.24 -3.64 -31.61
C THR W 288 -6.25 -3.47 -30.48
N ARG W 289 -5.87 -4.61 -29.89
CA ARG W 289 -4.97 -4.56 -28.73
C ARG W 289 -3.64 -3.91 -29.09
N GLY W 290 -3.11 -4.22 -30.26
CA GLY W 290 -1.77 -3.80 -30.61
C GLY W 290 -1.38 -4.35 -31.95
N ILE W 291 -0.17 -3.99 -32.38
CA ILE W 291 0.39 -4.44 -33.64
C ILE W 291 1.54 -5.39 -33.33
N LEU W 292 1.52 -6.56 -33.96
CA LEU W 292 2.64 -7.49 -33.93
C LEU W 292 3.59 -7.12 -35.06
N GLN W 293 4.69 -6.45 -34.70
CA GLN W 293 5.73 -6.12 -35.68
C GLN W 293 6.70 -7.27 -35.82
N ILE W 294 6.73 -7.85 -37.02
CA ILE W 294 7.77 -8.79 -37.42
C ILE W 294 8.61 -8.07 -38.46
N ARG W 295 9.92 -8.20 -38.36
CA ARG W 295 10.83 -7.46 -39.23
C ARG W 295 11.95 -8.35 -39.72
N SER W 296 12.26 -8.24 -41.00
CA SER W 296 13.37 -8.96 -41.60
C SER W 296 13.91 -8.12 -42.76
N ASP W 297 14.94 -8.65 -43.42
CA ASP W 297 15.63 -7.92 -44.48
C ASP W 297 14.67 -7.34 -45.51
N GLN W 298 13.55 -8.02 -45.79
CA GLN W 298 12.53 -7.46 -46.65
C GLN W 298 11.16 -7.95 -46.20
N GLN W 299 10.15 -7.12 -46.44
CA GLN W 299 8.77 -7.51 -46.14
C GLN W 299 8.38 -8.75 -46.94
N GLN W 300 7.58 -9.61 -46.32
CA GLN W 300 7.03 -10.75 -47.04
C GLN W 300 6.11 -10.32 -48.17
N SER W 301 6.13 -11.10 -49.24
CA SER W 301 5.11 -10.99 -50.28
C SER W 301 3.73 -11.25 -49.69
N GLN W 302 2.70 -10.78 -50.41
CA GLN W 302 1.33 -10.99 -49.95
C GLN W 302 0.98 -12.47 -49.91
N HIS W 303 1.46 -13.26 -50.88
CA HIS W 303 1.21 -14.69 -50.88
C HIS W 303 1.82 -15.35 -49.65
N ALA W 304 3.09 -15.06 -49.38
CA ALA W 304 3.76 -15.58 -48.20
C ALA W 304 3.00 -15.20 -46.94
N LEU W 305 2.58 -13.94 -46.85
CA LEU W 305 1.90 -13.46 -45.65
C LEU W 305 0.54 -14.13 -45.46
N GLU W 306 -0.18 -14.39 -46.55
CA GLU W 306 -1.48 -15.05 -46.42
C GLU W 306 -1.36 -16.53 -46.06
N ASN W 307 -0.33 -17.22 -46.56
CA ASN W 307 -0.18 -18.59 -46.10
C ASN W 307 0.47 -18.69 -44.72
N PHE W 308 1.17 -17.64 -44.28
CA PHE W 308 1.54 -17.56 -42.88
C PHE W 308 0.33 -17.34 -41.99
N LYS W 309 -0.63 -16.52 -42.44
CA LYS W 309 -1.91 -16.41 -41.75
C LYS W 309 -2.63 -17.75 -41.70
N ARG W 310 -2.51 -18.56 -42.74
CA ARG W 310 -3.15 -19.88 -42.70
C ARG W 310 -2.47 -20.81 -41.71
N GLU W 311 -1.13 -20.86 -41.70
CA GLU W 311 -0.45 -21.61 -40.65
C GLU W 311 -0.86 -21.14 -39.26
N TRP W 312 -0.99 -19.82 -39.08
CA TRP W 312 -1.34 -19.27 -37.78
C TRP W 312 -2.71 -19.75 -37.36
N LYS W 313 -3.73 -19.49 -38.17
CA LYS W 313 -5.08 -19.83 -37.74
C LYS W 313 -5.24 -21.33 -37.61
N SER W 314 -4.65 -22.11 -38.51
CA SER W 314 -4.71 -23.56 -38.41
C SER W 314 -3.98 -24.11 -37.20
N SER W 315 -3.11 -23.33 -36.54
CA SER W 315 -2.35 -23.85 -35.41
C SER W 315 -2.73 -23.25 -34.06
N LEU W 316 -3.32 -22.05 -34.02
CA LEU W 316 -3.42 -21.28 -32.79
C LEU W 316 -4.80 -20.72 -32.49
N SER W 317 -5.76 -20.78 -33.42
CA SER W 317 -7.01 -20.10 -33.23
C SER W 317 -7.99 -20.91 -32.38
N GLY W 318 -8.88 -20.19 -31.71
CA GLY W 318 -9.96 -20.70 -30.92
C GLY W 318 -9.53 -21.49 -29.70
N ILE W 319 -10.48 -22.28 -29.19
CA ILE W 319 -10.19 -23.22 -28.12
C ILE W 319 -9.19 -24.28 -28.58
N ASN W 320 -9.32 -24.73 -29.83
CA ASN W 320 -8.49 -25.82 -30.32
C ASN W 320 -7.00 -25.50 -30.24
N GLY W 321 -6.61 -24.28 -30.56
CA GLY W 321 -5.23 -23.84 -30.51
C GLY W 321 -4.81 -23.18 -29.20
N SER W 322 -5.67 -23.16 -28.19
CA SER W 322 -5.64 -22.08 -27.21
C SER W 322 -4.35 -22.01 -26.41
N TRP W 323 -3.69 -23.13 -26.13
CA TRP W 323 -2.49 -23.13 -25.29
C TRP W 323 -1.19 -23.41 -26.05
N GLN W 324 -1.24 -23.56 -27.37
CA GLN W 324 -0.02 -23.72 -28.14
C GLN W 324 0.72 -22.39 -28.25
N ILE W 325 2.04 -22.46 -28.38
CA ILE W 325 2.90 -21.30 -28.58
C ILE W 325 3.57 -21.43 -29.94
N PRO W 326 3.49 -20.42 -30.81
CA PRO W 326 4.29 -20.46 -32.05
C PRO W 326 5.78 -20.24 -31.80
N VAL W 327 6.60 -20.98 -32.54
CA VAL W 327 8.02 -20.67 -32.69
C VAL W 327 8.21 -19.95 -34.02
N VAL W 328 8.87 -18.81 -33.99
CA VAL W 328 9.13 -17.99 -35.18
C VAL W 328 10.59 -17.54 -35.11
N MET W 329 11.26 -17.52 -36.25
CA MET W 329 12.69 -17.25 -36.31
C MET W 329 13.02 -15.98 -37.09
N ALA W 330 12.10 -15.02 -37.09
CA ALA W 330 12.36 -13.71 -37.65
C ALA W 330 13.55 -13.04 -36.96
N ASP W 331 14.14 -12.06 -37.65
CA ASP W 331 15.28 -11.34 -37.09
C ASP W 331 14.93 -10.62 -35.80
N ASP W 332 13.77 -9.97 -35.75
CA ASP W 332 13.27 -9.40 -34.50
C ASP W 332 11.76 -9.36 -34.50
N ILE W 333 11.19 -9.51 -33.30
CA ILE W 333 9.75 -9.52 -33.09
C ILE W 333 9.42 -8.56 -31.95
N LYS W 334 8.44 -7.69 -32.16
CA LYS W 334 8.02 -6.71 -31.17
C LYS W 334 6.50 -6.62 -31.19
N PHE W 335 5.92 -6.35 -30.03
CA PHE W 335 4.48 -6.12 -29.90
C PHE W 335 4.24 -4.75 -29.27
N VAL W 336 3.51 -3.90 -29.98
CA VAL W 336 3.24 -2.53 -29.56
C VAL W 336 1.85 -2.48 -28.94
N ASN W 337 1.77 -2.08 -27.67
CA ASN W 337 0.50 -1.99 -26.97
C ASN W 337 -0.18 -0.66 -27.29
N MET W 338 -1.41 -0.72 -27.81
CA MET W 338 -2.17 0.45 -28.20
C MET W 338 -3.35 0.77 -27.28
N THR W 339 -3.77 -0.16 -26.43
CA THR W 339 -4.86 0.07 -25.50
C THR W 339 -4.47 -0.42 -24.11
N PRO W 340 -5.18 0.02 -23.07
CA PRO W 340 -4.98 -0.57 -21.75
C PRO W 340 -5.29 -2.05 -21.73
N THR W 341 -4.54 -2.79 -20.91
CA THR W 341 -4.77 -4.21 -20.76
C THR W 341 -6.16 -4.52 -20.23
N ALA W 342 -6.76 -3.59 -19.48
CA ALA W 342 -8.08 -3.79 -18.87
C ALA W 342 -8.94 -2.55 -19.15
N ASN W 343 -9.86 -2.70 -20.10
CA ASN W 343 -10.78 -1.63 -20.45
C ASN W 343 -12.01 -1.63 -19.53
N ASP W 344 -12.47 -0.43 -19.20
CA ASP W 344 -13.77 -0.28 -18.55
C ASP W 344 -14.35 1.08 -18.94
N MET W 345 -15.61 1.29 -18.57
CA MET W 345 -16.29 2.54 -18.84
C MET W 345 -15.51 3.71 -18.26
N GLN W 346 -15.62 4.87 -18.92
CA GLN W 346 -14.95 6.09 -18.52
C GLN W 346 -15.97 7.15 -18.16
N PHE W 347 -15.53 8.13 -17.37
CA PHE W 347 -16.36 9.27 -16.98
C PHE W 347 -17.55 8.85 -16.12
N GLU W 348 -17.39 7.79 -15.32
CA GLU W 348 -18.48 7.36 -14.46
C GLU W 348 -18.84 8.43 -13.46
N LYS W 349 -17.84 9.05 -12.83
CA LYS W 349 -18.10 10.14 -11.90
C LYS W 349 -18.87 11.27 -12.57
N TRP W 350 -18.47 11.65 -13.79
CA TRP W 350 -19.19 12.66 -14.55
C TRP W 350 -20.66 12.32 -14.71
N LEU W 351 -20.97 11.06 -15.04
CA LEU W 351 -22.36 10.63 -15.14
C LEU W 351 -23.08 10.78 -13.81
N ASN W 352 -22.49 10.25 -12.74
CA ASN W 352 -23.10 10.36 -11.42
C ASN W 352 -23.41 11.81 -11.07
N TYR W 353 -22.45 12.70 -11.30
CA TYR W 353 -22.62 14.11 -11.00
C TYR W 353 -23.79 14.71 -11.77
N LEU W 354 -23.79 14.57 -13.10
CA LEU W 354 -24.89 15.07 -13.92
C LEU W 354 -26.24 14.54 -13.43
N ILE W 355 -26.32 13.22 -13.21
CA ILE W 355 -27.57 12.60 -12.80
C ILE W 355 -28.01 13.17 -11.46
N ASN W 356 -27.08 13.32 -10.52
CA ASN W 356 -27.44 13.88 -9.22
C ASN W 356 -28.02 15.28 -9.35
N ILE W 357 -27.45 16.11 -10.23
CA ILE W 357 -28.06 17.43 -10.46
C ILE W 357 -29.48 17.28 -10.97
N ILE W 358 -29.68 16.47 -12.00
CA ILE W 358 -31.02 16.33 -12.58
C ILE W 358 -32.00 15.81 -11.51
N SER W 359 -31.54 14.88 -10.69
CA SER W 359 -32.36 14.35 -9.60
C SER W 359 -32.74 15.45 -8.62
N ALA W 360 -31.77 16.27 -8.23
CA ALA W 360 -32.06 17.33 -7.27
C ALA W 360 -33.06 18.32 -7.83
N LEU W 361 -32.97 18.61 -9.13
CA LEU W 361 -33.98 19.48 -9.73
C LEU W 361 -35.35 18.83 -9.71
N TYR W 362 -35.43 17.56 -10.11
CA TYR W 362 -36.71 16.88 -10.13
C TYR W 362 -37.23 16.52 -8.74
N GLY W 363 -36.40 16.59 -7.71
CA GLY W 363 -36.83 16.18 -6.38
C GLY W 363 -37.02 14.69 -6.29
N ILE W 364 -35.95 13.94 -6.53
CA ILE W 364 -35.98 12.49 -6.49
C ILE W 364 -34.64 12.00 -5.95
N ASP W 365 -34.67 10.89 -5.23
CA ASP W 365 -33.45 10.29 -4.75
C ASP W 365 -32.72 9.61 -5.91
N PRO W 366 -31.43 9.94 -6.18
CA PRO W 366 -30.62 9.12 -7.09
C PRO W 366 -30.77 7.62 -6.91
N ALA W 367 -30.92 7.19 -5.66
CA ALA W 367 -30.96 5.76 -5.35
C ALA W 367 -32.09 5.07 -6.12
N GLU W 368 -33.32 5.53 -5.92
CA GLU W 368 -34.45 4.87 -6.56
C GLU W 368 -34.39 4.92 -8.08
N ILE W 369 -33.54 5.76 -8.66
CA ILE W 369 -33.39 5.84 -10.11
C ILE W 369 -32.02 5.29 -10.52
N GLY W 370 -31.53 4.28 -9.80
CA GLY W 370 -30.45 3.48 -10.32
C GLY W 370 -29.07 4.04 -10.15
N PHE W 371 -28.90 5.14 -9.42
CA PHE W 371 -27.62 5.81 -9.29
C PHE W 371 -27.31 6.02 -7.82
N PRO W 372 -26.04 6.15 -7.44
CA PRO W 372 -25.71 6.45 -6.04
C PRO W 372 -25.95 7.91 -5.68
N ASN W 373 -25.95 8.15 -4.38
CA ASN W 373 -26.22 9.45 -3.79
C ASN W 373 -24.89 10.17 -3.60
N ARG W 374 -24.67 11.24 -4.36
CA ARG W 374 -23.50 12.08 -4.13
C ARG W 374 -23.62 12.90 -2.86
N GLY W 375 -24.82 13.03 -2.31
CA GLY W 375 -24.99 13.61 -0.99
C GLY W 375 -24.11 13.04 0.10
N GLY W 376 -23.54 11.85 -0.10
CA GLY W 376 -22.66 11.27 0.88
C GLY W 376 -23.30 10.28 1.83
N ALA W 377 -22.88 10.32 3.08
CA ALA W 377 -23.32 9.37 4.09
C ALA W 377 -24.84 9.33 4.18
N THR W 378 -25.39 8.13 4.31
CA THR W 378 -26.83 7.95 4.35
C THR W 378 -27.41 8.15 5.74
N GLY W 379 -26.59 8.21 6.77
CA GLY W 379 -27.07 8.41 8.13
C GLY W 379 -27.77 9.75 8.31
N PRO W 391 -44.51 7.96 12.91
CA PRO W 391 -43.37 8.56 13.62
C PRO W 391 -42.42 9.33 12.70
N GLY W 392 -42.60 9.19 11.39
CA GLY W 392 -41.69 9.79 10.43
C GLY W 392 -40.48 8.93 10.18
N LYS W 393 -40.00 8.89 8.95
CA LYS W 393 -38.89 8.02 8.58
C LYS W 393 -38.07 8.67 7.46
N LYS W 394 -36.81 8.24 7.37
CA LYS W 394 -35.93 8.71 6.31
C LYS W 394 -36.56 8.53 4.93
N GLN W 395 -37.12 7.34 4.69
CA GLN W 395 -37.74 7.06 3.39
C GLN W 395 -38.87 8.04 3.08
N GLN W 396 -39.59 8.52 4.10
CA GLN W 396 -40.65 9.48 3.86
C GLN W 396 -40.13 10.83 3.36
N GLN W 397 -38.84 11.13 3.55
CA GLN W 397 -38.30 12.37 3.01
C GLN W 397 -38.41 12.42 1.48
N SER W 398 -38.19 11.27 0.83
CA SER W 398 -38.33 11.17 -0.63
C SER W 398 -39.78 11.19 -1.09
N GLN W 399 -40.74 10.99 -0.20
CA GLN W 399 -42.12 11.31 -0.52
C GLN W 399 -42.37 12.81 -0.33
N ASN W 400 -41.91 13.35 0.81
CA ASN W 400 -42.15 14.74 1.15
C ASN W 400 -41.65 15.67 0.05
N LYS W 401 -40.41 15.49 -0.40
CA LYS W 401 -39.98 16.12 -1.63
C LYS W 401 -40.53 15.34 -2.82
N GLY W 402 -41.05 16.07 -3.81
CA GLY W 402 -41.71 15.46 -4.94
C GLY W 402 -43.13 15.01 -4.70
N LEU W 403 -43.31 13.85 -4.05
CA LEU W 403 -44.59 13.14 -4.16
C LEU W 403 -45.72 13.95 -3.57
N GLN W 404 -45.53 14.45 -2.34
CA GLN W 404 -46.55 15.27 -1.69
C GLN W 404 -46.92 16.49 -2.53
N PRO W 405 -45.98 17.29 -3.03
CA PRO W 405 -46.37 18.37 -3.95
C PRO W 405 -47.18 17.90 -5.14
N LEU W 406 -46.83 16.78 -5.75
CA LEU W 406 -47.58 16.33 -6.93
C LEU W 406 -49.02 16.00 -6.59
N LEU W 407 -49.23 15.28 -5.48
CA LEU W 407 -50.58 15.02 -5.00
C LEU W 407 -51.34 16.31 -4.71
N ARG W 408 -50.69 17.26 -4.04
CA ARG W 408 -51.37 18.52 -3.72
C ARG W 408 -51.70 19.31 -4.98
N PHE W 409 -50.87 19.20 -6.01
CA PHE W 409 -51.16 19.86 -7.28
C PHE W 409 -52.37 19.23 -7.95
N ILE W 410 -52.42 17.90 -7.98
CA ILE W 410 -53.56 17.24 -8.59
C ILE W 410 -54.84 17.59 -7.82
N GLU W 411 -54.78 17.55 -6.48
CA GLU W 411 -55.92 17.97 -5.69
C GLU W 411 -56.35 19.39 -6.02
N ASP W 412 -55.39 20.31 -6.10
CA ASP W 412 -55.72 21.70 -6.43
C ASP W 412 -56.47 21.80 -7.75
N LEU W 413 -55.94 21.14 -8.79
CA LEU W 413 -56.61 21.18 -10.09
C LEU W 413 -58.02 20.60 -10.02
N VAL W 414 -58.16 19.43 -9.40
CA VAL W 414 -59.47 18.79 -9.27
C VAL W 414 -60.45 19.71 -8.55
N ASN W 415 -60.03 20.30 -7.44
CA ASN W 415 -60.94 21.14 -6.68
C ASN W 415 -61.35 22.37 -7.46
N ARG W 416 -60.38 23.13 -7.96
CA ARG W 416 -60.72 24.34 -8.70
C ARG W 416 -61.61 24.06 -9.90
N HIS W 417 -61.33 23.00 -10.66
CA HIS W 417 -61.98 22.85 -11.96
C HIS W 417 -63.21 21.94 -11.97
N ILE W 418 -63.22 20.83 -11.24
CA ILE W 418 -64.32 19.88 -11.34
C ILE W 418 -65.32 20.08 -10.21
N ILE W 419 -64.86 19.91 -8.97
CA ILE W 419 -65.74 19.99 -7.82
C ILE W 419 -66.47 21.33 -7.79
N SER W 420 -65.80 22.40 -8.18
CA SER W 420 -66.43 23.72 -8.23
C SER W 420 -67.72 23.74 -9.06
N GLU W 421 -67.91 22.78 -9.96
CA GLU W 421 -69.21 22.64 -10.61
C GLU W 421 -70.31 22.25 -9.63
N TYR W 422 -69.96 21.57 -8.54
CA TYR W 422 -70.91 21.13 -7.53
C TYR W 422 -71.02 22.07 -6.34
N GLY W 423 -70.27 23.17 -6.32
CA GLY W 423 -70.32 24.12 -5.23
C GLY W 423 -69.36 23.81 -4.11
N ASP W 424 -69.17 24.82 -3.25
CA ASP W 424 -68.09 24.85 -2.27
C ASP W 424 -68.31 23.95 -1.07
N LYS W 425 -69.49 23.35 -0.92
CA LYS W 425 -69.72 22.52 0.27
C LYS W 425 -68.86 21.26 0.29
N TYR W 426 -68.43 20.78 -0.87
CA TYR W 426 -67.64 19.57 -0.97
C TYR W 426 -66.16 19.89 -1.15
N THR W 427 -65.32 18.90 -0.86
CA THR W 427 -63.91 18.95 -1.14
C THR W 427 -63.42 17.59 -1.63
N PHE W 428 -62.51 17.62 -2.59
CA PHE W 428 -61.80 16.42 -3.03
C PHE W 428 -60.43 16.39 -2.35
N GLN W 429 -60.09 15.24 -1.77
CA GLN W 429 -58.76 15.04 -1.19
C GLN W 429 -58.33 13.59 -1.40
N PHE W 430 -57.04 13.41 -1.70
CA PHE W 430 -56.42 12.12 -1.46
C PHE W 430 -56.27 11.88 0.03
N VAL W 431 -56.32 10.61 0.44
CA VAL W 431 -56.20 10.26 1.84
C VAL W 431 -55.33 9.01 1.96
N GLY W 432 -54.38 9.05 2.89
CA GLY W 432 -53.63 7.88 3.27
C GLY W 432 -54.43 6.96 4.17
N GLY W 433 -53.84 5.80 4.46
CA GLY W 433 -54.44 4.86 5.37
C GLY W 433 -54.53 5.40 6.78
N ASP W 434 -54.95 4.52 7.69
CA ASP W 434 -55.04 4.85 9.10
C ASP W 434 -54.60 3.66 9.94
N THR W 435 -54.13 3.95 11.15
CA THR W 435 -53.76 2.92 12.12
C THR W 435 -54.92 2.70 13.10
N LYS W 436 -55.97 2.10 12.57
CA LYS W 436 -57.26 1.94 13.25
C LYS W 436 -57.74 0.50 13.14
N SER W 437 -56.86 -0.44 13.43
CA SER W 437 -57.25 -1.84 13.44
C SER W 437 -58.33 -2.07 14.50
N ALA W 438 -58.88 -3.28 14.49
CA ALA W 438 -59.79 -3.70 15.55
C ALA W 438 -59.15 -3.56 16.93
N THR W 439 -57.87 -3.91 17.06
CA THR W 439 -57.15 -3.70 18.31
C THR W 439 -57.16 -2.24 18.72
N ASP W 440 -56.78 -1.34 17.82
CA ASP W 440 -56.72 0.08 18.15
C ASP W 440 -58.10 0.64 18.46
N LYS W 441 -59.11 0.28 17.67
CA LYS W 441 -60.47 0.74 17.94
C LYS W 441 -60.98 0.22 19.28
N LEU W 442 -60.68 -1.03 19.61
CA LEU W 442 -61.08 -1.58 20.90
C LEU W 442 -60.36 -0.91 22.06
N ASN W 443 -59.07 -0.62 21.92
CA ASN W 443 -58.37 0.14 22.95
C ASN W 443 -58.99 1.52 23.14
N ILE W 444 -59.29 2.19 22.03
CA ILE W 444 -59.88 3.52 22.10
C ILE W 444 -61.22 3.46 22.83
N LEU W 445 -62.09 2.55 22.40
CA LEU W 445 -63.38 2.40 23.07
C LEU W 445 -63.23 1.96 24.52
N LYS W 446 -62.24 1.11 24.82
CA LYS W 446 -61.95 0.75 26.21
C LYS W 446 -61.59 1.94 27.07
N LEU W 447 -61.06 2.99 26.46
CA LEU W 447 -60.88 4.24 27.22
C LEU W 447 -62.14 5.11 27.22
N GLU W 448 -62.81 5.22 26.08
CA GLU W 448 -64.04 6.00 26.01
C GLU W 448 -65.11 5.48 26.95
N THR W 449 -65.12 4.17 27.22
CA THR W 449 -66.09 3.59 28.14
C THR W 449 -65.75 3.86 29.59
N GLN W 450 -64.50 4.23 29.89
CA GLN W 450 -64.19 4.77 31.20
C GLN W 450 -64.52 6.25 31.27
N ILE W 451 -64.30 6.97 30.18
CA ILE W 451 -64.40 8.43 30.20
C ILE W 451 -65.79 8.91 29.80
N PHE W 452 -66.42 8.26 28.82
CA PHE W 452 -67.68 8.75 28.25
C PHE W 452 -68.81 7.74 28.27
N LYS W 453 -68.53 6.56 27.74
CA LYS W 453 -69.55 5.71 27.13
C LYS W 453 -70.05 4.66 28.11
N THR W 454 -71.37 4.62 28.29
CA THR W 454 -72.00 3.47 28.91
C THR W 454 -71.90 2.25 27.98
N VAL W 455 -72.00 1.07 28.60
CA VAL W 455 -72.04 -0.19 27.86
C VAL W 455 -73.02 -0.12 26.70
N ASN W 456 -74.22 0.43 26.94
CA ASN W 456 -75.25 0.42 25.92
C ASN W 456 -74.94 1.36 24.76
N GLU W 457 -74.30 2.50 25.02
CA GLU W 457 -73.89 3.36 23.91
C GLU W 457 -72.87 2.66 23.02
N ALA W 458 -71.88 2.00 23.62
CA ALA W 458 -70.92 1.21 22.84
C ALA W 458 -71.64 0.16 22.01
N ARG W 459 -72.48 -0.65 22.64
CA ARG W 459 -73.19 -1.70 21.91
C ARG W 459 -74.05 -1.13 20.78
N GLU W 460 -74.70 0.01 21.03
CA GLU W 460 -75.49 0.66 20.00
C GLU W 460 -74.64 1.09 18.81
N GLU W 461 -73.46 1.63 19.07
CA GLU W 461 -72.54 1.96 17.98
C GLU W 461 -72.14 0.75 17.15
N GLN W 462 -72.20 -0.45 17.72
CA GLN W 462 -72.02 -1.68 16.96
C GLN W 462 -73.30 -2.16 16.30
N GLY W 463 -74.43 -1.51 16.56
CA GLY W 463 -75.72 -2.04 16.19
C GLY W 463 -76.17 -3.23 17.01
N LYS W 464 -75.64 -3.39 18.22
CA LYS W 464 -75.97 -4.52 19.08
C LYS W 464 -76.91 -4.03 20.17
N LYS W 465 -77.90 -4.86 20.48
CA LYS W 465 -79.00 -4.44 21.33
C LYS W 465 -78.50 -3.98 22.70
N PRO W 466 -79.03 -2.88 23.24
CA PRO W 466 -78.71 -2.52 24.62
C PRO W 466 -79.18 -3.58 25.60
N ILE W 467 -78.46 -3.69 26.73
CA ILE W 467 -78.73 -4.70 27.73
C ILE W 467 -79.08 -4.02 29.05
N GLU W 468 -80.07 -4.59 29.74
CA GLU W 468 -80.38 -4.21 31.11
C GLU W 468 -79.17 -4.42 32.02
N GLY W 469 -78.77 -3.36 32.71
CA GLY W 469 -77.48 -3.30 33.39
C GLY W 469 -76.40 -2.59 32.63
N GLY W 470 -76.66 -2.18 31.39
CA GLY W 470 -75.88 -1.13 30.77
C GLY W 470 -76.23 0.23 31.34
N ASP W 471 -76.06 1.29 30.54
CA ASP W 471 -76.22 2.67 30.99
C ASP W 471 -75.32 3.00 32.18
N ILE W 472 -74.21 2.28 32.35
CA ILE W 472 -73.25 2.53 33.42
C ILE W 472 -71.85 2.63 32.81
N ILE W 473 -71.05 3.56 33.32
CA ILE W 473 -69.63 3.59 33.00
C ILE W 473 -68.93 2.44 33.71
N LEU W 474 -68.01 1.79 33.00
CA LEU W 474 -67.24 0.67 33.56
C LEU W 474 -66.08 1.19 34.40
N ASP W 475 -66.43 1.89 35.49
CA ASP W 475 -65.46 2.31 36.48
C ASP W 475 -66.02 2.06 37.86
N ALA W 476 -65.21 1.44 38.72
CA ALA W 476 -65.65 1.14 40.08
C ALA W 476 -66.04 2.40 40.85
N SER W 477 -65.38 3.53 40.58
CA SER W 477 -65.73 4.75 41.28
C SER W 477 -67.12 5.25 40.89
N PHE W 478 -67.48 5.12 39.60
CA PHE W 478 -68.82 5.49 39.16
C PHE W 478 -69.89 4.67 39.88
N LEU W 479 -69.66 3.35 39.98
CA LEU W 479 -70.62 2.49 40.65
C LEU W 479 -70.68 2.76 42.14
N GLN W 480 -69.53 3.01 42.78
CA GLN W 480 -69.56 3.39 44.19
C GLN W 480 -70.32 4.68 44.41
N GLY W 481 -70.21 5.62 43.47
CA GLY W 481 -71.04 6.82 43.53
C GLY W 481 -72.52 6.51 43.46
N THR W 482 -72.93 5.71 42.48
CA THR W 482 -74.35 5.39 42.36
C THR W 482 -74.84 4.59 43.57
N ALA W 483 -74.00 3.74 44.15
CA ALA W 483 -74.36 3.02 45.36
C ALA W 483 -74.52 3.95 46.54
N GLN W 484 -73.70 5.02 46.60
CA GLN W 484 -73.93 6.07 47.58
C GLN W 484 -75.28 6.73 47.36
N LEU W 485 -75.53 7.18 46.13
CA LEU W 485 -76.72 7.95 45.82
C LEU W 485 -77.99 7.15 46.13
N GLN W 486 -77.95 5.82 45.92
CA GLN W 486 -79.10 5.00 46.30
C GLN W 486 -79.42 5.13 47.79
N GLN W 487 -78.41 5.00 48.65
CA GLN W 487 -78.64 5.17 50.08
C GLN W 487 -79.12 6.58 50.40
N ASP W 488 -78.51 7.59 49.78
CA ASP W 488 -78.99 8.97 49.93
C ASP W 488 -80.47 9.10 49.62
N LYS W 489 -80.90 8.54 48.48
CA LYS W 489 -82.31 8.55 48.12
C LYS W 489 -83.17 7.85 49.19
N GLN W 490 -82.75 6.67 49.63
CA GLN W 490 -83.56 5.95 50.60
C GLN W 490 -83.64 6.70 51.94
N TYR W 491 -82.58 7.40 52.31
CA TYR W 491 -82.61 8.23 53.50
C TYR W 491 -83.58 9.39 53.33
N ASN W 492 -83.48 10.12 52.22
CA ASN W 492 -84.35 11.27 52.03
C ASN W 492 -85.81 10.84 51.94
N ASP W 493 -86.08 9.68 51.32
CA ASP W 493 -87.42 9.12 51.32
C ASP W 493 -87.91 8.88 52.74
N GLY W 494 -87.08 8.25 53.58
CA GLY W 494 -87.46 8.04 54.96
C GLY W 494 -87.73 9.35 55.68
N LYS W 495 -86.83 10.31 55.53
CA LYS W 495 -86.98 11.62 56.15
C LYS W 495 -88.32 12.25 55.78
N GLN W 496 -88.63 12.27 54.48
CA GLN W 496 -89.86 12.93 54.02
C GLN W 496 -91.10 12.19 54.50
N LYS W 497 -91.07 10.86 54.49
CA LYS W 497 -92.20 10.11 55.01
C LYS W 497 -92.40 10.37 56.50
N GLU W 498 -91.32 10.44 57.26
CA GLU W 498 -91.44 10.73 58.69
C GLU W 498 -91.90 12.17 58.94
N ARG W 499 -91.48 13.10 58.08
CA ARG W 499 -92.01 14.45 58.13
C ARG W 499 -93.52 14.47 57.92
N LEU W 500 -94.00 13.77 56.90
CA LEU W 500 -95.44 13.70 56.66
C LEU W 500 -96.17 13.07 57.84
N GLN W 501 -95.62 11.98 58.38
CA GLN W 501 -96.26 11.32 59.51
C GLN W 501 -96.31 12.22 60.74
N MET W 502 -95.25 12.99 60.99
CA MET W 502 -95.26 13.95 62.08
C MET W 502 -96.27 15.08 61.85
N MET W 503 -96.33 15.62 60.62
CA MET W 503 -97.31 16.66 60.32
C MET W 503 -98.72 16.14 60.55
N MET W 504 -99.01 14.91 60.13
CA MET W 504 -100.33 14.34 60.39
C MET W 504 -100.53 14.10 61.89
N SER W 505 -99.47 13.80 62.62
CA SER W 505 -99.57 13.66 64.07
C SER W 505 -99.83 15.00 64.73
N LEU W 506 -99.17 16.06 64.25
CA LEU W 506 -99.25 17.37 64.88
C LEU W 506 -100.60 18.02 64.60
N SER X 49 -38.27 61.38 2.76
CA SER X 49 -37.64 60.52 3.77
C SER X 49 -38.07 59.07 3.58
N LEU X 50 -37.19 58.15 3.96
CA LEU X 50 -37.47 56.73 3.76
C LEU X 50 -38.53 56.25 4.76
N TYR X 51 -38.31 56.49 6.04
CA TYR X 51 -39.25 56.09 7.09
C TYR X 51 -40.15 57.21 7.57
N GLY X 52 -39.60 58.40 7.82
CA GLY X 52 -40.36 59.46 8.45
C GLY X 52 -39.45 60.59 8.83
N GLN X 53 -40.05 61.64 9.39
CA GLN X 53 -39.29 62.82 9.74
C GLN X 53 -38.27 62.48 10.82
N GLN X 54 -37.00 62.74 10.51
CA GLN X 54 -35.91 62.44 11.40
C GLN X 54 -34.80 63.44 11.15
N GLN X 55 -34.01 63.73 12.20
CA GLN X 55 -32.93 64.69 12.07
C GLN X 55 -31.63 64.04 11.61
N ALA X 56 -31.49 62.72 11.77
CA ALA X 56 -30.43 61.97 11.13
C ALA X 56 -30.76 61.75 9.66
N TYR X 57 -29.78 61.99 8.80
CA TYR X 57 -29.92 61.67 7.38
C TYR X 57 -29.87 60.17 7.17
N ALA X 58 -30.79 59.67 6.34
CA ALA X 58 -30.89 58.26 6.02
C ALA X 58 -30.54 57.96 4.56
N GLU X 59 -30.13 58.97 3.80
CA GLU X 59 -29.77 58.84 2.40
C GLU X 59 -28.52 59.66 2.15
N PRO X 60 -27.81 59.40 1.05
CA PRO X 60 -26.66 60.24 0.70
C PRO X 60 -27.04 61.72 0.63
N PHE X 61 -26.30 62.53 1.38
CA PHE X 61 -26.69 63.94 1.54
C PHE X 61 -26.59 64.69 0.23
N ILE X 62 -25.48 64.53 -0.51
CA ILE X 62 -25.42 65.05 -1.86
C ILE X 62 -26.13 64.07 -2.79
N GLU X 63 -27.03 64.61 -3.61
CA GLU X 63 -27.77 63.81 -4.59
C GLU X 63 -26.82 63.26 -5.64
N MET X 64 -26.64 61.95 -5.66
CA MET X 64 -25.88 61.34 -6.75
C MET X 64 -26.68 61.38 -8.04
N MET X 65 -25.95 61.39 -9.16
CA MET X 65 -26.56 61.57 -10.47
C MET X 65 -27.27 60.27 -10.83
N ASP X 66 -28.50 60.16 -10.33
CA ASP X 66 -29.40 59.11 -10.80
C ASP X 66 -29.76 59.33 -12.27
N THR X 67 -29.95 58.21 -12.98
CA THR X 67 -30.25 58.28 -14.40
C THR X 67 -31.56 59.05 -14.65
N ASN X 68 -32.51 58.97 -13.73
CA ASN X 68 -33.79 59.63 -13.87
C ASN X 68 -34.10 60.38 -12.58
N PRO X 69 -34.57 61.64 -12.66
CA PRO X 69 -34.97 62.33 -11.42
C PRO X 69 -36.10 61.65 -10.68
N GLU X 70 -36.89 60.81 -11.36
CA GLU X 70 -38.16 60.36 -10.80
C GLU X 70 -38.05 59.08 -9.99
N PHE X 71 -36.97 58.31 -10.11
CA PHE X 71 -36.85 57.09 -9.32
C PHE X 71 -35.38 56.82 -8.99
N ARG X 72 -35.19 56.10 -7.88
CA ARG X 72 -33.86 55.71 -7.41
C ARG X 72 -33.35 54.48 -8.14
N ASP X 73 -32.17 54.61 -8.72
CA ASP X 73 -31.55 53.48 -9.43
C ASP X 73 -31.10 52.41 -8.44
N LYS X 74 -31.16 51.15 -8.89
CA LYS X 74 -30.72 50.00 -8.11
C LYS X 74 -29.22 49.78 -8.32
N ARG X 75 -28.43 50.62 -7.63
CA ARG X 75 -26.98 50.53 -7.76
C ARG X 75 -26.44 49.24 -7.14
N SER X 76 -25.49 48.63 -7.83
CA SER X 76 -24.71 47.54 -7.27
C SER X 76 -23.95 47.99 -6.01
N TYR X 77 -23.66 47.02 -5.14
CA TYR X 77 -23.00 47.27 -3.87
C TYR X 77 -21.80 48.21 -4.00
N MET X 78 -20.94 47.98 -4.98
CA MET X 78 -19.76 48.82 -5.19
C MET X 78 -20.04 50.02 -6.08
N LYS X 79 -21.30 50.21 -6.51
CA LYS X 79 -21.68 51.22 -7.49
C LYS X 79 -20.97 51.04 -8.83
N ASN X 80 -20.39 49.85 -9.07
CA ASN X 80 -19.83 49.55 -10.38
C ASN X 80 -20.91 49.39 -11.44
N GLU X 81 -22.16 49.19 -11.03
CA GLU X 81 -23.25 48.90 -11.96
C GLU X 81 -24.52 49.55 -11.45
N HIS X 82 -25.35 50.00 -12.41
CA HIS X 82 -26.60 50.70 -12.12
C HIS X 82 -27.84 49.93 -12.55
N ASN X 83 -27.67 48.80 -13.23
CA ASN X 83 -28.78 48.05 -13.80
C ASN X 83 -28.71 46.64 -13.26
N LEU X 84 -28.52 46.56 -11.94
CA LEU X 84 -28.15 45.30 -11.30
C LEU X 84 -29.14 44.19 -11.59
N HIS X 85 -30.44 44.49 -11.58
CA HIS X 85 -31.43 43.44 -11.75
C HIS X 85 -31.44 42.86 -13.16
N ASP X 86 -31.08 43.65 -14.17
CA ASP X 86 -30.91 43.08 -15.49
C ASP X 86 -29.66 42.21 -15.60
N VAL X 87 -28.67 42.44 -14.75
CA VAL X 87 -27.55 41.52 -14.63
C VAL X 87 -28.01 40.22 -13.98
N LEU X 88 -28.65 40.33 -12.81
CA LEU X 88 -29.06 39.16 -12.04
C LEU X 88 -30.05 38.29 -12.79
N LYS X 89 -30.93 38.88 -13.60
CA LYS X 89 -31.87 38.09 -14.39
C LYS X 89 -31.16 37.03 -15.23
N LYS X 90 -29.93 37.30 -15.66
CA LYS X 90 -29.21 36.31 -16.45
C LYS X 90 -28.85 35.06 -15.67
N PHE X 91 -28.86 35.10 -14.34
CA PHE X 91 -28.55 33.92 -13.54
C PHE X 91 -29.79 33.12 -13.15
N GLY X 92 -30.99 33.62 -13.43
CA GLY X 92 -32.21 32.98 -13.00
C GLY X 92 -32.42 31.59 -13.58
N ASN X 93 -31.67 31.20 -14.61
CA ASN X 93 -31.70 29.85 -15.15
C ASN X 93 -30.57 28.96 -14.65
N ASN X 94 -29.80 29.41 -13.66
CA ASN X 94 -28.73 28.57 -13.13
C ASN X 94 -29.33 27.30 -12.53
N PRO X 95 -28.80 26.11 -12.86
CA PRO X 95 -29.41 24.88 -12.31
C PRO X 95 -29.34 24.74 -10.79
N ILE X 96 -28.25 25.17 -10.15
CA ILE X 96 -28.17 25.11 -8.70
C ILE X 96 -29.19 26.04 -8.06
N LEU X 97 -29.22 27.28 -8.53
CA LEU X 97 -30.18 28.25 -7.98
C LEU X 97 -31.61 27.78 -8.18
N ASN X 98 -31.90 27.17 -9.32
CA ASN X 98 -33.24 26.66 -9.54
C ASN X 98 -33.54 25.43 -8.69
N ALA X 99 -32.56 24.57 -8.44
CA ALA X 99 -32.80 23.47 -7.51
C ALA X 99 -33.14 23.97 -6.11
N ILE X 100 -32.47 25.03 -5.68
CA ILE X 100 -32.78 25.61 -4.37
C ILE X 100 -34.17 26.22 -4.38
N ILE X 101 -34.47 27.04 -5.39
CA ILE X 101 -35.75 27.71 -5.47
C ILE X 101 -36.89 26.69 -5.52
N LEU X 102 -36.73 25.63 -6.31
CA LEU X 102 -37.80 24.65 -6.42
C LEU X 102 -37.99 23.85 -5.14
N THR X 103 -36.90 23.42 -4.49
CA THR X 103 -37.08 22.67 -3.25
C THR X 103 -37.73 23.53 -2.17
N ARG X 104 -37.25 24.76 -2.01
CA ARG X 104 -37.85 25.65 -1.01
C ARG X 104 -39.31 25.93 -1.32
N SER X 105 -39.63 26.27 -2.57
CA SER X 105 -41.00 26.61 -2.92
C SER X 105 -41.93 25.42 -2.77
N ASN X 106 -41.46 24.21 -3.09
CA ASN X 106 -42.31 23.05 -2.89
C ASN X 106 -42.51 22.73 -1.42
N GLN X 107 -41.49 22.95 -0.59
CA GLN X 107 -41.69 22.82 0.86
C GLN X 107 -42.75 23.80 1.36
N VAL X 108 -42.61 25.08 0.98
CA VAL X 108 -43.55 26.10 1.44
C VAL X 108 -44.97 25.83 0.95
N ALA X 109 -45.12 25.35 -0.28
CA ALA X 109 -46.43 25.05 -0.85
C ALA X 109 -47.33 24.24 0.07
N MET X 110 -46.75 23.38 0.92
CA MET X 110 -47.55 22.48 1.73
C MET X 110 -48.41 23.19 2.78
N TYR X 111 -48.10 24.44 3.12
CA TYR X 111 -48.87 25.18 4.11
C TYR X 111 -50.00 26.01 3.52
N CYS X 112 -50.08 26.15 2.20
CA CYS X 112 -51.04 27.06 1.57
C CYS X 112 -52.49 26.70 1.82
N GLN X 113 -52.82 25.47 2.18
CA GLN X 113 -54.20 25.19 2.56
C GLN X 113 -54.53 25.71 3.96
N PRO X 114 -55.80 26.03 4.23
CA PRO X 114 -56.22 26.25 5.61
C PRO X 114 -56.07 24.99 6.45
N ALA X 115 -55.52 25.15 7.67
CA ALA X 115 -55.48 24.06 8.62
C ALA X 115 -56.88 23.63 9.04
N ARG X 116 -57.80 24.59 9.17
CA ARG X 116 -59.18 24.31 9.55
C ARG X 116 -59.78 23.12 8.82
N TYR X 117 -59.58 23.05 7.51
CA TYR X 117 -60.15 21.98 6.69
C TYR X 117 -59.20 20.82 6.48
N SER X 118 -57.96 20.94 6.94
CA SER X 118 -56.93 19.92 6.75
C SER X 118 -56.93 19.07 8.02
N GLU X 119 -57.31 17.81 7.90
CA GLU X 119 -57.52 16.98 9.08
C GLU X 119 -56.23 16.71 9.82
N LYS X 120 -55.09 16.68 9.12
CA LYS X 120 -53.81 16.59 9.81
C LYS X 120 -53.44 17.90 10.50
N GLY X 121 -54.22 18.96 10.32
CA GLY X 121 -53.96 20.24 10.95
C GLY X 121 -52.88 21.08 10.29
N LEU X 122 -52.16 20.53 9.32
CA LEU X 122 -51.16 21.31 8.60
C LEU X 122 -51.82 22.39 7.75
N GLY X 123 -51.22 23.56 7.72
CA GLY X 123 -51.64 24.62 6.84
C GLY X 123 -51.43 25.97 7.50
N PHE X 124 -52.33 26.90 7.17
CA PHE X 124 -52.42 28.19 7.85
C PHE X 124 -53.79 28.36 8.51
N GLU X 125 -53.84 29.29 9.46
CA GLU X 125 -55.09 29.73 10.06
C GLU X 125 -55.03 31.24 10.30
N VAL X 126 -56.20 31.86 10.26
CA VAL X 126 -56.39 33.22 10.76
C VAL X 126 -57.00 33.13 12.16
N ARG X 127 -56.40 33.85 13.10
CA ARG X 127 -56.64 33.64 14.51
C ARG X 127 -56.80 35.00 15.19
N LEU X 128 -57.49 35.02 16.31
CA LEU X 128 -57.40 36.16 17.21
C LEU X 128 -56.00 36.30 17.79
N ARG X 129 -55.61 37.55 18.04
CA ARG X 129 -54.30 37.83 18.61
C ARG X 129 -54.17 37.21 19.99
N ASP X 130 -55.04 37.60 20.91
CA ASP X 130 -55.00 37.04 22.26
C ASP X 130 -55.38 35.57 22.24
N LEU X 131 -54.54 34.73 22.84
CA LEU X 131 -54.89 33.34 23.07
C LEU X 131 -56.00 33.20 24.11
N ASP X 132 -56.18 34.21 24.97
CA ASP X 132 -57.16 34.13 26.03
C ASP X 132 -58.58 34.48 25.55
N ALA X 133 -58.72 35.12 24.41
CA ALA X 133 -60.03 35.53 23.94
C ALA X 133 -60.80 34.33 23.41
N GLU X 134 -62.13 34.41 23.53
CA GLU X 134 -63.04 33.49 22.86
C GLU X 134 -63.75 34.20 21.73
N PRO X 135 -63.71 33.71 20.50
CA PRO X 135 -64.23 34.52 19.39
C PRO X 135 -65.74 34.63 19.44
N GLY X 136 -66.23 35.82 19.12
CA GLY X 136 -67.67 36.04 19.06
C GLY X 136 -68.28 35.38 17.84
N ARG X 137 -69.62 35.35 17.83
CA ARG X 137 -70.34 34.66 16.76
C ARG X 137 -69.99 35.24 15.40
N LYS X 138 -69.86 36.57 15.32
CA LYS X 138 -69.50 37.21 14.07
C LYS X 138 -68.01 37.11 13.79
N GLU X 139 -67.19 37.07 14.85
CA GLU X 139 -65.75 36.98 14.65
C GLU X 139 -65.35 35.64 14.00
N LYS X 140 -65.98 34.54 14.41
CA LYS X 140 -65.67 33.26 13.78
C LYS X 140 -65.96 33.30 12.28
N GLU X 141 -67.04 33.96 11.90
CA GLU X 141 -67.37 34.06 10.48
C GLU X 141 -66.41 34.99 9.77
N GLU X 142 -66.02 36.09 10.43
CA GLU X 142 -65.05 36.99 9.82
C GLU X 142 -63.70 36.30 9.59
N MET X 143 -63.25 35.50 10.57
CA MET X 143 -62.02 34.74 10.40
C MET X 143 -62.13 33.73 9.26
N LYS X 144 -63.27 33.04 9.16
CA LYS X 144 -63.46 32.11 8.06
C LYS X 144 -63.49 32.84 6.71
N ARG X 145 -64.10 34.02 6.67
CA ARG X 145 -64.13 34.79 5.44
C ARG X 145 -62.73 35.22 5.03
N ILE X 146 -61.92 35.66 6.00
CA ILE X 146 -60.55 36.07 5.68
C ILE X 146 -59.73 34.87 5.18
N GLU X 147 -59.88 33.73 5.84
CA GLU X 147 -59.22 32.51 5.35
C GLU X 147 -59.60 32.20 3.91
N ASP X 148 -60.90 32.17 3.62
CA ASP X 148 -61.37 31.90 2.26
C ASP X 148 -60.83 32.91 1.27
N PHE X 149 -60.89 34.21 1.61
CA PHE X 149 -60.33 35.25 0.77
C PHE X 149 -58.85 35.01 0.45
N ILE X 150 -58.05 34.68 1.46
CA ILE X 150 -56.64 34.41 1.22
C ILE X 150 -56.47 33.23 0.28
N VAL X 151 -57.12 32.11 0.60
CA VAL X 151 -57.07 30.93 -0.28
C VAL X 151 -57.38 31.32 -1.72
N ASN X 152 -58.51 31.99 -1.93
CA ASN X 152 -58.89 32.44 -3.27
C ASN X 152 -58.06 33.62 -3.76
N THR X 153 -57.23 34.23 -2.92
CA THR X 153 -56.41 35.38 -3.28
C THR X 153 -57.31 36.57 -3.67
N GLY X 154 -58.55 36.56 -3.20
CA GLY X 154 -59.51 37.55 -3.63
C GLY X 154 -60.90 37.17 -3.17
N LYS X 155 -61.82 38.11 -3.34
CA LYS X 155 -63.15 37.94 -2.75
C LYS X 155 -63.90 36.80 -3.41
N ASP X 156 -64.07 36.85 -4.72
CA ASP X 156 -64.71 35.79 -5.48
C ASP X 156 -63.70 34.72 -5.90
N LYS X 157 -64.23 33.53 -6.13
CA LYS X 157 -63.48 32.49 -6.84
C LYS X 157 -63.35 32.84 -8.31
N ASP X 158 -62.15 32.68 -8.84
CA ASP X 158 -61.89 32.94 -10.27
C ASP X 158 -60.71 32.11 -10.69
N VAL X 159 -60.97 31.12 -11.55
CA VAL X 159 -59.93 30.24 -12.07
C VAL X 159 -58.84 31.01 -12.82
N ASP X 160 -59.13 32.22 -13.29
CA ASP X 160 -58.13 33.02 -13.98
C ASP X 160 -57.14 33.67 -13.03
N ARG X 161 -57.47 33.76 -11.74
CA ARG X 161 -56.57 34.35 -10.76
C ARG X 161 -55.64 33.28 -10.19
N ASP X 162 -54.43 33.71 -9.85
CA ASP X 162 -53.53 32.88 -9.06
C ASP X 162 -54.22 32.38 -7.79
N SER X 163 -54.02 31.11 -7.49
CA SER X 163 -54.22 30.62 -6.13
C SER X 163 -53.12 31.15 -5.21
N PHE X 164 -53.37 31.03 -3.91
CA PHE X 164 -52.33 31.35 -2.93
C PHE X 164 -51.07 30.54 -3.15
N GLN X 165 -51.20 29.29 -3.60
CA GLN X 165 -50.03 28.47 -3.87
C GLN X 165 -49.14 29.11 -4.94
N THR X 166 -49.74 29.56 -6.03
CA THR X 166 -48.97 30.21 -7.09
C THR X 166 -48.34 31.49 -6.58
N PHE X 167 -49.06 32.25 -5.77
CA PHE X 167 -48.52 33.47 -5.18
C PHE X 167 -47.28 33.17 -4.34
N CYS X 168 -47.36 32.18 -3.45
CA CYS X 168 -46.22 31.85 -2.62
C CYS X 168 -45.03 31.38 -3.44
N LYS X 169 -45.27 30.51 -4.43
CA LYS X 169 -44.18 30.06 -5.29
C LYS X 169 -43.51 31.26 -5.97
N LYS X 170 -44.31 32.17 -6.53
CA LYS X 170 -43.79 33.37 -7.15
C LYS X 170 -42.89 34.15 -6.20
N ILE X 171 -43.42 34.51 -5.03
CA ILE X 171 -42.64 35.38 -4.15
C ILE X 171 -41.41 34.66 -3.60
N VAL X 172 -41.44 33.34 -3.47
CA VAL X 172 -40.23 32.62 -3.07
C VAL X 172 -39.16 32.76 -4.14
N ARG X 173 -39.52 32.47 -5.40
CA ARG X 173 -38.57 32.65 -6.49
C ARG X 173 -38.03 34.08 -6.52
N ASP X 174 -38.91 35.06 -6.33
CA ASP X 174 -38.48 36.45 -6.35
C ASP X 174 -37.52 36.78 -5.21
N THR X 175 -37.79 36.28 -4.00
CA THR X 175 -36.86 36.52 -2.91
C THR X 175 -35.49 35.95 -3.21
N TYR X 176 -35.44 34.72 -3.72
CA TYR X 176 -34.14 34.08 -3.88
C TYR X 176 -33.39 34.49 -5.14
N ILE X 177 -34.06 35.08 -6.13
CA ILE X 177 -33.32 35.68 -7.26
C ILE X 177 -32.97 37.12 -6.96
N TYR X 178 -33.98 37.95 -6.66
CA TYR X 178 -33.81 39.40 -6.62
C TYR X 178 -33.63 39.94 -5.20
N ASP X 179 -34.03 39.19 -4.18
CA ASP X 179 -34.31 39.76 -2.87
C ASP X 179 -35.20 41.00 -2.95
N GLN X 180 -36.30 40.88 -3.69
CA GLN X 180 -37.32 41.92 -3.71
C GLN X 180 -38.66 41.28 -4.05
N VAL X 181 -39.63 41.42 -3.16
CA VAL X 181 -41.01 40.97 -3.40
C VAL X 181 -41.92 42.18 -3.48
N ASN X 182 -42.78 42.20 -4.49
CA ASN X 182 -43.83 43.20 -4.60
C ASN X 182 -45.14 42.51 -4.98
N PHE X 183 -46.24 42.93 -4.34
CA PHE X 183 -47.57 42.58 -4.80
C PHE X 183 -48.46 43.80 -4.66
N GLU X 184 -49.28 44.05 -5.68
CA GLU X 184 -50.25 45.13 -5.64
C GLU X 184 -51.54 44.73 -4.97
N LYS X 185 -52.11 45.65 -4.19
CA LYS X 185 -53.43 45.53 -3.59
C LYS X 185 -54.43 46.37 -4.39
N VAL X 186 -55.47 45.73 -4.91
CA VAL X 186 -56.50 46.40 -5.70
C VAL X 186 -57.76 46.54 -4.87
N PHE X 187 -58.19 47.78 -4.64
CA PHE X 187 -59.41 48.10 -3.91
C PHE X 187 -60.60 48.24 -4.85
N ASN X 188 -61.80 47.97 -4.31
CA ASN X 188 -63.03 48.20 -5.04
C ASN X 188 -63.12 49.62 -5.57
N LYS X 189 -63.56 49.75 -6.82
CA LYS X 189 -63.64 51.07 -7.45
C LYS X 189 -64.71 51.93 -6.80
N ASN X 190 -65.83 51.34 -6.40
CA ASN X 190 -66.91 52.12 -5.78
C ASN X 190 -66.56 52.46 -4.33
N ASN X 191 -65.88 51.57 -3.62
CA ASN X 191 -65.54 51.77 -2.22
C ASN X 191 -64.03 51.53 -2.06
N LYS X 192 -63.28 52.62 -1.94
CA LYS X 192 -61.83 52.50 -1.86
C LYS X 192 -61.36 51.79 -0.61
N THR X 193 -62.22 51.67 0.40
CA THR X 193 -61.86 51.00 1.65
C THR X 193 -61.93 49.49 1.56
N LYS X 194 -62.55 48.93 0.51
CA LYS X 194 -62.78 47.49 0.42
C LYS X 194 -61.74 46.87 -0.51
N LEU X 195 -60.93 45.98 0.04
CA LEU X 195 -59.97 45.20 -0.74
C LEU X 195 -60.68 44.13 -1.56
N GLU X 196 -60.30 44.01 -2.83
CA GLU X 196 -60.84 42.98 -3.71
C GLU X 196 -59.81 41.94 -4.12
N LYS X 197 -58.58 42.34 -4.43
CA LYS X 197 -57.57 41.42 -4.92
C LYS X 197 -56.21 41.85 -4.39
N PHE X 198 -55.30 40.89 -4.32
CA PHE X 198 -53.87 41.15 -4.28
C PHE X 198 -53.16 40.26 -5.28
N ILE X 199 -52.23 40.85 -6.04
CA ILE X 199 -51.53 40.18 -7.14
C ILE X 199 -50.04 40.46 -7.03
N ALA X 200 -49.23 39.42 -7.17
CA ALA X 200 -47.78 39.57 -7.21
C ALA X 200 -47.33 40.29 -8.48
N VAL X 201 -46.33 41.15 -8.33
CA VAL X 201 -45.84 42.03 -9.38
C VAL X 201 -44.35 41.77 -9.62
N ASP X 202 -43.92 41.92 -10.87
CA ASP X 202 -42.54 41.69 -11.28
C ASP X 202 -41.59 42.63 -10.53
N PRO X 203 -40.77 42.12 -9.60
CA PRO X 203 -39.94 43.04 -8.79
C PRO X 203 -38.93 43.85 -9.59
N SER X 204 -38.48 43.34 -10.74
CA SER X 204 -37.52 44.08 -11.55
C SER X 204 -38.08 45.39 -12.10
N THR X 205 -39.39 45.58 -12.07
CA THR X 205 -40.02 46.80 -12.58
C THR X 205 -40.33 47.84 -11.52
N ILE X 206 -40.12 47.54 -10.25
CA ILE X 206 -40.56 48.40 -9.15
C ILE X 206 -39.38 49.17 -8.60
N PHE X 207 -39.53 50.49 -8.48
CA PHE X 207 -38.50 51.39 -7.99
C PHE X 207 -39.11 52.35 -6.98
N TYR X 208 -38.27 52.83 -6.06
CA TYR X 208 -38.64 53.93 -5.20
C TYR X 208 -38.78 55.21 -6.00
N ALA X 209 -39.88 55.93 -5.80
CA ALA X 209 -40.06 57.23 -6.44
C ALA X 209 -39.29 58.30 -5.66
N THR X 210 -38.68 59.22 -6.40
CA THR X 210 -37.82 60.25 -5.83
C THR X 210 -38.30 61.64 -6.22
N ASP X 211 -38.30 62.55 -5.24
CA ASP X 211 -38.57 63.95 -5.51
C ASP X 211 -37.49 64.55 -6.42
N LYS X 212 -37.83 65.68 -7.03
CA LYS X 212 -36.85 66.41 -7.83
C LYS X 212 -35.62 66.78 -7.00
N LYS X 213 -35.79 66.98 -5.71
CA LYS X 213 -34.69 67.22 -4.78
C LYS X 213 -33.93 65.94 -4.41
N GLY X 214 -34.14 64.84 -5.14
CA GLY X 214 -33.42 63.61 -4.87
C GLY X 214 -33.84 62.87 -3.63
N LYS X 215 -34.83 63.37 -2.89
CA LYS X 215 -35.31 62.69 -1.70
C LYS X 215 -36.37 61.67 -2.10
N ILE X 216 -36.36 60.53 -1.41
CA ILE X 216 -37.40 59.53 -1.65
C ILE X 216 -38.74 60.09 -1.18
N ILE X 217 -39.77 59.94 -2.02
CA ILE X 217 -41.09 60.46 -1.70
C ILE X 217 -41.70 59.62 -0.60
N LYS X 218 -42.31 60.28 0.38
CA LYS X 218 -43.14 59.64 1.39
C LYS X 218 -44.51 60.31 1.42
N GLY X 219 -45.55 59.50 1.65
CA GLY X 219 -46.90 60.02 1.72
C GLY X 219 -47.58 60.15 0.37
N GLY X 220 -46.82 60.46 -0.68
CA GLY X 220 -47.34 60.47 -2.03
C GLY X 220 -47.23 59.15 -2.75
N LYS X 221 -46.95 59.21 -4.05
CA LYS X 221 -46.75 58.02 -4.89
C LYS X 221 -45.35 57.48 -4.60
N ARG X 222 -45.26 56.70 -3.52
CA ARG X 222 -43.97 56.22 -3.06
C ARG X 222 -43.28 55.31 -4.06
N PHE X 223 -44.05 54.61 -4.89
CA PHE X 223 -43.50 53.60 -5.80
C PHE X 223 -43.92 53.91 -7.23
N VAL X 224 -43.04 53.56 -8.17
CA VAL X 224 -43.34 53.61 -9.60
C VAL X 224 -43.00 52.27 -10.24
N GLN X 225 -43.75 51.92 -11.28
CA GLN X 225 -43.39 50.83 -12.17
C GLN X 225 -42.73 51.42 -13.42
N VAL X 226 -41.55 50.91 -13.75
CA VAL X 226 -40.75 51.43 -14.86
C VAL X 226 -40.59 50.34 -15.89
N VAL X 227 -40.96 50.64 -17.13
CA VAL X 227 -40.79 49.75 -18.27
C VAL X 227 -40.15 50.55 -19.40
N ASP X 228 -39.13 49.98 -20.03
CA ASP X 228 -38.36 50.66 -21.05
C ASP X 228 -37.85 52.02 -20.58
N LYS X 229 -37.51 52.11 -19.30
CA LYS X 229 -37.04 53.35 -18.68
C LYS X 229 -38.04 54.49 -18.85
N ARG X 230 -39.33 54.19 -18.85
CA ARG X 230 -40.36 55.19 -18.59
C ARG X 230 -41.32 54.69 -17.54
N VAL X 231 -41.84 55.61 -16.74
CA VAL X 231 -42.79 55.26 -15.70
C VAL X 231 -44.13 54.92 -16.36
N VAL X 232 -44.59 53.70 -16.15
CA VAL X 232 -45.86 53.24 -16.69
C VAL X 232 -46.97 53.21 -15.64
N ALA X 233 -46.63 53.25 -14.36
CA ALA X 233 -47.63 53.23 -13.29
C ALA X 233 -47.00 53.85 -12.05
N SER X 234 -47.86 54.16 -11.08
CA SER X 234 -47.41 54.64 -9.78
C SER X 234 -48.33 54.09 -8.70
N PHE X 235 -47.79 54.07 -7.47
CA PHE X 235 -48.48 53.41 -6.37
C PHE X 235 -48.22 54.20 -5.09
N THR X 236 -49.19 54.19 -4.19
CA THR X 236 -48.95 54.60 -2.81
C THR X 236 -48.42 53.42 -2.00
N SER X 237 -47.94 53.74 -0.80
CA SER X 237 -47.62 52.69 0.18
C SER X 237 -48.83 51.80 0.45
N ARG X 238 -50.03 52.37 0.32
CA ARG X 238 -51.25 51.59 0.52
C ARG X 238 -51.43 50.54 -0.58
N GLU X 239 -51.00 50.85 -1.80
CA GLU X 239 -51.31 50.00 -2.94
C GLU X 239 -50.26 48.96 -3.25
N LEU X 240 -49.01 49.13 -2.80
CA LEU X 240 -47.95 48.17 -3.11
C LEU X 240 -47.12 47.86 -1.88
N ALA X 241 -46.97 46.57 -1.59
CA ALA X 241 -46.00 46.11 -0.61
C ALA X 241 -44.62 46.01 -1.23
N MET X 242 -43.59 46.25 -0.41
CA MET X 242 -42.24 45.80 -0.71
C MET X 242 -41.68 45.05 0.48
N GLY X 243 -41.10 43.88 0.23
CA GLY X 243 -40.47 43.08 1.27
C GLY X 243 -39.01 42.81 0.95
N ILE X 244 -38.17 42.94 1.97
CA ILE X 244 -36.72 42.76 1.84
C ILE X 244 -36.25 41.93 3.01
N ARG X 245 -35.41 40.92 2.74
CA ARG X 245 -34.91 40.03 3.77
C ARG X 245 -33.53 40.41 4.29
N ASN X 246 -32.72 41.11 3.49
CA ASN X 246 -31.33 41.43 3.82
C ASN X 246 -31.15 42.94 3.84
N PRO X 247 -31.72 43.61 4.83
CA PRO X 247 -31.65 45.08 4.87
C PRO X 247 -30.24 45.54 5.19
N ARG X 248 -29.98 46.80 4.88
CA ARG X 248 -28.68 47.42 5.17
C ARG X 248 -28.91 48.81 5.73
N THR X 249 -28.05 49.22 6.66
CA THR X 249 -28.00 50.60 7.09
C THR X 249 -27.22 51.48 6.11
N GLU X 250 -26.33 50.89 5.32
CA GLU X 250 -25.50 51.60 4.35
C GLU X 250 -26.30 52.63 3.58
N LEU X 251 -25.87 53.89 3.67
CA LEU X 251 -26.61 54.99 3.08
C LEU X 251 -26.88 54.76 1.59
N SER X 252 -25.86 54.33 0.86
CA SER X 252 -26.02 54.11 -0.57
C SER X 252 -26.86 52.89 -0.91
N SER X 253 -27.15 52.02 0.06
CA SER X 253 -28.06 50.91 -0.22
C SER X 253 -29.47 51.40 -0.56
N SER X 254 -29.81 52.63 -0.17
CA SER X 254 -31.03 53.30 -0.63
C SER X 254 -32.29 52.50 -0.33
N GLY X 255 -32.26 51.66 0.71
CA GLY X 255 -33.44 50.91 1.08
C GLY X 255 -33.68 49.64 0.28
N TYR X 256 -32.82 49.31 -0.68
CA TYR X 256 -33.00 48.09 -1.45
C TYR X 256 -32.39 46.90 -0.71
N GLY X 257 -32.76 45.70 -1.16
CA GLY X 257 -32.30 44.48 -0.55
C GLY X 257 -30.89 44.12 -0.99
N LEU X 258 -30.53 42.86 -0.78
CA LEU X 258 -29.21 42.36 -1.14
C LEU X 258 -29.34 40.90 -1.52
N SER X 259 -29.25 40.60 -2.82
CA SER X 259 -29.40 39.23 -3.30
C SER X 259 -28.14 38.42 -3.00
N GLU X 260 -28.35 37.18 -2.57
CA GLU X 260 -27.27 36.21 -2.48
C GLU X 260 -26.62 35.92 -3.82
N VAL X 261 -27.34 36.13 -4.92
CA VAL X 261 -26.73 35.99 -6.24
C VAL X 261 -25.63 37.01 -6.45
N GLU X 262 -25.81 38.22 -5.95
CA GLU X 262 -24.76 39.23 -6.02
C GLU X 262 -23.55 38.80 -5.21
N ILE X 263 -23.76 38.37 -3.97
CA ILE X 263 -22.65 37.99 -3.10
C ILE X 263 -21.88 36.80 -3.69
N ALA X 264 -22.60 35.79 -4.15
CA ALA X 264 -22.01 34.55 -4.64
C ALA X 264 -21.60 34.62 -6.11
N MET X 265 -21.66 35.79 -6.73
CA MET X 265 -21.56 35.87 -8.19
C MET X 265 -20.24 35.30 -8.70
N LYS X 266 -19.14 35.61 -8.03
CA LYS X 266 -17.85 35.01 -8.39
C LYS X 266 -17.92 33.50 -8.40
N GLU X 267 -18.51 32.92 -7.35
CA GLU X 267 -18.66 31.47 -7.29
C GLU X 267 -19.51 30.93 -8.43
N PHE X 268 -20.62 31.60 -8.75
CA PHE X 268 -21.44 31.15 -9.87
C PHE X 268 -20.68 31.20 -11.19
N ILE X 269 -19.88 32.24 -11.40
CA ILE X 269 -19.09 32.33 -12.62
C ILE X 269 -18.06 31.20 -12.68
N ALA X 270 -17.33 31.01 -11.59
CA ALA X 270 -16.37 29.91 -11.52
C ALA X 270 -17.02 28.55 -11.78
N TYR X 271 -18.16 28.30 -11.14
CA TYR X 271 -18.94 27.10 -11.42
C TYR X 271 -19.24 26.94 -12.91
N ASN X 272 -19.85 27.95 -13.50
CA ASN X 272 -20.15 27.91 -14.93
C ASN X 272 -18.92 27.58 -15.76
N ASN X 273 -17.80 28.23 -15.45
CA ASN X 273 -16.58 27.99 -16.20
C ASN X 273 -16.10 26.55 -16.05
N THR X 274 -16.15 26.00 -14.83
CA THR X 274 -15.70 24.63 -14.64
C THR X 274 -16.63 23.64 -15.33
N GLU X 275 -17.91 23.95 -15.38
CA GLU X 275 -18.86 23.12 -16.12
C GLU X 275 -18.54 23.13 -17.61
N SER X 276 -18.33 24.31 -18.17
CA SER X 276 -17.95 24.42 -19.58
C SER X 276 -16.65 23.69 -19.85
N PHE X 277 -15.66 23.85 -18.98
CA PHE X 277 -14.40 23.16 -19.13
C PHE X 277 -14.59 21.64 -19.22
N ASN X 278 -15.34 21.08 -18.27
CA ASN X 278 -15.53 19.63 -18.27
C ASN X 278 -16.34 19.18 -19.48
N ASP X 279 -17.33 19.96 -19.91
CA ASP X 279 -18.13 19.60 -21.07
C ASP X 279 -17.38 19.67 -22.38
N ARG X 280 -16.45 20.61 -22.53
CA ARG X 280 -15.77 20.81 -23.80
C ARG X 280 -14.86 19.65 -24.21
N PHE X 281 -14.55 18.71 -23.32
CA PHE X 281 -13.87 17.49 -23.73
C PHE X 281 -14.60 16.78 -24.87
N PHE X 282 -15.93 16.64 -24.75
CA PHE X 282 -16.70 16.03 -25.83
C PHE X 282 -17.03 17.05 -26.91
N SER X 283 -17.56 18.21 -26.52
CA SER X 283 -18.09 19.16 -27.49
C SER X 283 -17.01 19.65 -28.45
N HIS X 284 -15.81 19.89 -27.94
CA HIS X 284 -14.77 20.55 -28.71
C HIS X 284 -13.42 19.86 -28.64
N GLY X 285 -13.24 18.88 -27.75
CA GLY X 285 -11.91 18.39 -27.46
C GLY X 285 -11.39 17.42 -28.49
N GLY X 286 -10.09 17.18 -28.42
CA GLY X 286 -9.49 16.00 -28.98
C GLY X 286 -9.48 14.84 -28.00
N THR X 287 -10.32 13.84 -28.26
CA THR X 287 -10.33 12.62 -27.48
C THR X 287 -9.28 11.63 -27.95
N THR X 288 -8.53 11.96 -28.99
CA THR X 288 -7.62 11.02 -29.64
C THR X 288 -6.66 10.40 -28.63
N ARG X 289 -6.69 9.08 -28.56
CA ARG X 289 -5.87 8.36 -27.58
C ARG X 289 -4.39 8.62 -27.80
N GLY X 290 -3.95 8.64 -29.06
CA GLY X 290 -2.53 8.70 -29.34
C GLY X 290 -2.31 8.65 -30.83
N ILE X 291 -1.02 8.73 -31.21
CA ILE X 291 -0.61 8.69 -32.61
C ILE X 291 0.13 7.39 -32.85
N LEU X 292 -0.27 6.67 -33.89
CA LEU X 292 0.47 5.50 -34.39
C LEU X 292 1.50 6.00 -35.39
N GLN X 293 2.76 6.08 -34.97
CA GLN X 293 3.85 6.43 -35.86
C GLN X 293 4.39 5.18 -36.56
N ILE X 294 4.23 5.13 -37.87
CA ILE X 294 4.92 4.16 -38.73
C ILE X 294 5.95 4.94 -39.50
N ARG X 295 7.16 4.40 -39.62
CA ARG X 295 8.26 5.13 -40.24
C ARG X 295 9.05 4.21 -41.17
N SER X 296 9.37 4.75 -42.34
CA SER X 296 10.21 4.08 -43.32
C SER X 296 10.97 5.14 -44.10
N ASP X 297 11.78 4.68 -45.06
CA ASP X 297 12.65 5.56 -45.82
C ASP X 297 11.90 6.75 -46.42
N GLN X 298 10.63 6.57 -46.80
CA GLN X 298 9.80 7.68 -47.25
C GLN X 298 8.37 7.41 -46.88
N GLN X 299 7.62 8.50 -46.66
CA GLN X 299 6.19 8.38 -46.39
C GLN X 299 5.48 7.71 -47.56
N GLN X 300 4.47 6.90 -47.23
CA GLN X 300 3.62 6.31 -48.26
C GLN X 300 2.86 7.39 -49.03
N SER X 301 2.64 7.13 -50.32
CA SER X 301 1.71 7.92 -51.10
C SER X 301 0.31 7.88 -50.50
N GLN X 302 -0.49 8.88 -50.86
CA GLN X 302 -1.87 8.96 -50.38
C GLN X 302 -2.70 7.78 -50.85
N HIS X 303 -2.51 7.34 -52.09
CA HIS X 303 -3.22 6.17 -52.59
C HIS X 303 -2.89 4.93 -51.77
N ALA X 304 -1.60 4.68 -51.58
CA ALA X 304 -1.17 3.55 -50.75
C ALA X 304 -1.76 3.64 -49.36
N LEU X 305 -1.73 4.83 -48.77
CA LEU X 305 -2.23 5.00 -47.41
C LEU X 305 -3.74 4.79 -47.33
N GLU X 306 -4.49 5.21 -48.34
CA GLU X 306 -5.94 5.00 -48.32
C GLU X 306 -6.33 3.55 -48.54
N ASN X 307 -5.59 2.80 -49.36
CA ASN X 307 -5.93 1.38 -49.45
C ASN X 307 -5.37 0.59 -48.27
N PHE X 308 -4.37 1.14 -47.56
CA PHE X 308 -4.00 0.59 -46.27
C PHE X 308 -5.09 0.82 -45.23
N LYS X 309 -5.71 1.99 -45.24
CA LYS X 309 -6.90 2.23 -44.42
C LYS X 309 -8.04 1.29 -44.76
N ARG X 310 -8.18 0.93 -46.05
CA ARG X 310 -9.24 -0.01 -46.40
C ARG X 310 -8.93 -1.42 -45.90
N GLU X 311 -7.68 -1.88 -46.06
CA GLU X 311 -7.29 -3.15 -45.45
C GLU X 311 -7.54 -3.13 -43.94
N TRP X 312 -7.22 -2.01 -43.30
CA TRP X 312 -7.38 -1.91 -41.86
C TRP X 312 -8.84 -2.06 -41.47
N LYS X 313 -9.71 -1.20 -41.98
CA LYS X 313 -11.08 -1.23 -41.54
C LYS X 313 -11.76 -2.53 -41.95
N SER X 314 -11.47 -3.04 -43.15
CA SER X 314 -12.04 -4.30 -43.59
C SER X 314 -11.53 -5.50 -42.78
N SER X 315 -10.46 -5.36 -42.01
CA SER X 315 -9.92 -6.48 -41.26
C SER X 315 -10.09 -6.38 -39.74
N LEU X 316 -10.25 -5.17 -39.20
CA LEU X 316 -10.09 -4.95 -37.77
C LEU X 316 -11.21 -4.15 -37.12
N SER X 317 -12.13 -3.56 -37.88
CA SER X 317 -13.08 -2.63 -37.28
C SER X 317 -14.27 -3.35 -36.65
N GLY X 318 -14.85 -2.68 -35.66
CA GLY X 318 -16.05 -3.10 -34.97
C GLY X 318 -15.90 -4.39 -34.18
N ILE X 319 -17.05 -4.98 -33.88
CA ILE X 319 -17.08 -6.30 -33.25
C ILE X 319 -16.50 -7.36 -34.20
N ASN X 320 -16.76 -7.22 -35.50
CA ASN X 320 -16.34 -8.24 -36.44
C ASN X 320 -14.82 -8.45 -36.44
N GLY X 321 -14.06 -7.37 -36.34
CA GLY X 321 -12.61 -7.43 -36.30
C GLY X 321 -12.00 -7.50 -34.92
N SER X 322 -12.82 -7.60 -33.87
CA SER X 322 -12.45 -7.06 -32.57
C SER X 322 -11.21 -7.71 -31.96
N TRP X 323 -10.97 -9.00 -32.20
CA TRP X 323 -9.85 -9.69 -31.57
C TRP X 323 -8.72 -10.04 -32.53
N GLN X 324 -8.79 -9.66 -33.79
CA GLN X 324 -7.67 -9.88 -34.70
C GLN X 324 -6.55 -8.89 -34.41
N ILE X 325 -5.32 -9.31 -34.69
CA ILE X 325 -4.14 -8.47 -34.54
C ILE X 325 -3.52 -8.26 -35.92
N PRO X 326 -3.24 -7.02 -36.34
CA PRO X 326 -2.49 -6.82 -37.58
C PRO X 326 -1.03 -7.21 -37.43
N VAL X 327 -0.48 -7.82 -38.48
CA VAL X 327 0.96 -7.95 -38.65
C VAL X 327 1.42 -6.88 -39.62
N VAL X 328 2.45 -6.13 -39.23
CA VAL X 328 3.03 -5.06 -40.04
C VAL X 328 4.54 -5.19 -39.97
N MET X 329 5.21 -4.96 -41.10
CA MET X 329 6.64 -5.20 -41.21
C MET X 329 7.43 -3.92 -41.52
N ALA X 330 6.91 -2.77 -41.07
CA ALA X 330 7.67 -1.53 -41.17
C ALA X 330 8.99 -1.64 -40.40
N ASP X 331 9.93 -0.76 -40.75
CA ASP X 331 11.23 -0.77 -40.07
C ASP X 331 11.08 -0.49 -38.58
N ASP X 332 10.25 0.47 -38.21
CA ASP X 332 9.91 0.66 -36.80
C ASP X 332 8.51 1.25 -36.68
N ILE X 333 7.84 0.87 -35.61
CA ILE X 333 6.48 1.30 -35.29
C ILE X 333 6.45 1.76 -33.85
N LYS X 334 5.86 2.92 -33.60
CA LYS X 334 5.78 3.49 -32.26
C LYS X 334 4.39 4.06 -32.07
N PHE X 335 3.90 4.01 -30.83
CA PHE X 335 2.63 4.62 -30.47
C PHE X 335 2.83 5.62 -29.34
N VAL X 336 2.45 6.87 -29.60
CA VAL X 336 2.63 7.96 -28.66
C VAL X 336 1.31 8.20 -27.94
N ASN X 337 1.31 8.08 -26.63
CA ASN X 337 0.11 8.30 -25.83
C ASN X 337 -0.07 9.79 -25.57
N MET X 338 -1.22 10.33 -25.97
CA MET X 338 -1.51 11.75 -25.83
C MET X 338 -2.52 12.08 -24.75
N THR X 339 -3.26 11.11 -24.23
CA THR X 339 -4.21 11.32 -23.16
C THR X 339 -4.02 10.26 -22.09
N PRO X 340 -4.55 10.49 -20.89
CA PRO X 340 -4.56 9.42 -19.88
C PRO X 340 -5.34 8.21 -20.34
N THR X 341 -4.87 7.04 -19.91
CA THR X 341 -5.56 5.79 -20.24
C THR X 341 -6.97 5.76 -19.67
N ALA X 342 -7.21 6.49 -18.59
CA ALA X 342 -8.51 6.51 -17.92
C ALA X 342 -8.89 7.96 -17.66
N ASN X 343 -9.80 8.49 -18.47
CA ASN X 343 -10.27 9.85 -18.31
C ASN X 343 -11.42 9.91 -17.31
N ASP X 344 -11.44 10.97 -16.51
CA ASP X 344 -12.61 11.29 -15.70
C ASP X 344 -12.69 12.80 -15.50
N MET X 345 -13.81 13.24 -14.93
CA MET X 345 -14.02 14.65 -14.65
C MET X 345 -12.89 15.21 -13.79
N GLN X 346 -12.63 16.50 -13.96
CA GLN X 346 -11.59 17.19 -13.23
C GLN X 346 -12.21 18.31 -12.40
N PHE X 347 -11.49 18.72 -11.35
CA PHE X 347 -11.90 19.82 -10.48
C PHE X 347 -13.18 19.50 -9.71
N GLU X 348 -13.39 18.23 -9.39
CA GLU X 348 -14.58 17.85 -8.63
C GLU X 348 -14.60 18.50 -7.26
N LYS X 349 -13.47 18.45 -6.55
CA LYS X 349 -13.34 19.11 -5.26
C LYS X 349 -13.63 20.60 -5.35
N TRP X 350 -13.11 21.27 -6.39
CA TRP X 350 -13.42 22.67 -6.61
C TRP X 350 -14.91 22.93 -6.69
N LEU X 351 -15.62 22.13 -7.50
CA LEU X 351 -17.06 22.26 -7.61
C LEU X 351 -17.74 22.08 -6.26
N ASN X 352 -17.37 21.01 -5.55
CA ASN X 352 -17.94 20.75 -4.23
C ASN X 352 -17.78 21.97 -3.32
N TYR X 353 -16.54 22.41 -3.15
CA TYR X 353 -16.23 23.60 -2.37
C TYR X 353 -17.13 24.78 -2.73
N LEU X 354 -17.18 25.13 -4.01
CA LEU X 354 -18.04 26.24 -4.46
C LEU X 354 -19.50 26.04 -4.03
N ILE X 355 -20.06 24.88 -4.29
CA ILE X 355 -21.47 24.66 -3.98
C ILE X 355 -21.69 24.67 -2.48
N ASN X 356 -20.71 24.21 -1.70
CA ASN X 356 -20.82 24.31 -0.25
C ASN X 356 -20.91 25.77 0.19
N ILE X 357 -20.11 26.64 -0.42
CA ILE X 357 -20.22 28.07 -0.12
C ILE X 357 -21.61 28.59 -0.47
N ILE X 358 -22.05 28.33 -1.70
CA ILE X 358 -23.35 28.86 -2.13
C ILE X 358 -24.46 28.36 -1.22
N SER X 359 -24.43 27.07 -0.86
CA SER X 359 -25.42 26.52 0.06
C SER X 359 -25.36 27.18 1.42
N ALA X 360 -24.15 27.45 1.92
CA ALA X 360 -24.05 28.10 3.22
C ALA X 360 -24.60 29.52 3.17
N LEU X 361 -24.47 30.20 2.04
CA LEU X 361 -25.10 31.51 1.91
C LEU X 361 -26.62 31.41 1.88
N TYR X 362 -27.15 30.47 1.10
CA TYR X 362 -28.60 30.29 1.07
C TYR X 362 -29.14 29.57 2.31
N GLY X 363 -28.28 29.00 3.14
CA GLY X 363 -28.77 28.29 4.32
C GLY X 363 -29.50 27.03 3.94
N ILE X 364 -28.80 26.12 3.27
CA ILE X 364 -29.34 24.81 2.90
C ILE X 364 -28.21 23.79 3.00
N ASP X 365 -28.58 22.57 3.33
CA ASP X 365 -27.59 21.49 3.33
C ASP X 365 -27.26 21.10 1.89
N PRO X 366 -25.99 21.12 1.48
CA PRO X 366 -25.64 20.60 0.15
C PRO X 366 -26.16 19.20 -0.12
N ALA X 367 -26.22 18.35 0.92
CA ALA X 367 -26.72 16.99 0.73
C ALA X 367 -28.19 16.98 0.32
N GLU X 368 -28.94 18.02 0.68
CA GLU X 368 -30.31 18.14 0.23
C GLU X 368 -30.40 18.27 -1.28
N ILE X 369 -29.39 18.88 -1.90
CA ILE X 369 -29.38 19.13 -3.34
C ILE X 369 -28.37 18.25 -4.07
N GLY X 370 -27.99 17.12 -3.46
CA GLY X 370 -27.17 16.14 -4.16
C GLY X 370 -25.68 16.40 -4.19
N PHE X 371 -25.13 17.11 -3.19
CA PHE X 371 -23.70 17.35 -3.12
C PHE X 371 -23.16 16.90 -1.76
N PRO X 372 -21.91 16.42 -1.68
CA PRO X 372 -21.36 16.08 -0.38
C PRO X 372 -21.27 17.30 0.52
N ASN X 373 -21.70 17.16 1.76
CA ASN X 373 -21.55 18.21 2.76
C ASN X 373 -20.12 18.18 3.29
N ARG X 374 -19.34 19.21 3.01
CA ARG X 374 -17.95 19.23 3.45
C ARG X 374 -17.82 19.40 4.95
N GLY X 375 -18.86 19.86 5.63
CA GLY X 375 -18.92 19.82 7.09
C GLY X 375 -18.93 18.44 7.72
N GLY X 376 -18.93 17.39 6.92
CA GLY X 376 -18.99 16.03 7.43
C GLY X 376 -20.38 15.47 7.65
N ALA X 377 -21.40 16.07 7.06
CA ALA X 377 -22.80 15.60 7.14
C ALA X 377 -23.14 15.38 8.61
N THR X 378 -23.68 14.23 9.00
CA THR X 378 -23.78 13.79 10.39
C THR X 378 -24.40 14.86 11.27
N GLY X 379 -25.55 15.38 10.83
CA GLY X 379 -26.24 16.45 11.53
C GLY X 379 -25.65 17.81 11.23
N ASP X 390 -38.10 10.83 17.28
CA ASP X 390 -38.66 11.91 18.08
C ASP X 390 -38.62 13.26 17.35
N PRO X 391 -37.44 13.72 16.93
CA PRO X 391 -37.38 14.90 16.06
C PRO X 391 -37.77 14.66 14.61
N GLY X 392 -38.24 13.47 14.25
CA GLY X 392 -38.30 13.09 12.86
C GLY X 392 -36.93 12.68 12.33
N LYS X 393 -36.17 13.68 11.89
CA LYS X 393 -34.76 13.49 11.59
C LYS X 393 -34.01 14.80 11.85
N LYS X 394 -32.70 14.68 12.08
CA LYS X 394 -31.86 15.87 12.09
C LYS X 394 -31.97 16.63 10.77
N GLN X 395 -32.10 15.91 9.66
CA GLN X 395 -32.42 16.56 8.39
C GLN X 395 -33.71 17.34 8.49
N GLN X 396 -34.71 16.79 9.18
CA GLN X 396 -35.97 17.53 9.39
C GLN X 396 -35.72 18.83 10.16
N GLN X 397 -34.85 18.79 11.17
CA GLN X 397 -34.46 20.03 11.85
C GLN X 397 -33.77 21.01 10.91
N SER X 398 -32.86 20.52 10.06
CA SER X 398 -32.23 21.40 9.07
C SER X 398 -33.26 22.01 8.12
N GLN X 399 -34.27 21.22 7.76
CA GLN X 399 -35.35 21.78 6.95
C GLN X 399 -36.10 22.84 7.71
N ASN X 400 -36.33 22.63 9.00
CA ASN X 400 -36.89 23.71 9.81
C ASN X 400 -35.99 24.95 9.78
N LYS X 401 -34.67 24.75 9.83
CA LYS X 401 -33.75 25.88 9.78
C LYS X 401 -33.95 26.73 8.54
N GLY X 402 -34.12 26.07 7.38
CA GLY X 402 -34.41 26.83 6.17
C GLY X 402 -35.83 27.39 6.13
N LEU X 403 -36.82 26.56 6.43
CA LEU X 403 -38.22 26.95 6.30
C LEU X 403 -38.59 28.10 7.22
N GLN X 404 -38.21 28.03 8.49
CA GLN X 404 -38.72 28.96 9.49
C GLN X 404 -38.46 30.42 9.18
N PRO X 405 -37.25 30.84 8.80
CA PRO X 405 -37.11 32.24 8.33
C PRO X 405 -38.05 32.58 7.19
N LEU X 406 -38.19 31.70 6.21
CA LEU X 406 -39.00 32.01 5.04
C LEU X 406 -40.48 32.09 5.42
N LEU X 407 -40.95 31.14 6.21
CA LEU X 407 -42.30 31.18 6.74
C LEU X 407 -42.55 32.46 7.53
N ARG X 408 -41.64 32.82 8.44
CA ARG X 408 -41.80 34.04 9.21
C ARG X 408 -41.87 35.26 8.30
N PHE X 409 -41.04 35.31 7.27
CA PHE X 409 -41.07 36.44 6.35
C PHE X 409 -42.41 36.54 5.63
N ILE X 410 -42.93 35.40 5.18
CA ILE X 410 -44.26 35.39 4.55
C ILE X 410 -45.31 35.88 5.53
N GLU X 411 -45.33 35.30 6.73
CA GLU X 411 -46.28 35.71 7.77
C GLU X 411 -46.21 37.21 7.99
N ASP X 412 -45.01 37.73 8.24
CA ASP X 412 -44.83 39.16 8.46
C ASP X 412 -45.47 39.99 7.36
N LEU X 413 -45.12 39.68 6.11
CA LEU X 413 -45.70 40.42 5.00
C LEU X 413 -47.23 40.35 5.00
N VAL X 414 -47.79 39.15 5.15
CA VAL X 414 -49.24 39.00 5.13
C VAL X 414 -49.89 39.80 6.24
N ASN X 415 -49.38 39.67 7.46
CA ASN X 415 -49.95 40.40 8.59
C ASN X 415 -49.90 41.90 8.37
N ARG X 416 -48.72 42.43 8.01
CA ARG X 416 -48.62 43.87 7.80
C ARG X 416 -49.55 44.37 6.71
N HIS X 417 -49.66 43.66 5.59
CA HIS X 417 -50.31 44.25 4.43
C HIS X 417 -51.77 43.87 4.24
N ILE X 418 -52.16 42.62 4.52
CA ILE X 418 -53.53 42.18 4.25
C ILE X 418 -54.38 42.24 5.51
N ILE X 419 -53.98 41.45 6.52
CA ILE X 419 -54.77 41.35 7.75
C ILE X 419 -54.98 42.72 8.38
N SER X 420 -53.97 43.60 8.32
CA SER X 420 -54.11 44.94 8.87
C SER X 420 -55.30 45.71 8.31
N GLU X 421 -55.83 45.31 7.16
CA GLU X 421 -57.09 45.89 6.68
C GLU X 421 -58.25 45.55 7.61
N TYR X 422 -58.17 44.44 8.33
CA TYR X 422 -59.23 43.99 9.22
C TYR X 422 -59.01 44.42 10.67
N GLY X 423 -57.94 45.15 10.97
CA GLY X 423 -57.68 45.61 12.32
C GLY X 423 -56.86 44.62 13.14
N ASP X 424 -56.36 45.14 14.25
CA ASP X 424 -55.34 44.47 15.04
C ASP X 424 -55.86 43.29 15.86
N LYS X 425 -57.17 43.08 15.91
CA LYS X 425 -57.70 41.99 16.71
C LYS X 425 -57.32 40.62 16.17
N TYR X 426 -57.04 40.50 14.87
CA TYR X 426 -56.71 39.22 14.26
C TYR X 426 -55.20 39.08 14.06
N THR X 427 -54.78 37.83 13.86
CA THR X 427 -53.42 37.49 13.48
C THR X 427 -53.45 36.36 12.47
N PHE X 428 -52.53 36.40 11.49
CA PHE X 428 -52.31 35.32 10.56
C PHE X 428 -51.08 34.52 10.98
N GLN X 429 -51.23 33.20 11.09
CA GLN X 429 -50.12 32.32 11.37
C GLN X 429 -50.23 31.03 10.57
N PHE X 430 -49.10 30.55 10.06
CA PHE X 430 -48.98 29.16 9.67
C PHE X 430 -48.96 28.28 10.91
N VAL X 431 -49.45 27.05 10.77
CA VAL X 431 -49.48 26.10 11.88
C VAL X 431 -49.11 24.72 11.36
N GLY X 432 -48.18 24.07 12.07
CA GLY X 432 -47.88 22.68 11.84
C GLY X 432 -48.93 21.78 12.45
N GLY X 433 -48.78 20.48 12.20
CA GLY X 433 -49.67 19.51 12.79
C GLY X 433 -49.51 19.46 14.29
N ASP X 434 -50.18 18.49 14.90
CA ASP X 434 -50.11 18.27 16.33
C ASP X 434 -50.12 16.78 16.66
N THR X 435 -49.53 16.44 17.80
CA THR X 435 -49.55 15.06 18.31
C THR X 435 -50.68 14.90 19.33
N LYS X 436 -51.90 14.94 18.80
CA LYS X 436 -53.13 14.99 19.57
C LYS X 436 -54.12 13.97 19.02
N SER X 437 -53.64 12.74 18.82
CA SER X 437 -54.48 11.64 18.39
C SER X 437 -55.56 11.35 19.42
N ALA X 438 -56.48 10.45 19.04
CA ALA X 438 -57.46 9.94 19.99
C ALA X 438 -56.79 9.36 21.22
N THR X 439 -55.68 8.65 21.04
CA THR X 439 -54.92 8.17 22.20
C THR X 439 -54.47 9.33 23.09
N ASP X 440 -53.86 10.35 22.50
CA ASP X 440 -53.37 11.48 23.28
C ASP X 440 -54.51 12.26 23.92
N LYS X 441 -55.59 12.50 23.17
CA LYS X 441 -56.74 13.18 23.74
C LYS X 441 -57.38 12.40 24.88
N LEU X 442 -57.48 11.08 24.73
CA LEU X 442 -58.03 10.26 25.79
C LEU X 442 -57.13 10.22 27.02
N ASN X 443 -55.81 10.14 26.84
CA ASN X 443 -54.91 10.24 27.99
C ASN X 443 -55.05 11.58 28.69
N ILE X 444 -55.10 12.67 27.92
CA ILE X 444 -55.23 14.00 28.51
C ILE X 444 -56.53 14.09 29.31
N LEU X 445 -57.65 13.74 28.69
CA LEU X 445 -58.93 13.80 29.40
C LEU X 445 -58.98 12.80 30.56
N LYS X 446 -58.34 11.64 30.44
CA LYS X 446 -58.24 10.72 31.56
C LYS X 446 -57.52 11.33 32.74
N LEU X 447 -56.65 12.31 32.51
CA LEU X 447 -56.09 13.06 33.62
C LEU X 447 -57.00 14.21 34.06
N GLU X 448 -57.58 14.93 33.10
CA GLU X 448 -58.47 16.04 33.45
C GLU X 448 -59.68 15.56 34.25
N THR X 449 -60.14 14.33 34.01
CA THR X 449 -61.26 13.76 34.74
C THR X 449 -60.88 13.30 36.13
N GLN X 450 -59.59 13.09 36.40
CA GLN X 450 -59.14 12.90 37.76
C GLN X 450 -58.95 14.24 38.46
N ILE X 451 -58.48 15.23 37.73
CA ILE X 451 -58.07 16.50 38.34
C ILE X 451 -59.22 17.50 38.34
N PHE X 452 -60.02 17.55 37.27
CA PHE X 452 -61.02 18.59 37.11
C PHE X 452 -62.42 18.05 36.85
N LYS X 453 -62.52 17.17 35.87
CA LYS X 453 -63.76 16.99 35.11
C LYS X 453 -64.60 15.85 35.64
N THR X 454 -65.85 16.16 35.96
CA THR X 454 -66.86 15.15 36.17
C THR X 454 -67.21 14.47 34.83
N VAL X 455 -67.75 13.25 34.96
CA VAL X 455 -68.22 12.49 33.80
C VAL X 455 -69.08 13.35 32.88
N ASN X 456 -69.98 14.15 33.47
CA ASN X 456 -70.90 14.92 32.64
C ASN X 456 -70.22 16.04 31.88
N GLU X 457 -69.17 16.66 32.45
CA GLU X 457 -68.42 17.65 31.68
C GLU X 457 -67.72 17.01 30.48
N ALA X 458 -67.10 15.85 30.70
CA ALA X 458 -66.50 15.10 29.60
C ALA X 458 -67.52 14.81 28.51
N ARG X 459 -68.66 14.22 28.90
CA ARG X 459 -69.70 13.90 27.93
C ARG X 459 -70.18 15.15 27.20
N GLU X 460 -70.28 16.27 27.92
CA GLU X 460 -70.69 17.53 27.30
C GLU X 460 -69.70 17.96 26.23
N GLU X 461 -68.40 17.82 26.49
CA GLU X 461 -67.43 18.11 25.43
C GLU X 461 -67.60 17.23 24.20
N GLN X 462 -68.18 16.04 24.36
CA GLN X 462 -68.57 15.21 23.22
C GLN X 462 -69.95 15.54 22.66
N GLY X 463 -70.69 16.44 23.29
CA GLY X 463 -72.09 16.59 22.97
C GLY X 463 -72.99 15.46 23.43
N LYS X 464 -72.57 14.69 24.42
CA LYS X 464 -73.33 13.56 24.92
C LYS X 464 -74.04 13.92 26.21
N LYS X 465 -75.27 13.44 26.35
CA LYS X 465 -76.15 13.87 27.42
C LYS X 465 -75.52 13.60 28.78
N PRO X 466 -75.63 14.50 29.75
CA PRO X 466 -75.17 14.18 31.11
C PRO X 466 -75.94 12.99 31.67
N ILE X 467 -75.28 12.23 32.53
CA ILE X 467 -75.82 11.00 33.09
C ILE X 467 -75.94 11.12 34.60
N GLU X 468 -77.04 10.60 35.13
CA GLU X 468 -77.22 10.41 36.56
C GLU X 468 -76.12 9.51 37.13
N GLY X 469 -75.40 10.01 38.13
CA GLY X 469 -74.18 9.40 38.59
C GLY X 469 -72.90 10.00 38.04
N GLY X 470 -73.00 10.94 37.10
CA GLY X 470 -71.91 11.86 36.85
C GLY X 470 -71.81 12.91 37.94
N ASP X 471 -71.28 14.07 37.59
CA ASP X 471 -70.97 15.14 38.54
C ASP X 471 -70.01 14.68 39.64
N ILE X 472 -69.21 13.65 39.38
CA ILE X 472 -68.22 13.16 40.34
C ILE X 472 -66.86 13.07 39.66
N ILE X 473 -65.81 13.43 40.39
CA ILE X 473 -64.45 13.14 39.94
C ILE X 473 -64.20 11.64 40.09
N LEU X 474 -63.50 11.07 39.11
CA LEU X 474 -63.19 9.64 39.12
C LEU X 474 -61.97 9.35 39.99
N ASP X 475 -62.15 9.60 41.29
CA ASP X 475 -61.16 9.22 42.29
C ASP X 475 -61.87 8.61 43.49
N ALA X 476 -61.37 7.45 43.94
CA ALA X 476 -61.97 6.78 45.09
C ALA X 476 -61.95 7.64 46.34
N SER X 477 -60.92 8.47 46.52
CA SER X 477 -60.87 9.34 47.69
C SER X 477 -61.98 10.37 47.67
N PHE X 478 -62.31 10.89 46.49
CA PHE X 478 -63.42 11.83 46.37
C PHE X 478 -64.73 11.20 46.83
N LEU X 479 -64.98 9.95 46.42
CA LEU X 479 -66.20 9.27 46.85
C LEU X 479 -66.17 8.95 48.34
N GLN X 480 -65.03 8.55 48.87
CA GLN X 480 -64.95 8.33 50.32
C GLN X 480 -65.22 9.62 51.08
N GLY X 481 -64.77 10.75 50.54
CA GLY X 481 -65.15 12.04 51.12
C GLY X 481 -66.64 12.29 51.09
N THR X 482 -67.26 12.11 49.92
CA THR X 482 -68.71 12.35 49.85
C THR X 482 -69.50 11.38 50.72
N ALA X 483 -69.04 10.14 50.84
CA ALA X 483 -69.66 9.17 51.74
C ALA X 483 -69.52 9.60 53.19
N GLN X 484 -68.38 10.22 53.55
CA GLN X 484 -68.27 10.84 54.85
C GLN X 484 -69.30 11.96 55.02
N LEU X 485 -69.31 12.90 54.07
CA LEU X 485 -70.15 14.09 54.19
C LEU X 485 -71.62 13.74 54.30
N GLN X 486 -72.06 12.68 53.61
CA GLN X 486 -73.45 12.22 53.77
C GLN X 486 -73.76 11.87 55.22
N GLN X 487 -72.89 11.05 55.83
CA GLN X 487 -73.08 10.69 57.23
C GLN X 487 -73.01 11.92 58.14
N ASP X 488 -72.07 12.82 57.87
CA ASP X 488 -72.01 14.10 58.58
C ASP X 488 -73.34 14.83 58.55
N LYS X 489 -73.94 14.95 57.35
CA LYS X 489 -75.25 15.57 57.23
C LYS X 489 -76.29 14.84 58.06
N GLN X 490 -76.32 13.51 57.99
CA GLN X 490 -77.33 12.76 58.72
C GLN X 490 -77.15 12.91 60.23
N TYR X 491 -75.91 13.04 60.68
CA TYR X 491 -75.65 13.31 62.09
C TYR X 491 -76.15 14.68 62.48
N ASN X 492 -75.80 15.70 61.70
CA ASN X 492 -76.22 17.06 62.04
C ASN X 492 -77.73 17.18 62.01
N ASP X 493 -78.38 16.51 61.06
CA ASP X 493 -79.83 16.44 61.02
C ASP X 493 -80.40 15.83 62.31
N GLY X 494 -79.85 14.69 62.74
CA GLY X 494 -80.30 14.08 63.98
C GLY X 494 -80.08 15.00 65.17
N LYS X 495 -78.87 15.55 65.29
CA LYS X 495 -78.55 16.46 66.38
C LYS X 495 -79.53 17.62 66.44
N GLN X 496 -79.78 18.28 65.30
CA GLN X 496 -80.64 19.45 65.28
C GLN X 496 -82.08 19.08 65.59
N LYS X 497 -82.56 17.94 65.07
CA LYS X 497 -83.91 17.51 65.41
C LYS X 497 -84.05 17.21 66.89
N GLU X 498 -83.05 16.56 67.49
CA GLU X 498 -83.12 16.28 68.92
C GLU X 498 -82.98 17.55 69.77
N ARG X 499 -82.19 18.52 69.31
CA ARG X 499 -82.15 19.83 69.93
C ARG X 499 -83.53 20.49 69.92
N LEU X 500 -84.19 20.49 68.76
CA LEU X 500 -85.52 21.05 68.66
C LEU X 500 -86.50 20.31 69.57
N GLN X 501 -86.42 18.97 69.59
CA GLN X 501 -87.30 18.17 70.43
C GLN X 501 -87.10 18.48 71.91
N MET X 502 -85.85 18.68 72.33
CA MET X 502 -85.57 19.10 73.70
C MET X 502 -86.12 20.49 73.99
N MET X 503 -85.93 21.43 73.05
CA MET X 503 -86.47 22.77 73.22
C MET X 503 -87.98 22.73 73.39
N MET X 504 -88.66 21.90 72.60
CA MET X 504 -90.10 21.75 72.74
C MET X 504 -90.45 21.06 74.06
N SER X 505 -89.58 20.15 74.52
CA SER X 505 -89.78 19.52 75.82
C SER X 505 -89.54 20.51 76.97
N LEU X 506 -88.52 21.34 76.83
CA LEU X 506 -88.12 22.25 77.90
C LEU X 506 -89.10 23.41 78.05
#